data_9O2U
#
_entry.id   9O2U
#
_cell.length_a   1.00
_cell.length_b   1.00
_cell.length_c   1.00
_cell.angle_alpha   90.00
_cell.angle_beta   90.00
_cell.angle_gamma   90.00
#
_symmetry.space_group_name_H-M   'P 1'
#
loop_
_entity.id
_entity.type
_entity.pdbx_description
1 polymer 'Envelope glycoprotein gp120'
2 polymer 'Envelope glycoprotein gp41'
3 polymer '007 IgG1 Heavy Chain'
4 polymer '007 Light Chain'
5 branched beta-D-galactopyranose-(1-4)-2-acetamido-2-deoxy-beta-D-glucopyranose-(1-2)-alpha-D-mannopyranose-(1-6)-[alpha-D-mannopyranose-(1-2)-alpha-D-mannopyranose-(1-3)]beta-D-mannopyranose-(1-4)-2-acetamido-2-deoxy-beta-D-glucopyranose-(1-4)-2-acetamido-2-deoxy-beta-D-glucopyranose
6 branched alpha-D-mannopyranose-(1-3)-alpha-D-mannopyranose-(1-6)-[alpha-D-mannopyranose-(1-3)]beta-D-mannopyranose-(1-4)-2-acetamido-2-deoxy-beta-D-glucopyranose-(1-4)-2-acetamido-2-deoxy-beta-D-glucopyranose
7 branched 2-acetamido-2-deoxy-beta-D-glucopyranose-(1-4)-2-acetamido-2-deoxy-beta-D-glucopyranose
8 non-polymer 2-acetamido-2-deoxy-beta-D-glucopyranose
#
loop_
_entity_poly.entity_id
_entity_poly.type
_entity_poly.pdbx_seq_one_letter_code
_entity_poly.pdbx_strand_id
1 'polypeptide(L)'
;NLWVTVYYGVPVWKDAETTLFCASDAKAYETEKHNVWATHACVPTDPNPQEIHLENVTEEFNMWKNNMVEQMHTDIISLW
DQSLKPCVKLTPLCVTLQCTNVTNNITDDMRGELKNCSFNMTTELRDKKQKVYSLFYRLDVVQINENQGNRSNNSNKEYR
LINCNTSAITQACPKVSFEPIPIHYCAPAGFAILKCKDKKFNGTGPCPSVSTVQCTHGIKPVVSTQLLLNGSLAEEEVMI
RSENITNNAKNILVQFNTPVQINCTRPNNNTRKSIRIGPGQAFYATGDIIGDIRQAHCNVSKATWNETLGKVVKQLRKHF
GNNTIIRFANSSGGDLEVTTHSFNCGGEFFYCNTSGLFNSTWISNTSVQGSNSTGSNDSITLPCRIKQIINMWQRIGQAM
YAPPIQGVIRCVSNITGLILTRDGGSTNSTTETFRPGGGDMRDNWRSELYKYKVVKIEPLGVAPTRCKRRVVGRRR
;
A,C,E,O,Q,S
2 'polypeptide(L)'
;RRRAVGIGAVFLGFLGAAGSTMGAASMTLTVQARNLLSGIVQQQSNLLRAPEAQQHLLKLTVWGIKQLQARVLAVERYLR
DQQLLGIWGCSGKLICCTNVPWNSSWSNRNLSEIWDNMTWLQWDKEISNYTQIIYGLLEESQNQQEKNEQDLLALD
;
B,D,F,P,R,T
3 'polypeptide(L)'
;QARLQQWEGRPLKPAETLSLTCGVHGVGLGGSGWGWIRQPPGQGLQWIGEIDHDGSHKHNPALRSRLSMSLDTSRNQVSL
RLTSVTAADTAIYYCVRVYREKFLIGEFLTDYRFMDMWGTGTTVIVSPASTKGPSVFPLAPSSKSTSGGTAALGCLVKDY
FPEPVTVSWNSGALTSGVHTFPAVLQSSGLYSLSSVVTVPSSSLGTQTYICNVNHKPSNTKVDKRVEPKSCDKTHTCPPC
PAPELLGGPSVFLFPPKPKDTLMISRTPEVTCVVVDVSHEDPEVKFNWYVDGVEVHNAKTKPREEQYNSTYRVVSVLTVL
HQDWLNGKEYKCKVSNKALPAPIEKTISKAKGQPREPQVYTLPPSREEMTKNQVSLTCLVKGFYPSDIAVEWESNGQPEN
NYKTTPPVLDSDGSFFLYSKLTVDKSRWQQGNVFSCSVMHEALHNHYTQKSLSLSPGK
;
H,J,M,U,W,Y
4 'polypeptide(L)'
;AIQLTQAPLTVSASIGDTITLTCRASQDISIWLSWYRQMPGKAPELLIYAASTLRGGVPSRFSGARSGTDFSLKIKNLQP
EDFATYYCFQSDSYPRAFGQGTKVEITRTVAAPSVFIFPPSDEQLKSGTASVVCLLNNFYPREAKVQWKVDNALQSGNSQ
ESVTEQDSKDSTYSLSSTLTLSKADYEKHKVYACEVTHQGLSSPVTKSFNRGEC
;
K,L,N,V,X,Z
#
# COMPACT_ATOMS: atom_id res chain seq x y z
N LEU A 2 19.72 -53.16 122.61
CA LEU A 2 20.10 -52.83 121.24
C LEU A 2 19.80 -51.36 120.95
N TRP A 3 20.73 -50.70 120.27
CA TRP A 3 20.63 -49.27 120.01
C TRP A 3 20.91 -48.99 118.54
N VAL A 4 20.32 -47.91 118.04
CA VAL A 4 20.50 -47.53 116.64
C VAL A 4 21.88 -46.94 116.45
N THR A 5 22.63 -47.48 115.49
CA THR A 5 23.93 -46.94 115.11
C THR A 5 23.92 -46.63 113.62
N VAL A 6 24.44 -45.48 113.26
CA VAL A 6 24.36 -44.96 111.91
C VAL A 6 25.65 -45.26 111.18
N TYR A 7 25.54 -45.94 110.05
CA TYR A 7 26.68 -46.27 109.19
C TYR A 7 26.59 -45.44 107.92
N TYR A 8 27.66 -44.71 107.61
CA TYR A 8 27.73 -43.92 106.39
C TYR A 8 28.70 -44.58 105.42
N GLY A 9 28.23 -44.86 104.22
CA GLY A 9 29.01 -45.53 103.23
C GLY A 9 28.65 -46.98 102.98
N VAL A 10 27.45 -47.40 103.35
CA VAL A 10 27.03 -48.79 103.19
C VAL A 10 26.86 -49.09 101.69
N PRO A 11 27.19 -50.30 101.24
CA PRO A 11 27.01 -50.65 99.83
C PRO A 11 25.56 -50.99 99.49
N VAL A 12 24.72 -49.94 99.44
CA VAL A 12 23.31 -50.07 99.14
C VAL A 12 22.98 -49.15 97.97
N TRP A 13 22.21 -49.66 97.01
CA TRP A 13 21.84 -48.90 95.84
C TRP A 13 20.37 -49.09 95.54
N LYS A 14 19.76 -48.05 94.96
CA LYS A 14 18.41 -48.10 94.43
C LYS A 14 18.46 -47.85 92.93
N ASP A 15 17.43 -48.32 92.23
CA ASP A 15 17.32 -48.03 90.80
C ASP A 15 17.07 -46.53 90.60
N ALA A 16 17.73 -45.96 89.60
CA ALA A 16 17.60 -44.52 89.38
C ALA A 16 17.74 -44.21 87.89
N GLU A 17 17.18 -43.07 87.51
CA GLU A 17 17.37 -42.49 86.19
C GLU A 17 18.15 -41.20 86.34
N THR A 18 19.23 -41.07 85.56
CA THR A 18 20.10 -39.91 85.67
C THR A 18 20.69 -39.61 84.29
N THR A 19 21.49 -38.56 84.23
CA THR A 19 22.14 -38.13 83.00
C THR A 19 23.57 -38.67 82.99
N LEU A 20 23.81 -39.69 82.17
CA LEU A 20 25.14 -40.25 82.00
C LEU A 20 25.90 -39.42 80.97
N PHE A 21 27.17 -39.15 81.25
CA PHE A 21 27.97 -38.34 80.35
C PHE A 21 28.80 -39.22 79.43
N CYS A 22 29.00 -38.73 78.22
CA CYS A 22 29.75 -39.44 77.20
C CYS A 22 31.23 -39.52 77.56
N ALA A 23 31.91 -40.47 76.92
CA ALA A 23 33.35 -40.58 77.05
C ALA A 23 33.90 -41.34 75.85
N SER A 24 35.01 -40.84 75.31
CA SER A 24 35.62 -41.43 74.13
C SER A 24 37.14 -41.47 74.33
N ASP A 25 37.78 -42.40 73.62
CA ASP A 25 39.23 -42.52 73.68
C ASP A 25 39.84 -42.51 72.28
N LYS A 33 39.79 -34.89 62.36
CA LYS A 33 38.55 -34.91 61.59
C LYS A 33 37.35 -35.01 62.53
N HIS A 34 36.44 -34.04 62.42
CA HIS A 34 35.27 -34.02 63.28
C HIS A 34 34.30 -35.14 62.92
N ASN A 35 33.52 -35.55 63.91
CA ASN A 35 32.53 -36.61 63.75
C ASN A 35 31.16 -36.08 64.13
N VAL A 36 30.13 -36.79 63.66
CA VAL A 36 28.76 -36.45 64.05
C VAL A 36 28.60 -36.56 65.57
N TRP A 37 29.02 -37.68 66.13
CA TRP A 37 29.06 -37.87 67.57
C TRP A 37 30.49 -37.64 68.09
N ALA A 38 30.93 -36.40 67.94
CA ALA A 38 32.33 -36.04 68.05
C ALA A 38 32.83 -36.19 69.49
N THR A 39 34.15 -36.08 69.62
CA THR A 39 34.82 -36.09 70.91
C THR A 39 34.86 -34.70 71.55
N HIS A 40 34.35 -33.68 70.88
CA HIS A 40 34.25 -32.35 71.45
C HIS A 40 33.01 -32.19 72.34
N ALA A 41 32.11 -33.16 72.35
CA ALA A 41 30.98 -33.20 73.27
C ALA A 41 31.09 -34.40 74.19
N CYS A 42 32.30 -34.91 74.40
CA CYS A 42 32.54 -36.06 75.25
C CYS A 42 33.77 -35.78 76.11
N VAL A 43 34.14 -36.77 76.92
CA VAL A 43 35.21 -36.62 77.90
C VAL A 43 36.24 -37.73 77.67
N PRO A 44 37.53 -37.49 77.84
CA PRO A 44 38.51 -38.59 77.74
C PRO A 44 38.25 -39.66 78.78
N THR A 45 38.50 -40.91 78.39
CA THR A 45 38.30 -42.05 79.28
C THR A 45 39.57 -42.28 80.10
N ASP A 46 39.62 -43.42 80.79
CA ASP A 46 40.78 -43.76 81.61
C ASP A 46 41.56 -44.92 81.00
N GLN A 50 39.02 -51.01 86.70
CA GLN A 50 37.85 -50.28 86.20
C GLN A 50 36.57 -51.04 86.50
N GLU A 51 36.59 -52.36 86.29
CA GLU A 51 35.45 -53.21 86.53
C GLU A 51 35.68 -54.00 87.80
N ILE A 52 34.68 -54.00 88.68
CA ILE A 52 34.76 -54.65 90.00
C ILE A 52 33.68 -55.71 90.06
N HIS A 53 34.07 -56.94 90.38
CA HIS A 53 33.12 -58.04 90.43
C HIS A 53 32.43 -58.06 91.79
N LEU A 54 31.11 -57.94 91.78
CA LEU A 54 30.30 -57.93 92.99
C LEU A 54 29.83 -59.34 93.26
N GLU A 55 30.50 -60.04 94.16
CA GLU A 55 30.16 -61.42 94.45
C GLU A 55 28.92 -61.51 95.32
N ASN A 56 28.16 -62.58 95.13
CA ASN A 56 26.93 -62.89 95.86
C ASN A 56 25.82 -61.89 95.60
N VAL A 57 26.00 -60.99 94.64
CA VAL A 57 25.00 -59.97 94.31
C VAL A 57 24.18 -60.45 93.13
N THR A 58 22.87 -60.52 93.32
CA THR A 58 21.93 -60.93 92.28
C THR A 58 20.95 -59.79 92.04
N GLU A 59 21.22 -58.99 91.01
CA GLU A 59 20.40 -57.84 90.69
C GLU A 59 19.41 -58.18 89.57
N GLU A 60 18.30 -57.46 89.55
CA GLU A 60 17.26 -57.65 88.55
C GLU A 60 17.41 -56.58 87.48
N PHE A 61 17.67 -57.01 86.24
CA PHE A 61 17.81 -56.10 85.12
C PHE A 61 16.53 -56.11 84.29
N ASN A 62 16.38 -55.08 83.47
CA ASN A 62 15.24 -54.97 82.55
C ASN A 62 15.71 -54.16 81.35
N MET A 63 16.09 -54.84 80.28
CA MET A 63 16.60 -54.15 79.10
C MET A 63 15.50 -53.39 78.35
N TRP A 64 14.23 -53.66 78.66
CA TRP A 64 13.12 -53.06 77.94
C TRP A 64 12.58 -51.80 78.58
N LYS A 65 12.85 -51.58 79.86
CA LYS A 65 12.54 -50.32 80.54
C LYS A 65 13.81 -49.68 81.06
N ASN A 66 14.86 -49.73 80.25
CA ASN A 66 16.15 -49.14 80.60
C ASN A 66 16.19 -47.70 80.08
N ASN A 67 16.57 -46.78 80.96
CA ASN A 67 16.59 -45.37 80.57
C ASN A 67 17.85 -44.97 79.83
N MET A 68 18.91 -45.80 79.88
CA MET A 68 20.08 -45.51 79.07
C MET A 68 19.74 -45.60 77.58
N VAL A 69 18.87 -46.53 77.22
CA VAL A 69 18.43 -46.66 75.83
C VAL A 69 17.67 -45.41 75.41
N GLU A 70 16.78 -44.91 76.28
CA GLU A 70 16.01 -43.72 75.95
C GLU A 70 16.90 -42.48 75.93
N GLN A 71 17.91 -42.42 76.80
CA GLN A 71 18.81 -41.27 76.80
C GLN A 71 19.76 -41.31 75.62
N MET A 72 20.29 -42.49 75.29
CA MET A 72 21.21 -42.60 74.15
C MET A 72 20.51 -42.23 72.86
N HIS A 73 19.23 -42.58 72.72
CA HIS A 73 18.48 -42.15 71.54
C HIS A 73 18.42 -40.64 71.45
N THR A 74 18.18 -39.97 72.57
CA THR A 74 18.15 -38.51 72.58
C THR A 74 19.52 -37.92 72.25
N ASP A 75 20.58 -38.53 72.77
CA ASP A 75 21.92 -37.98 72.58
C ASP A 75 22.46 -38.23 71.17
N ILE A 76 22.15 -39.39 70.59
CA ILE A 76 22.57 -39.66 69.22
C ILE A 76 21.87 -38.74 68.25
N ILE A 77 20.57 -38.48 68.47
CA ILE A 77 19.86 -37.47 67.71
C ILE A 77 20.47 -36.08 67.95
N SER A 78 20.74 -35.74 69.20
CA SER A 78 21.21 -34.39 69.52
C SER A 78 22.57 -34.12 68.87
N LEU A 79 23.47 -35.10 68.90
CA LEU A 79 24.75 -34.94 68.24
C LEU A 79 24.62 -34.93 66.72
N TRP A 80 23.54 -35.52 66.19
CA TRP A 80 23.31 -35.47 64.75
C TRP A 80 22.93 -34.07 64.31
N ASP A 81 21.94 -33.47 64.95
CA ASP A 81 21.52 -32.11 64.59
C ASP A 81 22.62 -31.11 64.88
N GLN A 82 23.32 -31.27 65.99
CA GLN A 82 24.39 -30.34 66.35
C GLN A 82 25.51 -30.35 65.32
N SER A 83 25.67 -31.44 64.59
CA SER A 83 26.72 -31.55 63.58
C SER A 83 26.28 -31.08 62.21
N LEU A 84 25.01 -30.70 62.04
CA LEU A 84 24.49 -30.28 60.74
C LEU A 84 24.15 -28.80 60.67
N LYS A 85 24.00 -28.13 61.81
CA LYS A 85 23.72 -26.70 61.79
C LYS A 85 24.81 -25.86 61.11
N PRO A 86 26.11 -26.08 61.32
CA PRO A 86 27.10 -25.13 60.79
C PRO A 86 27.36 -25.23 59.29
N CYS A 87 26.69 -26.11 58.55
CA CYS A 87 26.99 -26.27 57.13
C CYS A 87 25.73 -26.07 56.29
N VAL A 88 25.91 -26.23 54.98
CA VAL A 88 25.06 -25.57 53.99
C VAL A 88 23.61 -26.00 54.11
N LYS A 89 22.71 -25.02 54.08
CA LYS A 89 21.28 -25.25 53.94
C LYS A 89 20.89 -25.06 52.48
N LEU A 90 20.26 -26.06 51.89
CA LEU A 90 19.96 -26.05 50.46
C LEU A 90 18.56 -25.52 50.17
N THR A 91 18.26 -24.31 50.64
CA THR A 91 17.03 -23.65 50.20
C THR A 91 17.00 -23.35 48.71
N PRO A 92 18.08 -22.90 48.05
CA PRO A 92 17.99 -22.65 46.60
C PRO A 92 17.74 -23.90 45.78
N LEU A 93 17.90 -25.09 46.34
CA LEU A 93 17.71 -26.31 45.56
C LEU A 93 16.25 -26.62 45.27
N CYS A 94 15.31 -25.91 45.89
CA CYS A 94 13.92 -25.92 45.43
C CYS A 94 13.72 -24.95 44.28
N VAL A 95 14.12 -25.41 43.11
CA VAL A 95 13.76 -24.80 41.84
C VAL A 95 13.04 -25.87 41.03
N THR A 96 12.55 -25.50 39.85
CA THR A 96 11.98 -26.48 38.94
C THR A 96 13.11 -27.15 38.17
N LEU A 97 13.08 -28.48 38.11
CA LEU A 97 14.11 -29.26 37.46
C LEU A 97 13.57 -29.77 36.13
N GLN A 98 14.35 -29.63 35.07
CA GLN A 98 14.01 -30.20 33.77
C GLN A 98 14.83 -31.48 33.61
N CYS A 99 14.21 -32.61 33.95
CA CYS A 99 14.93 -33.88 34.09
C CYS A 99 14.67 -34.77 32.88
N THR A 100 15.75 -35.32 32.32
CA THR A 100 15.68 -36.33 31.29
C THR A 100 16.33 -37.61 31.78
N ASN A 101 16.01 -38.71 31.12
CA ASN A 101 16.61 -39.99 31.45
C ASN A 101 18.10 -39.98 31.14
N VAL A 102 18.84 -40.83 31.86
CA VAL A 102 20.27 -40.95 31.60
C VAL A 102 20.56 -42.03 30.55
N THR A 103 19.78 -43.11 30.52
CA THR A 103 20.03 -44.22 29.62
C THR A 103 19.04 -44.33 28.47
N ASN A 104 17.79 -43.90 28.66
CA ASN A 104 16.76 -43.98 27.62
C ASN A 104 16.61 -45.38 27.07
N ASN A 105 16.62 -46.36 27.96
CA ASN A 105 16.50 -47.77 27.58
C ASN A 105 16.02 -48.62 28.74
N ASP A 108 18.05 -52.09 34.39
CA ASP A 108 18.93 -53.13 34.92
C ASP A 108 20.21 -52.55 35.49
N ASP A 109 20.57 -51.36 35.02
CA ASP A 109 21.82 -50.71 35.37
C ASP A 109 21.59 -49.69 36.49
N MET A 110 22.68 -49.07 36.93
CA MET A 110 22.57 -47.93 37.83
C MET A 110 21.96 -46.74 37.11
N ARG A 111 22.21 -46.60 35.81
CA ARG A 111 21.74 -45.43 35.07
C ARG A 111 20.24 -45.44 34.86
N GLY A 112 19.55 -46.55 35.10
CA GLY A 112 18.11 -46.55 35.09
C GLY A 112 17.49 -46.05 36.36
N GLU A 113 18.32 -45.77 37.37
CA GLU A 113 17.88 -45.23 38.65
C GLU A 113 18.08 -43.72 38.73
N LEU A 114 18.63 -43.11 37.69
CA LEU A 114 19.04 -41.72 37.73
C LEU A 114 18.23 -40.88 36.75
N LYS A 115 18.03 -39.62 37.11
CA LYS A 115 17.46 -38.62 36.23
C LYS A 115 18.50 -37.52 36.04
N ASN A 116 18.69 -37.08 34.81
CA ASN A 116 19.67 -36.01 34.48
C ASN A 116 18.92 -34.68 34.48
N CYS A 117 19.01 -33.96 35.59
CA CYS A 117 18.14 -32.83 35.92
C CYS A 117 18.91 -31.53 35.73
N SER A 118 18.35 -30.63 34.94
CA SER A 118 18.95 -29.32 34.68
C SER A 118 18.09 -28.23 35.32
N PHE A 119 18.76 -27.26 35.93
CA PHE A 119 18.04 -26.25 36.71
C PHE A 119 18.84 -24.96 36.75
N ASN A 120 18.16 -23.86 37.04
CA ASN A 120 18.79 -22.58 37.27
C ASN A 120 19.15 -22.44 38.74
N MET A 121 20.40 -22.13 39.01
CA MET A 121 20.88 -22.02 40.38
C MET A 121 21.43 -20.62 40.60
N THR A 122 21.38 -20.16 41.85
CA THR A 122 21.95 -18.87 42.18
C THR A 122 23.47 -18.91 42.09
N THR A 123 24.04 -17.76 41.81
CA THR A 123 25.49 -17.59 41.77
C THR A 123 25.92 -16.91 43.06
N GLU A 124 27.24 -16.83 43.27
CA GLU A 124 27.77 -16.09 44.40
C GLU A 124 27.42 -14.61 44.33
N LEU A 125 27.05 -14.10 43.16
CA LEU A 125 26.51 -12.76 43.00
C LEU A 125 24.99 -12.86 42.90
N ARG A 126 24.30 -12.03 43.70
CA ARG A 126 22.87 -12.21 43.88
C ARG A 126 22.09 -12.01 42.57
N ASP A 127 22.57 -11.14 41.70
CA ASP A 127 21.82 -10.77 40.50
C ASP A 127 22.14 -11.65 39.30
N LYS A 128 22.98 -12.67 39.45
CA LYS A 128 23.37 -13.55 38.36
C LYS A 128 22.88 -14.96 38.63
N LYS A 129 22.41 -15.64 37.59
CA LYS A 129 21.98 -17.02 37.69
C LYS A 129 23.03 -17.95 37.10
N GLN A 130 22.72 -19.25 37.12
CA GLN A 130 23.70 -20.27 36.80
C GLN A 130 22.94 -21.49 36.30
N LYS A 131 23.01 -21.74 35.00
CA LYS A 131 22.37 -22.91 34.40
C LYS A 131 23.27 -24.11 34.64
N VAL A 132 22.89 -24.97 35.58
CA VAL A 132 23.68 -26.13 35.94
C VAL A 132 22.82 -27.37 35.80
N TYR A 133 23.48 -28.54 35.93
CA TYR A 133 22.77 -29.81 35.87
C TYR A 133 23.41 -30.76 36.87
N SER A 134 22.66 -31.80 37.22
CA SER A 134 23.13 -32.82 38.13
C SER A 134 22.34 -34.10 37.89
N LEU A 135 22.92 -35.21 38.29
CA LEU A 135 22.25 -36.51 38.20
C LEU A 135 21.61 -36.79 39.55
N PHE A 136 20.28 -36.78 39.58
CA PHE A 136 19.52 -37.05 40.80
C PHE A 136 18.90 -38.42 40.70
N TYR A 137 18.92 -39.16 41.80
CA TYR A 137 18.25 -40.44 41.84
C TYR A 137 16.75 -40.25 41.68
N ARG A 138 16.09 -41.23 41.05
CA ARG A 138 14.66 -41.13 40.87
C ARG A 138 13.90 -41.12 42.19
N LEU A 139 14.56 -41.56 43.28
CA LEU A 139 13.95 -41.56 44.60
C LEU A 139 13.98 -40.19 45.25
N ASP A 140 14.67 -39.21 44.66
CA ASP A 140 14.77 -37.88 45.23
C ASP A 140 14.00 -36.83 44.47
N VAL A 141 13.48 -37.13 43.29
CA VAL A 141 12.80 -36.16 42.45
C VAL A 141 11.36 -36.60 42.27
N VAL A 142 10.44 -35.64 42.39
CA VAL A 142 9.01 -35.87 42.24
C VAL A 142 8.52 -35.00 41.09
N GLN A 143 7.77 -35.62 40.17
CA GLN A 143 7.32 -34.90 38.99
C GLN A 143 6.25 -33.87 39.35
N ILE A 144 6.22 -32.78 38.59
CA ILE A 144 5.22 -31.73 38.74
C ILE A 144 4.30 -31.79 37.53
N ASN A 145 3.01 -31.92 37.78
CA ASN A 145 2.03 -31.91 36.70
C ASN A 145 1.02 -30.79 36.88
N ASN A 156 12.05 -33.77 28.23
CA ASN A 156 12.43 -33.15 29.48
C ASN A 156 11.22 -32.64 30.26
N LYS A 157 10.68 -33.50 31.14
CA LYS A 157 9.57 -33.12 31.98
C LYS A 157 10.07 -32.23 33.12
N GLU A 158 9.15 -31.81 33.98
CA GLU A 158 9.46 -30.93 35.10
C GLU A 158 9.36 -31.70 36.41
N TYR A 159 10.41 -31.63 37.23
CA TYR A 159 10.49 -32.35 38.49
C TYR A 159 10.83 -31.38 39.60
N ARG A 160 10.94 -31.92 40.81
CA ARG A 160 11.40 -31.16 41.95
C ARG A 160 11.91 -32.13 43.00
N LEU A 161 12.74 -31.64 43.90
CA LEU A 161 13.28 -32.50 44.95
C LEU A 161 12.17 -32.98 45.87
N ILE A 162 12.33 -34.18 46.41
CA ILE A 162 11.22 -34.85 47.10
C ILE A 162 10.88 -34.13 48.41
N ASN A 163 11.88 -33.79 49.22
CA ASN A 163 11.64 -33.04 50.44
C ASN A 163 11.85 -31.56 50.18
N CYS A 164 10.83 -31.01 49.51
CA CYS A 164 10.73 -29.61 49.19
C CYS A 164 9.39 -28.99 49.55
N ASN A 165 8.33 -29.78 49.68
CA ASN A 165 7.09 -29.29 50.26
C ASN A 165 7.03 -29.50 51.76
N THR A 166 8.00 -30.19 52.33
CA THR A 166 8.03 -30.45 53.77
C THR A 166 9.13 -29.68 54.49
N SER A 167 10.27 -29.46 53.87
CA SER A 167 11.37 -28.76 54.52
C SER A 167 12.44 -28.43 53.49
N ALA A 168 13.52 -27.82 53.96
CA ALA A 168 14.72 -27.60 53.17
C ALA A 168 15.83 -28.48 53.73
N ILE A 169 16.63 -29.04 52.82
CA ILE A 169 17.59 -30.08 53.18
C ILE A 169 18.94 -29.44 53.48
N THR A 170 19.31 -29.44 54.76
CA THR A 170 20.65 -29.04 55.12
C THR A 170 21.66 -30.05 54.59
N GLN A 171 22.59 -29.59 53.77
CA GLN A 171 23.52 -30.50 53.12
C GLN A 171 24.39 -31.19 54.14
N ALA A 172 24.56 -32.50 53.99
CA ALA A 172 25.46 -33.23 54.86
C ALA A 172 26.86 -32.66 54.69
N CYS A 173 27.39 -32.09 55.74
CA CYS A 173 28.58 -31.26 55.63
C CYS A 173 29.76 -32.13 55.22
N PRO A 174 30.53 -31.74 54.19
CA PRO A 174 31.45 -32.70 53.57
C PRO A 174 32.65 -33.06 54.43
N LYS A 175 32.97 -32.28 55.46
CA LYS A 175 34.16 -32.53 56.26
C LYS A 175 33.88 -33.31 57.53
N VAL A 176 32.62 -33.66 57.82
CA VAL A 176 32.28 -34.48 58.96
C VAL A 176 31.95 -35.88 58.47
N SER A 177 32.47 -36.89 59.16
CA SER A 177 32.29 -38.28 58.76
C SER A 177 31.10 -38.89 59.49
N PHE A 178 30.42 -39.81 58.81
CA PHE A 178 29.33 -40.56 59.40
C PHE A 178 29.78 -41.85 60.08
N GLU A 179 31.08 -42.13 60.07
CA GLU A 179 31.59 -43.34 60.69
C GLU A 179 31.34 -43.29 62.20
N PRO A 180 30.72 -44.32 62.78
CA PRO A 180 30.45 -44.29 64.23
C PRO A 180 31.72 -44.59 65.02
N ILE A 181 32.02 -43.74 65.99
CA ILE A 181 33.14 -43.99 66.89
C ILE A 181 32.56 -44.49 68.22
N PRO A 182 33.23 -45.40 68.92
CA PRO A 182 32.68 -45.91 70.17
C PRO A 182 32.58 -44.82 71.22
N ILE A 183 31.44 -44.81 71.91
CA ILE A 183 31.18 -43.85 72.98
C ILE A 183 30.83 -44.63 74.24
N HIS A 184 31.43 -44.21 75.35
CA HIS A 184 31.18 -44.83 76.66
C HIS A 184 30.30 -43.90 77.47
N TYR A 185 29.19 -44.42 77.97
CA TYR A 185 28.28 -43.64 78.81
C TYR A 185 28.65 -43.87 80.26
N CYS A 186 29.15 -42.83 80.92
CA CYS A 186 29.69 -42.96 82.26
C CYS A 186 28.83 -42.24 83.28
N ALA A 187 28.59 -42.91 84.41
CA ALA A 187 27.69 -42.41 85.44
C ALA A 187 28.36 -41.32 86.27
N PRO A 188 27.60 -40.33 86.74
CA PRO A 188 28.20 -39.28 87.57
C PRO A 188 28.49 -39.77 88.98
N ALA A 189 28.95 -38.87 89.85
CA ALA A 189 29.25 -39.23 91.23
C ALA A 189 27.96 -39.53 91.99
N GLY A 190 28.02 -40.53 92.87
CA GLY A 190 26.85 -40.98 93.59
C GLY A 190 26.04 -42.02 92.87
N PHE A 191 26.40 -42.37 91.63
CA PHE A 191 25.74 -43.39 90.84
C PHE A 191 26.77 -44.43 90.42
N ALA A 192 26.27 -45.61 90.09
CA ALA A 192 27.11 -46.69 89.59
C ALA A 192 26.40 -47.39 88.44
N ILE A 193 27.18 -47.97 87.55
CA ILE A 193 26.66 -48.73 86.42
C ILE A 193 26.88 -50.20 86.71
N LEU A 194 25.80 -50.95 86.83
CA LEU A 194 25.87 -52.38 87.07
C LEU A 194 25.84 -53.12 85.74
N LYS A 195 26.80 -54.02 85.56
CA LYS A 195 26.94 -54.76 84.31
C LYS A 195 26.66 -56.23 84.57
N CYS A 196 25.70 -56.80 83.84
CA CYS A 196 25.34 -58.19 84.00
C CYS A 196 26.30 -59.06 83.19
N LYS A 197 27.10 -59.87 83.88
CA LYS A 197 28.08 -60.73 83.23
C LYS A 197 27.53 -62.12 82.94
N ASP A 198 26.26 -62.37 83.20
CA ASP A 198 25.65 -63.66 82.87
C ASP A 198 25.60 -63.84 81.36
N LYS A 199 25.97 -65.04 80.90
CA LYS A 199 26.02 -65.32 79.48
C LYS A 199 24.72 -65.89 78.94
N LYS A 200 23.78 -66.27 79.80
CA LYS A 200 22.47 -66.73 79.37
C LYS A 200 21.39 -65.73 79.71
N PHE A 201 21.77 -64.51 80.08
CA PHE A 201 20.81 -63.50 80.49
C PHE A 201 20.07 -63.01 79.26
N ASN A 202 18.78 -63.35 79.15
CA ASN A 202 18.00 -62.86 78.04
C ASN A 202 17.83 -61.34 78.01
N GLY A 203 16.95 -60.77 78.83
CA GLY A 203 16.93 -59.34 79.00
C GLY A 203 16.31 -58.90 80.31
N THR A 204 15.92 -59.87 81.15
CA THR A 204 15.00 -59.58 82.23
C THR A 204 15.17 -60.63 83.32
N GLY A 205 14.97 -60.22 84.57
CA GLY A 205 15.01 -61.12 85.69
C GLY A 205 16.34 -61.05 86.40
N PRO A 206 16.56 -61.93 87.37
CA PRO A 206 17.80 -61.90 88.13
C PRO A 206 19.01 -62.19 87.27
N CYS A 207 20.13 -61.57 87.62
CA CYS A 207 21.42 -61.81 86.97
C CYS A 207 22.42 -62.26 88.03
N PRO A 208 22.79 -63.53 88.07
CA PRO A 208 23.67 -64.01 89.15
C PRO A 208 25.03 -63.33 89.21
N SER A 209 25.62 -62.99 88.06
CA SER A 209 26.95 -62.38 88.02
C SER A 209 26.82 -60.92 87.63
N VAL A 210 27.17 -60.03 88.56
CA VAL A 210 27.04 -58.59 88.36
C VAL A 210 28.40 -57.96 88.62
N SER A 211 28.64 -56.83 87.96
CA SER A 211 29.88 -56.08 88.15
C SER A 211 29.58 -54.60 88.11
N THR A 212 30.38 -53.83 88.82
CA THR A 212 30.30 -52.37 88.80
C THR A 212 31.41 -51.85 87.90
N VAL A 213 31.04 -51.41 86.72
CA VAL A 213 31.99 -50.81 85.79
C VAL A 213 31.95 -49.30 85.99
N GLN A 214 33.11 -48.66 85.83
CA GLN A 214 33.11 -47.21 85.81
C GLN A 214 32.18 -46.70 84.71
N CYS A 215 32.28 -47.28 83.52
CA CYS A 215 31.28 -47.06 82.48
C CYS A 215 31.46 -48.05 81.33
N THR A 216 30.50 -48.00 80.42
CA THR A 216 30.23 -49.08 79.49
C THR A 216 31.36 -49.25 78.48
N HIS A 217 31.34 -50.39 77.81
CA HIS A 217 32.24 -50.62 76.69
C HIS A 217 31.88 -49.67 75.55
N GLY A 218 32.82 -49.51 74.63
CA GLY A 218 32.59 -48.64 73.50
C GLY A 218 31.42 -49.09 72.65
N ILE A 219 30.32 -48.34 72.70
CA ILE A 219 29.12 -48.66 71.94
C ILE A 219 29.13 -47.82 70.68
N LYS A 220 29.36 -48.47 69.54
CA LYS A 220 29.33 -47.76 68.26
C LYS A 220 27.88 -47.48 67.88
N PRO A 221 27.49 -46.23 67.68
CA PRO A 221 26.12 -45.92 67.28
C PRO A 221 25.87 -46.20 65.79
N VAL A 222 25.93 -47.48 65.43
CA VAL A 222 25.67 -47.89 64.05
C VAL A 222 24.16 -47.80 63.80
N VAL A 223 23.78 -47.01 62.82
CA VAL A 223 22.37 -46.76 62.49
C VAL A 223 22.01 -47.65 61.32
N SER A 224 21.08 -48.58 61.54
CA SER A 224 20.68 -49.53 60.53
C SER A 224 19.32 -50.09 60.89
N THR A 225 18.66 -50.71 59.91
CA THR A 225 17.37 -51.34 60.12
C THR A 225 17.43 -52.79 59.64
N GLN A 226 16.67 -53.64 60.32
CA GLN A 226 16.44 -55.04 60.00
C GLN A 226 17.66 -55.92 60.24
N LEU A 227 18.81 -55.31 60.51
CA LEU A 227 20.05 -56.06 60.71
C LEU A 227 20.95 -55.20 61.59
N LEU A 228 21.51 -55.81 62.63
CA LEU A 228 22.38 -55.09 63.55
C LEU A 228 23.80 -55.21 63.04
N LEU A 229 24.19 -54.27 62.18
CA LEU A 229 25.52 -54.30 61.60
C LEU A 229 26.57 -53.93 62.65
N ASN A 230 27.69 -54.65 62.63
CA ASN A 230 28.75 -54.46 63.60
C ASN A 230 28.22 -54.61 65.02
N GLY A 231 29.01 -54.20 66.00
CA GLY A 231 28.56 -54.32 67.37
C GLY A 231 29.09 -55.54 68.10
N SER A 232 28.34 -56.03 69.07
CA SER A 232 28.80 -57.05 70.00
C SER A 232 28.08 -58.37 69.75
N LEU A 233 28.84 -59.45 69.77
CA LEU A 233 28.31 -60.79 69.56
C LEU A 233 27.86 -61.40 70.88
N ALA A 234 27.04 -62.45 70.77
CA ALA A 234 26.73 -63.25 71.93
C ALA A 234 27.94 -64.10 72.32
N GLU A 235 27.90 -64.65 73.52
CA GLU A 235 29.05 -65.37 74.05
C GLU A 235 29.04 -66.85 73.68
N GLU A 236 27.93 -67.54 73.93
CA GLU A 236 27.90 -68.98 73.72
C GLU A 236 26.89 -69.44 72.70
N GLU A 237 25.76 -68.76 72.56
CA GLU A 237 24.75 -69.21 71.61
C GLU A 237 23.85 -68.02 71.25
N VAL A 238 23.16 -68.16 70.11
CA VAL A 238 22.28 -67.10 69.63
C VAL A 238 21.22 -66.81 70.69
N MET A 239 21.08 -65.53 71.03
CA MET A 239 20.17 -65.10 72.08
C MET A 239 18.94 -64.44 71.50
N ILE A 240 17.77 -64.89 71.92
CA ILE A 240 16.49 -64.32 71.53
C ILE A 240 15.98 -63.46 72.66
N ARG A 241 15.65 -62.21 72.37
CA ARG A 241 15.29 -61.23 73.39
C ARG A 241 14.06 -60.47 72.95
N SER A 242 12.93 -60.73 73.60
CA SER A 242 11.69 -60.01 73.34
C SER A 242 11.10 -59.55 74.65
N GLU A 243 10.41 -58.40 74.62
CA GLU A 243 9.76 -57.91 75.82
C GLU A 243 8.66 -58.86 76.27
N ASN A 244 7.88 -59.38 75.32
CA ASN A 244 6.88 -60.40 75.61
C ASN A 244 6.81 -61.30 74.38
N ILE A 245 7.46 -62.46 74.48
CA ILE A 245 7.60 -63.35 73.32
C ILE A 245 6.25 -63.82 72.81
N THR A 246 5.24 -63.84 73.67
CA THR A 246 3.90 -64.25 73.27
C THR A 246 3.10 -63.13 72.63
N ASN A 247 3.64 -61.91 72.62
CA ASN A 247 2.98 -60.77 72.01
C ASN A 247 3.62 -60.50 70.65
N ASN A 248 2.81 -60.57 69.59
CA ASN A 248 3.35 -60.40 68.24
C ASN A 248 3.61 -58.94 67.89
N ALA A 249 3.19 -58.00 68.74
CA ALA A 249 3.43 -56.58 68.51
C ALA A 249 4.79 -56.13 69.05
N LYS A 250 5.55 -57.03 69.64
CA LYS A 250 6.86 -56.72 70.22
C LYS A 250 7.96 -57.27 69.32
N ASN A 251 8.95 -56.44 69.02
CA ASN A 251 10.07 -56.88 68.20
C ASN A 251 10.92 -57.89 68.95
N ILE A 252 11.53 -58.80 68.20
CA ILE A 252 12.41 -59.83 68.73
C ILE A 252 13.83 -59.46 68.34
N LEU A 253 14.68 -59.27 69.34
CA LEU A 253 16.07 -58.87 69.11
C LEU A 253 16.95 -60.11 69.15
N VAL A 254 17.23 -60.67 67.99
CA VAL A 254 18.14 -61.80 67.88
C VAL A 254 19.57 -61.29 67.93
N GLN A 255 20.44 -62.02 68.64
CA GLN A 255 21.85 -61.68 68.71
C GLN A 255 22.66 -62.91 68.35
N PHE A 256 23.55 -62.76 67.38
CA PHE A 256 24.32 -63.90 66.90
C PHE A 256 25.52 -64.16 67.80
N ASN A 257 26.03 -65.39 67.75
CA ASN A 257 27.27 -65.73 68.41
C ASN A 257 28.47 -65.69 67.47
N THR A 258 28.27 -65.98 66.19
CA THR A 258 29.27 -65.82 65.16
C THR A 258 28.78 -64.82 64.12
N PRO A 259 29.54 -63.77 63.82
CA PRO A 259 29.05 -62.75 62.90
C PRO A 259 28.90 -63.28 61.49
N VAL A 260 27.93 -62.72 60.77
CA VAL A 260 27.72 -63.00 59.35
C VAL A 260 28.24 -61.79 58.57
N GLN A 261 29.30 -61.98 57.82
CA GLN A 261 29.92 -60.88 57.11
C GLN A 261 29.12 -60.52 55.87
N ILE A 262 28.86 -59.22 55.68
CA ILE A 262 28.11 -58.71 54.56
C ILE A 262 28.96 -57.67 53.84
N ASN A 263 29.08 -57.81 52.52
CA ASN A 263 29.91 -56.93 51.70
C ASN A 263 29.05 -56.07 50.80
N CYS A 264 29.27 -54.76 50.85
CA CYS A 264 28.50 -53.75 50.13
C CYS A 264 29.22 -53.50 48.82
N THR A 265 28.56 -52.77 47.93
CA THR A 265 29.33 -52.04 46.93
C THR A 265 28.41 -51.11 46.18
N ARG A 266 28.99 -50.02 45.70
CA ARG A 266 28.45 -49.22 44.61
C ARG A 266 29.49 -49.23 43.52
N PRO A 267 29.35 -50.09 42.50
CA PRO A 267 30.45 -50.27 41.54
C PRO A 267 30.78 -49.04 40.72
N ASN A 268 29.89 -48.07 40.64
CA ASN A 268 30.09 -46.91 39.78
C ASN A 268 31.27 -46.08 40.25
N ASN A 269 31.99 -45.50 39.29
CA ASN A 269 32.99 -44.49 39.60
C ASN A 269 32.31 -43.13 39.47
N ASN A 270 31.78 -42.63 40.58
CA ASN A 270 31.07 -41.37 40.61
C ASN A 270 32.03 -40.20 40.41
N THR A 271 31.50 -39.11 39.86
CA THR A 271 32.26 -37.87 39.67
C THR A 271 31.51 -36.74 40.37
N ARG A 272 31.93 -36.42 41.59
CA ARG A 272 31.35 -35.32 42.33
C ARG A 272 31.68 -34.00 41.65
N LYS A 273 30.69 -33.11 41.58
CA LYS A 273 30.82 -31.81 40.94
C LYS A 273 30.36 -30.73 41.92
N SER A 274 31.10 -29.63 41.98
CA SER A 274 30.83 -28.56 42.93
C SER A 274 30.11 -27.40 42.23
N ILE A 275 29.04 -26.93 42.85
CA ILE A 275 28.26 -25.79 42.37
C ILE A 275 28.25 -24.74 43.46
N ARG A 276 28.62 -23.51 43.11
CA ARG A 276 28.63 -22.40 44.06
C ARG A 276 27.24 -21.78 44.08
N ILE A 277 26.43 -22.13 45.08
CA ILE A 277 25.06 -21.64 45.18
C ILE A 277 24.97 -20.32 45.91
N GLY A 278 26.07 -19.80 46.43
CA GLY A 278 26.07 -18.55 47.15
C GLY A 278 27.47 -18.19 47.61
N PRO A 279 27.59 -17.09 48.34
CA PRO A 279 28.92 -16.71 48.83
C PRO A 279 29.44 -17.66 49.89
N GLY A 280 30.43 -18.47 49.53
CA GLY A 280 31.03 -19.42 50.44
C GLY A 280 30.32 -20.75 50.54
N GLN A 281 29.14 -20.89 49.95
CA GLN A 281 28.37 -22.12 50.00
C GLN A 281 28.52 -22.87 48.68
N ALA A 282 28.80 -24.16 48.77
CA ALA A 282 28.96 -25.02 47.61
C ALA A 282 27.99 -26.18 47.68
N PHE A 283 27.44 -26.57 46.53
CA PHE A 283 26.53 -27.69 46.41
C PHE A 283 27.23 -28.78 45.60
N TYR A 284 27.40 -29.95 46.20
CA TYR A 284 28.13 -31.04 45.58
C TYR A 284 27.14 -31.92 44.83
N ALA A 285 27.35 -32.06 43.52
CA ALA A 285 26.40 -32.70 42.65
C ALA A 285 27.07 -33.82 41.87
N THR A 286 26.29 -34.83 41.51
CA THR A 286 26.78 -35.92 40.66
C THR A 286 26.82 -35.42 39.23
N GLY A 287 28.01 -35.15 38.72
CA GLY A 287 28.13 -34.63 37.39
C GLY A 287 28.10 -35.71 36.33
N ASP A 288 28.78 -36.82 36.60
CA ASP A 288 28.90 -37.89 35.63
C ASP A 288 29.06 -39.20 36.37
N ILE A 289 28.64 -40.29 35.74
CA ILE A 289 28.81 -41.63 36.30
C ILE A 289 29.34 -42.54 35.22
N ILE A 290 30.49 -43.16 35.48
CA ILE A 290 31.17 -44.05 34.57
C ILE A 290 31.63 -45.28 35.37
N GLY A 291 32.22 -46.23 34.67
CA GLY A 291 32.69 -47.44 35.30
C GLY A 291 31.62 -48.53 35.33
N ASP A 292 31.79 -49.46 36.26
CA ASP A 292 30.85 -50.56 36.40
C ASP A 292 29.50 -50.02 36.84
N ILE A 293 28.48 -50.22 35.99
CA ILE A 293 27.16 -49.66 36.23
C ILE A 293 26.20 -50.71 36.77
N ARG A 294 26.71 -51.78 37.37
CA ARG A 294 25.84 -52.73 38.04
C ARG A 294 25.19 -52.07 39.24
N GLN A 295 23.97 -52.48 39.54
CA GLN A 295 23.23 -51.90 40.66
C GLN A 295 23.98 -52.18 41.96
N ALA A 296 23.90 -51.21 42.87
CA ALA A 296 24.51 -51.39 44.19
C ALA A 296 23.92 -52.62 44.87
N HIS A 297 24.77 -53.39 45.54
CA HIS A 297 24.32 -54.65 46.12
C HIS A 297 25.14 -54.98 47.34
N CYS A 298 24.62 -55.91 48.13
CA CYS A 298 25.33 -56.50 49.26
C CYS A 298 25.38 -58.01 49.10
N ASN A 299 26.51 -58.60 49.43
CA ASN A 299 26.70 -60.05 49.35
C ASN A 299 26.78 -60.63 50.75
N VAL A 300 25.94 -61.62 51.03
CA VAL A 300 26.00 -62.39 52.26
C VAL A 300 26.24 -63.84 51.87
N SER A 301 27.22 -64.49 52.50
CA SER A 301 27.53 -65.86 52.16
C SER A 301 26.32 -66.75 52.37
N LYS A 302 26.00 -67.56 51.37
CA LYS A 302 24.79 -68.38 51.42
C LYS A 302 24.94 -69.50 52.43
N ALA A 303 26.14 -70.06 52.55
CA ALA A 303 26.37 -71.13 53.53
C ALA A 303 26.36 -70.58 54.95
N THR A 304 27.03 -69.44 55.17
CA THR A 304 27.08 -68.85 56.50
C THR A 304 25.71 -68.36 56.96
N TRP A 305 24.93 -67.78 56.07
CA TRP A 305 23.61 -67.31 56.45
C TRP A 305 22.67 -68.46 56.73
N ASN A 306 22.80 -69.56 55.99
CA ASN A 306 21.92 -70.69 56.20
C ASN A 306 22.16 -71.35 57.56
N GLU A 307 23.43 -71.48 57.95
CA GLU A 307 23.72 -72.05 59.27
C GLU A 307 23.44 -71.09 60.40
N THR A 308 23.44 -69.78 60.12
CA THR A 308 23.07 -68.81 61.15
C THR A 308 21.57 -68.79 61.39
N LEU A 309 20.76 -68.90 60.33
CA LEU A 309 19.33 -69.05 60.52
C LEU A 309 19.00 -70.39 61.18
N GLY A 310 19.83 -71.41 60.94
CA GLY A 310 19.63 -72.67 61.64
C GLY A 310 19.81 -72.54 63.13
N LYS A 311 20.81 -71.76 63.55
CA LYS A 311 21.00 -71.48 64.96
C LYS A 311 19.88 -70.61 65.52
N VAL A 312 19.43 -69.63 64.74
CA VAL A 312 18.32 -68.79 65.17
C VAL A 312 17.05 -69.62 65.32
N VAL A 313 16.79 -70.51 64.38
CA VAL A 313 15.60 -71.34 64.44
C VAL A 313 15.66 -72.29 65.64
N LYS A 314 16.84 -72.86 65.91
CA LYS A 314 16.98 -73.76 67.05
C LYS A 314 16.68 -73.05 68.36
N GLN A 315 17.19 -71.84 68.53
CA GLN A 315 16.92 -71.04 69.72
C GLN A 315 15.54 -70.41 69.70
N LEU A 316 14.83 -70.46 68.57
CA LEU A 316 13.51 -69.87 68.44
C LEU A 316 12.40 -70.89 68.61
N ARG A 317 12.69 -72.18 68.46
CA ARG A 317 11.71 -73.22 68.75
C ARG A 317 11.53 -73.44 70.24
N LYS A 318 12.47 -72.96 71.07
CA LYS A 318 12.35 -73.09 72.51
C LYS A 318 11.19 -72.29 73.07
N HIS A 319 10.74 -71.26 72.36
CA HIS A 319 9.64 -70.41 72.82
C HIS A 319 8.32 -70.72 72.13
N PHE A 320 8.32 -71.56 71.10
CA PHE A 320 7.11 -71.84 70.34
C PHE A 320 6.82 -73.33 70.14
N GLY A 321 7.75 -74.22 70.47
CA GLY A 321 7.51 -75.63 70.33
C GLY A 321 8.50 -76.32 69.42
N ASN A 322 8.72 -77.62 69.65
CA ASN A 322 9.64 -78.37 68.81
C ASN A 322 9.04 -78.73 67.46
N ASN A 323 7.72 -78.94 67.41
CA ASN A 323 7.05 -79.36 66.19
C ASN A 323 6.52 -78.20 65.37
N THR A 324 6.70 -76.97 65.82
CA THR A 324 6.19 -75.82 65.07
C THR A 324 7.06 -75.55 63.85
N ILE A 325 6.47 -74.91 62.86
CA ILE A 325 7.13 -74.59 61.61
C ILE A 325 7.57 -73.14 61.65
N ILE A 326 8.88 -72.92 61.62
CA ILE A 326 9.46 -71.58 61.64
C ILE A 326 9.70 -71.15 60.20
N ARG A 327 9.01 -70.10 59.78
CA ARG A 327 9.11 -69.59 58.41
C ARG A 327 9.57 -68.15 58.45
N PHE A 328 10.57 -67.82 57.66
CA PHE A 328 11.07 -66.46 57.54
C PHE A 328 10.55 -65.87 56.25
N ALA A 329 9.72 -64.83 56.35
CA ALA A 329 9.26 -64.09 55.19
C ALA A 329 9.97 -62.74 55.16
N ASN A 330 9.70 -61.96 54.12
CA ASN A 330 10.33 -60.66 53.97
C ASN A 330 9.40 -59.56 54.48
N SER A 331 9.92 -58.34 54.51
CA SER A 331 9.24 -57.23 55.16
C SER A 331 7.87 -57.00 54.54
N SER A 332 6.90 -56.64 55.37
CA SER A 332 5.52 -56.52 54.93
C SER A 332 5.31 -55.32 54.03
N GLY A 333 5.52 -54.12 54.56
CA GLY A 333 5.29 -52.91 53.79
C GLY A 333 5.52 -51.68 54.64
N GLY A 334 5.45 -50.53 53.99
CA GLY A 334 5.67 -49.27 54.65
C GLY A 334 6.66 -48.37 53.93
N ASP A 335 7.39 -47.57 54.69
CA ASP A 335 8.41 -46.70 54.12
C ASP A 335 9.59 -47.52 53.62
N LEU A 336 10.36 -46.92 52.71
CA LEU A 336 11.58 -47.57 52.24
C LEU A 336 12.60 -47.72 53.37
N GLU A 337 12.53 -46.86 54.38
CA GLU A 337 13.45 -46.98 55.50
C GLU A 337 13.08 -48.14 56.41
N VAL A 338 11.86 -48.65 56.33
CA VAL A 338 11.42 -49.74 57.20
C VAL A 338 11.25 -51.06 56.44
N THR A 339 11.04 -51.04 55.13
CA THR A 339 10.95 -52.26 54.34
C THR A 339 12.29 -52.75 53.85
N THR A 340 13.36 -51.98 54.05
CA THR A 340 14.67 -52.31 53.52
C THR A 340 15.70 -52.23 54.64
N HIS A 341 16.81 -52.92 54.43
CA HIS A 341 17.96 -52.83 55.33
C HIS A 341 18.65 -51.50 55.07
N SER A 342 18.04 -50.45 55.60
CA SER A 342 18.62 -49.12 55.50
C SER A 342 19.88 -49.04 56.34
N PHE A 343 20.95 -48.48 55.76
CA PHE A 343 22.17 -48.26 56.51
C PHE A 343 23.03 -47.28 55.74
N ASN A 344 24.13 -46.88 56.37
CA ASN A 344 25.12 -45.97 55.81
C ASN A 344 26.42 -46.74 55.63
N CYS A 345 27.07 -46.58 54.48
CA CYS A 345 28.34 -47.26 54.25
C CYS A 345 29.19 -46.45 53.28
N GLY A 346 30.29 -45.89 53.80
CA GLY A 346 31.18 -45.07 53.00
C GLY A 346 30.64 -43.68 52.76
N GLY A 347 29.74 -43.21 53.62
CA GLY A 347 29.15 -41.90 53.48
C GLY A 347 27.94 -41.84 52.58
N GLU A 348 27.59 -42.93 51.92
CA GLU A 348 26.45 -42.98 51.02
C GLU A 348 25.45 -44.00 51.55
N PHE A 349 24.17 -43.62 51.51
CA PHE A 349 23.14 -44.36 52.23
C PHE A 349 22.50 -45.40 51.32
N PHE A 350 22.51 -46.65 51.77
CA PHE A 350 21.99 -47.78 51.03
C PHE A 350 20.64 -48.21 51.58
N TYR A 351 19.85 -48.88 50.74
CA TYR A 351 18.56 -49.43 51.13
C TYR A 351 18.39 -50.78 50.44
N CYS A 352 18.83 -51.84 51.12
CA CYS A 352 18.92 -53.17 50.52
C CYS A 352 17.65 -53.97 50.74
N ASN A 353 17.34 -54.85 49.78
CA ASN A 353 16.04 -55.50 49.76
C ASN A 353 15.89 -56.50 50.91
N THR A 354 16.87 -57.38 51.10
CA THR A 354 16.83 -58.43 52.11
C THR A 354 15.55 -59.26 52.02
N SER A 355 15.15 -59.58 50.80
CA SER A 355 14.09 -60.55 50.58
C SER A 355 14.63 -61.93 50.23
N GLY A 356 15.92 -62.03 49.93
CA GLY A 356 16.54 -63.32 49.73
C GLY A 356 17.19 -63.81 51.00
N LEU A 357 17.47 -62.87 51.92
CA LEU A 357 17.93 -63.26 53.24
C LEU A 357 16.82 -63.97 54.01
N PHE A 358 15.65 -63.35 54.08
CA PHE A 358 14.52 -63.88 54.84
C PHE A 358 13.53 -64.52 53.85
N ASN A 359 13.86 -65.73 53.43
CA ASN A 359 12.96 -66.50 52.57
C ASN A 359 13.31 -67.98 52.79
N SER A 360 12.56 -68.64 53.68
CA SER A 360 12.87 -70.03 54.02
C SER A 360 11.77 -70.56 54.91
N THR A 361 11.61 -71.88 54.89
CA THR A 361 10.69 -72.58 55.77
C THR A 361 11.44 -73.71 56.44
N TRP A 362 11.34 -73.79 57.76
CA TRP A 362 12.11 -74.74 58.56
C TRP A 362 11.17 -75.77 59.18
N ILE A 363 11.40 -77.04 58.86
CA ILE A 363 10.57 -78.14 59.33
C ILE A 363 11.32 -78.87 60.43
N SER A 364 10.59 -79.33 61.44
CA SER A 364 11.19 -80.07 62.56
C SER A 364 11.93 -81.31 62.09
N ASN A 377 31.14 -71.02 49.02
CA ASN A 377 31.55 -70.29 47.83
C ASN A 377 30.38 -69.46 47.28
N ASP A 378 29.18 -70.01 47.35
CA ASP A 378 27.99 -69.32 46.85
C ASP A 378 27.66 -68.14 47.77
N SER A 379 26.91 -67.19 47.22
CA SER A 379 26.63 -65.95 47.92
C SER A 379 25.22 -65.48 47.61
N ILE A 380 24.68 -64.65 48.48
CA ILE A 380 23.35 -64.06 48.34
C ILE A 380 23.53 -62.58 48.04
N THR A 381 23.00 -62.13 46.91
CA THR A 381 23.16 -60.75 46.46
C THR A 381 21.87 -59.98 46.72
N LEU A 382 21.96 -58.92 47.51
CA LEU A 382 20.79 -58.12 47.88
C LEU A 382 20.80 -56.82 47.10
N PRO A 383 19.85 -56.59 46.19
CA PRO A 383 19.85 -55.34 45.42
C PRO A 383 19.53 -54.15 46.31
N CYS A 384 20.43 -53.17 46.33
CA CYS A 384 20.30 -52.01 47.19
C CYS A 384 20.08 -50.76 46.36
N ARG A 385 19.12 -49.95 46.76
CA ARG A 385 18.95 -48.62 46.20
C ARG A 385 19.75 -47.62 47.03
N ILE A 386 19.95 -46.43 46.47
CA ILE A 386 20.70 -45.37 47.12
C ILE A 386 19.88 -44.10 47.07
N LYS A 387 19.90 -43.34 48.16
CA LYS A 387 19.24 -42.05 48.24
C LYS A 387 20.25 -41.01 48.68
N GLN A 388 19.99 -39.75 48.33
CA GLN A 388 20.78 -38.64 48.80
C GLN A 388 20.04 -37.73 49.76
N ILE A 389 18.72 -37.75 49.76
CA ILE A 389 17.92 -36.95 50.66
C ILE A 389 17.41 -37.87 51.76
N ILE A 390 17.90 -37.68 52.98
CA ILE A 390 17.72 -38.61 54.08
C ILE A 390 16.89 -37.95 55.19
N ASN A 391 15.77 -38.58 55.55
CA ASN A 391 15.04 -38.25 56.78
C ASN A 391 15.37 -39.39 57.74
N MET A 392 16.42 -39.21 58.53
CA MET A 392 17.00 -40.36 59.22
C MET A 392 16.17 -40.81 60.42
N TRP A 393 16.01 -39.94 61.42
CA TRP A 393 15.44 -40.38 62.68
C TRP A 393 13.92 -40.38 62.66
N GLN A 394 13.33 -41.00 61.63
CA GLN A 394 11.88 -41.17 61.52
C GLN A 394 11.13 -39.88 61.81
N ARG A 395 11.69 -38.77 61.37
CA ARG A 395 11.11 -37.46 61.60
C ARG A 395 10.67 -36.84 60.28
N ILE A 396 9.82 -35.83 60.38
CA ILE A 396 9.36 -35.06 59.24
C ILE A 396 9.74 -33.60 59.47
N GLY A 397 10.31 -32.98 58.44
CA GLY A 397 10.68 -31.58 58.49
C GLY A 397 12.15 -31.32 58.67
N GLN A 398 12.97 -32.35 58.85
CA GLN A 398 14.42 -32.20 58.95
C GLN A 398 15.05 -33.29 58.09
N ALA A 399 15.26 -32.97 56.82
CA ALA A 399 15.96 -33.85 55.90
C ALA A 399 17.44 -33.53 55.89
N MET A 400 18.20 -34.30 55.12
CA MET A 400 19.62 -34.05 54.95
C MET A 400 20.02 -34.53 53.57
N TYR A 401 20.80 -33.72 52.86
CA TYR A 401 21.28 -34.09 51.54
C TYR A 401 22.68 -34.66 51.68
N ALA A 402 22.81 -35.97 51.48
CA ALA A 402 24.11 -36.60 51.52
C ALA A 402 24.83 -36.36 50.20
N PRO A 403 25.96 -35.68 50.20
CA PRO A 403 26.62 -35.33 48.94
C PRO A 403 27.23 -36.56 48.30
N PRO A 404 27.44 -36.54 46.98
CA PRO A 404 28.02 -37.70 46.32
C PRO A 404 29.41 -38.00 46.85
N ILE A 405 29.74 -39.29 46.90
CA ILE A 405 31.06 -39.76 47.30
C ILE A 405 31.84 -40.08 46.03
N GLN A 406 32.98 -39.41 45.86
CA GLN A 406 33.82 -39.63 44.70
C GLN A 406 34.38 -41.06 44.71
N GLY A 407 34.28 -41.74 43.59
CA GLY A 407 34.91 -43.04 43.45
C GLY A 407 33.96 -44.19 43.75
N VAL A 408 34.58 -45.36 43.87
CA VAL A 408 33.87 -46.61 44.14
C VAL A 408 33.79 -46.81 45.65
N ILE A 409 32.63 -47.22 46.13
CA ILE A 409 32.39 -47.44 47.55
C ILE A 409 32.40 -48.93 47.84
N ARG A 410 33.17 -49.33 48.85
CA ARG A 410 33.27 -50.74 49.23
C ARG A 410 33.07 -50.82 50.74
N CYS A 411 32.63 -51.97 51.21
CA CYS A 411 31.94 -52.11 52.48
C CYS A 411 32.19 -53.50 53.06
N VAL A 412 32.59 -53.56 54.32
CA VAL A 412 32.71 -54.84 55.03
C VAL A 412 32.13 -54.65 56.42
N SER A 413 31.04 -55.34 56.70
CA SER A 413 30.35 -55.23 57.98
C SER A 413 30.04 -56.62 58.52
N ASN A 414 29.78 -56.66 59.81
CA ASN A 414 29.36 -57.88 60.51
C ASN A 414 27.88 -57.75 60.84
N ILE A 415 27.07 -58.71 60.41
CA ILE A 415 25.70 -58.81 60.89
C ILE A 415 25.74 -59.51 62.23
N THR A 416 25.57 -58.75 63.31
CA THR A 416 25.66 -59.31 64.66
C THR A 416 24.29 -59.48 65.30
N GLY A 417 23.21 -59.30 64.56
CA GLY A 417 21.89 -59.46 65.14
C GLY A 417 20.81 -59.25 64.10
N LEU A 418 19.57 -59.38 64.58
CA LEU A 418 18.39 -59.20 63.76
C LEU A 418 17.34 -58.46 64.58
N ILE A 419 16.35 -57.91 63.89
CA ILE A 419 15.14 -57.39 64.52
C ILE A 419 13.97 -58.00 63.78
N LEU A 420 13.26 -58.91 64.42
CA LEU A 420 12.19 -59.66 63.79
C LEU A 420 10.84 -59.24 64.38
N THR A 421 9.80 -59.42 63.58
CA THR A 421 8.42 -59.27 64.03
C THR A 421 7.68 -60.54 63.65
N ARG A 422 6.79 -60.98 64.53
CA ARG A 422 6.05 -62.21 64.32
C ARG A 422 4.65 -61.92 63.82
N ASP A 423 4.14 -62.81 62.98
CA ASP A 423 2.79 -62.67 62.43
C ASP A 423 1.78 -63.33 63.36
N GLY A 424 0.68 -62.63 63.61
CA GLY A 424 -0.36 -63.13 64.50
C GLY A 424 -1.07 -64.37 64.00
N SER A 429 -2.79 -72.54 64.38
CA SER A 429 -1.87 -72.85 63.29
C SER A 429 -0.51 -73.29 63.82
N THR A 430 0.12 -74.21 63.10
CA THR A 430 1.42 -74.76 63.49
C THR A 430 2.59 -74.02 62.87
N THR A 431 2.33 -72.97 62.10
CA THR A 431 3.37 -72.23 61.40
C THR A 431 3.49 -70.82 61.98
N GLU A 432 4.71 -70.46 62.36
CA GLU A 432 5.03 -69.13 62.86
C GLU A 432 5.92 -68.43 61.85
N THR A 433 5.49 -67.26 61.38
CA THR A 433 6.20 -66.51 60.35
C THR A 433 6.89 -65.30 60.98
N PHE A 434 8.18 -65.17 60.74
CA PHE A 434 9.00 -64.11 61.34
C PHE A 434 9.50 -63.19 60.23
N ARG A 435 8.89 -62.05 60.10
CA ARG A 435 9.32 -61.02 59.17
C ARG A 435 10.34 -60.10 59.83
N PRO A 436 11.27 -59.54 59.07
CA PRO A 436 12.19 -58.56 59.64
C PRO A 436 11.44 -57.28 60.03
N GLY A 437 11.98 -56.62 61.05
CA GLY A 437 11.33 -55.42 61.56
C GLY A 437 12.28 -54.26 61.69
N GLY A 438 11.92 -53.28 62.52
CA GLY A 438 12.78 -52.13 62.71
C GLY A 438 12.03 -50.83 62.79
N GLY A 439 12.59 -49.79 62.19
CA GLY A 439 12.00 -48.47 62.26
C GLY A 439 12.42 -47.70 63.49
N ASP A 440 12.12 -48.24 64.66
CA ASP A 440 12.47 -47.59 65.92
C ASP A 440 13.96 -47.82 66.17
N MET A 441 14.74 -46.74 66.16
CA MET A 441 16.18 -46.85 66.30
C MET A 441 16.58 -47.25 67.70
N ARG A 442 15.67 -47.22 68.67
CA ARG A 442 16.02 -47.57 70.04
C ARG A 442 16.32 -49.05 70.19
N ASP A 443 15.67 -49.91 69.40
CA ASP A 443 15.95 -51.34 69.47
C ASP A 443 17.36 -51.68 68.99
N ASN A 444 18.00 -50.78 68.25
CA ASN A 444 19.38 -51.01 67.84
C ASN A 444 20.34 -50.82 69.00
N TRP A 445 20.13 -49.78 69.81
CA TRP A 445 20.97 -49.53 70.97
C TRP A 445 20.48 -50.25 72.22
N ARG A 446 19.24 -50.71 72.22
CA ARG A 446 18.79 -51.62 73.27
C ARG A 446 19.52 -52.94 73.23
N SER A 447 20.09 -53.30 72.07
CA SER A 447 20.88 -54.53 71.93
C SER A 447 22.30 -54.38 72.42
N GLU A 448 22.76 -53.16 72.69
CA GLU A 448 24.09 -52.93 73.25
C GLU A 448 24.06 -52.56 74.71
N LEU A 449 22.96 -51.96 75.17
CA LEU A 449 22.79 -51.54 76.56
C LEU A 449 21.85 -52.46 77.32
N TYR A 450 21.74 -53.72 76.89
CA TYR A 450 20.88 -54.66 77.58
C TYR A 450 21.50 -55.14 78.89
N LYS A 451 22.82 -55.21 78.97
CA LYS A 451 23.52 -55.74 80.12
C LYS A 451 23.84 -54.70 81.17
N TYR A 452 23.59 -53.42 80.90
CA TYR A 452 23.96 -52.35 81.80
C TYR A 452 22.75 -51.82 82.55
N LYS A 453 23.02 -51.25 83.73
CA LYS A 453 21.97 -50.72 84.60
C LYS A 453 22.58 -49.65 85.48
N VAL A 454 21.83 -48.56 85.67
CA VAL A 454 22.28 -47.43 86.47
C VAL A 454 21.58 -47.48 87.82
N VAL A 455 22.36 -47.39 88.90
CA VAL A 455 21.82 -47.42 90.24
C VAL A 455 22.30 -46.20 91.00
N LYS A 456 21.54 -45.84 92.02
CA LYS A 456 21.83 -44.69 92.88
C LYS A 456 22.31 -45.20 94.23
N ILE A 457 23.51 -44.79 94.62
CA ILE A 457 24.08 -45.29 95.88
C ILE A 457 23.40 -44.59 97.05
N GLU A 458 22.94 -45.39 98.02
CA GLU A 458 22.33 -44.89 99.25
C GLU A 458 23.28 -45.18 100.40
N PRO A 459 24.21 -44.28 100.71
CA PRO A 459 25.31 -44.63 101.61
C PRO A 459 24.99 -44.49 103.10
N LEU A 460 23.78 -44.10 103.46
CA LEU A 460 23.43 -43.83 104.84
C LEU A 460 22.44 -44.89 105.31
N GLY A 461 22.89 -45.76 106.19
CA GLY A 461 22.05 -46.84 106.69
C GLY A 461 22.19 -46.99 108.19
N VAL A 462 21.09 -47.37 108.83
CA VAL A 462 21.04 -47.55 110.27
C VAL A 462 20.80 -49.02 110.57
N ALA A 463 21.32 -49.47 111.71
CA ALA A 463 21.24 -50.87 112.08
C ALA A 463 21.44 -50.98 113.58
N PRO A 464 20.94 -52.05 114.20
CA PRO A 464 21.09 -52.20 115.65
C PRO A 464 22.48 -52.70 116.02
N THR A 465 22.97 -52.22 117.17
CA THR A 465 24.27 -52.64 117.67
C THR A 465 24.27 -52.39 119.18
N ARG A 466 25.18 -53.07 119.87
CA ARG A 466 25.30 -52.93 121.31
C ARG A 466 25.92 -51.60 121.74
N CYS A 467 26.12 -50.66 120.82
CA CYS A 467 26.67 -49.37 121.17
C CYS A 467 25.76 -48.59 122.10
N LYS A 468 26.33 -47.56 122.72
CA LYS A 468 25.57 -46.55 123.42
C LYS A 468 26.45 -45.31 123.50
N ARG A 469 25.98 -44.21 122.92
CA ARG A 469 26.77 -42.99 122.92
C ARG A 469 27.06 -42.54 124.35
N ARG A 470 28.30 -42.15 124.59
CA ARG A 470 28.72 -41.71 125.92
C ARG A 470 28.58 -40.20 126.04
N PHE B 11 42.76 -56.19 101.57
CA PHE B 11 42.03 -55.14 100.87
C PHE B 11 41.02 -55.74 99.90
N LEU B 12 39.77 -55.27 99.99
CA LEU B 12 38.69 -55.73 99.13
C LEU B 12 38.34 -54.73 98.03
N GLY B 13 38.38 -53.44 98.33
CA GLY B 13 38.08 -52.40 97.36
C GLY B 13 36.75 -51.73 97.66
N PHE B 14 36.39 -50.81 96.76
CA PHE B 14 35.15 -50.07 96.90
C PHE B 14 33.95 -51.02 96.85
N LEU B 15 33.09 -50.92 97.85
CA LEU B 15 31.88 -51.74 97.97
C LEU B 15 32.21 -53.22 98.05
N GLY B 16 33.49 -53.56 98.23
CA GLY B 16 33.88 -54.96 98.26
C GLY B 16 33.25 -55.74 99.40
N ALA B 17 33.06 -55.09 100.54
CA ALA B 17 32.45 -55.73 101.71
C ALA B 17 30.94 -55.58 101.74
N ALA B 18 30.31 -55.41 100.57
CA ALA B 18 28.85 -55.29 100.52
C ALA B 18 28.17 -56.58 100.96
N GLY B 19 28.74 -57.73 100.59
CA GLY B 19 28.24 -59.01 101.04
C GLY B 19 28.81 -59.49 102.35
N SER B 20 29.79 -58.79 102.91
CA SER B 20 30.32 -59.14 104.22
C SER B 20 29.33 -58.76 105.31
N THR B 21 29.42 -59.46 106.43
CA THR B 21 28.54 -59.17 107.56
C THR B 21 28.75 -57.75 108.05
N MET B 22 27.82 -57.27 108.87
CA MET B 22 27.88 -55.89 109.34
C MET B 22 29.13 -55.65 110.18
N GLY B 23 29.54 -56.65 110.97
CA GLY B 23 30.75 -56.49 111.76
C GLY B 23 32.00 -56.42 110.91
N ALA B 24 32.05 -57.22 109.85
CA ALA B 24 33.22 -57.20 108.97
C ALA B 24 33.23 -56.01 108.02
N ALA B 25 32.04 -55.55 107.61
CA ALA B 25 31.96 -54.43 106.68
C ALA B 25 32.18 -53.08 107.34
N SER B 26 32.14 -53.01 108.67
CA SER B 26 32.37 -51.76 109.38
C SER B 26 33.84 -51.45 109.58
N MET B 27 34.74 -52.36 109.21
CA MET B 27 36.17 -52.13 109.25
C MET B 27 36.71 -51.58 107.93
N THR B 28 35.82 -51.34 106.95
CA THR B 28 36.21 -50.83 105.65
C THR B 28 35.43 -49.56 105.30
N LEU B 29 35.11 -48.75 106.30
CA LEU B 29 34.32 -47.56 106.03
C LEU B 29 35.13 -46.50 105.29
N THR B 30 36.43 -46.41 105.54
CA THR B 30 37.25 -45.43 104.85
C THR B 30 37.28 -45.67 103.35
N VAL B 31 37.05 -46.91 102.92
CA VAL B 31 37.09 -47.24 101.49
C VAL B 31 35.92 -46.60 100.77
N GLN B 32 34.71 -46.73 101.33
CA GLN B 32 33.53 -46.14 100.73
C GLN B 32 33.47 -44.64 100.96
N ALA B 33 34.02 -44.15 102.08
CA ALA B 33 33.95 -42.74 102.38
C ALA B 33 34.73 -41.89 101.39
N ARG B 34 35.91 -42.37 100.99
CA ARG B 34 36.75 -41.58 100.10
C ARG B 34 36.33 -41.65 98.64
N ASN B 35 35.36 -42.51 98.31
CA ASN B 35 34.88 -42.64 96.95
C ASN B 35 33.57 -41.90 96.71
N LEU B 36 33.14 -41.06 97.66
CA LEU B 36 31.92 -40.29 97.53
C LEU B 36 32.16 -38.87 97.04
N LEU B 37 33.40 -38.54 96.69
CA LEU B 37 33.72 -37.16 96.36
C LEU B 37 34.43 -37.08 95.02
N SER B 38 35.17 -38.11 94.66
CA SER B 38 35.82 -38.19 93.35
C SER B 38 36.14 -39.63 92.99
N VAL B 62 26.15 -27.96 76.23
CA VAL B 62 25.90 -29.37 76.01
C VAL B 62 27.16 -30.18 76.32
N TRP B 63 27.00 -31.22 77.13
CA TRP B 63 28.04 -32.17 77.53
C TRP B 63 29.10 -31.54 78.42
N GLY B 64 29.03 -30.25 78.69
CA GLY B 64 29.92 -29.61 79.65
C GLY B 64 29.18 -29.32 80.93
N ILE B 65 27.90 -28.99 80.81
CA ILE B 65 27.04 -28.87 81.98
C ILE B 65 26.74 -30.24 82.58
N LYS B 66 26.63 -31.27 81.73
CA LYS B 66 26.42 -32.61 82.25
C LYS B 66 27.53 -33.02 83.21
N GLN B 67 28.78 -32.86 82.78
CA GLN B 67 29.91 -33.12 83.67
C GLN B 67 29.89 -32.20 84.87
N LEU B 68 29.57 -30.92 84.65
CA LEU B 68 29.67 -29.93 85.72
C LEU B 68 28.53 -30.06 86.73
N GLN B 69 27.31 -30.35 86.26
CA GLN B 69 26.18 -30.46 87.17
C GLN B 69 26.22 -31.75 87.98
N ALA B 70 26.87 -32.79 87.48
CA ALA B 70 27.04 -34.00 88.27
C ALA B 70 28.05 -33.78 89.39
N ARG B 71 29.09 -32.99 89.12
CA ARG B 71 30.08 -32.69 90.16
C ARG B 71 29.47 -31.87 91.29
N VAL B 72 28.63 -30.88 90.96
CA VAL B 72 28.01 -30.06 91.98
C VAL B 72 27.03 -30.87 92.82
N LEU B 73 26.36 -31.84 92.20
CA LEU B 73 25.43 -32.68 92.95
C LEU B 73 26.17 -33.65 93.86
N ALA B 74 27.36 -34.10 93.46
CA ALA B 74 28.17 -34.95 94.32
C ALA B 74 28.67 -34.17 95.53
N VAL B 75 29.04 -32.91 95.34
CA VAL B 75 29.48 -32.08 96.45
C VAL B 75 28.32 -31.76 97.38
N GLU B 76 27.15 -31.46 96.82
CA GLU B 76 25.98 -31.15 97.64
C GLU B 76 25.55 -32.35 98.47
N ARG B 77 25.53 -33.55 97.87
CA ARG B 77 25.13 -34.73 98.61
C ARG B 77 26.12 -35.05 99.73
N TYR B 78 27.41 -34.89 99.46
CA TYR B 78 28.42 -35.13 100.48
C TYR B 78 28.26 -34.17 101.64
N LEU B 79 27.98 -32.90 101.36
CA LEU B 79 27.82 -31.91 102.42
C LEU B 79 26.56 -32.14 103.23
N ARG B 80 25.52 -32.70 102.62
CA ARG B 80 24.30 -32.99 103.37
C ARG B 80 24.55 -34.07 104.42
N ASP B 81 25.33 -35.10 104.08
CA ASP B 81 25.64 -36.15 105.02
C ASP B 81 26.66 -35.71 106.06
N GLN B 82 27.57 -34.81 105.70
CA GLN B 82 28.48 -34.24 106.67
C GLN B 82 27.77 -33.30 107.62
N GLN B 83 26.77 -32.57 107.12
CA GLN B 83 25.98 -31.71 107.99
C GLN B 83 25.19 -32.51 109.01
N LEU B 84 24.62 -33.64 108.58
CA LEU B 84 23.87 -34.49 109.50
C LEU B 84 24.77 -35.02 110.60
N LEU B 85 25.98 -35.45 110.26
CA LEU B 85 26.91 -35.92 111.26
C LEU B 85 27.31 -34.80 112.21
N GLY B 86 27.39 -33.57 111.71
CA GLY B 86 27.73 -32.45 112.57
C GLY B 86 26.67 -32.16 113.61
N ILE B 87 25.40 -32.19 113.20
CA ILE B 87 24.31 -31.87 114.13
C ILE B 87 23.96 -33.05 115.03
N TRP B 88 24.54 -34.21 114.81
CA TRP B 88 24.44 -35.33 115.74
C TRP B 88 25.63 -35.44 116.67
N GLY B 89 26.61 -34.54 116.53
CA GLY B 89 27.83 -34.64 117.30
C GLY B 89 28.83 -35.63 116.77
N CYS B 90 28.66 -36.08 115.53
CA CYS B 90 29.50 -37.11 114.94
C CYS B 90 30.44 -36.56 113.87
N SER B 91 30.68 -35.25 113.86
CA SER B 91 31.53 -34.65 112.84
C SER B 91 32.95 -35.17 112.94
N GLY B 92 33.51 -35.51 111.77
CA GLY B 92 34.87 -36.00 111.73
C GLY B 92 35.06 -37.42 112.20
N LYS B 93 33.97 -38.16 112.38
CA LYS B 93 34.03 -39.54 112.84
C LYS B 93 33.31 -40.43 111.84
N LEU B 94 33.83 -41.65 111.68
CA LEU B 94 33.19 -42.66 110.86
C LEU B 94 32.31 -43.59 111.68
N ILE B 95 32.78 -44.02 112.85
CA ILE B 95 31.98 -44.73 113.82
C ILE B 95 31.74 -43.78 114.99
N CYS B 96 30.48 -43.45 115.26
CA CYS B 96 30.10 -42.47 116.25
C CYS B 96 29.08 -43.07 117.20
N CYS B 97 29.53 -43.49 118.37
CA CYS B 97 28.61 -43.99 119.39
C CYS B 97 27.82 -42.81 119.96
N THR B 98 26.50 -42.94 120.00
CA THR B 98 25.62 -41.85 120.40
C THR B 98 24.90 -42.21 121.70
N ASN B 99 24.15 -41.23 122.21
CA ASN B 99 23.41 -41.38 123.46
C ASN B 99 21.97 -41.82 123.27
N VAL B 100 21.53 -42.05 122.03
CA VAL B 100 20.14 -42.42 121.77
C VAL B 100 19.96 -43.91 122.02
N PRO B 101 19.04 -44.30 122.92
CA PRO B 101 18.82 -45.72 123.17
C PRO B 101 18.12 -46.39 122.00
N TRP B 102 18.33 -47.70 121.88
CA TRP B 102 17.67 -48.50 120.85
C TRP B 102 16.34 -49.00 121.39
N ASN B 103 15.25 -48.69 120.67
CA ASN B 103 13.91 -48.93 121.18
C ASN B 103 13.50 -50.40 121.12
N SER B 104 14.10 -51.19 120.23
CA SER B 104 13.76 -52.59 120.02
C SER B 104 12.42 -52.73 119.30
N SER B 105 11.71 -51.61 119.12
CA SER B 105 10.61 -51.58 118.19
C SER B 105 11.08 -51.30 116.76
N TRP B 106 12.33 -50.88 116.60
CA TRP B 106 12.93 -50.74 115.27
C TRP B 106 13.51 -52.07 114.81
N SER B 107 14.10 -52.84 115.72
CA SER B 107 14.62 -54.16 115.40
C SER B 107 14.80 -54.93 116.70
N ASN B 108 14.14 -56.09 116.80
CA ASN B 108 14.20 -56.91 118.00
C ASN B 108 15.38 -57.87 118.00
N ARG B 109 16.20 -57.87 116.95
CA ARG B 109 17.30 -58.81 116.87
C ARG B 109 18.41 -58.41 117.83
N ASN B 110 19.08 -59.41 118.39
CA ASN B 110 20.18 -59.16 119.30
C ASN B 110 21.45 -58.83 118.53
N LEU B 111 22.50 -58.46 119.27
CA LEU B 111 23.74 -58.05 118.63
C LEU B 111 24.43 -59.20 117.90
N SER B 112 24.26 -60.44 118.39
CA SER B 112 24.93 -61.56 117.76
C SER B 112 24.44 -61.77 116.34
N GLU B 113 23.13 -61.67 116.12
CA GLU B 113 22.54 -61.94 114.82
C GLU B 113 22.45 -60.70 113.94
N ILE B 114 22.94 -59.55 114.40
CA ILE B 114 22.98 -58.34 113.60
C ILE B 114 24.38 -58.10 113.04
N TRP B 115 25.40 -58.25 113.87
CA TRP B 115 26.77 -57.95 113.48
C TRP B 115 27.54 -59.17 112.99
N ASP B 116 26.91 -60.35 112.98
CA ASP B 116 27.57 -61.55 112.52
C ASP B 116 26.78 -62.37 111.52
N ASN B 117 25.52 -62.00 111.24
CA ASN B 117 24.73 -62.68 110.23
C ASN B 117 24.28 -61.74 109.13
N MET B 118 23.73 -60.58 109.47
CA MET B 118 23.23 -59.67 108.45
C MET B 118 24.36 -58.87 107.81
N THR B 119 24.07 -58.37 106.61
CA THR B 119 24.93 -57.42 105.92
C THR B 119 24.27 -56.05 105.95
N TRP B 120 25.04 -55.03 105.56
CA TRP B 120 24.53 -53.67 105.65
C TRP B 120 23.39 -53.42 104.66
N LEU B 121 23.33 -54.16 103.55
CA LEU B 121 22.20 -54.06 102.65
C LEU B 121 20.95 -54.70 103.21
N GLN B 122 21.08 -55.87 103.84
CA GLN B 122 19.93 -56.49 104.50
C GLN B 122 19.43 -55.64 105.65
N TRP B 123 20.35 -55.07 106.43
CA TRP B 123 19.96 -54.22 107.55
C TRP B 123 19.26 -52.96 107.07
N ASP B 124 19.74 -52.38 105.97
CA ASP B 124 19.16 -51.13 105.48
C ASP B 124 17.70 -51.32 105.09
N LYS B 125 17.36 -52.45 104.49
CA LYS B 125 15.98 -52.72 104.14
C LYS B 125 15.10 -53.01 105.34
N GLU B 126 15.68 -53.18 106.53
CA GLU B 126 14.90 -53.50 107.72
C GLU B 126 14.50 -52.27 108.51
N ILE B 127 15.40 -51.30 108.67
CA ILE B 127 15.09 -50.09 109.43
C ILE B 127 14.86 -48.89 108.51
N SER B 128 14.54 -49.13 107.23
CA SER B 128 14.25 -48.03 106.34
C SER B 128 13.03 -47.24 106.80
N ASN B 129 12.05 -47.94 107.37
CA ASN B 129 10.85 -47.27 107.88
C ASN B 129 11.19 -46.34 109.04
N TYR B 130 12.07 -46.77 109.93
CA TYR B 130 12.40 -46.02 111.14
C TYR B 130 13.59 -45.09 110.96
N THR B 131 14.13 -44.97 109.75
CA THR B 131 15.33 -44.17 109.54
C THR B 131 15.12 -42.73 109.97
N GLN B 132 14.01 -42.11 109.56
CA GLN B 132 13.76 -40.73 109.93
C GLN B 132 13.34 -40.57 111.38
N ILE B 133 12.86 -41.63 112.03
CA ILE B 133 12.60 -41.57 113.46
C ILE B 133 13.90 -41.48 114.23
N ILE B 134 14.88 -42.32 113.88
CA ILE B 134 16.17 -42.27 114.55
C ILE B 134 16.91 -40.98 114.20
N TYR B 135 16.79 -40.53 112.95
CA TYR B 135 17.49 -39.31 112.55
C TYR B 135 17.01 -38.10 113.33
N GLY B 136 15.76 -38.11 113.79
CA GLY B 136 15.24 -37.03 114.61
C GLY B 136 15.67 -37.14 116.05
N LEU B 137 15.78 -38.37 116.55
CA LEU B 137 16.22 -38.57 117.93
C LEU B 137 17.68 -38.19 118.11
N LEU B 138 18.53 -38.53 117.13
CA LEU B 138 19.94 -38.19 117.22
C LEU B 138 20.13 -36.68 117.23
N GLU B 139 19.39 -35.96 116.38
CA GLU B 139 19.49 -34.51 116.35
C GLU B 139 19.02 -33.89 117.67
N GLU B 140 17.91 -34.41 118.21
CA GLU B 140 17.37 -33.86 119.45
C GLU B 140 18.28 -34.15 120.63
N SER B 141 18.86 -35.36 120.67
CA SER B 141 19.75 -35.71 121.78
C SER B 141 20.99 -34.83 121.78
N GLN B 142 21.58 -34.57 120.61
CA GLN B 142 22.76 -33.73 120.54
C GLN B 142 22.46 -32.30 120.98
N ASN B 143 21.31 -31.77 120.56
CA ASN B 143 20.96 -30.40 120.92
C ASN B 143 20.80 -30.25 122.42
N GLN B 144 20.17 -31.23 123.07
CA GLN B 144 20.11 -31.22 124.53
C GLN B 144 21.48 -31.41 125.15
N GLN B 145 22.30 -32.28 124.56
CA GLN B 145 23.66 -32.48 125.06
C GLN B 145 24.54 -31.28 124.76
N GLU B 146 24.25 -30.54 123.69
CA GLU B 146 25.04 -29.35 123.37
C GLU B 146 24.87 -28.26 124.42
N LYS B 147 23.70 -28.18 125.05
CA LYS B 147 23.46 -27.16 126.05
C LYS B 147 23.79 -27.61 127.46
N ASN B 148 23.57 -28.90 127.76
CA ASN B 148 23.96 -29.41 129.07
C ASN B 148 25.46 -29.24 129.30
N GLU B 149 26.25 -29.50 128.25
CA GLU B 149 27.68 -29.19 128.33
C GLU B 149 27.93 -27.68 128.32
N GLN B 150 27.11 -26.93 127.58
CA GLN B 150 27.26 -25.48 127.55
C GLN B 150 26.96 -24.87 128.92
N ASP B 151 25.90 -25.36 129.58
CA ASP B 151 25.58 -24.87 130.93
C ASP B 151 26.57 -25.36 131.97
N LEU B 152 27.29 -26.45 131.69
CA LEU B 152 28.28 -26.95 132.65
C LEU B 152 29.50 -26.05 132.72
N LEU B 153 29.86 -25.41 131.61
CA LEU B 153 31.04 -24.55 131.59
C LEU B 153 30.80 -23.21 132.28
N ALA B 154 29.55 -22.86 132.53
CA ALA B 154 29.22 -21.58 133.16
C ALA B 154 29.48 -21.58 134.67
N LEU B 155 29.72 -22.73 135.28
CA LEU B 155 29.96 -22.80 136.71
C LEU B 155 31.37 -22.34 137.06
N LEU C 2 32.30 -9.11 130.87
CA LEU C 2 31.54 -9.46 129.68
C LEU C 2 32.48 -9.75 128.51
N TRP C 3 32.17 -10.78 127.75
CA TRP C 3 33.02 -11.24 126.67
C TRP C 3 32.19 -11.46 125.41
N VAL C 4 32.85 -11.30 124.26
CA VAL C 4 32.17 -11.47 122.98
C VAL C 4 31.94 -12.96 122.72
N THR C 5 30.69 -13.32 122.44
CA THR C 5 30.33 -14.68 122.04
C THR C 5 29.63 -14.63 120.70
N VAL C 6 30.01 -15.55 119.81
CA VAL C 6 29.55 -15.53 118.43
C VAL C 6 28.40 -16.52 118.28
N TYR C 7 27.27 -16.03 117.81
CA TYR C 7 26.09 -16.85 117.54
C TYR C 7 25.90 -16.97 116.03
N TYR C 8 25.81 -18.20 115.54
CA TYR C 8 25.58 -18.45 114.13
C TYR C 8 24.16 -18.98 113.96
N GLY C 9 23.40 -18.31 113.11
CA GLY C 9 22.01 -18.65 112.88
C GLY C 9 21.01 -17.71 113.51
N VAL C 10 21.39 -16.49 113.84
CA VAL C 10 20.49 -15.53 114.46
C VAL C 10 19.42 -15.11 113.46
N PRO C 11 18.19 -14.86 113.90
CA PRO C 11 17.13 -14.41 112.98
C PRO C 11 17.24 -12.93 112.66
N VAL C 12 18.23 -12.59 111.84
CA VAL C 12 18.49 -11.22 111.43
C VAL C 12 18.52 -11.17 109.91
N TRP C 13 17.86 -10.16 109.34
CA TRP C 13 17.79 -10.02 107.89
C TRP C 13 18.02 -8.56 107.52
N LYS C 14 18.60 -8.37 106.33
CA LYS C 14 18.75 -7.06 105.70
C LYS C 14 17.96 -7.05 104.39
N ASP C 15 17.59 -5.86 103.95
CA ASP C 15 16.95 -5.74 102.65
C ASP C 15 17.95 -6.09 101.55
N ALA C 16 17.48 -6.81 100.54
CA ALA C 16 18.37 -7.24 99.47
C ALA C 16 17.61 -7.34 98.16
N GLU C 17 18.36 -7.26 97.07
CA GLU C 17 17.88 -7.52 95.73
C GLU C 17 18.55 -8.78 95.21
N THR C 18 17.76 -9.72 94.72
CA THR C 18 18.29 -10.99 94.26
C THR C 18 17.42 -11.52 93.12
N THR C 19 17.81 -12.65 92.57
CA THR C 19 17.09 -13.30 91.48
C THR C 19 16.18 -14.38 92.05
N LEU C 20 14.88 -14.10 92.08
CA LEU C 20 13.90 -15.07 92.52
C LEU C 20 13.54 -15.99 91.36
N PHE C 21 13.43 -17.28 91.64
CA PHE C 21 13.13 -18.24 90.60
C PHE C 21 11.64 -18.55 90.56
N CYS C 22 11.14 -18.81 89.35
CA CYS C 22 9.74 -19.09 89.13
C CYS C 22 9.35 -20.44 89.72
N ALA C 23 8.05 -20.62 89.92
CA ALA C 23 7.51 -21.90 90.36
C ALA C 23 6.04 -21.97 89.98
N SER C 24 5.62 -23.12 89.46
CA SER C 24 4.26 -23.32 89.01
C SER C 24 3.78 -24.70 89.45
N ASP C 25 2.48 -24.84 89.58
CA ASP C 25 1.88 -26.12 89.97
C ASP C 25 0.80 -26.54 88.98
N LYS C 33 -0.11 -28.53 76.66
CA LYS C 33 -0.15 -27.32 75.86
C LYS C 33 0.82 -26.28 76.43
N HIS C 34 1.76 -25.84 75.60
CA HIS C 34 2.75 -24.87 76.04
C HIS C 34 2.11 -23.50 76.27
N ASN C 35 2.73 -22.73 77.14
CA ASN C 35 2.28 -21.39 77.48
C ASN C 35 3.40 -20.38 77.21
N VAL C 36 3.01 -19.11 77.09
CA VAL C 36 3.99 -18.05 76.93
C VAL C 36 4.92 -18.01 78.15
N TRP C 37 4.34 -18.01 79.34
CA TRP C 37 5.09 -18.11 80.59
C TRP C 37 5.04 -19.55 81.10
N ALA C 38 5.63 -20.43 80.31
CA ALA C 38 5.42 -21.87 80.44
C ALA C 38 6.03 -22.41 81.72
N THR C 39 5.69 -23.67 82.01
CA THR C 39 6.24 -24.41 83.13
C THR C 39 7.57 -25.06 82.80
N HIS C 40 8.05 -24.95 81.57
CA HIS C 40 9.36 -25.45 81.19
C HIS C 40 10.49 -24.48 81.56
N ALA C 41 10.15 -23.27 82.00
CA ALA C 41 11.13 -22.33 82.52
C ALA C 41 10.84 -22.02 83.99
N CYS C 42 10.16 -22.95 84.67
CA CYS C 42 9.80 -22.80 86.08
C CYS C 42 10.08 -24.11 86.80
N VAL C 43 9.76 -24.14 88.09
CA VAL C 43 10.07 -25.28 88.95
C VAL C 43 8.78 -25.73 89.63
N PRO C 44 8.57 -27.03 89.85
CA PRO C 44 7.39 -27.46 90.60
C PRO C 44 7.40 -26.90 92.02
N THR C 45 6.20 -26.59 92.51
CA THR C 45 6.04 -26.04 93.85
C THR C 45 5.91 -27.19 94.87
N ASP C 46 5.54 -26.84 96.10
CA ASP C 46 5.38 -27.84 97.15
C ASP C 46 3.92 -28.03 97.51
N GLN C 50 4.22 -23.84 105.16
CA GLN C 50 4.85 -23.03 104.12
C GLN C 50 4.99 -21.59 104.59
N GLU C 51 3.96 -21.07 105.22
CA GLU C 51 3.94 -19.70 105.72
C GLU C 51 4.10 -19.71 107.23
N ILE C 52 5.03 -18.90 107.74
CA ILE C 52 5.37 -18.85 109.15
C ILE C 52 5.08 -17.44 109.65
N HIS C 53 4.29 -17.34 110.71
CA HIS C 53 3.91 -16.04 111.24
C HIS C 53 5.00 -15.55 112.19
N LEU C 54 5.57 -14.39 111.87
CA LEU C 54 6.64 -13.79 112.66
C LEU C 54 6.01 -12.81 113.64
N GLU C 55 5.84 -13.24 114.88
CA GLU C 55 5.20 -12.40 115.88
C GLU C 55 6.15 -11.32 116.38
N ASN C 56 5.58 -10.18 116.75
CA ASN C 56 6.27 -9.01 117.28
C ASN C 56 7.22 -8.38 116.27
N VAL C 57 7.17 -8.80 115.02
CA VAL C 57 8.05 -8.27 113.97
C VAL C 57 7.29 -7.21 113.20
N THR C 58 7.85 -6.00 113.15
CA THR C 58 7.27 -4.88 112.42
C THR C 58 8.27 -4.43 111.36
N GLU C 59 8.08 -4.89 110.14
CA GLU C 59 8.98 -4.58 109.04
C GLU C 59 8.42 -3.43 108.20
N GLU C 60 9.32 -2.69 107.56
CA GLU C 60 8.95 -1.57 106.70
C GLU C 60 8.96 -2.02 105.25
N PHE C 61 7.81 -1.97 104.60
CA PHE C 61 7.68 -2.34 103.21
C PHE C 61 7.64 -1.09 102.33
N ASN C 62 7.89 -1.29 101.05
CA ASN C 62 7.83 -0.20 100.07
C ASN C 62 7.47 -0.82 98.73
N MET C 63 6.18 -0.79 98.37
CA MET C 63 5.74 -1.40 97.13
C MET C 63 6.19 -0.64 95.90
N TRP C 64 6.69 0.60 96.07
CA TRP C 64 7.06 1.44 94.95
C TRP C 64 8.53 1.36 94.59
N LYS C 65 9.38 0.89 95.49
CA LYS C 65 10.78 0.60 95.21
C LYS C 65 11.07 -0.87 95.46
N ASN C 66 10.14 -1.73 95.05
CA ASN C 66 10.27 -3.17 95.18
C ASN C 66 10.93 -3.72 93.93
N ASN C 67 11.97 -4.53 94.12
CA ASN C 67 12.69 -5.08 92.97
C ASN C 67 12.03 -6.31 92.38
N MET C 68 11.10 -6.95 93.11
CA MET C 68 10.35 -8.05 92.50
C MET C 68 9.50 -7.55 91.36
N VAL C 69 8.95 -6.34 91.49
CA VAL C 69 8.17 -5.75 90.40
C VAL C 69 9.04 -5.52 89.18
N GLU C 70 10.26 -5.00 89.40
CA GLU C 70 11.16 -4.76 88.28
C GLU C 70 11.67 -6.05 87.68
N GLN C 71 11.88 -7.08 88.50
CA GLN C 71 12.33 -8.36 87.96
C GLN C 71 11.21 -9.11 87.25
N MET C 72 9.99 -9.07 87.80
CA MET C 72 8.88 -9.74 87.14
C MET C 72 8.58 -9.12 85.78
N HIS C 73 8.74 -7.80 85.65
CA HIS C 73 8.57 -7.17 84.35
C HIS C 73 9.58 -7.72 83.35
N THR C 74 10.83 -7.88 83.77
CA THR C 74 11.85 -8.44 82.89
C THR C 74 11.53 -9.88 82.53
N ASP C 75 11.04 -10.67 83.49
CA ASP C 75 10.80 -12.09 83.25
C ASP C 75 9.56 -12.33 82.42
N ILE C 76 8.51 -11.52 82.61
CA ILE C 76 7.31 -11.66 81.79
C ILE C 76 7.61 -11.28 80.34
N ILE C 77 8.41 -10.24 80.14
CA ILE C 77 8.91 -9.92 78.80
C ILE C 77 9.76 -11.05 78.25
N SER C 78 10.69 -11.56 79.07
CA SER C 78 11.62 -12.57 78.58
C SER C 78 10.90 -13.85 78.16
N LEU C 79 9.91 -14.27 78.94
CA LEU C 79 9.14 -15.45 78.55
C LEU C 79 8.24 -15.17 77.35
N TRP C 80 7.91 -13.90 77.10
CA TRP C 80 7.14 -13.56 75.92
C TRP C 80 7.97 -13.73 74.65
N ASP C 81 9.16 -13.13 74.60
CA ASP C 81 10.02 -13.26 73.44
C ASP C 81 10.47 -14.70 73.25
N GLN C 82 10.80 -15.39 74.34
CA GLN C 82 11.26 -16.77 74.25
C GLN C 82 10.20 -17.67 73.66
N SER C 83 8.92 -17.31 73.78
CA SER C 83 7.83 -18.12 73.25
C SER C 83 7.46 -17.76 71.82
N LEU C 84 8.09 -16.74 71.23
CA LEU C 84 7.78 -16.30 69.89
C LEU C 84 8.87 -16.58 68.87
N LYS C 85 10.09 -16.84 69.31
CA LYS C 85 11.18 -17.15 68.39
C LYS C 85 10.92 -18.41 67.55
N PRO C 86 10.42 -19.52 68.08
CA PRO C 86 10.37 -20.75 67.27
C PRO C 86 9.27 -20.80 66.21
N CYS C 87 8.46 -19.76 66.05
CA CYS C 87 7.35 -19.82 65.10
C CYS C 87 7.43 -18.66 64.11
N VAL C 88 6.44 -18.64 63.21
CA VAL C 88 6.60 -18.03 61.89
C VAL C 88 6.92 -16.54 61.99
N LYS C 89 7.90 -16.12 61.20
CA LYS C 89 8.20 -14.71 60.99
C LYS C 89 7.57 -14.29 59.67
N LEU C 90 6.75 -13.25 59.69
CA LEU C 90 5.98 -12.84 58.52
C LEU C 90 6.68 -11.73 57.73
N THR C 91 7.92 -12.00 57.31
CA THR C 91 8.57 -11.11 56.35
C THR C 91 7.86 -11.05 55.00
N PRO C 92 7.35 -12.14 54.41
CA PRO C 92 6.66 -12.01 53.13
C PRO C 92 5.38 -11.20 53.19
N LEU C 93 4.84 -10.92 54.38
CA LEU C 93 3.59 -10.17 54.47
C LEU C 93 3.75 -8.69 54.17
N CYS C 94 4.98 -8.18 54.05
CA CYS C 94 5.20 -6.86 53.46
C CYS C 94 5.24 -6.97 51.94
N VAL C 95 4.03 -7.02 51.38
CA VAL C 95 3.80 -6.81 49.96
C VAL C 95 2.83 -5.64 49.85
N THR C 96 2.53 -5.22 48.63
CA THR C 96 1.51 -4.21 48.41
C THR C 96 0.14 -4.90 48.42
N LEU C 97 -0.79 -4.33 49.17
CA LEU C 97 -2.12 -4.89 49.33
C LEU C 97 -3.10 -4.05 48.51
N GLN C 98 -3.95 -4.70 47.73
CA GLN C 98 -5.03 -4.04 47.01
C GLN C 98 -6.31 -4.24 47.81
N CYS C 99 -6.65 -3.27 48.65
CA CYS C 99 -7.70 -3.41 49.64
C CYS C 99 -8.97 -2.70 49.20
N THR C 100 -10.09 -3.40 49.29
CA THR C 100 -11.41 -2.82 49.08
C THR C 100 -12.23 -2.95 50.36
N ASN C 101 -13.28 -2.15 50.46
CA ASN C 101 -14.17 -2.22 51.59
C ASN C 101 -14.92 -3.54 51.61
N VAL C 102 -15.33 -3.96 52.81
CA VAL C 102 -16.12 -5.18 52.94
C VAL C 102 -17.62 -4.89 52.84
N THR C 103 -18.08 -3.75 53.33
CA THR C 103 -19.50 -3.43 53.34
C THR C 103 -19.93 -2.38 52.34
N ASN C 104 -19.04 -1.43 52.00
CA ASN C 104 -19.35 -0.36 51.05
C ASN C 104 -20.62 0.39 51.45
N ASN C 105 -20.73 0.70 52.74
CA ASN C 105 -21.89 1.40 53.27
C ASN C 105 -21.57 2.07 54.60
N ASP C 108 -21.21 1.03 61.45
CA ASP C 108 -21.93 0.61 62.64
C ASP C 108 -21.65 -0.86 62.96
N ASP C 109 -21.25 -1.61 61.94
CA ASP C 109 -21.06 -3.04 62.05
C ASP C 109 -19.58 -3.37 62.25
N MET C 110 -19.28 -4.65 62.44
CA MET C 110 -17.90 -5.10 62.41
C MET C 110 -17.29 -4.95 61.02
N ARG C 111 -18.09 -5.10 59.98
CA ARG C 111 -17.58 -5.06 58.61
C ARG C 111 -17.16 -3.67 58.18
N GLY C 112 -17.52 -2.63 58.92
CA GLY C 112 -16.99 -1.32 58.65
C GLY C 112 -15.62 -1.10 59.22
N GLU C 113 -15.11 -2.06 59.99
CA GLU C 113 -13.79 -2.00 60.57
C GLU C 113 -12.77 -2.80 59.76
N LEU C 114 -13.19 -3.44 58.69
CA LEU C 114 -12.37 -4.39 57.94
C LEU C 114 -12.11 -3.88 56.53
N LYS C 115 -10.94 -4.24 56.01
CA LYS C 115 -10.58 -4.04 54.62
C LYS C 115 -10.32 -5.40 53.99
N ASN C 116 -10.86 -5.63 52.81
CA ASN C 116 -10.69 -6.91 52.08
C ASN C 116 -9.50 -6.77 51.14
N CYS C 117 -8.36 -7.24 51.60
CA CYS C 117 -7.05 -6.95 51.01
C CYS C 117 -6.56 -8.16 50.21
N SER C 118 -6.21 -7.93 48.95
CA SER C 118 -5.71 -8.97 48.07
C SER C 118 -4.24 -8.70 47.75
N PHE C 119 -3.42 -9.76 47.77
CA PHE C 119 -1.99 -9.59 47.62
C PHE C 119 -1.39 -10.84 47.02
N ASN C 120 -0.19 -10.69 46.47
CA ASN C 120 0.60 -11.81 45.98
C ASN C 120 1.48 -12.34 47.09
N MET C 121 1.39 -13.63 47.36
CA MET C 121 2.13 -14.26 48.43
C MET C 121 3.03 -15.34 47.86
N THR C 122 4.14 -15.60 48.54
CA THR C 122 5.02 -16.67 48.12
C THR C 122 4.37 -18.03 48.34
N THR C 123 4.77 -18.99 47.53
CA THR C 123 4.32 -20.37 47.67
C THR C 123 5.43 -21.18 48.33
N GLU C 124 5.12 -22.43 48.68
CA GLU C 124 6.14 -23.32 49.20
C GLU C 124 7.25 -23.59 48.19
N LEU C 125 7.00 -23.35 46.91
CA LEU C 125 8.03 -23.38 45.87
C LEU C 125 8.47 -21.94 45.59
N ARG C 126 9.79 -21.73 45.58
CA ARG C 126 10.32 -20.37 45.58
C ARG C 126 9.94 -19.61 44.31
N ASP C 127 9.82 -20.31 43.18
CA ASP C 127 9.59 -19.65 41.89
C ASP C 127 8.13 -19.46 41.55
N LYS C 128 7.21 -19.82 42.43
CA LYS C 128 5.77 -19.71 42.19
C LYS C 128 5.16 -18.73 43.17
N LYS C 129 4.22 -17.93 42.68
CA LYS C 129 3.50 -16.99 43.52
C LYS C 129 2.09 -17.50 43.81
N GLN C 130 1.33 -16.71 44.55
CA GLN C 130 0.06 -17.15 45.10
C GLN C 130 -0.81 -15.93 45.31
N LYS C 131 -1.81 -15.75 44.47
CA LYS C 131 -2.75 -14.64 44.59
C LYS C 131 -3.77 -15.00 45.67
N VAL C 132 -3.63 -14.40 46.85
CA VAL C 132 -4.50 -14.69 47.97
C VAL C 132 -5.12 -13.39 48.46
N TYR C 133 -6.08 -13.53 49.37
CA TYR C 133 -6.72 -12.38 49.97
C TYR C 133 -6.99 -12.68 51.44
N SER C 134 -7.22 -11.61 52.21
CA SER C 134 -7.53 -11.72 53.62
C SER C 134 -8.26 -10.47 54.05
N LEU C 135 -9.01 -10.58 55.15
CA LEU C 135 -9.69 -9.45 55.74
C LEU C 135 -8.81 -8.89 56.85
N PHE C 136 -8.28 -7.68 56.62
CA PHE C 136 -7.43 -7.01 57.59
C PHE C 136 -8.20 -5.88 58.23
N TYR C 137 -8.03 -5.71 59.54
CA TYR C 137 -8.64 -4.59 60.23
C TYR C 137 -8.05 -3.29 59.72
N ARG C 138 -8.86 -2.23 59.70
CA ARG C 138 -8.37 -0.95 59.24
C ARG C 138 -7.26 -0.42 60.13
N LEU C 139 -7.13 -0.94 61.35
CA LEU C 139 -6.08 -0.53 62.26
C LEU C 139 -4.74 -1.16 61.96
N ASP C 140 -4.70 -2.12 61.03
CA ASP C 140 -3.46 -2.81 60.69
C ASP C 140 -2.92 -2.46 59.31
N VAL C 141 -3.68 -1.75 58.49
CA VAL C 141 -3.27 -1.42 57.13
C VAL C 141 -3.14 0.08 57.00
N VAL C 142 -2.06 0.52 56.35
CA VAL C 142 -1.78 1.93 56.11
C VAL C 142 -1.72 2.15 54.62
N GLN C 143 -2.44 3.16 54.13
CA GLN C 143 -2.50 3.41 52.69
C GLN C 143 -1.17 3.93 52.17
N ILE C 144 -0.89 3.59 50.92
CA ILE C 144 0.30 4.07 50.21
C ILE C 144 -0.14 5.05 49.14
N ASN C 145 0.41 6.26 49.18
CA ASN C 145 0.10 7.26 48.16
C ASN C 145 1.37 7.70 47.44
N ASN C 156 -10.20 -0.24 44.51
CA ASN C 156 -9.12 -0.96 45.17
C ASN C 156 -7.84 -0.15 45.27
N LYS C 157 -7.69 0.58 46.35
CA LYS C 157 -6.49 1.37 46.59
C LYS C 157 -5.35 0.44 47.03
N GLU C 158 -4.18 1.01 47.28
CA GLU C 158 -2.99 0.26 47.66
C GLU C 158 -2.67 0.53 49.12
N TYR C 159 -2.51 -0.53 49.91
CA TYR C 159 -2.26 -0.45 51.33
C TYR C 159 -1.02 -1.27 51.68
N ARG C 160 -0.68 -1.27 52.96
CA ARG C 160 0.38 -2.12 53.48
C ARG C 160 0.17 -2.29 54.97
N LEU C 161 0.76 -3.34 55.53
CA LEU C 161 0.61 -3.59 56.94
C LEU C 161 1.28 -2.48 57.75
N ILE C 162 0.72 -2.20 58.93
CA ILE C 162 1.11 -1.00 59.66
C ILE C 162 2.54 -1.10 60.18
N ASN C 163 2.91 -2.24 60.78
CA ASN C 163 4.28 -2.45 61.25
C ASN C 163 5.06 -3.20 60.19
N CYS C 164 5.40 -2.43 59.16
CA CYS C 164 6.20 -2.87 58.02
C CYS C 164 7.35 -1.94 57.70
N ASN C 165 7.29 -0.67 58.08
CA ASN C 165 8.45 0.20 58.01
C ASN C 165 9.26 0.19 59.28
N THR C 166 8.78 -0.47 60.34
CA THR C 166 9.49 -0.56 61.61
C THR C 166 10.05 -1.93 61.91
N SER C 167 9.38 -3.00 61.49
CA SER C 167 9.86 -4.34 61.78
C SER C 167 9.04 -5.33 60.97
N ALA C 168 9.35 -6.62 61.16
CA ALA C 168 8.57 -7.72 60.63
C ALA C 168 7.89 -8.44 61.78
N ILE C 169 6.64 -8.85 61.57
CA ILE C 169 5.79 -9.33 62.64
C ILE C 169 5.91 -10.84 62.74
N THR C 170 6.56 -11.31 63.79
CA THR C 170 6.57 -12.74 64.07
C THR C 170 5.17 -13.19 64.46
N GLN C 171 4.63 -14.14 63.70
CA GLN C 171 3.25 -14.55 63.91
C GLN C 171 3.07 -15.17 65.28
N ALA C 172 2.02 -14.78 65.99
CA ALA C 172 1.73 -15.40 67.27
C ALA C 172 1.48 -16.88 67.03
N CYS C 173 2.34 -17.70 67.61
CA CYS C 173 2.39 -19.11 67.23
C CYS C 173 1.09 -19.78 67.65
N PRO C 174 0.43 -20.54 66.76
CA PRO C 174 -0.96 -20.93 67.03
C PRO C 174 -1.12 -21.96 68.12
N LYS C 175 -0.07 -22.67 68.51
CA LYS C 175 -0.19 -23.73 69.49
C LYS C 175 0.18 -23.30 70.90
N VAL C 176 0.58 -22.04 71.10
CA VAL C 176 0.86 -21.52 72.44
C VAL C 176 -0.29 -20.60 72.84
N SER C 177 -0.75 -20.74 74.08
CA SER C 177 -1.88 -19.97 74.57
C SER C 177 -1.41 -18.73 75.30
N PHE C 178 -2.21 -17.67 75.20
CA PHE C 178 -1.95 -16.43 75.92
C PHE C 178 -2.57 -16.40 77.31
N GLU C 179 -3.27 -17.46 77.70
CA GLU C 179 -3.90 -17.50 79.00
C GLU C 179 -2.83 -17.45 80.10
N PRO C 180 -2.94 -16.54 81.06
CA PRO C 180 -1.93 -16.45 82.12
C PRO C 180 -2.12 -17.56 83.14
N ILE C 181 -1.04 -18.28 83.43
CA ILE C 181 -1.06 -19.29 84.49
C ILE C 181 -0.36 -18.70 85.71
N PRO C 182 -0.81 -19.02 86.92
CA PRO C 182 -0.18 -18.44 88.11
C PRO C 182 1.26 -18.89 88.26
N ILE C 183 2.13 -17.93 88.57
CA ILE C 183 3.54 -18.19 88.78
C ILE C 183 3.93 -17.69 90.16
N HIS C 184 4.68 -18.51 90.88
CA HIS C 184 5.16 -18.18 92.22
C HIS C 184 6.64 -17.84 92.14
N TYR C 185 7.01 -16.66 92.63
CA TYR C 185 8.40 -16.23 92.65
C TYR C 185 9.01 -16.63 93.98
N CYS C 186 9.95 -17.57 93.96
CA CYS C 186 10.48 -18.16 95.17
C CYS C 186 11.94 -17.76 95.38
N ALA C 187 12.27 -17.38 96.61
CA ALA C 187 13.59 -16.87 96.95
C ALA C 187 14.60 -18.00 97.06
N PRO C 188 15.86 -17.76 96.69
CA PRO C 188 16.89 -18.80 96.82
C PRO C 188 17.31 -19.03 98.26
N ALA C 189 18.30 -19.89 98.46
CA ALA C 189 18.80 -20.16 99.80
C ALA C 189 19.55 -18.95 100.34
N GLY C 190 19.38 -18.69 101.64
CA GLY C 190 19.96 -17.52 102.26
C GLY C 190 19.10 -16.29 102.18
N PHE C 191 17.96 -16.36 101.49
CA PHE C 191 17.02 -15.27 101.39
C PHE C 191 15.66 -15.73 101.88
N ALA C 192 14.82 -14.76 102.25
CA ALA C 192 13.45 -15.05 102.67
C ALA C 192 12.53 -14.01 102.06
N ILE C 193 11.27 -14.39 101.86
CA ILE C 193 10.25 -13.49 101.34
C ILE C 193 9.33 -13.13 102.50
N LEU C 194 9.31 -11.85 102.86
CA LEU C 194 8.44 -11.37 103.92
C LEU C 194 7.11 -10.92 103.33
N LYS C 195 6.02 -11.40 103.90
CA LYS C 195 4.68 -11.11 103.40
C LYS C 195 3.94 -10.29 104.45
N CYS C 196 3.45 -9.11 104.05
CA CYS C 196 2.72 -8.25 104.96
C CYS C 196 1.26 -8.68 105.02
N LYS C 197 0.84 -9.15 106.18
CA LYS C 197 -0.52 -9.62 106.38
C LYS C 197 -1.46 -8.54 106.90
N ASP C 198 -0.99 -7.31 107.02
CA ASP C 198 -1.85 -6.21 107.44
C ASP C 198 -2.89 -5.93 106.37
N LYS C 199 -4.14 -5.74 106.80
CA LYS C 199 -5.24 -5.52 105.87
C LYS C 199 -5.49 -4.05 105.56
N LYS C 200 -4.86 -3.13 106.29
CA LYS C 200 -4.95 -1.71 105.99
C LYS C 200 -3.64 -1.16 105.46
N PHE C 201 -2.71 -2.05 105.08
CA PHE C 201 -1.41 -1.62 104.61
C PHE C 201 -1.56 -1.01 103.24
N ASN C 202 -1.38 0.30 103.13
CA ASN C 202 -1.44 0.93 101.82
C ASN C 202 -0.35 0.47 100.86
N GLY C 203 0.87 0.97 100.99
CA GLY C 203 1.98 0.38 100.25
C GLY C 203 3.32 0.65 100.89
N THR C 204 3.32 1.30 102.06
CA THR C 204 4.54 1.91 102.56
C THR C 204 4.43 2.07 104.07
N GLY C 205 5.57 1.96 104.74
CA GLY C 205 5.63 2.16 106.17
C GLY C 205 5.62 0.84 106.92
N PRO C 206 5.53 0.91 108.25
CA PRO C 206 5.58 -0.32 109.04
C PRO C 206 4.37 -1.21 108.78
N CYS C 207 4.60 -2.51 108.86
CA CYS C 207 3.54 -3.52 108.74
C CYS C 207 3.53 -4.37 110.00
N PRO C 208 2.54 -4.19 110.88
CA PRO C 208 2.56 -4.91 112.17
C PRO C 208 2.55 -6.42 112.05
N SER C 209 1.85 -6.97 111.06
CA SER C 209 1.75 -8.42 110.90
C SER C 209 2.56 -8.85 109.69
N VAL C 210 3.62 -9.63 109.93
CA VAL C 210 4.52 -10.07 108.88
C VAL C 210 4.62 -11.59 108.95
N SER C 211 4.90 -12.20 107.79
CA SER C 211 5.05 -13.65 107.71
C SER C 211 6.17 -13.96 106.74
N THR C 212 6.84 -15.08 106.97
CA THR C 212 7.86 -15.59 106.05
C THR C 212 7.24 -16.72 105.24
N VAL C 213 6.94 -16.43 103.98
CA VAL C 213 6.43 -17.45 103.07
C VAL C 213 7.60 -18.03 102.31
N GLN C 214 7.50 -19.33 102.01
CA GLN C 214 8.50 -19.91 101.11
C GLN C 214 8.51 -19.17 99.78
N CYS C 215 7.33 -18.88 99.24
CA CYS C 215 7.21 -17.97 98.11
C CYS C 215 5.76 -17.62 97.85
N THR C 216 5.57 -16.66 96.93
CA THR C 216 4.36 -15.89 96.81
C THR C 216 3.19 -16.74 96.35
N HIS C 217 1.99 -16.19 96.51
CA HIS C 217 0.80 -16.82 95.94
C HIS C 217 0.88 -16.74 94.42
N GLY C 218 0.07 -17.58 93.77
CA GLY C 218 0.05 -17.60 92.33
C GLY C 218 -0.35 -16.27 91.72
N ILE C 219 0.60 -15.57 91.12
CA ILE C 219 0.37 -14.27 90.50
C ILE C 219 0.15 -14.49 89.02
N LYS C 220 -1.08 -14.32 88.57
CA LYS C 220 -1.39 -14.44 87.15
C LYS C 220 -0.88 -13.20 86.42
N PRO C 221 0.00 -13.33 85.44
CA PRO C 221 0.46 -12.16 84.69
C PRO C 221 -0.55 -11.67 83.67
N VAL C 222 -1.68 -11.18 84.18
CA VAL C 222 -2.71 -10.63 83.30
C VAL C 222 -2.25 -9.28 82.78
N VAL C 223 -2.17 -9.14 81.47
CA VAL C 223 -1.68 -7.93 80.81
C VAL C 223 -2.89 -7.11 80.38
N SER C 224 -3.03 -5.91 80.94
CA SER C 224 -4.17 -5.07 80.65
C SER C 224 -3.82 -3.64 81.04
N THR C 225 -4.62 -2.70 80.53
CA THR C 225 -4.44 -1.29 80.84
C THR C 225 -5.74 -0.71 81.35
N GLN C 226 -5.63 0.25 82.27
CA GLN C 226 -6.72 1.06 82.81
C GLN C 226 -7.61 0.27 83.75
N LEU C 227 -7.46 -1.04 83.81
CA LEU C 227 -8.31 -1.90 84.62
C LEU C 227 -7.52 -3.14 84.96
N LEU C 228 -7.50 -3.52 86.23
CA LEU C 228 -6.75 -4.69 86.67
C LEU C 228 -7.68 -5.88 86.60
N LEU C 229 -7.73 -6.53 85.43
CA LEU C 229 -8.60 -7.67 85.24
C LEU C 229 -8.09 -8.87 86.02
N ASN C 230 -9.01 -9.60 86.64
CA ASN C 230 -8.68 -10.74 87.47
C ASN C 230 -7.70 -10.36 88.57
N GLY C 231 -7.10 -11.33 89.23
CA GLY C 231 -6.16 -11.01 90.28
C GLY C 231 -6.75 -11.08 91.68
N SER C 232 -6.19 -10.30 92.59
CA SER C 232 -6.49 -10.41 94.02
C SER C 232 -7.28 -9.20 94.48
N LEU C 233 -8.30 -9.46 95.30
CA LEU C 233 -9.16 -8.42 95.84
C LEU C 233 -8.58 -7.89 97.15
N ALA C 234 -9.07 -6.72 97.56
CA ALA C 234 -8.78 -6.23 98.90
C ALA C 234 -9.59 -7.02 99.92
N GLU C 235 -9.19 -6.89 101.19
CA GLU C 235 -9.79 -7.70 102.23
C GLU C 235 -11.03 -7.06 102.84
N GLU C 236 -10.94 -5.80 103.24
CA GLU C 236 -12.04 -5.18 103.96
C GLU C 236 -12.62 -3.96 103.25
N GLU C 237 -11.82 -3.19 102.53
CA GLU C 237 -12.33 -1.98 101.88
C GLU C 237 -11.41 -1.63 100.72
N VAL C 238 -11.95 -0.82 99.80
CA VAL C 238 -11.19 -0.39 98.64
C VAL C 238 -9.94 0.35 99.08
N MET C 239 -8.79 -0.08 98.55
CA MET C 239 -7.49 0.46 98.94
C MET C 239 -6.96 1.38 97.86
N ILE C 240 -6.56 2.58 98.27
CA ILE C 240 -5.94 3.56 97.38
C ILE C 240 -4.44 3.56 97.65
N ARG C 241 -3.65 3.39 96.60
CA ARG C 241 -2.20 3.22 96.74
C ARG C 241 -1.49 4.07 95.71
N SER C 242 -0.84 5.14 96.18
CA SER C 242 -0.05 6.01 95.32
C SER C 242 1.31 6.23 95.96
N GLU C 243 2.32 6.39 95.11
CA GLU C 243 3.67 6.67 95.63
C GLU C 243 3.70 8.00 96.36
N ASN C 244 3.04 9.02 95.79
CA ASN C 244 2.90 10.31 96.46
C ASN C 244 1.54 10.85 96.04
N ILE C 245 0.55 10.72 96.93
CA ILE C 245 -0.82 11.06 96.58
C ILE C 245 -0.96 12.54 96.24
N THR C 246 -0.06 13.39 96.74
CA THR C 246 -0.09 14.81 96.43
C THR C 246 0.59 15.15 95.11
N ASN C 247 1.23 14.17 94.46
CA ASN C 247 1.87 14.37 93.18
C ASN C 247 0.97 13.82 92.09
N ASN C 248 0.55 14.69 91.16
CA ASN C 248 -0.36 14.27 90.10
C ASN C 248 0.33 13.49 88.99
N ALA C 249 1.66 13.41 89.01
CA ALA C 249 2.41 12.64 88.03
C ALA C 249 2.53 11.16 88.41
N LYS C 250 1.99 10.77 89.55
CA LYS C 250 2.09 9.40 90.04
C LYS C 250 0.73 8.71 89.88
N ASN C 251 0.75 7.50 89.32
CA ASN C 251 -0.49 6.75 89.15
C ASN C 251 -1.03 6.31 90.50
N ILE C 252 -2.35 6.20 90.57
CA ILE C 252 -3.06 5.76 91.77
C ILE C 252 -3.57 4.36 91.50
N LEU C 253 -3.14 3.40 92.31
CA LEU C 253 -3.53 2.00 92.14
C LEU C 253 -4.69 1.69 93.07
N VAL C 254 -5.90 1.78 92.56
CA VAL C 254 -7.09 1.42 93.33
C VAL C 254 -7.24 -0.09 93.32
N GLN C 255 -7.62 -0.65 94.45
CA GLN C 255 -7.87 -2.09 94.57
C GLN C 255 -9.25 -2.30 95.17
N PHE C 256 -10.09 -3.07 94.48
CA PHE C 256 -11.45 -3.26 94.95
C PHE C 256 -11.52 -4.34 96.01
N ASN C 257 -12.59 -4.30 96.80
CA ASN C 257 -12.88 -5.37 97.75
C ASN C 257 -13.88 -6.37 97.21
N THR C 258 -14.80 -5.93 96.35
CA THR C 258 -15.72 -6.81 95.64
C THR C 258 -15.48 -6.65 94.15
N PRO C 259 -15.24 -7.74 93.42
CA PRO C 259 -14.93 -7.61 91.99
C PRO C 259 -16.10 -7.12 91.19
N VAL C 260 -15.81 -6.40 90.11
CA VAL C 260 -16.80 -5.94 89.15
C VAL C 260 -16.65 -6.80 87.91
N GLN C 261 -17.66 -7.63 87.63
CA GLN C 261 -17.56 -8.56 86.52
C GLN C 261 -17.77 -7.85 85.20
N ILE C 262 -16.91 -8.12 84.22
CA ILE C 262 -16.97 -7.52 82.90
C ILE C 262 -17.03 -8.64 81.87
N ASN C 263 -17.99 -8.57 80.96
CA ASN C 263 -18.21 -9.59 79.94
C ASN C 263 -17.85 -9.06 78.56
N CYS C 264 -17.00 -9.79 77.85
CA CYS C 264 -16.48 -9.42 76.54
C CYS C 264 -17.38 -10.04 75.50
N THR C 265 -17.19 -9.64 74.25
CA THR C 265 -17.60 -10.53 73.18
C THR C 265 -17.08 -9.99 71.85
N ARG C 266 -16.83 -10.91 70.94
CA ARG C 266 -16.77 -10.63 69.51
C ARG C 266 -17.86 -11.46 68.85
N PRO C 267 -19.02 -10.89 68.55
CA PRO C 267 -20.15 -11.72 68.12
C PRO C 267 -19.95 -12.42 66.80
N ASN C 268 -18.99 -11.99 65.98
CA ASN C 268 -18.79 -12.56 64.66
C ASN C 268 -18.37 -14.02 64.74
N ASN C 269 -18.84 -14.80 63.77
CA ASN C 269 -18.32 -16.15 63.57
C ASN C 269 -17.22 -16.06 62.53
N ASN C 270 -15.99 -15.90 63.00
CA ASN C 270 -14.84 -15.76 62.13
C ASN C 270 -14.52 -17.08 61.43
N THR C 271 -13.92 -16.99 60.26
CA THR C 271 -13.46 -18.15 59.50
C THR C 271 -11.96 -18.00 59.23
N ARG C 272 -11.15 -18.63 60.06
CA ARG C 272 -9.71 -18.62 59.86
C ARG C 272 -9.35 -19.39 58.58
N LYS C 273 -8.42 -18.83 57.82
CA LYS C 273 -7.96 -19.41 56.57
C LYS C 273 -6.45 -19.53 56.59
N SER C 274 -5.92 -20.65 56.11
CA SER C 274 -4.49 -20.93 56.14
C SER C 274 -3.86 -20.67 54.78
N ILE C 275 -2.75 -19.95 54.77
CA ILE C 275 -1.98 -19.65 53.57
C ILE C 275 -0.58 -20.18 53.79
N ARG C 276 -0.09 -20.98 52.84
CA ARG C 276 1.26 -21.52 52.91
C ARG C 276 2.23 -20.51 52.29
N ILE C 277 2.90 -19.74 53.14
CA ILE C 277 3.81 -18.71 52.68
C ILE C 277 5.22 -19.23 52.43
N GLY C 278 5.48 -20.50 52.71
CA GLY C 278 6.79 -21.06 52.52
C GLY C 278 6.80 -22.53 52.91
N PRO C 279 7.97 -23.16 52.85
CA PRO C 279 8.03 -24.57 53.23
C PRO C 279 7.84 -24.77 54.72
N GLY C 280 6.69 -25.30 55.11
CA GLY C 280 6.39 -25.57 56.49
C GLY C 280 5.79 -24.40 57.25
N GLN C 281 5.78 -23.21 56.65
CA GLN C 281 5.25 -22.02 57.30
C GLN C 281 3.86 -21.72 56.76
N ALA C 282 2.92 -21.46 57.66
CA ALA C 282 1.55 -21.14 57.30
C ALA C 282 1.16 -19.80 57.89
N PHE C 283 0.38 -19.03 57.13
CA PHE C 283 -0.12 -17.74 57.55
C PHE C 283 -1.64 -17.86 57.70
N TYR C 284 -2.13 -17.59 58.91
CA TYR C 284 -3.54 -17.75 59.22
C TYR C 284 -4.25 -16.42 59.00
N ALA C 285 -5.23 -16.42 58.10
CA ALA C 285 -5.87 -15.20 57.64
C ALA C 285 -7.37 -15.29 57.83
N THR C 286 -8.00 -14.14 58.02
CA THR C 286 -9.45 -14.06 58.11
C THR C 286 -10.02 -14.14 56.70
N GLY C 287 -10.60 -15.29 56.36
CA GLY C 287 -11.11 -15.47 55.03
C GLY C 287 -12.50 -14.90 54.85
N ASP C 288 -13.35 -15.09 55.86
CA ASP C 288 -14.73 -14.67 55.77
C ASP C 288 -15.23 -14.37 57.17
N ILE C 289 -16.22 -13.48 57.26
CA ILE C 289 -16.85 -13.16 58.53
C ILE C 289 -18.36 -13.16 58.34
N ILE C 290 -19.04 -13.98 59.13
CA ILE C 290 -20.48 -14.15 59.09
C ILE C 290 -21.00 -14.15 60.52
N GLY C 291 -22.31 -14.24 60.66
CA GLY C 291 -22.92 -14.24 61.98
C GLY C 291 -23.26 -12.85 62.46
N ASP C 292 -23.37 -12.72 63.77
CA ASP C 292 -23.69 -11.43 64.38
C ASP C 292 -22.55 -10.45 64.14
N ILE C 293 -22.83 -9.37 63.44
CA ILE C 293 -21.81 -8.41 63.03
C ILE C 293 -21.82 -7.17 63.92
N ARG C 294 -22.39 -7.27 65.12
CA ARG C 294 -22.29 -6.17 66.06
C ARG C 294 -20.84 -5.97 66.47
N GLN C 295 -20.49 -4.72 66.74
CA GLN C 295 -19.12 -4.40 67.13
C GLN C 295 -18.78 -5.10 68.44
N ALA C 296 -17.51 -5.52 68.56
CA ALA C 296 -17.05 -6.13 69.79
C ALA C 296 -17.25 -5.16 70.95
N HIS C 297 -17.67 -5.70 72.09
CA HIS C 297 -18.02 -4.85 73.21
C HIS C 297 -17.79 -5.58 74.51
N CYS C 298 -17.74 -4.81 75.60
CA CYS C 298 -17.71 -5.35 76.96
C CYS C 298 -18.86 -4.76 77.75
N ASN C 299 -19.50 -5.59 78.57
CA ASN C 299 -20.61 -5.17 79.42
C ASN C 299 -20.17 -5.16 80.86
N VAL C 300 -20.36 -4.03 81.53
CA VAL C 300 -20.15 -3.88 82.97
C VAL C 300 -21.48 -3.47 83.58
N SER C 301 -21.89 -4.17 84.64
CA SER C 301 -23.18 -3.88 85.26
C SER C 301 -23.19 -2.43 85.74
N LYS C 302 -24.26 -1.72 85.40
CA LYS C 302 -24.33 -0.29 85.72
C LYS C 302 -24.54 -0.08 87.21
N ALA C 303 -25.30 -0.95 87.86
CA ALA C 303 -25.50 -0.84 89.30
C ALA C 303 -24.24 -1.20 90.07
N THR C 304 -23.57 -2.28 89.67
CA THR C 304 -22.36 -2.71 90.37
C THR C 304 -21.22 -1.71 90.18
N TRP C 305 -21.09 -1.14 88.98
CA TRP C 305 -20.03 -0.16 88.76
C TRP C 305 -20.30 1.13 89.51
N ASN C 306 -21.57 1.53 89.62
CA ASN C 306 -21.88 2.77 90.32
C ASN C 306 -21.58 2.66 91.80
N GLU C 307 -21.90 1.52 92.42
CA GLU C 307 -21.58 1.36 93.83
C GLU C 307 -20.11 1.10 94.08
N THR C 308 -19.38 0.61 93.09
CA THR C 308 -17.93 0.44 93.21
C THR C 308 -17.22 1.79 93.12
N LEU C 309 -17.65 2.67 92.22
CA LEU C 309 -17.10 4.01 92.22
C LEU C 309 -17.49 4.78 93.46
N GLY C 310 -18.64 4.47 94.04
CA GLY C 310 -19.01 5.08 95.31
C GLY C 310 -18.05 4.70 96.42
N LYS C 311 -17.63 3.44 96.45
CA LYS C 311 -16.63 3.01 97.43
C LYS C 311 -15.27 3.62 97.13
N VAL C 312 -14.91 3.72 95.85
CA VAL C 312 -13.64 4.35 95.47
C VAL C 312 -13.64 5.82 95.87
N VAL C 313 -14.76 6.51 95.62
CA VAL C 313 -14.84 7.93 95.97
C VAL C 313 -14.76 8.12 97.47
N LYS C 314 -15.43 7.26 98.24
CA LYS C 314 -15.40 7.38 99.69
C LYS C 314 -13.98 7.23 100.22
N GLN C 315 -13.23 6.25 99.72
CA GLN C 315 -11.84 6.06 100.12
C GLN C 315 -10.90 7.07 99.47
N LEU C 316 -11.38 7.84 98.50
CA LEU C 316 -10.56 8.82 97.81
C LEU C 316 -10.73 10.23 98.36
N ARG C 317 -11.82 10.49 99.07
CA ARG C 317 -11.99 11.77 99.75
C ARG C 317 -11.15 11.87 101.01
N LYS C 318 -10.65 10.74 101.53
CA LYS C 318 -9.80 10.76 102.71
C LYS C 318 -8.47 11.43 102.44
N HIS C 319 -8.03 11.50 101.19
CA HIS C 319 -6.76 12.11 100.84
C HIS C 319 -6.90 13.50 100.25
N PHE C 320 -8.12 13.95 99.96
CA PHE C 320 -8.33 15.25 99.32
C PHE C 320 -9.37 16.12 100.01
N GLY C 321 -10.12 15.60 100.97
CA GLY C 321 -11.10 16.41 101.68
C GLY C 321 -12.51 15.87 101.57
N ASN C 322 -13.34 16.17 102.56
CA ASN C 322 -14.73 15.72 102.54
C ASN C 322 -15.58 16.56 101.60
N ASN C 323 -15.27 17.84 101.44
CA ASN C 323 -16.06 18.75 100.63
C ASN C 323 -15.57 18.86 99.20
N THR C 324 -14.51 18.14 98.84
CA THR C 324 -14.00 18.22 97.47
C THR C 324 -14.91 17.44 96.53
N ILE C 325 -14.84 17.82 95.25
CA ILE C 325 -15.66 17.22 94.21
C ILE C 325 -14.81 16.24 93.44
N ILE C 326 -15.17 14.95 93.52
CA ILE C 326 -14.44 13.89 92.84
C ILE C 326 -15.13 13.64 91.50
N ARG C 327 -14.42 13.89 90.41
CA ARG C 327 -14.94 13.75 89.06
C ARG C 327 -14.09 12.75 88.30
N PHE C 328 -14.75 11.78 87.67
CA PHE C 328 -14.08 10.79 86.85
C PHE C 328 -14.29 11.15 85.38
N ALA C 329 -13.20 11.48 84.70
CA ALA C 329 -13.23 11.72 83.27
C ALA C 329 -12.58 10.54 82.54
N ASN C 330 -12.60 10.57 81.22
CA ASN C 330 -12.03 9.50 80.42
C ASN C 330 -10.60 9.85 80.00
N SER C 331 -9.95 8.88 79.38
CA SER C 331 -8.52 8.99 79.09
C SER C 331 -8.24 10.20 78.22
N SER C 332 -7.11 10.85 78.48
CA SER C 332 -6.78 12.11 77.82
C SER C 332 -6.44 11.90 76.35
N GLY C 333 -5.36 11.18 76.08
CA GLY C 333 -4.93 10.98 74.71
C GLY C 333 -3.64 10.19 74.67
N GLY C 334 -3.23 9.86 73.44
CA GLY C 334 -2.02 9.08 73.24
C GLY C 334 -2.23 7.90 72.32
N ASP C 335 -1.48 6.83 72.56
CA ASP C 335 -1.62 5.61 71.77
C ASP C 335 -2.94 4.91 72.09
N LEU C 336 -3.38 4.07 71.16
CA LEU C 336 -4.57 3.27 71.41
C LEU C 336 -4.36 2.29 72.55
N GLU C 337 -3.11 1.90 72.81
CA GLU C 337 -2.83 1.00 73.92
C GLU C 337 -2.94 1.70 75.27
N VAL C 338 -2.89 3.04 75.28
CA VAL C 338 -2.93 3.78 76.53
C VAL C 338 -4.23 4.55 76.72
N THR C 339 -4.95 4.86 75.65
CA THR C 339 -6.25 5.52 75.76
C THR C 339 -7.41 4.54 75.92
N THR C 340 -7.15 3.24 75.79
CA THR C 340 -8.18 2.23 75.81
C THR C 340 -7.83 1.15 76.82
N HIS C 341 -8.85 0.43 77.28
CA HIS C 341 -8.66 -0.73 78.14
C HIS C 341 -8.16 -1.87 77.25
N SER C 342 -6.88 -1.80 76.91
CA SER C 342 -6.25 -2.84 76.14
C SER C 342 -6.15 -4.11 76.97
N PHE C 343 -6.53 -5.24 76.37
CA PHE C 343 -6.37 -6.52 77.04
C PHE C 343 -6.48 -7.63 76.00
N ASN C 344 -6.23 -8.86 76.45
CA ASN C 344 -6.32 -10.06 75.64
C ASN C 344 -7.45 -10.92 76.21
N CYS C 345 -8.30 -11.44 75.34
CA CYS C 345 -9.38 -12.31 75.79
C CYS C 345 -9.75 -13.31 74.70
N GLY C 346 -9.45 -14.58 74.96
CA GLY C 346 -9.72 -15.64 74.01
C GLY C 346 -8.70 -15.69 72.88
N GLY C 347 -7.51 -15.15 73.10
CA GLY C 347 -6.48 -15.13 72.10
C GLY C 347 -6.55 -13.96 71.14
N GLU C 348 -7.58 -13.12 71.23
CA GLU C 348 -7.74 -11.97 70.36
C GLU C 348 -7.74 -10.71 71.20
N PHE C 349 -7.03 -9.70 70.72
CA PHE C 349 -6.69 -8.53 71.53
C PHE C 349 -7.74 -7.44 71.35
N PHE C 350 -8.33 -7.00 72.45
CA PHE C 350 -9.38 -5.99 72.46
C PHE C 350 -8.82 -4.64 72.91
N TYR C 351 -9.51 -3.57 72.53
CA TYR C 351 -9.15 -2.21 72.91
C TYR C 351 -10.45 -1.45 73.18
N CYS C 352 -10.92 -1.49 74.42
CA CYS C 352 -12.23 -0.98 74.77
C CYS C 352 -12.18 0.47 75.19
N ASN C 353 -13.26 1.20 74.93
CA ASN C 353 -13.25 2.65 75.08
C ASN C 353 -13.16 3.08 76.54
N THR C 354 -14.01 2.51 77.40
CA THR C 354 -14.08 2.87 78.82
C THR C 354 -14.23 4.38 79.01
N SER C 355 -15.06 5.01 78.18
CA SER C 355 -15.47 6.38 78.41
C SER C 355 -16.83 6.48 79.08
N GLY C 356 -17.57 5.38 79.14
CA GLY C 356 -18.82 5.35 79.87
C GLY C 356 -18.61 4.83 81.26
N LEU C 357 -17.50 4.11 81.46
CA LEU C 357 -17.12 3.70 82.81
C LEU C 357 -16.71 4.92 83.64
N PHE C 358 -15.80 5.73 83.10
CA PHE C 358 -15.28 6.90 83.80
C PHE C 358 -15.95 8.15 83.24
N ASN C 359 -17.17 8.38 83.71
CA ASN C 359 -17.91 9.60 83.36
C ASN C 359 -18.91 9.86 84.47
N SER C 360 -18.54 10.70 85.42
CA SER C 360 -19.39 10.94 86.58
C SER C 360 -18.79 12.07 87.41
N THR C 361 -19.65 12.75 88.15
CA THR C 361 -19.25 13.78 89.10
C THR C 361 -19.89 13.48 90.45
N TRP C 362 -19.08 13.47 91.50
CA TRP C 362 -19.53 13.07 92.82
C TRP C 362 -19.50 14.28 93.75
N ILE C 363 -20.65 14.61 94.33
CA ILE C 363 -20.81 15.76 95.20
C ILE C 363 -20.91 15.25 96.63
N SER C 364 -20.32 16.01 97.57
CA SER C 364 -20.35 15.64 98.97
C SER C 364 -21.78 15.52 99.51
N ASN C 377 -30.02 -4.76 86.59
CA ASN C 377 -30.42 -5.29 85.30
C ASN C 377 -29.75 -4.53 84.16
N ASP C 378 -29.63 -3.21 84.33
CA ASP C 378 -29.02 -2.36 83.31
C ASP C 378 -27.52 -2.62 83.26
N SER C 379 -26.93 -2.27 82.12
CA SER C 379 -25.54 -2.58 81.86
C SER C 379 -24.88 -1.45 81.08
N ILE C 380 -23.55 -1.38 81.17
CA ILE C 380 -22.75 -0.40 80.46
C ILE C 380 -21.98 -1.13 79.36
N THR C 381 -22.17 -0.71 78.12
CA THR C 381 -21.56 -1.36 76.96
C THR C 381 -20.39 -0.53 76.47
N LEU C 382 -19.20 -1.12 76.45
CA LEU C 382 -17.99 -0.41 76.05
C LEU C 382 -17.59 -0.87 74.66
N PRO C 383 -17.63 0.00 73.65
CA PRO C 383 -17.26 -0.43 72.29
C PRO C 383 -15.76 -0.70 72.21
N CYS C 384 -15.42 -1.92 71.79
CA CYS C 384 -14.04 -2.36 71.73
C CYS C 384 -13.60 -2.58 70.29
N ARG C 385 -12.43 -2.07 69.94
CA ARG C 385 -11.81 -2.39 68.68
C ARG C 385 -10.90 -3.61 68.85
N ILE C 386 -10.51 -4.21 67.74
CA ILE C 386 -9.66 -5.38 67.74
C ILE C 386 -8.51 -5.15 66.78
N LYS C 387 -7.31 -5.58 67.18
CA LYS C 387 -6.14 -5.51 66.34
C LYS C 387 -5.52 -6.90 66.24
N GLN C 388 -4.78 -7.12 65.15
CA GLN C 388 -4.01 -8.34 64.99
C GLN C 388 -2.52 -8.13 65.05
N ILE C 389 -2.04 -6.92 64.82
CA ILE C 389 -0.62 -6.60 64.90
C ILE C 389 -0.38 -5.88 66.22
N ILE C 390 0.33 -6.53 67.13
CA ILE C 390 0.44 -6.11 68.53
C ILE C 390 1.89 -5.74 68.84
N ASN C 391 2.10 -4.50 69.29
CA ASN C 391 3.36 -4.10 69.92
C ASN C 391 3.06 -4.03 71.41
N MET C 392 3.28 -5.14 72.11
CA MET C 392 2.69 -5.29 73.44
C MET C 392 3.44 -4.47 74.49
N TRP C 393 4.72 -4.78 74.71
CA TRP C 393 5.42 -4.21 75.85
C TRP C 393 5.98 -2.82 75.57
N GLN C 394 5.14 -1.93 75.04
CA GLN C 394 5.48 -0.53 74.80
C GLN C 394 6.83 -0.39 74.10
N ARG C 395 7.12 -1.31 73.18
CA ARG C 395 8.38 -1.33 72.48
C ARG C 395 8.15 -1.05 71.00
N ILE C 396 9.23 -0.69 70.32
CA ILE C 396 9.22 -0.46 68.88
C ILE C 396 10.22 -1.42 68.24
N GLY C 397 9.79 -2.08 67.17
CA GLY C 397 10.65 -2.99 66.44
C GLY C 397 10.38 -4.45 66.68
N GLN C 398 9.48 -4.80 67.59
CA GLN C 398 9.11 -6.18 67.84
C GLN C 398 7.59 -6.24 67.94
N ALA C 399 6.94 -6.43 66.80
CA ALA C 399 5.50 -6.60 66.74
C ALA C 399 5.16 -8.09 66.81
N MET C 400 3.86 -8.39 66.80
CA MET C 400 3.40 -9.76 66.79
C MET C 400 2.05 -9.79 66.07
N TYR C 401 1.89 -10.75 65.18
CA TYR C 401 0.63 -10.91 64.46
C TYR C 401 -0.20 -11.96 65.16
N ALA C 402 -1.27 -11.53 65.82
CA ALA C 402 -2.17 -12.47 66.47
C ALA C 402 -3.09 -13.09 65.44
N PRO C 403 -3.04 -14.40 65.22
CA PRO C 403 -3.84 -14.99 64.15
C PRO C 403 -5.31 -14.99 64.51
N PRO C 404 -6.19 -15.05 63.51
CA PRO C 404 -7.63 -15.05 63.80
C PRO C 404 -8.03 -16.25 64.64
N ILE C 405 -9.00 -16.04 65.52
CA ILE C 405 -9.57 -17.08 66.35
C ILE C 405 -10.87 -17.54 65.69
N GLN C 406 -10.93 -18.82 65.36
CA GLN C 406 -12.13 -19.38 64.75
C GLN C 406 -13.31 -19.31 65.73
N GLY C 407 -14.45 -18.84 65.24
CA GLY C 407 -15.66 -18.87 66.02
C GLY C 407 -15.92 -17.59 66.78
N VAL C 408 -16.86 -17.68 67.71
CA VAL C 408 -17.30 -16.57 68.54
C VAL C 408 -16.47 -16.56 69.81
N ILE C 409 -16.02 -15.38 70.22
CA ILE C 409 -15.19 -15.23 71.42
C ILE C 409 -16.05 -14.67 72.54
N ARG C 410 -15.98 -15.31 73.71
CA ARG C 410 -16.74 -14.87 74.87
C ARG C 410 -15.80 -14.83 76.06
N CYS C 411 -16.12 -14.00 77.05
CA CYS C 411 -15.17 -13.44 78.00
C CYS C 411 -15.86 -13.17 79.33
N VAL C 412 -15.26 -13.65 80.42
CA VAL C 412 -15.75 -13.32 81.76
C VAL C 412 -14.54 -13.01 82.62
N SER C 413 -14.43 -11.76 83.06
CA SER C 413 -13.30 -11.32 83.86
C SER C 413 -13.80 -10.54 85.06
N ASN C 414 -12.93 -10.40 86.06
CA ASN C 414 -13.18 -9.61 87.25
C ASN C 414 -12.33 -8.35 87.17
N ILE C 415 -12.95 -7.18 87.26
CA ILE C 415 -12.21 -5.94 87.45
C ILE C 415 -11.88 -5.84 88.92
N THR C 416 -10.62 -6.10 89.27
CA THR C 416 -10.19 -6.09 90.66
C THR C 416 -9.41 -4.84 91.03
N GLY C 417 -9.34 -3.86 90.15
CA GLY C 417 -8.59 -2.66 90.46
C GLY C 417 -8.68 -1.65 89.33
N LEU C 418 -8.02 -0.52 89.56
CA LEU C 418 -7.95 0.57 88.60
C LEU C 418 -6.55 1.15 88.61
N ILE C 419 -6.23 1.89 87.55
CA ILE C 419 -5.02 2.71 87.51
C ILE C 419 -5.47 4.10 87.09
N LEU C 420 -5.42 5.05 88.02
CA LEU C 420 -5.92 6.39 87.79
C LEU C 420 -4.77 7.38 87.75
N THR C 421 -5.00 8.49 87.04
CA THR C 421 -4.10 9.64 87.07
C THR C 421 -4.93 10.87 87.40
N ARG C 422 -4.37 11.76 88.19
CA ARG C 422 -5.06 12.95 88.64
C ARG C 422 -4.64 14.16 87.82
N ASP C 423 -5.58 15.07 87.61
CA ASP C 423 -5.33 16.29 86.87
C ASP C 423 -4.82 17.38 87.80
N GLY C 424 -3.78 18.08 87.37
CA GLY C 424 -3.17 19.14 88.18
C GLY C 424 -4.07 20.32 88.41
N SER C 429 -8.81 25.14 93.35
CA SER C 429 -10.05 24.55 92.84
C SER C 429 -10.53 23.43 93.76
N THR C 430 -11.85 23.30 93.88
CA THR C 430 -12.47 22.31 94.74
C THR C 430 -12.79 21.00 94.02
N THR C 431 -12.43 20.89 92.74
CA THR C 431 -12.75 19.72 91.94
C THR C 431 -11.48 18.98 91.57
N GLU C 432 -11.45 17.69 91.86
CA GLU C 432 -10.34 16.81 91.50
C GLU C 432 -10.82 15.82 90.45
N THR C 433 -10.14 15.79 89.30
CA THR C 433 -10.54 14.95 88.18
C THR C 433 -9.58 13.78 88.06
N PHE C 434 -10.11 12.56 88.03
CA PHE C 434 -9.32 11.34 88.00
C PHE C 434 -9.57 10.62 86.67
N ARG C 435 -8.63 10.73 85.78
CA ARG C 435 -8.66 10.02 84.51
C ARG C 435 -8.01 8.66 84.65
N PRO C 436 -8.45 7.66 83.88
CA PRO C 436 -7.75 6.38 83.90
C PRO C 436 -6.35 6.49 83.30
N GLY C 437 -5.46 5.65 83.79
CA GLY C 437 -4.08 5.70 83.35
C GLY C 437 -3.56 4.36 82.92
N GLY C 438 -2.24 4.20 82.90
CA GLY C 438 -1.65 2.94 82.51
C GLY C 438 -0.43 3.10 81.64
N GLY C 439 -0.28 2.21 80.66
CA GLY C 439 0.88 2.22 79.79
C GLY C 439 2.02 1.40 80.37
N ASP C 440 2.49 1.78 81.55
CA ASP C 440 3.59 1.06 82.20
C ASP C 440 3.03 -0.23 82.80
N MET C 441 3.48 -1.37 82.27
CA MET C 441 2.95 -2.65 82.71
C MET C 441 3.39 -3.00 84.12
N ARG C 442 4.35 -2.28 84.68
CA ARG C 442 4.83 -2.61 86.01
C ARG C 442 3.80 -2.29 87.08
N ASP C 443 2.96 -1.27 86.87
CA ASP C 443 1.91 -0.96 87.84
C ASP C 443 0.86 -2.05 87.93
N ASN C 444 0.78 -2.92 86.92
CA ASN C 444 -0.15 -4.04 86.99
C ASN C 444 0.34 -5.11 87.95
N TRP C 445 1.63 -5.42 87.91
CA TRP C 445 2.22 -6.41 88.81
C TRP C 445 2.67 -5.80 90.14
N ARG C 446 2.82 -4.49 90.19
CA ARG C 446 3.02 -3.82 91.47
C ARG C 446 1.80 -3.95 92.37
N SER C 447 0.63 -4.21 91.80
CA SER C 447 -0.59 -4.41 92.56
C SER C 447 -0.71 -5.82 93.12
N GLU C 448 0.11 -6.76 92.67
CA GLU C 448 0.12 -8.11 93.21
C GLU C 448 1.31 -8.38 94.11
N LEU C 449 2.42 -7.68 93.91
CA LEU C 449 3.62 -7.83 94.69
C LEU C 449 3.82 -6.68 95.67
N TYR C 450 2.73 -6.04 96.08
CA TYR C 450 2.83 -4.94 97.04
C TYR C 450 3.09 -5.45 98.44
N LYS C 451 2.59 -6.63 98.78
CA LYS C 451 2.68 -7.17 100.13
C LYS C 451 3.94 -7.99 100.38
N TYR C 452 4.74 -8.24 99.35
CA TYR C 452 5.89 -9.11 99.48
C TYR C 452 7.18 -8.31 99.51
N LYS C 453 8.20 -8.89 100.13
CA LYS C 453 9.49 -8.24 100.30
C LYS C 453 10.55 -9.31 100.44
N VAL C 454 11.70 -9.10 99.80
CA VAL C 454 12.80 -10.05 99.82
C VAL C 454 13.88 -9.52 100.77
N VAL C 455 14.32 -10.37 101.68
CA VAL C 455 15.33 -10.00 102.66
C VAL C 455 16.47 -11.02 102.59
N LYS C 456 17.64 -10.58 103.03
CA LYS C 456 18.85 -11.39 103.06
C LYS C 456 19.15 -11.76 104.50
N ILE C 457 19.24 -13.06 104.77
CA ILE C 457 19.47 -13.51 106.14
C ILE C 457 20.92 -13.29 106.51
N GLU C 458 21.15 -12.65 107.65
CA GLU C 458 22.48 -12.42 108.21
C GLU C 458 22.64 -13.29 109.45
N PRO C 459 23.11 -14.53 109.32
CA PRO C 459 23.02 -15.48 110.43
C PRO C 459 24.16 -15.40 111.42
N LEU C 460 25.11 -14.49 111.26
CA LEU C 460 26.29 -14.42 112.10
C LEU C 460 26.22 -13.15 112.93
N GLY C 461 25.99 -13.29 114.23
CA GLY C 461 25.88 -12.15 115.11
C GLY C 461 26.66 -12.37 116.39
N VAL C 462 27.21 -11.27 116.92
CA VAL C 462 28.00 -11.30 118.14
C VAL C 462 27.27 -10.53 119.22
N ALA C 463 27.46 -10.94 120.47
CA ALA C 463 26.76 -10.35 121.59
C ALA C 463 27.55 -10.63 122.86
N PRO C 464 27.38 -9.81 123.90
CA PRO C 464 28.13 -10.04 125.14
C PRO C 464 27.49 -11.13 125.98
N THR C 465 28.34 -11.89 126.66
CA THR C 465 27.89 -12.96 127.54
C THR C 465 28.99 -13.21 128.56
N ARG C 466 28.62 -13.84 129.67
CA ARG C 466 29.57 -14.16 130.73
C ARG C 466 30.52 -15.30 130.37
N CYS C 467 30.51 -15.75 129.11
CA CYS C 467 31.41 -16.82 128.70
C CYS C 467 32.87 -16.40 128.80
N LYS C 468 33.74 -17.39 128.75
CA LYS C 468 35.16 -17.19 128.55
C LYS C 468 35.74 -18.49 128.03
N ARG C 469 36.31 -18.45 126.83
CA ARG C 469 36.85 -19.66 126.23
C ARG C 469 37.94 -20.25 127.12
N ARG C 470 37.89 -21.56 127.30
CA ARG C 470 38.87 -22.25 128.13
C ARG C 470 40.03 -22.75 127.29
N PHE D 11 8.15 -26.31 119.96
CA PHE D 11 8.88 -26.05 118.73
C PHE D 11 8.30 -24.84 118.00
N LEU D 12 9.14 -23.82 117.80
CA LEU D 12 8.70 -22.58 117.16
C LEU D 12 8.90 -22.59 115.66
N GLY D 13 9.92 -23.30 115.16
CA GLY D 13 10.21 -23.35 113.75
C GLY D 13 11.37 -22.46 113.37
N PHE D 14 11.62 -22.41 112.07
CA PHE D 14 12.72 -21.60 111.55
C PHE D 14 12.49 -20.12 111.85
N LEU D 15 13.50 -19.49 112.47
CA LEU D 15 13.44 -18.10 112.91
C LEU D 15 12.31 -17.85 113.88
N GLY D 16 11.80 -18.90 114.53
CA GLY D 16 10.72 -18.71 115.48
C GLY D 16 11.14 -17.89 116.68
N ALA D 17 12.36 -18.11 117.17
CA ALA D 17 12.88 -17.40 118.33
C ALA D 17 13.57 -16.09 117.95
N ALA D 18 13.21 -15.51 116.81
CA ALA D 18 13.82 -14.25 116.40
C ALA D 18 13.47 -13.13 117.37
N GLY D 19 12.26 -13.16 117.92
CA GLY D 19 11.85 -12.19 118.91
C GLY D 19 12.10 -12.57 120.36
N SER D 20 12.53 -13.80 120.60
CA SER D 20 12.83 -14.21 121.97
C SER D 20 14.11 -13.55 122.46
N THR D 21 14.28 -13.57 123.78
CA THR D 21 15.50 -13.05 124.38
C THR D 21 16.69 -13.90 123.95
N MET D 22 17.89 -13.32 124.08
CA MET D 22 19.10 -14.02 123.64
C MET D 22 19.28 -15.33 124.38
N GLY D 23 18.85 -15.40 125.63
CA GLY D 23 18.91 -16.66 126.36
C GLY D 23 17.99 -17.72 125.79
N ALA D 24 16.74 -17.34 125.50
CA ALA D 24 15.78 -18.31 124.98
C ALA D 24 16.02 -18.64 123.51
N ALA D 25 16.55 -17.68 122.74
CA ALA D 25 16.82 -17.92 121.33
C ALA D 25 17.99 -18.87 121.13
N SER D 26 18.86 -19.02 122.12
CA SER D 26 19.99 -19.93 122.05
C SER D 26 19.60 -21.39 122.26
N MET D 27 18.36 -21.65 122.68
CA MET D 27 17.90 -23.02 122.77
C MET D 27 17.72 -23.65 121.40
N THR D 28 17.50 -22.83 120.38
CA THR D 28 17.09 -23.26 119.06
C THR D 28 18.10 -22.83 118.00
N LEU D 29 19.40 -23.00 118.29
CA LEU D 29 20.39 -22.67 117.28
C LEU D 29 20.43 -23.71 116.17
N THR D 30 20.05 -24.95 116.47
CA THR D 30 20.05 -25.99 115.46
C THR D 30 18.92 -25.85 114.46
N VAL D 31 17.87 -25.07 114.80
CA VAL D 31 16.78 -24.88 113.86
C VAL D 31 17.22 -24.00 112.70
N GLN D 32 17.94 -22.92 112.99
CA GLN D 32 18.45 -22.07 111.92
C GLN D 32 19.66 -22.68 111.24
N ALA D 33 20.45 -23.48 111.96
CA ALA D 33 21.66 -24.04 111.38
C ALA D 33 21.34 -25.01 110.24
N ARG D 34 20.30 -25.83 110.39
CA ARG D 34 19.99 -26.82 109.38
C ARG D 34 19.27 -26.22 108.17
N ASN D 35 18.79 -24.99 108.25
CA ASN D 35 18.06 -24.34 107.18
C ASN D 35 18.96 -23.44 106.32
N LEU D 36 20.26 -23.46 106.56
CA LEU D 36 21.21 -22.65 105.80
C LEU D 36 21.84 -23.39 104.64
N LEU D 37 21.41 -24.63 104.38
CA LEU D 37 22.13 -25.49 103.46
C LEU D 37 21.21 -26.04 102.38
N SER D 38 19.96 -26.31 102.74
CA SER D 38 18.98 -26.81 101.77
C SER D 38 17.58 -26.33 102.12
N VAL D 62 18.74 -21.00 80.82
CA VAL D 62 19.17 -19.93 81.71
C VAL D 62 18.36 -19.99 82.99
N TRP D 63 17.20 -20.64 82.94
CA TRP D 63 16.40 -20.83 84.14
C TRP D 63 16.97 -21.89 85.05
N GLY D 64 17.66 -22.89 84.49
CA GLY D 64 18.41 -23.82 85.31
C GLY D 64 19.59 -23.16 86.00
N ILE D 65 20.26 -22.22 85.31
CA ILE D 65 21.42 -21.56 85.89
C ILE D 65 21.01 -20.66 87.05
N LYS D 66 19.83 -20.02 86.95
CA LYS D 66 19.36 -19.20 88.05
C LYS D 66 19.21 -20.02 89.32
N GLN D 67 18.57 -21.19 89.21
CA GLN D 67 18.49 -22.10 90.35
C GLN D 67 19.86 -22.66 90.71
N LEU D 68 20.67 -23.00 89.71
CA LEU D 68 21.95 -23.63 89.98
C LEU D 68 22.93 -22.66 90.63
N GLN D 69 22.89 -21.39 90.24
CA GLN D 69 23.81 -20.42 90.82
C GLN D 69 23.39 -20.05 92.25
N ALA D 70 22.09 -20.14 92.56
CA ALA D 70 21.66 -19.94 93.93
C ALA D 70 22.10 -21.07 94.83
N ARG D 71 22.14 -22.30 94.31
CA ARG D 71 22.63 -23.43 95.09
C ARG D 71 24.11 -23.29 95.41
N VAL D 72 24.91 -22.85 94.43
CA VAL D 72 26.34 -22.68 94.67
C VAL D 72 26.60 -21.55 95.65
N LEU D 73 25.80 -20.49 95.59
CA LEU D 73 25.97 -19.38 96.52
C LEU D 73 25.71 -19.83 97.96
N ALA D 74 24.69 -20.67 98.17
CA ALA D 74 24.39 -21.15 99.51
C ALA D 74 25.51 -22.04 100.04
N VAL D 75 26.13 -22.84 99.17
CA VAL D 75 27.17 -23.75 99.61
C VAL D 75 28.42 -22.97 100.02
N GLU D 76 28.86 -22.03 99.19
CA GLU D 76 30.08 -21.30 99.52
C GLU D 76 29.84 -20.29 100.63
N ARG D 77 28.61 -19.82 100.79
CA ARG D 77 28.29 -18.97 101.93
C ARG D 77 28.31 -19.76 103.23
N TYR D 78 27.81 -21.01 103.18
CA TYR D 78 27.86 -21.88 104.36
C TYR D 78 29.29 -22.27 104.71
N LEU D 79 30.10 -22.60 103.69
CA LEU D 79 31.46 -23.06 103.94
C LEU D 79 32.34 -21.96 104.52
N ARG D 80 32.09 -20.71 104.15
CA ARG D 80 32.88 -19.62 104.72
C ARG D 80 32.61 -19.43 106.20
N ASP D 81 31.38 -19.73 106.64
CA ASP D 81 31.07 -19.68 108.07
C ASP D 81 31.65 -20.87 108.83
N GLN D 82 31.63 -22.05 108.21
CA GLN D 82 32.26 -23.21 108.84
C GLN D 82 33.78 -23.04 108.90
N GLN D 83 34.37 -22.44 107.87
CA GLN D 83 35.80 -22.17 107.89
C GLN D 83 36.17 -21.21 109.00
N LEU D 84 35.35 -20.17 109.22
CA LEU D 84 35.61 -19.23 110.30
C LEU D 84 35.56 -19.92 111.65
N LEU D 85 34.58 -20.79 111.87
CA LEU D 85 34.52 -21.52 113.13
C LEU D 85 35.72 -22.45 113.28
N GLY D 86 36.16 -23.07 112.19
CA GLY D 86 37.27 -23.99 112.26
C GLY D 86 38.57 -23.31 112.69
N ILE D 87 38.81 -22.10 112.17
CA ILE D 87 40.06 -21.40 112.51
C ILE D 87 39.99 -20.71 113.86
N TRP D 88 38.83 -20.66 114.50
CA TRP D 88 38.70 -20.21 115.88
C TRP D 88 38.69 -21.36 116.86
N GLY D 89 38.88 -22.59 116.40
CA GLY D 89 38.74 -23.75 117.25
C GLY D 89 37.32 -24.03 117.69
N CYS D 90 36.35 -23.80 116.81
CA CYS D 90 34.94 -23.98 117.14
C CYS D 90 34.22 -24.89 116.16
N SER D 91 34.94 -25.65 115.35
CA SER D 91 34.31 -26.45 114.31
C SER D 91 33.46 -27.56 114.93
N GLY D 92 32.27 -27.75 114.37
CA GLY D 92 31.37 -28.78 114.86
C GLY D 92 30.70 -28.44 116.18
N LYS D 93 30.64 -27.17 116.56
CA LYS D 93 29.99 -26.75 117.78
C LYS D 93 29.06 -25.58 117.48
N LEU D 94 27.83 -25.68 117.95
CA LEU D 94 26.88 -24.57 117.82
C LEU D 94 27.20 -23.46 118.82
N ILE D 95 27.59 -23.83 120.04
CA ILE D 95 28.02 -22.89 121.06
C ILE D 95 29.48 -23.20 121.38
N CYS D 96 30.35 -22.22 121.19
CA CYS D 96 31.78 -22.42 121.39
C CYS D 96 32.31 -21.36 122.34
N CYS D 97 33.06 -21.78 123.34
CA CYS D 97 33.66 -20.87 124.30
C CYS D 97 35.09 -20.58 123.89
N THR D 98 35.48 -19.32 123.95
CA THR D 98 36.79 -18.89 123.50
C THR D 98 37.60 -18.35 124.67
N ASN D 99 38.85 -17.98 124.37
CA ASN D 99 39.78 -17.43 125.35
C ASN D 99 40.04 -15.94 125.13
N VAL D 100 39.08 -15.25 124.51
CA VAL D 100 39.18 -13.82 124.24
C VAL D 100 38.32 -13.10 125.26
N PRO D 101 38.91 -12.33 126.18
CA PRO D 101 38.09 -11.61 127.16
C PRO D 101 37.26 -10.53 126.50
N TRP D 102 36.06 -10.31 127.02
CA TRP D 102 35.14 -9.34 126.46
C TRP D 102 35.57 -7.94 126.86
N ASN D 103 36.25 -7.25 125.95
CA ASN D 103 36.56 -5.84 126.13
C ASN D 103 35.27 -5.06 126.30
N SER D 104 35.22 -4.24 127.36
CA SER D 104 34.00 -3.48 127.65
C SER D 104 33.73 -2.41 126.62
N SER D 105 34.72 -2.04 125.80
CA SER D 105 34.50 -1.04 124.76
C SER D 105 33.46 -1.52 123.75
N TRP D 106 33.42 -2.82 123.48
CA TRP D 106 32.43 -3.36 122.56
C TRP D 106 31.02 -3.18 123.11
N SER D 107 30.83 -3.55 124.37
CA SER D 107 29.55 -3.35 125.05
C SER D 107 29.75 -3.52 126.56
N ASN D 108 29.37 -2.50 127.33
CA ASN D 108 29.58 -2.49 128.77
C ASN D 108 28.35 -2.94 129.56
N ARG D 109 27.31 -3.40 128.87
CA ARG D 109 26.11 -3.86 129.55
C ARG D 109 26.40 -5.15 130.32
N ASN D 110 25.78 -5.29 131.48
CA ASN D 110 26.04 -6.45 132.31
C ASN D 110 25.39 -7.70 131.71
N LEU D 111 25.83 -8.86 132.20
CA LEU D 111 25.38 -10.14 131.64
C LEU D 111 23.88 -10.34 131.82
N SER D 112 23.29 -9.73 132.85
CA SER D 112 21.87 -9.93 133.12
C SER D 112 20.98 -9.20 132.11
N GLU D 113 21.46 -8.10 131.54
CA GLU D 113 20.66 -7.29 130.62
C GLU D 113 20.98 -7.59 129.16
N ILE D 114 21.66 -8.70 128.88
CA ILE D 114 21.95 -9.11 127.52
C ILE D 114 21.25 -10.42 127.17
N TRP D 115 21.23 -11.37 128.10
CA TRP D 115 20.67 -12.69 127.84
C TRP D 115 19.21 -12.82 128.25
N ASP D 116 18.64 -11.80 128.90
CA ASP D 116 17.25 -11.87 129.33
C ASP D 116 16.44 -10.65 128.92
N ASN D 117 17.06 -9.63 128.33
CA ASN D 117 16.35 -8.43 127.89
C ASN D 117 16.45 -8.17 126.41
N MET D 118 17.56 -8.52 125.78
CA MET D 118 17.79 -8.22 124.37
C MET D 118 17.47 -9.43 123.50
N THR D 119 17.16 -9.16 122.25
CA THR D 119 17.04 -10.20 121.23
C THR D 119 18.31 -10.19 120.37
N TRP D 120 18.49 -11.25 119.61
CA TRP D 120 19.72 -11.38 118.83
C TRP D 120 19.80 -10.32 117.74
N LEU D 121 18.66 -9.89 117.20
CA LEU D 121 18.67 -8.85 116.18
C LEU D 121 19.12 -7.52 116.74
N GLN D 122 18.67 -7.16 117.94
CA GLN D 122 19.13 -5.94 118.58
C GLN D 122 20.63 -6.01 118.88
N TRP D 123 21.09 -7.18 119.35
CA TRP D 123 22.50 -7.32 119.70
C TRP D 123 23.40 -7.16 118.49
N ASP D 124 22.99 -7.72 117.35
CA ASP D 124 23.83 -7.65 116.16
C ASP D 124 24.03 -6.21 115.69
N LYS D 125 23.03 -5.35 115.91
CA LYS D 125 23.15 -3.96 115.51
C LYS D 125 24.06 -3.17 116.46
N GLU D 126 24.22 -3.63 117.70
CA GLU D 126 25.04 -2.89 118.66
C GLU D 126 26.53 -3.20 118.50
N ILE D 127 26.87 -4.45 118.24
CA ILE D 127 28.26 -4.86 118.08
C ILE D 127 28.62 -5.04 116.61
N SER D 128 27.87 -4.42 115.69
CA SER D 128 28.16 -4.57 114.28
C SER D 128 29.53 -4.02 113.92
N ASN D 129 29.88 -2.85 114.47
CA ASN D 129 31.17 -2.25 114.14
C ASN D 129 32.32 -2.88 114.92
N TYR D 130 32.04 -3.60 115.99
CA TYR D 130 33.06 -4.32 116.75
C TYR D 130 33.18 -5.78 116.32
N THR D 131 32.46 -6.17 115.26
CA THR D 131 32.47 -7.57 114.84
C THR D 131 33.82 -7.97 114.27
N GLN D 132 34.38 -7.14 113.38
CA GLN D 132 35.62 -7.53 112.70
C GLN D 132 36.80 -7.57 113.64
N ILE D 133 36.86 -6.64 114.62
CA ILE D 133 37.98 -6.67 115.55
C ILE D 133 37.86 -7.88 116.48
N ILE D 134 36.64 -8.31 116.79
CA ILE D 134 36.47 -9.54 117.56
C ILE D 134 36.90 -10.75 116.73
N TYR D 135 36.58 -10.74 115.43
CA TYR D 135 36.93 -11.87 114.58
C TYR D 135 38.44 -12.07 114.51
N GLY D 136 39.19 -10.97 114.44
CA GLY D 136 40.64 -11.08 114.43
C GLY D 136 41.20 -11.61 115.74
N LEU D 137 40.59 -11.22 116.86
CA LEU D 137 41.05 -11.70 118.16
C LEU D 137 40.82 -13.19 118.32
N LEU D 138 39.67 -13.68 117.86
CA LEU D 138 39.39 -15.12 117.95
C LEU D 138 40.36 -15.91 117.08
N GLU D 139 40.68 -15.39 115.89
CA GLU D 139 41.66 -16.05 115.03
C GLU D 139 43.04 -16.05 115.67
N GLU D 140 43.42 -14.94 116.31
CA GLU D 140 44.72 -14.87 116.98
C GLU D 140 44.75 -15.68 118.27
N SER D 141 43.60 -15.94 118.87
CA SER D 141 43.58 -16.75 120.08
C SER D 141 43.75 -18.24 119.78
N GLN D 142 43.23 -18.69 118.64
CA GLN D 142 43.30 -20.11 118.33
C GLN D 142 44.70 -20.53 117.90
N ASN D 143 45.30 -19.81 116.95
CA ASN D 143 46.64 -20.17 116.48
C ASN D 143 47.69 -19.99 117.57
N GLN D 144 47.40 -19.17 118.59
CA GLN D 144 48.24 -19.17 119.78
C GLN D 144 48.07 -20.46 120.57
N GLN D 145 46.84 -20.95 120.67
CA GLN D 145 46.59 -22.23 121.33
C GLN D 145 47.07 -23.39 120.47
N GLU D 146 47.01 -23.24 119.14
CA GLU D 146 47.48 -24.30 118.26
C GLU D 146 48.97 -24.54 118.46
N LYS D 147 49.76 -23.47 118.56
CA LYS D 147 51.19 -23.62 118.73
C LYS D 147 51.57 -23.99 120.15
N ASN D 148 50.87 -23.43 121.14
CA ASN D 148 51.17 -23.75 122.54
C ASN D 148 50.87 -25.21 122.84
N GLU D 149 49.77 -25.75 122.32
CA GLU D 149 49.48 -27.17 122.49
C GLU D 149 50.43 -28.02 121.66
N GLN D 150 50.82 -27.54 120.47
CA GLN D 150 51.79 -28.25 119.66
C GLN D 150 53.14 -28.31 120.35
N ASP D 151 53.55 -27.21 120.99
CA ASP D 151 54.81 -27.21 121.73
C ASP D 151 54.73 -28.09 122.97
N LEU D 152 53.64 -27.98 123.73
CA LEU D 152 53.49 -28.76 124.95
C LEU D 152 53.37 -30.25 124.66
N LEU D 153 52.87 -30.61 123.48
CA LEU D 153 52.70 -32.01 123.14
C LEU D 153 54.01 -32.71 122.84
N ALA D 154 55.07 -31.96 122.57
CA ALA D 154 56.39 -32.52 122.30
C ALA D 154 57.23 -32.71 123.55
N LEU D 155 56.70 -32.37 124.72
CA LEU D 155 57.44 -32.50 125.97
C LEU D 155 57.22 -33.88 126.58
N LEU E 2 63.00 -39.15 112.92
CA LEU E 2 62.31 -38.20 112.05
C LEU E 2 61.03 -38.82 111.49
N TRP E 3 59.96 -38.04 111.47
CA TRP E 3 58.65 -38.51 111.06
C TRP E 3 58.03 -37.54 110.07
N VAL E 4 57.17 -38.08 109.20
CA VAL E 4 56.52 -37.27 108.19
C VAL E 4 55.42 -36.44 108.84
N THR E 5 55.47 -35.13 108.61
CA THR E 5 54.42 -34.22 109.06
C THR E 5 53.88 -33.46 107.88
N VAL E 6 52.56 -33.34 107.80
CA VAL E 6 51.88 -32.79 106.64
C VAL E 6 51.54 -31.33 106.91
N TYR E 7 52.00 -30.44 106.04
CA TYR E 7 51.72 -29.02 106.12
C TYR E 7 50.77 -28.65 104.99
N TYR E 8 49.65 -28.01 105.33
CA TYR E 8 48.69 -27.55 104.35
C TYR E 8 48.75 -26.04 104.28
N GLY E 9 48.96 -25.52 103.07
CA GLY E 9 49.11 -24.10 102.85
C GLY E 9 50.52 -23.63 102.60
N VAL E 10 51.42 -24.50 102.18
CA VAL E 10 52.81 -24.14 101.92
C VAL E 10 52.87 -23.23 100.70
N PRO E 11 53.77 -22.26 100.68
CA PRO E 11 53.91 -21.38 99.50
C PRO E 11 54.69 -22.04 98.37
N VAL E 12 54.05 -23.00 97.71
CA VAL E 12 54.63 -23.75 96.61
C VAL E 12 53.71 -23.63 95.40
N TRP E 13 54.29 -23.38 94.23
CA TRP E 13 53.52 -23.23 93.01
C TRP E 13 54.20 -23.98 91.88
N LYS E 14 53.38 -24.48 90.95
CA LYS E 14 53.83 -25.06 89.70
C LYS E 14 53.31 -24.21 88.54
N ASP E 15 54.00 -24.31 87.41
CA ASP E 15 53.52 -23.65 86.20
C ASP E 15 52.22 -24.30 85.73
N ALA E 16 51.27 -23.47 85.31
CA ALA E 16 49.97 -24.00 84.90
C ALA E 16 49.37 -23.14 83.81
N GLU E 17 48.47 -23.75 83.04
CA GLU E 17 47.63 -23.05 82.08
C GLU E 17 46.20 -23.11 82.55
N THR E 18 45.54 -21.96 82.60
CA THR E 18 44.18 -21.88 83.11
C THR E 18 43.44 -20.77 82.38
N THR E 19 42.17 -20.61 82.71
CA THR E 19 41.32 -19.59 82.12
C THR E 19 41.27 -18.39 83.06
N LEU E 20 41.97 -17.32 82.68
CA LEU E 20 41.94 -16.08 83.44
C LEU E 20 40.72 -15.27 83.02
N PHE E 21 40.05 -14.67 84.00
CA PHE E 21 38.85 -13.90 83.72
C PHE E 21 39.17 -12.42 83.61
N CYS E 22 38.44 -11.74 82.73
CA CYS E 22 38.62 -10.33 82.48
C CYS E 22 38.21 -9.49 83.69
N ALA E 23 38.70 -8.25 83.72
CA ALA E 23 38.30 -7.30 84.73
C ALA E 23 38.56 -5.89 84.22
N SER E 24 37.60 -5.00 84.43
CA SER E 24 37.69 -3.62 83.96
C SER E 24 37.20 -2.69 85.05
N ASP E 25 37.67 -1.45 85.01
CA ASP E 25 37.26 -0.44 85.96
C ASP E 25 36.77 0.81 85.26
N LYS E 33 28.07 3.72 76.74
CA LYS E 33 28.42 3.34 75.38
C LYS E 33 29.12 1.99 75.37
N HIS E 34 28.56 1.03 74.62
CA HIS E 34 29.13 -0.29 74.56
C HIS E 34 30.45 -0.29 73.79
N ASN E 35 31.29 -1.26 74.11
CA ASN E 35 32.59 -1.42 73.48
C ASN E 35 32.70 -2.81 72.87
N VAL E 36 33.64 -2.95 71.94
CA VAL E 36 33.91 -4.26 71.35
C VAL E 36 34.35 -5.25 72.44
N TRP E 37 35.32 -4.84 73.25
CA TRP E 37 35.73 -5.62 74.43
C TRP E 37 35.08 -5.04 75.68
N ALA E 38 33.75 -5.14 75.71
CA ALA E 38 32.92 -4.38 76.64
C ALA E 38 33.13 -4.84 78.07
N THR E 39 32.56 -4.07 78.99
CA THR E 39 32.55 -4.38 80.41
C THR E 39 31.39 -5.29 80.79
N HIS E 40 30.53 -5.65 79.84
CA HIS E 40 29.46 -6.61 80.09
C HIS E 40 29.93 -8.05 80.00
N ALA E 41 31.16 -8.29 79.54
CA ALA E 41 31.77 -9.60 79.56
C ALA E 41 33.00 -9.61 80.47
N CYS E 42 33.05 -8.70 81.43
CA CYS E 42 34.16 -8.58 82.36
C CYS E 42 33.59 -8.38 83.77
N VAL E 43 34.50 -8.21 84.73
CA VAL E 43 34.14 -8.12 86.14
C VAL E 43 34.73 -6.83 86.71
N PRO E 44 34.05 -6.14 87.62
CA PRO E 44 34.67 -4.96 88.26
C PRO E 44 35.93 -5.34 89.02
N THR E 45 36.91 -4.43 89.00
CA THR E 45 38.17 -4.64 89.68
C THR E 45 38.06 -4.17 91.14
N ASP E 46 39.20 -4.10 91.82
CA ASP E 46 39.24 -3.67 93.22
C ASP E 46 39.88 -2.29 93.34
N GLN E 50 47.40 -5.04 96.80
CA GLN E 50 47.07 -5.84 95.63
C GLN E 50 48.30 -6.59 95.13
N GLU E 51 49.44 -5.92 95.12
CA GLU E 51 50.70 -6.51 94.69
C GLU E 51 51.56 -6.81 95.90
N ILE E 52 52.09 -8.02 95.96
CA ILE E 52 52.88 -8.50 97.09
C ILE E 52 54.27 -8.85 96.58
N HIS E 53 55.30 -8.28 97.20
CA HIS E 53 56.67 -8.53 96.76
C HIS E 53 57.18 -9.81 97.39
N LEU E 54 57.56 -10.76 96.54
CA LEU E 54 58.07 -12.06 96.99
C LEU E 54 59.59 -11.99 97.03
N GLU E 55 60.13 -11.78 98.23
CA GLU E 55 61.57 -11.64 98.38
C GLU E 55 62.27 -12.99 98.30
N ASN E 56 63.50 -12.96 97.80
CA ASN E 56 64.36 -14.13 97.63
C ASN E 56 63.82 -15.13 96.63
N VAL E 57 62.77 -14.79 95.89
CA VAL E 57 62.14 -15.68 94.92
C VAL E 57 62.68 -15.35 93.54
N THR E 58 63.27 -16.33 92.88
CA THR E 58 63.81 -16.18 91.53
C THR E 58 63.09 -17.18 90.62
N GLU E 59 62.08 -16.69 89.92
CA GLU E 59 61.27 -17.53 89.03
C GLU E 59 61.76 -17.38 87.59
N GLU E 60 61.52 -18.43 86.80
CA GLU E 60 61.90 -18.46 85.40
C GLU E 60 60.68 -18.14 84.54
N PHE E 61 60.74 -17.05 83.79
CA PHE E 61 59.67 -16.64 82.91
C PHE E 61 60.00 -17.02 81.48
N ASN E 62 58.97 -17.03 80.64
CA ASN E 62 59.14 -17.31 79.22
C ASN E 62 58.01 -16.59 78.48
N MET E 63 58.30 -15.40 77.96
CA MET E 63 57.26 -14.63 77.29
C MET E 63 56.86 -15.23 75.95
N TRP E 64 57.62 -16.18 75.43
CA TRP E 64 57.37 -16.74 74.11
C TRP E 64 56.54 -18.02 74.15
N LYS E 65 56.46 -18.69 75.29
CA LYS E 65 55.57 -19.81 75.49
C LYS E 65 54.60 -19.52 76.62
N ASN E 66 54.10 -18.29 76.65
CA ASN E 66 53.14 -17.85 77.66
C ASN E 66 51.73 -18.08 77.14
N ASN E 67 50.90 -18.73 77.96
CA ASN E 67 49.54 -19.05 77.53
C ASN E 67 48.58 -17.87 77.70
N MET E 68 48.94 -16.85 78.47
CA MET E 68 48.10 -15.67 78.53
C MET E 68 48.04 -14.98 77.19
N VAL E 69 49.15 -14.97 76.47
CA VAL E 69 49.18 -14.40 75.12
C VAL E 69 48.25 -15.16 74.19
N GLU E 70 48.29 -16.49 74.27
CA GLU E 70 47.43 -17.31 73.41
C GLU E 70 45.96 -17.19 73.82
N GLN E 71 45.69 -17.04 75.12
CA GLN E 71 44.31 -16.88 75.55
C GLN E 71 43.77 -15.49 75.25
N MET E 72 44.59 -14.46 75.44
CA MET E 72 44.15 -13.10 75.13
C MET E 72 43.84 -12.94 73.66
N HIS E 73 44.60 -13.60 72.79
CA HIS E 73 44.29 -13.57 71.37
C HIS E 73 42.92 -14.16 71.11
N THR E 74 42.59 -15.28 71.74
CA THR E 74 41.28 -15.89 71.59
C THR E 74 40.18 -14.98 72.12
N ASP E 75 40.43 -14.33 73.25
CA ASP E 75 39.39 -13.51 73.88
C ASP E 75 39.17 -12.19 73.15
N ILE E 76 40.24 -11.58 72.63
CA ILE E 76 40.09 -10.35 71.86
C ILE E 76 39.32 -10.63 70.56
N ILE E 77 39.62 -11.75 69.91
CA ILE E 77 38.83 -12.20 68.77
C ILE E 77 37.38 -12.47 69.18
N SER E 78 37.19 -13.18 70.29
CA SER E 78 35.85 -13.58 70.69
C SER E 78 34.98 -12.37 71.01
N LEU E 79 35.53 -11.38 71.69
CA LEU E 79 34.78 -10.17 71.96
C LEU E 79 34.56 -9.35 70.71
N TRP E 80 35.40 -9.52 69.68
CA TRP E 80 35.19 -8.83 68.42
C TRP E 80 33.96 -9.38 67.68
N ASP E 81 33.92 -10.70 67.50
CA ASP E 81 32.77 -11.32 66.83
C ASP E 81 31.50 -11.13 67.63
N GLN E 82 31.58 -11.25 68.95
CA GLN E 82 30.40 -11.12 69.80
C GLN E 82 29.80 -9.72 69.69
N SER E 83 30.61 -8.72 69.35
CA SER E 83 30.14 -7.35 69.22
C SER E 83 29.62 -7.02 67.83
N LEU E 84 29.72 -7.94 66.87
CA LEU E 84 29.31 -7.68 65.50
C LEU E 84 28.08 -8.46 65.08
N LYS E 85 27.73 -9.52 65.80
CA LYS E 85 26.52 -10.28 65.47
C LYS E 85 25.24 -9.47 65.52
N PRO E 86 24.98 -8.61 66.52
CA PRO E 86 23.66 -7.98 66.63
C PRO E 86 23.37 -6.86 65.64
N CYS E 87 24.29 -6.52 64.74
CA CYS E 87 24.08 -5.39 63.84
C CYS E 87 24.22 -5.83 62.38
N VAL E 88 24.06 -4.85 61.49
CA VAL E 88 23.59 -5.10 60.13
C VAL E 88 24.55 -6.00 59.37
N LYS E 89 23.99 -6.99 58.68
CA LYS E 89 24.71 -7.79 57.71
C LYS E 89 24.42 -7.26 56.32
N LEU E 90 25.46 -6.94 55.56
CA LEU E 90 25.31 -6.28 54.26
C LEU E 90 25.29 -7.27 53.12
N THR E 91 24.40 -8.26 53.17
CA THR E 91 24.17 -9.10 52.00
C THR E 91 23.64 -8.35 50.79
N PRO E 92 22.71 -7.39 50.90
CA PRO E 92 22.26 -6.68 49.70
C PRO E 92 23.34 -5.84 49.03
N LEU E 93 24.47 -5.59 49.69
CA LEU E 93 25.51 -4.76 49.08
C LEU E 93 26.28 -5.47 47.98
N CYS E 94 26.09 -6.78 47.81
CA CYS E 94 26.54 -7.46 46.59
C CYS E 94 25.53 -7.28 45.47
N VAL E 95 25.59 -6.12 44.85
CA VAL E 95 24.94 -5.85 43.58
C VAL E 95 26.03 -5.42 42.62
N THR E 96 25.67 -5.19 41.37
CA THR E 96 26.62 -4.65 40.41
C THR E 96 26.66 -3.14 40.57
N LEU E 97 27.87 -2.59 40.65
CA LEU E 97 28.08 -1.16 40.87
C LEU E 97 28.52 -0.53 39.55
N GLN E 98 27.90 0.60 39.19
CA GLN E 98 28.32 1.38 38.04
C GLN E 98 29.15 2.55 38.54
N CYS E 99 30.47 2.37 38.55
CA CYS E 99 31.38 3.29 39.22
C CYS E 99 32.07 4.20 38.22
N THR E 100 32.07 5.50 38.52
CA THR E 100 32.82 6.48 37.76
C THR E 100 33.83 7.14 38.69
N ASN E 101 34.84 7.77 38.08
CA ASN E 101 35.84 8.49 38.85
C ASN E 101 35.22 9.71 39.54
N VAL E 102 35.84 10.13 40.63
CA VAL E 102 35.37 11.32 41.34
C VAL E 102 36.06 12.57 40.82
N THR E 103 37.33 12.49 40.42
CA THR E 103 38.08 13.66 39.99
C THR E 103 38.34 13.71 38.49
N ASN E 104 38.46 12.57 37.82
CA ASN E 104 38.72 12.51 36.38
C ASN E 104 39.97 13.32 36.00
N ASN E 105 41.01 13.16 36.80
CA ASN E 105 42.26 13.88 36.57
C ASN E 105 43.42 13.19 37.26
N ASP E 108 46.84 12.57 43.27
CA ASP E 108 47.56 13.28 44.33
C ASP E 108 46.64 13.58 45.51
N ASP E 109 45.35 13.63 45.25
CA ASP E 109 44.35 14.01 46.23
C ASP E 109 43.70 12.77 46.84
N MET E 110 42.82 13.01 47.81
CA MET E 110 41.98 11.93 48.32
C MET E 110 40.99 11.46 47.26
N ARG E 111 40.54 12.36 46.40
CA ARG E 111 39.53 12.02 45.40
C ARG E 111 40.06 11.12 44.30
N GLY E 112 41.36 10.95 44.19
CA GLY E 112 41.90 9.97 43.28
C GLY E 112 41.91 8.57 43.83
N GLU E 113 41.52 8.41 45.10
CA GLU E 113 41.42 7.13 45.77
C GLU E 113 40.00 6.60 45.80
N LEU E 114 39.04 7.37 45.27
CA LEU E 114 37.62 7.07 45.41
C LEU E 114 37.00 6.76 44.07
N LYS E 115 35.99 5.91 44.09
CA LYS E 115 35.13 5.64 42.95
C LYS E 115 33.71 6.03 43.33
N ASN E 116 33.01 6.73 42.45
CA ASN E 116 31.62 7.16 42.69
C ASN E 116 30.68 6.12 42.10
N CYS E 117 30.21 5.21 42.94
CA CYS E 117 29.55 3.98 42.53
C CYS E 117 28.04 4.09 42.73
N SER E 118 27.28 3.82 41.68
CA SER E 118 25.84 3.87 41.72
C SER E 118 25.28 2.46 41.57
N PHE E 119 24.25 2.15 42.37
CA PHE E 119 23.74 0.79 42.41
C PHE E 119 22.28 0.80 42.81
N ASN E 120 21.59 -0.30 42.51
CA ASN E 120 20.22 -0.52 42.94
C ASN E 120 20.23 -1.21 44.29
N MET E 121 19.52 -0.64 45.25
CA MET E 121 19.48 -1.17 46.60
C MET E 121 18.05 -1.49 46.97
N THR E 122 17.87 -2.46 47.87
CA THR E 122 16.55 -2.80 48.34
C THR E 122 16.00 -1.69 49.21
N THR E 123 14.68 -1.58 49.23
CA THR E 123 13.98 -0.62 50.09
C THR E 123 13.43 -1.37 51.30
N GLU E 124 12.90 -0.62 52.27
CA GLU E 124 12.23 -1.26 53.40
C GLU E 124 11.00 -2.05 52.97
N LEU E 125 10.47 -1.79 51.78
CA LEU E 125 9.42 -2.60 51.19
C LEU E 125 10.06 -3.55 50.18
N ARG E 126 9.72 -4.84 50.28
CA ARG E 126 10.44 -5.87 49.54
C ARG E 126 10.32 -5.69 48.04
N ASP E 127 9.19 -5.18 47.56
CA ASP E 127 8.92 -5.12 46.13
C ASP E 127 9.39 -3.83 45.47
N LYS E 128 10.03 -2.93 46.22
CA LYS E 128 10.49 -1.65 45.70
C LYS E 128 12.00 -1.59 45.76
N LYS E 129 12.61 -1.00 44.73
CA LYS E 129 14.04 -0.80 44.68
C LYS E 129 14.39 0.65 44.96
N GLN E 130 15.69 0.94 44.92
CA GLN E 130 16.21 2.23 45.39
C GLN E 130 17.51 2.50 44.66
N LYS E 131 17.48 3.43 43.70
CA LYS E 131 18.67 3.82 42.97
C LYS E 131 19.47 4.79 43.84
N VAL E 132 20.56 4.30 44.43
CA VAL E 132 21.38 5.08 45.32
C VAL E 132 22.82 5.07 44.80
N TYR E 133 23.65 5.91 45.41
CA TYR E 133 25.06 5.98 45.08
C TYR E 133 25.87 6.19 46.35
N SER E 134 27.16 5.89 46.25
CA SER E 134 28.08 6.06 47.36
C SER E 134 29.49 6.18 46.80
N LEU E 135 30.36 6.80 47.60
CA LEU E 135 31.77 6.90 47.24
C LEU E 135 32.51 5.75 47.92
N PHE E 136 33.01 4.82 47.12
CA PHE E 136 33.75 3.67 47.61
C PHE E 136 35.22 3.85 47.29
N TYR E 137 36.08 3.49 48.24
CA TYR E 137 37.50 3.52 47.98
C TYR E 137 37.86 2.51 46.91
N ARG E 138 38.88 2.83 46.12
CA ARG E 138 39.29 1.91 45.07
C ARG E 138 39.80 0.60 45.63
N LEU E 139 40.15 0.57 46.91
CA LEU E 139 40.61 -0.64 47.56
C LEU E 139 39.48 -1.58 47.95
N ASP E 140 38.23 -1.14 47.82
CA ASP E 140 37.07 -1.94 48.19
C ASP E 140 36.26 -2.44 47.00
N VAL E 141 36.52 -1.95 45.80
CA VAL E 141 35.74 -2.31 44.62
C VAL E 141 36.65 -3.02 43.63
N VAL E 142 36.15 -4.11 43.07
CA VAL E 142 36.87 -4.91 42.08
C VAL E 142 36.06 -4.90 40.79
N GLN E 143 36.73 -4.62 39.68
CA GLN E 143 36.03 -4.50 38.41
C GLN E 143 35.55 -5.86 37.92
N ILE E 144 34.44 -5.87 37.20
CA ILE E 144 33.88 -7.07 36.58
C ILE E 144 34.06 -6.95 35.08
N ASN E 145 34.71 -7.94 34.47
CA ASN E 145 34.88 -7.96 33.02
C ASN E 145 34.26 -9.21 32.42
N ASN E 156 31.30 4.81 32.87
CA ASN E 156 30.81 4.06 34.02
C ASN E 156 30.96 2.55 33.83
N LYS E 157 32.08 2.01 34.25
CA LYS E 157 32.31 0.57 34.18
C LYS E 157 31.52 -0.13 35.29
N GLU E 158 31.64 -1.45 35.34
CA GLU E 158 30.91 -2.27 36.32
C GLU E 158 31.90 -2.82 37.34
N TYR E 159 31.58 -2.63 38.61
CA TYR E 159 32.44 -3.03 39.72
C TYR E 159 31.62 -3.87 40.71
N ARG E 160 32.29 -4.30 41.77
CA ARG E 160 31.63 -4.98 42.87
C ARG E 160 32.52 -4.88 44.09
N LEU E 161 31.92 -5.05 45.26
CA LEU E 161 32.69 -4.95 46.49
C LEU E 161 33.70 -6.09 46.56
N ILE E 162 34.83 -5.82 47.21
CA ILE E 162 35.97 -6.73 47.12
C ILE E 162 35.69 -8.04 47.86
N ASN E 163 35.14 -7.98 49.07
CA ASN E 163 34.78 -9.19 49.80
C ASN E 163 33.30 -9.49 49.57
N CYS E 164 33.07 -10.00 48.37
CA CYS E 164 31.76 -10.44 47.90
C CYS E 164 31.77 -11.83 47.29
N ASN E 165 32.90 -12.32 46.81
CA ASN E 165 33.02 -13.71 46.43
C ASN E 165 33.51 -14.58 47.58
N THR E 166 33.88 -13.99 48.71
CA THR E 166 34.35 -14.73 49.86
C THR E 166 33.38 -14.72 51.04
N SER E 167 32.64 -13.64 51.23
CA SER E 167 31.71 -13.56 52.36
C SER E 167 30.84 -12.33 52.19
N ALA E 168 29.96 -12.11 53.15
CA ALA E 168 29.16 -10.91 53.28
C ALA E 168 29.64 -10.12 54.48
N ILE E 169 29.70 -8.81 54.34
CA ILE E 169 30.34 -7.94 55.31
C ILE E 169 29.32 -7.45 56.32
N THR E 170 29.40 -7.97 57.54
CA THR E 170 28.60 -7.42 58.63
C THR E 170 29.05 -6.01 58.94
N GLN E 171 28.14 -5.06 58.83
CA GLN E 171 28.50 -3.66 58.99
C GLN E 171 28.98 -3.39 60.40
N ALA E 172 30.09 -2.67 60.53
CA ALA E 172 30.57 -2.28 61.84
C ALA E 172 29.50 -1.43 62.52
N CYS E 173 28.96 -1.94 63.61
CA CYS E 173 27.74 -1.39 64.18
C CYS E 173 28.03 0.03 64.67
N PRO E 174 27.20 1.01 64.32
CA PRO E 174 27.62 2.41 64.51
C PRO E 174 27.65 2.86 65.96
N LYS E 175 27.01 2.15 66.87
CA LYS E 175 26.93 2.59 68.26
C LYS E 175 27.98 1.93 69.15
N VAL E 176 28.81 1.04 68.63
CA VAL E 176 29.91 0.44 69.39
C VAL E 176 31.21 1.08 68.94
N SER E 177 32.06 1.42 69.91
CA SER E 177 33.31 2.09 69.62
C SER E 177 34.45 1.08 69.52
N PHE E 178 35.42 1.40 68.66
CA PHE E 178 36.62 0.59 68.52
C PHE E 178 37.73 1.01 69.46
N GLU E 179 37.51 2.02 70.29
CA GLU E 179 38.54 2.49 71.21
C GLU E 179 38.85 1.38 72.22
N PRO E 180 40.12 1.01 72.39
CA PRO E 180 40.45 -0.05 73.35
C PRO E 180 40.39 0.46 74.77
N ILE E 181 39.68 -0.26 75.63
CA ILE E 181 39.65 0.05 77.05
C ILE E 181 40.56 -0.94 77.77
N PRO E 182 41.25 -0.53 78.83
CA PRO E 182 42.16 -1.46 79.51
C PRO E 182 41.40 -2.61 80.16
N ILE E 183 41.92 -3.80 79.98
CA ILE E 183 41.35 -5.02 80.55
C ILE E 183 42.40 -5.70 81.39
N HIS E 184 42.01 -6.15 82.58
CA HIS E 184 42.89 -6.84 83.50
C HIS E 184 42.52 -8.32 83.50
N TYR E 185 43.50 -9.18 83.25
CA TYR E 185 43.28 -10.62 83.25
C TYR E 185 43.61 -11.15 84.63
N CYS E 186 42.60 -11.63 85.35
CA CYS E 186 42.75 -12.00 86.75
C CYS E 186 42.61 -13.50 86.92
N ALA E 187 43.51 -14.09 87.71
CA ALA E 187 43.58 -15.53 87.90
C ALA E 187 42.48 -16.00 88.86
N PRO E 188 41.95 -17.21 88.65
CA PRO E 188 40.93 -17.72 89.56
C PRO E 188 41.51 -18.18 90.89
N ALA E 189 40.67 -18.75 91.75
CA ALA E 189 41.14 -19.23 93.04
C ALA E 189 42.03 -20.45 92.86
N GLY E 190 43.06 -20.54 93.69
CA GLY E 190 44.04 -21.60 93.56
C GLY E 190 45.17 -21.31 92.61
N PHE E 191 45.12 -20.17 91.91
CA PHE E 191 46.16 -19.74 90.99
C PHE E 191 46.65 -18.36 91.41
N ALA E 192 47.85 -18.02 90.97
CA ALA E 192 48.44 -16.72 91.21
C ALA E 192 49.12 -16.23 89.95
N ILE E 193 49.20 -14.92 89.80
CA ILE E 193 49.88 -14.29 88.66
C ILE E 193 51.19 -13.72 89.18
N LEU E 194 52.30 -14.24 88.69
CA LEU E 194 53.63 -13.77 89.07
C LEU E 194 54.05 -12.68 88.09
N LYS E 195 54.49 -11.55 88.64
CA LYS E 195 54.89 -10.40 87.83
C LYS E 195 56.38 -10.16 88.01
N CYS E 196 57.12 -10.15 86.91
CA CYS E 196 58.56 -9.94 86.95
C CYS E 196 58.84 -8.45 87.00
N LYS E 197 59.40 -7.98 88.11
CA LYS E 197 59.71 -6.57 88.31
C LYS E 197 61.12 -6.20 87.88
N ASP E 198 61.88 -7.15 87.32
CA ASP E 198 63.21 -6.84 86.83
C ASP E 198 63.13 -5.90 85.64
N LYS E 199 64.00 -4.89 85.64
CA LYS E 199 63.98 -3.87 84.58
C LYS E 199 64.89 -4.21 83.41
N LYS E 200 65.74 -5.23 83.54
CA LYS E 200 66.57 -5.69 82.44
C LYS E 200 66.12 -7.05 81.93
N PHE E 201 64.94 -7.49 82.33
CA PHE E 201 64.46 -8.81 81.94
C PHE E 201 64.07 -8.77 80.48
N ASN E 202 64.84 -9.46 79.64
CA ASN E 202 64.48 -9.51 78.22
C ASN E 202 63.15 -10.22 77.95
N GLY E 203 63.11 -11.55 77.97
CA GLY E 203 61.85 -12.25 77.95
C GLY E 203 61.92 -13.63 78.54
N THR E 204 63.09 -14.02 79.04
CA THR E 204 63.37 -15.42 79.29
C THR E 204 64.46 -15.54 80.33
N GLY E 205 64.38 -16.60 81.14
CA GLY E 205 65.37 -16.89 82.14
C GLY E 205 64.94 -16.44 83.51
N PRO E 206 65.85 -16.51 84.49
CA PRO E 206 65.48 -16.14 85.85
C PRO E 206 65.16 -14.66 85.97
N CYS E 207 64.23 -14.35 86.86
CA CYS E 207 63.85 -12.97 87.18
C CYS E 207 64.07 -12.75 88.67
N PRO E 208 65.10 -12.00 89.07
CA PRO E 208 65.40 -11.87 90.50
C PRO E 208 64.28 -11.23 91.32
N SER E 209 63.55 -10.28 90.77
CA SER E 209 62.49 -9.58 91.49
C SER E 209 61.13 -10.03 90.97
N VAL E 210 60.36 -10.70 91.81
CA VAL E 210 59.06 -11.25 91.43
C VAL E 210 58.02 -10.72 92.41
N SER E 211 56.79 -10.60 91.94
CA SER E 211 55.68 -10.17 92.77
C SER E 211 54.44 -10.96 92.41
N THR E 212 53.56 -11.13 93.38
CA THR E 212 52.27 -11.76 93.16
C THR E 212 51.22 -10.67 93.10
N VAL E 213 50.74 -10.38 91.91
CA VAL E 213 49.67 -9.41 91.71
C VAL E 213 48.36 -10.16 91.69
N GLN E 214 47.30 -9.52 92.22
CA GLN E 214 45.97 -10.10 92.05
C GLN E 214 45.66 -10.27 90.58
N CYS E 215 45.95 -9.25 89.77
CA CYS E 215 45.93 -9.39 88.32
C CYS E 215 46.56 -8.19 87.64
N THR E 216 46.71 -8.31 86.33
CA THR E 216 47.63 -7.51 85.54
C THR E 216 47.18 -6.05 85.49
N HIS E 217 48.11 -5.20 85.06
CA HIS E 217 47.78 -3.82 84.78
C HIS E 217 46.85 -3.75 83.57
N GLY E 218 46.18 -2.62 83.42
CA GLY E 218 45.27 -2.44 82.32
C GLY E 218 45.96 -2.55 80.97
N ILE E 219 45.71 -3.63 80.26
CA ILE E 219 46.31 -3.87 78.96
C ILE E 219 45.31 -3.44 77.90
N LYS E 220 45.61 -2.34 77.22
CA LYS E 220 44.76 -1.88 76.14
C LYS E 220 44.97 -2.75 74.91
N PRO E 221 43.95 -3.40 74.39
CA PRO E 221 44.10 -4.22 73.18
C PRO E 221 44.19 -3.39 71.91
N VAL E 222 45.27 -2.60 71.80
CA VAL E 222 45.49 -1.80 70.61
C VAL E 222 45.91 -2.72 69.47
N VAL E 223 45.16 -2.71 68.38
CA VAL E 223 45.41 -3.57 67.24
C VAL E 223 46.15 -2.76 66.19
N SER E 224 47.37 -3.17 65.88
CA SER E 224 48.21 -2.45 64.93
C SER E 224 49.30 -3.37 64.43
N THR E 225 49.92 -2.99 63.32
CA THR E 225 51.02 -3.75 62.75
C THR E 225 52.23 -2.84 62.55
N GLN E 226 53.41 -3.43 62.71
CA GLN E 226 54.71 -2.82 62.45
C GLN E 226 55.11 -1.78 63.48
N LEU E 227 54.17 -1.40 64.35
CA LEU E 227 54.42 -0.36 65.35
C LEU E 227 53.46 -0.62 66.51
N LEU E 228 53.99 -0.62 67.72
CA LEU E 228 53.18 -0.87 68.91
C LEU E 228 52.66 0.47 69.41
N LEU E 229 51.52 0.88 68.88
CA LEU E 229 50.93 2.16 69.27
C LEU E 229 50.40 2.09 70.68
N ASN E 230 50.64 3.16 71.45
CA ASN E 230 50.23 3.24 72.84
C ASN E 230 50.81 2.08 73.63
N GLY E 231 50.33 1.86 74.85
CA GLY E 231 50.85 0.77 75.64
C GLY E 231 51.89 1.19 76.66
N SER E 232 52.80 0.27 76.99
CA SER E 232 53.72 0.44 78.11
C SER E 232 55.13 0.63 77.61
N LEU E 233 55.84 1.58 78.21
CA LEU E 233 57.21 1.88 77.85
C LEU E 233 58.18 1.01 78.65
N ALA E 234 59.42 0.94 78.17
CA ALA E 234 60.48 0.35 78.96
C ALA E 234 60.87 1.29 80.09
N GLU E 235 61.60 0.75 81.07
CA GLU E 235 61.92 1.52 82.26
C GLU E 235 63.20 2.32 82.13
N GLU E 236 64.29 1.68 81.69
CA GLU E 236 65.57 2.37 81.67
C GLU E 236 66.19 2.48 80.28
N GLU E 237 65.97 1.51 79.40
CA GLU E 237 66.58 1.56 78.08
C GLU E 237 65.77 0.70 77.12
N VAL E 238 65.95 0.95 75.83
CA VAL E 238 65.24 0.21 74.80
C VAL E 238 65.55 -1.27 74.92
N MET E 239 64.51 -2.08 74.97
CA MET E 239 64.63 -3.52 75.19
C MET E 239 64.39 -4.28 73.89
N ILE E 240 65.32 -5.16 73.55
CA ILE E 240 65.21 -6.03 72.38
C ILE E 240 64.82 -7.41 72.87
N ARG E 241 63.75 -7.96 72.29
CA ARG E 241 63.17 -9.22 72.77
C ARG E 241 62.86 -10.11 71.58
N SER E 242 63.63 -11.17 71.41
CA SER E 242 63.41 -12.16 70.36
C SER E 242 63.44 -13.54 70.97
N GLU E 243 62.65 -14.45 70.40
CA GLU E 243 62.66 -15.83 70.87
C GLU E 243 64.02 -16.48 70.63
N ASN E 244 64.61 -16.23 69.47
CA ASN E 244 65.96 -16.69 69.17
C ASN E 244 66.59 -15.63 68.28
N ILE E 245 67.41 -14.77 68.87
CA ILE E 245 67.95 -13.62 68.15
C ILE E 245 68.81 -14.05 66.97
N THR E 246 69.36 -15.26 67.00
CA THR E 246 70.16 -15.77 65.90
C THR E 246 69.32 -16.39 64.79
N ASN E 247 68.02 -16.51 65.00
CA ASN E 247 67.11 -17.05 63.99
C ASN E 247 66.39 -15.90 63.30
N ASN E 248 66.56 -15.77 61.99
CA ASN E 248 65.96 -14.67 61.26
C ASN E 248 64.47 -14.87 61.00
N ALA E 249 63.93 -16.05 61.30
CA ALA E 249 62.50 -16.31 61.14
C ALA E 249 61.68 -15.87 62.34
N LYS E 250 62.32 -15.35 63.38
CA LYS E 250 61.65 -14.91 64.60
C LYS E 250 61.59 -13.40 64.65
N ASN E 251 60.41 -12.87 64.95
CA ASN E 251 60.24 -11.43 65.05
C ASN E 251 60.98 -10.89 66.26
N ILE E 252 61.45 -9.65 66.14
CA ILE E 252 62.15 -8.95 67.21
C ILE E 252 61.21 -7.90 67.76
N LEU E 253 60.90 -7.98 69.05
CA LEU E 253 59.97 -7.05 69.69
C LEU E 253 60.78 -5.97 70.40
N VAL E 254 60.98 -4.85 69.72
CA VAL E 254 61.64 -3.70 70.32
C VAL E 254 60.65 -2.96 71.19
N GLN E 255 61.12 -2.50 72.36
CA GLN E 255 60.29 -1.70 73.26
C GLN E 255 61.04 -0.44 73.61
N PHE E 256 60.41 0.71 73.39
CA PHE E 256 61.06 1.98 73.62
C PHE E 256 61.01 2.37 75.09
N ASN E 257 61.93 3.24 75.49
CA ASN E 257 61.89 3.84 76.82
C ASN E 257 61.25 5.21 76.82
N THR E 258 61.36 5.97 75.73
CA THR E 258 60.65 7.22 75.54
C THR E 258 59.75 7.10 74.33
N PRO E 259 58.45 7.39 74.46
CA PRO E 259 57.54 7.19 73.33
C PRO E 259 57.82 8.16 72.19
N VAL E 260 57.54 7.70 70.98
CA VAL E 260 57.62 8.53 69.78
C VAL E 260 56.20 8.86 69.37
N GLN E 261 55.83 10.13 69.47
CA GLN E 261 54.46 10.54 69.19
C GLN E 261 54.22 10.58 67.69
N ILE E 262 53.10 10.00 67.26
CA ILE E 262 52.72 9.96 65.86
C ILE E 262 51.33 10.57 65.72
N ASN E 263 51.17 11.51 64.79
CA ASN E 263 49.91 12.22 64.58
C ASN E 263 49.29 11.82 63.25
N CYS E 264 48.02 11.41 63.30
CA CYS E 264 47.26 10.92 62.15
C CYS E 264 46.53 12.10 61.56
N THR E 265 45.96 11.90 60.38
CA THR E 265 44.83 12.74 60.02
C THR E 265 44.18 12.19 58.76
N ARG E 266 42.88 12.43 58.64
CA ARG E 266 42.16 12.39 57.37
C ARG E 266 41.60 13.79 57.17
N PRO E 267 42.24 14.64 56.38
CA PRO E 267 41.83 16.06 56.35
C PRO E 267 40.44 16.28 55.79
N ASN E 268 39.88 15.33 55.06
CA ASN E 268 38.59 15.52 54.41
C ASN E 268 37.48 15.72 55.42
N ASN E 269 36.50 16.55 55.06
CA ASN E 269 35.26 16.65 55.82
C ASN E 269 34.26 15.71 55.15
N ASN E 270 34.20 14.49 55.65
CA ASN E 270 33.33 13.47 55.10
C ASN E 270 31.88 13.78 55.41
N THR E 271 30.98 13.31 54.54
CA THR E 271 29.54 13.44 54.75
C THR E 271 28.91 12.05 54.71
N ARG E 272 28.68 11.48 55.89
CA ARG E 272 28.03 10.18 55.98
C ARG E 272 26.57 10.30 55.53
N LYS E 273 26.13 9.30 54.76
CA LYS E 273 24.78 9.25 54.22
C LYS E 273 24.15 7.92 54.58
N SER E 274 22.88 7.94 54.97
CA SER E 274 22.18 6.75 55.43
C SER E 274 21.27 6.22 54.33
N ILE E 275 21.36 4.91 54.08
CA ILE E 275 20.52 4.21 53.11
C ILE E 275 19.75 3.12 53.85
N ARG E 276 18.44 3.10 53.68
CA ARG E 276 17.60 2.08 54.30
C ARG E 276 17.55 0.86 53.39
N ILE E 277 18.36 -0.16 53.71
CA ILE E 277 18.44 -1.35 52.88
C ILE E 277 17.39 -2.39 53.25
N GLY E 278 16.61 -2.15 54.29
CA GLY E 278 15.60 -3.09 54.73
C GLY E 278 14.84 -2.55 55.91
N PRO E 279 13.93 -3.34 56.45
CA PRO E 279 13.16 -2.88 57.62
C PRO E 279 14.03 -2.78 58.86
N GLY E 280 14.34 -1.55 59.28
CA GLY E 280 15.13 -1.32 60.45
C GLY E 280 16.63 -1.33 60.23
N GLN E 281 17.08 -1.73 59.05
CA GLN E 281 18.50 -1.79 58.73
C GLN E 281 18.89 -0.59 57.89
N ALA E 282 19.98 0.06 58.26
CA ALA E 282 20.49 1.22 57.54
C ALA E 282 21.93 0.97 57.12
N PHE E 283 22.27 1.45 55.93
CA PHE E 283 23.62 1.35 55.38
C PHE E 283 24.19 2.75 55.29
N TYR E 284 25.31 2.98 55.98
CA TYR E 284 25.92 4.29 56.07
C TYR E 284 26.96 4.42 54.96
N ALA E 285 26.77 5.40 54.09
CA ALA E 285 27.56 5.54 52.88
C ALA E 285 28.18 6.93 52.81
N THR E 286 29.33 7.01 52.15
CA THR E 286 29.98 8.29 51.91
C THR E 286 29.26 8.99 50.76
N GLY E 287 28.48 10.01 51.09
CA GLY E 287 27.71 10.68 50.07
C GLY E 287 28.52 11.73 49.34
N ASP E 288 29.33 12.48 50.09
CA ASP E 288 30.08 13.58 49.51
C ASP E 288 31.35 13.77 50.34
N ILE E 289 32.38 14.31 49.70
CA ILE E 289 33.64 14.61 50.36
C ILE E 289 34.07 16.01 49.95
N ILE E 290 34.26 16.88 50.94
CA ILE E 290 34.66 18.26 50.75
C ILE E 290 35.74 18.59 51.77
N GLY E 291 36.26 19.80 51.69
CA GLY E 291 37.31 20.22 52.60
C GLY E 291 38.69 19.92 52.06
N ASP E 292 39.64 19.83 52.99
CA ASP E 292 41.02 19.55 52.64
C ASP E 292 41.12 18.14 52.06
N ILE E 293 41.52 18.03 50.80
CA ILE E 293 41.55 16.76 50.10
C ILE E 293 42.96 16.18 50.04
N ARG E 294 43.85 16.60 50.92
CA ARG E 294 45.16 15.98 51.01
C ARG E 294 45.02 14.54 51.47
N GLN E 295 45.91 13.69 50.98
CA GLN E 295 45.86 12.28 51.34
C GLN E 295 46.06 12.11 52.83
N ALA E 296 45.37 11.12 53.40
CA ALA E 296 45.54 10.81 54.82
C ALA E 296 47.00 10.49 55.10
N HIS E 297 47.51 10.97 56.23
CA HIS E 297 48.92 10.83 56.53
C HIS E 297 49.13 10.78 58.03
N CYS E 298 50.32 10.32 58.42
CA CYS E 298 50.79 10.37 59.80
C CYS E 298 52.12 11.10 59.85
N ASN E 299 52.30 11.92 60.87
CA ASN E 299 53.53 12.68 61.07
C ASN E 299 54.27 12.13 62.27
N VAL E 300 55.54 11.78 62.07
CA VAL E 300 56.45 11.39 63.14
C VAL E 300 57.61 12.36 63.13
N SER E 301 57.93 12.91 64.30
CA SER E 301 59.02 13.89 64.38
C SER E 301 60.32 13.28 63.88
N LYS E 302 60.99 14.00 62.98
CA LYS E 302 62.19 13.46 62.35
C LYS E 302 63.35 13.40 63.34
N ALA E 303 63.43 14.38 64.25
CA ALA E 303 64.49 14.37 65.24
C ALA E 303 64.24 13.29 66.29
N THR E 304 62.99 13.16 66.77
CA THR E 304 62.68 12.15 67.78
C THR E 304 62.84 10.74 67.23
N TRP E 305 62.43 10.51 65.98
CA TRP E 305 62.56 9.18 65.41
C TRP E 305 64.02 8.83 65.16
N ASN E 306 64.83 9.81 64.77
CA ASN E 306 66.24 9.52 64.51
C ASN E 306 66.98 9.14 65.79
N GLU E 307 66.70 9.82 66.90
CA GLU E 307 67.35 9.46 68.15
C GLU E 307 66.76 8.19 68.76
N THR E 308 65.54 7.84 68.42
CA THR E 308 64.97 6.56 68.87
C THR E 308 65.56 5.38 68.13
N LEU E 309 65.77 5.52 66.81
CA LEU E 309 66.48 4.47 66.09
C LEU E 309 67.93 4.39 66.54
N GLY E 310 68.51 5.51 66.97
CA GLY E 310 69.86 5.46 67.51
C GLY E 310 69.94 4.63 68.77
N LYS E 311 68.93 4.75 69.64
CA LYS E 311 68.86 3.92 70.83
C LYS E 311 68.58 2.46 70.47
N VAL E 312 67.73 2.23 69.48
CA VAL E 312 67.45 0.87 69.04
C VAL E 312 68.70 0.23 68.46
N VAL E 313 69.45 0.98 67.64
CA VAL E 313 70.67 0.46 67.05
C VAL E 313 71.71 0.16 68.12
N LYS E 314 71.84 1.04 69.11
CA LYS E 314 72.81 0.80 70.18
C LYS E 314 72.51 -0.48 70.94
N GLN E 315 71.25 -0.72 71.26
CA GLN E 315 70.84 -1.95 71.94
C GLN E 315 70.78 -3.14 71.00
N LEU E 316 70.88 -2.91 69.69
CA LEU E 316 70.82 -3.99 68.71
C LEU E 316 72.20 -4.44 68.25
N ARG E 317 73.23 -3.64 68.45
CA ARG E 317 74.59 -4.07 68.17
C ARG E 317 75.13 -5.00 69.24
N LYS E 318 74.49 -5.05 70.42
CA LYS E 318 74.92 -5.95 71.48
C LYS E 318 74.70 -7.42 71.10
N HIS E 319 73.82 -7.70 70.17
CA HIS E 319 73.54 -9.08 69.75
C HIS E 319 74.18 -9.45 68.43
N PHE E 320 74.78 -8.48 67.72
CA PHE E 320 75.35 -8.75 66.40
C PHE E 320 76.77 -8.23 66.22
N GLY E 321 77.29 -7.43 67.15
CA GLY E 321 78.64 -6.95 67.03
C GLY E 321 78.73 -5.44 67.02
N ASN E 322 79.87 -4.90 67.46
CA ASN E 322 80.07 -3.45 67.46
C ASN E 322 80.38 -2.92 66.07
N ASN E 323 81.05 -3.70 65.23
CA ASN E 323 81.46 -3.27 63.91
C ASN E 323 80.47 -3.60 62.82
N THR E 324 79.35 -4.25 63.16
CA THR E 324 78.36 -4.60 62.15
C THR E 324 77.57 -3.37 61.72
N ILE E 325 77.03 -3.45 60.51
CA ILE E 325 76.28 -2.35 59.92
C ILE E 325 74.79 -2.65 60.07
N ILE E 326 74.10 -1.82 60.84
CA ILE E 326 72.68 -1.98 61.08
C ILE E 326 71.93 -1.11 60.07
N ARG E 327 71.16 -1.76 59.20
CA ARG E 327 70.42 -1.08 58.15
C ARG E 327 68.93 -1.37 58.32
N PHE E 328 68.12 -0.32 58.29
CA PHE E 328 66.67 -0.45 58.38
C PHE E 328 66.10 -0.26 56.98
N ALA E 329 65.49 -1.31 56.45
CA ALA E 329 64.77 -1.23 55.19
C ALA E 329 63.27 -1.27 55.46
N ASN E 330 62.48 -1.14 54.41
CA ASN E 330 61.04 -1.14 54.53
C ASN E 330 60.47 -2.53 54.25
N SER E 331 59.17 -2.67 54.48
CA SER E 331 58.54 -3.98 54.44
C SER E 331 58.72 -4.65 53.09
N SER E 332 58.91 -5.96 53.10
CA SER E 332 59.24 -6.68 51.88
C SER E 332 58.05 -6.77 50.93
N GLY E 333 56.99 -7.43 51.35
CA GLY E 333 55.83 -7.61 50.49
C GLY E 333 54.78 -8.45 51.16
N GLY E 334 53.64 -8.57 50.49
CA GLY E 334 52.52 -9.33 51.00
C GLY E 334 51.22 -8.58 50.97
N ASP E 335 50.35 -8.85 51.94
CA ASP E 335 49.08 -8.15 52.03
C ASP E 335 49.29 -6.71 52.47
N LEU E 336 48.28 -5.87 52.18
CA LEU E 336 48.34 -4.49 52.64
C LEU E 336 48.31 -4.40 54.16
N GLU E 337 47.73 -5.41 54.82
CA GLU E 337 47.69 -5.41 56.27
C GLU E 337 49.05 -5.74 56.87
N VAL E 338 49.96 -6.32 56.10
CA VAL E 338 51.26 -6.72 56.61
C VAL E 338 52.40 -5.85 56.06
N THR E 339 52.22 -5.21 54.91
CA THR E 339 53.22 -4.31 54.36
C THR E 339 53.08 -2.88 54.86
N THR E 340 52.01 -2.59 55.60
CA THR E 340 51.73 -1.24 56.04
C THR E 340 51.47 -1.23 57.54
N HIS E 341 51.65 -0.05 58.14
CA HIS E 341 51.31 0.16 59.55
C HIS E 341 49.79 0.24 59.64
N SER E 342 49.15 -0.91 59.57
CA SER E 342 47.71 -0.98 59.71
C SER E 342 47.31 -0.65 61.13
N PHE E 343 46.31 0.20 61.29
CA PHE E 343 45.78 0.51 62.60
C PHE E 343 44.42 1.17 62.45
N ASN E 344 43.76 1.38 63.58
CA ASN E 344 42.47 2.04 63.67
C ASN E 344 42.66 3.34 64.42
N CYS E 345 42.06 4.42 63.91
CA CYS E 345 42.15 5.71 64.60
C CYS E 345 40.92 6.56 64.28
N GLY E 346 40.10 6.78 65.31
CA GLY E 346 38.88 7.54 65.16
C GLY E 346 37.77 6.75 64.51
N GLY E 347 37.84 5.42 64.56
CA GLY E 347 36.84 4.58 63.95
C GLY E 347 37.07 4.27 62.49
N GLU E 348 38.08 4.86 61.87
CA GLU E 348 38.39 4.65 60.46
C GLU E 348 39.78 4.04 60.36
N PHE E 349 39.92 3.04 59.51
CA PHE E 349 41.10 2.18 59.48
C PHE E 349 42.12 2.72 58.50
N PHE E 350 43.33 2.95 58.98
CA PHE E 350 44.43 3.50 58.19
C PHE E 350 45.42 2.41 57.83
N TYR E 351 46.17 2.64 56.76
CA TYR E 351 47.22 1.73 56.31
C TYR E 351 48.40 2.58 55.80
N CYS E 352 49.32 2.90 56.71
CA CYS E 352 50.38 3.85 56.44
C CYS E 352 51.62 3.16 55.90
N ASN E 353 52.36 3.89 55.06
CA ASN E 353 53.45 3.27 54.31
C ASN E 353 54.62 2.88 55.20
N THR E 354 55.08 3.79 56.06
CA THR E 354 56.24 3.57 56.92
C THR E 354 57.45 3.07 56.13
N SER E 355 57.68 3.66 54.96
CA SER E 355 58.92 3.46 54.24
C SER E 355 59.91 4.58 54.45
N GLY E 356 59.47 5.70 55.03
CA GLY E 356 60.37 6.77 55.38
C GLY E 356 60.80 6.64 56.83
N LEU E 357 60.01 5.90 57.62
CA LEU E 357 60.43 5.58 58.98
C LEU E 357 61.62 4.63 58.96
N PHE E 358 61.52 3.54 58.21
CA PHE E 358 62.55 2.52 58.15
C PHE E 358 63.32 2.70 56.84
N ASN E 359 64.23 3.66 56.84
CA ASN E 359 65.12 3.87 55.70
C ASN E 359 66.36 4.57 56.23
N SER E 360 67.40 3.79 56.52
CA SER E 360 68.60 4.35 57.12
C SER E 360 69.68 3.26 57.19
N THR E 361 70.93 3.70 57.21
CA THR E 361 72.07 2.81 57.39
C THR E 361 72.93 3.39 58.50
N TRP E 362 73.29 2.54 59.47
CA TRP E 362 74.00 2.98 60.66
C TRP E 362 75.40 2.37 60.66
N ILE E 363 76.42 3.22 60.69
CA ILE E 363 77.81 2.82 60.65
C ILE E 363 78.39 2.96 62.04
N SER E 364 79.27 2.03 62.42
CA SER E 364 79.91 2.06 63.73
C SER E 364 80.68 3.36 63.96
N ASN E 377 61.79 20.34 64.71
CA ASN E 377 60.77 21.04 63.96
C ASN E 377 60.34 20.24 62.72
N ASP E 378 61.31 19.59 62.08
CA ASP E 378 61.03 18.80 60.90
C ASP E 378 60.26 17.54 61.27
N SER E 379 59.57 16.98 60.28
CA SER E 379 58.67 15.86 60.53
C SER E 379 58.72 14.90 59.35
N ILE E 380 58.32 13.65 59.62
CA ILE E 380 58.25 12.59 58.61
C ILE E 380 56.78 12.30 58.34
N THR E 381 56.36 12.44 57.09
CA THR E 381 54.97 12.27 56.70
C THR E 381 54.81 10.91 56.02
N LEU E 382 53.94 10.07 56.58
CA LEU E 382 53.72 8.73 56.06
C LEU E 382 52.39 8.69 55.33
N PRO E 383 52.38 8.49 54.01
CA PRO E 383 51.10 8.45 53.28
C PRO E 383 50.30 7.21 53.65
N CYS E 384 49.08 7.43 54.13
CA CYS E 384 48.22 6.35 54.59
C CYS E 384 47.02 6.20 53.69
N ARG E 385 46.70 4.97 53.32
CA ARG E 385 45.45 4.66 52.64
C ARG E 385 44.40 4.31 53.68
N ILE E 386 43.14 4.31 53.24
CA ILE E 386 42.02 4.00 54.11
C ILE E 386 41.15 2.95 53.42
N LYS E 387 40.65 2.00 54.21
CA LYS E 387 39.73 0.98 53.73
C LYS E 387 38.49 1.01 54.60
N GLN E 388 37.39 0.52 54.02
CA GLN E 388 36.15 0.34 54.77
C GLN E 388 35.78 -1.11 54.96
N ILE E 389 36.29 -2.02 54.14
CA ILE E 389 36.02 -3.44 54.26
C ILE E 389 37.26 -4.08 54.90
N ILE E 390 37.11 -4.56 56.13
CA ILE E 390 38.23 -4.98 56.97
C ILE E 390 38.13 -6.47 57.25
N ASN E 391 39.18 -7.21 56.89
CA ASN E 391 39.38 -8.58 57.36
C ASN E 391 40.47 -8.48 58.43
N MET E 392 40.06 -8.31 59.68
CA MET E 392 41.00 -7.87 60.69
C MET E 392 41.94 -8.98 61.15
N TRP E 393 41.38 -10.04 61.74
CA TRP E 393 42.22 -11.02 62.40
C TRP E 393 42.79 -12.06 61.45
N GLN E 394 43.39 -11.59 60.35
CA GLN E 394 44.08 -12.46 59.37
C GLN E 394 43.22 -13.66 58.99
N ARG E 395 41.92 -13.46 58.88
CA ARG E 395 40.99 -14.53 58.58
C ARG E 395 40.35 -14.28 57.22
N ILE E 396 39.78 -15.33 56.66
CA ILE E 396 39.04 -15.28 55.40
C ILE E 396 37.61 -15.72 55.68
N GLY E 397 36.65 -14.97 55.17
CA GLY E 397 35.25 -15.31 55.30
C GLY E 397 34.49 -14.50 56.32
N GLN E 398 35.16 -13.64 57.08
CA GLN E 398 34.50 -12.76 58.04
C GLN E 398 35.10 -11.37 57.88
N ALA E 399 34.49 -10.58 57.00
CA ALA E 399 34.87 -9.20 56.79
C ALA E 399 34.02 -8.30 57.68
N MET E 400 34.30 -7.00 57.62
CA MET E 400 33.52 -6.01 58.36
C MET E 400 33.56 -4.71 57.59
N TYR E 401 32.41 -4.08 57.43
CA TYR E 401 32.32 -2.80 56.74
C TYR E 401 32.35 -1.69 57.78
N ALA E 402 33.45 -0.96 57.84
CA ALA E 402 33.55 0.17 58.76
C ALA E 402 32.83 1.36 58.16
N PRO E 403 31.77 1.87 58.78
CA PRO E 403 30.99 2.95 58.18
C PRO E 403 31.78 4.24 58.18
N PRO E 404 31.43 5.18 57.30
CA PRO E 404 32.16 6.45 57.26
C PRO E 404 32.01 7.21 58.56
N ILE E 405 33.07 7.92 58.93
CA ILE E 405 33.07 8.77 60.11
C ILE E 405 32.83 10.20 59.65
N GLN E 406 31.78 10.82 60.16
CA GLN E 406 31.46 12.19 59.80
C GLN E 406 32.54 13.13 60.30
N GLY E 407 33.00 14.02 59.44
CA GLY E 407 33.92 15.07 59.85
C GLY E 407 35.37 14.69 59.62
N VAL E 408 36.23 15.51 60.21
CA VAL E 408 37.68 15.36 60.11
C VAL E 408 38.17 14.48 61.25
N ILE E 409 39.06 13.55 60.94
CA ILE E 409 39.61 12.62 61.92
C ILE E 409 41.01 13.05 62.30
N ARG E 410 41.27 13.13 63.61
CA ARG E 410 42.58 13.53 64.11
C ARG E 410 43.00 12.53 65.17
N CYS E 411 44.30 12.39 65.38
CA CYS E 411 44.92 11.20 65.95
C CYS E 411 46.19 11.59 66.70
N VAL E 412 46.32 11.12 67.94
CA VAL E 412 47.55 11.30 68.69
C VAL E 412 47.85 9.98 69.40
N SER E 413 48.94 9.33 69.01
CA SER E 413 49.32 8.04 69.56
C SER E 413 50.79 8.06 69.93
N ASN E 414 51.17 7.11 70.77
CA ASN E 414 52.56 6.91 71.16
C ASN E 414 53.06 5.62 70.50
N ILE E 415 54.15 5.72 69.76
CA ILE E 415 54.84 4.52 69.28
C ILE E 415 55.71 4.02 70.43
N THR E 416 55.28 2.95 71.08
CA THR E 416 55.97 2.41 72.23
C THR E 416 56.78 1.17 71.90
N GLY E 417 56.88 0.79 70.64
CA GLY E 417 57.62 -0.40 70.28
C GLY E 417 57.65 -0.62 68.80
N LEU E 418 58.31 -1.70 68.40
CA LEU E 418 58.45 -2.09 67.01
C LEU E 418 58.31 -3.60 66.92
N ILE E 419 58.06 -4.09 65.71
CA ILE E 419 58.14 -5.51 65.40
C ILE E 419 59.00 -5.63 64.15
N LEU E 420 60.22 -6.14 64.31
CA LEU E 420 61.18 -6.20 63.22
C LEU E 420 61.42 -7.64 62.80
N THR E 421 61.82 -7.80 61.55
CA THR E 421 62.29 -9.08 61.03
C THR E 421 63.65 -8.85 60.40
N ARG E 422 64.54 -9.82 60.58
CA ARG E 422 65.90 -9.70 60.09
C ARG E 422 66.07 -10.49 58.79
N ASP E 423 66.92 -9.98 57.90
CA ASP E 423 67.19 -10.62 56.64
C ASP E 423 68.34 -11.62 56.80
N GLY E 424 68.16 -12.81 56.23
CA GLY E 424 69.16 -13.85 56.32
C GLY E 424 70.46 -13.54 55.63
N SER E 429 78.61 -11.68 55.70
CA SER E 429 78.35 -10.26 55.44
C SER E 429 78.34 -9.47 56.75
N THR E 430 78.82 -8.23 56.69
CA THR E 430 78.90 -7.37 57.84
C THR E 430 77.68 -6.47 58.01
N THR E 431 76.67 -6.61 57.15
CA THR E 431 75.49 -5.77 57.17
C THR E 431 74.27 -6.59 57.56
N GLU E 432 73.55 -6.14 58.58
CA GLU E 432 72.31 -6.76 59.02
C GLU E 432 71.16 -5.80 58.71
N THR E 433 70.17 -6.29 57.97
CA THR E 433 69.04 -5.49 57.54
C THR E 433 67.80 -5.88 58.31
N PHE E 434 67.15 -4.89 58.94
CA PHE E 434 65.99 -5.11 59.79
C PHE E 434 64.77 -4.47 59.16
N ARG E 435 63.93 -5.27 58.56
CA ARG E 435 62.67 -4.83 57.99
C ARG E 435 61.57 -4.89 59.05
N PRO E 436 60.57 -4.01 58.98
CA PRO E 436 59.44 -4.13 59.89
C PRO E 436 58.63 -5.38 59.61
N GLY E 437 58.00 -5.90 60.65
CA GLY E 437 57.25 -7.13 60.52
C GLY E 437 55.87 -7.03 61.11
N GLY E 438 55.26 -8.17 61.43
CA GLY E 438 53.92 -8.14 61.98
C GLY E 438 53.04 -9.24 61.44
N GLY E 439 51.76 -8.91 61.23
CA GLY E 439 50.80 -9.89 60.77
C GLY E 439 50.16 -10.65 61.91
N ASP E 440 50.98 -11.35 62.68
CA ASP E 440 50.49 -12.13 63.82
C ASP E 440 50.17 -11.16 64.96
N MET E 441 48.90 -11.05 65.32
CA MET E 441 48.48 -10.11 66.35
C MET E 441 48.95 -10.51 67.72
N ARG E 442 49.44 -11.74 67.89
CA ARG E 442 49.87 -12.18 69.22
C ARG E 442 51.13 -11.47 69.67
N ASP E 443 52.02 -11.09 68.75
CA ASP E 443 53.23 -10.37 69.12
C ASP E 443 52.92 -8.98 69.66
N ASN E 444 51.73 -8.46 69.40
CA ASN E 444 51.35 -7.16 69.95
C ASN E 444 51.03 -7.27 71.44
N TRP E 445 50.30 -8.33 71.83
CA TRP E 445 49.96 -8.56 73.23
C TRP E 445 51.04 -9.35 73.96
N ARG E 446 51.92 -10.02 73.24
CA ARG E 446 53.10 -10.60 73.86
C ARG E 446 54.03 -9.53 74.42
N SER E 447 53.93 -8.31 73.93
CA SER E 447 54.72 -7.19 74.42
C SER E 447 54.15 -6.57 75.67
N GLU E 448 52.91 -6.89 76.04
CA GLU E 448 52.31 -6.41 77.28
C GLU E 448 52.25 -7.47 78.36
N LEU E 449 52.19 -8.74 77.97
CA LEU E 449 52.12 -9.87 78.90
C LEU E 449 53.45 -10.61 79.00
N TYR E 450 54.55 -9.92 78.73
CA TYR E 450 55.86 -10.55 78.83
C TYR E 450 56.30 -10.72 80.28
N LYS E 451 55.89 -9.83 81.16
CA LYS E 451 56.32 -9.83 82.55
C LYS E 451 55.43 -10.67 83.46
N TYR E 452 54.32 -11.19 82.96
CA TYR E 452 53.36 -11.90 83.79
C TYR E 452 53.45 -13.40 83.56
N LYS E 453 53.06 -14.16 84.58
CA LYS E 453 53.13 -15.61 84.55
C LYS E 453 52.08 -16.17 85.49
N VAL E 454 51.40 -17.23 85.08
CA VAL E 454 50.34 -17.85 85.87
C VAL E 454 50.89 -19.13 86.48
N VAL E 455 50.72 -19.29 87.79
CA VAL E 455 51.20 -20.46 88.50
C VAL E 455 50.03 -21.08 89.26
N LYS E 456 50.17 -22.36 89.55
CA LYS E 456 49.17 -23.14 90.28
C LYS E 456 49.70 -23.42 91.67
N ILE E 457 48.95 -23.00 92.68
CA ILE E 457 49.40 -23.16 94.06
C ILE E 457 49.24 -24.62 94.48
N GLU E 458 50.31 -25.20 95.02
CA GLU E 458 50.30 -26.57 95.55
C GLU E 458 50.43 -26.49 97.06
N PRO E 459 49.32 -26.40 97.80
CA PRO E 459 49.38 -26.05 99.22
C PRO E 459 49.64 -27.22 100.15
N LEU E 460 49.80 -28.43 99.64
CA LEU E 460 49.93 -29.62 100.46
C LEU E 460 51.35 -30.15 100.33
N GLY E 461 52.14 -30.02 101.38
CA GLY E 461 53.52 -30.47 101.35
C GLY E 461 53.88 -31.22 102.62
N VAL E 462 54.75 -32.20 102.47
CA VAL E 462 55.18 -33.05 103.58
C VAL E 462 56.66 -32.80 103.82
N ALA E 463 57.09 -32.95 105.07
CA ALA E 463 58.45 -32.66 105.45
C ALA E 463 58.76 -33.40 106.75
N PRO E 464 60.02 -33.68 107.03
CA PRO E 464 60.36 -34.39 108.27
C PRO E 464 60.37 -33.46 109.46
N THR E 465 59.95 -34.00 110.61
CA THR E 465 59.93 -33.25 111.85
C THR E 465 59.99 -34.25 113.00
N ARG E 466 60.39 -33.78 114.17
CA ARG E 466 60.46 -34.62 115.36
C ARG E 466 59.10 -34.99 115.93
N CYS E 467 58.01 -34.67 115.25
CA CYS E 467 56.68 -35.01 115.72
C CYS E 467 56.49 -36.52 115.81
N LYS E 468 55.45 -36.90 116.53
CA LYS E 468 54.94 -38.27 116.50
C LYS E 468 53.50 -38.21 116.99
N ARG E 469 52.56 -38.63 116.13
CA ARG E 469 51.16 -38.57 116.49
C ARG E 469 50.91 -39.41 117.74
N ARG E 470 50.13 -38.86 118.67
CA ARG E 470 49.80 -39.56 119.90
C ARG E 470 48.50 -40.33 119.76
N PHE F 11 53.23 -9.47 110.68
CA PHE F 11 52.37 -9.92 109.59
C PHE F 11 53.06 -9.77 108.25
N LEU F 12 53.21 -10.87 107.53
CA LEU F 12 53.88 -10.88 106.23
C LEU F 12 52.91 -10.83 105.06
N GLY F 13 51.77 -11.49 105.16
CA GLY F 13 50.80 -11.54 104.08
C GLY F 13 50.75 -12.92 103.45
N PHE F 14 49.88 -13.03 102.45
CA PHE F 14 49.69 -14.29 101.74
C PHE F 14 50.99 -14.73 101.08
N LEU F 15 51.39 -15.98 101.32
CA LEU F 15 52.65 -16.54 100.84
C LEU F 15 53.87 -15.72 101.28
N GLY F 16 53.72 -14.89 102.31
CA GLY F 16 54.83 -14.05 102.74
C GLY F 16 56.02 -14.85 103.25
N ALA F 17 55.76 -15.97 103.91
CA ALA F 17 56.81 -16.83 104.43
C ALA F 17 57.18 -17.95 103.48
N ALA F 18 57.00 -17.74 102.17
CA ALA F 18 57.39 -18.78 101.21
C ALA F 18 58.89 -19.00 101.22
N GLY F 19 59.67 -17.94 101.34
CA GLY F 19 61.11 -18.04 101.46
C GLY F 19 61.63 -18.23 102.87
N SER F 20 60.76 -18.16 103.87
CA SER F 20 61.16 -18.35 105.25
C SER F 20 61.39 -19.82 105.55
N THR F 21 62.05 -20.07 106.68
CA THR F 21 62.33 -21.43 107.09
C THR F 21 61.05 -22.15 107.47
N MET F 22 61.12 -23.48 107.48
CA MET F 22 59.94 -24.29 107.77
C MET F 22 59.41 -24.00 109.17
N GLY F 23 60.30 -23.79 110.14
CA GLY F 23 59.85 -23.45 111.48
C GLY F 23 59.16 -22.10 111.54
N ALA F 24 59.69 -21.10 110.82
CA ALA F 24 59.10 -19.77 110.84
C ALA F 24 57.85 -19.71 109.97
N ALA F 25 57.79 -20.47 108.88
CA ALA F 25 56.63 -20.45 108.01
C ALA F 25 55.45 -21.23 108.57
N SER F 26 55.66 -22.01 109.63
CA SER F 26 54.59 -22.78 110.24
C SER F 26 53.78 -21.97 111.24
N MET F 27 54.20 -20.75 111.54
CA MET F 27 53.42 -19.84 112.37
C MET F 27 52.46 -18.99 111.57
N THR F 28 52.50 -19.08 110.24
CA THR F 28 51.62 -18.31 109.36
C THR F 28 50.79 -19.24 108.48
N LEU F 29 50.40 -20.40 109.00
CA LEU F 29 49.58 -21.31 108.21
C LEU F 29 48.17 -20.76 107.99
N THR F 30 47.67 -19.97 108.93
CA THR F 30 46.33 -19.42 108.79
C THR F 30 46.25 -18.44 107.62
N VAL F 31 47.34 -17.72 107.35
CA VAL F 31 47.33 -16.73 106.27
C VAL F 31 47.11 -17.41 104.92
N GLN F 32 47.80 -18.52 104.68
CA GLN F 32 47.59 -19.26 103.45
C GLN F 32 46.31 -20.06 103.46
N ALA F 33 45.87 -20.51 104.64
CA ALA F 33 44.68 -21.35 104.72
C ALA F 33 43.42 -20.58 104.36
N ARG F 34 43.30 -19.34 104.83
CA ARG F 34 42.09 -18.56 104.60
C ARG F 34 41.97 -18.04 103.18
N ASN F 35 43.03 -18.12 102.38
CA ASN F 35 43.01 -17.64 101.00
C ASN F 35 42.81 -18.76 99.99
N LEU F 36 42.46 -19.97 100.44
CA LEU F 36 42.24 -21.10 99.55
C LEU F 36 40.77 -21.30 99.24
N LEU F 37 39.89 -20.42 99.70
CA LEU F 37 38.47 -20.61 99.55
C LEU F 37 37.79 -19.45 98.82
N SER F 38 38.21 -18.22 99.09
CA SER F 38 37.70 -17.06 98.36
C SER F 38 38.62 -15.87 98.56
N VAL F 62 32.00 -14.59 78.36
CA VAL F 62 33.44 -14.73 78.52
C VAL F 62 33.79 -14.62 79.99
N TRP F 63 33.06 -13.76 80.71
CA TRP F 63 33.22 -13.62 82.15
C TRP F 63 32.01 -14.18 82.91
N GLY F 64 31.40 -15.23 82.36
CA GLY F 64 30.23 -15.83 82.94
C GLY F 64 30.51 -17.20 83.52
N ILE F 65 30.22 -18.25 82.74
CA ILE F 65 30.49 -19.61 83.18
C ILE F 65 31.96 -19.82 83.49
N LYS F 66 32.85 -19.11 82.76
CA LYS F 66 34.27 -19.21 83.05
C LYS F 66 34.58 -18.77 84.47
N GLN F 67 33.98 -17.66 84.91
CA GLN F 67 34.19 -17.21 86.28
C GLN F 67 33.44 -18.08 87.27
N LEU F 68 32.31 -18.67 86.86
CA LEU F 68 31.54 -19.51 87.76
C LEU F 68 32.21 -20.86 88.00
N GLN F 69 32.78 -21.46 86.95
CA GLN F 69 33.45 -22.74 87.12
C GLN F 69 34.81 -22.60 87.80
N ALA F 70 35.34 -21.37 87.90
CA ALA F 70 36.53 -21.15 88.72
C ALA F 70 36.20 -21.21 90.20
N ARG F 71 35.00 -20.77 90.58
CA ARG F 71 34.59 -20.86 91.99
C ARG F 71 34.30 -22.30 92.38
N VAL F 72 33.65 -23.08 91.50
CA VAL F 72 33.36 -24.47 91.83
C VAL F 72 34.65 -25.28 91.93
N LEU F 73 35.65 -24.96 91.12
CA LEU F 73 36.93 -25.65 91.21
C LEU F 73 37.63 -25.32 92.52
N ALA F 74 37.51 -24.07 92.99
CA ALA F 74 38.13 -23.70 94.26
C ALA F 74 37.49 -24.45 95.43
N VAL F 75 36.17 -24.64 95.39
CA VAL F 75 35.50 -25.37 96.45
C VAL F 75 35.87 -26.84 96.42
N GLU F 76 35.89 -27.45 95.24
CA GLU F 76 36.23 -28.87 95.14
C GLU F 76 37.66 -29.13 95.56
N ARG F 77 38.59 -28.25 95.17
CA ARG F 77 39.98 -28.42 95.58
C ARG F 77 40.12 -28.27 97.09
N TYR F 78 39.37 -27.33 97.68
CA TYR F 78 39.40 -27.14 99.12
C TYR F 78 38.76 -28.31 99.86
N LEU F 79 37.65 -28.82 99.34
CA LEU F 79 36.92 -29.88 100.04
C LEU F 79 37.68 -31.20 100.01
N ARG F 80 38.42 -31.49 98.95
CA ARG F 80 39.18 -32.73 98.92
C ARG F 80 40.42 -32.66 99.78
N ASP F 81 40.91 -31.46 100.10
CA ASP F 81 42.00 -31.32 101.05
C ASP F 81 41.49 -31.45 102.49
N GLN F 82 40.30 -30.91 102.76
CA GLN F 82 39.70 -31.08 104.09
C GLN F 82 39.24 -32.50 104.32
N GLN F 83 38.84 -33.21 103.26
CA GLN F 83 38.49 -34.61 103.39
C GLN F 83 39.69 -35.46 103.79
N LEU F 84 40.86 -35.16 103.20
CA LEU F 84 42.06 -35.90 103.55
C LEU F 84 42.43 -35.72 105.01
N LEU F 85 42.30 -34.50 105.52
CA LEU F 85 42.61 -34.25 106.92
C LEU F 85 41.66 -35.03 107.83
N GLY F 86 40.38 -35.07 107.48
CA GLY F 86 39.43 -35.82 108.29
C GLY F 86 39.68 -37.31 108.28
N ILE F 87 40.10 -37.83 107.12
CA ILE F 87 40.42 -39.26 107.03
C ILE F 87 41.64 -39.59 107.87
N TRP F 88 42.61 -38.67 107.97
CA TRP F 88 43.78 -38.89 108.80
C TRP F 88 43.56 -38.50 110.25
N GLY F 89 42.35 -38.09 110.61
CA GLY F 89 42.08 -37.66 111.98
C GLY F 89 42.54 -36.27 112.31
N CYS F 90 42.77 -35.43 111.29
CA CYS F 90 43.28 -34.08 111.47
C CYS F 90 42.25 -33.03 111.13
N SER F 91 40.96 -33.38 111.21
CA SER F 91 39.91 -32.44 110.84
C SER F 91 39.86 -31.29 111.83
N GLY F 92 39.75 -30.07 111.29
CA GLY F 92 39.67 -28.89 112.13
C GLY F 92 40.98 -28.49 112.77
N LYS F 93 42.11 -28.94 112.24
CA LYS F 93 43.42 -28.62 112.78
C LYS F 93 44.34 -28.16 111.66
N LEU F 94 45.27 -27.27 112.01
CA LEU F 94 46.29 -26.79 111.09
C LEU F 94 47.63 -27.50 111.27
N ILE F 95 47.98 -27.83 112.51
CA ILE F 95 49.14 -28.65 112.82
C ILE F 95 48.64 -29.90 113.52
N CYS F 96 48.83 -31.04 112.88
CA CYS F 96 48.27 -32.32 113.36
C CYS F 96 49.39 -33.32 113.54
N CYS F 97 49.83 -33.50 114.77
CA CYS F 97 50.78 -34.55 115.09
C CYS F 97 50.10 -35.91 115.03
N THR F 98 50.72 -36.84 114.32
CA THR F 98 50.12 -38.14 114.03
C THR F 98 50.97 -39.25 114.67
N ASN F 99 50.57 -40.49 114.39
CA ASN F 99 51.21 -41.67 114.96
C ASN F 99 52.17 -42.37 114.00
N VAL F 100 52.13 -42.04 112.71
CA VAL F 100 52.98 -42.72 111.73
C VAL F 100 54.43 -42.31 111.95
N PRO F 101 55.32 -43.25 112.23
CA PRO F 101 56.73 -42.89 112.42
C PRO F 101 57.36 -42.45 111.11
N TRP F 102 58.40 -41.63 111.22
CA TRP F 102 59.08 -41.11 110.04
C TRP F 102 60.12 -42.13 109.59
N ASN F 103 59.81 -42.84 108.50
CA ASN F 103 60.77 -43.70 107.84
C ASN F 103 61.98 -42.87 107.41
N SER F 104 63.16 -43.25 107.91
CA SER F 104 64.38 -42.50 107.58
C SER F 104 64.68 -42.52 106.09
N SER F 105 64.13 -43.47 105.34
CA SER F 105 64.31 -43.49 103.90
C SER F 105 63.75 -42.24 103.24
N TRP F 106 62.65 -41.72 103.77
CA TRP F 106 62.03 -40.52 103.19
C TRP F 106 62.97 -39.33 103.26
N SER F 107 63.61 -39.12 104.41
CA SER F 107 64.51 -38.00 104.59
C SER F 107 65.39 -38.28 105.80
N ASN F 108 66.69 -38.36 105.58
CA ASN F 108 67.63 -38.66 106.65
C ASN F 108 68.11 -37.41 107.39
N ARG F 109 67.64 -36.23 107.00
CA ARG F 109 68.04 -35.00 107.66
C ARG F 109 67.51 -34.96 109.08
N ASN F 110 68.24 -34.25 109.95
CA ASN F 110 67.80 -34.08 111.32
C ASN F 110 66.84 -32.89 111.43
N LEU F 111 66.23 -32.75 112.61
CA LEU F 111 65.25 -31.69 112.81
C LEU F 111 65.88 -30.30 112.74
N SER F 112 67.14 -30.17 113.16
CA SER F 112 67.77 -28.85 113.20
C SER F 112 67.89 -28.26 111.80
N GLU F 113 68.26 -29.07 110.82
CA GLU F 113 68.49 -28.58 109.46
C GLU F 113 67.26 -28.69 108.57
N ILE F 114 66.11 -29.06 109.13
CA ILE F 114 64.85 -29.05 108.40
C ILE F 114 63.98 -27.87 108.80
N TRP F 115 63.86 -27.61 110.08
CA TRP F 115 63.00 -26.55 110.60
C TRP F 115 63.72 -25.22 110.76
N ASP F 116 65.03 -25.17 110.48
CA ASP F 116 65.80 -23.95 110.60
C ASP F 116 66.69 -23.66 109.41
N ASN F 117 66.80 -24.58 108.45
CA ASN F 117 67.63 -24.38 107.27
C ASN F 117 66.90 -24.55 105.96
N MET F 118 65.72 -25.16 105.94
CA MET F 118 64.98 -25.40 104.71
C MET F 118 63.68 -24.63 104.70
N THR F 119 63.22 -24.29 103.51
CA THR F 119 61.92 -23.70 103.29
C THR F 119 60.95 -24.76 102.80
N TRP F 120 59.65 -24.45 102.88
CA TRP F 120 58.64 -25.45 102.57
C TRP F 120 58.67 -25.83 101.09
N LEU F 121 59.05 -24.91 100.21
CA LEU F 121 59.18 -25.24 98.79
C LEU F 121 60.34 -26.20 98.55
N GLN F 122 61.46 -25.99 99.24
CA GLN F 122 62.57 -26.94 99.14
C GLN F 122 62.19 -28.29 99.72
N TRP F 123 61.48 -28.30 100.85
CA TRP F 123 61.09 -29.55 101.48
C TRP F 123 60.12 -30.33 100.60
N ASP F 124 59.17 -29.65 99.97
CA ASP F 124 58.22 -30.33 99.10
C ASP F 124 58.92 -31.02 97.94
N LYS F 125 59.99 -30.41 97.43
CA LYS F 125 60.73 -31.01 96.33
C LYS F 125 61.39 -32.31 96.76
N GLU F 126 61.91 -32.36 97.98
CA GLU F 126 62.64 -33.54 98.44
C GLU F 126 61.72 -34.75 98.56
N ILE F 127 60.54 -34.57 99.13
CA ILE F 127 59.64 -35.67 99.43
C ILE F 127 58.43 -35.69 98.50
N SER F 128 58.57 -35.14 97.30
CA SER F 128 57.44 -35.11 96.37
C SER F 128 57.05 -36.52 95.91
N ASN F 129 58.00 -37.45 95.89
CA ASN F 129 57.71 -38.82 95.47
C ASN F 129 57.29 -39.72 96.62
N TYR F 130 57.66 -39.38 97.86
CA TYR F 130 57.23 -40.13 99.02
C TYR F 130 55.90 -39.63 99.58
N THR F 131 55.28 -38.64 98.93
CA THR F 131 54.03 -38.09 99.43
C THR F 131 52.92 -39.13 99.43
N GLN F 132 52.78 -39.89 98.34
CA GLN F 132 51.65 -40.80 98.23
C GLN F 132 51.77 -41.99 99.16
N ILE F 133 52.98 -42.48 99.41
CA ILE F 133 53.13 -43.58 100.35
C ILE F 133 52.89 -43.11 101.78
N ILE F 134 53.26 -41.87 102.10
CA ILE F 134 52.96 -41.32 103.42
C ILE F 134 51.45 -41.15 103.58
N TYR F 135 50.77 -40.72 102.52
CA TYR F 135 49.33 -40.50 102.60
C TYR F 135 48.58 -41.79 102.91
N GLY F 136 49.00 -42.90 102.30
CA GLY F 136 48.39 -44.18 102.63
C GLY F 136 48.68 -44.61 104.04
N LEU F 137 49.87 -44.30 104.56
CA LEU F 137 50.21 -44.66 105.92
C LEU F 137 49.34 -43.92 106.92
N LEU F 138 49.09 -42.63 106.69
CA LEU F 138 48.22 -41.87 107.58
C LEU F 138 46.78 -42.34 107.48
N GLU F 139 46.35 -42.70 106.28
CA GLU F 139 44.96 -43.13 106.09
C GLU F 139 44.66 -44.42 106.83
N GLU F 140 45.58 -45.39 106.79
CA GLU F 140 45.36 -46.65 107.48
C GLU F 140 45.61 -46.55 108.98
N SER F 141 46.54 -45.70 109.40
CA SER F 141 46.82 -45.57 110.84
C SER F 141 45.60 -45.04 111.58
N GLN F 142 44.92 -44.05 111.02
CA GLN F 142 43.70 -43.56 111.65
C GLN F 142 42.59 -44.61 111.61
N ASN F 143 42.50 -45.34 110.50
CA ASN F 143 41.51 -46.41 110.42
C ASN F 143 41.73 -47.47 111.49
N GLN F 144 42.99 -47.71 111.86
CA GLN F 144 43.27 -48.58 113.00
C GLN F 144 42.88 -47.92 114.31
N GLN F 145 43.08 -46.61 114.41
CA GLN F 145 42.70 -45.90 115.64
C GLN F 145 41.18 -45.80 115.78
N GLU F 146 40.46 -45.75 114.67
CA GLU F 146 39.00 -45.71 114.75
C GLU F 146 38.45 -46.99 115.37
N LYS F 147 38.97 -48.15 114.96
CA LYS F 147 38.52 -49.41 115.52
C LYS F 147 39.12 -49.67 116.90
N ASN F 148 40.29 -49.10 117.20
CA ASN F 148 40.87 -49.27 118.52
C ASN F 148 40.06 -48.53 119.58
N GLU F 149 39.63 -47.30 119.27
CA GLU F 149 38.78 -46.58 120.20
C GLU F 149 37.34 -47.08 120.17
N GLN F 150 36.94 -47.74 119.09
CA GLN F 150 35.61 -48.37 119.06
C GLN F 150 35.55 -49.56 119.99
N ASP F 151 36.62 -50.34 120.07
CA ASP F 151 36.67 -51.49 120.96
C ASP F 151 36.88 -51.08 122.42
N LEU F 152 37.65 -50.02 122.66
CA LEU F 152 37.86 -49.56 124.03
C LEU F 152 36.56 -49.05 124.64
N LEU F 153 35.75 -48.35 123.86
CA LEU F 153 34.47 -47.85 124.34
C LEU F 153 33.46 -48.97 124.58
N ALA F 154 33.68 -50.15 124.01
CA ALA F 154 32.75 -51.26 124.18
C ALA F 154 32.81 -51.86 125.57
N LEU F 155 33.91 -51.68 126.29
CA LEU F 155 34.03 -52.22 127.64
C LEU F 155 33.22 -51.40 128.63
N GLN G 1 31.69 -23.69 10.06
CA GLN G 1 32.48 -22.46 10.21
C GLN G 1 33.42 -22.57 11.40
N ALA G 2 33.28 -23.67 12.15
CA ALA G 2 34.17 -23.96 13.31
C ALA G 2 35.57 -24.26 12.79
N ARG G 3 36.54 -23.41 13.12
CA ARG G 3 37.90 -23.61 12.65
C ARG G 3 38.88 -23.21 13.73
N LEU G 4 40.07 -23.79 13.66
CA LEU G 4 41.20 -23.42 14.51
C LEU G 4 42.23 -22.72 13.63
N GLN G 5 42.47 -21.45 13.90
CA GLN G 5 43.39 -20.64 13.12
C GLN G 5 44.63 -20.33 13.96
N GLN G 6 45.80 -20.58 13.37
CA GLN G 6 47.07 -20.23 13.98
C GLN G 6 47.95 -19.57 12.93
N TRP G 7 48.75 -18.61 13.39
CA TRP G 7 49.50 -17.72 12.50
C TRP G 7 50.99 -17.97 12.65
N GLU G 8 51.72 -17.68 11.57
CA GLU G 8 53.16 -17.94 11.55
C GLU G 8 53.89 -17.07 12.56
N GLY G 9 54.85 -17.68 13.26
CA GLY G 9 55.66 -16.99 14.24
C GLY G 9 57.03 -16.57 13.75
N ARG G 10 57.33 -16.79 12.46
CA ARG G 10 58.61 -16.44 11.80
C ARG G 10 59.75 -17.28 12.36
N PRO G 11 60.87 -17.38 11.63
CA PRO G 11 62.01 -18.13 12.16
C PRO G 11 62.52 -17.52 13.46
N LEU G 12 63.03 -18.39 14.34
CA LEU G 12 63.51 -17.98 15.65
C LEU G 12 64.93 -18.50 15.86
N LYS G 13 65.70 -17.76 16.65
CA LYS G 13 67.07 -18.14 16.91
C LYS G 13 67.13 -19.35 17.84
N PRO G 14 68.15 -20.20 17.69
CA PRO G 14 68.25 -21.38 18.55
C PRO G 14 68.45 -21.01 20.01
N ALA G 15 68.02 -21.90 20.89
CA ALA G 15 68.11 -21.72 22.34
C ALA G 15 67.31 -20.48 22.78
N GLU G 16 66.01 -20.53 22.49
CA GLU G 16 65.08 -19.47 22.86
C GLU G 16 63.77 -20.12 23.30
N THR G 17 62.74 -19.29 23.44
CA THR G 17 61.41 -19.76 23.84
C THR G 17 60.49 -19.76 22.62
N LEU G 18 59.80 -20.88 22.42
CA LEU G 18 58.90 -21.06 21.27
C LEU G 18 57.48 -20.78 21.75
N SER G 19 56.95 -19.63 21.37
CA SER G 19 55.62 -19.20 21.79
C SER G 19 54.64 -19.37 20.64
N LEU G 20 53.70 -20.29 20.79
CA LEU G 20 52.65 -20.53 19.83
C LEU G 20 51.30 -20.14 20.40
N THR G 21 50.35 -19.86 19.51
CA THR G 21 49.01 -19.48 19.90
C THR G 21 48.04 -19.92 18.81
N CYS G 22 46.97 -20.59 19.22
CA CYS G 22 45.93 -21.07 18.32
C CYS G 22 44.63 -20.33 18.60
N GLY G 23 43.95 -19.91 17.53
CA GLY G 23 42.70 -19.19 17.64
C GLY G 23 41.53 -20.13 17.42
N VAL G 24 40.67 -20.23 18.42
CA VAL G 24 39.54 -21.15 18.40
C VAL G 24 38.28 -20.37 18.07
N HIS G 25 37.69 -20.64 16.91
CA HIS G 25 36.46 -20.00 16.49
C HIS G 25 35.42 -21.06 16.13
N GLY G 26 34.16 -20.71 16.32
CA GLY G 26 33.07 -21.63 16.08
C GLY G 26 32.66 -22.36 17.34
N VAL G 27 33.66 -22.75 18.14
CA VAL G 27 33.44 -23.53 19.37
C VAL G 27 34.26 -22.83 20.45
N GLY G 28 34.26 -23.33 21.68
CA GLY G 28 35.00 -22.65 22.75
C GLY G 28 35.92 -23.62 23.45
N LEU G 29 36.80 -23.12 24.30
CA LEU G 29 37.79 -23.98 24.94
C LEU G 29 37.17 -24.96 25.92
N GLY G 30 35.95 -24.68 26.40
CA GLY G 30 35.37 -25.52 27.45
C GLY G 30 34.92 -26.86 26.91
N GLY G 31 35.08 -27.91 27.72
CA GLY G 31 34.36 -29.18 27.54
C GLY G 31 35.22 -30.18 26.83
N SER G 32 35.94 -29.73 25.81
CA SER G 32 36.91 -30.57 25.10
C SER G 32 38.27 -30.40 25.76
N GLY G 33 39.30 -30.95 25.12
CA GLY G 33 40.67 -30.73 25.51
C GLY G 33 41.47 -30.28 24.31
N TRP G 34 42.55 -29.56 24.58
CA TRP G 34 43.32 -28.90 23.52
C TRP G 34 44.78 -29.29 23.64
N GLY G 35 45.35 -29.78 22.52
CA GLY G 35 46.71 -30.26 22.50
C GLY G 35 47.44 -29.77 21.28
N TRP G 36 48.71 -30.19 21.18
CA TRP G 36 49.60 -29.74 20.12
C TRP G 36 50.23 -30.94 19.43
N ILE G 37 50.23 -30.92 18.10
CA ILE G 37 50.83 -31.96 17.28
C ILE G 37 51.79 -31.30 16.30
N ARG G 38 52.98 -31.87 16.15
CA ARG G 38 53.98 -31.35 15.23
C ARG G 38 54.19 -32.32 14.09
N GLN G 39 55.00 -31.90 13.13
CA GLN G 39 55.37 -32.78 12.03
C GLN G 39 56.70 -32.33 11.42
N PRO G 40 57.80 -32.98 11.79
CA PRO G 40 59.08 -32.66 11.15
C PRO G 40 59.02 -32.96 9.67
N PRO G 41 59.73 -32.19 8.85
CA PRO G 41 59.65 -32.37 7.39
C PRO G 41 60.08 -33.78 6.99
N GLY G 42 59.34 -34.35 6.03
CA GLY G 42 59.65 -35.69 5.55
C GLY G 42 59.49 -36.78 6.58
N GLN G 43 58.75 -36.52 7.65
CA GLN G 43 58.58 -37.49 8.73
C GLN G 43 57.12 -37.54 9.13
N GLY G 44 56.80 -38.40 10.10
CA GLY G 44 55.47 -38.51 10.61
C GLY G 44 55.17 -37.52 11.71
N LEU G 45 53.94 -37.58 12.22
CA LEU G 45 53.50 -36.65 13.24
C LEU G 45 54.00 -37.10 14.61
N GLN G 46 54.12 -36.14 15.52
CA GLN G 46 54.59 -36.39 16.88
C GLN G 46 53.69 -35.68 17.87
N TRP G 47 53.35 -36.36 18.95
CA TRP G 47 52.53 -35.79 20.01
C TRP G 47 53.41 -35.00 20.97
N ILE G 48 53.02 -33.75 21.23
CA ILE G 48 53.75 -32.91 22.18
C ILE G 48 53.08 -32.96 23.55
N GLY G 49 51.82 -32.58 23.61
CA GLY G 49 51.10 -32.60 24.87
C GLY G 49 49.69 -32.10 24.67
N GLU G 50 48.88 -32.28 25.72
CA GLU G 50 47.45 -31.87 25.70
C GLU G 50 47.01 -31.43 27.09
N ILE G 51 45.97 -30.61 27.15
CA ILE G 51 45.25 -30.34 28.38
C ILE G 51 43.88 -30.98 28.26
N ASP G 52 43.54 -31.86 29.19
CA ASP G 52 42.26 -32.59 29.04
C ASP G 52 41.13 -31.77 29.66
N HIS G 53 39.90 -32.27 29.56
CA HIS G 53 38.69 -31.54 29.95
C HIS G 53 38.74 -31.10 31.41
N ASP G 54 39.50 -31.86 32.20
CA ASP G 54 39.61 -31.74 33.67
C ASP G 54 40.52 -30.57 34.01
N GLY G 55 41.34 -30.16 33.04
CA GLY G 55 42.37 -29.13 33.25
C GLY G 55 43.70 -29.76 33.62
N SER G 56 43.97 -30.96 33.11
CA SER G 56 45.17 -31.71 33.53
C SER G 56 46.11 -31.90 32.35
N HIS G 57 47.41 -31.70 32.58
CA HIS G 57 48.37 -31.43 31.50
C HIS G 57 49.16 -32.71 31.19
N LYS G 58 48.77 -33.40 30.13
CA LYS G 58 49.55 -34.57 29.67
C LYS G 58 50.68 -34.05 28.79
N HIS G 59 51.92 -34.50 29.04
CA HIS G 59 53.13 -34.03 28.31
C HIS G 59 53.88 -35.25 27.77
N ASN G 60 54.56 -35.11 26.64
CA ASN G 60 55.33 -36.20 26.07
C ASN G 60 56.61 -36.43 26.88
N PRO G 61 56.98 -37.67 27.15
CA PRO G 61 58.19 -37.92 27.95
C PRO G 61 59.47 -37.39 27.31
N ALA G 62 59.53 -37.36 25.97
CA ALA G 62 60.76 -36.96 25.30
C ALA G 62 61.14 -35.52 25.63
N LEU G 63 60.16 -34.62 25.63
CA LEU G 63 60.40 -33.21 25.96
C LEU G 63 60.25 -33.05 27.46
N ARG G 64 61.37 -33.12 28.18
CA ARG G 64 61.37 -33.14 29.63
C ARG G 64 61.62 -31.74 30.18
N SER G 65 60.65 -31.24 30.97
CA SER G 65 60.73 -30.00 31.73
C SER G 65 60.76 -28.75 30.86
N ARG G 66 60.80 -28.89 29.55
CA ARG G 66 60.78 -27.74 28.65
C ARG G 66 59.39 -27.48 28.08
N LEU G 67 58.38 -28.18 28.57
CA LEU G 67 57.02 -28.04 28.10
C LEU G 67 56.17 -27.23 29.08
N SER G 68 55.31 -26.38 28.54
CA SER G 68 54.36 -25.63 29.35
C SER G 68 53.28 -25.09 28.43
N MET G 69 52.02 -25.37 28.77
CA MET G 69 50.88 -24.95 27.98
C MET G 69 49.87 -24.24 28.88
N SER G 70 49.04 -23.41 28.25
CA SER G 70 48.02 -22.69 28.98
C SER G 70 46.84 -22.43 28.06
N LEU G 71 45.69 -22.18 28.66
CA LEU G 71 44.45 -21.90 27.93
C LEU G 71 43.95 -20.51 28.30
N ASP G 72 43.71 -19.68 27.28
CA ASP G 72 43.19 -18.34 27.47
C ASP G 72 41.67 -18.40 27.26
N THR G 73 40.95 -18.68 28.34
CA THR G 73 39.50 -18.84 28.24
C THR G 73 38.83 -17.55 27.77
N SER G 74 39.34 -16.41 28.23
CA SER G 74 38.74 -15.13 27.84
C SER G 74 38.90 -14.87 26.34
N ARG G 75 40.07 -15.16 25.79
CA ARG G 75 40.35 -14.91 24.38
C ARG G 75 40.17 -16.16 23.51
N ASN G 76 39.85 -17.30 24.10
CA ASN G 76 39.71 -18.57 23.38
C ASN G 76 40.97 -18.90 22.58
N GLN G 77 42.09 -18.97 23.30
CA GLN G 77 43.38 -19.22 22.69
C GLN G 77 44.14 -20.27 23.47
N VAL G 78 44.87 -21.11 22.74
CA VAL G 78 45.70 -22.17 23.31
C VAL G 78 47.15 -21.80 23.05
N SER G 79 47.99 -21.88 24.08
CA SER G 79 49.36 -21.41 24.00
C SER G 79 50.35 -22.55 24.23
N LEU G 80 51.50 -22.45 23.57
CA LEU G 80 52.62 -23.36 23.75
C LEU G 80 53.87 -22.54 24.04
N ARG G 81 54.68 -23.00 24.98
CA ARG G 81 55.85 -22.27 25.44
C ARG G 81 57.07 -23.19 25.53
N LEU G 82 57.33 -23.94 24.46
CA LEU G 82 58.52 -24.77 24.40
C LEU G 82 59.78 -23.90 24.55
N THR G 83 60.70 -24.35 25.39
CA THR G 83 61.91 -23.60 25.69
C THR G 83 63.15 -24.37 25.23
N SER G 84 64.26 -23.64 25.10
CA SER G 84 65.54 -24.20 24.68
C SER G 84 65.42 -24.94 23.36
N VAL G 85 64.91 -24.23 22.34
CA VAL G 85 64.61 -24.85 21.07
C VAL G 85 65.90 -25.20 20.35
N THR G 86 66.01 -26.45 19.91
CA THR G 86 67.17 -26.96 19.18
C THR G 86 66.77 -27.14 17.71
N ALA G 87 67.78 -27.31 16.85
CA ALA G 87 67.53 -27.45 15.43
C ALA G 87 66.64 -28.63 15.10
N ALA G 88 66.60 -29.65 15.95
CA ALA G 88 65.74 -30.80 15.73
C ALA G 88 64.26 -30.49 15.93
N ASP G 89 63.93 -29.32 16.47
CA ASP G 89 62.56 -28.92 16.71
C ASP G 89 61.96 -28.17 15.53
N THR G 90 62.56 -28.26 14.36
CA THR G 90 62.06 -27.61 13.16
C THR G 90 60.92 -28.44 12.60
N ALA G 91 59.68 -28.01 12.85
CA ALA G 91 58.52 -28.78 12.43
C ALA G 91 57.31 -27.85 12.34
N ILE G 92 56.29 -28.32 11.63
CA ILE G 92 55.02 -27.61 11.53
C ILE G 92 54.18 -27.99 12.73
N TYR G 93 53.78 -26.99 13.51
CA TYR G 93 53.05 -27.21 14.75
C TYR G 93 51.55 -27.04 14.51
N TYR G 94 50.77 -28.02 14.94
CA TYR G 94 49.32 -28.02 14.80
C TYR G 94 48.67 -27.92 16.17
N CYS G 95 47.56 -27.19 16.24
CA CYS G 95 46.73 -27.14 17.43
C CYS G 95 45.49 -27.99 17.17
N VAL G 96 45.19 -28.90 18.11
CA VAL G 96 44.13 -29.87 17.93
C VAL G 96 43.18 -29.82 19.12
N ARG G 97 41.94 -30.23 18.87
CA ARG G 97 40.91 -30.40 19.91
C ARG G 97 40.70 -31.89 20.16
N VAL G 98 41.18 -32.44 21.28
CA VAL G 98 40.89 -33.83 21.61
C VAL G 98 39.46 -33.90 22.15
N TYR G 99 38.56 -34.39 21.32
CA TYR G 99 37.13 -34.44 21.70
C TYR G 99 36.87 -35.78 22.36
N ARG G 100 36.02 -35.80 23.38
CA ARG G 100 35.64 -36.98 24.15
C ARG G 100 34.31 -37.50 23.66
N GLU G 101 34.31 -38.72 23.11
CA GLU G 101 33.05 -39.46 22.87
C GLU G 101 33.11 -40.72 23.73
N LYS G 102 31.98 -41.09 24.34
CA LYS G 102 31.92 -42.27 25.19
C LYS G 102 31.53 -43.49 24.37
N PHE G 103 32.42 -44.48 24.34
CA PHE G 103 32.18 -45.73 23.65
C PHE G 103 31.99 -46.82 24.69
N LEU G 104 30.94 -47.62 24.54
CA LEU G 104 30.57 -48.65 25.50
C LEU G 104 31.10 -49.99 25.00
N ILE G 105 32.19 -50.46 25.60
CA ILE G 105 32.60 -51.85 25.48
C ILE G 105 31.58 -52.64 26.29
N GLY G 106 31.64 -53.97 26.22
CA GLY G 106 30.61 -54.83 26.79
C GLY G 106 30.02 -54.38 28.12
N GLU G 107 30.86 -53.93 29.04
CA GLU G 107 30.39 -53.48 30.33
C GLU G 107 31.05 -52.20 30.81
N PHE G 108 32.00 -51.65 30.05
CA PHE G 108 32.84 -50.55 30.49
C PHE G 108 32.61 -49.34 29.62
N LEU G 109 32.48 -48.18 30.25
CA LEU G 109 32.31 -46.90 29.57
C LEU G 109 33.59 -46.10 29.65
N THR G 110 34.07 -45.62 28.51
CA THR G 110 35.34 -44.89 28.44
C THR G 110 35.14 -43.54 27.77
N ASP G 111 35.94 -42.56 28.19
CA ASP G 111 36.08 -41.30 27.46
C ASP G 111 37.16 -41.49 26.40
N TYR G 112 36.78 -41.45 25.14
CA TYR G 112 37.69 -41.66 24.03
C TYR G 112 38.04 -40.32 23.41
N ARG G 113 39.33 -39.99 23.36
CA ARG G 113 39.82 -38.72 22.85
C ARG G 113 40.45 -38.93 21.48
N PHE G 114 39.99 -38.16 20.50
CA PHE G 114 40.27 -38.46 19.08
C PHE G 114 40.56 -37.23 18.23
N MET G 115 41.09 -36.14 18.81
CA MET G 115 41.62 -34.99 18.05
C MET G 115 40.68 -34.60 16.91
N ASP G 116 39.51 -34.08 17.25
CA ASP G 116 38.39 -33.88 16.29
C ASP G 116 38.83 -32.90 15.20
N MET G 117 39.46 -31.80 15.63
CA MET G 117 39.59 -30.56 14.83
C MET G 117 41.04 -30.09 14.88
N TRP G 118 41.62 -29.90 13.69
CA TRP G 118 43.03 -29.63 13.48
C TRP G 118 43.23 -28.17 13.08
N GLY G 119 44.39 -27.64 13.43
CA GLY G 119 44.78 -26.31 12.99
C GLY G 119 45.19 -26.31 11.54
N THR G 120 45.70 -25.17 11.10
CA THR G 120 46.12 -25.02 9.70
C THR G 120 47.60 -25.27 9.49
N GLY G 121 48.45 -24.91 10.45
CA GLY G 121 49.86 -25.15 10.32
C GLY G 121 50.70 -23.91 10.58
N THR G 122 51.74 -24.06 11.40
CA THR G 122 52.69 -22.98 11.69
C THR G 122 54.09 -23.52 11.47
N THR G 123 54.66 -23.24 10.29
CA THR G 123 56.01 -23.73 9.96
C THR G 123 57.02 -23.00 10.83
N VAL G 124 57.63 -23.72 11.77
CA VAL G 124 58.63 -23.16 12.67
C VAL G 124 59.99 -23.68 12.23
N ILE G 125 60.89 -22.75 11.90
CA ILE G 125 62.24 -23.06 11.46
C ILE G 125 63.21 -22.31 12.36
N VAL G 126 64.23 -23.01 12.86
CA VAL G 126 65.24 -22.41 13.73
C VAL G 126 66.60 -22.49 13.03
N SER G 127 67.32 -21.38 12.99
CA SER G 127 68.63 -21.32 12.38
C SER G 127 69.46 -20.20 12.99
N ALA G 129 71.61 -19.15 10.39
CA ALA G 129 71.79 -18.35 9.19
C ALA G 129 70.94 -17.09 9.22
N SER G 130 71.36 -16.10 8.44
CA SER G 130 70.62 -14.87 8.22
C SER G 130 70.04 -14.86 6.83
N THR G 131 68.95 -14.09 6.65
CA THR G 131 68.32 -13.97 5.35
C THR G 131 69.37 -13.66 4.28
N LYS G 132 69.33 -14.43 3.20
CA LYS G 132 70.31 -14.29 2.13
C LYS G 132 69.67 -14.68 0.83
N GLY G 133 69.77 -13.81 -0.19
CA GLY G 133 69.24 -14.13 -1.50
C GLY G 133 70.16 -15.09 -2.24
N PRO G 134 69.61 -15.79 -3.22
CA PRO G 134 70.42 -16.79 -3.94
C PRO G 134 71.32 -16.17 -4.98
N SER G 135 72.35 -16.95 -5.34
CA SER G 135 73.10 -16.75 -6.57
C SER G 135 72.53 -17.71 -7.60
N VAL G 136 72.30 -17.24 -8.82
CA VAL G 136 71.63 -18.06 -9.84
C VAL G 136 72.63 -18.31 -10.95
N PHE G 137 72.94 -19.60 -11.20
CA PHE G 137 73.93 -19.99 -12.18
C PHE G 137 73.26 -20.78 -13.30
N PRO G 138 73.71 -20.63 -14.54
CA PRO G 138 73.14 -21.42 -15.63
C PRO G 138 73.59 -22.87 -15.59
N LEU G 139 72.66 -23.76 -15.94
CA LEU G 139 72.95 -25.13 -16.34
C LEU G 139 72.81 -25.15 -17.86
N ALA G 140 73.94 -25.05 -18.56
CA ALA G 140 73.81 -24.70 -19.96
C ALA G 140 73.86 -25.94 -20.82
N PRO G 141 73.02 -26.01 -21.87
CA PRO G 141 72.99 -27.14 -22.80
C PRO G 141 74.26 -27.24 -23.65
N GLY G 149 67.94 -34.60 -30.76
CA GLY G 149 66.53 -34.54 -30.46
C GLY G 149 66.16 -33.56 -29.36
N THR G 150 66.37 -33.95 -28.11
CA THR G 150 65.99 -33.18 -26.93
C THR G 150 67.23 -32.74 -26.15
N ALA G 151 67.23 -31.48 -25.73
CA ALA G 151 68.27 -30.93 -24.87
C ALA G 151 67.68 -30.55 -23.52
N ALA G 152 68.52 -30.57 -22.49
CA ALA G 152 68.16 -30.08 -21.17
C ALA G 152 68.95 -28.84 -20.84
N LEU G 153 68.29 -27.87 -20.21
CA LEU G 153 68.96 -26.70 -19.66
C LEU G 153 68.29 -26.39 -18.32
N GLY G 154 68.87 -25.48 -17.56
CA GLY G 154 68.29 -25.19 -16.28
C GLY G 154 69.01 -24.06 -15.58
N CYS G 155 68.63 -23.86 -14.33
CA CYS G 155 69.25 -22.87 -13.45
C CYS G 155 69.54 -23.52 -12.12
N LEU G 156 70.70 -23.19 -11.56
CA LEU G 156 71.10 -23.63 -10.23
C LEU G 156 70.94 -22.45 -9.29
N VAL G 157 70.06 -22.59 -8.30
CA VAL G 157 69.69 -21.51 -7.40
C VAL G 157 70.35 -21.82 -6.07
N LYS G 158 71.50 -21.19 -5.80
CA LYS G 158 72.39 -21.67 -4.76
C LYS G 158 72.52 -20.66 -3.62
N ASP G 159 72.63 -21.18 -2.39
CA ASP G 159 73.08 -20.43 -1.22
C ASP G 159 72.10 -19.33 -0.81
N TYR G 160 70.86 -19.74 -0.54
CA TYR G 160 69.86 -18.80 -0.05
C TYR G 160 69.30 -19.26 1.29
N PHE G 161 68.64 -18.34 2.00
CA PHE G 161 68.02 -18.64 3.27
C PHE G 161 67.00 -17.56 3.58
N PRO G 162 65.82 -17.92 4.11
CA PRO G 162 65.30 -19.28 4.27
C PRO G 162 64.54 -19.72 3.02
N GLU G 163 63.89 -20.87 3.09
CA GLU G 163 62.91 -21.24 2.09
C GLU G 163 61.73 -20.27 2.14
N PRO G 164 60.97 -20.16 1.04
CA PRO G 164 61.13 -20.86 -0.22
C PRO G 164 61.61 -19.98 -1.36
N VAL G 165 62.00 -20.64 -2.45
CA VAL G 165 62.27 -20.01 -3.74
C VAL G 165 61.25 -20.56 -4.72
N THR G 166 60.75 -19.70 -5.60
CA THR G 166 59.94 -20.18 -6.71
C THR G 166 60.66 -19.91 -8.03
N VAL G 167 60.38 -20.75 -9.02
CA VAL G 167 61.02 -20.64 -10.34
C VAL G 167 59.95 -20.82 -11.38
N SER G 168 59.93 -19.94 -12.37
CA SER G 168 59.15 -20.16 -13.57
C SER G 168 60.10 -20.03 -14.76
N TRP G 169 59.61 -20.40 -15.94
CA TRP G 169 60.41 -20.28 -17.16
C TRP G 169 59.68 -19.41 -18.15
N ASN G 170 60.42 -18.47 -18.76
CA ASN G 170 59.89 -17.56 -19.77
C ASN G 170 58.62 -16.88 -19.25
N SER G 171 58.71 -16.42 -18.01
CA SER G 171 57.61 -15.70 -17.35
C SER G 171 56.34 -16.53 -17.26
N GLY G 172 56.48 -17.85 -17.14
CA GLY G 172 55.34 -18.75 -17.06
C GLY G 172 54.81 -19.24 -18.39
N ALA G 173 55.38 -18.79 -19.50
CA ALA G 173 54.93 -19.21 -20.82
C ALA G 173 55.44 -20.58 -21.19
N LEU G 174 56.52 -21.03 -20.54
CA LEU G 174 57.11 -22.34 -20.76
C LEU G 174 56.80 -23.19 -19.53
N THR G 175 55.94 -24.19 -19.69
CA THR G 175 55.63 -25.12 -18.60
C THR G 175 55.86 -26.58 -18.94
N SER G 176 55.67 -26.99 -20.20
CA SER G 176 55.89 -28.37 -20.58
C SER G 176 57.37 -28.74 -20.43
N GLY G 177 57.62 -29.85 -19.77
CA GLY G 177 58.97 -30.32 -19.59
C GLY G 177 59.75 -29.68 -18.47
N VAL G 178 59.14 -28.78 -17.69
CA VAL G 178 59.83 -28.12 -16.60
C VAL G 178 59.79 -29.02 -15.37
N HIS G 179 60.95 -29.15 -14.71
CA HIS G 179 61.01 -29.78 -13.39
C HIS G 179 61.75 -28.85 -12.44
N THR G 180 61.10 -28.45 -11.37
CA THR G 180 61.74 -27.68 -10.32
C THR G 180 61.86 -28.58 -9.10
N PHE G 181 63.08 -28.82 -8.68
CA PHE G 181 63.35 -29.84 -7.67
C PHE G 181 63.17 -29.29 -6.27
N PRO G 182 62.89 -30.16 -5.30
CA PRO G 182 62.92 -29.72 -3.90
C PRO G 182 64.30 -29.19 -3.54
N ALA G 183 64.32 -28.14 -2.73
CA ALA G 183 65.61 -27.64 -2.28
C ALA G 183 66.27 -28.66 -1.37
N VAL G 184 67.61 -28.61 -1.31
CA VAL G 184 68.36 -29.35 -0.31
C VAL G 184 69.00 -28.35 0.63
N LEU G 185 69.13 -28.76 1.89
CA LEU G 185 69.81 -27.95 2.90
C LEU G 185 71.28 -28.35 2.87
N GLN G 186 72.16 -27.43 2.49
CA GLN G 186 73.56 -27.78 2.38
C GLN G 186 74.23 -27.74 3.76
N SER G 187 75.43 -28.32 3.84
CA SER G 187 76.15 -28.36 5.11
C SER G 187 76.49 -26.98 5.63
N SER G 188 76.49 -25.96 4.76
CA SER G 188 76.68 -24.57 5.13
C SER G 188 75.50 -23.97 5.89
N GLY G 189 74.37 -24.67 5.93
CA GLY G 189 73.15 -24.10 6.44
C GLY G 189 72.35 -23.30 5.43
N LEU G 190 72.83 -23.20 4.19
CA LEU G 190 72.12 -22.49 3.14
C LEU G 190 71.47 -23.52 2.20
N TYR G 191 70.38 -23.12 1.57
CA TYR G 191 69.67 -24.01 0.67
C TYR G 191 70.18 -23.85 -0.76
N SER G 192 69.88 -24.85 -1.57
CA SER G 192 70.18 -24.81 -3.00
C SER G 192 69.11 -25.62 -3.71
N LEU G 193 68.67 -25.14 -4.87
CA LEU G 193 67.80 -26.00 -5.68
C LEU G 193 68.12 -25.78 -7.14
N SER G 194 67.63 -26.70 -7.96
CA SER G 194 67.78 -26.58 -9.39
C SER G 194 66.40 -26.68 -10.04
N SER G 195 66.26 -25.96 -11.13
CA SER G 195 65.10 -26.07 -12.01
C SER G 195 65.59 -26.36 -13.41
N VAL G 196 64.95 -27.31 -14.09
CA VAL G 196 65.39 -27.67 -15.43
C VAL G 196 64.19 -27.69 -16.37
N VAL G 197 64.50 -27.70 -17.67
CA VAL G 197 63.48 -27.86 -18.69
C VAL G 197 64.11 -28.60 -19.86
N THR G 198 63.37 -29.51 -20.48
CA THR G 198 63.80 -30.17 -21.70
C THR G 198 63.12 -29.53 -22.89
N VAL G 199 63.90 -29.26 -23.94
CA VAL G 199 63.40 -28.54 -25.11
C VAL G 199 63.99 -29.20 -26.35
N PRO G 200 63.37 -28.95 -27.51
CA PRO G 200 63.97 -29.45 -28.76
C PRO G 200 65.36 -28.86 -28.95
N SER G 201 66.33 -29.72 -29.24
CA SER G 201 67.70 -29.25 -29.47
C SER G 201 67.75 -28.18 -30.56
N SER G 202 66.91 -28.32 -31.58
CA SER G 202 66.87 -27.38 -32.69
C SER G 202 66.46 -25.97 -32.26
N SER G 203 65.90 -25.80 -31.07
CA SER G 203 65.46 -24.48 -30.63
C SER G 203 66.54 -23.71 -29.87
N LEU G 204 67.69 -24.34 -29.57
CA LEU G 204 68.64 -23.74 -28.65
C LEU G 204 69.26 -22.44 -29.19
N GLY G 205 69.44 -22.33 -30.49
CA GLY G 205 70.02 -21.08 -30.95
C GLY G 205 69.01 -20.01 -31.29
N THR G 206 67.73 -20.34 -31.31
CA THR G 206 66.72 -19.40 -31.79
C THR G 206 65.76 -18.95 -30.70
N GLN G 207 65.35 -19.85 -29.80
CA GLN G 207 64.43 -19.49 -28.74
C GLN G 207 65.20 -19.11 -27.49
N THR G 208 64.78 -18.03 -26.85
CA THR G 208 65.39 -17.55 -25.62
C THR G 208 64.76 -18.26 -24.43
N TYR G 209 65.59 -18.71 -23.49
CA TYR G 209 65.13 -19.38 -22.28
C TYR G 209 65.61 -18.62 -21.06
N ILE G 210 64.66 -18.20 -20.23
CA ILE G 210 64.93 -17.39 -19.05
C ILE G 210 64.27 -18.07 -17.85
N CYS G 211 65.05 -18.35 -16.81
CA CYS G 211 64.45 -18.86 -15.58
C CYS G 211 64.19 -17.67 -14.67
N ASN G 212 62.94 -17.57 -14.19
CA ASN G 212 62.52 -16.48 -13.31
C ASN G 212 62.54 -17.00 -11.88
N VAL G 213 63.54 -16.56 -11.13
CA VAL G 213 63.76 -16.98 -9.75
C VAL G 213 63.23 -15.91 -8.83
N ASN G 214 62.42 -16.29 -7.86
CA ASN G 214 61.89 -15.35 -6.88
C ASN G 214 62.17 -15.86 -5.47
N HIS G 215 62.88 -15.07 -4.68
CA HIS G 215 63.14 -15.37 -3.28
C HIS G 215 62.51 -14.27 -2.43
N LYS G 216 61.24 -14.48 -2.07
CA LYS G 216 60.49 -13.46 -1.34
C LYS G 216 61.15 -13.04 -0.04
N PRO G 217 61.73 -13.94 0.78
CA PRO G 217 62.25 -13.48 2.08
C PRO G 217 63.32 -12.40 1.98
N SER G 218 64.09 -12.35 0.88
CA SER G 218 65.09 -11.31 0.70
C SER G 218 64.70 -10.30 -0.37
N ASN G 219 63.47 -10.37 -0.90
CA ASN G 219 63.06 -9.49 -2.02
C ASN G 219 63.99 -9.61 -3.22
N THR G 220 64.44 -10.83 -3.51
CA THR G 220 65.36 -11.06 -4.61
C THR G 220 64.60 -11.68 -5.77
N LYS G 221 64.63 -11.02 -6.93
CA LYS G 221 64.12 -11.58 -8.18
C LYS G 221 65.23 -11.54 -9.22
N VAL G 222 65.44 -12.67 -9.89
CA VAL G 222 66.47 -12.84 -10.92
C VAL G 222 65.80 -13.45 -12.13
N ASP G 223 66.03 -12.86 -13.30
CA ASP G 223 65.63 -13.42 -14.60
C ASP G 223 66.91 -13.79 -15.32
N LYS G 224 67.29 -15.07 -15.25
CA LYS G 224 68.58 -15.52 -15.75
C LYS G 224 68.41 -16.13 -17.14
N ARG G 225 68.99 -15.48 -18.15
CA ARG G 225 69.11 -16.06 -19.48
C ARG G 225 70.06 -17.25 -19.45
N VAL G 226 69.62 -18.38 -19.97
CA VAL G 226 70.42 -19.59 -20.04
C VAL G 226 70.74 -19.83 -21.50
N GLU G 227 71.96 -19.54 -21.90
CA GLU G 227 72.40 -19.77 -23.25
C GLU G 227 73.34 -20.96 -23.28
N PRO G 228 73.44 -21.65 -24.41
CA PRO G 228 74.54 -22.61 -24.56
C PRO G 228 75.87 -21.90 -24.29
N LYS G 229 76.80 -22.61 -23.65
CA LYS G 229 78.10 -22.03 -23.32
C LYS G 229 78.87 -21.57 -24.55
N GLN H 1 -21.91 -20.31 27.84
CA GLN H 1 -21.26 -21.53 27.37
C GLN H 1 -20.95 -22.48 28.52
N ALA H 2 -21.18 -21.99 29.75
CA ALA H 2 -21.00 -22.79 30.98
C ALA H 2 -22.05 -23.90 31.01
N ARG H 3 -21.61 -25.16 30.93
CA ARG H 3 -22.56 -26.26 30.92
C ARG H 3 -21.97 -27.43 31.69
N LEU H 4 -22.87 -28.27 32.21
CA LEU H 4 -22.49 -29.53 32.85
C LEU H 4 -22.95 -30.65 31.92
N GLN H 5 -21.98 -31.41 31.41
CA GLN H 5 -22.25 -32.50 30.47
C GLN H 5 -22.00 -33.84 31.16
N GLN H 6 -22.97 -34.74 31.06
CA GLN H 6 -22.82 -36.10 31.55
C GLN H 6 -23.34 -37.06 30.50
N TRP H 7 -22.69 -38.22 30.42
CA TRP H 7 -22.92 -39.16 29.33
C TRP H 7 -23.55 -40.44 29.86
N GLU H 8 -24.29 -41.11 28.98
CA GLU H 8 -25.03 -42.30 29.37
C GLU H 8 -24.07 -43.43 29.77
N GLY H 9 -24.40 -44.13 30.85
CA GLY H 9 -23.64 -45.25 31.33
C GLY H 9 -24.17 -46.61 30.94
N ARG H 10 -25.22 -46.67 30.12
CA ARG H 10 -25.86 -47.89 29.63
C ARG H 10 -26.52 -48.66 30.78
N PRO H 11 -27.46 -49.56 30.48
CA PRO H 11 -28.06 -50.36 31.55
C PRO H 11 -27.03 -51.20 32.28
N LEU H 12 -27.27 -51.40 33.57
CA LEU H 12 -26.35 -52.14 34.44
C LEU H 12 -27.12 -53.24 35.16
N LYS H 13 -26.40 -54.32 35.47
CA LYS H 13 -27.02 -55.45 36.14
C LYS H 13 -27.29 -55.11 37.61
N PRO H 14 -28.35 -55.68 38.19
CA PRO H 14 -28.66 -55.39 39.60
C PRO H 14 -27.56 -55.88 40.53
N ALA H 15 -27.48 -55.21 41.69
CA ALA H 15 -26.48 -55.51 42.71
C ALA H 15 -25.07 -55.32 42.17
N GLU H 16 -24.79 -54.09 41.74
CA GLU H 16 -23.49 -53.71 41.21
C GLU H 16 -23.16 -52.31 41.70
N THR H 17 -22.13 -51.70 41.13
CA THR H 17 -21.71 -50.36 41.48
C THR H 17 -22.13 -49.39 40.38
N LEU H 18 -22.77 -48.29 40.77
CA LEU H 18 -23.26 -47.28 39.84
C LEU H 18 -22.25 -46.15 39.79
N SER H 19 -21.49 -46.08 38.69
CA SER H 19 -20.43 -45.10 38.52
C SER H 19 -20.91 -44.02 37.55
N LEU H 20 -21.09 -42.81 38.06
CA LEU H 20 -21.47 -41.65 37.27
C LEU H 20 -20.34 -40.64 37.23
N THR H 21 -20.35 -39.80 36.20
CA THR H 21 -19.34 -38.77 36.04
C THR H 21 -19.95 -37.60 35.29
N CYS H 22 -19.76 -36.39 35.82
CA CYS H 22 -20.27 -35.17 35.23
C CYS H 22 -19.10 -34.31 34.76
N GLY H 23 -19.22 -33.75 33.56
CA GLY H 23 -18.19 -32.91 32.99
C GLY H 23 -18.54 -31.45 33.17
N VAL H 24 -17.67 -30.73 33.85
CA VAL H 24 -17.89 -29.32 34.20
C VAL H 24 -17.09 -28.46 33.23
N HIS H 25 -17.78 -27.70 32.39
CA HIS H 25 -17.15 -26.78 31.45
C HIS H 25 -17.71 -25.39 31.63
N GLY H 26 -16.88 -24.39 31.34
CA GLY H 26 -17.25 -23.01 31.52
C GLY H 26 -16.82 -22.47 32.87
N VAL H 27 -16.96 -23.30 33.89
CA VAL H 27 -16.65 -22.92 35.30
C VAL H 27 -15.80 -24.06 35.85
N GLY H 28 -15.38 -23.99 37.10
CA GLY H 28 -14.53 -25.04 37.66
C GLY H 28 -15.10 -25.56 38.95
N LEU H 29 -14.56 -26.65 39.47
CA LEU H 29 -15.12 -27.27 40.66
C LEU H 29 -14.95 -26.40 41.90
N GLY H 30 -14.01 -25.47 41.89
CA GLY H 30 -13.71 -24.71 43.11
C GLY H 30 -14.80 -23.70 43.43
N GLY H 31 -15.08 -23.52 44.71
CA GLY H 31 -15.80 -22.33 45.20
C GLY H 31 -17.25 -22.64 45.42
N SER H 32 -17.84 -23.37 44.48
CA SER H 32 -19.23 -23.85 44.62
C SER H 32 -19.21 -25.22 45.27
N GLY H 33 -20.37 -25.86 45.29
CA GLY H 33 -20.48 -27.24 45.70
C GLY H 33 -21.23 -28.03 44.65
N TRP H 34 -20.96 -29.33 44.61
CA TRP H 34 -21.45 -30.18 43.54
C TRP H 34 -22.19 -31.38 44.11
N GLY H 35 -23.43 -31.58 43.64
CA GLY H 35 -24.28 -32.62 44.16
C GLY H 35 -24.99 -33.36 43.05
N TRP H 36 -25.81 -34.33 43.45
CA TRP H 36 -26.48 -35.22 42.52
C TRP H 36 -27.98 -35.24 42.82
N ILE H 37 -28.79 -35.11 41.78
CA ILE H 37 -30.24 -35.16 41.89
C ILE H 37 -30.74 -36.20 40.90
N ARG H 38 -31.68 -37.03 41.34
CA ARG H 38 -32.26 -38.07 40.49
C ARG H 38 -33.73 -37.75 40.23
N GLN H 39 -34.34 -38.56 39.37
CA GLN H 39 -35.77 -38.43 39.11
C GLN H 39 -36.33 -39.75 38.61
N PRO H 40 -36.96 -40.54 39.48
CA PRO H 40 -37.61 -41.76 39.02
C PRO H 40 -38.72 -41.43 38.04
N PRO H 41 -38.96 -42.31 37.06
CA PRO H 41 -39.96 -42.01 36.04
C PRO H 41 -41.34 -41.80 36.65
N GLY H 42 -42.06 -40.81 36.12
CA GLY H 42 -43.39 -40.50 36.60
C GLY H 42 -43.44 -40.02 38.04
N GLN H 43 -42.33 -39.56 38.59
CA GLN H 43 -42.26 -39.13 39.98
C GLN H 43 -41.49 -37.81 40.06
N GLY H 44 -41.36 -37.29 41.27
CA GLY H 44 -40.63 -36.07 41.51
C GLY H 44 -39.14 -36.31 41.70
N LEU H 45 -38.42 -35.22 41.91
CA LEU H 45 -36.98 -35.30 42.07
C LEU H 45 -36.63 -35.71 43.49
N GLN H 46 -35.44 -36.30 43.64
CA GLN H 46 -34.94 -36.77 44.92
C GLN H 46 -33.50 -36.33 45.10
N TRP H 47 -33.17 -35.87 46.30
CA TRP H 47 -31.82 -35.46 46.62
C TRP H 47 -30.99 -36.66 47.05
N ILE H 48 -29.82 -36.84 46.43
CA ILE H 48 -28.92 -37.94 46.77
C ILE H 48 -27.86 -37.45 47.76
N GLY H 49 -27.09 -36.46 47.34
CA GLY H 49 -26.06 -35.93 48.21
C GLY H 49 -25.31 -34.82 47.50
N GLU H 50 -24.48 -34.12 48.27
CA GLU H 50 -23.68 -32.97 47.76
C GLU H 50 -22.35 -32.91 48.50
N ILE H 51 -21.35 -32.29 47.85
CA ILE H 51 -20.13 -31.86 48.51
C ILE H 51 -20.14 -30.35 48.56
N ASP H 52 -20.04 -29.78 49.75
CA ASP H 52 -20.16 -28.30 49.87
C ASP H 52 -18.79 -27.67 49.64
N HIS H 53 -18.73 -26.34 49.64
CA HIS H 53 -17.54 -25.58 49.27
C HIS H 53 -16.35 -25.94 50.16
N ASP H 54 -16.67 -26.41 51.36
CA ASP H 54 -15.70 -26.71 52.45
C ASP H 54 -15.03 -28.04 52.18
N GLY H 55 -15.65 -28.85 51.32
CA GLY H 55 -15.20 -30.23 51.05
C GLY H 55 -15.90 -31.23 51.95
N SER H 56 -17.15 -30.93 52.33
CA SER H 56 -17.84 -31.76 53.34
C SER H 56 -19.06 -32.43 52.69
N HIS H 57 -19.27 -33.71 52.99
CA HIS H 57 -20.11 -34.59 52.15
C HIS H 57 -21.46 -34.76 52.82
N LYS H 58 -22.47 -34.02 52.36
CA LYS H 58 -23.85 -34.22 52.85
C LYS H 58 -24.46 -35.36 52.06
N HIS H 59 -25.08 -36.33 52.73
CA HIS H 59 -25.66 -37.55 52.10
C HIS H 59 -27.11 -37.69 52.55
N ASN H 60 -27.98 -38.25 51.71
CA ASN H 60 -29.37 -38.46 52.07
C ASN H 60 -29.49 -39.62 53.07
N PRO H 61 -30.31 -39.48 54.10
CA PRO H 61 -30.45 -40.57 55.09
C PRO H 61 -30.96 -41.86 54.49
N ALA H 62 -31.79 -41.81 53.44
CA ALA H 62 -32.39 -43.02 52.91
C ALA H 62 -31.33 -43.97 52.37
N LEU H 63 -30.35 -43.45 51.65
CA LEU H 63 -29.27 -44.26 51.09
C LEU H 63 -28.16 -44.35 52.13
N ARG H 64 -28.18 -45.40 52.93
CA ARG H 64 -27.29 -45.54 54.08
C ARG H 64 -26.08 -46.38 53.69
N SER H 65 -24.89 -45.80 53.83
CA SER H 65 -23.58 -46.44 53.69
C SER H 65 -23.27 -46.87 52.27
N ARG H 66 -24.21 -46.73 51.32
CA ARG H 66 -23.97 -47.07 49.93
C ARG H 66 -23.61 -45.86 49.08
N LEU H 67 -23.42 -44.70 49.71
CA LEU H 67 -23.11 -43.46 49.01
C LEU H 67 -21.63 -43.12 49.14
N SER H 68 -21.06 -42.62 48.05
CA SER H 68 -19.68 -42.14 48.05
C SER H 68 -19.48 -41.27 46.82
N MET H 69 -19.00 -40.06 47.03
CA MET H 69 -18.77 -39.10 45.95
C MET H 69 -17.36 -38.57 46.04
N SER H 70 -16.86 -38.07 44.91
CA SER H 70 -15.52 -37.51 44.85
C SER H 70 -15.48 -36.45 43.76
N LEU H 71 -14.50 -35.56 43.88
CA LEU H 71 -14.31 -34.47 42.93
C LEU H 71 -12.94 -34.61 42.27
N ASP H 72 -12.91 -34.62 40.95
CA ASP H 72 -11.67 -34.70 40.19
C ASP H 72 -11.28 -33.28 39.79
N THR H 73 -10.52 -32.61 40.67
CA THR H 73 -10.16 -31.22 40.43
C THR H 73 -9.32 -31.08 39.16
N SER H 74 -8.43 -32.04 38.91
CA SER H 74 -7.58 -31.98 37.74
C SER H 74 -8.39 -32.08 36.45
N ARG H 75 -9.37 -32.97 36.40
CA ARG H 75 -10.18 -33.17 35.21
C ARG H 75 -11.51 -32.43 35.25
N ASN H 76 -11.82 -31.74 36.34
CA ASN H 76 -13.08 -31.02 36.51
C ASN H 76 -14.27 -31.95 36.34
N GLN H 77 -14.29 -33.02 37.13
CA GLN H 77 -15.33 -34.03 37.04
C GLN H 77 -15.85 -34.39 38.42
N VAL H 78 -17.16 -34.64 38.49
CA VAL H 78 -17.83 -35.04 39.72
C VAL H 78 -18.29 -36.47 39.56
N SER H 79 -18.01 -37.31 40.56
CA SER H 79 -18.25 -38.74 40.45
C SER H 79 -19.26 -39.20 41.49
N LEU H 80 -20.03 -40.23 41.13
CA LEU H 80 -20.96 -40.90 42.02
C LEU H 80 -20.69 -42.39 41.97
N ARG H 81 -20.72 -43.04 43.13
CA ARG H 81 -20.37 -44.46 43.26
C ARG H 81 -21.39 -45.19 44.10
N LEU H 82 -22.67 -45.03 43.77
CA LEU H 82 -23.73 -45.78 44.43
C LEU H 82 -23.52 -47.28 44.25
N THR H 83 -23.62 -48.03 45.34
CA THR H 83 -23.39 -49.46 45.35
C THR H 83 -24.66 -50.22 45.67
N SER H 84 -24.65 -51.52 45.32
CA SER H 84 -25.77 -52.43 45.57
C SER H 84 -27.06 -51.88 44.97
N VAL H 85 -27.01 -51.60 43.66
CA VAL H 85 -28.13 -50.93 42.99
C VAL H 85 -29.30 -51.91 42.87
N THR H 86 -30.47 -51.45 43.31
CA THR H 86 -31.70 -52.23 43.26
C THR H 86 -32.60 -51.64 42.16
N ALA H 87 -33.62 -52.41 41.77
CA ALA H 87 -34.51 -51.99 40.70
C ALA H 87 -35.20 -50.66 41.01
N ALA H 88 -35.36 -50.31 42.28
CA ALA H 88 -35.97 -49.04 42.65
C ALA H 88 -35.08 -47.85 42.35
N ASP H 89 -33.81 -48.07 42.00
CA ASP H 89 -32.87 -47.00 41.70
C ASP H 89 -32.87 -46.62 40.22
N THR H 90 -33.90 -47.03 39.48
CA THR H 90 -33.99 -46.71 38.06
C THR H 90 -34.49 -45.28 37.94
N ALA H 91 -33.58 -44.35 37.64
CA ALA H 91 -33.94 -42.94 37.56
C ALA H 91 -32.91 -42.21 36.72
N ILE H 92 -33.29 -41.02 36.27
CA ILE H 92 -32.39 -40.14 35.53
C ILE H 92 -31.58 -39.33 36.54
N TYR H 93 -30.26 -39.45 36.48
CA TYR H 93 -29.37 -38.82 37.45
C TYR H 93 -28.85 -37.51 36.88
N TYR H 94 -28.96 -36.45 37.68
CA TYR H 94 -28.50 -35.11 37.30
C TYR H 94 -27.34 -34.69 38.19
N CYS H 95 -26.38 -33.99 37.60
CA CYS H 95 -25.30 -33.37 38.35
C CYS H 95 -25.59 -31.87 38.45
N VAL H 96 -25.52 -31.34 39.66
CA VAL H 96 -25.90 -29.96 39.92
C VAL H 96 -24.76 -29.24 40.64
N ARG H 97 -24.75 -27.92 40.47
CA ARG H 97 -23.83 -27.01 41.21
C ARG H 97 -24.62 -26.26 42.25
N VAL H 98 -24.48 -26.58 43.53
CA VAL H 98 -25.13 -25.81 44.59
C VAL H 98 -24.31 -24.53 44.79
N TYR H 99 -24.83 -23.42 44.28
CA TYR H 99 -24.09 -22.13 44.35
C TYR H 99 -24.50 -21.44 45.64
N ARG H 100 -23.56 -20.75 46.29
CA ARG H 100 -23.75 -20.02 47.53
C ARG H 100 -23.93 -18.55 47.22
N GLU H 101 -25.10 -18.01 47.54
CA GLU H 101 -25.30 -16.54 47.57
C GLU H 101 -25.64 -16.16 49.01
N LYS H 102 -25.10 -15.06 49.50
CA LYS H 102 -25.37 -14.62 50.86
C LYS H 102 -26.57 -13.70 50.89
N PHE H 103 -27.60 -14.10 51.62
CA PHE H 103 -28.80 -13.31 51.81
C PHE H 103 -28.84 -12.80 53.25
N LEU H 104 -29.08 -11.51 53.41
CA LEU H 104 -29.06 -10.87 54.72
C LEU H 104 -30.48 -10.75 55.25
N ILE H 105 -30.84 -11.63 56.19
CA ILE H 105 -32.03 -11.43 57.01
C ILE H 105 -31.68 -10.27 57.94
N GLY H 106 -32.66 -9.77 58.69
CA GLY H 106 -32.52 -8.55 59.46
C GLY H 106 -31.16 -8.33 60.12
N GLU H 107 -30.60 -9.37 60.72
CA GLU H 107 -29.30 -9.25 61.36
C GLU H 107 -28.37 -10.43 61.07
N PHE H 108 -28.83 -11.43 60.33
CA PHE H 108 -28.11 -12.69 60.15
C PHE H 108 -27.72 -12.87 58.69
N LEU H 109 -26.48 -13.27 58.46
CA LEU H 109 -25.97 -13.56 57.13
C LEU H 109 -25.84 -15.07 56.94
N THR H 110 -26.40 -15.58 55.86
CA THR H 110 -26.41 -17.01 55.58
C THR H 110 -25.83 -17.30 54.21
N ASP H 111 -25.20 -18.47 54.08
CA ASP H 111 -24.84 -19.02 52.79
C ASP H 111 -26.03 -19.83 52.29
N TYR H 112 -26.64 -19.36 51.20
CA TYR H 112 -27.82 -20.01 50.63
C TYR H 112 -27.41 -20.79 49.40
N ARG H 113 -27.69 -22.09 49.40
CA ARG H 113 -27.31 -22.99 48.31
C ARG H 113 -28.55 -23.34 47.51
N PHE H 114 -28.46 -23.13 46.19
CA PHE H 114 -29.66 -23.12 45.32
C PHE H 114 -29.43 -23.80 43.96
N MET H 115 -28.53 -24.77 43.86
CA MET H 115 -28.41 -25.63 42.67
C MET H 115 -28.51 -24.83 41.37
N ASP H 116 -27.50 -24.00 41.10
CA ASP H 116 -27.53 -22.96 40.04
C ASP H 116 -27.71 -23.65 38.69
N MET H 117 -26.92 -24.70 38.47
CA MET H 117 -26.61 -25.24 37.13
C MET H 117 -26.79 -26.75 37.12
N TRP H 118 -27.62 -27.23 36.20
CA TRP H 118 -28.10 -28.60 36.12
C TRP H 118 -27.41 -29.33 34.97
N GLY H 119 -27.26 -30.64 35.12
CA GLY H 119 -26.76 -31.48 34.05
C GLY H 119 -27.83 -31.70 33.00
N THR H 120 -27.50 -32.58 32.06
CA THR H 120 -28.41 -32.88 30.96
C THR H 120 -29.27 -34.10 31.21
N GLY H 121 -28.74 -35.12 31.89
CA GLY H 121 -29.52 -36.30 32.19
C GLY H 121 -28.83 -37.58 31.79
N THR H 122 -28.80 -38.56 32.70
CA THR H 122 -28.24 -39.88 32.45
C THR H 122 -29.27 -40.92 32.85
N THR H 123 -30.02 -41.43 31.87
CA THR H 123 -31.05 -42.42 32.15
C THR H 123 -30.39 -43.73 32.57
N VAL H 124 -30.53 -44.10 33.84
CA VAL H 124 -29.96 -45.32 34.38
C VAL H 124 -31.10 -46.30 34.59
N ILE H 125 -30.99 -47.46 33.93
CA ILE H 125 -32.00 -48.52 34.03
C ILE H 125 -31.28 -49.80 34.44
N VAL H 126 -31.83 -50.50 35.43
CA VAL H 126 -31.25 -51.75 35.92
C VAL H 126 -32.25 -52.87 35.68
N SER H 127 -31.76 -53.97 35.11
CA SER H 127 -32.60 -55.13 34.82
C SER H 127 -31.75 -56.39 34.78
N ALA H 129 -33.52 -58.57 32.52
CA ALA H 129 -33.78 -58.94 31.14
C ALA H 129 -32.58 -58.67 30.25
N SER H 130 -32.54 -59.37 29.12
CA SER H 130 -31.55 -59.17 28.08
C SER H 130 -32.20 -58.50 26.88
N THR H 131 -31.37 -57.80 26.09
CA THR H 131 -31.86 -57.15 24.89
C THR H 131 -32.70 -58.10 24.06
N LYS H 132 -33.90 -57.66 23.69
CA LYS H 132 -34.83 -58.50 22.94
C LYS H 132 -35.67 -57.61 22.04
N GLY H 133 -35.75 -57.95 20.76
CA GLY H 133 -36.57 -57.20 19.84
C GLY H 133 -38.03 -57.57 20.00
N PRO H 134 -38.93 -56.71 19.57
CA PRO H 134 -40.36 -56.96 19.75
C PRO H 134 -40.93 -57.92 18.73
N SER H 135 -42.06 -58.50 19.10
CA SER H 135 -42.97 -59.13 18.16
C SER H 135 -44.07 -58.13 17.85
N VAL H 136 -44.41 -57.98 16.57
CA VAL H 136 -45.36 -56.94 16.16
C VAL H 136 -46.60 -57.63 15.63
N PHE H 137 -47.75 -57.36 16.26
CA PHE H 137 -49.01 -57.99 15.92
C PHE H 137 -49.99 -56.96 15.42
N PRO H 138 -50.82 -57.31 14.43
CA PRO H 138 -51.84 -56.36 13.96
C PRO H 138 -52.97 -56.19 14.96
N LEU H 139 -53.46 -54.95 15.05
CA LEU H 139 -54.76 -54.62 15.62
C LEU H 139 -55.67 -54.32 14.43
N ALA H 140 -56.45 -55.33 14.04
CA ALA H 140 -57.04 -55.19 12.71
C ALA H 140 -58.45 -54.65 12.80
N PRO H 141 -58.83 -53.76 11.87
CA PRO H 141 -60.18 -53.18 11.83
C PRO H 141 -61.26 -54.19 11.46
N GLY H 149 -68.36 -44.75 9.26
CA GLY H 149 -67.60 -43.52 9.21
C GLY H 149 -66.10 -43.70 9.41
N THR H 150 -65.67 -43.86 10.66
CA THR H 150 -64.27 -43.94 11.03
C THR H 150 -63.95 -45.33 11.58
N ALA H 151 -62.81 -45.88 11.15
CA ALA H 151 -62.30 -47.14 11.67
C ALA H 151 -60.97 -46.90 12.38
N ALA H 152 -60.66 -47.77 13.35
CA ALA H 152 -59.37 -47.76 14.02
C ALA H 152 -58.61 -49.02 13.65
N LEU H 153 -57.30 -48.87 13.45
CA LEU H 153 -56.40 -50.00 13.29
C LEU H 153 -55.12 -49.66 14.02
N GLY H 154 -54.23 -50.64 14.16
CA GLY H 154 -53.00 -50.36 14.88
C GLY H 154 -52.08 -51.54 14.86
N CYS H 155 -51.02 -51.41 15.66
CA CYS H 155 -50.01 -52.46 15.84
C CYS H 155 -49.74 -52.60 17.33
N LEU H 156 -49.60 -53.84 17.76
CA LEU H 156 -49.23 -54.17 19.13
C LEU H 156 -47.78 -54.60 19.12
N VAL H 157 -46.93 -53.84 19.81
CA VAL H 157 -45.48 -54.04 19.79
C VAL H 157 -45.13 -54.65 21.13
N LYS H 158 -44.95 -55.98 21.17
CA LYS H 158 -44.97 -56.70 22.42
C LYS H 158 -43.61 -57.34 22.71
N ASP H 159 -43.25 -57.36 24.01
CA ASP H 159 -42.17 -58.19 24.55
C ASP H 159 -40.79 -57.79 24.02
N TYR H 160 -40.43 -56.53 24.25
CA TYR H 160 -39.12 -56.04 23.89
C TYR H 160 -38.39 -55.49 25.11
N PHE H 161 -37.07 -55.33 24.98
CA PHE H 161 -36.25 -54.77 26.05
C PHE H 161 -34.94 -54.31 25.45
N PRO H 162 -34.41 -53.15 25.86
CA PRO H 162 -35.05 -52.15 26.72
C PRO H 162 -35.84 -51.15 25.88
N GLU H 163 -36.34 -50.10 26.52
CA GLU H 163 -36.86 -48.96 25.79
C GLU H 163 -35.72 -48.28 25.03
N PRO H 164 -36.03 -47.52 23.97
CA PRO H 164 -37.37 -47.25 23.44
C PRO H 164 -37.66 -47.93 22.11
N VAL H 165 -38.93 -47.90 21.73
CA VAL H 165 -39.40 -48.27 20.40
C VAL H 165 -40.00 -47.02 19.79
N THR H 166 -39.77 -46.82 18.50
CA THR H 166 -40.48 -45.77 17.77
C THR H 166 -41.39 -46.40 16.74
N VAL H 167 -42.49 -45.71 16.41
CA VAL H 167 -43.46 -46.18 15.44
C VAL H 167 -43.83 -45.03 14.54
N SER H 168 -43.84 -45.28 13.24
CA SER H 168 -44.45 -44.35 12.30
C SER H 168 -45.44 -45.14 11.47
N TRP H 169 -46.26 -44.43 10.69
CA TRP H 169 -47.23 -45.07 9.82
C TRP H 169 -46.97 -44.66 8.38
N ASN H 170 -46.98 -45.64 7.48
CA ASN H 170 -46.79 -45.42 6.05
C ASN H 170 -45.52 -44.60 5.80
N SER H 171 -44.47 -44.99 6.51
CA SER H 171 -43.14 -44.35 6.40
C SER H 171 -43.19 -42.88 6.74
N GLY H 172 -44.08 -42.48 7.66
CA GLY H 172 -44.21 -41.09 8.05
C GLY H 172 -45.18 -40.28 7.24
N ALA H 173 -45.77 -40.86 6.19
CA ALA H 173 -46.72 -40.14 5.34
C ALA H 173 -48.09 -40.01 5.99
N LEU H 174 -48.39 -40.88 6.94
CA LEU H 174 -49.65 -40.87 7.68
C LEU H 174 -49.35 -40.38 9.09
N THR H 175 -49.81 -39.17 9.42
CA THR H 175 -49.66 -38.64 10.77
C THR H 175 -50.97 -38.22 11.43
N SER H 176 -51.96 -37.76 10.66
CA SER H 176 -53.23 -37.36 11.25
C SER H 176 -53.93 -38.57 11.84
N GLY H 177 -54.39 -38.42 13.09
CA GLY H 177 -55.11 -39.47 13.75
C GLY H 177 -54.26 -40.55 14.36
N VAL H 178 -52.93 -40.43 14.32
CA VAL H 178 -52.06 -41.45 14.89
C VAL H 178 -51.90 -41.19 16.38
N HIS H 179 -51.99 -42.25 17.18
CA HIS H 179 -51.64 -42.19 18.58
C HIS H 179 -50.70 -43.33 18.90
N THR H 180 -49.50 -43.01 19.36
CA THR H 180 -48.55 -44.01 19.83
C THR H 180 -48.47 -43.89 21.34
N PHE H 181 -48.83 -44.94 22.04
CA PHE H 181 -49.00 -44.88 23.48
C PHE H 181 -47.69 -45.09 24.21
N PRO H 182 -47.58 -44.58 25.44
CA PRO H 182 -46.42 -44.93 26.27
C PRO H 182 -46.34 -46.44 26.45
N ALA H 183 -45.12 -46.96 26.47
CA ALA H 183 -44.99 -48.38 26.74
C ALA H 183 -45.38 -48.67 28.19
N VAL H 184 -45.81 -49.92 28.44
CA VAL H 184 -45.97 -50.41 29.80
C VAL H 184 -44.93 -51.49 30.04
N LEU H 185 -44.48 -51.57 31.29
CA LEU H 185 -43.56 -52.62 31.71
C LEU H 185 -44.40 -53.79 32.20
N GLN H 186 -44.34 -54.92 31.49
CA GLN H 186 -45.17 -56.04 31.88
C GLN H 186 -44.54 -56.80 33.03
N SER H 187 -45.33 -57.68 33.66
CA SER H 187 -44.85 -58.44 34.79
C SER H 187 -43.69 -59.37 34.43
N SER H 188 -43.53 -59.69 33.14
CA SER H 188 -42.41 -60.46 32.62
C SER H 188 -41.10 -59.71 32.65
N GLY H 189 -41.12 -58.40 32.89
CA GLY H 189 -39.95 -57.57 32.73
C GLY H 189 -39.74 -57.07 31.31
N LEU H 190 -40.62 -57.42 30.38
CA LEU H 190 -40.52 -56.94 29.00
C LEU H 190 -41.56 -55.84 28.78
N TYR H 191 -41.27 -54.94 27.85
CA TYR H 191 -42.18 -53.84 27.56
C TYR H 191 -43.15 -54.22 26.46
N SER H 192 -44.23 -53.46 26.37
CA SER H 192 -45.20 -53.61 25.29
C SER H 192 -45.79 -52.24 25.03
N LEU H 193 -46.03 -51.91 23.77
CA LEU H 193 -46.79 -50.69 23.51
C LEU H 193 -47.68 -50.92 22.29
N SER H 194 -48.63 -50.02 22.14
CA SER H 194 -49.50 -50.04 20.98
C SER H 194 -49.45 -48.69 20.29
N SER H 195 -49.58 -48.74 18.97
CA SER H 195 -49.77 -47.54 18.16
C SER H 195 -51.02 -47.73 17.33
N VAL H 196 -51.86 -46.70 17.25
CA VAL H 196 -53.11 -46.81 16.52
C VAL H 196 -53.25 -45.61 15.57
N VAL H 197 -54.18 -45.75 14.63
CA VAL H 197 -54.55 -44.65 13.75
C VAL H 197 -56.02 -44.81 13.40
N THR H 198 -56.75 -43.70 13.34
CA THR H 198 -58.13 -43.72 12.88
C THR H 198 -58.16 -43.23 11.43
N VAL H 199 -58.92 -43.93 10.61
CA VAL H 199 -58.97 -43.66 9.17
C VAL H 199 -60.41 -43.78 8.70
N PRO H 200 -60.74 -43.20 7.55
CA PRO H 200 -62.09 -43.42 7.00
C PRO H 200 -62.31 -44.90 6.73
N SER H 201 -63.46 -45.42 7.20
CA SER H 201 -63.79 -46.82 6.98
C SER H 201 -63.75 -47.17 5.50
N SER H 202 -64.17 -46.25 4.65
CA SER H 202 -64.19 -46.48 3.21
C SER H 202 -62.80 -46.72 2.62
N SER H 203 -61.73 -46.41 3.34
CA SER H 203 -60.39 -46.58 2.80
C SER H 203 -59.79 -47.94 3.13
N LEU H 204 -60.46 -48.77 3.94
CA LEU H 204 -59.83 -49.98 4.46
C LEU H 204 -59.52 -51.01 3.37
N GLY H 205 -60.31 -51.08 2.32
CA GLY H 205 -59.95 -52.05 1.31
C GLY H 205 -59.05 -51.55 0.23
N THR H 206 -58.82 -50.24 0.18
CA THR H 206 -58.08 -49.65 -0.94
C THR H 206 -56.74 -49.06 -0.54
N GLN H 207 -56.65 -48.44 0.63
CA GLN H 207 -55.40 -47.84 1.07
C GLN H 207 -54.65 -48.84 1.95
N THR H 208 -53.35 -48.95 1.71
CA THR H 208 -52.48 -49.82 2.49
C THR H 208 -51.99 -49.08 3.73
N TYR H 209 -52.02 -49.76 4.88
CA TYR H 209 -51.58 -49.19 6.14
C TYR H 209 -50.47 -50.06 6.71
N ILE H 210 -49.30 -49.46 6.93
CA ILE H 210 -48.11 -50.15 7.42
C ILE H 210 -47.59 -49.39 8.63
N CYS H 211 -47.43 -50.10 9.75
CA CYS H 211 -46.78 -49.48 10.91
C CYS H 211 -45.30 -49.81 10.85
N ASN H 212 -44.47 -48.77 10.94
CA ASN H 212 -43.02 -48.92 10.89
C ASN H 212 -42.49 -48.89 12.31
N VAL H 213 -42.09 -50.04 12.80
CA VAL H 213 -41.61 -50.21 14.18
C VAL H 213 -40.10 -50.27 14.14
N ASN H 214 -39.46 -49.47 14.98
CA ASN H 214 -38.00 -49.46 15.07
C ASN H 214 -37.59 -49.67 16.53
N HIS H 215 -36.81 -50.72 16.79
CA HIS H 215 -36.25 -50.97 18.12
C HIS H 215 -34.73 -50.92 18.00
N LYS H 216 -34.18 -49.72 18.17
CA LYS H 216 -32.74 -49.53 17.98
C LYS H 216 -31.89 -50.43 18.87
N PRO H 217 -32.20 -50.68 20.14
CA PRO H 217 -31.28 -51.48 20.97
C PRO H 217 -31.00 -52.87 20.43
N SER H 218 -31.93 -53.48 19.68
CA SER H 218 -31.71 -54.80 19.09
C SER H 218 -31.54 -54.73 17.58
N ASN H 219 -31.45 -53.53 16.99
CA ASN H 219 -31.39 -53.39 15.53
C ASN H 219 -32.57 -54.07 14.83
N THR H 220 -33.76 -53.95 15.41
CA THR H 220 -34.95 -54.59 14.86
C THR H 220 -35.82 -53.52 14.20
N LYS H 221 -36.09 -53.69 12.91
CA LYS H 221 -37.05 -52.88 12.18
C LYS H 221 -38.09 -53.80 11.56
N VAL H 222 -39.36 -53.46 11.76
CA VAL H 222 -40.50 -54.23 11.24
C VAL H 222 -41.43 -53.24 10.55
N ASP H 223 -41.84 -53.57 9.33
CA ASP H 223 -42.87 -52.84 8.60
C ASP H 223 -44.07 -53.78 8.49
N LYS H 224 -45.05 -53.62 9.38
CA LYS H 224 -46.15 -54.56 9.50
C LYS H 224 -47.37 -54.03 8.75
N ARG H 225 -47.76 -54.71 7.68
CA ARG H 225 -49.04 -54.44 7.02
C ARG H 225 -50.18 -54.84 7.93
N VAL H 226 -51.12 -53.92 8.14
CA VAL H 226 -52.30 -54.16 8.96
C VAL H 226 -53.49 -54.20 8.02
N GLU H 227 -54.00 -55.39 7.76
CA GLU H 227 -55.17 -55.55 6.92
C GLU H 227 -56.35 -55.93 7.78
N PRO H 228 -57.56 -55.63 7.35
CA PRO H 228 -58.73 -56.23 8.00
C PRO H 228 -58.57 -57.74 8.03
N LYS H 229 -59.01 -58.37 9.12
CA LYS H 229 -58.89 -59.83 9.26
C LYS H 229 -59.63 -60.59 8.15
N ALA I 1 -36.92 -34.54 59.66
CA ALA I 1 -36.82 -33.82 58.40
C ALA I 1 -37.98 -32.85 58.24
N ILE I 2 -37.99 -32.11 57.13
CA ILE I 2 -39.02 -31.14 56.81
C ILE I 2 -39.77 -31.63 55.59
N GLN I 3 -41.10 -31.64 55.67
CA GLN I 3 -41.96 -32.07 54.58
C GLN I 3 -42.66 -30.85 53.97
N LEU I 4 -42.55 -30.71 52.66
CA LEU I 4 -43.20 -29.63 51.93
C LEU I 4 -44.45 -30.18 51.25
N THR I 5 -45.59 -29.57 51.53
CA THR I 5 -46.86 -29.97 50.94
C THR I 5 -47.28 -28.94 49.90
N GLN I 6 -47.45 -29.38 48.66
CA GLN I 6 -47.77 -28.49 47.55
C GLN I 6 -49.15 -28.87 47.02
N ALA I 7 -50.08 -27.91 47.06
CA ALA I 7 -51.45 -28.12 46.60
C ALA I 7 -51.92 -26.88 45.86
N PRO I 8 -52.85 -27.04 44.91
CA PRO I 8 -53.43 -28.29 44.41
C PRO I 8 -52.48 -29.03 43.47
N LEU I 9 -52.56 -30.36 43.42
CA LEU I 9 -51.64 -31.14 42.62
C LEU I 9 -51.84 -30.96 41.12
N THR I 10 -52.95 -30.34 40.71
CA THR I 10 -53.21 -30.14 39.28
C THR I 10 -54.15 -28.95 39.15
N VAL I 11 -53.63 -27.84 38.60
CA VAL I 11 -54.42 -26.64 38.37
C VAL I 11 -54.44 -26.37 36.86
N SER I 12 -55.62 -26.09 36.33
CA SER I 12 -55.82 -25.90 34.90
C SER I 12 -56.29 -24.48 34.63
N ALA I 13 -55.66 -23.83 33.66
CA ALA I 13 -56.06 -22.49 33.26
C ALA I 13 -55.65 -22.28 31.80
N SER I 14 -56.35 -21.34 31.15
CA SER I 14 -56.10 -21.06 29.75
C SER I 14 -55.00 -20.00 29.62
N ILE I 15 -54.63 -19.71 28.37
CA ILE I 15 -53.57 -18.73 28.11
C ILE I 15 -54.07 -17.34 28.48
N GLY I 16 -53.29 -16.65 29.31
CA GLY I 16 -53.64 -15.30 29.71
C GLY I 16 -54.42 -15.23 31.01
N ASP I 17 -54.07 -16.08 31.96
CA ASP I 17 -54.71 -16.12 33.27
C ASP I 17 -53.66 -15.87 34.35
N THR I 18 -54.13 -15.84 35.60
CA THR I 18 -53.27 -15.67 36.77
C THR I 18 -53.51 -16.83 37.72
N ILE I 19 -52.44 -17.53 38.09
CA ILE I 19 -52.53 -18.68 38.97
C ILE I 19 -51.66 -18.42 40.20
N THR I 20 -52.09 -18.98 41.33
CA THR I 20 -51.32 -18.96 42.56
C THR I 20 -51.06 -20.40 42.99
N LEU I 21 -49.80 -20.74 43.22
CA LEU I 21 -49.40 -22.06 43.67
C LEU I 21 -48.98 -21.98 45.13
N THR I 22 -49.39 -22.98 45.92
CA THR I 22 -49.12 -23.01 47.34
C THR I 22 -48.14 -24.13 47.68
N CYS I 23 -47.18 -23.82 48.56
CA CYS I 23 -46.26 -24.81 49.09
C CYS I 23 -46.17 -24.60 50.60
N ARG I 24 -46.79 -25.50 51.35
CA ARG I 24 -46.83 -25.39 52.80
C ARG I 24 -45.74 -26.26 53.41
N ALA I 25 -44.95 -25.68 54.30
CA ALA I 25 -43.88 -26.41 54.97
C ALA I 25 -44.39 -27.00 56.29
N SER I 26 -43.61 -27.93 56.84
CA SER I 26 -43.95 -28.51 58.13
C SER I 26 -43.57 -27.57 59.27
N GLN I 27 -42.28 -27.28 59.39
CA GLN I 27 -41.79 -26.30 60.36
C GLN I 27 -41.75 -24.92 59.70
N ASP I 28 -41.12 -23.97 60.36
CA ASP I 28 -40.84 -22.67 59.77
C ASP I 28 -39.45 -22.70 59.17
N ILE I 29 -39.37 -22.57 57.84
CA ILE I 29 -38.10 -22.63 57.13
C ILE I 29 -37.60 -21.25 56.76
N SER I 30 -38.05 -20.22 57.48
CA SER I 30 -37.71 -18.82 57.20
C SER I 30 -38.15 -18.55 55.76
N ILE I 31 -37.32 -17.91 54.92
CA ILE I 31 -37.68 -17.62 53.55
C ILE I 31 -36.93 -18.50 52.57
N TRP I 32 -36.14 -19.46 53.04
CA TRP I 32 -35.33 -20.32 52.18
C TRP I 32 -36.20 -21.36 51.51
N LEU I 33 -36.77 -21.00 50.36
CA LEU I 33 -37.55 -21.94 49.57
C LEU I 33 -37.48 -21.50 48.12
N SER I 34 -36.88 -22.34 47.27
CA SER I 34 -36.71 -22.03 45.86
C SER I 34 -37.70 -22.82 45.01
N TRP I 35 -38.04 -22.27 43.85
CA TRP I 35 -39.04 -22.83 42.96
C TRP I 35 -38.39 -23.27 41.66
N TYR I 36 -38.72 -24.48 41.21
CA TYR I 36 -38.18 -25.05 39.99
C TYR I 36 -39.30 -25.48 39.06
N ARG I 37 -39.11 -25.26 37.76
CA ARG I 37 -40.08 -25.61 36.75
C ARG I 37 -39.51 -26.69 35.85
N GLN I 38 -40.25 -27.77 35.66
CA GLN I 38 -39.82 -28.89 34.82
C GLN I 38 -40.76 -29.00 33.63
N MET I 39 -40.31 -28.53 32.47
CA MET I 39 -41.04 -28.77 31.24
C MET I 39 -41.05 -30.27 30.95
N PRO I 40 -42.20 -30.81 30.50
CA PRO I 40 -42.29 -32.26 30.27
C PRO I 40 -41.20 -32.79 29.33
N GLY I 41 -40.34 -33.65 29.88
CA GLY I 41 -39.25 -34.24 29.13
C GLY I 41 -37.91 -33.50 29.26
N LYS I 42 -37.93 -32.25 29.69
CA LYS I 42 -36.72 -31.46 29.84
C LYS I 42 -36.20 -31.60 31.28
N ALA I 43 -35.25 -30.73 31.65
CA ALA I 43 -34.70 -30.69 32.99
C ALA I 43 -35.28 -29.51 33.77
N PRO I 44 -35.42 -29.64 35.09
CA PRO I 44 -35.94 -28.53 35.88
C PRO I 44 -35.01 -27.33 35.84
N GLU I 45 -35.59 -26.14 35.93
CA GLU I 45 -34.85 -24.90 35.92
C GLU I 45 -35.29 -24.01 37.06
N LEU I 46 -34.37 -23.20 37.56
CA LEU I 46 -34.67 -22.31 38.68
C LEU I 46 -35.51 -21.14 38.23
N LEU I 47 -36.63 -20.90 38.92
CA LEU I 47 -37.43 -19.70 38.71
C LEU I 47 -37.19 -18.67 39.81
N ILE I 48 -37.46 -19.04 41.06
CA ILE I 48 -37.42 -18.14 42.20
C ILE I 48 -36.57 -18.79 43.28
N TYR I 49 -35.66 -18.01 43.85
CA TYR I 49 -34.88 -18.46 45.03
C TYR I 49 -35.18 -17.50 46.17
N ALA I 50 -35.04 -17.98 47.41
CA ALA I 50 -35.35 -17.24 48.63
C ALA I 50 -36.82 -16.78 48.64
N ALA I 51 -37.67 -17.48 47.89
CA ALA I 51 -39.12 -17.30 47.82
C ALA I 51 -39.54 -15.96 47.25
N SER I 52 -38.61 -15.05 46.95
CA SER I 52 -38.98 -13.76 46.39
C SER I 52 -38.10 -13.29 45.24
N THR I 53 -36.88 -13.78 45.10
CA THR I 53 -35.94 -13.24 44.13
C THR I 53 -36.07 -13.97 42.80
N LEU I 54 -36.20 -13.21 41.71
CA LEU I 54 -36.34 -13.79 40.38
C LEU I 54 -34.98 -14.14 39.80
N ARG I 55 -34.90 -15.33 39.20
CA ARG I 55 -33.64 -15.78 38.55
C ARG I 55 -33.37 -14.88 37.34
N GLY I 56 -32.10 -14.73 36.98
CA GLY I 56 -31.71 -13.91 35.83
C GLY I 56 -32.25 -14.48 34.54
N GLY I 57 -33.19 -13.77 33.93
CA GLY I 57 -33.80 -14.22 32.69
C GLY I 57 -35.26 -14.61 32.84
N VAL I 58 -35.71 -14.90 34.05
CA VAL I 58 -37.13 -15.21 34.27
C VAL I 58 -37.95 -13.93 34.09
N PRO I 59 -39.05 -13.97 33.35
CA PRO I 59 -39.84 -12.75 33.15
C PRO I 59 -40.44 -12.25 34.47
N SER I 60 -40.73 -10.95 34.49
CA SER I 60 -41.23 -10.30 35.71
C SER I 60 -42.62 -10.77 36.10
N ARG I 61 -43.30 -11.53 35.24
CA ARG I 61 -44.60 -12.07 35.58
C ARG I 61 -44.53 -13.00 36.79
N PHE I 62 -43.49 -13.83 36.86
CA PHE I 62 -43.33 -14.75 37.99
C PHE I 62 -43.01 -13.97 39.25
N SER I 63 -43.57 -14.40 40.37
CA SER I 63 -43.35 -13.74 41.65
C SER I 63 -43.75 -14.67 42.78
N GLY I 64 -42.97 -14.63 43.87
CA GLY I 64 -43.28 -15.36 45.08
C GLY I 64 -43.54 -14.41 46.24
N ALA I 65 -43.86 -15.00 47.39
CA ALA I 65 -44.18 -14.22 48.57
C ALA I 65 -44.08 -15.11 49.81
N ARG I 66 -44.26 -14.48 50.97
CA ARG I 66 -44.34 -15.14 52.28
C ARG I 66 -43.00 -15.67 52.76
N SER I 67 -42.74 -15.53 54.07
CA SER I 67 -41.51 -16.00 54.70
C SER I 67 -41.79 -16.84 55.94
N GLY I 68 -42.98 -17.43 56.03
CA GLY I 68 -43.34 -18.25 57.17
C GLY I 68 -43.48 -19.72 56.81
N THR I 69 -44.72 -20.16 56.59
CA THR I 69 -45.00 -21.55 56.26
C THR I 69 -45.75 -21.71 54.95
N ASP I 70 -46.70 -20.83 54.66
CA ASP I 70 -47.52 -20.94 53.44
C ASP I 70 -46.90 -20.10 52.33
N PHE I 71 -45.89 -20.67 51.68
CA PHE I 71 -45.25 -20.02 50.56
C PHE I 71 -46.14 -20.07 49.32
N SER I 72 -46.10 -19.00 48.53
CA SER I 72 -46.96 -18.89 47.36
C SER I 72 -46.15 -18.39 46.17
N LEU I 73 -46.52 -18.86 44.98
CA LEU I 73 -45.97 -18.40 43.72
C LEU I 73 -47.11 -17.98 42.80
N LYS I 74 -46.97 -16.80 42.19
CA LYS I 74 -48.01 -16.24 41.33
C LYS I 74 -47.48 -16.06 39.93
N ILE I 75 -48.23 -16.56 38.94
CA ILE I 75 -47.89 -16.43 37.53
C ILE I 75 -48.91 -15.50 36.89
N LYS I 76 -48.43 -14.52 36.14
CA LYS I 76 -49.29 -13.60 35.40
C LYS I 76 -49.03 -13.75 33.91
N ASN I 77 -50.07 -13.52 33.11
CA ASN I 77 -49.98 -13.57 31.65
C ASN I 77 -49.45 -14.94 31.19
N LEU I 78 -50.26 -15.95 31.45
CA LEU I 78 -49.87 -17.32 31.14
C LEU I 78 -49.56 -17.47 29.65
N GLN I 79 -48.51 -18.23 29.36
CA GLN I 79 -48.07 -18.56 28.02
C GLN I 79 -47.85 -20.06 27.95
N PRO I 80 -47.82 -20.64 26.74
CA PRO I 80 -47.67 -22.11 26.65
C PRO I 80 -46.42 -22.64 27.32
N GLU I 81 -45.37 -21.85 27.43
CA GLU I 81 -44.15 -22.32 28.10
C GLU I 81 -44.29 -22.42 29.61
N ASP I 82 -45.37 -21.88 30.18
CA ASP I 82 -45.59 -21.96 31.62
C ASP I 82 -46.34 -23.22 32.04
N PHE I 83 -46.83 -24.01 31.09
CA PHE I 83 -47.59 -25.23 31.40
C PHE I 83 -46.60 -26.36 31.64
N ALA I 84 -46.03 -26.37 32.84
CA ALA I 84 -45.06 -27.39 33.23
C ALA I 84 -45.34 -27.78 34.68
N THR I 85 -44.45 -28.60 35.24
CA THR I 85 -44.58 -29.07 36.62
C THR I 85 -43.65 -28.25 37.50
N TYR I 86 -44.22 -27.61 38.51
CA TYR I 86 -43.46 -26.74 39.40
C TYR I 86 -43.16 -27.46 40.71
N TYR I 87 -41.95 -27.25 41.23
CA TYR I 87 -41.52 -27.87 42.47
C TYR I 87 -40.99 -26.81 43.42
N CYS I 88 -41.28 -26.96 44.70
CA CYS I 88 -40.76 -26.10 45.75
C CYS I 88 -39.74 -26.88 46.56
N PHE I 89 -38.57 -26.28 46.77
CA PHE I 89 -37.44 -26.94 47.40
C PHE I 89 -36.96 -26.09 48.56
N GLN I 90 -36.93 -26.67 49.75
CA GLN I 90 -36.48 -25.95 50.94
C GLN I 90 -34.97 -26.14 51.12
N SER I 91 -34.36 -25.17 51.80
CA SER I 91 -32.92 -25.22 52.03
C SER I 91 -32.57 -24.85 53.47
N ASP I 92 -33.48 -25.10 54.41
CA ASP I 92 -33.23 -24.77 55.81
C ASP I 92 -32.47 -25.89 56.51
N SER I 93 -33.06 -27.08 56.55
CA SER I 93 -32.46 -28.23 57.22
C SER I 93 -31.77 -29.12 56.20
N TYR I 94 -30.66 -29.74 56.62
CA TYR I 94 -29.79 -30.52 55.70
C TYR I 94 -30.49 -31.76 55.12
N PRO I 95 -31.38 -32.51 55.79
CA PRO I 95 -32.29 -33.40 55.06
C PRO I 95 -33.18 -32.56 54.13
N ARG I 96 -32.67 -32.24 52.95
CA ARG I 96 -33.40 -31.44 51.96
C ARG I 96 -34.62 -32.19 51.44
N ALA I 97 -35.64 -31.44 51.04
CA ALA I 97 -36.87 -32.03 50.55
C ALA I 97 -37.44 -31.20 49.42
N PHE I 98 -38.19 -31.86 48.54
CA PHE I 98 -38.88 -31.22 47.42
C PHE I 98 -40.38 -31.27 47.65
N GLY I 99 -41.08 -30.45 46.87
CA GLY I 99 -42.53 -30.53 46.84
C GLY I 99 -43.00 -31.69 46.01
N GLN I 100 -44.32 -31.94 46.07
CA GLN I 100 -44.89 -33.05 45.32
C GLN I 100 -44.99 -32.72 43.83
N GLY I 101 -45.10 -31.45 43.47
CA GLY I 101 -45.18 -31.06 42.09
C GLY I 101 -46.58 -30.67 41.65
N THR I 102 -46.74 -29.44 41.18
CA THR I 102 -48.03 -28.94 40.71
C THR I 102 -48.00 -28.92 39.19
N LYS I 103 -48.79 -29.78 38.57
CA LYS I 103 -48.85 -29.89 37.12
C LYS I 103 -49.86 -28.87 36.59
N VAL I 104 -49.36 -27.82 35.95
CA VAL I 104 -50.21 -26.78 35.38
C VAL I 104 -50.44 -27.10 33.91
N GLU I 105 -51.70 -27.20 33.52
CA GLU I 105 -52.08 -27.52 32.14
C GLU I 105 -53.14 -26.54 31.67
N ILE I 106 -53.58 -26.71 30.44
CA ILE I 106 -54.64 -25.90 29.86
C ILE I 106 -55.98 -26.57 30.12
N THR I 107 -57.03 -25.76 30.26
CA THR I 107 -58.36 -26.27 30.57
C THR I 107 -58.88 -27.18 29.46
N THR I 109 -63.39 -29.41 25.75
CA THR I 109 -64.81 -29.75 25.70
C THR I 109 -65.01 -31.19 26.16
N VAL I 110 -66.00 -31.42 27.03
CA VAL I 110 -66.26 -32.78 27.47
C VAL I 110 -66.66 -33.62 26.27
N ALA I 111 -65.98 -34.74 26.07
CA ALA I 111 -66.23 -35.57 24.91
C ALA I 111 -66.00 -37.02 25.30
N ALA I 112 -67.01 -37.85 25.05
CA ALA I 112 -66.91 -39.27 25.32
C ALA I 112 -65.94 -39.95 24.35
N PRO I 113 -65.24 -40.99 24.80
CA PRO I 113 -64.36 -41.72 23.90
C PRO I 113 -65.14 -42.46 22.83
N SER I 114 -64.51 -42.58 21.66
CA SER I 114 -64.88 -43.56 20.67
C SER I 114 -64.13 -44.84 21.06
N VAL I 115 -64.85 -45.97 21.16
CA VAL I 115 -64.29 -47.19 21.74
C VAL I 115 -64.15 -48.24 20.64
N PHE I 116 -63.02 -48.97 20.67
CA PHE I 116 -62.75 -50.04 19.73
C PHE I 116 -62.12 -51.21 20.46
N ILE I 117 -62.48 -52.43 20.07
CA ILE I 117 -61.90 -53.63 20.66
C ILE I 117 -61.22 -54.44 19.57
N PHE I 118 -60.08 -55.03 19.91
CA PHE I 118 -59.26 -55.78 18.95
C PHE I 118 -58.96 -57.16 19.50
N PRO I 119 -59.34 -58.23 18.81
CA PRO I 119 -58.99 -59.58 19.25
C PRO I 119 -57.50 -59.83 19.10
N PRO I 120 -56.97 -60.82 19.79
CA PRO I 120 -55.59 -61.22 19.55
C PRO I 120 -55.44 -61.78 18.16
N SER I 121 -54.25 -61.62 17.60
CA SER I 121 -53.94 -62.21 16.32
C SER I 121 -53.67 -63.71 16.46
N ASP I 122 -53.98 -64.46 15.41
CA ASP I 122 -53.67 -65.87 15.43
C ASP I 122 -52.17 -66.11 15.54
N GLU I 123 -51.36 -65.20 15.01
CA GLU I 123 -49.90 -65.33 15.13
C GLU I 123 -49.47 -65.27 16.59
N GLN I 124 -50.03 -64.33 17.36
CA GLN I 124 -49.72 -64.28 18.78
C GLN I 124 -50.16 -65.56 19.48
N LEU I 125 -51.35 -66.05 19.16
CA LEU I 125 -51.90 -67.20 19.87
C LEU I 125 -50.98 -68.42 19.79
N LYS I 126 -50.25 -68.57 18.69
CA LYS I 126 -49.31 -69.68 18.56
C LYS I 126 -48.25 -69.65 19.65
N SER I 127 -48.02 -68.50 20.27
CA SER I 127 -47.04 -68.30 21.34
C SER I 127 -47.54 -68.72 22.72
N GLY I 128 -48.81 -69.08 22.87
CA GLY I 128 -49.33 -69.46 24.17
C GLY I 128 -49.98 -68.34 24.97
N THR I 129 -49.99 -67.11 24.44
CA THR I 129 -50.52 -65.96 25.16
C THR I 129 -51.41 -65.16 24.22
N ALA I 130 -52.43 -64.51 24.79
CA ALA I 130 -53.40 -63.73 24.03
C ALA I 130 -53.48 -62.33 24.62
N SER I 131 -53.38 -61.32 23.77
CA SER I 131 -53.59 -59.93 24.17
C SER I 131 -54.87 -59.41 23.51
N VAL I 132 -55.79 -58.91 24.32
CA VAL I 132 -56.99 -58.21 23.84
C VAL I 132 -56.80 -56.73 24.14
N VAL I 133 -57.03 -55.88 23.15
CA VAL I 133 -56.73 -54.45 23.27
C VAL I 133 -58.03 -53.66 23.12
N CYS I 134 -58.24 -52.70 24.01
CA CYS I 134 -59.38 -51.79 23.95
C CYS I 134 -58.83 -50.39 23.80
N LEU I 135 -59.30 -49.67 22.78
CA LEU I 135 -58.86 -48.30 22.50
C LEU I 135 -59.99 -47.34 22.86
N LEU I 136 -59.65 -46.32 23.64
CA LEU I 136 -60.56 -45.22 23.96
C LEU I 136 -59.98 -43.98 23.28
N ASN I 137 -60.65 -43.48 22.25
CA ASN I 137 -60.04 -42.46 21.40
C ASN I 137 -60.63 -41.07 21.61
N ASN I 138 -59.75 -40.08 21.78
CA ASN I 138 -60.07 -38.65 21.66
C ASN I 138 -61.18 -38.22 22.63
N PHE I 139 -60.90 -38.36 23.92
CA PHE I 139 -61.86 -38.03 24.95
C PHE I 139 -61.30 -36.97 25.88
N TYR I 140 -62.21 -36.29 26.58
CA TYR I 140 -61.85 -35.33 27.59
C TYR I 140 -62.99 -35.33 28.60
N PRO I 141 -62.71 -35.34 29.92
CA PRO I 141 -61.43 -35.27 30.62
C PRO I 141 -60.67 -36.58 30.64
N ARG I 142 -59.47 -36.52 31.23
CA ARG I 142 -58.55 -37.65 31.16
C ARG I 142 -59.04 -38.84 31.96
N GLU I 143 -59.85 -38.62 32.99
CA GLU I 143 -60.32 -39.71 33.85
C GLU I 143 -61.28 -40.62 33.06
N ALA I 144 -60.98 -41.92 33.03
CA ALA I 144 -61.80 -42.91 32.33
C ALA I 144 -61.62 -44.25 33.02
N LYS I 145 -62.63 -45.12 32.92
CA LYS I 145 -62.58 -46.43 33.55
C LYS I 145 -62.88 -47.51 32.54
N VAL I 146 -61.99 -48.50 32.46
CA VAL I 146 -62.13 -49.64 31.56
C VAL I 146 -62.34 -50.88 32.42
N GLN I 147 -63.40 -51.62 32.15
CA GLN I 147 -63.64 -52.90 32.81
C GLN I 147 -63.70 -53.98 31.75
N TRP I 148 -62.84 -54.98 31.88
CA TRP I 148 -62.85 -56.12 30.97
C TRP I 148 -63.81 -57.19 31.48
N LYS I 149 -64.55 -57.80 30.56
CA LYS I 149 -65.42 -58.93 30.88
C LYS I 149 -65.15 -60.06 29.91
N VAL I 150 -65.14 -61.28 30.44
CA VAL I 150 -64.95 -62.48 29.65
C VAL I 150 -66.09 -63.40 30.01
N ASP I 151 -66.97 -63.69 29.04
CA ASP I 151 -68.20 -64.42 29.31
C ASP I 151 -68.95 -63.82 30.50
N ASN I 152 -68.99 -62.49 30.55
CA ASN I 152 -69.65 -61.65 31.56
C ASN I 152 -68.96 -61.64 32.91
N ALA I 153 -67.83 -62.31 33.07
CA ALA I 153 -67.11 -62.33 34.35
C ALA I 153 -66.16 -61.16 34.42
N LEU I 154 -66.26 -60.38 35.49
CA LEU I 154 -65.43 -59.19 35.66
C LEU I 154 -63.99 -59.58 35.86
N GLN I 155 -63.11 -59.06 35.02
CA GLN I 155 -61.68 -59.35 35.12
C GLN I 155 -61.02 -58.39 36.09
N SER I 156 -60.00 -58.88 36.78
CA SER I 156 -59.27 -58.04 37.73
C SER I 156 -57.81 -58.49 37.76
N GLY I 157 -56.90 -57.53 37.67
CA GLY I 157 -55.49 -57.80 37.87
C GLY I 157 -54.73 -58.22 36.64
N ASN I 158 -55.40 -58.46 35.51
CA ASN I 158 -54.73 -58.96 34.30
C ASN I 158 -54.78 -57.96 33.15
N SER I 159 -54.86 -56.66 33.43
CA SER I 159 -54.82 -55.64 32.39
C SER I 159 -53.83 -54.55 32.77
N GLN I 160 -53.29 -53.86 31.76
CA GLN I 160 -52.51 -52.64 31.96
C GLN I 160 -52.96 -51.60 30.95
N GLU I 161 -52.81 -50.33 31.31
CA GLU I 161 -53.29 -49.28 30.43
C GLU I 161 -52.28 -48.14 30.38
N SER I 162 -52.43 -47.33 29.33
CA SER I 162 -51.48 -46.27 29.02
C SER I 162 -52.27 -45.15 28.34
N VAL I 163 -51.92 -43.89 28.63
CA VAL I 163 -52.65 -42.71 28.13
C VAL I 163 -51.69 -41.79 27.38
N THR I 164 -52.17 -41.18 26.31
CA THR I 164 -51.38 -40.20 25.58
C THR I 164 -51.27 -38.89 26.35
N GLU I 165 -50.35 -38.03 25.90
CA GLU I 165 -50.35 -36.64 26.35
C GLU I 165 -51.54 -35.90 25.72
N GLN I 166 -51.91 -34.79 26.35
CA GLN I 166 -53.03 -34.00 25.86
C GLN I 166 -52.74 -33.47 24.47
N ASP I 167 -53.70 -33.62 23.57
CA ASP I 167 -53.52 -33.17 22.20
C ASP I 167 -53.45 -31.65 22.11
N SER I 168 -52.52 -31.17 21.29
CA SER I 168 -52.27 -29.72 21.26
C SER I 168 -53.40 -28.96 20.57
N LYS I 169 -54.14 -29.60 19.67
CA LYS I 169 -55.17 -28.90 18.91
C LYS I 169 -56.58 -29.09 19.46
N ASP I 170 -56.91 -30.26 20.03
CA ASP I 170 -58.28 -30.46 20.50
C ASP I 170 -58.37 -30.79 21.99
N SER I 171 -57.23 -30.81 22.70
CA SER I 171 -57.15 -30.98 24.15
C SER I 171 -57.66 -32.34 24.62
N THR I 172 -57.75 -33.32 23.75
CA THR I 172 -58.25 -34.63 24.15
C THR I 172 -57.11 -35.59 24.49
N TYR I 173 -57.50 -36.73 25.05
CA TYR I 173 -56.62 -37.85 25.37
C TYR I 173 -57.07 -39.09 24.64
N SER I 174 -56.18 -40.07 24.53
CA SER I 174 -56.55 -41.41 24.12
C SER I 174 -55.95 -42.40 25.12
N LEU I 175 -56.58 -43.57 25.24
CA LEU I 175 -56.15 -44.56 26.20
C LEU I 175 -56.16 -45.93 25.55
N SER I 176 -55.17 -46.76 25.90
CA SER I 176 -55.09 -48.12 25.39
C SER I 176 -54.96 -49.05 26.57
N SER I 177 -55.83 -50.06 26.65
CA SER I 177 -55.80 -51.06 27.70
C SER I 177 -55.60 -52.43 27.08
N THR I 178 -54.69 -53.20 27.65
CA THR I 178 -54.42 -54.55 27.17
C THR I 178 -54.81 -55.56 28.25
N LEU I 179 -55.69 -56.49 27.90
CA LEU I 179 -55.99 -57.64 28.74
C LEU I 179 -55.11 -58.80 28.29
N THR I 180 -54.39 -59.40 29.23
CA THR I 180 -53.49 -60.51 28.92
C THR I 180 -54.03 -61.80 29.51
N LEU I 181 -54.21 -62.81 28.64
CA LEU I 181 -54.71 -64.12 29.03
C LEU I 181 -53.79 -65.18 28.46
N SER I 182 -53.73 -66.33 29.13
CA SER I 182 -53.13 -67.49 28.49
C SER I 182 -53.97 -67.89 27.28
N LYS I 183 -53.33 -68.55 26.31
CA LYS I 183 -54.08 -69.14 25.21
C LYS I 183 -55.12 -70.13 25.72
N ALA I 184 -54.75 -70.98 26.69
CA ALA I 184 -55.70 -71.96 27.23
C ALA I 184 -56.94 -71.29 27.79
N ASP I 185 -56.76 -70.19 28.53
CA ASP I 185 -57.92 -69.47 29.05
C ASP I 185 -58.69 -68.81 27.91
N TYR I 186 -57.98 -68.19 26.97
CA TYR I 186 -58.65 -67.49 25.89
C TYR I 186 -59.60 -68.42 25.15
N GLU I 187 -59.17 -69.66 24.90
CA GLU I 187 -59.96 -70.60 24.11
C GLU I 187 -61.04 -71.31 24.90
N LYS I 188 -61.17 -71.02 26.19
CA LYS I 188 -62.25 -71.59 27.01
C LYS I 188 -63.47 -70.70 27.07
N HIS I 189 -63.44 -69.54 26.44
CA HIS I 189 -64.51 -68.56 26.57
C HIS I 189 -64.83 -67.94 25.22
N LYS I 190 -66.03 -67.40 25.13
CA LYS I 190 -66.60 -66.92 23.88
C LYS I 190 -66.62 -65.40 23.78
N VAL I 191 -67.20 -64.72 24.77
CA VAL I 191 -67.52 -63.30 24.65
C VAL I 191 -66.48 -62.48 25.38
N TYR I 192 -65.79 -61.61 24.64
CA TYR I 192 -64.78 -60.72 25.19
C TYR I 192 -65.25 -59.28 25.03
N ALA I 193 -65.32 -58.54 26.14
CA ALA I 193 -65.96 -57.23 26.14
C ALA I 193 -65.15 -56.26 26.97
N CYS I 194 -65.02 -55.01 26.50
CA CYS I 194 -64.52 -53.94 27.36
C CYS I 194 -65.65 -52.94 27.59
N GLU I 195 -65.91 -52.66 28.85
CA GLU I 195 -66.94 -51.73 29.28
C GLU I 195 -66.29 -50.43 29.75
N VAL I 196 -66.72 -49.31 29.18
CA VAL I 196 -66.06 -48.03 29.40
C VAL I 196 -67.01 -47.08 30.09
N THR I 197 -66.53 -46.48 31.18
CA THR I 197 -67.24 -45.44 31.93
C THR I 197 -66.48 -44.13 31.76
N HIS I 198 -67.21 -43.06 31.51
CA HIS I 198 -66.58 -41.76 31.30
C HIS I 198 -67.64 -40.69 31.51
N GLN I 199 -67.20 -39.51 31.91
CA GLN I 199 -68.14 -38.42 32.19
C GLN I 199 -69.02 -38.10 31.00
N GLY I 200 -68.48 -38.21 29.78
CA GLY I 200 -69.27 -37.93 28.59
C GLY I 200 -70.27 -38.99 28.20
N LEU I 201 -70.39 -40.07 28.98
CA LEU I 201 -71.30 -41.17 28.69
C LEU I 201 -72.36 -41.26 29.79
N SER I 202 -73.64 -41.26 29.37
CA SER I 202 -74.73 -41.38 30.33
C SER I 202 -74.82 -42.78 30.92
N SER I 203 -74.40 -43.79 30.17
CA SER I 203 -74.29 -45.14 30.67
C SER I 203 -73.13 -45.79 29.96
N PRO I 204 -72.53 -46.83 30.56
CA PRO I 204 -71.28 -47.37 30.02
C PRO I 204 -71.47 -47.90 28.61
N VAL I 205 -70.41 -47.81 27.82
CA VAL I 205 -70.39 -48.33 26.46
C VAL I 205 -69.60 -49.63 26.46
N THR I 206 -70.14 -50.65 25.80
CA THR I 206 -69.47 -51.95 25.73
C THR I 206 -69.21 -52.30 24.28
N LYS I 207 -67.96 -52.61 23.96
CA LYS I 207 -67.60 -53.16 22.66
C LYS I 207 -67.16 -54.59 22.90
N SER I 208 -67.61 -55.52 22.05
CA SER I 208 -67.32 -56.92 22.29
C SER I 208 -67.10 -57.64 20.97
N PHE I 209 -66.56 -58.84 21.09
CA PHE I 209 -66.50 -59.79 19.99
C PHE I 209 -66.72 -61.18 20.56
N ASN I 210 -67.01 -62.12 19.65
CA ASN I 210 -67.11 -63.54 19.98
C ASN I 210 -65.95 -64.27 19.32
N ARG I 211 -65.13 -64.94 20.12
CA ARG I 211 -63.92 -65.62 19.64
C ARG I 211 -64.23 -66.57 18.48
N ALA J 1 55.93 -47.55 26.92
CA ALA J 1 55.01 -47.01 25.93
C ALA J 1 54.54 -48.10 24.97
N ILE J 2 53.66 -47.72 24.04
CA ILE J 2 53.11 -48.64 23.05
C ILE J 2 53.62 -48.22 21.68
N GLN J 3 54.13 -49.18 20.92
CA GLN J 3 54.65 -48.93 19.58
C GLN J 3 53.71 -49.53 18.55
N LEU J 4 53.30 -48.72 17.58
CA LEU J 4 52.43 -49.16 16.50
C LEU J 4 53.27 -49.38 15.26
N THR J 5 53.20 -50.58 14.69
CA THR J 5 53.93 -50.93 13.49
C THR J 5 52.96 -51.01 12.32
N GLN J 6 53.20 -50.20 11.30
CA GLN J 6 52.33 -50.10 10.14
C GLN J 6 53.09 -50.58 8.91
N ALA J 7 52.57 -51.61 8.26
CA ALA J 7 53.19 -52.21 7.08
C ALA J 7 52.10 -52.57 6.08
N PRO J 8 52.43 -52.58 4.77
CA PRO J 8 53.70 -52.18 4.16
C PRO J 8 53.85 -50.66 4.10
N LEU J 9 55.08 -50.15 4.15
CA LEU J 9 55.29 -48.71 4.18
C LEU J 9 54.94 -48.02 2.88
N THR J 10 54.72 -48.77 1.80
CA THR J 10 54.38 -48.18 0.51
C THR J 10 53.62 -49.22 -0.30
N VAL J 11 52.33 -48.97 -0.52
CA VAL J 11 51.48 -49.85 -1.32
C VAL J 11 50.98 -49.07 -2.52
N SER J 12 51.08 -49.67 -3.70
CA SER J 12 50.72 -49.02 -4.96
C SER J 12 49.56 -49.74 -5.60
N ALA J 13 48.55 -48.99 -6.04
CA ALA J 13 47.41 -49.55 -6.73
C ALA J 13 46.81 -48.49 -7.63
N SER J 14 46.10 -48.93 -8.67
CA SER J 14 45.50 -48.03 -9.63
C SER J 14 44.10 -47.62 -9.15
N ILE J 15 43.48 -46.73 -9.92
CA ILE J 15 42.15 -46.24 -9.57
C ILE J 15 41.13 -47.35 -9.74
N GLY J 16 40.35 -47.61 -8.69
CA GLY J 16 39.33 -48.63 -8.72
C GLY J 16 39.80 -49.98 -8.21
N ASP J 17 40.61 -49.97 -7.17
CA ASP J 17 41.11 -51.19 -6.54
C ASP J 17 40.69 -51.23 -5.08
N THR J 18 41.06 -52.32 -4.40
CA THR J 18 40.78 -52.50 -2.99
C THR J 18 42.10 -52.78 -2.27
N ILE J 19 42.40 -51.99 -1.25
CA ILE J 19 43.65 -52.11 -0.51
C ILE J 19 43.31 -52.36 0.96
N THR J 20 44.17 -53.12 1.63
CA THR J 20 44.08 -53.34 3.07
C THR J 20 45.37 -52.85 3.71
N LEU J 21 45.25 -51.98 4.71
CA LEU J 21 46.38 -51.46 5.45
C LEU J 21 46.43 -52.09 6.83
N THR J 22 47.62 -52.44 7.29
CA THR J 22 47.80 -53.10 8.57
C THR J 22 48.51 -52.19 9.56
N CYS J 23 48.03 -52.18 10.80
CA CYS J 23 48.68 -51.47 11.89
C CYS J 23 48.72 -52.40 13.08
N ARG J 24 49.90 -52.93 13.39
CA ARG J 24 50.09 -53.88 14.48
C ARG J 24 50.58 -53.15 15.72
N ALA J 25 49.90 -53.38 16.84
CA ALA J 25 50.30 -52.76 18.10
C ALA J 25 51.26 -53.67 18.87
N SER J 26 51.91 -53.10 19.87
CA SER J 26 52.79 -53.88 20.72
C SER J 26 52.00 -54.67 21.75
N GLN J 27 51.27 -53.98 22.61
CA GLN J 27 50.38 -54.63 23.56
C GLN J 27 48.99 -54.76 22.93
N ASP J 28 48.00 -55.09 23.74
CA ASP J 28 46.60 -55.08 23.32
C ASP J 28 46.01 -53.73 23.73
N ILE J 29 45.63 -52.94 22.73
CA ILE J 29 45.09 -51.61 22.98
C ILE J 29 43.56 -51.60 22.85
N SER J 30 42.92 -52.75 23.03
CA SER J 30 41.47 -52.91 22.88
C SER J 30 41.13 -52.46 21.46
N ILE J 31 40.11 -51.64 21.26
CA ILE J 31 39.72 -51.17 19.94
C ILE J 31 40.07 -49.70 19.74
N TRP J 32 40.73 -49.06 20.69
CA TRP J 32 41.05 -47.64 20.62
C TRP J 32 42.21 -47.41 19.68
N LEU J 33 41.90 -47.26 18.39
CA LEU J 33 42.89 -46.93 17.38
C LEU J 33 42.21 -46.17 16.25
N SER J 34 42.59 -44.92 16.06
CA SER J 34 42.00 -44.08 15.04
C SER J 34 42.94 -43.92 13.86
N TRP J 35 42.36 -43.67 12.68
CA TRP J 35 43.08 -43.60 11.42
C TRP J 35 43.01 -42.18 10.87
N TYR J 36 44.15 -41.65 10.44
CA TYR J 36 44.25 -40.31 9.89
C TYR J 36 44.89 -40.34 8.52
N ARG J 37 44.39 -39.52 7.60
CA ARG J 37 44.89 -39.44 6.24
C ARG J 37 45.50 -38.06 6.01
N GLN J 38 46.73 -38.03 5.53
CA GLN J 38 47.44 -36.78 5.26
C GLN J 38 47.67 -36.65 3.76
N MET J 39 46.88 -35.83 3.10
CA MET J 39 47.14 -35.49 1.72
C MET J 39 48.46 -34.73 1.62
N PRO J 40 49.31 -35.02 0.63
CA PRO J 40 50.62 -34.35 0.54
C PRO J 40 50.52 -32.84 0.55
N GLY J 41 51.07 -32.21 1.60
CA GLY J 41 51.07 -30.78 1.77
C GLY J 41 49.94 -30.25 2.61
N LYS J 42 48.87 -31.02 2.80
CA LYS J 42 47.73 -30.59 3.59
C LYS J 42 47.92 -31.06 5.04
N ALA J 43 46.84 -30.97 5.84
CA ALA J 43 46.83 -31.43 7.21
C ALA J 43 46.12 -32.76 7.34
N PRO J 44 46.53 -33.61 8.29
CA PRO J 44 45.85 -34.89 8.46
C PRO J 44 44.40 -34.71 8.88
N GLU J 45 43.55 -35.64 8.46
CA GLU J 45 42.13 -35.62 8.79
C GLU J 45 41.71 -36.99 9.31
N LEU J 46 40.71 -36.97 10.18
CA LEU J 46 40.21 -38.20 10.78
C LEU J 46 39.37 -38.97 9.78
N LEU J 47 39.70 -40.26 9.59
CA LEU J 47 38.87 -41.17 8.80
C LEU J 47 38.05 -42.09 9.70
N ILE J 48 38.71 -42.88 10.54
CA ILE J 48 38.07 -43.89 11.36
C ILE J 48 38.55 -43.71 12.79
N TYR J 49 37.60 -43.74 13.72
CA TYR J 49 37.92 -43.74 15.16
C TYR J 49 37.36 -45.03 15.77
N ALA J 50 37.97 -45.48 16.86
CA ALA J 50 37.63 -46.74 17.53
C ALA J 50 37.76 -47.93 16.59
N ALA J 51 38.57 -47.78 15.55
CA ALA J 51 38.94 -48.81 14.57
C ALA J 51 37.78 -49.29 13.73
N SER J 52 36.55 -48.83 13.98
CA SER J 52 35.42 -49.27 13.18
C SER J 52 34.46 -48.16 12.79
N THR J 53 34.42 -47.03 13.49
CA THR J 53 33.40 -46.01 13.27
C THR J 53 33.88 -45.01 12.23
N LEU J 54 33.04 -44.74 11.23
CA LEU J 54 33.38 -43.81 10.17
C LEU J 54 33.10 -42.39 10.60
N ARG J 55 34.04 -41.48 10.31
CA ARG J 55 33.86 -40.04 10.64
C ARG J 55 32.73 -39.48 9.77
N GLY J 56 32.05 -38.46 10.27
CA GLY J 56 30.95 -37.82 9.53
C GLY J 56 31.45 -37.18 8.25
N GLY J 57 31.04 -37.74 7.11
CA GLY J 57 31.46 -37.23 5.83
C GLY J 57 32.38 -38.17 5.07
N VAL J 58 33.04 -39.09 5.76
CA VAL J 58 33.88 -40.08 5.08
C VAL J 58 32.99 -41.04 4.30
N PRO J 59 33.31 -41.34 3.03
CA PRO J 59 32.46 -42.26 2.27
C PRO J 59 32.46 -43.65 2.86
N SER J 60 31.39 -44.40 2.57
CA SER J 60 31.21 -45.73 3.13
C SER J 60 32.23 -46.74 2.63
N ARG J 61 33.01 -46.38 1.61
CA ARG J 61 34.06 -47.27 1.13
C ARG J 61 35.09 -47.57 2.20
N PHE J 62 35.48 -46.57 2.99
CA PHE J 62 36.44 -46.77 4.06
C PHE J 62 35.83 -47.64 5.16
N SER J 63 36.65 -48.52 5.72
CA SER J 63 36.20 -49.41 6.78
C SER J 63 37.39 -50.00 7.51
N GLY J 64 37.26 -50.14 8.82
CA GLY J 64 38.25 -50.79 9.66
C GLY J 64 37.69 -52.05 10.29
N ALA J 65 38.56 -52.74 11.04
CA ALA J 65 38.17 -53.98 11.68
C ALA J 65 39.17 -54.29 12.80
N ARG J 66 38.87 -55.38 13.52
CA ARG J 66 39.73 -55.97 14.55
C ARG J 66 39.80 -55.13 15.82
N SER J 67 39.80 -55.81 16.97
CA SER J 67 39.88 -55.15 18.28
C SER J 67 40.97 -55.75 19.16
N GLY J 68 41.97 -56.39 18.55
CA GLY J 68 43.06 -56.99 19.28
C GLY J 68 44.38 -56.28 19.08
N THR J 69 45.21 -56.83 18.19
CA THR J 69 46.52 -56.26 17.90
C THR J 69 46.72 -55.92 16.43
N ASP J 70 46.22 -56.74 15.51
CA ASP J 70 46.41 -56.54 14.08
C ASP J 70 45.22 -55.76 13.52
N PHE J 71 45.24 -54.45 13.70
CA PHE J 71 44.21 -53.59 13.15
C PHE J 71 44.37 -53.43 11.65
N SER J 72 43.24 -53.36 10.94
CA SER J 72 43.25 -53.27 9.49
C SER J 72 42.28 -52.21 9.02
N LEU J 73 42.63 -51.56 7.91
CA LEU J 73 41.77 -50.59 7.24
C LEU J 73 41.66 -50.99 5.77
N LYS J 74 40.43 -51.01 5.26
CA LYS J 74 40.15 -51.42 3.89
C LYS J 74 39.54 -50.27 3.11
N ILE J 75 40.10 -49.99 1.93
CA ILE J 75 39.59 -48.96 1.03
C ILE J 75 39.02 -49.65 -0.20
N LYS J 76 37.81 -49.26 -0.58
CA LYS J 76 37.16 -49.77 -1.78
C LYS J 76 36.94 -48.62 -2.76
N ASN J 77 36.98 -48.94 -4.05
CA ASN J 77 36.73 -47.97 -5.12
C ASN J 77 37.69 -46.78 -5.01
N LEU J 78 38.97 -47.10 -5.19
CA LEU J 78 40.02 -46.08 -5.07
C LEU J 78 39.78 -44.91 -6.01
N GLN J 79 40.02 -43.72 -5.50
CA GLN J 79 39.91 -42.47 -6.23
C GLN J 79 41.18 -41.67 -5.99
N PRO J 80 41.48 -40.69 -6.84
CA PRO J 80 42.75 -39.94 -6.68
C PRO J 80 42.89 -39.27 -5.32
N GLU J 81 41.79 -38.93 -4.65
CA GLU J 81 41.88 -38.31 -3.34
C GLU J 81 42.29 -39.28 -2.25
N ASP J 82 42.31 -40.59 -2.53
CA ASP J 82 42.72 -41.58 -1.55
C ASP J 82 44.22 -41.85 -1.55
N PHE J 83 44.96 -41.28 -2.51
CA PHE J 83 46.40 -41.51 -2.61
C PHE J 83 47.11 -40.52 -1.69
N ALA J 84 47.13 -40.85 -0.41
CA ALA J 84 47.75 -40.01 0.60
C ALA J 84 48.47 -40.92 1.60
N THR J 85 48.99 -40.33 2.66
CA THR J 85 49.70 -41.06 3.70
C THR J 85 48.76 -41.28 4.89
N TYR J 86 48.57 -42.55 5.26
CA TYR J 86 47.66 -42.91 6.32
C TYR J 86 48.44 -43.21 7.60
N TYR J 87 47.88 -42.78 8.73
CA TYR J 87 48.51 -42.98 10.02
C TYR J 87 47.51 -43.61 10.99
N CYS J 88 48.00 -44.54 11.80
CA CYS J 88 47.20 -45.15 12.85
C CYS J 88 47.67 -44.63 14.20
N PHE J 89 46.72 -44.19 15.03
CA PHE J 89 47.02 -43.53 16.29
C PHE J 89 46.27 -44.25 17.40
N GLN J 90 47.00 -44.73 18.41
CA GLN J 90 46.38 -45.41 19.54
C GLN J 90 46.03 -44.41 20.63
N SER J 91 45.03 -44.78 21.44
CA SER J 91 44.58 -43.92 22.52
C SER J 91 44.37 -44.70 23.82
N ASP J 92 45.10 -45.80 24.00
CA ASP J 92 44.96 -46.60 25.22
C ASP J 92 45.83 -46.05 26.34
N SER J 93 47.14 -46.01 26.14
CA SER J 93 48.07 -45.54 27.15
C SER J 93 48.45 -44.08 26.87
N TYR J 94 48.67 -43.33 27.95
CA TYR J 94 48.90 -41.87 27.86
C TYR J 94 50.18 -41.49 27.11
N PRO J 95 51.32 -42.21 27.15
CA PRO J 95 52.33 -42.04 26.11
C PRO J 95 51.74 -42.43 24.75
N ARG J 96 51.04 -41.50 24.10
CA ARG J 96 50.41 -41.71 22.81
C ARG J 96 51.46 -41.93 21.73
N ALA J 97 51.09 -42.69 20.71
CA ALA J 97 52.00 -43.01 19.62
C ALA J 97 51.24 -43.04 18.30
N PHE J 98 51.97 -42.76 17.22
CA PHE J 98 51.46 -42.82 15.86
C PHE J 98 52.10 -43.97 15.10
N GLY J 99 51.49 -44.31 13.98
CA GLY J 99 52.09 -45.25 13.07
C GLY J 99 53.18 -44.60 12.24
N GLN J 100 53.90 -45.45 11.51
CA GLN J 100 54.99 -44.94 10.67
C GLN J 100 54.46 -44.24 9.42
N GLY J 101 53.28 -44.61 8.95
CA GLY J 101 52.71 -43.98 7.78
C GLY J 101 52.81 -44.83 6.53
N THR J 102 51.67 -45.15 5.94
CA THR J 102 51.61 -45.95 4.72
C THR J 102 51.30 -45.03 3.55
N LYS J 103 52.27 -44.84 2.67
CA LYS J 103 52.13 -43.96 1.51
C LYS J 103 51.49 -44.74 0.38
N VAL J 104 50.23 -44.43 0.08
CA VAL J 104 49.50 -45.09 -1.00
C VAL J 104 49.62 -44.23 -2.25
N GLU J 105 50.12 -44.82 -3.33
CA GLU J 105 50.31 -44.12 -4.59
C GLU J 105 49.71 -44.96 -5.72
N ILE J 106 49.82 -44.44 -6.94
CA ILE J 106 49.37 -45.15 -8.13
C ILE J 106 50.53 -45.96 -8.68
N THR J 107 50.21 -47.09 -9.32
CA THR J 107 51.24 -47.98 -9.86
C THR J 107 52.07 -47.32 -10.95
N THR J 109 55.08 -47.33 -16.47
CA THR J 109 55.90 -48.13 -17.36
C THR J 109 57.37 -47.97 -16.97
N VAL J 110 58.11 -49.08 -16.89
CA VAL J 110 59.53 -48.97 -16.56
C VAL J 110 60.23 -48.19 -17.66
N ALA J 111 60.95 -47.15 -17.26
CA ALA J 111 61.60 -46.29 -18.24
C ALA J 111 62.89 -45.78 -17.66
N ALA J 112 63.98 -46.00 -18.38
CA ALA J 112 65.29 -45.51 -17.97
C ALA J 112 65.36 -43.99 -18.05
N PRO J 113 66.13 -43.37 -17.15
CA PRO J 113 66.31 -41.92 -17.23
C PRO J 113 67.09 -41.51 -18.46
N SER J 114 66.73 -40.33 -18.97
CA SER J 114 67.59 -39.58 -19.86
C SER J 114 68.55 -38.78 -18.97
N VAL J 115 69.86 -38.89 -19.22
CA VAL J 115 70.86 -38.36 -18.30
C VAL J 115 71.58 -37.18 -18.95
N PHE J 116 71.82 -36.13 -18.15
CA PHE J 116 72.52 -34.95 -18.61
C PHE J 116 73.48 -34.50 -17.51
N ILE J 117 74.65 -34.00 -17.92
CA ILE J 117 75.63 -33.48 -16.97
C ILE J 117 75.92 -32.03 -17.31
N PHE J 118 76.09 -31.20 -16.28
CA PHE J 118 76.29 -29.77 -16.44
C PHE J 118 77.54 -29.34 -15.68
N PRO J 119 78.53 -28.74 -16.35
CA PRO J 119 79.69 -28.23 -15.65
C PRO J 119 79.34 -27.02 -14.81
N PRO J 120 80.17 -26.67 -13.85
CA PRO J 120 79.97 -25.42 -13.12
C PRO J 120 80.18 -24.25 -14.06
N SER J 121 79.48 -23.16 -13.77
CA SER J 121 79.68 -21.93 -14.51
C SER J 121 80.96 -21.24 -14.07
N ASP J 122 81.58 -20.51 -15.00
CA ASP J 122 82.76 -19.73 -14.65
C ASP J 122 82.43 -18.66 -13.61
N GLU J 123 81.20 -18.16 -13.61
CA GLU J 123 80.79 -17.18 -12.59
C GLU J 123 80.83 -17.78 -11.19
N GLN J 124 80.32 -19.01 -11.05
CA GLN J 124 80.42 -19.68 -9.76
C GLN J 124 81.87 -19.90 -9.35
N LEU J 125 82.71 -20.32 -10.30
CA LEU J 125 84.09 -20.67 -9.97
C LEU J 125 84.83 -19.50 -9.33
N LYS J 126 84.51 -18.27 -9.71
CA LYS J 126 85.14 -17.10 -9.12
C LYS J 126 84.91 -17.03 -7.61
N SER J 127 83.88 -17.72 -7.10
CA SER J 127 83.53 -17.76 -5.69
C SER J 127 84.34 -18.78 -4.89
N GLY J 128 85.18 -19.60 -5.52
CA GLY J 128 85.95 -20.59 -4.80
C GLY J 128 85.31 -21.97 -4.70
N THR J 129 84.11 -22.16 -5.23
CA THR J 129 83.39 -23.42 -5.13
C THR J 129 82.83 -23.78 -6.49
N ALA J 130 82.72 -25.08 -6.75
CA ALA J 130 82.24 -25.61 -8.03
C ALA J 130 81.11 -26.59 -7.77
N SER J 131 79.99 -26.41 -8.47
CA SER J 131 78.89 -27.36 -8.43
C SER J 131 78.76 -28.04 -9.79
N VAL J 132 78.80 -29.37 -9.79
CA VAL J 132 78.53 -30.18 -10.98
C VAL J 132 77.17 -30.83 -10.78
N VAL J 133 76.30 -30.73 -11.78
CA VAL J 133 74.92 -31.18 -11.66
C VAL J 133 74.64 -32.30 -12.66
N CYS J 134 74.01 -33.37 -12.20
CA CYS J 134 73.61 -34.47 -13.05
C CYS J 134 72.10 -34.56 -12.97
N LEU J 135 71.43 -34.57 -14.12
CA LEU J 135 69.98 -34.65 -14.21
C LEU J 135 69.59 -36.02 -14.73
N LEU J 136 68.68 -36.68 -14.02
CA LEU J 136 68.06 -37.93 -14.45
C LEU J 136 66.61 -37.62 -14.76
N ASN J 137 66.21 -37.67 -16.02
CA ASN J 137 64.91 -37.14 -16.41
C ASN J 137 63.90 -38.24 -16.75
N ASN J 138 62.70 -38.13 -16.17
CA ASN J 138 61.49 -38.86 -16.61
C ASN J 138 61.70 -40.38 -16.60
N PHE J 139 61.95 -40.91 -15.40
CA PHE J 139 62.19 -42.32 -15.24
C PHE J 139 61.19 -42.93 -14.27
N TYR J 140 61.04 -44.25 -14.37
CA TYR J 140 60.20 -45.00 -13.46
C TYR J 140 60.82 -46.39 -13.39
N PRO J 141 60.96 -46.99 -12.18
CA PRO J 141 60.54 -46.56 -10.84
C PRO J 141 61.45 -45.53 -10.23
N ARG J 142 61.05 -45.08 -9.03
CA ARG J 142 61.71 -43.95 -8.39
C ARG J 142 63.14 -44.30 -7.97
N GLU J 143 63.42 -45.57 -7.68
CA GLU J 143 64.74 -45.97 -7.21
C GLU J 143 65.79 -45.78 -8.31
N ALA J 144 66.85 -45.03 -8.02
CA ALA J 144 67.93 -44.79 -8.97
C ALA J 144 69.20 -44.53 -8.18
N LYS J 145 70.36 -44.82 -8.80
CA LYS J 145 71.64 -44.64 -8.14
C LYS J 145 72.56 -43.80 -9.00
N VAL J 146 73.11 -42.73 -8.41
CA VAL J 146 74.05 -41.84 -9.08
C VAL J 146 75.40 -42.00 -8.41
N GLN J 147 76.43 -42.26 -9.20
CA GLN J 147 77.80 -42.32 -8.71
C GLN J 147 78.62 -41.28 -9.45
N TRP J 148 79.22 -40.36 -8.71
CA TRP J 148 80.10 -39.37 -9.31
C TRP J 148 81.53 -39.90 -9.39
N LYS J 149 82.19 -39.61 -10.51
CA LYS J 149 83.60 -39.94 -10.68
C LYS J 149 84.36 -38.72 -11.15
N VAL J 150 85.56 -38.54 -10.61
CA VAL J 150 86.43 -37.45 -10.97
C VAL J 150 87.77 -38.09 -11.31
N ASP J 151 88.18 -37.99 -12.58
CA ASP J 151 89.37 -38.70 -13.07
C ASP J 151 89.32 -40.18 -12.66
N ASN J 152 88.13 -40.77 -12.78
CA ASN J 152 87.79 -42.16 -12.51
C ASN J 152 87.76 -42.52 -11.03
N ALA J 153 87.98 -41.57 -10.13
CA ALA J 153 87.95 -41.84 -8.70
C ALA J 153 86.54 -41.70 -8.17
N LEU J 154 86.05 -42.73 -7.47
CA LEU J 154 84.69 -42.75 -6.95
C LEU J 154 84.55 -41.71 -5.85
N GLN J 155 83.59 -40.81 -6.01
CA GLN J 155 83.35 -39.77 -5.02
C GLN J 155 82.40 -40.29 -3.95
N SER J 156 82.58 -39.81 -2.73
CA SER J 156 81.71 -40.22 -1.63
C SER J 156 81.58 -39.06 -0.66
N GLY J 157 80.34 -38.76 -0.25
CA GLY J 157 80.10 -37.80 0.80
C GLY J 157 79.98 -36.36 0.37
N ASN J 158 80.25 -36.04 -0.90
CA ASN J 158 80.23 -34.66 -1.38
C ASN J 158 79.14 -34.40 -2.41
N SER J 159 78.04 -35.15 -2.36
CA SER J 159 76.90 -34.89 -3.25
C SER J 159 75.60 -34.89 -2.46
N GLN J 160 74.61 -34.19 -2.98
CA GLN J 160 73.24 -34.25 -2.47
C GLN J 160 72.27 -34.37 -3.64
N GLU J 161 71.13 -35.00 -3.39
CA GLU J 161 70.20 -35.22 -4.48
C GLU J 161 68.77 -34.95 -4.03
N SER J 162 67.90 -34.74 -5.01
CA SER J 162 66.53 -34.33 -4.78
C SER J 162 65.68 -34.91 -5.91
N VAL J 163 64.45 -35.35 -5.59
CA VAL J 163 63.57 -36.02 -6.55
C VAL J 163 62.24 -35.29 -6.63
N THR J 164 61.67 -35.21 -7.84
CA THR J 164 60.35 -34.62 -8.01
C THR J 164 59.25 -35.54 -7.48
N GLU J 165 58.05 -34.99 -7.35
CA GLU J 165 56.87 -35.82 -7.14
C GLU J 165 56.53 -36.55 -8.44
N GLN J 166 55.78 -37.63 -8.30
CA GLN J 166 55.40 -38.42 -9.46
C GLN J 166 54.53 -37.60 -10.41
N ASP J 167 54.88 -37.66 -11.70
CA ASP J 167 54.16 -36.87 -12.70
C ASP J 167 52.73 -37.39 -12.88
N SER J 168 51.79 -36.45 -12.98
CA SER J 168 50.39 -36.84 -13.01
C SER J 168 49.99 -37.51 -14.32
N LYS J 169 50.69 -37.22 -15.41
CA LYS J 169 50.30 -37.75 -16.71
C LYS J 169 51.11 -38.97 -17.15
N ASP J 170 52.39 -39.07 -16.79
CA ASP J 170 53.17 -40.22 -17.26
C ASP J 170 53.77 -41.05 -16.12
N SER J 171 53.50 -40.69 -14.87
CA SER J 171 53.88 -41.43 -13.67
C SER J 171 55.39 -41.53 -13.47
N THR J 172 56.16 -40.66 -14.10
CA THR J 172 57.61 -40.72 -13.97
C THR J 172 58.10 -39.76 -12.89
N TYR J 173 59.39 -39.91 -12.58
CA TYR J 173 60.15 -39.05 -11.67
C TYR J 173 61.32 -38.42 -12.40
N SER J 174 61.83 -37.34 -11.82
CA SER J 174 63.13 -36.82 -12.22
C SER J 174 63.98 -36.60 -10.98
N LEU J 175 65.30 -36.64 -11.16
CA LEU J 175 66.22 -36.53 -10.04
C LEU J 175 67.36 -35.58 -10.40
N SER J 176 67.80 -34.78 -9.44
CA SER J 176 68.92 -33.87 -9.64
C SER J 176 69.93 -34.12 -8.54
N SER J 177 71.18 -34.36 -8.92
CA SER J 177 72.27 -34.57 -7.98
C SER J 177 73.32 -33.51 -8.19
N THR J 178 73.80 -32.92 -7.12
CA THR J 178 74.84 -31.91 -7.17
C THR J 178 76.08 -32.42 -6.48
N LEU J 179 77.20 -32.43 -7.20
CA LEU J 179 78.51 -32.69 -6.63
C LEU J 179 79.16 -31.35 -6.30
N THR J 180 79.61 -31.17 -5.05
CA THR J 180 80.22 -29.91 -4.61
C THR J 180 81.70 -30.13 -4.37
N LEU J 181 82.53 -29.34 -5.05
CA LEU J 181 83.97 -29.38 -4.92
C LEU J 181 84.49 -27.97 -4.67
N SER J 182 85.64 -27.87 -4.01
CA SER J 182 86.36 -26.61 -4.00
C SER J 182 86.82 -26.30 -5.43
N LYS J 183 87.00 -25.01 -5.71
CA LYS J 183 87.63 -24.62 -6.97
C LYS J 183 89.01 -25.24 -7.12
N ALA J 184 89.81 -25.23 -6.05
CA ALA J 184 91.16 -25.81 -6.11
C ALA J 184 91.11 -27.28 -6.52
N ASP J 185 90.17 -28.04 -5.95
CA ASP J 185 90.05 -29.44 -6.35
C ASP J 185 89.53 -29.55 -7.77
N TYR J 186 88.53 -28.75 -8.13
CA TYR J 186 87.96 -28.83 -9.46
C TYR J 186 89.03 -28.66 -10.53
N GLU J 187 89.95 -27.73 -10.33
CA GLU J 187 90.97 -27.40 -11.33
C GLU J 187 92.15 -28.34 -11.31
N LYS J 188 92.17 -29.33 -10.43
CA LYS J 188 93.23 -30.33 -10.40
C LYS J 188 92.90 -31.57 -11.21
N HIS J 189 91.72 -31.63 -11.80
CA HIS J 189 91.24 -32.84 -12.45
C HIS J 189 90.57 -32.49 -13.77
N LYS J 190 90.50 -33.49 -14.65
CA LYS J 190 90.06 -33.31 -16.02
C LYS J 190 88.67 -33.87 -16.27
N VAL J 191 88.44 -35.14 -15.93
CA VAL J 191 87.25 -35.87 -16.38
C VAL J 191 86.25 -35.92 -15.24
N TYR J 192 85.06 -35.36 -15.47
CA TYR J 192 83.97 -35.35 -14.51
C TYR J 192 82.82 -36.16 -15.09
N ALA J 193 82.37 -37.17 -14.35
CA ALA J 193 81.42 -38.13 -14.88
C ALA J 193 80.37 -38.47 -13.83
N CYS J 194 79.11 -38.59 -14.25
CA CYS J 194 78.10 -39.20 -13.38
C CYS J 194 77.66 -40.52 -14.01
N GLU J 195 77.73 -41.59 -13.21
CA GLU J 195 77.34 -42.92 -13.62
C GLU J 195 76.01 -43.28 -12.99
N VAL J 196 75.04 -43.68 -13.80
CA VAL J 196 73.67 -43.88 -13.36
C VAL J 196 73.28 -45.34 -13.51
N THR J 197 72.75 -45.91 -12.44
CA THR J 197 72.21 -47.26 -12.40
C THR J 197 70.70 -47.17 -12.19
N HIS J 198 69.95 -47.95 -12.96
CA HIS J 198 68.50 -47.91 -12.86
C HIS J 198 67.96 -49.19 -13.47
N GLN J 199 66.78 -49.60 -13.00
CA GLN J 199 66.20 -50.85 -13.48
C GLN J 199 66.02 -50.87 -15.00
N GLY J 200 65.70 -49.72 -15.60
CA GLY J 200 65.53 -49.65 -17.03
C GLY J 200 66.81 -49.67 -17.85
N LEU J 201 67.97 -49.79 -17.21
CA LEU J 201 69.27 -49.82 -17.88
C LEU J 201 69.93 -51.17 -17.69
N SER J 202 70.34 -51.80 -18.80
CA SER J 202 71.04 -53.07 -18.72
C SER J 202 72.45 -52.93 -18.17
N SER J 203 73.07 -51.78 -18.39
CA SER J 203 74.36 -51.47 -17.79
C SER J 203 74.39 -49.97 -17.55
N PRO J 204 75.20 -49.51 -16.61
CA PRO J 204 75.13 -48.10 -16.19
C PRO J 204 75.43 -47.17 -17.35
N VAL J 205 74.81 -45.99 -17.32
CA VAL J 205 75.04 -44.95 -18.31
C VAL J 205 75.92 -43.89 -17.68
N THR J 206 76.93 -43.45 -18.41
CA THR J 206 77.85 -42.43 -17.92
C THR J 206 77.82 -41.23 -18.85
N LYS J 207 77.56 -40.05 -18.29
CA LYS J 207 77.71 -38.80 -19.01
C LYS J 207 78.88 -38.06 -18.41
N SER J 208 79.74 -37.49 -19.26
CA SER J 208 80.95 -36.87 -18.74
C SER J 208 81.29 -35.63 -19.55
N PHE J 209 82.20 -34.84 -18.99
CA PHE J 209 82.84 -33.76 -19.72
C PHE J 209 84.30 -33.68 -19.28
N ASN J 210 85.10 -32.97 -20.06
CA ASN J 210 86.49 -32.66 -19.72
C ASN J 210 86.59 -31.17 -19.43
N ARG J 211 87.05 -30.83 -18.22
CA ARG J 211 87.11 -29.42 -17.78
C ARG J 211 87.87 -28.56 -18.78
N GLN K 1 11.51 25.25 29.97
CA GLN K 1 10.14 25.21 30.44
C GLN K 1 10.09 25.19 31.97
N ALA K 2 11.28 25.08 32.58
CA ALA K 2 11.42 25.10 34.05
C ALA K 2 11.08 26.50 34.56
N ARG K 3 9.99 26.62 35.33
CA ARG K 3 9.59 27.92 35.83
C ARG K 3 9.05 27.78 37.24
N LEU K 4 9.12 28.88 37.99
CA LEU K 4 8.52 28.99 39.31
C LEU K 4 7.34 29.95 39.19
N GLN K 5 6.13 29.44 39.43
CA GLN K 5 4.92 30.22 39.31
C GLN K 5 4.33 30.45 40.69
N GLN K 6 4.01 31.71 40.99
CA GLN K 6 3.32 32.07 42.22
C GLN K 6 2.20 33.05 41.89
N TRP K 7 1.10 32.93 42.64
CA TRP K 7 -0.13 33.62 42.33
C TRP K 7 -0.44 34.66 43.40
N GLU K 8 -1.17 35.69 42.99
CA GLU K 8 -1.47 36.81 43.88
C GLU K 8 -2.36 36.35 45.03
N GLY K 9 -2.04 36.82 46.24
CA GLY K 9 -2.80 36.53 47.43
C GLY K 9 -3.77 37.60 47.86
N ARG K 10 -3.93 38.67 47.07
CA ARG K 10 -4.83 39.79 47.31
C ARG K 10 -4.40 40.59 48.55
N PRO K 11 -4.85 41.83 48.69
CA PRO K 11 -4.50 42.59 49.89
C PRO K 11 -5.02 41.91 51.16
N LEU K 12 -4.26 42.09 52.24
CA LEU K 12 -4.58 41.46 53.52
C LEU K 12 -4.60 42.52 54.61
N LYS K 13 -5.41 42.28 55.63
CA LYS K 13 -5.53 43.22 56.72
C LYS K 13 -4.29 43.18 57.61
N PRO K 14 -3.92 44.31 58.22
CA PRO K 14 -2.73 44.34 59.07
C PRO K 14 -2.89 43.44 60.28
N ALA K 15 -1.75 42.98 60.80
CA ALA K 15 -1.69 42.08 61.95
C ALA K 15 -2.43 40.77 61.67
N GLU K 16 -1.96 40.08 60.64
CA GLU K 16 -2.51 38.79 60.24
C GLU K 16 -1.36 37.87 59.84
N THR K 17 -1.69 36.75 59.21
CA THR K 17 -0.70 35.79 58.74
C THR K 17 -0.57 35.90 57.23
N LEU K 18 0.66 36.00 56.75
CA LEU K 18 0.96 36.13 55.33
C LEU K 18 1.33 34.76 54.79
N SER K 19 0.41 34.16 54.04
CA SER K 19 0.59 32.81 53.50
C SER K 19 0.90 32.92 52.01
N LEU K 20 2.12 32.54 51.64
CA LEU K 20 2.56 32.49 50.25
C LEU K 20 2.80 31.06 49.82
N THR K 21 2.75 30.85 48.51
CA THR K 21 2.98 29.52 47.95
C THR K 21 3.55 29.69 46.55
N CYS K 22 4.63 28.97 46.27
CA CYS K 22 5.29 29.00 44.96
C CYS K 22 5.15 27.64 44.29
N GLY K 23 4.83 27.65 43.01
CA GLY K 23 4.67 26.43 42.24
C GLY K 23 5.91 26.14 41.43
N VAL K 24 6.51 24.98 41.69
CA VAL K 24 7.77 24.58 41.06
C VAL K 24 7.46 23.61 39.93
N HIS K 25 7.73 24.01 38.70
CA HIS K 25 7.53 23.16 37.53
C HIS K 25 8.82 23.10 36.73
N GLY K 26 9.00 21.96 36.05
CA GLY K 26 10.21 21.73 35.28
C GLY K 26 11.25 20.99 36.08
N VAL K 27 11.38 21.34 37.35
CA VAL K 27 12.39 20.77 38.27
C VAL K 27 11.63 20.40 39.54
N GLY K 28 12.31 19.86 40.54
CA GLY K 28 11.60 19.44 41.76
C GLY K 28 12.28 20.04 42.97
N LEU K 29 11.64 19.94 44.13
CA LEU K 29 12.17 20.57 45.33
C LEU K 29 13.47 19.94 45.81
N GLY K 30 13.75 18.71 45.40
CA GLY K 30 14.92 18.01 45.94
C GLY K 30 16.22 18.56 45.38
N GLY K 31 17.25 18.60 46.22
CA GLY K 31 18.64 18.73 45.76
C GLY K 31 19.11 20.16 45.85
N SER K 32 18.25 21.08 45.45
CA SER K 32 18.53 22.53 45.60
C SER K 32 17.98 22.99 46.94
N GLY K 33 17.98 24.29 47.13
CA GLY K 33 17.34 24.92 48.26
C GLY K 33 16.42 26.02 47.78
N TRP K 34 15.41 26.31 48.60
CA TRP K 34 14.33 27.20 48.18
C TRP K 34 14.15 28.30 49.21
N GLY K 35 14.18 29.55 48.76
CA GLY K 35 14.12 30.70 49.64
C GLY K 35 13.18 31.75 49.10
N TRP K 36 13.07 32.85 49.85
CA TRP K 36 12.13 33.92 49.53
C TRP K 36 12.87 35.25 49.52
N ILE K 37 12.60 36.05 48.49
CA ILE K 37 13.18 37.38 48.33
C ILE K 37 12.04 38.36 48.10
N ARG K 38 12.09 39.50 48.78
CA ARG K 38 11.07 40.53 48.63
C ARG K 38 11.68 41.76 47.97
N GLN K 39 10.83 42.73 47.69
CA GLN K 39 11.28 44.01 47.15
C GLN K 39 10.28 45.10 47.46
N PRO K 40 10.51 45.91 48.51
CA PRO K 40 9.63 47.03 48.76
C PRO K 40 9.67 48.01 47.61
N PRO K 41 8.54 48.68 47.34
CA PRO K 41 8.49 49.58 46.17
C PRO K 41 9.53 50.69 46.27
N GLY K 42 10.16 50.98 45.14
CA GLY K 42 11.16 52.03 45.09
C GLY K 42 12.41 51.74 45.90
N GLN K 43 12.64 50.48 46.26
CA GLN K 43 13.78 50.10 47.09
C GLN K 43 14.44 48.86 46.48
N GLY K 44 15.52 48.41 47.13
CA GLY K 44 16.22 47.23 46.70
C GLY K 44 15.62 45.96 47.27
N LEU K 45 16.23 44.83 46.91
CA LEU K 45 15.73 43.54 47.33
C LEU K 45 16.19 43.23 48.76
N GLN K 46 15.44 42.38 49.44
CA GLN K 46 15.73 41.99 50.81
C GLN K 46 15.60 40.48 50.94
N TRP K 47 16.54 39.87 51.66
CA TRP K 47 16.52 38.44 51.90
C TRP K 47 15.65 38.13 53.10
N ILE K 48 14.70 37.21 52.94
CA ILE K 48 13.83 36.80 54.04
C ILE K 48 14.37 35.54 54.69
N GLY K 49 14.51 34.48 53.91
CA GLY K 49 15.02 33.23 54.45
C GLY K 49 15.05 32.18 53.37
N GLU K 50 15.71 31.05 53.69
CA GLU K 50 15.88 29.93 52.74
C GLU K 50 15.88 28.61 53.52
N ILE K 51 15.54 27.53 52.83
CA ILE K 51 15.78 26.17 53.30
C ILE K 51 16.85 25.56 52.41
N ASP K 52 17.95 25.11 53.01
CA ASP K 52 19.08 24.62 52.19
C ASP K 52 18.86 23.14 51.88
N HIS K 53 19.76 22.55 51.09
CA HIS K 53 19.61 21.20 50.57
C HIS K 53 19.45 20.19 51.68
N ASP K 54 20.00 20.53 52.85
CA ASP K 54 20.12 19.65 54.04
C ASP K 54 18.77 19.61 54.76
N GLY K 55 17.91 20.59 54.46
CA GLY K 55 16.63 20.77 55.17
C GLY K 55 16.78 21.71 56.33
N SER K 56 17.68 22.69 56.24
CA SER K 56 17.99 23.55 57.39
C SER K 56 17.60 25.00 57.08
N HIS K 57 16.97 25.66 58.05
CA HIS K 57 16.17 26.88 57.78
C HIS K 57 16.98 28.12 58.15
N LYS K 58 17.57 28.77 57.17
CA LYS K 58 18.26 30.06 57.42
C LYS K 58 17.20 31.16 57.39
N HIS K 59 17.19 32.04 58.39
CA HIS K 59 16.19 33.12 58.53
C HIS K 59 16.92 34.45 58.70
N ASN K 60 16.33 35.56 58.23
CA ASN K 60 16.94 36.87 58.39
C ASN K 60 16.80 37.34 59.83
N PRO K 61 17.85 37.93 60.40
CA PRO K 61 17.76 38.39 61.80
C PRO K 61 16.70 39.44 62.03
N ALA K 62 16.40 40.27 61.04
CA ALA K 62 15.46 41.37 61.24
C ALA K 62 14.06 40.85 61.59
N LEU K 63 13.61 39.81 60.89
CA LEU K 63 12.29 39.22 61.15
C LEU K 63 12.46 38.14 62.20
N ARG K 64 12.26 38.51 63.47
CA ARG K 64 12.54 37.63 64.59
C ARG K 64 11.26 36.90 65.03
N SER K 65 11.30 35.58 64.99
CA SER K 65 10.28 34.66 65.50
C SER K 65 8.99 34.70 64.72
N ARG K 66 8.85 35.59 63.74
CA ARG K 66 7.65 35.66 62.91
C ARG K 66 7.83 34.93 61.58
N LEU K 67 8.95 34.22 61.40
CA LEU K 67 9.24 33.51 60.16
C LEU K 67 9.00 32.02 60.33
N SER K 68 8.44 31.40 59.28
CA SER K 68 8.26 29.96 59.24
C SER K 68 8.02 29.55 57.80
N MET K 69 8.80 28.60 57.31
CA MET K 69 8.70 28.12 55.94
C MET K 69 8.59 26.61 55.94
N SER K 70 8.04 26.07 54.85
CA SER K 70 7.89 24.64 54.70
C SER K 70 7.93 24.29 53.22
N LEU K 71 8.25 23.02 52.95
CA LEU K 71 8.32 22.51 51.59
C LEU K 71 7.32 21.39 51.42
N ASP K 72 6.47 21.51 50.40
CA ASP K 72 5.47 20.49 50.08
C ASP K 72 6.06 19.60 48.99
N THR K 73 6.77 18.56 49.40
CA THR K 73 7.45 17.68 48.44
C THR K 73 6.44 16.98 47.53
N SER K 74 5.29 16.60 48.08
CA SER K 74 4.28 15.92 47.27
C SER K 74 3.72 16.82 46.18
N ARG K 75 3.44 18.08 46.52
CA ARG K 75 2.86 19.03 45.57
C ARG K 75 3.90 19.92 44.91
N ASN K 76 5.18 19.81 45.28
CA ASN K 76 6.25 20.65 44.76
C ASN K 76 5.93 22.14 44.96
N GLN K 77 5.71 22.50 46.23
CA GLN K 77 5.34 23.86 46.58
C GLN K 77 6.15 24.34 47.77
N VAL K 78 6.52 25.62 47.75
CA VAL K 78 7.27 26.27 48.81
C VAL K 78 6.35 27.28 49.47
N SER K 79 6.29 27.26 50.80
CA SER K 79 5.33 28.06 51.55
C SER K 79 6.05 29.06 52.45
N LEU K 80 5.40 30.21 52.64
CA LEU K 80 5.84 31.24 53.57
C LEU K 80 4.68 31.60 54.49
N ARG K 81 4.97 31.77 55.78
CA ARG K 81 3.95 32.01 56.79
C ARG K 81 4.35 33.15 57.71
N LEU K 82 4.74 34.28 57.12
CA LEU K 82 5.04 35.47 57.90
C LEU K 82 3.81 35.91 58.70
N THR K 83 4.02 36.20 59.98
CA THR K 83 2.94 36.56 60.90
C THR K 83 3.10 37.99 61.38
N SER K 84 1.99 38.54 61.89
CA SER K 84 1.94 39.90 62.43
C SER K 84 2.43 40.91 61.40
N VAL K 85 1.79 40.89 60.23
CA VAL K 85 2.24 41.71 59.11
C VAL K 85 1.95 43.17 59.39
N THR K 86 2.96 44.02 59.24
CA THR K 86 2.87 45.45 59.44
C THR K 86 2.92 46.14 58.08
N ALA K 87 2.53 47.42 58.06
CA ALA K 87 2.49 48.18 56.81
C ALA K 87 3.85 48.23 56.12
N ALA K 88 4.95 48.10 56.87
CA ALA K 88 6.28 48.11 56.28
C ALA K 88 6.58 46.85 55.47
N ASP K 89 5.74 45.81 55.58
CA ASP K 89 5.93 44.56 54.87
C ASP K 89 5.26 44.56 53.50
N THR K 90 4.90 45.73 52.98
CA THR K 90 4.27 45.84 51.66
C THR K 90 5.37 45.72 50.61
N ALA K 91 5.48 44.55 49.99
CA ALA K 91 6.54 44.32 49.02
C ALA K 91 6.13 43.17 48.10
N ILE K 92 6.81 43.08 46.96
CA ILE K 92 6.62 41.99 46.01
C ILE K 92 7.50 40.82 46.47
N TYR K 93 6.88 39.68 46.73
CA TYR K 93 7.58 38.52 47.25
C TYR K 93 7.94 37.56 46.12
N TYR K 94 9.21 37.16 46.07
CA TYR K 94 9.71 36.25 45.06
C TYR K 94 10.12 34.93 45.70
N CYS K 95 9.87 33.84 44.99
CA CYS K 95 10.36 32.52 45.39
C CYS K 95 11.55 32.18 44.51
N VAL K 96 12.65 31.77 45.15
CA VAL K 96 13.90 31.53 44.44
C VAL K 96 14.41 30.13 44.77
N ARG K 97 15.22 29.61 43.84
CA ARG K 97 15.95 28.33 44.03
C ARG K 97 17.42 28.64 44.25
N VAL K 98 17.94 28.51 45.47
CA VAL K 98 19.38 28.67 45.69
C VAL K 98 20.06 27.40 45.23
N TYR K 99 20.71 27.46 44.07
CA TYR K 99 21.36 26.27 43.48
C TYR K 99 22.79 26.23 43.99
N ARG K 100 23.32 25.03 44.24
CA ARG K 100 24.66 24.79 44.72
C ARG K 100 25.55 24.38 43.56
N GLU K 101 26.56 25.20 43.27
CA GLU K 101 27.66 24.79 42.37
C GLU K 101 28.94 24.80 43.20
N LYS K 102 29.80 23.81 43.01
CA LYS K 102 31.05 23.73 43.76
C LYS K 102 32.15 24.45 43.00
N PHE K 103 32.72 25.48 43.63
CA PHE K 103 33.83 26.23 43.08
C PHE K 103 35.09 25.92 43.89
N LEU K 104 36.17 25.61 43.19
CA LEU K 104 37.41 25.18 43.82
C LEU K 104 38.36 26.37 43.90
N ILE K 105 38.48 26.96 45.08
CA ILE K 105 39.57 27.87 45.39
C ILE K 105 40.82 27.00 45.47
N GLY K 106 41.99 27.61 45.58
CA GLY K 106 43.26 26.91 45.47
C GLY K 106 43.30 25.52 46.08
N GLU K 107 42.75 25.36 47.29
CA GLU K 107 42.75 24.07 47.95
C GLU K 107 41.41 23.73 48.60
N PHE K 108 40.43 24.62 48.55
CA PHE K 108 39.19 24.49 49.30
C PHE K 108 38.01 24.37 48.35
N LEU K 109 37.12 23.42 48.64
CA LEU K 109 35.91 23.21 47.87
C LEU K 109 34.72 23.73 48.65
N THR K 110 33.88 24.54 48.02
CA THR K 110 32.74 25.16 48.67
C THR K 110 31.47 24.89 47.89
N ASP K 111 30.36 24.80 48.61
CA ASP K 111 29.03 24.83 48.00
C ASP K 111 28.60 26.29 47.89
N TYR K 112 28.49 26.77 46.65
CA TYR K 112 28.14 28.16 46.39
C TYR K 112 26.67 28.23 45.98
N ARG K 113 25.88 29.01 46.71
CA ARG K 113 24.44 29.15 46.49
C ARG K 113 24.17 30.49 45.85
N PHE K 114 23.46 30.47 44.71
CA PHE K 114 23.38 31.64 43.81
C PHE K 114 21.98 31.85 43.22
N MET K 115 20.91 31.42 43.88
CA MET K 115 19.53 31.79 43.51
C MET K 115 19.31 31.68 41.99
N ASP K 116 19.33 30.46 41.47
CA ASP K 116 19.40 30.19 40.01
C ASP K 116 18.15 30.75 39.35
N MET K 117 16.99 30.49 39.95
CA MET K 117 15.66 30.56 39.29
C MET K 117 14.70 31.34 40.18
N TRP K 118 14.11 32.38 39.60
CA TRP K 118 13.29 33.37 40.28
C TRP K 118 11.82 33.15 39.95
N GLY K 119 10.96 33.54 40.88
CA GLY K 119 9.54 33.53 40.65
C GLY K 119 9.12 34.70 39.77
N THR K 120 7.81 34.86 39.63
CA THR K 120 7.27 35.92 38.80
C THR K 120 6.90 37.17 39.58
N GLY K 121 6.43 37.02 40.82
CA GLY K 121 6.09 38.18 41.63
C GLY K 121 4.70 38.11 42.22
N THR K 122 4.59 38.38 43.52
CA THR K 122 3.31 38.42 44.21
C THR K 122 3.24 39.75 44.97
N THR K 123 2.57 40.74 44.39
CA THR K 123 2.44 42.05 45.02
C THR K 123 1.55 41.93 46.26
N VAL K 124 2.15 42.07 47.43
CA VAL K 124 1.43 41.99 48.70
C VAL K 124 1.31 43.40 49.26
N ILE K 125 0.07 43.84 49.46
CA ILE K 125 -0.23 45.17 50.00
C ILE K 125 -1.11 44.99 51.21
N VAL K 126 -0.78 45.67 52.31
CA VAL K 126 -1.54 45.61 53.55
C VAL K 126 -2.09 46.99 53.86
N SER K 127 -3.38 47.06 54.16
CA SER K 127 -4.04 48.31 54.50
C SER K 127 -5.25 48.05 55.38
N ALA K 129 -7.59 50.70 54.58
CA ALA K 129 -8.59 51.24 53.69
C ALA K 129 -9.42 50.12 53.04
N SER K 130 -10.61 50.49 52.60
CA SER K 130 -11.50 49.61 51.84
C SER K 130 -11.53 50.05 50.39
N THR K 131 -11.86 49.10 49.51
CA THR K 131 -11.97 49.41 48.09
C THR K 131 -12.83 50.64 47.88
N LYS K 132 -12.31 51.59 47.10
CA LYS K 132 -13.00 52.85 46.87
C LYS K 132 -12.63 53.35 45.48
N GLY K 133 -13.64 53.70 44.68
CA GLY K 133 -13.38 54.25 43.37
C GLY K 133 -12.99 55.70 43.46
N PRO K 134 -12.32 56.21 42.43
CA PRO K 134 -11.85 57.59 42.48
C PRO K 134 -12.94 58.61 42.17
N SER K 135 -12.68 59.83 42.61
CA SER K 135 -13.35 61.01 42.10
C SER K 135 -12.45 61.64 41.04
N VAL K 136 -13.01 62.01 39.90
CA VAL K 136 -12.21 62.51 38.79
C VAL K 136 -12.55 63.98 38.57
N PHE K 137 -11.53 64.85 38.70
CA PHE K 137 -11.72 66.29 38.59
C PHE K 137 -10.94 66.81 37.39
N PRO K 138 -11.48 67.81 36.69
CA PRO K 138 -10.75 68.40 35.57
C PRO K 138 -9.58 69.27 36.05
N LEU K 139 -8.49 69.21 35.28
CA LEU K 139 -7.42 70.19 35.29
C LEU K 139 -7.62 71.03 34.02
N ALA K 140 -8.26 72.19 34.19
CA ALA K 140 -8.78 72.80 32.98
C ALA K 140 -7.82 73.85 32.46
N PRO K 141 -7.64 73.95 31.13
CA PRO K 141 -6.77 74.94 30.52
C PRO K 141 -7.29 76.38 30.65
N GLY K 149 0.50 79.28 21.97
CA GLY K 149 1.03 78.10 21.32
C GLY K 149 0.46 76.78 21.85
N THR K 150 0.97 76.33 22.99
CA THR K 150 0.62 75.05 23.58
C THR K 150 -0.11 75.25 24.91
N ALA K 151 -1.18 74.49 25.11
CA ALA K 151 -1.91 74.47 26.35
C ALA K 151 -1.80 73.09 27.00
N ALA K 152 -1.91 73.05 28.33
CA ALA K 152 -1.98 71.81 29.08
C ALA K 152 -3.36 71.65 29.70
N LEU K 153 -3.87 70.43 29.67
CA LEU K 153 -5.09 70.08 30.40
C LEU K 153 -4.88 68.69 30.99
N GLY K 154 -5.78 68.27 31.85
CA GLY K 154 -5.60 66.97 32.44
C GLY K 154 -6.77 66.59 33.32
N CYS K 155 -6.60 65.50 34.04
CA CYS K 155 -7.57 64.99 34.99
C CYS K 155 -6.85 64.64 36.29
N LEU K 156 -7.50 64.97 37.40
CA LEU K 156 -7.00 64.62 38.72
C LEU K 156 -7.85 63.47 39.23
N VAL K 157 -7.22 62.32 39.46
CA VAL K 157 -7.90 61.09 39.82
C VAL K 157 -7.62 60.87 41.31
N LYS K 158 -8.58 61.24 42.16
CA LYS K 158 -8.29 61.40 43.57
C LYS K 158 -9.05 60.40 44.42
N ASP K 159 -8.40 59.95 45.51
CA ASP K 159 -9.05 59.24 46.62
C ASP K 159 -9.61 57.88 46.21
N TYR K 160 -8.72 57.03 45.70
CA TYR K 160 -9.12 55.67 45.36
C TYR K 160 -8.24 54.67 46.10
N PHE K 161 -8.72 53.41 46.14
CA PHE K 161 -7.97 52.33 46.77
C PHE K 161 -8.51 51.01 46.26
N PRO K 162 -7.66 50.02 45.97
CA PRO K 162 -6.20 50.11 45.93
C PRO K 162 -5.73 50.52 44.53
N GLU K 163 -4.42 50.50 44.30
CA GLU K 163 -3.89 50.58 42.95
C GLU K 163 -4.33 49.35 42.15
N PRO K 164 -4.35 49.44 40.81
CA PRO K 164 -3.99 50.61 40.00
C PRO K 164 -5.18 51.28 39.33
N VAL K 165 -4.92 52.46 38.79
CA VAL K 165 -5.83 53.18 37.91
C VAL K 165 -5.13 53.28 36.57
N THR K 166 -5.88 53.13 35.47
CA THR K 166 -5.33 53.43 34.16
C THR K 166 -6.08 54.62 33.56
N VAL K 167 -5.39 55.37 32.70
CA VAL K 167 -5.97 56.55 32.07
C VAL K 167 -5.59 56.53 30.60
N SER K 168 -6.56 56.75 29.73
CA SER K 168 -6.28 57.03 28.34
C SER K 168 -6.97 58.34 28.00
N TRP K 169 -6.66 58.89 26.82
CA TRP K 169 -7.28 60.11 26.36
C TRP K 169 -7.98 59.86 25.03
N ASN K 170 -9.21 60.36 24.93
CA ASN K 170 -10.03 60.24 23.72
C ASN K 170 -10.08 58.79 23.26
N SER K 171 -10.31 57.91 24.23
CA SER K 171 -10.44 56.47 24.00
C SER K 171 -9.18 55.88 23.35
N GLY K 172 -8.02 56.43 23.67
CA GLY K 172 -6.77 55.95 23.11
C GLY K 172 -6.34 56.60 21.81
N ALA K 173 -7.18 57.48 21.25
CA ALA K 173 -6.86 58.13 19.99
C ALA K 173 -5.86 59.26 20.17
N LEU K 174 -5.74 59.79 21.38
CA LEU K 174 -4.81 60.85 21.72
C LEU K 174 -3.71 60.24 22.58
N THR K 175 -2.50 60.14 22.02
CA THR K 175 -1.36 59.65 22.77
C THR K 175 -0.17 60.60 22.79
N SER K 176 0.05 61.40 21.74
CA SER K 176 1.16 62.33 21.73
C SER K 176 0.97 63.41 22.80
N GLY K 177 2.01 63.62 23.59
CA GLY K 177 1.97 64.64 24.62
C GLY K 177 1.28 64.24 25.90
N VAL K 178 0.84 62.98 26.03
CA VAL K 178 0.17 62.52 27.24
C VAL K 178 1.22 62.13 28.26
N HIS K 179 1.02 62.56 29.51
CA HIS K 179 1.80 62.06 30.63
C HIS K 179 0.86 61.63 31.74
N THR K 180 0.92 60.36 32.12
CA THR K 180 0.18 59.86 33.25
C THR K 180 1.16 59.57 34.37
N PHE K 181 1.00 60.25 35.48
CA PHE K 181 2.02 60.24 36.52
C PHE K 181 1.83 59.05 37.46
N PRO K 182 2.89 58.62 38.12
CA PRO K 182 2.75 57.62 39.19
C PRO K 182 1.80 58.13 40.26
N ALA K 183 0.98 57.23 40.80
CA ALA K 183 0.13 57.65 41.90
C ALA K 183 0.97 57.97 43.12
N VAL K 184 0.44 58.83 43.99
CA VAL K 184 1.00 59.04 45.31
C VAL K 184 0.02 58.51 46.34
N LEU K 185 0.57 57.99 47.44
CA LEU K 185 -0.24 57.54 48.56
C LEU K 185 -0.43 58.72 49.50
N GLN K 186 -1.67 59.18 49.65
CA GLN K 186 -1.89 60.36 50.48
C GLN K 186 -1.92 59.96 51.95
N SER K 187 -1.84 60.97 52.82
CA SER K 187 -1.84 60.72 54.26
C SER K 187 -3.14 60.08 54.73
N SER K 188 -4.22 60.19 53.95
CA SER K 188 -5.49 59.54 54.22
C SER K 188 -5.45 58.03 54.02
N GLY K 189 -4.39 57.52 53.40
CA GLY K 189 -4.37 56.13 52.99
C GLY K 189 -4.97 55.88 51.62
N LEU K 190 -5.47 56.91 50.96
CA LEU K 190 -6.03 56.78 49.62
C LEU K 190 -5.03 57.32 48.59
N TYR K 191 -5.09 56.77 47.38
CA TYR K 191 -4.17 57.19 46.33
C TYR K 191 -4.75 58.34 45.53
N SER K 192 -3.88 59.03 44.82
CA SER K 192 -4.29 60.08 43.89
C SER K 192 -3.28 60.10 42.75
N LEU K 193 -3.76 60.31 41.53
CA LEU K 193 -2.80 60.55 40.45
C LEU K 193 -3.37 61.57 39.49
N SER K 194 -2.50 62.09 38.66
CA SER K 194 -2.91 63.02 37.62
C SER K 194 -2.43 62.50 36.27
N SER K 195 -3.24 62.78 35.25
CA SER K 195 -2.84 62.56 33.88
C SER K 195 -3.02 63.86 33.12
N VAL K 196 -2.05 64.21 32.28
CA VAL K 196 -2.11 65.46 31.56
C VAL K 196 -1.82 65.22 30.08
N VAL K 197 -2.15 66.21 29.27
CA VAL K 197 -1.80 66.20 27.86
C VAL K 197 -1.59 67.64 27.42
N THR K 198 -0.58 67.86 26.57
CA THR K 198 -0.37 69.17 25.97
C THR K 198 -0.91 69.16 24.55
N VAL K 199 -1.63 70.22 24.19
CA VAL K 199 -2.32 70.31 22.90
C VAL K 199 -2.16 71.72 22.36
N PRO K 200 -2.35 71.91 21.06
CA PRO K 200 -2.34 73.27 20.52
C PRO K 200 -3.44 74.10 21.17
N SER K 201 -3.07 75.30 21.64
CA SER K 201 -4.06 76.18 22.26
C SER K 201 -5.24 76.44 21.33
N SER K 202 -4.97 76.54 20.03
CA SER K 202 -6.02 76.80 19.06
C SER K 202 -7.07 75.69 18.99
N SER K 203 -6.80 74.52 19.55
CA SER K 203 -7.76 73.43 19.48
C SER K 203 -8.72 73.39 20.66
N LEU K 204 -8.53 74.25 21.68
CA LEU K 204 -9.28 74.11 22.92
C LEU K 204 -10.77 74.35 22.75
N GLY K 205 -11.18 75.20 21.84
CA GLY K 205 -12.61 75.37 21.71
C GLY K 205 -13.27 74.47 20.71
N THR K 206 -12.50 73.73 19.93
CA THR K 206 -13.05 72.95 18.84
C THR K 206 -12.90 71.45 19.03
N GLN K 207 -11.78 70.99 19.58
CA GLN K 207 -11.57 69.57 19.78
C GLN K 207 -11.98 69.19 21.20
N THR K 208 -12.70 68.08 21.32
CA THR K 208 -13.14 67.56 22.61
C THR K 208 -12.04 66.69 23.20
N TYR K 209 -11.79 66.87 24.50
CA TYR K 209 -10.77 66.10 25.22
C TYR K 209 -11.43 65.38 26.39
N ILE K 210 -11.32 64.06 26.40
CA ILE K 210 -11.94 63.20 27.41
C ILE K 210 -10.86 62.30 27.98
N CYS K 211 -10.71 62.32 29.30
CA CYS K 211 -9.81 61.37 29.95
C CYS K 211 -10.62 60.15 30.37
N ASN K 212 -10.16 58.96 29.96
CA ASN K 212 -10.84 57.71 30.26
C ASN K 212 -10.12 57.07 31.44
N VAL K 213 -10.76 57.12 32.59
CA VAL K 213 -10.21 56.62 33.84
C VAL K 213 -10.83 55.26 34.12
N ASN K 214 -10.00 54.27 34.40
CA ASN K 214 -10.48 52.93 34.73
C ASN K 214 -9.87 52.49 36.06
N HIS K 215 -10.73 52.17 37.03
CA HIS K 215 -10.29 51.63 38.31
C HIS K 215 -10.90 50.24 38.46
N LYS K 216 -10.17 49.23 37.98
CA LYS K 216 -10.68 47.87 37.97
C LYS K 216 -11.09 47.37 39.35
N PRO K 217 -10.34 47.62 40.43
CA PRO K 217 -10.73 47.01 41.72
C PRO K 217 -12.12 47.37 42.19
N SER K 218 -12.65 48.54 41.82
CA SER K 218 -14.01 48.92 42.20
C SER K 218 -14.98 48.89 41.02
N ASN K 219 -14.55 48.41 39.85
CA ASN K 219 -15.37 48.44 38.63
C ASN K 219 -15.84 49.85 38.29
N THR K 220 -14.95 50.83 38.47
CA THR K 220 -15.28 52.23 38.21
C THR K 220 -14.64 52.65 36.90
N LYS K 221 -15.46 53.11 35.95
CA LYS K 221 -14.99 53.74 34.72
C LYS K 221 -15.62 55.11 34.61
N VAL K 222 -14.79 56.12 34.33
CA VAL K 222 -15.20 57.51 34.20
C VAL K 222 -14.61 58.03 32.89
N ASP K 223 -15.44 58.66 32.07
CA ASP K 223 -15.02 59.40 30.87
C ASP K 223 -15.28 60.87 31.15
N LYS K 224 -14.25 61.60 31.57
CA LYS K 224 -14.41 62.98 32.03
C LYS K 224 -14.05 63.94 30.91
N ARG K 225 -15.04 64.68 30.43
CA ARG K 225 -14.80 65.81 29.52
C ARG K 225 -14.07 66.92 30.27
N VAL K 226 -12.96 67.38 29.71
CA VAL K 226 -12.17 68.46 30.28
C VAL K 226 -12.33 69.67 29.36
N GLU K 227 -13.14 70.63 29.78
CA GLU K 227 -13.33 71.84 29.03
C GLU K 227 -12.60 72.98 29.71
N PRO K 228 -12.22 74.02 28.98
CA PRO K 228 -11.78 75.24 29.64
C PRO K 228 -12.87 75.71 30.61
N LYS K 229 -12.45 76.24 31.76
CA LYS K 229 -13.41 76.71 32.77
C LYS K 229 -14.36 77.79 32.24
N ALA L 1 27.15 41.31 60.57
CA ALA L 1 26.84 41.06 59.17
C ALA L 1 27.83 41.76 58.25
N ILE L 2 27.65 41.57 56.94
CA ILE L 2 28.51 42.16 55.92
C ILE L 2 27.69 43.17 55.14
N GLN L 3 28.24 44.37 54.96
CA GLN L 3 27.58 45.44 54.23
C GLN L 3 28.30 45.65 52.90
N LEU L 4 27.54 45.63 51.81
CA LEU L 4 28.07 45.87 50.48
C LEU L 4 27.74 47.30 50.07
N THR L 5 28.75 48.06 49.70
CA THR L 5 28.59 49.44 49.26
C THR L 5 28.81 49.50 47.76
N GLN L 6 27.79 49.96 47.03
CA GLN L 6 27.83 50.03 45.58
C GLN L 6 27.76 51.49 45.16
N ALA L 7 28.79 51.94 44.43
CA ALA L 7 28.88 53.31 43.97
C ALA L 7 29.44 53.33 42.56
N PRO L 8 29.09 54.34 41.74
CA PRO L 8 28.14 55.42 42.01
C PRO L 8 26.69 54.96 41.90
N LEU L 9 25.77 55.56 42.66
CA LEU L 9 24.39 55.11 42.67
C LEU L 9 23.66 55.39 41.36
N THR L 10 24.24 56.19 40.46
CA THR L 10 23.59 56.50 39.19
C THR L 10 24.68 56.88 38.20
N VAL L 11 24.90 56.04 37.20
CA VAL L 11 25.87 56.30 36.14
C VAL L 11 25.14 56.36 34.82
N SER L 12 25.43 57.38 34.02
CA SER L 12 24.75 57.63 32.77
C SER L 12 25.73 57.51 31.61
N ALA L 13 25.34 56.78 30.57
CA ALA L 13 26.15 56.65 29.38
C ALA L 13 25.25 56.36 28.20
N SER L 14 25.73 56.68 27.00
CA SER L 14 24.97 56.48 25.79
C SER L 14 25.20 55.08 25.24
N ILE L 15 24.49 54.75 24.16
CA ILE L 15 24.60 53.43 23.56
C ILE L 15 25.97 53.27 22.90
N GLY L 16 26.68 52.20 23.26
CA GLY L 16 27.98 51.93 22.70
C GLY L 16 29.12 52.49 23.53
N ASP L 17 29.01 52.41 24.85
CA ASP L 17 30.04 52.87 25.78
C ASP L 17 30.50 51.71 26.65
N THR L 18 31.46 51.99 27.51
CA THR L 18 31.99 51.01 28.47
C THR L 18 31.88 51.60 29.87
N ILE L 19 31.22 50.87 30.77
CA ILE L 19 31.01 51.31 32.13
C ILE L 19 31.63 50.31 33.08
N THR L 20 32.11 50.79 34.22
CA THR L 20 32.60 49.95 35.30
C THR L 20 31.79 50.26 36.56
N LEU L 21 31.22 49.22 37.16
CA LEU L 21 30.45 49.33 38.38
C LEU L 21 31.26 48.77 39.54
N THR L 22 31.21 49.45 40.68
CA THR L 22 31.97 49.07 41.85
C THR L 22 31.05 48.60 42.97
N CYS L 23 31.45 47.51 43.63
CA CYS L 23 30.75 47.01 44.81
C CYS L 23 31.80 46.69 45.86
N ARG L 24 31.90 47.53 46.88
CA ARG L 24 32.88 47.38 47.94
C ARG L 24 32.26 46.66 49.13
N ALA L 25 32.92 45.63 49.61
CA ALA L 25 32.43 44.87 50.76
C ALA L 25 33.04 45.44 52.05
N SER L 26 32.45 45.05 53.18
CA SER L 26 32.99 45.46 54.48
C SER L 26 34.20 44.60 54.85
N GLN L 27 33.99 43.30 55.00
CA GLN L 27 35.08 42.37 55.24
C GLN L 27 35.59 41.85 53.91
N ASP L 28 36.43 40.82 53.95
CA ASP L 28 36.85 40.11 52.76
C ASP L 28 35.94 38.92 52.55
N ILE L 29 35.16 38.94 51.47
CA ILE L 29 34.20 37.88 51.18
C ILE L 29 34.74 36.90 50.14
N SER L 30 36.06 36.82 49.99
CA SER L 30 36.72 35.98 48.99
C SER L 30 36.19 36.42 47.63
N ILE L 31 35.79 35.51 46.75
CA ILE L 31 35.26 35.85 45.44
C ILE L 31 33.76 35.63 45.34
N TRP L 32 33.10 35.25 46.43
CA TRP L 32 31.68 34.93 46.42
C TRP L 32 30.87 36.22 46.39
N LEU L 33 30.62 36.72 45.18
CA LEU L 33 29.77 37.89 44.99
C LEU L 33 29.14 37.80 43.60
N SER L 34 27.81 37.67 43.57
CA SER L 34 27.08 37.54 42.32
C SER L 34 26.38 38.85 41.96
N TRP L 35 26.16 39.05 40.67
CA TRP L 35 25.60 40.29 40.14
C TRP L 35 24.24 40.01 39.52
N TYR L 36 23.26 40.84 39.84
CA TYR L 36 21.90 40.71 39.34
C TYR L 36 21.45 42.00 38.68
N ARG L 37 20.72 41.86 37.57
CA ARG L 37 20.21 43.00 36.82
C ARG L 37 18.69 43.00 36.87
N GLN L 38 18.11 44.13 37.26
CA GLN L 38 16.66 44.28 37.37
C GLN L 38 16.20 45.30 36.33
N MET L 39 15.62 44.82 35.24
CA MET L 39 14.97 45.70 34.29
C MET L 39 13.77 46.36 34.97
N PRO L 40 13.54 47.67 34.76
CA PRO L 40 12.43 48.35 35.43
C PRO L 40 11.08 47.67 35.23
N GLY L 41 10.51 47.17 36.32
CA GLY L 41 9.23 46.49 36.29
C GLY L 41 9.31 44.98 36.19
N LYS L 42 10.45 44.44 35.75
CA LYS L 42 10.64 43.01 35.61
C LYS L 42 11.23 42.44 36.90
N ALA L 43 11.71 41.19 36.83
CA ALA L 43 12.37 40.53 37.95
C ALA L 43 13.88 40.51 37.74
N PRO L 44 14.66 40.55 38.82
CA PRO L 44 16.12 40.49 38.66
C PRO L 44 16.56 39.17 38.07
N GLU L 45 17.66 39.22 37.31
CA GLU L 45 18.22 38.04 36.68
C GLU L 45 19.72 37.97 36.96
N LEU L 46 20.23 36.75 37.01
CA LEU L 46 21.65 36.54 37.29
C LEU L 46 22.49 36.89 36.07
N LEU L 47 23.50 37.74 36.27
CA LEU L 47 24.50 38.01 35.24
C LEU L 47 25.80 37.27 35.50
N ILE L 48 26.42 37.53 36.65
CA ILE L 48 27.74 37.00 37.00
C ILE L 48 27.65 36.38 38.39
N TYR L 49 28.20 35.19 38.51
CA TYR L 49 28.33 34.54 39.84
C TYR L 49 29.82 34.31 40.09
N ALA L 50 30.20 34.23 41.37
CA ALA L 50 31.59 34.10 41.80
C ALA L 50 32.46 35.24 41.28
N ALA L 51 31.83 36.38 40.96
CA ALA L 51 32.45 37.63 40.55
C ALA L 51 33.18 37.53 39.21
N SER L 52 33.27 36.36 38.60
CA SER L 52 33.94 36.23 37.31
C SER L 52 33.23 35.37 36.30
N THR L 53 32.33 34.46 36.70
CA THR L 53 31.74 33.49 35.79
C THR L 53 30.47 34.05 35.18
N LEU L 54 30.37 33.97 33.86
CA LEU L 54 29.20 34.47 33.14
C LEU L 54 28.09 33.44 33.15
N ARG L 55 26.86 33.91 33.43
CA ARG L 55 25.67 33.00 33.42
C ARG L 55 25.43 32.53 31.99
N GLY L 56 24.84 31.34 31.84
CA GLY L 56 24.54 30.78 30.50
C GLY L 56 23.55 31.64 29.77
N GLY L 57 24.00 32.28 28.68
CA GLY L 57 23.16 33.15 27.90
C GLY L 57 23.53 34.61 27.98
N VAL L 58 24.24 35.02 29.02
CA VAL L 58 24.71 36.40 29.12
C VAL L 58 25.78 36.65 28.07
N PRO L 59 25.71 37.74 27.32
CA PRO L 59 26.71 38.00 26.28
C PRO L 59 28.09 38.21 26.89
N SER L 60 29.12 37.94 26.08
CA SER L 60 30.51 38.01 26.53
C SER L 60 30.95 39.42 26.88
N ARG L 61 30.14 40.43 26.55
CA ARG L 61 30.48 41.81 26.91
C ARG L 61 30.56 41.98 28.43
N PHE L 62 29.64 41.37 29.17
CA PHE L 62 29.66 41.47 30.62
C PHE L 62 30.86 40.73 31.20
N SER L 63 31.47 41.31 32.23
CA SER L 63 32.64 40.70 32.85
C SER L 63 32.85 41.32 34.23
N GLY L 64 33.26 40.49 35.18
CA GLY L 64 33.64 40.92 36.50
C GLY L 64 35.11 40.66 36.78
N ALA L 65 35.54 41.08 37.97
CA ALA L 65 36.94 40.93 38.36
C ALA L 65 37.05 41.06 39.87
N ARG L 66 38.27 40.85 40.38
CA ARG L 66 38.67 41.06 41.77
C ARG L 66 38.11 40.00 42.70
N SER L 67 38.92 39.57 43.67
CA SER L 67 38.53 38.58 44.66
C SER L 67 38.83 39.03 46.08
N GLY L 68 38.92 40.34 46.30
CA GLY L 68 39.20 40.88 47.61
C GLY L 68 38.02 41.63 48.20
N THR L 69 38.05 42.96 48.08
CA THR L 69 36.99 43.81 48.62
C THR L 69 36.35 44.69 47.57
N ASP L 70 37.12 45.24 46.63
CA ASP L 70 36.60 46.16 45.62
C ASP L 70 36.24 45.38 44.36
N PHE L 71 35.07 44.75 44.38
CA PHE L 71 34.59 44.02 43.22
C PHE L 71 34.11 44.98 42.14
N SER L 72 34.34 44.60 40.88
CA SER L 72 34.00 45.45 39.76
C SER L 72 33.31 44.65 38.67
N LEU L 73 32.39 45.30 37.97
CA LEU L 73 31.71 44.74 36.81
C LEU L 73 31.86 45.70 35.64
N LYS L 74 32.23 45.17 34.48
CA LYS L 74 32.47 45.98 33.29
C LYS L 74 31.51 45.57 32.18
N ILE L 75 30.84 46.55 31.59
CA ILE L 75 29.93 46.34 30.47
C ILE L 75 30.55 46.98 29.23
N LYS L 76 30.59 46.22 28.14
CA LYS L 76 31.07 46.70 26.87
C LYS L 76 29.94 46.68 25.85
N ASN L 77 29.99 47.61 24.90
CA ASN L 77 29.01 47.71 23.81
C ASN L 77 27.59 47.82 24.38
N LEU L 78 27.36 48.94 25.05
CA LEU L 78 26.07 49.18 25.71
C LEU L 78 24.92 49.11 24.71
N GLN L 79 23.84 48.48 25.12
CA GLN L 79 22.60 48.36 24.36
C GLN L 79 21.45 48.76 25.27
N PRO L 80 20.29 49.09 24.68
CA PRO L 80 19.16 49.56 25.52
C PRO L 80 18.75 48.56 26.59
N GLU L 81 18.97 47.27 26.38
CA GLU L 81 18.60 46.28 27.39
C GLU L 81 19.54 46.30 28.60
N ASP L 82 20.66 47.01 28.53
CA ASP L 82 21.58 47.09 29.65
C ASP L 82 21.26 48.23 30.61
N PHE L 83 20.31 49.09 30.27
CA PHE L 83 19.95 50.23 31.11
C PHE L 83 18.94 49.76 32.16
N ALA L 84 19.47 49.14 33.20
CA ALA L 84 18.66 48.61 34.29
C ALA L 84 19.40 48.87 35.60
N THR L 85 18.85 48.33 36.69
CA THR L 85 19.44 48.50 38.01
C THR L 85 20.21 47.22 38.37
N TYR L 86 21.48 47.37 38.67
CA TYR L 86 22.35 46.25 38.97
C TYR L 86 22.56 46.13 40.47
N TYR L 87 22.57 44.89 40.96
CA TYR L 87 22.75 44.62 42.38
C TYR L 87 23.88 43.60 42.56
N CYS L 88 24.68 43.81 43.60
CA CYS L 88 25.74 42.87 43.97
C CYS L 88 25.32 42.17 45.26
N PHE L 89 25.42 40.85 45.27
CA PHE L 89 24.94 40.02 46.36
C PHE L 89 26.07 39.12 46.83
N GLN L 90 26.41 39.20 48.11
CA GLN L 90 27.46 38.38 48.68
C GLN L 90 26.89 37.06 49.20
N SER L 91 27.74 36.04 49.25
CA SER L 91 27.31 34.73 49.71
C SER L 91 28.34 34.11 50.66
N ASP L 92 29.09 34.94 51.38
CA ASP L 92 30.09 34.43 52.31
C ASP L 92 29.48 34.13 53.68
N SER L 93 28.90 35.13 54.32
CA SER L 93 28.31 34.97 55.64
C SER L 93 26.80 34.82 55.51
N TYR L 94 26.22 34.01 56.40
CA TYR L 94 24.79 33.63 56.32
C TYR L 94 23.84 34.81 56.51
N PRO L 95 24.07 35.86 57.32
CA PRO L 95 23.34 37.12 57.13
C PRO L 95 23.68 37.69 55.75
N ARG L 96 22.98 37.23 54.72
CA ARG L 96 23.18 37.67 53.34
C ARG L 96 22.79 39.13 53.17
N ALA L 97 23.43 39.80 52.22
CA ALA L 97 23.19 41.21 51.99
C ALA L 97 23.27 41.50 50.50
N PHE L 98 22.56 42.55 50.09
CA PHE L 98 22.55 43.04 48.72
C PHE L 98 23.22 44.40 48.65
N GLY L 99 23.55 44.79 47.43
CA GLY L 99 24.03 46.15 47.20
C GLY L 99 22.88 47.13 47.17
N GLN L 100 23.25 48.42 47.13
CA GLN L 100 22.24 49.46 47.11
C GLN L 100 21.56 49.58 45.75
N GLY L 101 22.27 49.21 44.68
CA GLY L 101 21.70 49.27 43.36
C GLY L 101 22.21 50.42 42.54
N THR L 102 22.83 50.13 41.40
CA THR L 102 23.35 51.15 40.50
C THR L 102 22.42 51.27 39.31
N LYS L 103 21.74 52.41 39.21
CA LYS L 103 20.78 52.66 38.13
C LYS L 103 21.52 53.21 36.94
N VAL L 104 21.66 52.41 35.89
CA VAL L 104 22.34 52.83 34.67
C VAL L 104 21.29 53.32 33.68
N GLU L 105 21.45 54.55 33.21
CA GLU L 105 20.51 55.16 32.28
C GLU L 105 21.30 55.78 31.12
N ILE L 106 20.57 56.39 30.19
CA ILE L 106 21.17 57.08 29.07
C ILE L 106 21.37 58.54 29.44
N THR L 107 22.40 59.16 28.86
CA THR L 107 22.74 60.54 29.17
C THR L 107 21.62 61.51 28.77
N THR L 109 19.44 66.89 26.38
CA THR L 109 19.71 68.33 26.28
C THR L 109 19.08 69.04 27.48
N VAL L 110 19.83 69.95 28.12
CA VAL L 110 19.26 70.68 29.25
C VAL L 110 18.09 71.51 28.75
N ALA L 111 16.95 71.34 29.39
CA ALA L 111 15.76 72.04 28.95
C ALA L 111 14.90 72.37 30.16
N ALA L 112 14.55 73.65 30.29
CA ALA L 112 13.70 74.10 31.38
C ALA L 112 12.28 73.58 31.20
N PRO L 113 11.59 73.32 32.31
CA PRO L 113 10.19 72.90 32.21
C PRO L 113 9.30 74.03 31.70
N SER L 114 8.27 73.62 30.97
CA SER L 114 7.10 74.44 30.73
C SER L 114 6.19 74.25 31.93
N VAL L 115 5.74 75.34 32.56
CA VAL L 115 5.06 75.26 33.85
C VAL L 115 3.59 75.67 33.66
N PHE L 116 2.69 74.93 34.33
CA PHE L 116 1.27 75.21 34.29
C PHE L 116 0.69 75.03 35.68
N ILE L 117 -0.26 75.88 36.05
CA ILE L 117 -0.94 75.77 37.34
C ILE L 117 -2.43 75.60 37.10
N PHE L 118 -3.06 74.75 37.93
CA PHE L 118 -4.47 74.41 37.78
C PHE L 118 -5.19 74.65 39.10
N PRO L 119 -6.22 75.48 39.12
CA PRO L 119 -7.00 75.66 40.35
C PRO L 119 -7.83 74.42 40.65
N PRO L 120 -8.28 74.27 41.89
CA PRO L 120 -9.21 73.19 42.19
C PRO L 120 -10.53 73.43 41.47
N SER L 121 -11.20 72.33 41.15
CA SER L 121 -12.53 72.42 40.57
C SER L 121 -13.56 72.76 41.63
N ASP L 122 -14.61 73.46 41.21
CA ASP L 122 -15.71 73.74 42.14
C ASP L 122 -16.36 72.46 42.64
N GLU L 123 -16.36 71.40 41.82
CA GLU L 123 -16.91 70.12 42.26
C GLU L 123 -16.14 69.54 43.42
N GLN L 124 -14.80 69.60 43.35
CA GLN L 124 -14.00 69.16 44.49
C GLN L 124 -14.28 70.00 45.73
N LEU L 125 -14.37 71.32 45.56
CA LEU L 125 -14.51 72.20 46.71
C LEU L 125 -15.74 71.86 47.55
N LYS L 126 -16.81 71.37 46.91
CA LYS L 126 -18.01 70.97 47.65
C LYS L 126 -17.70 69.88 48.67
N SER L 127 -16.61 69.14 48.49
CA SER L 127 -16.18 68.06 49.38
C SER L 127 -15.42 68.53 50.61
N GLY L 128 -15.10 69.83 50.72
CA GLY L 128 -14.36 70.32 51.86
C GLY L 128 -12.85 70.38 51.69
N THR L 129 -12.32 69.94 50.55
CA THR L 129 -10.89 69.90 50.31
C THR L 129 -10.59 70.48 48.94
N ALA L 130 -9.41 71.09 48.81
CA ALA L 130 -8.98 71.74 47.57
C ALA L 130 -7.61 71.19 47.17
N SER L 131 -7.49 70.78 45.91
CA SER L 131 -6.20 70.38 45.35
C SER L 131 -5.78 71.40 44.29
N VAL L 132 -4.58 71.96 44.45
CA VAL L 132 -3.95 72.81 43.45
C VAL L 132 -2.82 72.02 42.82
N VAL L 133 -2.76 71.99 41.49
CA VAL L 133 -1.81 71.13 40.77
C VAL L 133 -0.88 72.01 39.94
N CYS L 134 0.41 71.72 40.02
CA CYS L 134 1.42 72.40 39.22
C CYS L 134 2.09 71.36 38.35
N LEU L 135 2.13 71.60 37.04
CA LEU L 135 2.73 70.68 36.08
C LEU L 135 4.03 71.29 35.59
N LEU L 136 5.10 70.49 35.64
CA LEU L 136 6.39 70.84 35.05
C LEU L 136 6.61 69.89 33.88
N ASN L 137 6.57 70.41 32.65
CA ASN L 137 6.51 69.53 31.48
C ASN L 137 7.82 69.49 30.70
N ASN L 138 8.27 68.27 30.39
CA ASN L 138 9.31 68.00 29.38
C ASN L 138 10.62 68.74 29.67
N PHE L 139 11.22 68.40 30.81
CA PHE L 139 12.44 69.04 31.24
C PHE L 139 13.55 68.01 31.43
N TYR L 140 14.78 68.50 31.39
CA TYR L 140 15.94 67.67 31.66
C TYR L 140 16.99 68.61 32.24
N PRO L 141 17.71 68.22 33.32
CA PRO L 141 17.71 66.95 34.06
C PRO L 141 16.54 66.78 34.99
N ARG L 142 16.49 65.61 35.63
CA ARG L 142 15.33 65.22 36.43
C ARG L 142 15.19 66.08 37.68
N GLU L 143 16.29 66.62 38.20
CA GLU L 143 16.24 67.40 39.43
C GLU L 143 15.49 68.71 39.21
N ALA L 144 14.47 68.96 40.02
CA ALA L 144 13.67 70.17 39.93
C ALA L 144 13.10 70.48 41.31
N LYS L 145 12.81 71.75 41.58
CA LYS L 145 12.29 72.17 42.87
C LYS L 145 11.01 72.99 42.68
N VAL L 146 9.96 72.58 43.38
CA VAL L 146 8.67 73.26 43.35
C VAL L 146 8.44 73.86 44.73
N GLN L 147 8.14 75.15 44.78
CA GLN L 147 7.76 75.81 46.02
C GLN L 147 6.38 76.40 45.84
N TRP L 148 5.45 76.01 46.69
CA TRP L 148 4.11 76.58 46.68
C TRP L 148 4.05 77.83 47.55
N LYS L 149 3.33 78.84 47.07
CA LYS L 149 3.09 80.04 47.85
C LYS L 149 1.60 80.36 47.83
N VAL L 150 1.09 80.78 48.98
CA VAL L 150 -0.30 81.17 49.13
C VAL L 150 -0.29 82.55 49.76
N ASP L 151 -0.76 83.55 49.02
CA ASP L 151 -0.64 84.94 49.45
C ASP L 151 0.79 85.26 49.89
N ASN L 152 1.76 84.75 49.11
CA ASN L 152 3.21 84.92 49.27
C ASN L 152 3.81 84.15 50.43
N ALA L 153 3.01 83.37 51.17
CA ALA L 153 3.53 82.60 52.30
C ALA L 153 4.02 81.24 51.80
N LEU L 154 5.27 80.91 52.15
CA LEU L 154 5.89 79.67 51.71
C LEU L 154 5.19 78.49 52.37
N GLN L 155 4.70 77.56 51.55
CA GLN L 155 4.03 76.37 52.06
C GLN L 155 5.05 75.29 52.36
N SER L 156 4.76 74.48 53.37
CA SER L 156 5.65 73.39 53.72
C SER L 156 4.82 72.23 54.27
N GLY L 157 5.09 71.02 53.79
CA GLY L 157 4.49 69.82 54.36
C GLY L 157 3.14 69.42 53.79
N ASN L 158 2.53 70.26 52.95
CA ASN L 158 1.19 69.98 52.42
C ASN L 158 1.18 69.74 50.91
N SER L 159 2.29 69.26 50.34
CA SER L 159 2.32 68.92 48.92
C SER L 159 2.94 67.54 48.73
N GLN L 160 2.58 66.88 47.63
CA GLN L 160 3.25 65.67 47.18
C GLN L 160 3.51 65.76 45.68
N GLU L 161 4.55 65.07 45.23
CA GLU L 161 4.91 65.18 43.82
C GLU L 161 5.29 63.81 43.26
N SER L 162 5.24 63.73 41.94
CA SER L 162 5.42 62.48 41.22
C SER L 162 6.07 62.82 39.89
N VAL L 163 6.99 61.95 39.40
CA VAL L 163 7.75 62.20 38.18
C VAL L 163 7.57 61.04 37.21
N THR L 164 7.50 61.35 35.92
CA THR L 164 7.42 60.31 34.90
C THR L 164 8.77 59.60 34.73
N GLU L 165 8.74 58.46 34.03
CA GLU L 165 9.98 57.86 33.54
C GLU L 165 10.54 58.71 32.39
N GLN L 166 11.83 58.54 32.15
CA GLN L 166 12.48 59.30 31.09
C GLN L 166 11.88 58.96 29.73
N ASP L 167 11.58 59.99 28.95
CA ASP L 167 10.95 59.79 27.65
C ASP L 167 11.92 59.13 26.67
N SER L 168 11.41 58.16 25.91
CA SER L 168 12.28 57.37 25.05
C SER L 168 12.81 58.16 23.86
N LYS L 169 12.08 59.18 23.42
CA LYS L 169 12.48 59.92 22.22
C LYS L 169 13.21 61.22 22.51
N ASP L 170 12.89 61.93 23.60
CA ASP L 170 13.55 63.21 23.84
C ASP L 170 14.28 63.26 25.18
N SER L 171 14.28 62.17 25.95
CA SER L 171 15.03 62.01 27.19
C SER L 171 14.60 62.97 28.29
N THR L 172 13.40 63.55 28.19
CA THR L 172 12.94 64.47 29.21
C THR L 172 12.07 63.78 30.26
N TYR L 173 11.77 64.53 31.31
CA TYR L 173 10.88 64.15 32.39
C TYR L 173 9.73 65.15 32.50
N SER L 174 8.66 64.72 33.15
CA SER L 174 7.62 65.64 33.59
C SER L 174 7.34 65.39 35.06
N LEU L 175 6.85 66.42 35.75
CA LEU L 175 6.60 66.33 37.18
C LEU L 175 5.24 66.95 37.50
N SER L 176 4.53 66.35 38.44
CA SER L 176 3.24 66.88 38.89
C SER L 176 3.29 67.01 40.39
N SER L 177 2.97 68.20 40.90
CA SER L 177 2.92 68.46 42.33
C SER L 177 1.52 68.90 42.72
N THR L 178 1.00 68.32 43.78
CA THR L 178 -0.32 68.66 44.27
C THR L 178 -0.20 69.31 45.65
N LEU L 179 -0.73 70.52 45.78
CA LEU L 179 -0.89 71.17 47.08
C LEU L 179 -2.29 70.88 47.60
N THR L 180 -2.40 70.36 48.81
CA THR L 180 -3.69 70.02 49.41
C THR L 180 -4.01 70.97 50.55
N LEU L 181 -5.17 71.63 50.45
CA LEU L 181 -5.64 72.56 51.46
C LEU L 181 -7.08 72.21 51.82
N SER L 182 -7.47 72.55 53.05
CA SER L 182 -8.89 72.54 53.36
C SER L 182 -9.60 73.59 52.51
N LYS L 183 -10.90 73.38 52.27
CA LYS L 183 -11.70 74.41 51.64
C LYS L 183 -11.68 75.70 52.45
N ALA L 184 -11.81 75.60 53.78
CA ALA L 184 -11.79 76.79 54.63
C ALA L 184 -10.52 77.60 54.43
N ASP L 185 -9.37 76.92 54.37
CA ASP L 185 -8.12 77.64 54.13
C ASP L 185 -8.08 78.19 52.72
N TYR L 186 -8.50 77.39 51.74
CA TYR L 186 -8.45 77.83 50.35
C TYR L 186 -9.19 79.15 50.17
N GLU L 187 -10.36 79.28 50.80
CA GLU L 187 -11.21 80.45 50.62
C GLU L 187 -10.79 81.64 51.47
N LYS L 188 -9.74 81.52 52.28
CA LYS L 188 -9.23 82.63 53.06
C LYS L 188 -8.11 83.40 52.36
N HIS L 189 -7.73 82.96 51.17
CA HIS L 189 -6.56 83.52 50.49
C HIS L 189 -6.87 83.71 49.01
N LYS L 190 -6.09 84.60 48.39
CA LYS L 190 -6.33 85.05 47.03
C LYS L 190 -5.34 84.47 46.04
N VAL L 191 -4.04 84.62 46.29
CA VAL L 191 -3.01 84.37 45.28
C VAL L 191 -2.39 83.00 45.54
N TYR L 192 -2.50 82.10 44.56
CA TYR L 192 -1.92 80.76 44.62
C TYR L 192 -0.86 80.64 43.55
N ALA L 193 0.36 80.30 43.95
CA ALA L 193 1.51 80.35 43.04
C ALA L 193 2.39 79.12 43.24
N CYS L 194 2.90 78.57 42.15
CA CYS L 194 3.99 77.59 42.26
C CYS L 194 5.23 78.20 41.63
N GLU L 195 6.32 78.19 42.40
CA GLU L 195 7.62 78.71 41.98
C GLU L 195 8.55 77.56 41.68
N VAL L 196 9.13 77.55 40.48
CA VAL L 196 9.90 76.42 40.00
C VAL L 196 11.34 76.82 39.79
N THR L 197 12.26 76.04 40.34
CA THR L 197 13.70 76.18 40.18
C THR L 197 14.21 74.99 39.40
N HIS L 198 15.07 75.25 38.41
CA HIS L 198 15.59 74.19 37.58
C HIS L 198 16.85 74.70 36.92
N GLN L 199 17.75 73.77 36.58
CA GLN L 199 19.02 74.16 35.99
C GLN L 199 18.84 74.96 34.69
N GLY L 200 17.80 74.64 33.91
CA GLY L 200 17.55 75.37 32.69
C GLY L 200 16.95 76.74 32.84
N LEU L 201 16.73 77.20 34.08
CA LEU L 201 16.15 78.51 34.37
C LEU L 201 17.15 79.39 35.07
N SER L 202 17.38 80.60 34.53
CA SER L 202 18.30 81.54 35.16
C SER L 202 17.74 82.12 36.44
N SER L 203 16.42 82.22 36.55
CA SER L 203 15.76 82.62 37.77
C SER L 203 14.43 81.89 37.82
N PRO L 204 13.87 81.70 39.02
CA PRO L 204 12.69 80.84 39.14
C PRO L 204 11.52 81.36 38.33
N VAL L 205 10.70 80.45 37.86
CA VAL L 205 9.49 80.78 37.12
C VAL L 205 8.30 80.59 38.05
N THR L 206 7.39 81.55 38.07
CA THR L 206 6.21 81.46 38.91
C THR L 206 4.96 81.52 38.04
N LYS L 207 4.08 80.54 38.20
CA LYS L 207 2.76 80.57 37.59
C LYS L 207 1.76 80.72 38.72
N SER L 208 0.75 81.59 38.54
CA SER L 208 -0.16 81.85 39.62
C SER L 208 -1.56 82.08 39.07
N PHE L 209 -2.53 82.05 39.99
CA PHE L 209 -3.88 82.50 39.71
C PHE L 209 -4.41 83.20 40.96
N ASN L 210 -5.50 83.94 40.78
CA ASN L 210 -6.24 84.57 41.87
C ASN L 210 -7.59 83.87 42.01
N ARG L 211 -7.86 83.31 43.19
CA ARG L 211 -9.07 82.54 43.43
C ARG L 211 -10.33 83.30 43.05
N LEU M 2 -45.42 58.15 -113.17
CA LEU M 2 -44.42 57.55 -112.32
C LEU M 2 -44.92 56.24 -111.73
N TRP M 3 -44.06 55.23 -111.71
CA TRP M 3 -44.44 53.89 -111.28
C TRP M 3 -43.41 53.35 -110.28
N VAL M 4 -43.87 52.48 -109.39
CA VAL M 4 -43.00 51.91 -108.39
C VAL M 4 -42.09 50.87 -109.04
N THR M 5 -40.78 51.01 -108.83
CA THR M 5 -39.81 50.03 -109.28
C THR M 5 -38.99 49.56 -108.09
N VAL M 6 -38.77 48.26 -108.00
CA VAL M 6 -38.15 47.65 -106.84
C VAL M 6 -36.68 47.41 -107.13
N TYR M 7 -35.82 47.95 -106.27
CA TYR M 7 -34.37 47.77 -106.37
C TYR M 7 -33.91 46.87 -105.24
N TYR M 8 -33.20 45.80 -105.58
CA TYR M 8 -32.66 44.89 -104.59
C TYR M 8 -31.14 45.07 -104.54
N GLY M 9 -30.63 45.34 -103.36
CA GLY M 9 -29.23 45.60 -103.15
C GLY M 9 -28.86 47.04 -102.92
N VAL M 10 -29.79 47.89 -102.50
CA VAL M 10 -29.53 49.30 -102.27
C VAL M 10 -28.62 49.45 -101.06
N PRO M 11 -27.71 50.42 -101.07
CA PRO M 11 -26.83 50.65 -99.90
C PRO M 11 -27.54 51.39 -98.77
N VAL M 12 -28.43 50.68 -98.09
CA VAL M 12 -29.20 51.23 -96.98
C VAL M 12 -29.00 50.33 -95.78
N TRP M 13 -28.77 50.95 -94.62
CA TRP M 13 -28.55 50.21 -93.38
C TRP M 13 -29.34 50.84 -92.25
N LYS M 14 -29.75 50.01 -91.30
CA LYS M 14 -30.36 50.43 -90.05
C LYS M 14 -29.46 50.00 -88.90
N ASP M 15 -29.59 50.69 -87.77
CA ASP M 15 -28.87 50.28 -86.57
C ASP M 15 -29.42 48.94 -86.08
N ALA M 16 -28.51 48.07 -85.65
CA ALA M 16 -28.93 46.74 -85.22
C ALA M 16 -28.02 46.23 -84.13
N GLU M 17 -28.54 45.29 -83.34
CA GLU M 17 -27.78 44.53 -82.37
C GLU M 17 -27.74 43.08 -82.83
N THR M 18 -26.53 42.50 -82.89
CA THR M 18 -26.35 41.15 -83.38
C THR M 18 -25.19 40.51 -82.65
N THR M 19 -24.93 39.25 -82.97
CA THR M 19 -23.84 38.49 -82.39
C THR M 19 -22.65 38.52 -83.34
N LEU M 20 -21.63 39.29 -82.99
CA LEU M 20 -20.40 39.35 -83.76
C LEU M 20 -19.49 38.20 -83.34
N PHE M 21 -18.87 37.56 -84.32
CA PHE M 21 -18.00 36.43 -84.03
C PHE M 21 -16.55 36.87 -83.94
N CYS M 22 -15.80 36.20 -83.07
CA CYS M 22 -14.40 36.50 -82.85
C CYS M 22 -13.55 36.14 -84.06
N ALA M 23 -12.36 36.71 -84.11
CA ALA M 23 -11.38 36.37 -85.14
C ALA M 23 -10.00 36.75 -84.65
N SER M 24 -9.04 35.85 -84.86
CA SER M 24 -7.67 36.06 -84.42
C SER M 24 -6.71 35.62 -85.52
N ASP M 25 -5.51 36.19 -85.49
CA ASP M 25 -4.48 35.83 -86.46
C ASP M 25 -3.19 35.45 -85.77
N LYS M 33 0.48 27.12 -77.17
CA LYS M 33 0.10 27.47 -75.81
C LYS M 33 -1.30 28.07 -75.79
N HIS M 34 -2.19 27.45 -75.02
CA HIS M 34 -3.56 27.92 -74.94
C HIS M 34 -3.64 29.24 -74.20
N ASN M 35 -4.69 30.01 -74.51
CA ASN M 35 -4.94 31.30 -73.91
C ASN M 35 -6.32 31.32 -73.27
N VAL M 36 -6.52 32.26 -72.35
CA VAL M 36 -7.84 32.43 -71.74
C VAL M 36 -8.87 32.78 -72.82
N TRP M 37 -8.55 33.75 -73.66
CA TRP M 37 -9.37 34.09 -74.83
C TRP M 37 -8.76 33.48 -76.08
N ALA M 38 -8.76 32.14 -76.09
CA ALA M 38 -7.96 31.36 -77.01
C ALA M 38 -8.46 31.51 -78.45
N THR M 39 -7.66 30.99 -79.37
CA THR M 39 -7.98 30.92 -80.78
C THR M 39 -8.81 29.69 -81.13
N HIS M 40 -9.09 28.82 -80.17
CA HIS M 40 -9.96 27.68 -80.38
C HIS M 40 -11.43 28.04 -80.28
N ALA M 41 -11.76 29.25 -79.84
CA ALA M 41 -13.12 29.77 -79.85
C ALA M 41 -13.23 30.99 -80.76
N CYS M 42 -12.34 31.08 -81.75
CA CYS M 42 -12.32 32.18 -82.69
C CYS M 42 -12.09 31.62 -84.09
N VAL M 43 -12.00 32.52 -85.07
CA VAL M 43 -11.91 32.14 -86.48
C VAL M 43 -10.67 32.82 -87.07
N PRO M 44 -9.95 32.18 -87.99
CA PRO M 44 -8.84 32.87 -88.64
C PRO M 44 -9.33 34.09 -89.42
N THR M 45 -8.49 35.13 -89.43
CA THR M 45 -8.81 36.37 -90.12
C THR M 45 -8.35 36.28 -91.58
N ASP M 46 -8.37 37.40 -92.29
CA ASP M 46 -7.96 37.45 -93.69
C ASP M 46 -6.64 38.20 -93.84
N GLN M 50 -10.00 45.43 -97.37
CA GLN M 50 -10.75 45.06 -96.18
C GLN M 50 -11.59 46.24 -95.69
N GLU M 51 -11.01 47.43 -95.71
CA GLU M 51 -11.70 48.64 -95.27
C GLU M 51 -12.07 49.48 -96.50
N ILE M 52 -13.33 49.90 -96.55
CA ILE M 52 -13.87 50.64 -97.68
C ILE M 52 -14.32 51.99 -97.18
N HIS M 53 -13.85 53.05 -97.82
CA HIS M 53 -14.18 54.41 -97.40
C HIS M 53 -15.51 54.81 -98.01
N LEU M 54 -16.48 55.14 -97.17
CA LEU M 54 -17.82 55.53 -97.59
C LEU M 54 -17.86 57.05 -97.67
N GLU M 55 -17.71 57.59 -98.87
CA GLU M 55 -17.68 59.04 -99.05
C GLU M 55 -19.08 59.62 -98.95
N ASN M 56 -19.14 60.87 -98.46
CA ASN M 56 -20.36 61.65 -98.28
C ASN M 56 -21.31 61.04 -97.27
N VAL M 57 -20.88 60.02 -96.53
CA VAL M 57 -21.72 59.35 -95.53
C VAL M 57 -21.40 59.94 -94.17
N THR M 58 -22.43 60.46 -93.50
CA THR M 58 -22.29 61.03 -92.16
C THR M 58 -23.21 60.25 -91.22
N GLU M 59 -22.64 59.28 -90.50
CA GLU M 59 -23.39 58.44 -89.60
C GLU M 59 -23.28 58.95 -88.16
N GLU M 60 -24.30 58.65 -87.36
CA GLU M 60 -24.33 59.04 -85.96
C GLU M 60 -23.91 57.86 -85.10
N PHE M 61 -22.81 58.02 -84.37
CA PHE M 61 -22.30 56.99 -83.48
C PHE M 61 -22.69 57.33 -82.04
N ASN M 62 -22.61 56.30 -81.19
CA ASN M 62 -22.89 56.47 -79.76
C ASN M 62 -22.08 55.41 -79.02
N MET M 63 -20.90 55.80 -78.53
CA MET M 63 -20.04 54.84 -77.85
C MET M 63 -20.58 54.41 -76.50
N TRP M 64 -21.59 55.10 -75.97
CA TRP M 64 -22.12 54.82 -74.65
C TRP M 64 -23.32 53.90 -74.64
N LYS M 65 -24.00 53.75 -75.77
CA LYS M 65 -25.06 52.77 -75.95
C LYS M 65 -24.70 51.81 -77.07
N ASN M 66 -23.44 51.41 -77.11
CA ASN M 66 -22.93 50.48 -78.11
C ASN M 66 -23.06 49.06 -77.57
N ASN M 67 -23.65 48.17 -78.37
CA ASN M 67 -23.86 46.81 -77.91
C ASN M 67 -22.63 45.92 -78.09
N MET M 68 -21.64 46.35 -78.89
CA MET M 68 -20.40 45.59 -78.96
C MET M 68 -19.67 45.61 -77.61
N VAL M 69 -19.75 46.73 -76.91
CA VAL M 69 -19.16 46.82 -75.58
C VAL M 69 -19.84 45.85 -74.62
N GLU M 70 -21.17 45.80 -74.68
CA GLU M 70 -21.90 44.88 -73.80
C GLU M 70 -21.68 43.43 -74.18
N GLN M 71 -21.53 43.14 -75.47
CA GLN M 71 -21.27 41.77 -75.90
C GLN M 71 -19.84 41.35 -75.61
N MET M 72 -18.87 42.24 -75.82
CA MET M 72 -17.49 41.91 -75.53
C MET M 72 -17.28 41.63 -74.05
N HIS M 73 -17.99 42.36 -73.18
CA HIS M 73 -17.91 42.06 -71.76
C HIS M 73 -18.39 40.66 -71.47
N THR M 74 -19.49 40.24 -72.10
CA THR M 74 -20.00 38.88 -71.91
C THR M 74 -19.02 37.85 -72.44
N ASP M 75 -18.39 38.13 -73.57
CA ASP M 75 -17.51 37.16 -74.21
C ASP M 75 -16.17 37.04 -73.50
N ILE M 76 -15.63 38.16 -73.00
CA ILE M 76 -14.39 38.11 -72.25
C ILE M 76 -14.59 37.36 -70.93
N ILE M 77 -15.72 37.58 -70.27
CA ILE M 77 -16.08 36.76 -69.12
C ILE M 77 -16.25 35.30 -69.50
N SER M 78 -16.97 35.04 -70.59
CA SER M 78 -17.27 33.66 -70.97
C SER M 78 -16.00 32.88 -71.29
N LEU M 79 -15.06 33.50 -72.01
CA LEU M 79 -13.79 32.84 -72.28
C LEU M 79 -12.94 32.70 -71.03
N TRP M 80 -13.17 33.54 -70.01
CA TRP M 80 -12.45 33.40 -68.76
C TRP M 80 -12.89 32.15 -68.00
N ASP M 81 -14.20 32.00 -67.80
CA ASP M 81 -14.71 30.84 -67.10
C ASP M 81 -14.45 29.55 -67.88
N GLN M 82 -14.60 29.61 -69.21
CA GLN M 82 -14.38 28.43 -70.04
C GLN M 82 -12.94 27.94 -69.95
N SER M 83 -12.01 28.83 -69.62
CA SER M 83 -10.60 28.47 -69.52
C SER M 83 -10.20 28.00 -68.12
N LEU M 84 -11.12 28.05 -67.16
CA LEU M 84 -10.82 27.67 -65.78
C LEU M 84 -11.49 26.39 -65.33
N LYS M 85 -12.54 25.95 -66.04
CA LYS M 85 -13.19 24.69 -65.67
C LYS M 85 -12.28 23.47 -65.72
N PRO M 86 -11.43 23.27 -66.72
CA PRO M 86 -10.69 21.99 -66.82
C PRO M 86 -9.54 21.81 -65.85
N CYS M 87 -9.26 22.76 -64.97
CA CYS M 87 -8.11 22.65 -64.08
C CYS M 87 -8.54 22.78 -62.62
N VAL M 88 -7.53 22.71 -61.74
CA VAL M 88 -7.72 22.25 -60.37
C VAL M 88 -8.69 23.14 -59.61
N LYS M 89 -9.62 22.52 -58.89
CA LYS M 89 -10.47 23.20 -57.93
C LYS M 89 -9.89 22.96 -56.54
N LEU M 90 -9.63 24.04 -55.80
CA LEU M 90 -8.95 23.95 -54.51
C LEU M 90 -9.93 23.88 -53.34
N THR M 91 -10.84 22.91 -53.37
CA THR M 91 -11.66 22.63 -52.19
C THR M 91 -10.84 22.19 -50.98
N PRO M 92 -9.81 21.33 -51.10
CA PRO M 92 -9.05 20.96 -49.90
C PRO M 92 -8.29 22.10 -49.26
N LEU M 93 -8.14 23.24 -49.93
CA LEU M 93 -7.38 24.35 -49.35
C LEU M 93 -8.14 25.08 -48.25
N CYS M 94 -9.42 24.80 -48.06
CA CYS M 94 -10.11 25.21 -46.84
C CYS M 94 -9.85 24.23 -45.71
N VAL M 95 -8.68 24.39 -45.11
CA VAL M 95 -8.34 23.78 -43.84
C VAL M 95 -7.98 24.92 -42.89
N THR M 96 -7.72 24.59 -41.64
CA THR M 96 -7.23 25.59 -40.70
C THR M 96 -5.73 25.75 -40.89
N LEU M 97 -5.27 27.00 -40.99
CA LEU M 97 -3.87 27.32 -41.23
C LEU M 97 -3.26 27.81 -39.93
N GLN M 98 -2.08 27.29 -39.58
CA GLN M 98 -1.32 27.78 -38.45
C GLN M 98 -0.23 28.70 -38.98
N CYS M 99 -0.50 29.99 -39.00
CA CYS M 99 0.33 30.96 -39.70
C CYS M 99 1.21 31.74 -38.73
N THR M 100 2.49 31.83 -39.03
CA THR M 100 3.43 32.67 -38.32
C THR M 100 4.01 33.71 -39.26
N ASN M 101 4.55 34.77 -38.68
CA ASN M 101 5.19 35.81 -39.47
C ASN M 101 6.43 35.27 -40.17
N VAL M 102 6.79 35.91 -41.28
CA VAL M 102 8.00 35.53 -42.00
C VAL M 102 9.22 36.31 -41.50
N THR M 103 9.04 37.57 -41.13
CA THR M 103 10.15 38.42 -40.72
C THR M 103 10.21 38.71 -39.23
N ASN M 104 9.06 38.75 -38.53
CA ASN M 104 9.01 39.03 -37.10
C ASN M 104 9.73 40.33 -36.75
N ASN M 105 9.48 41.35 -37.57
CA ASN M 105 10.11 42.65 -37.37
C ASN M 105 9.31 43.75 -38.06
N ASP M 108 8.35 47.03 -44.11
CA ASP M 108 8.99 47.78 -45.19
C ASP M 108 9.34 46.87 -46.37
N ASP M 109 9.49 45.58 -46.08
CA ASP M 109 9.94 44.60 -47.06
C ASP M 109 8.74 43.86 -47.64
N MET M 110 9.03 42.98 -48.61
CA MET M 110 8.02 42.05 -49.07
C MET M 110 7.63 41.05 -48.00
N ARG M 111 8.58 40.67 -47.14
CA ARG M 111 8.33 39.66 -46.13
C ARG M 111 7.41 40.13 -45.02
N GLY M 112 7.14 41.43 -44.93
CA GLY M 112 6.13 41.90 -44.01
C GLY M 112 4.73 41.79 -44.55
N GLU M 113 4.59 41.38 -45.80
CA GLU M 113 3.31 41.17 -46.44
C GLU M 113 2.89 39.70 -46.44
N LEU M 114 3.73 38.82 -45.92
CA LEU M 114 3.55 37.38 -46.03
C LEU M 114 3.31 36.75 -44.67
N LYS M 115 2.52 35.68 -44.67
CA LYS M 115 2.33 34.82 -43.52
C LYS M 115 2.82 33.43 -43.88
N ASN M 116 3.60 32.80 -43.00
CA ASN M 116 4.13 31.44 -43.23
C ASN M 116 3.17 30.44 -42.61
N CYS M 117 2.29 29.88 -43.43
CA CYS M 117 1.11 29.14 -43.00
C CYS M 117 1.35 27.65 -43.18
N SER M 118 1.14 26.88 -42.12
CA SER M 118 1.30 25.44 -42.13
C SER M 118 -0.06 24.78 -41.95
N PHE M 119 -0.31 23.72 -42.73
CA PHE M 119 -1.62 23.10 -42.75
C PHE M 119 -1.51 21.64 -43.12
N ASN M 120 -2.54 20.88 -42.79
CA ASN M 120 -2.66 19.48 -43.21
C ASN M 120 -3.38 19.43 -44.55
N MET M 121 -2.76 18.76 -45.51
CA MET M 121 -3.31 18.65 -46.85
C MET M 121 -3.52 17.18 -47.19
N THR M 122 -4.49 16.93 -48.07
CA THR M 122 -4.73 15.57 -48.52
C THR M 122 -3.58 15.10 -49.40
N THR M 123 -3.38 13.79 -49.40
CA THR M 123 -2.39 13.16 -50.27
C THR M 123 -3.12 12.53 -51.45
N GLU M 124 -2.35 12.05 -52.42
CA GLU M 124 -2.93 11.31 -53.54
C GLU M 124 -3.62 10.03 -53.09
N LEU M 125 -3.31 9.54 -51.89
CA LEU M 125 -4.03 8.44 -51.26
C LEU M 125 -5.02 9.02 -50.25
N ARG M 126 -6.26 8.58 -50.33
CA ARG M 126 -7.34 9.23 -49.59
C ARG M 126 -7.13 9.15 -48.08
N ASP M 127 -6.54 8.07 -47.60
CA ASP M 127 -6.43 7.82 -46.16
C ASP M 127 -5.17 8.41 -45.54
N LYS M 128 -4.33 9.10 -46.32
CA LYS M 128 -3.09 9.66 -45.82
C LYS M 128 -3.14 11.17 -45.90
N LYS M 129 -2.58 11.84 -44.88
CA LYS M 129 -2.50 13.29 -44.85
C LYS M 129 -1.08 13.74 -45.17
N GLN M 130 -0.89 15.06 -45.15
CA GLN M 130 0.35 15.66 -45.64
C GLN M 130 0.53 16.99 -44.93
N LYS M 131 1.47 17.04 -44.00
CA LYS M 131 1.78 18.28 -43.28
C LYS M 131 2.66 19.13 -44.18
N VAL M 132 2.09 20.18 -44.77
CA VAL M 132 2.81 21.05 -45.68
C VAL M 132 2.69 22.48 -45.20
N TYR M 133 3.45 23.36 -45.83
CA TYR M 133 3.41 24.78 -45.51
C TYR M 133 3.54 25.58 -46.80
N SER M 134 3.15 26.84 -46.71
CA SER M 134 3.24 27.76 -47.84
C SER M 134 3.26 29.18 -47.30
N LEU M 135 3.79 30.08 -48.11
CA LEU M 135 3.79 31.51 -47.78
C LEU M 135 2.58 32.15 -48.45
N PHE M 136 1.62 32.58 -47.65
CA PHE M 136 0.42 33.22 -48.13
C PHE M 136 0.49 34.71 -47.83
N TYR M 137 0.05 35.52 -48.79
CA TYR M 137 -0.01 36.96 -48.56
C TYR M 137 -1.04 37.25 -47.46
N ARG M 138 -0.78 38.30 -46.69
CA ARG M 138 -1.73 38.66 -45.63
C ARG M 138 -3.08 39.06 -46.19
N LEU M 139 -3.15 39.38 -47.48
CA LEU M 139 -4.40 39.74 -48.11
C LEU M 139 -5.26 38.53 -48.47
N ASP M 140 -4.73 37.32 -48.33
CA ASP M 140 -5.44 36.10 -48.67
C ASP M 140 -5.85 35.29 -47.47
N VAL M 141 -5.38 35.60 -46.27
CA VAL M 141 -5.65 34.81 -45.08
C VAL M 141 -6.42 35.67 -44.09
N VAL M 142 -7.46 35.10 -43.50
CA VAL M 142 -8.30 35.77 -42.51
C VAL M 142 -8.21 34.99 -41.22
N GLN M 143 -7.96 35.68 -40.11
CA GLN M 143 -7.78 35.02 -38.83
C GLN M 143 -9.10 34.45 -38.32
N ILE M 144 -9.00 33.34 -37.58
CA ILE M 144 -10.14 32.72 -36.93
C ILE M 144 -10.02 32.92 -35.44
N ASN M 145 -11.04 33.50 -34.83
CA ASN M 145 -11.05 33.69 -33.38
C ASN M 145 -12.25 32.99 -32.76
N ASN M 156 1.95 31.10 -33.37
CA ASN M 156 1.22 30.53 -34.50
C ASN M 156 -0.29 30.56 -34.29
N LYS M 157 -0.93 31.64 -34.72
CA LYS M 157 -2.37 31.76 -34.64
C LYS M 157 -3.03 30.90 -35.72
N GLU M 158 -4.36 30.91 -35.76
CA GLU M 158 -5.13 30.12 -36.70
C GLU M 158 -5.77 31.04 -37.73
N TYR M 159 -5.57 30.72 -39.01
CA TYR M 159 -6.05 31.53 -40.12
C TYR M 159 -6.84 30.64 -41.07
N ARG M 160 -7.33 31.25 -42.15
CA ARG M 160 -7.99 30.53 -43.22
C ARG M 160 -7.96 31.41 -44.46
N LEU M 161 -8.10 30.78 -45.62
CA LEU M 161 -8.08 31.53 -46.86
C LEU M 161 -9.30 32.45 -46.94
N ILE M 162 -9.12 33.59 -47.60
CA ILE M 162 -10.11 34.67 -47.51
C ILE M 162 -11.41 34.27 -48.22
N ASN M 163 -11.32 33.72 -49.42
CA ASN M 163 -12.52 33.25 -50.13
C ASN M 163 -12.70 31.75 -49.88
N CYS M 164 -13.17 31.49 -48.67
CA CYS M 164 -13.50 30.16 -48.17
C CYS M 164 -14.88 30.08 -47.55
N ASN M 165 -15.45 31.18 -47.07
CA ASN M 165 -16.84 31.19 -46.68
C ASN M 165 -17.76 31.60 -47.82
N THR M 166 -17.21 32.00 -48.96
CA THR M 166 -18.00 32.40 -50.11
C THR M 166 -17.94 31.42 -51.27
N SER M 167 -16.81 30.75 -51.47
CA SER M 167 -16.67 29.82 -52.59
C SER M 167 -15.38 29.03 -52.42
N ALA M 168 -15.11 28.16 -53.38
CA ALA M 168 -13.85 27.45 -53.50
C ALA M 168 -13.12 27.98 -54.73
N ILE M 169 -11.81 28.14 -54.61
CA ILE M 169 -11.00 28.84 -55.60
C ILE M 169 -10.45 27.84 -56.61
N THR M 170 -10.99 27.87 -57.82
CA THR M 170 -10.40 27.09 -58.90
C THR M 170 -9.04 27.64 -59.24
N GLN M 171 -8.01 26.79 -59.14
CA GLN M 171 -6.65 27.27 -59.32
C GLN M 171 -6.45 27.75 -60.75
N ALA M 172 -5.81 28.91 -60.89
CA ALA M 172 -5.47 29.39 -62.22
C ALA M 172 -4.56 28.38 -62.89
N CYS M 173 -5.03 27.79 -63.97
CA CYS M 173 -4.40 26.61 -64.53
C CYS M 173 -3.01 26.99 -65.05
N PRO M 174 -1.97 26.25 -64.70
CA PRO M 174 -0.61 26.77 -64.92
C PRO M 174 -0.18 26.82 -66.37
N LYS M 175 -0.86 26.11 -67.27
CA LYS M 175 -0.44 26.04 -68.66
C LYS M 175 -1.18 27.02 -69.56
N VAL M 176 -2.12 27.80 -69.03
CA VAL M 176 -2.82 28.82 -69.80
C VAL M 176 -2.27 30.19 -69.38
N SER M 177 -2.01 31.04 -70.36
CA SER M 177 -1.43 32.34 -70.11
C SER M 177 -2.52 33.40 -70.00
N PHE M 178 -2.27 34.41 -69.17
CA PHE M 178 -3.17 35.54 -69.02
C PHE M 178 -2.85 36.66 -69.99
N GLU M 179 -1.83 36.50 -70.82
CA GLU M 179 -1.46 37.56 -71.78
C GLU M 179 -2.60 37.77 -72.77
N PRO M 180 -3.07 39.00 -72.95
CA PRO M 180 -4.17 39.24 -73.89
C PRO M 180 -3.67 39.21 -75.33
N ILE M 181 -4.35 38.43 -76.17
CA ILE M 181 -4.05 38.40 -77.59
C ILE M 181 -5.13 39.21 -78.31
N PRO M 182 -4.79 39.92 -79.38
CA PRO M 182 -5.79 40.74 -80.06
C PRO M 182 -6.88 39.88 -80.68
N ILE M 183 -8.12 40.33 -80.49
CA ILE M 183 -9.29 39.65 -81.03
C ILE M 183 -10.06 40.64 -81.88
N HIS M 184 -10.49 40.19 -83.06
CA HIS M 184 -11.28 41.00 -83.98
C HIS M 184 -12.71 40.52 -83.95
N TYR M 185 -13.64 41.43 -83.70
CA TYR M 185 -15.06 41.11 -83.67
C TYR M 185 -15.64 41.38 -85.05
N CYS M 186 -16.04 40.31 -85.75
CA CYS M 186 -16.45 40.42 -87.15
C CYS M 186 -17.93 40.17 -87.29
N ALA M 187 -18.59 41.01 -88.09
CA ALA M 187 -20.04 40.96 -88.26
C ALA M 187 -20.44 39.82 -89.19
N PRO M 188 -21.60 39.20 -88.95
CA PRO M 188 -22.06 38.12 -89.85
C PRO M 188 -22.57 38.65 -91.18
N ALA M 189 -23.09 37.76 -92.01
CA ALA M 189 -23.62 38.17 -93.30
C ALA M 189 -24.91 38.97 -93.12
N GLY M 190 -25.08 39.98 -93.95
CA GLY M 190 -26.21 40.87 -93.83
C GLY M 190 -25.99 42.04 -92.89
N PHE M 191 -24.85 42.09 -92.21
CA PHE M 191 -24.48 43.17 -91.32
C PHE M 191 -23.16 43.76 -91.77
N ALA M 192 -22.91 44.99 -91.33
CA ALA M 192 -21.64 45.66 -91.62
C ALA M 192 -21.20 46.41 -90.37
N ILE M 193 -19.89 46.59 -90.24
CA ILE M 193 -19.30 47.33 -89.13
C ILE M 193 -18.85 48.67 -89.67
N LEU M 194 -19.45 49.75 -89.18
CA LEU M 194 -19.07 51.09 -89.59
C LEU M 194 -18.00 51.63 -88.64
N LYS M 195 -16.92 52.14 -89.19
CA LYS M 195 -15.79 52.64 -88.42
C LYS M 195 -15.67 54.13 -88.62
N CYS M 196 -15.70 54.89 -87.53
CA CYS M 196 -15.60 56.34 -87.60
C CYS M 196 -14.13 56.74 -87.67
N LYS M 197 -13.73 57.32 -88.81
CA LYS M 197 -12.35 57.72 -89.02
C LYS M 197 -12.09 59.16 -88.63
N ASP M 198 -13.07 59.85 -88.05
CA ASP M 198 -12.87 61.21 -87.59
C ASP M 198 -11.91 61.23 -86.41
N LYS M 199 -10.96 62.17 -86.44
CA LYS M 199 -9.93 62.25 -85.40
C LYS M 199 -10.32 63.13 -84.23
N LYS M 200 -11.40 63.91 -84.35
CA LYS M 200 -11.91 64.72 -83.27
C LYS M 200 -13.22 64.17 -82.73
N PHE M 201 -13.58 62.95 -83.11
CA PHE M 201 -14.85 62.37 -82.69
C PHE M 201 -14.76 62.01 -81.22
N ASN M 202 -15.49 62.74 -80.38
CA ASN M 202 -15.50 62.40 -78.96
C ASN M 202 -16.11 61.03 -78.66
N GLY M 203 -17.43 60.89 -78.67
CA GLY M 203 -18.02 59.57 -78.62
C GLY M 203 -19.42 59.53 -79.17
N THR M 204 -19.91 60.66 -79.70
CA THR M 204 -21.33 60.82 -79.92
C THR M 204 -21.54 61.89 -80.99
N GLY M 205 -22.60 61.71 -81.77
CA GLY M 205 -22.98 62.67 -82.77
C GLY M 205 -22.51 62.26 -84.15
N PRO M 206 -22.68 63.15 -85.13
CA PRO M 206 -22.30 62.79 -86.50
C PRO M 206 -20.79 62.57 -86.63
N CYS M 207 -20.43 61.65 -87.52
CA CYS M 207 -19.03 61.38 -87.86
C CYS M 207 -18.84 61.58 -89.35
N PRO M 208 -18.19 62.67 -89.77
CA PRO M 208 -18.09 62.95 -91.22
C PRO M 208 -17.39 61.88 -92.03
N SER M 209 -16.37 61.23 -91.48
CA SER M 209 -15.61 60.21 -92.21
C SER M 209 -15.94 58.84 -91.65
N VAL M 210 -16.57 58.00 -92.47
CA VAL M 210 -17.00 56.67 -92.06
C VAL M 210 -16.42 55.66 -93.04
N SER M 211 -16.20 54.44 -92.55
CA SER M 211 -15.68 53.37 -93.37
C SER M 211 -16.37 52.08 -92.98
N THR M 212 -16.49 51.16 -93.95
CA THR M 212 -17.03 49.83 -93.69
C THR M 212 -15.85 48.87 -93.64
N VAL M 213 -15.51 48.43 -92.43
CA VAL M 213 -14.46 47.44 -92.24
C VAL M 213 -15.11 46.08 -92.19
N GLN M 214 -14.40 45.07 -92.71
CA GLN M 214 -14.87 43.71 -92.52
C GLN M 214 -15.00 43.40 -91.04
N CYS M 215 -13.99 43.78 -90.25
CA CYS M 215 -14.12 43.77 -88.80
C CYS M 215 -12.95 44.49 -88.15
N THR M 216 -13.07 44.66 -86.84
CA THR M 216 -12.32 45.65 -86.07
C THR M 216 -10.83 45.32 -86.04
N HIS M 217 -10.05 46.31 -85.64
CA HIS M 217 -8.64 46.08 -85.37
C HIS M 217 -8.48 45.18 -84.16
N GLY M 218 -7.30 44.60 -84.02
CA GLY M 218 -7.05 43.73 -82.90
C GLY M 218 -7.18 44.43 -81.56
N ILE M 219 -8.23 44.10 -80.83
CA ILE M 219 -8.51 44.71 -79.53
C ILE M 219 -7.98 43.76 -78.46
N LYS M 220 -6.90 44.15 -77.80
CA LYS M 220 -6.36 43.35 -76.72
C LYS M 220 -7.23 43.53 -75.48
N PRO M 221 -7.78 42.45 -74.94
CA PRO M 221 -8.60 42.56 -73.72
C PRO M 221 -7.76 42.73 -72.46
N VAL M 222 -7.06 43.87 -72.38
CA VAL M 222 -6.26 44.17 -71.19
C VAL M 222 -7.19 44.54 -70.06
N VAL M 223 -7.11 43.81 -68.95
CA VAL M 223 -7.97 44.01 -67.80
C VAL M 223 -7.20 44.82 -66.77
N SER M 224 -7.70 46.01 -66.48
CA SER M 224 -7.02 46.92 -65.55
C SER M 224 -8.02 47.95 -65.05
N THR M 225 -7.67 48.61 -63.96
CA THR M 225 -8.51 49.66 -63.39
C THR M 225 -7.69 50.93 -63.22
N GLN M 226 -8.37 52.06 -63.39
CA GLN M 226 -7.86 53.41 -63.15
C GLN M 226 -6.87 53.86 -64.22
N LEU M 227 -6.43 52.95 -65.08
CA LEU M 227 -5.43 53.26 -66.09
C LEU M 227 -5.63 52.28 -67.23
N LEU M 228 -5.69 52.78 -68.46
CA LEU M 228 -5.90 51.93 -69.62
C LEU M 228 -4.52 51.51 -70.14
N LEU M 229 -4.02 50.41 -69.61
CA LEU M 229 -2.70 49.93 -70.00
C LEU M 229 -2.75 49.36 -71.41
N ASN M 230 -1.71 49.67 -72.18
CA ASN M 230 -1.62 49.25 -73.58
C ASN M 230 -2.84 49.72 -74.36
N GLY M 231 -3.03 49.21 -75.56
CA GLY M 231 -4.17 49.63 -76.35
C GLY M 231 -3.85 50.68 -77.39
N SER M 232 -4.84 51.52 -77.72
CA SER M 232 -4.76 52.43 -78.85
C SER M 232 -4.67 53.87 -78.36
N LEU M 233 -3.79 54.64 -79.00
CA LEU M 233 -3.59 56.04 -78.66
C LEU M 233 -4.54 56.92 -79.46
N ALA M 234 -4.70 58.16 -79.00
CA ALA M 234 -5.38 59.16 -79.80
C ALA M 234 -4.49 59.59 -80.94
N GLU M 235 -5.09 60.27 -81.92
CA GLU M 235 -4.37 60.62 -83.13
C GLU M 235 -3.67 61.98 -83.02
N GLU M 236 -4.38 63.01 -82.59
CA GLU M 236 -3.79 64.35 -82.60
C GLU M 236 -3.70 64.99 -81.22
N GLU M 237 -4.64 64.70 -80.33
CA GLU M 237 -4.63 65.34 -79.02
C GLU M 237 -5.40 64.48 -78.03
N VAL M 238 -5.14 64.70 -76.75
CA VAL M 238 -5.81 63.96 -75.70
C VAL M 238 -7.32 64.15 -75.80
N MET M 239 -8.05 63.04 -75.82
CA MET M 239 -9.50 63.05 -76.02
C MET M 239 -10.21 62.78 -74.71
N ILE M 240 -11.16 63.64 -74.36
CA ILE M 240 -12.01 63.49 -73.19
C ILE M 240 -13.36 62.98 -73.64
N ARG M 241 -13.82 61.88 -73.04
CA ARG M 241 -15.03 61.20 -73.49
C ARG M 241 -15.88 60.84 -72.28
N SER M 242 -17.00 61.55 -72.11
CA SER M 242 -17.94 61.25 -71.05
C SER M 242 -19.35 61.17 -71.63
N GLU M 243 -20.17 60.32 -71.03
CA GLU M 243 -21.56 60.22 -71.49
C GLU M 243 -22.31 61.53 -71.26
N ASN M 244 -22.09 62.16 -70.11
CA ASN M 244 -22.65 63.47 -69.83
C ASN M 244 -21.62 64.19 -68.95
N ILE M 245 -20.83 65.07 -69.58
CA ILE M 245 -19.72 65.71 -68.87
C ILE M 245 -20.20 66.55 -67.70
N THR M 246 -21.45 67.01 -67.73
CA THR M 246 -22.00 67.78 -66.62
C THR M 246 -22.53 66.91 -65.50
N ASN M 247 -22.56 65.59 -65.68
CA ASN M 247 -23.02 64.66 -64.65
C ASN M 247 -21.81 64.04 -63.98
N ASN M 248 -21.68 64.25 -62.66
CA ASN M 248 -20.52 63.74 -61.94
C ASN M 248 -20.60 62.25 -61.66
N ALA M 249 -21.74 61.61 -61.93
CA ALA M 249 -21.88 60.17 -61.76
C ALA M 249 -21.40 59.37 -62.95
N LYS M 250 -20.94 60.03 -64.00
CA LYS M 250 -20.48 59.38 -65.22
C LYS M 250 -18.97 59.43 -65.28
N ASN M 251 -18.35 58.29 -65.58
CA ASN M 251 -16.90 58.23 -65.70
C ASN M 251 -16.44 58.98 -66.94
N ILE M 252 -15.24 59.55 -66.84
CA ILE M 252 -14.61 60.29 -67.93
C ILE M 252 -13.49 59.42 -68.48
N LEU M 253 -13.57 59.08 -69.76
CA LEU M 253 -12.58 58.22 -70.41
C LEU M 253 -11.57 59.10 -71.13
N VAL M 254 -10.47 59.39 -70.48
CA VAL M 254 -9.39 60.14 -71.11
C VAL M 254 -8.58 59.19 -71.99
N GLN M 255 -8.17 59.67 -73.15
CA GLN M 255 -7.34 58.90 -74.06
C GLN M 255 -6.12 59.74 -74.44
N PHE M 256 -4.93 59.19 -74.24
CA PHE M 256 -3.72 59.95 -74.49
C PHE M 256 -3.35 59.90 -75.96
N ASN M 257 -2.55 60.88 -76.38
CA ASN M 257 -1.97 60.87 -77.72
C ASN M 257 -0.56 60.32 -77.74
N THR M 258 0.21 60.51 -76.66
CA THR M 258 1.50 59.90 -76.48
C THR M 258 1.48 59.00 -75.25
N PRO M 259 1.86 57.75 -75.37
CA PRO M 259 1.75 56.83 -74.23
C PRO M 259 2.71 57.20 -73.11
N VAL M 260 2.29 56.90 -71.88
CA VAL M 260 3.12 57.07 -70.70
C VAL M 260 3.58 55.68 -70.27
N GLN M 261 4.87 55.40 -70.39
CA GLN M 261 5.38 54.08 -70.10
C GLN M 261 5.46 53.86 -68.59
N ILE M 262 4.98 52.71 -68.14
CA ILE M 262 4.99 52.34 -66.73
C ILE M 262 5.70 51.01 -66.58
N ASN M 263 6.66 50.93 -65.67
CA ASN M 263 7.47 49.74 -65.46
C ASN M 263 7.14 49.11 -64.10
N CYS M 264 6.83 47.82 -64.13
CA CYS M 264 6.42 47.03 -62.97
C CYS M 264 7.66 46.41 -62.38
N THR M 265 7.51 45.84 -61.19
CA THR M 265 8.43 44.78 -60.82
C THR M 265 7.95 44.11 -59.55
N ARG M 266 8.30 42.84 -59.42
CA ARG M 266 8.33 42.14 -58.14
C ARG M 266 9.76 41.68 -57.95
N PRO M 267 10.58 42.40 -57.19
CA PRO M 267 12.03 42.10 -57.16
C PRO M 267 12.37 40.73 -56.58
N ASN M 268 11.46 40.11 -55.84
CA ASN M 268 11.76 38.85 -55.18
C ASN M 268 12.03 37.74 -56.18
N ASN M 269 12.94 36.85 -55.81
CA ASN M 269 13.12 35.60 -56.55
C ASN M 269 12.28 34.55 -55.86
N ASN M 270 11.05 34.38 -56.33
CA ASN M 270 10.10 33.45 -55.75
C ASN M 270 10.52 32.01 -56.06
N THR M 271 10.14 31.09 -55.17
CA THR M 271 10.38 29.67 -55.35
C THR M 271 9.04 28.94 -55.28
N ARG M 272 8.47 28.65 -56.45
CA ARG M 272 7.23 27.89 -56.52
C ARG M 272 7.46 26.46 -56.04
N LYS M 273 6.51 25.96 -55.26
CA LYS M 273 6.57 24.61 -54.70
C LYS M 273 5.29 23.87 -55.03
N SER M 274 5.41 22.60 -55.41
CA SER M 274 4.26 21.81 -55.83
C SER M 274 3.81 20.88 -54.71
N ILE M 275 2.51 20.87 -54.45
CA ILE M 275 1.89 20.00 -53.45
C ILE M 275 0.85 19.14 -54.16
N ARG M 276 0.93 17.83 -53.98
CA ARG M 276 -0.04 16.91 -54.58
C ARG M 276 -1.23 16.78 -53.64
N ILE M 277 -2.30 17.51 -53.96
CA ILE M 277 -3.50 17.51 -53.11
C ILE M 277 -4.46 16.38 -53.46
N GLY M 278 -4.17 15.59 -54.48
CA GLY M 278 -5.04 14.52 -54.88
C GLY M 278 -4.46 13.78 -56.07
N PRO M 279 -5.19 12.80 -56.59
CA PRO M 279 -4.69 12.05 -57.75
C PRO M 279 -4.67 12.91 -59.00
N GLY M 280 -3.48 13.30 -59.44
CA GLY M 280 -3.32 14.10 -60.63
C GLY M 280 -3.44 15.58 -60.43
N GLN M 281 -3.85 16.03 -59.25
CA GLN M 281 -4.03 17.44 -58.95
C GLN M 281 -2.84 17.94 -58.13
N ALA M 282 -2.28 19.07 -58.52
CA ALA M 282 -1.15 19.67 -57.83
C ALA M 282 -1.50 21.09 -57.43
N PHE M 283 -1.05 21.49 -56.25
CA PHE M 283 -1.24 22.84 -55.72
C PHE M 283 0.12 23.52 -55.66
N TYR M 284 0.25 24.64 -56.36
CA TYR M 284 1.51 25.35 -56.48
C TYR M 284 1.58 26.40 -55.40
N ALA M 285 2.59 26.30 -54.54
CA ALA M 285 2.67 27.12 -53.34
C ALA M 285 4.01 27.85 -53.30
N THR M 286 4.02 29.00 -52.66
CA THR M 286 5.25 29.76 -52.44
C THR M 286 6.02 29.11 -51.30
N GLY M 287 7.09 28.40 -51.63
CA GLY M 287 7.84 27.71 -50.62
C GLY M 287 8.83 28.60 -49.91
N ASP M 288 9.50 29.45 -50.68
CA ASP M 288 10.55 30.30 -50.13
C ASP M 288 10.63 31.56 -50.97
N ILE M 289 11.09 32.65 -50.35
CA ILE M 289 11.29 33.91 -51.05
C ILE M 289 12.66 34.46 -50.66
N ILE M 290 13.50 34.69 -51.67
CA ILE M 290 14.86 35.20 -51.49
C ILE M 290 15.08 36.29 -52.54
N GLY M 291 16.25 36.90 -52.49
CA GLY M 291 16.57 37.96 -53.41
C GLY M 291 16.18 39.32 -52.90
N ASP M 292 16.00 40.25 -53.84
CA ASP M 292 15.61 41.61 -53.50
C ASP M 292 14.22 41.61 -52.91
N ILE M 293 14.10 42.02 -51.65
CA ILE M 293 12.83 41.96 -50.94
C ILE M 293 12.15 43.33 -50.88
N ARG M 294 12.49 44.24 -51.78
CA ARG M 294 11.77 45.49 -51.87
C ARG M 294 10.34 45.24 -52.31
N GLN M 295 9.42 46.06 -51.82
CA GLN M 295 8.02 45.90 -52.15
C GLN M 295 7.81 46.06 -53.66
N ALA M 296 6.87 45.29 -54.20
CA ALA M 296 6.54 45.42 -55.61
C ALA M 296 6.10 46.85 -55.91
N HIS M 297 6.52 47.36 -57.05
CA HIS M 297 6.27 48.77 -57.37
C HIS M 297 6.19 48.96 -58.87
N CYS M 298 5.64 50.09 -59.26
CA CYS M 298 5.62 50.54 -60.65
C CYS M 298 6.25 51.93 -60.73
N ASN M 299 7.04 52.15 -61.78
CA ASN M 299 7.70 53.43 -62.00
C ASN M 299 7.08 54.12 -63.21
N VAL M 300 6.64 55.35 -63.01
CA VAL M 300 6.16 56.21 -64.09
C VAL M 300 7.05 57.44 -64.11
N SER M 301 7.55 57.79 -65.29
CA SER M 301 8.44 58.94 -65.40
C SER M 301 7.74 60.20 -64.91
N LYS M 302 8.41 60.94 -64.03
CA LYS M 302 7.80 62.10 -63.41
C LYS M 302 7.64 63.24 -64.41
N ALA M 303 8.60 63.38 -65.34
CA ALA M 303 8.49 64.42 -66.35
C ALA M 303 7.42 64.08 -67.38
N THR M 304 7.37 62.82 -67.83
CA THR M 304 6.39 62.43 -68.82
C THR M 304 4.97 62.47 -68.26
N TRP M 305 4.79 62.06 -67.00
CA TRP M 305 3.46 62.10 -66.41
C TRP M 305 3.00 63.53 -66.17
N ASN M 306 3.92 64.43 -65.81
CA ASN M 306 3.54 65.81 -65.57
C ASN M 306 3.07 66.50 -66.85
N GLU M 307 3.76 66.26 -67.96
CA GLU M 307 3.34 66.86 -69.22
C GLU M 307 2.11 66.17 -69.80
N THR M 308 1.84 64.93 -69.43
CA THR M 308 0.63 64.26 -69.87
C THR M 308 -0.59 64.76 -69.11
N LEU M 309 -0.45 65.00 -67.81
CA LEU M 309 -1.54 65.65 -67.07
C LEU M 309 -1.74 67.09 -67.53
N GLY M 310 -0.67 67.74 -67.99
CA GLY M 310 -0.84 69.07 -68.55
C GLY M 310 -1.69 69.06 -69.80
N LYS M 311 -1.50 68.05 -70.66
CA LYS M 311 -2.35 67.91 -71.83
C LYS M 311 -3.77 67.53 -71.45
N VAL M 312 -3.93 66.66 -70.45
CA VAL M 312 -5.26 66.29 -69.99
C VAL M 312 -5.97 67.51 -69.41
N VAL M 313 -5.27 68.31 -68.62
CA VAL M 313 -5.88 69.50 -68.03
C VAL M 313 -6.27 70.50 -69.10
N LYS M 314 -5.42 70.67 -70.11
CA LYS M 314 -5.74 71.61 -71.19
C LYS M 314 -7.01 71.21 -71.93
N GLN M 315 -7.15 69.92 -72.23
CA GLN M 315 -8.35 69.42 -72.88
C GLN M 315 -9.52 69.28 -71.92
N LEU M 316 -9.29 69.42 -70.62
CA LEU M 316 -10.34 69.29 -69.62
C LEU M 316 -10.90 70.62 -69.18
N ARG M 317 -10.17 71.72 -69.40
CA ARG M 317 -10.70 73.05 -69.14
C ARG M 317 -11.70 73.50 -70.20
N LYS M 318 -11.71 72.84 -71.36
CA LYS M 318 -12.66 73.19 -72.41
C LYS M 318 -14.09 72.87 -72.02
N HIS M 319 -14.30 71.97 -71.06
CA HIS M 319 -15.64 71.60 -70.63
C HIS M 319 -16.04 72.23 -69.31
N PHE M 320 -15.12 72.91 -68.62
CA PHE M 320 -15.40 73.48 -67.31
C PHE M 320 -15.00 74.93 -67.15
N GLY M 321 -14.26 75.50 -68.10
CA GLY M 321 -13.86 76.89 -68.01
C GLY M 321 -12.37 77.09 -68.02
N ASN M 322 -11.93 78.27 -68.48
CA ASN M 322 -10.50 78.57 -68.51
C ASN M 322 -9.97 78.94 -67.13
N ASN M 323 -10.79 79.55 -66.29
CA ASN M 323 -10.37 80.03 -64.98
C ASN M 323 -10.61 79.02 -63.88
N THR M 324 -11.18 77.86 -64.19
CA THR M 324 -11.44 76.87 -63.16
C THR M 324 -10.14 76.18 -62.74
N ILE M 325 -10.16 75.65 -61.52
CA ILE M 325 -9.00 74.99 -60.93
C ILE M 325 -9.19 73.48 -61.06
N ILE M 326 -8.32 72.84 -61.84
CA ILE M 326 -8.37 71.40 -62.06
C ILE M 326 -7.45 70.74 -61.05
N ARG M 327 -8.01 69.94 -60.16
CA ARG M 327 -7.26 69.27 -59.11
C ARG M 327 -7.44 67.76 -59.25
N PHE M 328 -6.34 67.03 -59.23
CA PHE M 328 -6.36 65.58 -59.29
C PHE M 328 -6.10 65.04 -57.89
N ALA M 329 -7.09 64.35 -57.33
CA ALA M 329 -6.95 63.67 -56.06
C ALA M 329 -6.87 62.17 -56.31
N ASN M 330 -6.67 61.40 -55.25
CA ASN M 330 -6.56 59.96 -55.36
C ASN M 330 -7.89 59.30 -55.05
N SER M 331 -7.94 57.98 -55.25
CA SER M 331 -9.20 57.26 -55.18
C SER M 331 -9.85 57.42 -53.82
N SER M 332 -11.18 57.50 -53.81
CA SER M 332 -11.91 57.79 -52.59
C SER M 332 -11.89 56.61 -51.62
N GLY M 333 -12.48 55.49 -52.02
CA GLY M 333 -12.55 54.34 -51.13
C GLY M 333 -13.32 53.22 -51.79
N GLY M 334 -13.34 52.09 -51.09
CA GLY M 334 -14.02 50.91 -51.59
C GLY M 334 -13.17 49.66 -51.55
N ASP M 335 -13.39 48.76 -52.50
CA ASP M 335 -12.61 47.54 -52.59
C ASP M 335 -11.19 47.85 -53.05
N LEU M 336 -10.26 46.93 -52.76
CA LEU M 336 -8.90 47.09 -53.24
C LEU M 336 -8.84 47.02 -54.75
N GLU M 337 -9.80 46.36 -55.39
CA GLU M 337 -9.83 46.31 -56.85
C GLU M 337 -10.27 47.62 -57.46
N VAL M 338 -10.90 48.50 -56.69
CA VAL M 338 -11.39 49.76 -57.21
C VAL M 338 -10.62 50.97 -56.69
N THR M 339 -9.95 50.85 -55.54
CA THR M 339 -9.12 51.93 -55.03
C THR M 339 -7.69 51.89 -55.55
N THR M 340 -7.33 50.84 -56.27
CA THR M 340 -5.97 50.65 -56.73
C THR M 340 -5.96 50.38 -58.24
N HIS M 341 -4.81 50.63 -58.85
CA HIS M 341 -4.59 50.29 -60.25
C HIS M 341 -4.39 48.78 -60.32
N SER M 342 -5.49 48.05 -60.22
CA SER M 342 -5.46 46.60 -60.35
C SER M 342 -5.11 46.22 -61.77
N PHE M 343 -4.19 45.28 -61.92
CA PHE M 343 -3.87 44.75 -63.24
C PHE M 343 -3.10 43.45 -63.07
N ASN M 344 -2.86 42.79 -64.20
CA ASN M 344 -2.10 41.55 -64.28
C ASN M 344 -0.82 41.83 -65.05
N CYS M 345 0.31 41.33 -64.56
CA CYS M 345 1.57 41.51 -65.25
C CYS M 345 2.52 40.35 -64.95
N GLY M 346 2.78 39.53 -65.96
CA GLY M 346 3.63 38.37 -65.81
C GLY M 346 2.95 37.21 -65.12
N GLY M 347 1.62 37.18 -65.15
CA GLY M 347 0.86 36.13 -64.52
C GLY M 347 0.55 36.36 -63.06
N GLU M 348 1.08 37.42 -62.46
CA GLU M 348 0.85 37.73 -61.06
C GLU M 348 0.14 39.07 -60.96
N PHE M 349 -0.86 39.15 -60.10
CA PHE M 349 -1.79 40.27 -60.08
C PHE M 349 -1.33 41.34 -59.12
N PHE M 350 -1.19 42.56 -59.62
CA PHE M 350 -0.72 43.71 -58.86
C PHE M 350 -1.88 44.61 -58.49
N TYR M 351 -1.68 45.40 -57.44
CA TYR M 351 -2.66 46.39 -56.97
C TYR M 351 -1.91 47.63 -56.51
N CYS M 352 -1.68 48.55 -57.43
CA CYS M 352 -0.80 49.68 -57.19
C CYS M 352 -1.57 50.89 -56.67
N ASN M 353 -0.89 51.69 -55.84
CA ASN M 353 -1.58 52.74 -55.09
C ASN M 353 -2.08 53.86 -55.99
N THR M 354 -1.21 54.38 -56.87
CA THR M 354 -1.53 55.51 -57.75
C THR M 354 -2.10 56.69 -56.98
N SER M 355 -1.52 56.98 -55.82
CA SER M 355 -1.81 58.21 -55.10
C SER M 355 -0.76 59.28 -55.35
N GLY M 356 0.38 58.92 -55.94
CA GLY M 356 1.37 59.89 -56.33
C GLY M 356 1.19 60.28 -57.77
N LEU M 357 0.51 59.43 -58.53
CA LEU M 357 0.12 59.81 -59.89
C LEU M 357 -0.91 60.92 -59.88
N PHE M 358 -1.98 60.74 -59.11
CA PHE M 358 -3.07 61.71 -59.05
C PHE M 358 -2.95 62.50 -57.75
N ASN M 359 -2.05 63.48 -57.78
CA ASN M 359 -1.89 64.40 -56.65
C ASN M 359 -1.29 65.69 -57.21
N SER M 360 -2.16 66.66 -57.51
CA SER M 360 -1.71 67.89 -58.13
C SER M 360 -2.86 68.87 -58.20
N THR M 361 -2.52 70.15 -58.23
CA THR M 361 -3.50 71.22 -58.42
C THR M 361 -3.02 72.11 -59.55
N TRP M 362 -3.89 72.39 -60.51
CA TRP M 362 -3.54 73.12 -61.72
C TRP M 362 -4.24 74.46 -61.74
N ILE M 363 -3.47 75.54 -61.79
CA ILE M 363 -3.98 76.89 -61.77
C ILE M 363 -3.90 77.47 -63.17
N SER M 364 -4.90 78.27 -63.55
CA SER M 364 -4.93 78.89 -64.87
C SER M 364 -3.71 79.75 -65.12
N ASN M 377 14.65 62.20 -65.87
CA ASN M 377 15.44 61.24 -65.11
C ASN M 377 14.70 60.78 -63.87
N ASP M 378 13.99 61.70 -63.22
CA ASP M 378 13.23 61.39 -62.02
C ASP M 378 12.04 60.51 -62.37
N SER M 379 11.54 59.78 -61.36
CA SER M 379 10.49 58.80 -61.57
C SER M 379 9.54 58.80 -60.39
N ILE M 380 8.33 58.30 -60.63
CA ILE M 380 7.29 58.17 -59.61
C ILE M 380 7.11 56.69 -59.32
N THR M 381 7.30 56.30 -58.06
CA THR M 381 7.24 54.91 -57.65
C THR M 381 5.92 54.65 -56.94
N LEU M 382 5.13 53.71 -57.48
CA LEU M 382 3.82 53.39 -56.93
C LEU M 382 3.89 52.09 -56.18
N PRO M 383 3.71 52.06 -54.86
CA PRO M 383 3.78 50.81 -54.11
C PRO M 383 2.60 49.90 -54.46
N CYS M 384 2.90 48.70 -54.91
CA CYS M 384 1.89 47.75 -55.35
C CYS M 384 1.85 46.55 -54.42
N ARG M 385 0.64 46.16 -54.03
CA ARG M 385 0.44 44.90 -53.34
C ARG M 385 0.16 43.80 -54.35
N ILE M 386 0.25 42.56 -53.90
CA ILE M 386 0.02 41.40 -54.75
C ILE M 386 -0.95 40.47 -54.04
N LYS M 387 -1.86 39.89 -54.80
CA LYS M 387 -2.80 38.90 -54.29
C LYS M 387 -2.71 37.65 -55.14
N GLN M 388 -3.09 36.52 -54.54
CA GLN M 388 -3.18 35.26 -55.27
C GLN M 388 -4.61 34.78 -55.45
N ILE M 389 -5.53 35.23 -54.61
CA ILE M 389 -6.94 34.86 -54.70
C ILE M 389 -7.69 36.02 -55.34
N ILE M 390 -8.17 35.82 -56.57
CA ILE M 390 -8.68 36.89 -57.42
C ILE M 390 -10.16 36.68 -57.68
N ASN M 391 -10.98 37.68 -57.32
CA ASN M 391 -12.36 37.76 -57.77
C ASN M 391 -12.37 38.84 -58.84
N MET M 392 -12.18 38.43 -60.10
CA MET M 392 -11.82 39.39 -61.13
C MET M 392 -13.01 40.22 -61.59
N TRP M 393 -14.03 39.58 -62.15
CA TRP M 393 -15.09 40.34 -62.81
C TRP M 393 -16.15 40.84 -61.85
N GLN M 394 -15.71 41.49 -60.77
CA GLN M 394 -16.61 42.12 -59.79
C GLN M 394 -17.75 41.19 -59.38
N ARG M 395 -17.44 39.90 -59.26
CA ARG M 395 -18.43 38.90 -58.92
C ARG M 395 -18.11 38.30 -57.56
N ILE M 396 -19.12 37.65 -56.97
CA ILE M 396 -18.98 36.95 -55.71
C ILE M 396 -19.33 35.49 -55.95
N GLY M 397 -18.49 34.59 -55.44
CA GLY M 397 -18.72 33.16 -55.54
C GLY M 397 -17.88 32.45 -56.57
N GLN M 398 -17.08 33.17 -57.35
CA GLN M 398 -16.17 32.57 -58.32
C GLN M 398 -14.82 33.27 -58.19
N ALA M 399 -13.98 32.74 -57.31
CA ALA M 399 -12.62 33.23 -57.13
C ALA M 399 -11.67 32.44 -58.02
N MET M 400 -10.40 32.82 -57.99
CA MET M 400 -9.37 32.10 -58.72
C MET M 400 -8.07 32.26 -57.97
N TYR M 401 -7.34 31.16 -57.81
CA TYR M 401 -6.05 31.17 -57.14
C TYR M 401 -4.96 31.27 -58.19
N ALA M 402 -4.32 32.43 -58.28
CA ALA M 402 -3.22 32.60 -59.22
C ALA M 402 -1.96 31.98 -58.63
N PRO M 403 -1.39 30.95 -59.24
CA PRO M 403 -0.24 30.26 -58.64
C PRO M 403 0.99 31.14 -58.68
N PRO M 404 1.96 30.89 -57.80
CA PRO M 404 3.17 31.70 -57.79
C PRO M 404 3.93 31.60 -59.11
N ILE M 405 4.54 32.70 -59.50
CA ILE M 405 5.38 32.75 -60.70
C ILE M 405 6.82 32.63 -60.25
N GLN M 406 7.52 31.62 -60.75
CA GLN M 406 8.92 31.41 -60.41
C GLN M 406 9.76 32.55 -60.95
N GLY M 407 10.63 33.09 -60.10
CA GLY M 407 11.59 34.08 -60.55
C GLY M 407 11.12 35.51 -60.33
N VAL M 408 11.85 36.41 -60.95
CA VAL M 408 11.60 37.85 -60.86
C VAL M 408 10.67 38.25 -62.00
N ILE M 409 9.68 39.08 -61.68
CA ILE M 409 8.69 39.54 -62.65
C ILE M 409 9.00 40.96 -63.06
N ARG M 410 9.04 41.21 -64.37
CA ARG M 410 9.35 42.54 -64.89
C ARG M 410 8.29 42.86 -65.95
N CYS M 411 8.06 44.14 -66.17
CA CYS M 411 6.81 44.66 -66.74
C CYS M 411 7.09 45.94 -67.50
N VAL M 412 6.61 46.02 -68.74
CA VAL M 412 6.67 47.26 -69.51
C VAL M 412 5.33 47.45 -70.20
N SER M 413 4.60 48.49 -69.81
CA SER M 413 3.28 48.76 -70.35
C SER M 413 3.18 50.22 -70.75
N ASN M 414 2.19 50.52 -71.58
CA ASN M 414 1.87 51.88 -71.99
C ASN M 414 0.57 52.29 -71.32
N ILE M 415 0.59 53.40 -70.58
CA ILE M 415 -0.65 54.00 -70.10
C ILE M 415 -1.23 54.81 -71.26
N THR M 416 -2.28 54.28 -71.89
CA THR M 416 -2.88 54.92 -73.04
C THR M 416 -4.19 55.63 -72.70
N GLY M 417 -4.55 55.73 -71.43
CA GLY M 417 -5.79 56.37 -71.07
C GLY M 417 -5.98 56.41 -69.57
N LEU M 418 -7.10 56.99 -69.18
CA LEU M 418 -7.48 57.12 -67.77
C LEU M 418 -8.98 56.88 -67.67
N ILE M 419 -9.43 56.60 -66.45
CA ILE M 419 -10.85 56.59 -66.12
C ILE M 419 -11.01 57.45 -64.87
N LEU M 420 -11.61 58.62 -65.04
CA LEU M 420 -11.74 59.60 -63.97
C LEU M 420 -13.19 59.72 -63.53
N THR M 421 -13.36 60.13 -62.28
CA THR M 421 -14.66 60.50 -61.75
C THR M 421 -14.53 61.90 -61.14
N ARG M 422 -15.56 62.70 -61.32
CA ARG M 422 -15.55 64.08 -60.84
C ARG M 422 -16.33 64.20 -59.54
N ASP M 423 -15.87 65.10 -58.68
CA ASP M 423 -16.52 65.35 -57.40
C ASP M 423 -17.59 66.42 -57.56
N GLY M 424 -18.76 66.16 -56.97
CA GLY M 424 -19.88 67.06 -57.07
C GLY M 424 -19.66 68.40 -56.39
N SER M 429 -18.42 76.67 -56.61
CA SER M 429 -16.99 76.52 -56.37
C SER M 429 -16.21 76.55 -57.68
N THR M 430 -15.02 77.12 -57.64
CA THR M 430 -14.17 77.25 -58.82
C THR M 430 -13.19 76.10 -58.98
N THR M 431 -13.24 75.10 -58.10
CA THR M 431 -12.32 73.98 -58.12
C THR M 431 -13.05 72.70 -58.48
N GLU M 432 -12.55 72.00 -59.50
CA GLU M 432 -13.08 70.71 -59.91
C GLU M 432 -12.05 69.64 -59.61
N THR M 433 -12.44 68.63 -58.84
CA THR M 433 -11.54 67.57 -58.40
C THR M 433 -11.85 66.29 -59.16
N PHE M 434 -10.83 65.71 -59.78
CA PHE M 434 -10.97 64.52 -60.62
C PHE M 434 -10.24 63.36 -59.98
N ARG M 435 -10.96 62.47 -59.36
CA ARG M 435 -10.41 61.26 -58.78
C ARG M 435 -10.40 60.15 -59.82
N PRO M 436 -9.45 59.21 -59.75
CA PRO M 436 -9.48 58.06 -60.64
C PRO M 436 -10.67 57.17 -60.33
N GLY M 437 -11.16 56.49 -61.36
CA GLY M 437 -12.33 55.65 -61.21
C GLY M 437 -12.13 54.26 -61.76
N GLY M 438 -13.22 53.57 -62.06
CA GLY M 438 -13.10 52.23 -62.61
C GLY M 438 -14.12 51.26 -62.02
N GLY M 439 -13.70 50.02 -61.80
CA GLY M 439 -14.58 49.00 -61.31
C GLY M 439 -15.31 48.29 -62.44
N ASP M 440 -16.09 49.04 -63.21
CA ASP M 440 -16.83 48.46 -64.33
C ASP M 440 -15.87 48.22 -65.48
N MET M 441 -15.67 46.95 -65.82
CA MET M 441 -14.71 46.59 -66.85
C MET M 441 -15.16 47.01 -68.24
N ARG M 442 -16.43 47.40 -68.39
CA ARG M 442 -16.92 47.76 -69.71
C ARG M 442 -16.31 49.08 -70.20
N ASP M 443 -16.00 49.99 -69.28
CA ASP M 443 -15.37 51.25 -69.69
C ASP M 443 -13.97 51.05 -70.25
N ASN M 444 -13.35 49.90 -69.98
CA ASN M 444 -12.04 49.61 -70.55
C ASN M 444 -12.15 49.26 -72.02
N TRP M 445 -13.15 48.45 -72.38
CA TRP M 445 -13.37 48.08 -73.77
C TRP M 445 -14.25 49.07 -74.52
N ARG M 446 -14.98 49.92 -73.80
CA ARG M 446 -15.66 51.04 -74.42
C ARG M 446 -14.67 52.03 -75.01
N SER M 447 -13.43 52.04 -74.53
CA SER M 447 -12.39 52.91 -75.05
C SER M 447 -11.74 52.37 -76.32
N GLU M 448 -11.98 51.10 -76.66
CA GLU M 448 -11.47 50.52 -77.90
C GLU M 448 -12.55 50.36 -78.96
N LEU M 449 -13.80 50.21 -78.56
CA LEU M 449 -14.92 50.04 -79.46
C LEU M 449 -15.76 51.31 -79.56
N TYR M 450 -15.15 52.47 -79.33
CA TYR M 450 -15.89 53.72 -79.43
C TYR M 450 -16.12 54.13 -80.89
N LYS M 451 -15.20 53.76 -81.77
CA LYS M 451 -15.26 54.17 -83.17
C LYS M 451 -16.04 53.22 -84.05
N TYR M 452 -16.47 52.07 -83.53
CA TYR M 452 -17.12 51.06 -84.34
C TYR M 452 -18.61 51.04 -84.09
N LYS M 453 -19.36 50.57 -85.09
CA LYS M 453 -20.81 50.52 -85.04
C LYS M 453 -21.29 49.42 -85.96
N VAL M 454 -22.30 48.67 -85.52
CA VAL M 454 -22.85 47.56 -86.28
C VAL M 454 -24.18 48.00 -86.88
N VAL M 455 -24.33 47.80 -88.18
CA VAL M 455 -25.55 48.17 -88.89
C VAL M 455 -26.09 46.95 -89.63
N LYS M 456 -27.39 46.98 -89.89
CA LYS M 456 -28.09 45.92 -90.59
C LYS M 456 -28.44 46.41 -91.99
N ILE M 457 -27.97 45.68 -93.00
CA ILE M 457 -28.19 46.10 -94.37
C ILE M 457 -29.63 45.81 -94.77
N GLU M 458 -30.30 46.83 -95.32
CA GLU M 458 -31.67 46.71 -95.83
C GLU M 458 -31.62 46.82 -97.35
N PRO M 459 -31.46 45.71 -98.06
CA PRO M 459 -31.13 45.77 -99.49
C PRO M 459 -32.33 45.93 -100.41
N LEU M 460 -33.54 46.01 -99.88
CA LEU M 460 -34.75 46.04 -100.69
C LEU M 460 -35.39 47.41 -100.56
N GLY M 461 -35.34 48.19 -101.63
CA GLY M 461 -35.89 49.53 -101.62
C GLY M 461 -36.68 49.81 -102.88
N VAL M 462 -37.73 50.60 -102.73
CA VAL M 462 -38.62 50.97 -103.82
C VAL M 462 -38.49 52.46 -104.08
N ALA M 463 -38.69 52.85 -105.34
CA ALA M 463 -38.50 54.23 -105.75
C ALA M 463 -39.28 54.45 -107.04
N PRO M 464 -39.67 55.69 -107.33
CA PRO M 464 -40.42 55.95 -108.57
C PRO M 464 -39.50 56.02 -109.78
N THR M 465 -40.03 55.55 -110.90
CA THR M 465 -39.29 55.56 -112.16
C THR M 465 -40.32 55.52 -113.29
N ARG M 466 -39.90 55.93 -114.48
CA ARG M 466 -40.76 55.93 -115.65
C ARG M 466 -41.02 54.53 -116.21
N CYS M 467 -40.61 53.49 -115.50
CA CYS M 467 -40.87 52.13 -115.96
C CYS M 467 -42.35 51.82 -116.02
N LYS M 468 -42.67 50.73 -116.72
CA LYS M 468 -43.99 50.12 -116.66
C LYS M 468 -43.82 48.69 -117.13
N ARG M 469 -44.16 47.74 -116.26
CA ARG M 469 -43.99 46.34 -116.60
C ARG M 469 -44.84 45.99 -117.83
N ARG M 470 -44.24 45.26 -118.75
CA ARG M 470 -44.92 44.85 -119.97
C ARG M 470 -45.60 43.50 -119.80
N PHE N 11 -14.74 50.93 -111.08
CA PHE N 11 -15.30 50.03 -110.07
C PHE N 11 -15.22 50.66 -108.68
N LEU N 12 -16.37 50.85 -108.05
CA LEU N 12 -16.43 51.48 -106.74
C LEU N 12 -16.37 50.49 -105.59
N GLY N 13 -16.87 49.27 -105.79
CA GLY N 13 -16.88 48.25 -104.76
C GLY N 13 -18.24 48.10 -104.12
N PHE N 14 -18.28 47.24 -103.10
CA PHE N 14 -19.51 46.97 -102.39
C PHE N 14 -20.02 48.23 -101.71
N LEU N 15 -21.28 48.57 -101.96
CA LEU N 15 -21.92 49.79 -101.47
C LEU N 15 -21.20 51.06 -101.91
N GLY N 16 -20.38 50.97 -102.96
CA GLY N 16 -19.67 52.15 -103.41
C GLY N 16 -20.60 53.23 -103.93
N ALA N 17 -21.65 52.83 -104.64
CA ALA N 17 -22.62 53.76 -105.20
C ALA N 17 -23.74 54.09 -104.24
N ALA N 18 -23.50 53.96 -102.93
CA ALA N 18 -24.53 54.28 -101.95
C ALA N 18 -24.88 55.76 -101.99
N GLY N 19 -23.89 56.62 -102.23
CA GLY N 19 -24.12 58.04 -102.36
C GLY N 19 -24.41 58.54 -103.76
N SER N 20 -24.28 57.68 -104.77
CA SER N 20 -24.58 58.08 -106.13
C SER N 20 -26.07 58.26 -106.33
N THR N 21 -26.43 58.95 -107.40
CA THR N 21 -27.84 59.12 -107.75
C THR N 21 -28.43 57.77 -108.12
N MET N 22 -29.77 57.70 -108.07
CA MET N 22 -30.45 56.44 -108.33
C MET N 22 -30.15 55.93 -109.73
N GLY N 23 -29.93 56.82 -110.69
CA GLY N 23 -29.54 56.39 -112.02
C GLY N 23 -28.17 55.76 -112.06
N ALA N 24 -27.19 56.39 -111.41
CA ALA N 24 -25.83 55.86 -111.43
C ALA N 24 -25.66 54.66 -110.51
N ALA N 25 -26.43 54.59 -109.42
CA ALA N 25 -26.34 53.47 -108.51
C ALA N 25 -26.92 52.19 -109.10
N SER N 26 -27.77 52.30 -110.11
CA SER N 26 -28.35 51.15 -110.78
C SER N 26 -27.39 50.49 -111.75
N MET N 27 -26.24 51.12 -112.05
CA MET N 27 -25.24 50.46 -112.87
C MET N 27 -24.59 49.30 -112.14
N THR N 28 -24.61 49.33 -110.81
CA THR N 28 -23.83 48.43 -109.97
C THR N 28 -24.74 47.63 -109.05
N LEU N 29 -25.86 47.12 -109.58
CA LEU N 29 -26.72 46.29 -108.76
C LEU N 29 -26.11 44.91 -108.52
N THR N 30 -25.27 44.44 -109.43
CA THR N 30 -24.65 43.14 -109.27
C THR N 30 -23.55 43.14 -108.22
N VAL N 31 -23.04 44.32 -107.85
CA VAL N 31 -22.00 44.38 -106.82
C VAL N 31 -22.59 44.06 -105.46
N GLN N 32 -23.75 44.63 -105.15
CA GLN N 32 -24.41 44.33 -103.89
C GLN N 32 -25.10 42.97 -103.91
N ALA N 33 -25.55 42.53 -105.08
CA ALA N 33 -26.28 41.26 -105.16
C ALA N 33 -25.38 40.09 -104.80
N ARG N 34 -24.12 40.10 -105.24
CA ARG N 34 -23.24 38.97 -104.99
C ARG N 34 -22.68 38.96 -103.58
N ASN N 35 -22.83 40.04 -102.82
CA ASN N 35 -22.30 40.14 -101.47
C ASN N 35 -23.35 39.83 -100.41
N LEU N 36 -24.53 39.39 -100.81
CA LEU N 36 -25.60 39.05 -99.88
C LEU N 36 -25.63 37.56 -99.52
N LEU N 37 -24.67 36.79 -100.00
CA LEU N 37 -24.77 35.34 -99.90
C LEU N 37 -23.55 34.74 -99.25
N SER N 38 -22.38 35.33 -99.48
CA SER N 38 -21.14 34.86 -98.87
C SER N 38 -20.18 36.00 -98.62
N VAL N 62 -20.13 26.23 -78.93
CA VAL N 62 -21.14 27.29 -79.04
C VAL N 62 -20.61 28.38 -79.98
N TRP N 63 -19.29 28.44 -80.13
CA TRP N 63 -18.69 29.39 -81.05
C TRP N 63 -18.87 28.97 -82.50
N GLY N 64 -18.95 27.67 -82.77
CA GLY N 64 -19.33 27.21 -84.09
C GLY N 64 -20.77 27.54 -84.42
N ILE N 65 -21.66 27.44 -83.43
CA ILE N 65 -23.07 27.72 -83.67
C ILE N 65 -23.29 29.19 -83.97
N LYS N 66 -22.53 30.07 -83.32
CA LYS N 66 -22.65 31.50 -83.61
C LYS N 66 -22.35 31.79 -85.08
N GLN N 67 -21.25 31.23 -85.59
CA GLN N 67 -20.97 31.35 -87.01
C GLN N 67 -21.98 30.58 -87.85
N LEU N 68 -22.38 29.39 -87.40
CA LEU N 68 -23.27 28.56 -88.20
C LEU N 68 -24.67 29.16 -88.29
N GLN N 69 -25.15 29.79 -87.20
CA GLN N 69 -26.48 30.37 -87.23
C GLN N 69 -26.50 31.66 -88.06
N ALA N 70 -25.37 32.36 -88.15
CA ALA N 70 -25.29 33.52 -89.03
C ALA N 70 -25.33 33.10 -90.49
N ARG N 71 -24.73 31.96 -90.82
CA ARG N 71 -24.78 31.45 -92.19
C ARG N 71 -26.20 31.08 -92.60
N VAL N 72 -26.95 30.44 -91.69
CA VAL N 72 -28.32 30.06 -92.01
C VAL N 72 -29.21 31.28 -92.14
N LEU N 73 -28.96 32.30 -91.33
CA LEU N 73 -29.76 33.53 -91.42
C LEU N 73 -29.57 34.21 -92.77
N ALA N 74 -28.32 34.23 -93.27
CA ALA N 74 -28.06 34.85 -94.56
C ALA N 74 -28.74 34.08 -95.70
N VAL N 75 -28.78 32.75 -95.59
CA VAL N 75 -29.37 31.94 -96.65
C VAL N 75 -30.88 32.15 -96.71
N GLU N 76 -31.56 32.07 -95.56
CA GLU N 76 -33.00 32.22 -95.58
C GLU N 76 -33.43 33.65 -95.80
N ARG N 77 -32.57 34.62 -95.45
CA ARG N 77 -32.85 36.01 -95.78
C ARG N 77 -32.73 36.25 -97.28
N TYR N 78 -31.73 35.62 -97.91
CA TYR N 78 -31.58 35.73 -99.36
C TYR N 78 -32.71 35.04 -100.09
N LEU N 79 -33.12 33.86 -99.63
CA LEU N 79 -34.15 33.10 -100.32
C LEU N 79 -35.50 33.78 -100.26
N ARG N 80 -35.79 34.50 -99.17
CA ARG N 80 -37.05 35.21 -99.08
C ARG N 80 -37.14 36.35 -100.09
N ASP N 81 -35.99 36.95 -100.43
CA ASP N 81 -35.97 38.00 -101.46
C ASP N 81 -36.07 37.40 -102.86
N GLN N 82 -35.44 36.25 -103.08
CA GLN N 82 -35.58 35.57 -104.38
C GLN N 82 -36.99 35.05 -104.56
N GLN N 83 -37.62 34.57 -103.49
CA GLN N 83 -39.00 34.11 -103.57
C GLN N 83 -39.93 35.26 -103.93
N LEU N 84 -39.71 36.44 -103.35
CA LEU N 84 -40.54 37.61 -103.67
C LEU N 84 -40.41 37.98 -105.13
N LEU N 85 -39.19 37.98 -105.67
CA LEU N 85 -39.00 38.26 -107.09
C LEU N 85 -39.67 37.21 -107.95
N GLY N 86 -39.61 35.95 -107.54
CA GLY N 86 -40.19 34.89 -108.33
C GLY N 86 -41.70 35.00 -108.46
N ILE N 87 -42.37 35.39 -107.38
CA ILE N 87 -43.84 35.51 -107.41
C ILE N 87 -44.31 36.81 -108.05
N TRP N 88 -43.40 37.74 -108.32
CA TRP N 88 -43.72 38.93 -109.11
C TRP N 88 -43.35 38.77 -110.58
N GLY N 89 -42.89 37.59 -110.98
CA GLY N 89 -42.39 37.38 -112.33
C GLY N 89 -41.09 38.10 -112.61
N CYS N 90 -40.19 38.15 -111.63
CA CYS N 90 -38.92 38.86 -111.77
C CYS N 90 -37.73 37.98 -111.44
N SER N 91 -37.90 36.67 -111.37
CA SER N 91 -36.82 35.80 -110.94
C SER N 91 -35.67 35.81 -111.95
N GLY N 92 -34.45 35.88 -111.43
CA GLY N 92 -33.29 35.89 -112.29
C GLY N 92 -33.05 37.20 -113.02
N LYS N 93 -33.62 38.29 -112.54
CA LYS N 93 -33.43 39.61 -113.14
C LYS N 93 -33.10 40.62 -112.05
N LEU N 94 -32.04 41.39 -112.28
CA LEU N 94 -31.69 42.46 -111.36
C LEU N 94 -32.61 43.66 -111.53
N ILE N 95 -32.98 43.97 -112.76
CA ILE N 95 -33.95 45.02 -113.07
C ILE N 95 -35.14 44.35 -113.75
N CYS N 96 -36.32 44.49 -113.16
CA CYS N 96 -37.53 43.85 -113.65
C CYS N 96 -38.61 44.89 -113.84
N CYS N 97 -39.24 44.88 -115.00
CA CYS N 97 -40.33 45.79 -115.31
C CYS N 97 -41.66 45.09 -115.04
N THR N 98 -42.57 45.81 -114.39
CA THR N 98 -43.85 45.23 -113.99
C THR N 98 -45.00 45.93 -114.70
N ASN N 99 -46.21 45.44 -114.46
CA ASN N 99 -47.42 45.99 -115.04
C ASN N 99 -48.28 46.73 -114.02
N VAL N 100 -47.64 47.24 -112.97
CA VAL N 100 -48.32 47.97 -111.91
C VAL N 100 -48.06 49.46 -112.14
N PRO N 101 -49.07 50.26 -112.49
CA PRO N 101 -48.82 51.68 -112.70
C PRO N 101 -48.46 52.37 -111.39
N TRP N 102 -47.59 53.37 -111.48
CA TRP N 102 -47.12 54.08 -110.30
C TRP N 102 -48.19 55.06 -109.84
N ASN N 103 -48.96 54.67 -108.83
CA ASN N 103 -49.87 55.58 -108.18
C ASN N 103 -49.12 56.78 -107.63
N SER N 104 -49.60 57.99 -107.96
CA SER N 104 -48.91 59.20 -107.53
C SER N 104 -48.99 59.42 -106.04
N SER N 105 -49.89 58.72 -105.34
CA SER N 105 -49.98 58.86 -103.89
C SER N 105 -48.68 58.41 -103.22
N TRP N 106 -48.04 57.39 -103.78
CA TRP N 106 -46.77 56.92 -103.21
C TRP N 106 -45.69 58.00 -103.33
N SER N 107 -45.56 58.60 -104.50
CA SER N 107 -44.64 59.71 -104.71
C SER N 107 -44.98 60.42 -106.01
N ASN N 108 -45.23 61.72 -105.95
CA ASN N 108 -45.64 62.50 -107.11
C ASN N 108 -44.49 63.22 -107.80
N ARG N 109 -43.26 62.97 -107.37
CA ARG N 109 -42.11 63.61 -107.98
C ARG N 109 -41.91 63.08 -109.41
N ASN N 110 -41.48 63.96 -110.31
CA ASN N 110 -41.33 63.58 -111.70
C ASN N 110 -40.10 62.67 -111.87
N LEU N 111 -40.06 61.99 -113.02
CA LEU N 111 -39.01 61.02 -113.28
C LEU N 111 -37.62 61.66 -113.29
N SER N 112 -37.54 62.95 -113.64
CA SER N 112 -36.24 63.59 -113.75
C SER N 112 -35.62 63.88 -112.39
N GLU N 113 -36.44 64.06 -111.34
CA GLU N 113 -35.95 64.39 -110.01
C GLU N 113 -35.87 63.18 -109.09
N ILE N 114 -35.93 61.97 -109.65
CA ILE N 114 -35.77 60.75 -108.88
C ILE N 114 -34.51 59.99 -109.28
N TRP N 115 -34.23 59.91 -110.58
CA TRP N 115 -33.10 59.14 -111.08
C TRP N 115 -31.82 59.94 -111.23
N ASP N 116 -31.87 61.27 -111.05
CA ASP N 116 -30.70 62.09 -111.20
C ASP N 116 -30.46 63.03 -110.02
N ASN N 117 -31.36 63.07 -109.04
CA ASN N 117 -31.20 63.92 -107.87
C ASN N 117 -31.17 63.16 -106.56
N MET N 118 -31.89 62.05 -106.46
CA MET N 118 -31.99 61.30 -105.21
C MET N 118 -31.03 60.11 -105.21
N THR N 119 -30.68 59.68 -104.01
CA THR N 119 -29.95 58.44 -103.81
C THR N 119 -30.94 57.37 -103.35
N TRP N 120 -30.50 56.11 -103.42
CA TRP N 120 -31.41 55.02 -103.08
C TRP N 120 -31.77 55.04 -101.60
N LEU N 121 -30.87 55.50 -100.74
CA LEU N 121 -31.18 55.57 -99.31
C LEU N 121 -32.26 56.60 -99.02
N GLN N 122 -32.21 57.76 -99.68
CA GLN N 122 -33.26 58.74 -99.52
C GLN N 122 -34.60 58.21 -100.04
N TRP N 123 -34.56 57.51 -101.18
CA TRP N 123 -35.80 57.00 -101.77
C TRP N 123 -36.47 55.98 -100.87
N ASP N 124 -35.68 55.10 -100.25
CA ASP N 124 -36.25 54.06 -99.40
C ASP N 124 -36.99 54.65 -98.21
N LYS N 125 -36.53 55.80 -97.70
CA LYS N 125 -37.21 56.43 -96.57
C LYS N 125 -38.50 57.12 -96.99
N GLU N 126 -38.63 57.49 -98.26
CA GLU N 126 -39.84 58.19 -98.71
C GLU N 126 -40.98 57.22 -99.00
N ILE N 127 -40.69 56.08 -99.61
CA ILE N 127 -41.71 55.10 -99.94
C ILE N 127 -41.70 53.93 -98.96
N SER N 128 -41.18 54.13 -97.75
CA SER N 128 -41.12 53.04 -96.78
C SER N 128 -42.53 52.59 -96.39
N ASN N 129 -43.44 53.54 -96.16
CA ASN N 129 -44.80 53.17 -95.76
C ASN N 129 -45.65 52.70 -96.92
N TYR N 130 -45.26 52.99 -98.16
CA TYR N 130 -45.96 52.52 -99.34
C TYR N 130 -45.35 51.24 -99.91
N THR N 131 -44.36 50.66 -99.21
CA THR N 131 -43.69 49.48 -99.71
C THR N 131 -44.62 48.27 -99.72
N GLN N 132 -45.33 48.03 -98.62
CA GLN N 132 -46.13 46.81 -98.51
C GLN N 132 -47.32 46.83 -99.47
N ILE N 133 -47.93 47.99 -99.68
CA ILE N 133 -49.05 48.05 -100.61
C ILE N 133 -48.56 47.85 -102.05
N ILE N 134 -47.35 48.30 -102.36
CA ILE N 134 -46.77 48.02 -103.67
C ILE N 134 -46.48 46.53 -103.82
N TYR N 135 -46.00 45.90 -102.74
CA TYR N 135 -45.67 44.47 -102.81
C TYR N 135 -46.89 43.63 -103.11
N GLY N 136 -48.04 43.99 -102.52
CA GLY N 136 -49.26 43.26 -102.82
C GLY N 136 -49.72 43.45 -104.25
N LEU N 137 -49.53 44.65 -104.80
CA LEU N 137 -49.94 44.91 -106.17
C LEU N 137 -49.10 44.12 -107.16
N LEU N 138 -47.79 44.03 -106.91
CA LEU N 138 -46.92 43.24 -107.80
C LEU N 138 -47.29 41.77 -107.74
N GLU N 139 -47.61 41.25 -106.56
CA GLU N 139 -48.04 39.87 -106.44
C GLU N 139 -49.37 39.63 -107.15
N GLU N 140 -50.29 40.59 -107.05
CA GLU N 140 -51.58 40.46 -107.74
C GLU N 140 -51.45 40.68 -109.24
N SER N 141 -50.41 41.38 -109.69
CA SER N 141 -50.23 41.58 -111.12
C SER N 141 -49.66 40.33 -111.79
N GLN N 142 -48.83 39.57 -111.10
CA GLN N 142 -48.20 38.41 -111.71
C GLN N 142 -49.19 37.26 -111.86
N ASN N 143 -49.88 36.90 -110.78
CA ASN N 143 -50.82 35.79 -110.85
C ASN N 143 -52.00 36.10 -111.76
N GLN N 144 -52.29 37.38 -112.02
CA GLN N 144 -53.22 37.72 -113.08
C GLN N 144 -52.61 37.41 -114.44
N GLN N 145 -51.32 37.70 -114.63
CA GLN N 145 -50.65 37.35 -115.87
C GLN N 145 -50.40 35.85 -115.97
N GLU N 146 -50.20 35.18 -114.83
CA GLU N 146 -50.02 33.73 -114.85
C GLU N 146 -51.25 33.03 -115.40
N LYS N 147 -52.44 33.44 -114.96
CA LYS N 147 -53.67 32.81 -115.40
C LYS N 147 -54.06 33.26 -116.81
N ASN N 148 -53.84 34.54 -117.13
CA ASN N 148 -54.19 35.03 -118.47
C ASN N 148 -53.34 34.36 -119.54
N GLU N 149 -52.04 34.19 -119.26
CA GLU N 149 -51.18 33.48 -120.20
C GLU N 149 -51.50 32.00 -120.22
N GLN N 150 -51.86 31.43 -119.07
CA GLN N 150 -52.27 30.03 -119.02
C GLN N 150 -53.55 29.80 -119.81
N ASP N 151 -54.50 30.74 -119.72
CA ASP N 151 -55.73 30.62 -120.49
C ASP N 151 -55.46 30.82 -121.98
N LEU N 152 -54.67 31.83 -122.33
CA LEU N 152 -54.40 32.11 -123.74
C LEU N 152 -53.59 31.00 -124.39
N LEU N 153 -52.80 30.27 -123.60
CA LEU N 153 -51.96 29.21 -124.15
C LEU N 153 -52.76 27.99 -124.53
N ALA N 154 -53.99 27.86 -124.05
CA ALA N 154 -54.85 26.73 -124.38
C ALA N 154 -55.70 26.98 -125.60
N LEU N 155 -55.58 28.16 -126.24
CA LEU N 155 -56.37 28.48 -127.41
C LEU N 155 -55.67 28.03 -128.68
N LEU O 2 -13.41 29.53 -131.14
CA LEU O 2 -13.67 28.77 -129.93
C LEU O 2 -14.02 29.70 -128.77
N TRP O 3 -15.02 29.32 -127.98
CA TRP O 3 -15.53 30.16 -126.91
C TRP O 3 -15.66 29.33 -125.64
N VAL O 4 -15.54 30.02 -124.49
CA VAL O 4 -15.64 29.35 -123.20
C VAL O 4 -17.10 29.01 -122.93
N THR O 5 -17.37 27.74 -122.62
CA THR O 5 -18.67 27.29 -122.20
C THR O 5 -18.56 26.61 -120.84
N VAL O 6 -19.49 26.92 -119.95
CA VAL O 6 -19.42 26.50 -118.57
C VAL O 6 -20.32 25.28 -118.38
N TYR O 7 -19.74 24.19 -117.89
CA TYR O 7 -20.45 22.96 -117.61
C TYR O 7 -20.55 22.78 -116.10
N TYR O 8 -21.76 22.60 -115.58
CA TYR O 8 -21.97 22.37 -114.16
C TYR O 8 -22.37 20.92 -113.96
N GLY O 9 -21.64 20.22 -113.11
CA GLY O 9 -21.87 18.83 -112.86
C GLY O 9 -20.87 17.88 -113.48
N VAL O 10 -19.68 18.35 -113.83
CA VAL O 10 -18.67 17.51 -114.47
C VAL O 10 -18.15 16.50 -113.45
N PRO O 11 -17.82 15.28 -113.88
CA PRO O 11 -17.28 14.28 -112.95
C PRO O 11 -15.80 14.50 -112.66
N VAL O 12 -15.53 15.53 -111.86
CA VAL O 12 -14.17 15.90 -111.47
C VAL O 12 -14.11 15.95 -109.95
N TRP O 13 -13.05 15.39 -109.39
CA TRP O 13 -12.88 15.35 -107.95
C TRP O 13 -11.45 15.69 -107.59
N LYS O 14 -11.28 16.31 -106.43
CA LYS O 14 -9.98 16.56 -105.81
C LYS O 14 -9.89 15.80 -104.50
N ASP O 15 -8.66 15.53 -104.06
CA ASP O 15 -8.47 14.92 -102.75
C ASP O 15 -8.88 15.89 -101.66
N ALA O 16 -9.55 15.39 -100.63
CA ALA O 16 -10.03 16.26 -99.58
C ALA O 16 -10.06 15.52 -98.26
N GLU O 17 -10.02 16.30 -97.18
CA GLU O 17 -10.23 15.80 -95.82
C GLU O 17 -11.52 16.40 -95.29
N THR O 18 -12.40 15.54 -94.77
CA THR O 18 -13.70 15.97 -94.31
C THR O 18 -14.13 15.09 -93.15
N THR O 19 -15.30 15.40 -92.59
CA THR O 19 -15.86 14.65 -91.47
C THR O 19 -16.88 13.65 -92.01
N LEU O 20 -16.51 12.38 -92.03
CA LEU O 20 -17.41 11.32 -92.44
C LEU O 20 -18.27 10.91 -91.26
N PHE O 21 -19.56 10.69 -91.52
CA PHE O 21 -20.48 10.34 -90.46
C PHE O 21 -20.67 8.83 -90.40
N CYS O 22 -20.87 8.33 -89.17
CA CYS O 22 -21.05 6.92 -88.94
C CYS O 22 -22.37 6.42 -89.50
N ALA O 23 -22.45 5.10 -89.68
CA ALA O 23 -23.69 4.46 -90.09
C ALA O 23 -23.65 3.00 -89.69
N SER O 24 -24.76 2.50 -89.15
CA SER O 24 -24.85 1.13 -88.67
C SER O 24 -26.20 0.55 -89.09
N ASP O 25 -26.23 -0.78 -89.20
CA ASP O 25 -27.47 -1.47 -89.56
C ASP O 25 -27.78 -2.57 -88.55
N LYS O 33 -29.54 -3.44 -76.19
CA LYS O 33 -28.31 -3.37 -75.41
C LYS O 33 -27.36 -2.34 -76.00
N HIS O 34 -26.98 -1.35 -75.19
CA HIS O 34 -26.09 -0.29 -75.67
C HIS O 34 -24.68 -0.84 -75.90
N ASN O 35 -23.97 -0.16 -76.80
CA ASN O 35 -22.60 -0.52 -77.15
C ASN O 35 -21.69 0.66 -76.91
N VAL O 36 -20.39 0.38 -76.81
CA VAL O 36 -19.40 1.44 -76.68
C VAL O 36 -19.45 2.36 -77.91
N TRP O 37 -19.41 1.76 -79.10
CA TRP O 37 -19.60 2.48 -80.34
C TRP O 37 -21.04 2.31 -80.84
N ALA O 38 -21.96 2.85 -80.04
CA ALA O 38 -23.37 2.52 -80.14
C ALA O 38 -23.97 3.07 -81.43
N THR O 39 -25.20 2.63 -81.69
CA THR O 39 -26.00 3.11 -82.81
C THR O 39 -26.75 4.39 -82.49
N HIS O 40 -26.65 4.90 -81.26
CA HIS O 40 -27.24 6.17 -80.90
C HIS O 40 -26.38 7.36 -81.30
N ALA O 41 -25.15 7.12 -81.74
CA ALA O 41 -24.29 8.15 -82.31
C ALA O 41 -23.98 7.86 -83.78
N CYS O 42 -24.87 7.11 -84.43
CA CYS O 42 -24.70 6.74 -85.83
C CYS O 42 -26.05 6.91 -86.53
N VAL O 43 -26.07 6.57 -87.83
CA VAL O 43 -27.23 6.78 -88.67
C VAL O 43 -27.61 5.44 -89.32
N PRO O 44 -28.88 5.13 -89.52
CA PRO O 44 -29.23 3.91 -90.25
C PRO O 44 -28.70 3.94 -91.67
N THR O 45 -28.29 2.77 -92.16
CA THR O 45 -27.76 2.63 -93.50
C THR O 45 -28.90 2.39 -94.50
N ASP O 46 -28.56 2.03 -95.73
CA ASP O 46 -29.55 1.79 -96.76
C ASP O 46 -29.63 0.30 -97.10
N GLN O 50 -25.59 0.81 -104.81
CA GLN O 50 -24.81 1.52 -103.80
C GLN O 50 -23.39 1.76 -104.29
N GLU O 51 -22.80 0.74 -104.90
CA GLU O 51 -21.45 0.84 -105.43
C GLU O 51 -21.50 0.97 -106.94
N ILE O 52 -20.76 1.94 -107.47
CA ILE O 52 -20.75 2.26 -108.90
C ILE O 52 -19.34 2.08 -109.42
N HIS O 53 -19.19 1.28 -110.47
CA HIS O 53 -17.87 1.00 -111.01
C HIS O 53 -17.47 2.11 -111.98
N LEU O 54 -16.36 2.78 -111.69
CA LEU O 54 -15.85 3.88 -112.50
C LEU O 54 -14.84 3.31 -113.48
N GLU O 55 -15.27 3.09 -114.71
CA GLU O 55 -14.40 2.49 -115.71
C GLU O 55 -13.41 3.51 -116.25
N ASN O 56 -12.23 3.03 -116.63
CA ASN O 56 -11.13 3.80 -117.19
C ASN O 56 -10.55 4.81 -116.20
N VAL O 57 -10.96 4.75 -114.93
CA VAL O 57 -10.49 5.68 -113.91
C VAL O 57 -9.35 5.01 -113.14
N THR O 58 -8.20 5.66 -113.12
CA THR O 58 -7.02 5.17 -112.41
C THR O 58 -6.63 6.23 -111.37
N GLU O 59 -7.06 6.03 -110.13
CA GLU O 59 -6.80 6.96 -109.05
C GLU O 59 -5.59 6.50 -108.23
N GLU O 60 -4.92 7.46 -107.60
CA GLU O 60 -3.76 7.20 -106.76
C GLU O 60 -4.20 7.20 -105.30
N PHE O 61 -4.05 6.06 -104.64
CA PHE O 61 -4.39 5.92 -103.23
C PHE O 61 -3.13 6.00 -102.38
N ASN O 62 -3.32 6.25 -101.09
CA ASN O 62 -2.22 6.27 -100.14
C ASN O 62 -2.80 5.89 -98.77
N MET O 63 -2.66 4.61 -98.41
CA MET O 63 -3.21 4.15 -97.15
C MET O 63 -2.47 4.68 -95.93
N TRP O 64 -1.28 5.27 -96.13
CA TRP O 64 -0.46 5.71 -95.02
C TRP O 64 -0.65 7.18 -94.69
N LYS O 65 -1.19 7.98 -95.60
CA LYS O 65 -1.58 9.35 -95.32
C LYS O 65 -3.08 9.53 -95.55
N ASN O 66 -3.85 8.54 -95.12
CA ASN O 66 -5.30 8.56 -95.24
C ASN O 66 -5.89 9.19 -93.98
N ASN O 67 -6.78 10.17 -94.17
CA ASN O 67 -7.35 10.87 -93.03
C ASN O 67 -8.54 10.12 -92.42
N MET O 68 -9.11 9.13 -93.12
CA MET O 68 -10.13 8.31 -92.49
C MET O 68 -9.56 7.51 -91.33
N VAL O 69 -8.32 7.05 -91.47
CA VAL O 69 -7.65 6.34 -90.38
C VAL O 69 -7.47 7.25 -89.19
N GLU O 70 -7.04 8.49 -89.42
CA GLU O 70 -6.85 9.44 -88.32
C GLU O 70 -8.17 9.86 -87.70
N GLN O 71 -9.23 9.97 -88.51
CA GLN O 71 -10.54 10.33 -87.97
C GLN O 71 -11.17 9.17 -87.22
N MET O 72 -11.06 7.95 -87.76
CA MET O 72 -11.62 6.79 -87.07
C MET O 72 -10.97 6.57 -85.73
N HIS O 73 -9.66 6.83 -85.62
CA HIS O 73 -9.01 6.73 -84.32
C HIS O 73 -9.62 7.71 -83.33
N THR O 74 -9.88 8.94 -83.77
CA THR O 74 -10.51 9.92 -82.89
C THR O 74 -11.92 9.50 -82.50
N ASP O 75 -12.67 8.94 -83.44
CA ASP O 75 -14.07 8.59 -83.18
C ASP O 75 -14.20 7.35 -82.33
N ILE O 76 -13.32 6.36 -82.51
CA ILE O 76 -13.35 5.17 -81.67
C ILE O 76 -12.98 5.52 -80.24
N ILE O 77 -11.99 6.39 -80.06
CA ILE O 77 -11.70 6.93 -78.74
C ILE O 77 -12.88 7.71 -78.19
N SER O 78 -13.47 8.58 -79.01
CA SER O 78 -14.54 9.45 -78.52
C SER O 78 -15.75 8.64 -78.07
N LEU O 79 -16.11 7.61 -78.82
CA LEU O 79 -17.22 6.75 -78.41
C LEU O 79 -16.85 5.91 -77.20
N TRP O 80 -15.57 5.67 -76.96
CA TRP O 80 -15.15 4.94 -75.77
C TRP O 80 -15.37 5.78 -74.51
N ASP O 81 -14.86 7.00 -74.50
CA ASP O 81 -15.03 7.86 -73.34
C ASP O 81 -16.50 8.22 -73.14
N GLN O 82 -17.23 8.47 -74.21
CA GLN O 82 -18.64 8.82 -74.12
C GLN O 82 -19.46 7.71 -73.49
N SER O 83 -19.00 6.46 -73.61
CA SER O 83 -19.70 5.33 -73.05
C SER O 83 -19.31 5.01 -71.61
N LEU O 84 -18.33 5.72 -71.05
CA LEU O 84 -17.84 5.46 -69.71
C LEU O 84 -18.20 6.55 -68.70
N LYS O 85 -18.55 7.74 -69.17
CA LYS O 85 -18.94 8.81 -68.25
C LYS O 85 -20.15 8.48 -67.39
N PRO O 86 -21.24 7.88 -67.89
CA PRO O 86 -22.45 7.75 -67.06
C PRO O 86 -22.39 6.66 -65.99
N CYS O 87 -21.30 5.93 -65.83
CA CYS O 87 -21.25 4.84 -64.87
C CYS O 87 -20.09 5.02 -63.89
N VAL O 88 -19.98 4.04 -62.99
CA VAL O 88 -19.37 4.27 -61.67
C VAL O 88 -17.91 4.70 -61.79
N LYS O 89 -17.55 5.73 -61.04
CA LYS O 89 -16.16 6.13 -60.84
C LYS O 89 -15.68 5.56 -59.51
N LEU O 90 -14.58 4.82 -59.56
CA LEU O 90 -14.09 4.11 -58.38
C LEU O 90 -13.05 4.90 -57.60
N THR O 91 -13.39 6.12 -57.20
CA THR O 91 -12.54 6.85 -56.26
C THR O 91 -12.41 6.16 -54.90
N PRO O 92 -13.45 5.59 -54.30
CA PRO O 92 -13.25 4.92 -53.00
C PRO O 92 -12.34 3.71 -53.05
N LEU O 93 -12.04 3.18 -54.25
CA LEU O 93 -11.20 1.99 -54.33
C LEU O 93 -9.73 2.27 -54.06
N CYS O 94 -9.32 3.53 -53.97
CA CYS O 94 -8.01 3.86 -53.40
C CYS O 94 -8.09 3.90 -51.87
N VAL O 95 -8.04 2.71 -51.30
CA VAL O 95 -7.79 2.52 -49.88
C VAL O 95 -6.56 1.65 -49.77
N THR O 96 -6.10 1.40 -48.55
CA THR O 96 -5.02 0.45 -48.33
C THR O 96 -5.59 -0.95 -48.31
N LEU O 97 -4.97 -1.85 -49.06
CA LEU O 97 -5.42 -3.24 -49.19
C LEU O 97 -4.50 -4.12 -48.36
N GLN O 98 -5.08 -5.02 -47.57
CA GLN O 98 -4.32 -6.03 -46.84
C GLN O 98 -4.44 -7.33 -47.62
N CYS O 99 -3.45 -7.62 -48.47
CA CYS O 99 -3.54 -8.69 -49.45
C CYS O 99 -2.72 -9.88 -49.00
N THR O 100 -3.33 -11.06 -49.07
CA THR O 100 -2.65 -12.33 -48.85
C THR O 100 -2.74 -13.17 -50.11
N ASN O 101 -1.86 -14.16 -50.20
CA ASN O 101 -1.88 -15.08 -51.33
C ASN O 101 -3.15 -15.92 -51.32
N VAL O 102 -3.54 -16.39 -52.51
CA VAL O 102 -4.70 -17.25 -52.61
C VAL O 102 -4.30 -18.73 -52.48
N THR O 103 -3.13 -19.11 -52.98
CA THR O 103 -2.71 -20.51 -52.98
C THR O 103 -1.61 -20.83 -51.99
N ASN O 104 -0.73 -19.88 -51.68
CA ASN O 104 0.38 -20.09 -50.74
C ASN O 104 1.23 -21.30 -51.13
N ASN O 105 1.51 -21.40 -52.42
CA ASN O 105 2.30 -22.52 -52.95
C ASN O 105 2.92 -22.16 -54.29
N ASP O 108 1.76 -22.00 -61.13
CA ASP O 108 1.37 -22.76 -62.31
C ASP O 108 -0.11 -22.59 -62.61
N ASP O 109 -0.88 -22.24 -61.59
CA ASP O 109 -2.32 -22.16 -61.68
C ASP O 109 -2.76 -20.71 -61.89
N MET O 110 -4.06 -20.52 -62.06
CA MET O 110 -4.62 -19.18 -62.04
C MET O 110 -4.49 -18.53 -60.67
N ARG O 111 -4.57 -19.33 -59.61
CA ARG O 111 -4.55 -18.81 -58.26
C ARG O 111 -3.19 -18.26 -57.85
N GLY O 112 -2.14 -18.55 -58.60
CA GLY O 112 -0.87 -17.93 -58.36
C GLY O 112 -0.75 -16.55 -58.95
N GLU O 113 -1.77 -16.12 -59.71
CA GLU O 113 -1.82 -14.80 -60.31
C GLU O 113 -2.67 -13.84 -59.51
N LEU O 114 -3.27 -14.30 -58.41
CA LEU O 114 -4.27 -13.54 -57.67
C LEU O 114 -3.76 -13.22 -56.27
N LYS O 115 -4.20 -12.07 -55.76
CA LYS O 115 -4.00 -11.67 -54.38
C LYS O 115 -5.37 -11.52 -53.73
N ASN O 116 -5.54 -12.06 -52.54
CA ASN O 116 -6.83 -11.97 -51.80
C ASN O 116 -6.77 -10.76 -50.87
N CYS O 117 -7.33 -9.65 -51.33
CA CYS O 117 -7.13 -8.32 -50.77
C CYS O 117 -8.36 -7.92 -49.97
N SER O 118 -8.14 -7.53 -48.72
CA SER O 118 -9.20 -7.10 -47.83
C SER O 118 -9.05 -5.61 -47.53
N PHE O 119 -10.15 -4.88 -47.53
CA PHE O 119 -10.10 -3.43 -47.42
C PHE O 119 -11.39 -2.91 -46.80
N ASN O 120 -11.31 -1.70 -46.27
CA ASN O 120 -12.49 -0.99 -45.78
C ASN O 120 -13.09 -0.17 -46.90
N MET O 121 -14.38 -0.37 -47.13
CA MET O 121 -15.08 0.32 -48.21
C MET O 121 -16.22 1.13 -47.64
N THR O 122 -16.58 2.21 -48.33
CA THR O 122 -17.70 3.02 -47.91
C THR O 122 -19.01 2.26 -48.10
N THR O 123 -19.99 2.60 -47.27
CA THR O 123 -21.33 2.04 -47.39
C THR O 123 -22.23 3.07 -48.05
N GLU O 124 -23.45 2.66 -48.38
CA GLU O 124 -24.43 3.61 -48.90
C GLU O 124 -24.77 4.71 -47.90
N LEU O 125 -24.48 4.50 -46.62
CA LEU O 125 -24.58 5.54 -45.60
C LEU O 125 -23.19 6.09 -45.34
N ARG O 126 -23.07 7.41 -45.36
CA ARG O 126 -21.76 8.05 -45.38
C ARG O 126 -20.95 7.75 -44.11
N ASP O 127 -21.62 7.59 -42.98
CA ASP O 127 -20.94 7.44 -41.70
C ASP O 127 -20.62 5.99 -41.34
N LYS O 128 -20.94 5.03 -42.20
CA LYS O 128 -20.71 3.63 -41.94
C LYS O 128 -19.69 3.07 -42.92
N LYS O 129 -18.82 2.20 -42.44
CA LYS O 129 -17.83 1.54 -43.28
C LYS O 129 -18.25 0.10 -43.55
N GLN O 130 -17.41 -0.61 -44.29
CA GLN O 130 -17.76 -1.93 -44.82
C GLN O 130 -16.47 -2.70 -45.03
N LYS O 131 -16.21 -3.68 -44.17
CA LYS O 131 -15.03 -4.53 -44.30
C LYS O 131 -15.33 -5.58 -45.35
N VAL O 132 -14.77 -5.42 -46.55
CA VAL O 132 -15.01 -6.33 -47.66
C VAL O 132 -13.66 -6.85 -48.16
N TYR O 133 -13.74 -7.84 -49.05
CA TYR O 133 -12.55 -8.40 -49.66
C TYR O 133 -12.85 -8.71 -51.12
N SER O 134 -11.78 -8.87 -51.90
CA SER O 134 -11.88 -9.20 -53.30
C SER O 134 -10.59 -9.85 -53.75
N LEU O 135 -10.66 -10.62 -54.83
CA LEU O 135 -9.48 -11.21 -55.43
C LEU O 135 -9.00 -10.32 -56.56
N PHE O 136 -7.84 -9.69 -56.36
CA PHE O 136 -7.25 -8.81 -57.35
C PHE O 136 -6.07 -9.50 -58.00
N TYR O 137 -5.94 -9.34 -59.31
CA TYR O 137 -4.78 -9.87 -60.00
C TYR O 137 -3.53 -9.17 -59.52
N ARG O 138 -2.42 -9.90 -59.51
CA ARG O 138 -1.16 -9.30 -59.08
C ARG O 138 -0.72 -8.18 -59.99
N LEU O 139 -1.28 -8.10 -61.20
CA LEU O 139 -0.95 -7.05 -62.14
C LEU O 139 -1.68 -5.74 -61.83
N ASP O 140 -2.63 -5.76 -60.90
CA ASP O 140 -3.41 -4.58 -60.56
C ASP O 140 -3.08 -3.99 -59.20
N VAL O 141 -2.30 -4.69 -58.38
CA VAL O 141 -1.99 -4.23 -57.03
C VAL O 141 -0.50 -3.98 -56.92
N VAL O 142 -0.14 -2.88 -56.29
CA VAL O 142 1.25 -2.48 -56.08
C VAL O 142 1.49 -2.38 -54.58
N GLN O 143 2.56 -3.00 -54.11
CA GLN O 143 2.83 -3.03 -52.68
C GLN O 143 3.25 -1.66 -52.18
N ILE O 144 2.91 -1.38 -50.92
CA ILE O 144 3.31 -0.15 -50.25
C ILE O 144 4.34 -0.50 -49.18
N ASN O 145 5.50 0.14 -49.25
CA ASN O 145 6.53 -0.07 -48.25
C ASN O 145 6.89 1.24 -47.54
N ASN O 156 -0.11 -10.86 -44.33
CA ASN O 156 -0.92 -9.85 -45.00
C ASN O 156 -0.21 -8.51 -45.11
N LYS O 157 0.50 -8.32 -46.23
CA LYS O 157 1.18 -7.06 -46.49
C LYS O 157 0.16 -6.01 -46.92
N GLU O 158 0.64 -4.80 -47.20
CA GLU O 158 -0.21 -3.69 -47.60
C GLU O 158 0.02 -3.37 -49.07
N TYR O 159 -1.06 -3.29 -49.83
CA TYR O 159 -1.02 -3.06 -51.27
C TYR O 159 -1.93 -1.89 -51.61
N ARG O 160 -1.99 -1.57 -52.90
CA ARG O 160 -2.91 -0.58 -53.41
C ARG O 160 -3.08 -0.83 -54.90
N LEU O 161 -4.19 -0.33 -55.44
CA LEU O 161 -4.45 -0.52 -56.87
C LEU O 161 -3.41 0.22 -57.69
N ILE O 162 -3.10 -0.33 -58.88
CA ILE O 162 -1.94 0.14 -59.63
C ILE O 162 -2.16 1.54 -60.17
N ASN O 163 -3.33 1.82 -60.76
CA ASN O 163 -3.64 3.16 -61.24
C ASN O 163 -4.44 3.89 -60.17
N CYS O 164 -3.69 4.30 -59.15
CA CYS O 164 -4.18 5.09 -58.03
C CYS O 164 -3.32 6.31 -57.74
N ASN O 165 -2.06 6.34 -58.15
CA ASN O 165 -1.28 7.56 -58.10
C ASN O 165 -1.38 8.36 -59.39
N THR O 166 -2.02 7.81 -60.41
CA THR O 166 -2.16 8.49 -61.69
C THR O 166 -3.57 8.95 -61.98
N SER O 167 -4.58 8.21 -61.54
CA SER O 167 -5.97 8.56 -61.81
C SER O 167 -6.88 7.69 -60.97
N ALA O 168 -8.19 7.89 -61.15
CA ALA O 168 -9.22 7.04 -60.59
C ALA O 168 -9.89 6.29 -61.74
N ILE O 169 -10.20 5.02 -61.49
CA ILE O 169 -10.64 4.13 -62.55
C ILE O 169 -12.16 4.13 -62.62
N THR O 170 -12.69 4.73 -63.68
CA THR O 170 -14.12 4.61 -63.93
C THR O 170 -14.46 3.17 -64.29
N GLN O 171 -15.36 2.58 -63.52
CA GLN O 171 -15.67 1.17 -63.70
C GLN O 171 -16.29 0.93 -65.06
N ALA O 172 -15.83 -0.10 -65.76
CA ALA O 172 -16.46 -0.46 -67.02
C ALA O 172 -17.91 -0.83 -66.76
N CYS O 173 -18.80 -0.04 -67.34
CA CYS O 173 -20.20 -0.08 -66.94
C CYS O 173 -20.79 -1.45 -67.33
N PRO O 174 -21.46 -2.13 -66.42
CA PRO O 174 -21.76 -3.56 -66.66
C PRO O 174 -22.79 -3.82 -67.74
N LYS O 175 -23.58 -2.83 -68.13
CA LYS O 175 -24.64 -3.03 -69.10
C LYS O 175 -24.25 -2.66 -70.51
N VAL O 176 -23.04 -2.17 -70.74
CA VAL O 176 -22.55 -1.88 -72.09
C VAL O 176 -21.56 -2.96 -72.48
N SER O 177 -21.68 -3.44 -73.72
CA SER O 177 -20.84 -4.51 -74.20
C SER O 177 -19.63 -3.96 -74.96
N PHE O 178 -18.52 -4.69 -74.87
CA PHE O 178 -17.31 -4.34 -75.61
C PHE O 178 -17.26 -4.98 -76.98
N GLU O 179 -18.27 -5.75 -77.35
CA GLU O 179 -18.28 -6.42 -78.64
C GLU O 179 -18.33 -5.37 -79.76
N PRO O 180 -17.42 -5.41 -80.73
CA PRO O 180 -17.43 -4.41 -81.80
C PRO O 180 -18.53 -4.71 -82.81
N ILE O 181 -19.34 -3.69 -83.10
CA ILE O 181 -20.36 -3.80 -84.14
C ILE O 181 -19.84 -3.08 -85.39
N PRO O 182 -20.14 -3.57 -86.58
CA PRO O 182 -19.62 -2.92 -87.79
C PRO O 182 -20.19 -1.51 -87.95
N ILE O 183 -19.31 -0.58 -88.29
CA ILE O 183 -19.67 0.81 -88.51
C ILE O 183 -19.22 1.21 -89.91
N HIS O 184 -20.10 1.89 -90.62
CA HIS O 184 -19.83 2.38 -91.98
C HIS O 184 -19.60 3.87 -91.91
N TYR O 185 -18.47 4.32 -92.44
CA TYR O 185 -18.14 5.74 -92.48
C TYR O 185 -18.61 6.30 -93.82
N CYS O 186 -19.61 7.17 -93.78
CA CYS O 186 -20.26 7.63 -95.00
C CYS O 186 -19.97 9.12 -95.24
N ALA O 187 -19.64 9.46 -96.48
CA ALA O 187 -19.24 10.80 -96.84
C ALA O 187 -20.45 11.73 -96.95
N PRO O 188 -20.30 13.01 -96.60
CA PRO O 188 -21.41 13.95 -96.72
C PRO O 188 -21.69 14.34 -98.16
N ALA O 189 -22.64 15.25 -98.37
CA ALA O 189 -22.95 15.69 -99.72
C ALA O 189 -21.81 16.53 -100.29
N GLY O 190 -21.57 16.37 -101.58
CA GLY O 190 -20.45 17.03 -102.23
C GLY O 190 -19.16 16.25 -102.17
N PHE O 191 -19.12 15.13 -101.46
CA PHE O 191 -17.95 14.26 -101.35
C PHE O 191 -18.33 12.86 -101.82
N ALA O 192 -17.31 12.10 -102.19
CA ALA O 192 -17.49 10.72 -102.57
C ALA O 192 -16.37 9.89 -101.99
N ILE O 193 -16.65 8.61 -101.75
CA ILE O 193 -15.68 7.66 -101.24
C ILE O 193 -15.27 6.76 -102.38
N LEU O 194 -14.00 6.82 -102.76
CA LEU O 194 -13.46 5.98 -103.82
C LEU O 194 -12.90 4.70 -103.22
N LYS O 195 -13.31 3.56 -103.77
CA LYS O 195 -12.89 2.25 -103.26
C LYS O 195 -12.05 1.56 -104.30
N CYS O 196 -10.83 1.18 -103.92
CA CYS O 196 -9.91 0.50 -104.82
C CYS O 196 -10.24 -0.98 -104.86
N LYS O 197 -10.69 -1.46 -106.01
CA LYS O 197 -11.07 -2.86 -106.18
C LYS O 197 -9.92 -3.71 -106.70
N ASP O 198 -8.73 -3.16 -106.85
CA ASP O 198 -7.58 -3.94 -107.26
C ASP O 198 -7.20 -4.95 -106.19
N LYS O 199 -6.92 -6.18 -106.61
CA LYS O 199 -6.61 -7.24 -105.67
C LYS O 199 -5.13 -7.37 -105.37
N LYS O 200 -4.26 -6.69 -106.13
CA LYS O 200 -2.84 -6.67 -105.86
C LYS O 200 -2.39 -5.31 -105.35
N PHE O 201 -3.33 -4.45 -104.97
CA PHE O 201 -2.99 -3.10 -104.53
C PHE O 201 -2.36 -3.19 -103.15
N ASN O 202 -1.06 -2.91 -103.06
CA ASN O 202 -0.41 -2.90 -101.77
C ASN O 202 -0.94 -1.83 -100.81
N GLY O 203 -0.54 -0.58 -100.97
CA GLY O 203 -1.19 0.49 -100.24
C GLY O 203 -1.05 1.83 -100.91
N THR O 204 -0.41 1.88 -102.07
CA THR O 204 0.10 3.13 -102.61
C THR O 204 0.24 3.01 -104.11
N GLY O 205 0.03 4.12 -104.81
CA GLY O 205 0.21 4.18 -106.24
C GLY O 205 -1.10 4.06 -106.98
N PRO O 206 -1.06 3.96 -108.30
CA PRO O 206 -2.29 3.89 -109.08
C PRO O 206 -3.08 2.62 -108.77
N CYS O 207 -4.40 2.76 -108.85
CA CYS O 207 -5.32 1.62 -108.69
C CYS O 207 -6.18 1.53 -109.94
N PRO O 208 -5.95 0.53 -110.81
CA PRO O 208 -6.68 0.49 -112.08
C PRO O 208 -8.19 0.36 -111.94
N SER O 209 -8.68 -0.36 -110.94
CA SER O 209 -10.11 -0.57 -110.74
C SER O 209 -10.59 0.23 -109.54
N VAL O 210 -11.44 1.21 -109.79
CA VAL O 210 -11.93 2.10 -108.75
C VAL O 210 -13.46 2.08 -108.79
N SER O 211 -14.08 2.32 -107.63
CA SER O 211 -15.52 2.38 -107.53
C SER O 211 -15.91 3.48 -106.57
N THR O 212 -17.08 4.06 -106.78
CA THR O 212 -17.64 5.05 -105.87
C THR O 212 -18.71 4.36 -105.04
N VAL O 213 -18.39 4.11 -103.79
CA VAL O 213 -19.35 3.53 -102.85
C VAL O 213 -20.01 4.67 -102.10
N GLN O 214 -21.29 4.48 -101.77
CA GLN O 214 -21.94 5.43 -100.89
C GLN O 214 -21.18 5.52 -99.57
N CYS O 215 -20.80 4.37 -99.01
CA CYS O 215 -19.86 4.34 -97.89
C CYS O 215 -19.39 2.92 -97.62
N THR O 216 -18.42 2.82 -96.72
CA THR O 216 -17.55 1.67 -96.59
C THR O 216 -18.30 0.45 -96.09
N HIS O 217 -17.67 -0.70 -96.25
CA HIS O 217 -18.19 -1.92 -95.65
C HIS O 217 -18.11 -1.83 -94.14
N GLY O 218 -18.87 -2.68 -93.46
CA GLY O 218 -18.87 -2.68 -92.02
C GLY O 218 -17.50 -2.97 -91.43
N ILE O 219 -16.87 -1.96 -90.85
CA ILE O 219 -15.54 -2.09 -90.25
C ILE O 219 -15.73 -2.30 -88.77
N LYS O 220 -15.47 -3.51 -88.30
CA LYS O 220 -15.54 -3.80 -86.87
C LYS O 220 -14.32 -3.19 -86.17
N PRO O 221 -14.51 -2.31 -85.20
CA PRO O 221 -13.37 -1.74 -84.47
C PRO O 221 -12.79 -2.70 -83.45
N VAL O 222 -12.22 -3.81 -83.94
CA VAL O 222 -11.57 -4.77 -83.06
C VAL O 222 -10.26 -4.19 -82.57
N VAL O 223 -10.12 -4.09 -81.26
CA VAL O 223 -8.93 -3.50 -80.63
C VAL O 223 -8.02 -4.64 -80.19
N SER O 224 -6.83 -4.69 -80.77
CA SER O 224 -5.89 -5.76 -80.48
C SER O 224 -4.49 -5.31 -80.89
N THR O 225 -3.49 -6.02 -80.38
CA THR O 225 -2.10 -5.74 -80.72
C THR O 225 -1.43 -7.01 -81.22
N GLN O 226 -0.49 -6.83 -82.16
CA GLN O 226 0.38 -7.86 -82.70
C GLN O 226 -0.34 -8.84 -83.62
N LEU O 227 -1.66 -8.78 -83.64
CA LEU O 227 -2.46 -9.71 -84.44
C LEU O 227 -3.77 -9.02 -84.77
N LEU O 228 -4.16 -9.04 -86.03
CA LEU O 228 -5.40 -8.39 -86.46
C LEU O 228 -6.51 -9.42 -86.36
N LEU O 229 -7.13 -9.49 -85.19
CA LEU O 229 -8.21 -10.44 -84.96
C LEU O 229 -9.45 -10.03 -85.74
N ASN O 230 -10.11 -11.02 -86.33
CA ASN O 230 -11.30 -10.80 -87.15
C ASN O 230 -11.00 -9.79 -88.26
N GLY O 231 -12.03 -9.28 -88.91
CA GLY O 231 -11.80 -8.34 -89.98
C GLY O 231 -11.84 -8.95 -91.37
N SER O 232 -11.12 -8.35 -92.30
CA SER O 232 -11.23 -8.68 -93.73
C SER O 232 -9.96 -9.39 -94.20
N LEU O 233 -10.15 -10.43 -94.99
CA LEU O 233 -9.05 -11.21 -95.55
C LEU O 233 -8.59 -10.62 -96.87
N ALA O 234 -7.39 -11.02 -97.28
CA ALA O 234 -6.95 -10.72 -98.63
C ALA O 234 -7.69 -11.60 -99.63
N GLU O 235 -7.61 -11.21 -100.91
CA GLU O 235 -8.38 -11.89 -101.93
C GLU O 235 -7.66 -13.09 -102.53
N GLU O 236 -6.41 -12.91 -102.96
CA GLU O 236 -5.72 -13.97 -103.66
C GLU O 236 -4.45 -14.45 -102.97
N GLU O 237 -3.74 -13.57 -102.27
CA GLU O 237 -2.49 -13.98 -101.64
C GLU O 237 -2.18 -13.02 -100.49
N VAL O 238 -1.32 -13.48 -99.58
CA VAL O 238 -0.94 -12.67 -98.42
C VAL O 238 -0.31 -11.38 -98.90
N MET O 239 -0.81 -10.26 -98.38
CA MET O 239 -0.37 -8.93 -98.80
C MET O 239 0.52 -8.31 -97.75
N ILE O 240 1.69 -7.83 -98.17
CA ILE O 240 2.62 -7.12 -97.31
C ILE O 240 2.49 -5.64 -97.61
N ARG O 241 2.28 -4.83 -96.56
CA ARG O 241 1.99 -3.41 -96.71
C ARG O 241 2.81 -2.62 -95.71
N SER O 242 3.82 -1.90 -96.20
CA SER O 242 4.64 -1.03 -95.37
C SER O 242 4.74 0.33 -96.03
N GLU O 243 4.84 1.37 -95.20
CA GLU O 243 5.00 2.71 -95.74
C GLU O 243 6.33 2.85 -96.49
N ASN O 244 7.39 2.27 -95.94
CA ASN O 244 8.69 2.23 -96.61
C ASN O 244 9.34 0.91 -96.18
N ILE O 245 9.27 -0.10 -97.05
CA ILE O 245 9.72 -1.43 -96.70
C ILE O 245 11.21 -1.46 -96.37
N THR O 246 11.97 -0.51 -96.90
CA THR O 246 13.40 -0.42 -96.61
C THR O 246 13.70 0.30 -95.31
N ASN O 247 12.70 0.87 -94.65
CA ASN O 247 12.87 1.56 -93.38
C ASN O 247 12.39 0.63 -92.26
N ASN O 248 13.30 0.29 -91.35
CA ASN O 248 12.97 -0.63 -90.26
C ASN O 248 12.15 0.02 -89.17
N ALA O 249 11.98 1.34 -89.19
CA ALA O 249 11.15 2.03 -88.21
C ALA O 249 9.68 2.04 -88.57
N LYS O 250 9.31 1.46 -89.71
CA LYS O 250 7.93 1.43 -90.17
C LYS O 250 7.35 0.04 -89.97
N ASN O 251 6.15 -0.03 -89.41
CA ASN O 251 5.50 -1.31 -89.20
C ASN O 251 5.07 -1.92 -90.54
N ILE O 252 5.07 -3.24 -90.59
CA ILE O 252 4.67 -3.99 -91.77
C ILE O 252 3.31 -4.62 -91.48
N LEU O 253 2.31 -4.26 -92.28
CA LEU O 253 0.95 -4.76 -92.07
C LEU O 253 0.72 -5.96 -93.00
N VAL O 254 0.91 -7.15 -92.47
CA VAL O 254 0.63 -8.36 -93.20
C VAL O 254 -0.87 -8.63 -93.16
N GLN O 255 -1.43 -9.08 -94.29
CA GLN O 255 -2.83 -9.43 -94.38
C GLN O 255 -2.94 -10.83 -94.96
N PHE O 256 -3.63 -11.72 -94.25
CA PHE O 256 -3.73 -13.10 -94.68
C PHE O 256 -4.81 -13.26 -95.74
N ASN O 257 -4.70 -14.33 -96.52
CA ASN O 257 -5.76 -14.72 -97.44
C ASN O 257 -6.67 -15.80 -96.88
N THR O 258 -6.15 -16.67 -96.02
CA THR O 258 -6.95 -17.63 -95.27
C THR O 258 -6.79 -17.36 -93.78
N PRO O 259 -7.88 -17.19 -93.05
CA PRO O 259 -7.76 -16.84 -91.62
C PRO O 259 -7.17 -17.98 -90.81
N VAL O 260 -6.45 -17.60 -89.75
CA VAL O 260 -5.91 -18.55 -88.78
C VAL O 260 -6.77 -18.44 -87.53
N GLN O 261 -7.51 -19.50 -87.22
CA GLN O 261 -8.43 -19.46 -86.10
C GLN O 261 -7.68 -19.60 -84.79
N ILE O 262 -8.01 -18.75 -83.83
CA ILE O 262 -7.39 -18.75 -82.51
C ILE O 262 -8.48 -18.87 -81.46
N ASN O 263 -8.32 -19.81 -80.54
CA ASN O 263 -9.31 -20.10 -79.50
C ASN O 263 -8.79 -19.67 -78.13
N CYS O 264 -9.57 -18.88 -77.43
CA CYS O 264 -9.23 -18.30 -76.13
C CYS O 264 -9.77 -19.23 -75.07
N THR O 265 -9.36 -19.00 -73.83
CA THR O 265 -10.21 -19.45 -72.73
C THR O 265 -9.69 -18.87 -71.43
N ARG O 266 -10.61 -18.68 -70.50
CA ARG O 266 -10.31 -18.57 -69.07
C ARG O 266 -11.05 -19.71 -68.39
N PRO O 267 -10.39 -20.82 -68.09
CA PRO O 267 -11.11 -22.01 -67.63
C PRO O 267 -11.82 -21.84 -66.30
N ASN O 268 -11.46 -20.83 -65.50
CA ASN O 268 -12.01 -20.66 -64.17
C ASN O 268 -13.50 -20.37 -64.23
N ASN O 269 -14.24 -20.87 -63.24
CA ASN O 269 -15.62 -20.46 -63.03
C ASN O 269 -15.59 -19.33 -62.01
N ASN O 270 -15.54 -18.10 -62.50
CA ASN O 270 -15.47 -16.93 -61.65
C ASN O 270 -16.81 -16.71 -60.95
N THR O 271 -16.74 -16.07 -59.77
CA THR O 271 -17.92 -15.70 -59.00
C THR O 271 -17.88 -14.19 -58.75
N ARG O 272 -18.58 -13.44 -59.59
CA ARG O 272 -18.69 -12.00 -59.41
C ARG O 272 -19.46 -11.68 -58.13
N LYS O 273 -18.96 -10.70 -57.38
CA LYS O 273 -19.56 -10.27 -56.13
C LYS O 273 -19.79 -8.77 -56.17
N SER O 274 -20.95 -8.33 -55.68
CA SER O 274 -21.33 -6.92 -55.73
C SER O 274 -21.10 -6.25 -54.38
N ILE O 275 -20.46 -5.09 -54.40
CA ILE O 275 -20.20 -4.28 -53.22
C ILE O 275 -20.85 -2.91 -53.44
N ARG O 276 -21.67 -2.48 -52.49
CA ARG O 276 -22.32 -1.17 -52.57
C ARG O 276 -21.37 -0.13 -51.98
N ILE O 277 -20.67 0.60 -52.85
CA ILE O 277 -19.69 1.59 -52.42
C ILE O 277 -20.32 2.95 -52.17
N GLY O 278 -21.61 3.11 -52.44
CA GLY O 278 -22.28 4.37 -52.26
C GLY O 278 -23.74 4.27 -52.64
N PRO O 279 -24.46 5.38 -52.57
CA PRO O 279 -25.88 5.35 -52.93
C PRO O 279 -26.07 5.11 -54.42
N GLY O 280 -26.54 3.91 -54.78
CA GLY O 280 -26.79 3.57 -56.16
C GLY O 280 -25.60 3.06 -56.92
N GLN O 281 -24.40 3.14 -56.35
CA GLN O 281 -23.18 2.70 -57.01
C GLN O 281 -22.77 1.33 -56.45
N ALA O 282 -22.45 0.41 -57.34
CA ALA O 282 -22.02 -0.92 -56.97
C ALA O 282 -20.66 -1.23 -57.58
N PHE O 283 -19.83 -1.93 -56.82
CA PHE O 283 -18.50 -2.35 -57.25
C PHE O 283 -18.50 -3.86 -57.38
N TYR O 284 -18.23 -4.35 -58.57
CA TYR O 284 -18.28 -5.77 -58.86
C TYR O 284 -16.89 -6.38 -58.65
N ALA O 285 -16.81 -7.34 -57.75
CA ALA O 285 -15.54 -7.87 -57.29
C ALA O 285 -15.51 -9.39 -57.46
N THR O 286 -14.31 -9.92 -57.66
CA THR O 286 -14.13 -11.36 -57.73
C THR O 286 -14.16 -11.93 -56.31
N GLY O 287 -15.25 -12.58 -55.95
CA GLY O 287 -15.37 -13.09 -54.61
C GLY O 287 -14.70 -14.42 -54.42
N ASP O 288 -14.84 -15.30 -55.41
CA ASP O 288 -14.30 -16.65 -55.31
C ASP O 288 -13.98 -17.13 -56.70
N ILE O 289 -13.03 -18.06 -56.79
CA ILE O 289 -12.67 -18.68 -58.05
C ILE O 289 -12.56 -20.19 -57.84
N ILE O 290 -13.34 -20.94 -58.61
CA ILE O 290 -13.40 -22.38 -58.55
C ILE O 290 -13.37 -22.93 -59.97
N GLY O 291 -13.36 -24.24 -60.11
CA GLY O 291 -13.34 -24.87 -61.40
C GLY O 291 -11.92 -25.11 -61.90
N ASP O 292 -11.80 -25.23 -63.22
CA ASP O 292 -10.51 -25.46 -63.84
C ASP O 292 -9.62 -24.24 -63.64
N ILE O 293 -8.52 -24.43 -62.93
CA ILE O 293 -7.63 -23.33 -62.57
C ILE O 293 -6.40 -23.27 -63.47
N ARG O 294 -6.48 -23.85 -64.66
CA ARG O 294 -5.39 -23.69 -65.62
C ARG O 294 -5.32 -22.23 -66.06
N GLN O 295 -4.09 -21.79 -66.35
CA GLN O 295 -3.89 -20.41 -66.75
C GLN O 295 -4.63 -20.13 -68.06
N ALA O 296 -5.15 -18.91 -68.19
CA ALA O 296 -5.81 -18.51 -69.42
C ALA O 296 -4.85 -18.65 -70.60
N HIS O 297 -5.36 -19.14 -71.72
CA HIS O 297 -4.50 -19.43 -72.85
C HIS O 297 -5.28 -19.29 -74.14
N CYS O 298 -4.53 -19.20 -75.24
CA CYS O 298 -5.08 -19.23 -76.59
C CYS O 298 -4.41 -20.34 -77.38
N ASN O 299 -5.20 -21.05 -78.17
CA ASN O 299 -4.72 -22.14 -79.01
C ASN O 299 -4.76 -21.72 -80.46
N VAL O 300 -3.62 -21.84 -81.15
CA VAL O 300 -3.53 -21.65 -82.58
C VAL O 300 -3.02 -22.94 -83.19
N SER O 301 -3.70 -23.42 -84.23
CA SER O 301 -3.31 -24.69 -84.85
C SER O 301 -1.89 -24.60 -85.35
N LYS O 302 -1.08 -25.61 -84.99
CA LYS O 302 0.33 -25.58 -85.33
C LYS O 302 0.56 -25.79 -86.83
N ALA O 303 -0.27 -26.62 -87.45
CA ALA O 303 -0.16 -26.84 -88.89
C ALA O 303 -0.63 -25.62 -89.67
N THR O 304 -1.75 -25.02 -89.26
CA THR O 304 -2.27 -23.87 -89.97
C THR O 304 -1.36 -22.66 -89.82
N TRP O 305 -0.80 -22.45 -88.63
CA TRP O 305 0.10 -21.32 -88.43
C TRP O 305 1.40 -21.50 -89.20
N ASN O 306 1.89 -22.74 -89.30
CA ASN O 306 3.15 -22.97 -90.00
C ASN O 306 2.99 -22.69 -91.49
N GLU O 307 1.87 -23.11 -92.09
CA GLU O 307 1.66 -22.84 -93.51
C GLU O 307 1.30 -21.38 -93.77
N THR O 308 0.76 -20.68 -92.77
CA THR O 308 0.48 -19.25 -92.93
C THR O 308 1.76 -18.44 -92.87
N LEU O 309 2.69 -18.79 -91.98
CA LEU O 309 3.98 -18.13 -91.99
C LEU O 309 4.77 -18.48 -93.25
N GLY O 310 4.54 -19.67 -93.81
CA GLY O 310 5.16 -20.00 -95.08
C GLY O 310 4.70 -19.09 -96.20
N LYS O 311 3.40 -18.77 -96.22
CA LYS O 311 2.88 -17.82 -97.20
C LYS O 311 3.39 -16.42 -96.93
N VAL O 312 3.48 -16.02 -95.65
CA VAL O 312 4.01 -14.71 -95.31
C VAL O 312 5.47 -14.61 -95.72
N VAL O 313 6.26 -15.66 -95.47
CA VAL O 313 7.68 -15.64 -95.84
C VAL O 313 7.84 -15.57 -97.35
N LYS O 314 7.02 -16.31 -98.09
CA LYS O 314 7.10 -16.30 -99.55
C LYS O 314 6.84 -14.90 -100.10
N GLN O 315 5.82 -14.21 -99.59
CA GLN O 315 5.52 -12.85 -100.00
C GLN O 315 6.46 -11.84 -99.39
N LEU O 316 7.28 -12.23 -98.41
CA LEU O 316 8.21 -11.33 -97.75
C LEU O 316 9.62 -11.41 -98.31
N ARG O 317 9.95 -12.48 -99.02
CA ARG O 317 11.23 -12.57 -99.71
C ARG O 317 11.25 -11.73 -100.98
N LYS O 318 10.07 -11.34 -101.49
CA LYS O 318 10.01 -10.51 -102.68
C LYS O 318 10.58 -9.11 -102.45
N HIS O 319 10.64 -8.66 -101.20
CA HIS O 319 11.16 -7.34 -100.87
C HIS O 319 12.57 -7.37 -100.31
N PHE O 320 13.11 -8.55 -100.02
CA PHE O 320 14.43 -8.65 -99.40
C PHE O 320 15.36 -9.62 -100.09
N GLY O 321 14.88 -10.43 -101.03
CA GLY O 321 15.75 -11.35 -101.73
C GLY O 321 15.33 -12.79 -101.58
N ASN O 322 15.68 -13.61 -102.57
CA ASN O 322 15.34 -15.04 -102.52
C ASN O 322 16.26 -15.80 -101.58
N ASN O 323 17.51 -15.39 -101.46
CA ASN O 323 18.49 -16.11 -100.64
C ASN O 323 18.58 -15.58 -99.22
N THR O 324 17.80 -14.57 -98.86
CA THR O 324 17.84 -14.04 -97.51
C THR O 324 17.15 -14.98 -96.53
N ILE O 325 17.54 -14.88 -95.27
CA ILE O 325 17.03 -15.73 -94.21
C ILE O 325 15.99 -14.94 -93.44
N ILE O 326 14.74 -15.40 -93.49
CA ILE O 326 13.64 -14.75 -92.80
C ILE O 326 13.45 -15.43 -91.46
N ARG O 327 13.67 -14.68 -90.38
CA ARG O 327 13.58 -15.20 -89.02
C ARG O 327 12.52 -14.42 -88.26
N PHE O 328 11.62 -15.13 -87.60
CA PHE O 328 10.59 -14.53 -86.77
C PHE O 328 10.99 -14.68 -85.32
N ALA O 329 11.24 -13.56 -84.65
CA ALA O 329 11.50 -13.55 -83.22
C ALA O 329 10.29 -12.99 -82.49
N ASN O 330 10.36 -12.97 -81.16
CA ASN O 330 9.24 -12.48 -80.36
C ASN O 330 9.49 -11.03 -79.96
N SER O 331 8.47 -10.44 -79.33
CA SER O 331 8.49 -9.00 -79.06
C SER O 331 9.68 -8.62 -78.22
N SER O 332 10.24 -7.44 -78.51
CA SER O 332 11.48 -7.02 -77.86
C SER O 332 11.26 -6.67 -76.40
N GLY O 333 10.47 -5.64 -76.14
CA GLY O 333 10.26 -5.20 -74.77
C GLY O 333 9.37 -3.98 -74.73
N GLY O 334 9.03 -3.57 -73.51
CA GLY O 334 8.16 -2.43 -73.31
C GLY O 334 7.01 -2.70 -72.37
N ASP O 335 5.88 -2.05 -72.60
CA ASP O 335 4.70 -2.27 -71.79
C ASP O 335 4.09 -3.64 -72.08
N LEU O 336 3.29 -4.13 -71.13
CA LEU O 336 2.59 -5.38 -71.35
C LEU O 336 1.58 -5.26 -72.49
N GLU O 337 1.09 -4.05 -72.76
CA GLU O 337 0.16 -3.86 -73.85
C GLU O 337 0.84 -3.93 -75.21
N VAL O 338 2.16 -3.78 -75.25
CA VAL O 338 2.89 -3.79 -76.51
C VAL O 338 3.76 -5.03 -76.70
N THR O 339 4.13 -5.71 -75.62
CA THR O 339 4.89 -6.96 -75.71
C THR O 339 4.00 -8.18 -75.83
N THR O 340 2.69 -8.02 -75.70
CA THR O 340 1.77 -9.13 -75.70
C THR O 340 0.65 -8.87 -76.70
N HIS O 341 0.00 -9.95 -77.13
CA HIS O 341 -1.18 -9.87 -77.97
C HIS O 341 -2.35 -9.44 -77.07
N SER O 342 -2.37 -8.16 -76.75
CA SER O 342 -3.45 -7.59 -75.97
C SER O 342 -4.73 -7.61 -76.78
N PHE O 343 -5.82 -8.06 -76.16
CA PHE O 343 -7.12 -8.00 -76.81
C PHE O 343 -8.20 -8.19 -75.76
N ASN O 344 -9.45 -8.03 -76.19
CA ASN O 344 -10.63 -8.22 -75.37
C ASN O 344 -11.40 -9.40 -75.90
N CYS O 345 -11.85 -10.28 -75.00
CA CYS O 345 -12.63 -11.44 -75.43
C CYS O 345 -13.60 -11.85 -74.32
N GLY O 346 -14.88 -11.67 -74.57
CA GLY O 346 -15.91 -11.99 -73.59
C GLY O 346 -16.03 -10.98 -72.48
N GLY O 347 -15.58 -9.75 -72.73
CA GLY O 347 -15.62 -8.70 -71.74
C GLY O 347 -14.43 -8.66 -70.80
N GLU O 348 -13.53 -9.62 -70.89
CA GLU O 348 -12.36 -9.70 -70.03
C GLU O 348 -11.11 -9.60 -70.89
N PHE O 349 -10.14 -8.81 -70.44
CA PHE O 349 -9.02 -8.40 -71.27
C PHE O 349 -7.85 -9.36 -71.08
N PHE O 350 -7.38 -9.93 -72.19
CA PHE O 350 -6.29 -10.89 -72.20
C PHE O 350 -5.00 -10.24 -72.67
N TYR O 351 -3.88 -10.85 -72.31
CA TYR O 351 -2.55 -10.39 -72.72
C TYR O 351 -1.70 -11.63 -72.97
N CYS O 352 -1.72 -12.12 -74.20
CA CYS O 352 -1.12 -13.40 -74.54
C CYS O 352 0.33 -13.24 -75.00
N ASN O 353 1.14 -14.26 -74.72
CA ASN O 353 2.58 -14.14 -74.90
C ASN O 353 2.99 -14.04 -76.37
N THR O 354 2.47 -14.94 -77.20
CA THR O 354 2.82 -15.01 -78.62
C THR O 354 4.33 -15.04 -78.83
N SER O 355 5.03 -15.81 -78.01
CA SER O 355 6.42 -16.12 -78.25
C SER O 355 6.61 -17.48 -78.89
N GLY O 356 5.58 -18.30 -78.93
CA GLY O 356 5.63 -19.57 -79.64
C GLY O 356 5.07 -19.41 -81.04
N LEU O 357 4.26 -18.37 -81.24
CA LEU O 357 3.82 -18.03 -82.59
C LEU O 357 4.98 -17.55 -83.44
N PHE O 358 5.74 -16.57 -82.93
CA PHE O 358 6.84 -15.98 -83.65
C PHE O 358 8.15 -16.54 -83.10
N ASN O 359 8.47 -17.76 -83.56
CA ASN O 359 9.75 -18.38 -83.21
C ASN O 359 10.06 -19.38 -84.32
N SER O 360 10.87 -18.96 -85.29
CA SER O 360 11.16 -19.80 -86.44
C SER O 360 12.22 -19.13 -87.29
N THR O 361 12.96 -19.95 -88.03
CA THR O 361 13.95 -19.48 -88.99
C THR O 361 13.67 -20.16 -90.32
N TRP O 362 13.58 -19.38 -91.39
CA TRP O 362 13.20 -19.88 -92.71
C TRP O 362 14.39 -19.76 -93.66
N ILE O 363 14.80 -20.90 -94.21
CA ILE O 363 15.94 -20.98 -95.11
C ILE O 363 15.43 -21.15 -96.53
N SER O 364 16.12 -20.52 -97.48
CA SER O 364 15.74 -20.60 -98.89
C SER O 364 15.72 -22.03 -99.38
N ASN O 377 -3.69 -31.60 -86.06
CA ASN O 377 -4.17 -32.01 -84.75
C ASN O 377 -3.44 -31.28 -83.63
N ASP O 378 -2.14 -31.06 -83.83
CA ASP O 378 -1.33 -30.37 -82.84
C ASP O 378 -1.70 -28.90 -82.79
N SER O 379 -1.38 -28.26 -81.66
CA SER O 379 -1.79 -26.89 -81.42
C SER O 379 -0.70 -26.14 -80.67
N ILE O 380 -0.74 -24.81 -80.78
CA ILE O 380 0.18 -23.92 -80.09
C ILE O 380 -0.59 -23.20 -78.99
N THR O 381 -0.14 -23.34 -77.75
CA THR O 381 -0.82 -22.76 -76.60
C THR O 381 -0.06 -21.52 -76.14
N LEU O 382 -0.74 -20.38 -76.13
CA LEU O 382 -0.14 -19.12 -75.75
C LEU O 382 -0.59 -18.73 -74.36
N PRO O 383 0.29 -18.69 -73.36
CA PRO O 383 -0.14 -18.33 -72.01
C PRO O 383 -0.53 -16.86 -71.94
N CYS O 384 -1.77 -16.60 -71.51
CA CYS O 384 -2.31 -15.25 -71.46
C CYS O 384 -2.54 -14.82 -70.02
N ARG O 385 -2.12 -13.61 -69.70
CA ARG O 385 -2.47 -12.99 -68.43
C ARG O 385 -3.75 -12.19 -68.61
N ILE O 386 -4.37 -11.83 -67.48
CA ILE O 386 -5.60 -11.06 -67.49
C ILE O 386 -5.44 -9.88 -66.54
N LYS O 387 -5.96 -8.73 -66.96
CA LYS O 387 -5.98 -7.53 -66.13
C LYS O 387 -7.40 -7.03 -66.01
N GLN O 388 -7.67 -6.28 -64.94
CA GLN O 388 -8.94 -5.61 -64.77
C GLN O 388 -8.84 -4.11 -64.86
N ILE O 389 -7.67 -3.53 -64.66
CA ILE O 389 -7.46 -2.10 -64.76
C ILE O 389 -6.78 -1.83 -66.09
N ILE O 390 -7.50 -1.18 -67.01
CA ILE O 390 -7.10 -1.06 -68.40
C ILE O 390 -6.86 0.41 -68.73
N ASN O 391 -5.65 0.71 -69.21
CA ASN O 391 -5.35 1.98 -69.87
C ASN O 391 -5.27 1.67 -71.35
N MET O 392 -6.40 1.79 -72.05
CA MET O 392 -6.52 1.18 -73.36
C MET O 392 -5.79 1.97 -74.44
N TRP O 393 -6.20 3.22 -74.67
CA TRP O 393 -5.70 3.95 -75.83
C TRP O 393 -4.36 4.61 -75.57
N GLN O 394 -3.39 3.83 -75.04
CA GLN O 394 -2.01 4.30 -74.83
C GLN O 394 -1.97 5.67 -74.16
N ARG O 395 -2.90 5.89 -73.23
CA ARG O 395 -3.00 7.16 -72.53
C ARG O 395 -2.69 6.98 -71.05
N ILE O 396 -2.40 8.09 -70.39
CA ILE O 396 -2.15 8.12 -68.97
C ILE O 396 -3.17 9.05 -68.34
N GLY O 397 -3.78 8.60 -67.24
CA GLY O 397 -4.74 9.39 -66.50
C GLY O 397 -6.19 9.02 -66.72
N GLN O 398 -6.48 8.07 -67.61
CA GLN O 398 -7.84 7.58 -67.84
C GLN O 398 -7.77 6.07 -67.91
N ALA O 399 -7.90 5.42 -66.76
CA ALA O 399 -7.96 3.98 -66.68
C ALA O 399 -9.42 3.52 -66.72
N MET O 400 -9.62 2.20 -66.70
CA MET O 400 -10.95 1.63 -66.65
C MET O 400 -10.87 0.31 -65.92
N TYR O 401 -11.80 0.08 -65.01
CA TYR O 401 -11.85 -1.17 -64.26
C TYR O 401 -12.84 -2.10 -64.95
N ALA O 402 -12.34 -3.14 -65.59
CA ALA O 402 -13.21 -4.11 -66.22
C ALA O 402 -13.75 -5.07 -65.17
N PRO O 403 -15.06 -5.11 -64.92
CA PRO O 403 -15.58 -5.94 -63.84
C PRO O 403 -15.46 -7.41 -64.17
N PRO O 404 -15.45 -8.28 -63.16
CA PRO O 404 -15.34 -9.72 -63.43
C PRO O 404 -16.51 -10.22 -64.25
N ILE O 405 -16.24 -11.18 -65.11
CA ILE O 405 -17.26 -11.84 -65.92
C ILE O 405 -17.59 -13.15 -65.24
N GLN O 406 -18.86 -13.32 -64.89
CA GLN O 406 -19.33 -14.54 -64.25
C GLN O 406 -19.18 -15.73 -65.21
N GLY O 407 -18.61 -16.81 -64.72
CA GLY O 407 -18.56 -18.04 -65.49
C GLY O 407 -17.28 -18.21 -66.27
N VAL O 408 -17.31 -19.18 -67.16
CA VAL O 408 -16.18 -19.54 -68.01
C VAL O 408 -16.25 -18.74 -69.30
N ILE O 409 -15.12 -18.20 -69.73
CA ILE O 409 -15.05 -17.39 -70.94
C ILE O 409 -14.44 -18.21 -72.07
N ARG O 410 -15.10 -18.20 -73.22
CA ARG O 410 -14.62 -18.95 -74.37
C ARG O 410 -14.66 -18.02 -75.58
N CYS O 411 -13.82 -18.30 -76.57
CA CYS O 411 -13.36 -17.33 -77.54
C CYS O 411 -13.06 -18.01 -78.86
N VAL O 412 -13.60 -17.47 -79.96
CA VAL O 412 -13.25 -17.95 -81.29
C VAL O 412 -13.04 -16.73 -82.18
N SER O 413 -11.81 -16.53 -82.64
CA SER O 413 -11.46 -15.38 -83.46
C SER O 413 -10.66 -15.84 -84.67
N ASN O 414 -10.61 -14.98 -85.68
CA ASN O 414 -9.81 -15.19 -86.88
C ASN O 414 -8.63 -14.24 -86.83
N ILE O 415 -7.42 -14.78 -86.93
CA ILE O 415 -6.24 -13.94 -87.14
C ILE O 415 -6.18 -13.62 -88.63
N THR O 416 -6.54 -12.40 -88.99
CA THR O 416 -6.59 -11.99 -90.39
C THR O 416 -5.41 -11.11 -90.78
N GLY O 417 -4.42 -10.96 -89.92
CA GLY O 417 -3.28 -10.13 -90.25
C GLY O 417 -2.25 -10.12 -89.15
N LEU O 418 -1.18 -9.38 -89.39
CA LEU O 418 -0.09 -9.22 -88.45
C LEU O 418 0.38 -7.78 -88.49
N ILE O 419 1.11 -7.39 -87.46
CA ILE O 419 1.85 -6.12 -87.44
C ILE O 419 3.27 -6.45 -87.04
N LEU O 420 4.19 -6.35 -87.99
CA LEU O 420 5.58 -6.74 -87.76
C LEU O 420 6.48 -5.52 -87.75
N THR O 421 7.60 -5.65 -87.06
CA THR O 421 8.68 -4.68 -87.11
C THR O 421 9.96 -5.41 -87.45
N ARG O 422 10.80 -4.79 -88.27
CA ARG O 422 12.03 -5.40 -88.73
C ARG O 422 13.21 -4.87 -87.93
N ASP O 423 14.20 -5.74 -87.72
CA ASP O 423 15.41 -5.38 -87.00
C ASP O 423 16.45 -4.81 -87.95
N GLY O 424 17.07 -3.71 -87.55
CA GLY O 424 18.06 -3.05 -88.38
C GLY O 424 19.31 -3.85 -88.62
N SER O 429 24.40 -8.28 -93.56
CA SER O 429 23.91 -9.55 -93.03
C SER O 429 22.82 -10.13 -93.93
N THR O 430 22.80 -11.46 -94.03
CA THR O 430 21.83 -12.16 -94.87
C THR O 430 20.58 -12.57 -94.12
N THR O 431 20.45 -12.21 -92.85
CA THR O 431 19.32 -12.60 -92.01
C THR O 431 18.49 -11.39 -91.65
N GLU O 432 17.19 -11.45 -91.92
CA GLU O 432 16.25 -10.40 -91.57
C GLU O 432 15.31 -10.95 -90.50
N THR O 433 15.24 -10.26 -89.36
CA THR O 433 14.46 -10.70 -88.22
C THR O 433 13.22 -9.83 -88.10
N PHE O 434 12.04 -10.46 -88.04
CA PHE O 434 10.76 -9.76 -88.00
C PHE O 434 10.08 -10.03 -86.66
N ARG O 435 10.13 -9.08 -85.78
CA ARG O 435 9.45 -9.15 -84.50
C ARG O 435 8.03 -8.61 -84.63
N PRO O 436 7.09 -9.10 -83.84
CA PRO O 436 5.75 -8.50 -83.84
C PRO O 436 5.78 -7.10 -83.27
N GLY O 437 4.85 -6.28 -83.75
CA GLY O 437 4.80 -4.90 -83.33
C GLY O 437 3.43 -4.47 -82.89
N GLY O 438 3.17 -3.16 -82.90
CA GLY O 438 1.87 -2.67 -82.49
C GLY O 438 1.96 -1.42 -81.65
N GLY O 439 1.07 -1.33 -80.65
CA GLY O 439 1.00 -0.16 -79.81
C GLY O 439 0.09 0.90 -80.38
N ASP O 440 0.42 1.40 -81.57
CA ASP O 440 -0.39 2.41 -82.23
C ASP O 440 -1.64 1.76 -82.79
N MET O 441 -2.81 2.12 -82.26
CA MET O 441 -4.05 1.50 -82.67
C MET O 441 -4.45 1.88 -84.09
N ARG O 442 -3.81 2.90 -84.67
CA ARG O 442 -4.19 3.33 -86.00
C ARG O 442 -3.82 2.30 -87.06
N ASP O 443 -2.73 1.55 -86.85
CA ASP O 443 -2.36 0.51 -87.81
C ASP O 443 -3.36 -0.62 -87.86
N ASN O 444 -4.22 -0.76 -86.85
CA ASN O 444 -5.27 -1.78 -86.89
C ASN O 444 -6.38 -1.38 -87.84
N TRP O 445 -6.79 -0.11 -87.82
CA TRP O 445 -7.83 0.39 -88.71
C TRP O 445 -7.28 0.87 -90.04
N ARG O 446 -5.98 1.11 -90.12
CA ARG O 446 -5.35 1.35 -91.41
C ARG O 446 -5.39 0.11 -92.29
N SER O 447 -5.55 -1.07 -91.70
CA SER O 447 -5.67 -2.32 -92.44
C SER O 447 -7.08 -2.57 -92.97
N GLU O 448 -8.06 -1.80 -92.52
CA GLU O 448 -9.43 -1.90 -93.03
C GLU O 448 -9.80 -0.76 -93.96
N LEU O 449 -9.18 0.41 -93.77
CA LEU O 449 -9.43 1.59 -94.58
C LEU O 449 -8.31 1.86 -95.58
N TYR O 450 -7.60 0.81 -95.98
CA TYR O 450 -6.53 0.98 -96.95
C TYR O 450 -7.07 1.18 -98.37
N LYS O 451 -8.21 0.59 -98.68
CA LYS O 451 -8.77 0.62 -100.01
C LYS O 451 -9.69 1.80 -100.26
N TYR O 452 -10.00 2.59 -99.25
CA TYR O 452 -10.95 3.68 -99.38
C TYR O 452 -10.24 5.03 -99.45
N LYS O 453 -10.92 5.99 -100.06
CA LYS O 453 -10.37 7.33 -100.27
C LYS O 453 -11.52 8.30 -100.40
N VAL O 454 -11.38 9.47 -99.78
CA VAL O 454 -12.41 10.50 -99.80
C VAL O 454 -11.98 11.59 -100.77
N VAL O 455 -12.88 11.95 -101.69
CA VAL O 455 -12.61 12.97 -102.68
C VAL O 455 -13.70 14.04 -102.61
N LYS O 456 -13.36 15.23 -103.07
CA LYS O 456 -14.26 16.37 -103.10
C LYS O 456 -14.67 16.62 -104.54
N ILE O 457 -15.98 16.61 -104.80
CA ILE O 457 -16.46 16.77 -106.17
C ILE O 457 -16.36 18.25 -106.56
N GLU O 458 -15.75 18.50 -107.72
CA GLU O 458 -15.64 19.84 -108.28
C GLU O 458 -16.53 19.92 -109.51
N PRO O 459 -17.79 20.28 -109.37
CA PRO O 459 -18.76 20.11 -110.46
C PRO O 459 -18.78 21.23 -111.49
N LEU O 460 -17.94 22.25 -111.34
CA LEU O 460 -17.97 23.42 -112.21
C LEU O 460 -16.70 23.43 -113.06
N GLY O 461 -16.85 23.17 -114.34
CA GLY O 461 -15.72 23.14 -115.24
C GLY O 461 -16.02 23.88 -116.53
N VAL O 462 -14.98 24.50 -117.08
CA VAL O 462 -15.08 25.27 -118.31
C VAL O 462 -14.27 24.58 -119.39
N ALA O 463 -14.71 24.73 -120.63
CA ALA O 463 -14.08 24.06 -121.76
C ALA O 463 -14.44 24.80 -123.03
N PRO O 464 -13.62 24.69 -124.08
CA PRO O 464 -13.93 25.39 -125.33
C PRO O 464 -14.98 24.66 -126.14
N THR O 465 -15.82 25.45 -126.83
CA THR O 465 -16.86 24.90 -127.69
C THR O 465 -17.20 25.95 -128.72
N ARG O 466 -17.81 25.53 -129.81
CA ARG O 466 -18.23 26.43 -130.89
C ARG O 466 -19.43 27.29 -130.52
N CYS O 467 -19.87 27.27 -129.26
CA CYS O 467 -21.00 28.10 -128.84
C CYS O 467 -20.68 29.57 -128.96
N LYS O 468 -21.75 30.37 -128.92
CA LYS O 468 -21.64 31.81 -128.74
C LYS O 468 -22.98 32.29 -128.19
N ARG O 469 -22.96 32.88 -127.01
CA ARG O 469 -24.20 33.34 -126.40
C ARG O 469 -24.89 34.37 -127.30
N ARG O 470 -26.19 34.21 -127.46
CA ARG O 470 -26.97 35.12 -128.29
C ARG O 470 -27.54 36.26 -127.46
N PHE P 11 -28.97 4.64 -120.18
CA PHE P 11 -28.69 5.23 -118.88
C PHE P 11 -27.37 4.71 -118.32
N LEU P 12 -26.50 5.63 -117.90
CA LEU P 12 -25.21 5.29 -117.33
C LEU P 12 -25.17 5.44 -115.82
N GLY P 13 -25.82 6.47 -115.28
CA GLY P 13 -25.86 6.71 -113.85
C GLY P 13 -25.04 7.93 -113.47
N PHE P 14 -24.98 8.15 -112.15
CA PHE P 14 -24.24 9.28 -111.62
C PHE P 14 -22.77 9.15 -111.95
N LEU P 15 -22.20 10.21 -112.55
CA LEU P 15 -20.79 10.26 -112.94
C LEU P 15 -20.44 9.19 -113.94
N GLY P 16 -21.44 8.50 -114.49
CA GLY P 16 -21.17 7.41 -115.42
C GLY P 16 -20.44 7.86 -116.67
N ALA P 17 -20.75 9.07 -117.15
CA ALA P 17 -20.12 9.61 -118.35
C ALA P 17 -18.85 10.40 -118.04
N ALA P 18 -18.19 10.10 -116.92
CA ALA P 18 -16.95 10.79 -116.59
C ALA P 18 -15.86 10.50 -117.59
N GLY P 19 -15.79 9.26 -118.08
CA GLY P 19 -14.85 8.90 -119.12
C GLY P 19 -15.33 9.12 -120.53
N SER P 20 -16.60 9.49 -120.70
CA SER P 20 -17.13 9.80 -122.02
C SER P 20 -16.60 11.15 -122.49
N THR P 21 -16.55 11.32 -123.80
CA THR P 21 -16.08 12.58 -124.37
C THR P 21 -16.99 13.73 -123.93
N MET P 22 -16.50 14.95 -124.14
CA MET P 22 -17.25 16.12 -123.70
C MET P 22 -18.59 16.22 -124.41
N GLY P 23 -18.63 15.86 -125.68
CA GLY P 23 -19.90 15.90 -126.41
C GLY P 23 -20.89 14.89 -125.91
N ALA P 24 -20.42 13.68 -125.55
CA ALA P 24 -21.30 12.65 -125.05
C ALA P 24 -21.69 12.87 -123.59
N ALA P 25 -20.80 13.46 -122.80
CA ALA P 25 -21.07 13.68 -121.38
C ALA P 25 -21.96 14.88 -121.13
N SER P 26 -22.18 15.73 -122.13
CA SER P 26 -23.05 16.90 -121.96
C SER P 26 -24.52 16.56 -122.17
N MET P 27 -24.83 15.33 -122.57
CA MET P 27 -26.22 14.88 -122.69
C MET P 27 -26.71 14.21 -121.41
N THR P 28 -25.89 14.17 -120.36
CA THR P 28 -26.25 13.55 -119.10
C THR P 28 -26.06 14.53 -117.94
N LEU P 29 -26.31 15.83 -118.19
CA LEU P 29 -26.10 16.80 -117.13
C LEU P 29 -27.16 16.70 -116.04
N THR P 30 -28.39 16.32 -116.40
CA THR P 30 -29.44 16.20 -115.40
C THR P 30 -29.11 15.13 -114.36
N VAL P 31 -28.29 14.14 -114.75
CA VAL P 31 -27.95 13.06 -113.83
C VAL P 31 -27.08 13.57 -112.69
N GLN P 32 -26.05 14.36 -113.01
CA GLN P 32 -25.19 14.91 -111.99
C GLN P 32 -25.83 16.07 -111.26
N ALA P 33 -26.71 16.82 -111.94
CA ALA P 33 -27.33 17.98 -111.32
C ALA P 33 -28.24 17.60 -110.16
N ARG P 34 -29.00 16.52 -110.32
CA ARG P 34 -29.96 16.13 -109.28
C ARG P 34 -29.31 15.39 -108.12
N ASN P 35 -28.02 15.06 -108.21
CA ASN P 35 -27.32 14.37 -107.15
C ASN P 35 -26.46 15.30 -106.30
N LEU P 36 -26.61 16.61 -106.48
CA LEU P 36 -25.85 17.60 -105.72
C LEU P 36 -26.62 18.13 -104.53
N LEU P 37 -27.80 17.60 -104.25
CA LEU P 37 -28.65 18.17 -103.21
C LEU P 37 -29.09 17.10 -102.23
N SER P 38 -29.23 15.86 -102.69
CA SER P 38 -29.56 14.75 -101.81
C SER P 38 -29.14 13.43 -102.45
N VAL P 62 -22.83 15.56 -80.70
CA VAL P 62 -21.95 14.60 -81.34
C VAL P 62 -22.75 13.69 -82.27
N TRP P 63 -22.28 13.55 -83.50
CA TRP P 63 -22.83 12.70 -84.55
C TRP P 63 -24.20 13.18 -85.04
N GLY P 64 -24.75 14.24 -84.47
CA GLY P 64 -25.97 14.84 -84.97
C GLY P 64 -25.66 16.13 -85.68
N ILE P 65 -24.66 16.85 -85.19
CA ILE P 65 -24.15 18.02 -85.90
C ILE P 65 -23.36 17.60 -87.14
N LYS P 66 -22.66 16.46 -87.08
CA LYS P 66 -21.96 15.97 -88.26
C LYS P 66 -22.92 15.78 -89.43
N GLN P 67 -24.03 15.07 -89.20
CA GLN P 67 -25.05 14.92 -90.23
C GLN P 67 -25.63 16.27 -90.62
N LEU P 68 -25.89 17.13 -89.63
CA LEU P 68 -26.58 18.39 -89.89
C LEU P 68 -25.68 19.40 -90.57
N GLN P 69 -24.41 19.48 -90.18
CA GLN P 69 -23.51 20.45 -90.78
C GLN P 69 -23.10 20.07 -92.19
N ALA P 70 -23.13 18.79 -92.53
CA ALA P 70 -22.86 18.38 -93.91
C ALA P 70 -24.04 18.75 -94.81
N ARG P 71 -25.27 18.65 -94.29
CA ARG P 71 -26.43 19.04 -95.09
C ARG P 71 -26.44 20.53 -95.38
N VAL P 72 -26.09 21.35 -94.39
CA VAL P 72 -26.08 22.80 -94.59
C VAL P 72 -24.99 23.19 -95.58
N LEU P 73 -23.85 22.49 -95.57
CA LEU P 73 -22.79 22.79 -96.52
C LEU P 73 -23.15 22.35 -97.93
N ALA P 74 -23.94 21.29 -98.08
CA ALA P 74 -24.41 20.89 -99.40
C ALA P 74 -25.39 21.89 -99.96
N VAL P 75 -26.24 22.46 -99.10
CA VAL P 75 -27.18 23.48 -99.55
C VAL P 75 -26.45 24.77 -99.90
N GLU P 76 -25.47 25.15 -99.10
CA GLU P 76 -24.71 26.37 -99.37
C GLU P 76 -23.93 26.26 -100.66
N ARG P 77 -23.28 25.12 -100.91
CA ARG P 77 -22.52 24.95 -102.14
C ARG P 77 -23.43 24.97 -103.37
N TYR P 78 -24.60 24.35 -103.26
CA TYR P 78 -25.55 24.34 -104.37
C TYR P 78 -26.02 25.75 -104.68
N LEU P 79 -26.28 26.56 -103.65
CA LEU P 79 -26.76 27.91 -103.86
C LEU P 79 -25.68 28.82 -104.42
N ARG P 80 -24.41 28.54 -104.12
CA ARG P 80 -23.33 29.34 -104.68
C ARG P 80 -23.24 29.15 -106.20
N ASP P 81 -23.41 27.91 -106.67
CA ASP P 81 -23.36 27.64 -108.09
C ASP P 81 -24.63 28.09 -108.80
N GLN P 82 -25.77 28.08 -108.12
CA GLN P 82 -26.99 28.63 -108.69
C GLN P 82 -26.93 30.15 -108.76
N GLN P 83 -26.29 30.77 -107.77
CA GLN P 83 -26.12 32.22 -107.80
C GLN P 83 -25.23 32.65 -108.96
N LEU P 84 -24.16 31.89 -109.20
CA LEU P 84 -23.28 32.22 -110.32
C LEU P 84 -24.00 32.13 -111.65
N LEU P 85 -24.82 31.08 -111.83
CA LEU P 85 -25.59 30.97 -113.06
C LEU P 85 -26.60 32.11 -113.18
N GLY P 86 -27.14 32.59 -112.06
CA GLY P 86 -28.07 33.70 -112.12
C GLY P 86 -27.43 34.99 -112.58
N ILE P 87 -26.24 35.29 -112.08
CA ILE P 87 -25.57 36.54 -112.44
C ILE P 87 -24.88 36.46 -113.80
N TRP P 88 -24.83 35.28 -114.42
CA TRP P 88 -24.40 35.14 -115.80
C TRP P 88 -25.55 35.11 -116.78
N GLY P 89 -26.79 35.19 -116.30
CA GLY P 89 -27.94 35.05 -117.16
C GLY P 89 -28.30 33.61 -117.49
N CYS P 90 -27.75 32.65 -116.76
CA CYS P 90 -27.94 31.24 -117.05
C CYS P 90 -28.84 30.53 -116.04
N SER P 91 -29.63 31.30 -115.30
CA SER P 91 -30.48 30.71 -114.26
C SER P 91 -31.51 29.78 -114.88
N GLY P 92 -31.68 28.61 -114.26
CA GLY P 92 -32.66 27.66 -114.74
C GLY P 92 -32.25 26.92 -115.99
N LYS P 93 -30.99 27.02 -116.40
CA LYS P 93 -30.51 26.35 -117.60
C LYS P 93 -29.31 25.48 -117.24
N LEU P 94 -29.21 24.34 -117.91
CA LEU P 94 -28.05 23.46 -117.79
C LEU P 94 -27.01 23.73 -118.85
N ILE P 95 -27.42 23.93 -120.09
CA ILE P 95 -26.55 24.41 -121.16
C ILE P 95 -26.95 25.85 -121.46
N CYS P 96 -26.02 26.77 -121.27
CA CYS P 96 -26.29 28.20 -121.40
C CYS P 96 -25.28 28.83 -122.34
N CYS P 97 -25.67 29.05 -123.58
CA CYS P 97 -24.81 29.74 -124.53
C CYS P 97 -24.73 31.22 -124.15
N THR P 98 -23.51 31.74 -124.04
CA THR P 98 -23.30 33.10 -123.57
C THR P 98 -22.70 33.95 -124.68
N ASN P 99 -22.55 35.24 -124.37
CA ASN P 99 -22.04 36.24 -125.31
C ASN P 99 -20.55 36.47 -125.20
N VAL P 100 -19.86 35.77 -124.31
CA VAL P 100 -18.43 35.98 -124.09
C VAL P 100 -17.64 35.23 -125.16
N PRO P 101 -16.81 35.91 -125.94
CA PRO P 101 -16.02 35.21 -126.96
C PRO P 101 -14.91 34.38 -126.33
N TRP P 102 -14.50 33.34 -127.05
CA TRP P 102 -13.40 32.49 -126.63
C TRP P 102 -12.09 33.08 -127.14
N ASN P 103 -11.16 33.33 -126.21
CA ASN P 103 -9.95 34.08 -126.54
C ASN P 103 -8.92 33.25 -127.31
N SER P 104 -8.95 31.93 -127.18
CA SER P 104 -8.00 31.01 -127.80
C SER P 104 -6.65 31.09 -127.11
N SER P 105 -6.48 32.03 -126.20
CA SER P 105 -5.38 31.99 -125.25
C SER P 105 -5.69 31.11 -124.06
N TRP P 106 -6.95 30.74 -123.87
CA TRP P 106 -7.32 29.77 -122.85
C TRP P 106 -7.18 28.34 -123.37
N SER P 107 -7.49 28.12 -124.64
CA SER P 107 -7.32 26.82 -125.27
C SER P 107 -7.33 27.01 -126.78
N ASN P 108 -6.26 26.59 -127.45
CA ASN P 108 -6.13 26.74 -128.89
C ASN P 108 -6.75 25.58 -129.65
N ARG P 109 -7.30 24.58 -128.97
CA ARG P 109 -7.85 23.42 -129.64
C ARG P 109 -9.16 23.77 -130.33
N ASN P 110 -9.39 23.14 -131.49
CA ASN P 110 -10.61 23.37 -132.22
C ASN P 110 -11.75 22.54 -131.62
N LEU P 111 -12.96 22.78 -132.14
CA LEU P 111 -14.15 22.11 -131.60
C LEU P 111 -14.11 20.60 -131.83
N SER P 112 -13.50 20.15 -132.93
CA SER P 112 -13.48 18.73 -133.22
C SER P 112 -12.72 17.95 -132.16
N GLU P 113 -11.58 18.48 -131.72
CA GLU P 113 -10.73 17.78 -130.76
C GLU P 113 -11.06 18.11 -129.32
N ILE P 114 -12.08 18.93 -129.06
CA ILE P 114 -12.53 19.23 -127.71
C ILE P 114 -13.77 18.44 -127.35
N TRP P 115 -14.74 18.39 -128.26
CA TRP P 115 -16.03 17.73 -128.00
C TRP P 115 -16.07 16.29 -128.46
N ASP P 116 -15.00 15.78 -129.06
CA ASP P 116 -14.97 14.41 -129.53
C ASP P 116 -13.74 13.62 -129.11
N ASN P 117 -12.76 14.26 -128.49
CA ASN P 117 -11.59 13.56 -127.96
C ASN P 117 -11.43 13.71 -126.46
N MET P 118 -11.53 14.94 -125.94
CA MET P 118 -11.32 15.15 -124.51
C MET P 118 -12.57 14.80 -123.72
N THR P 119 -12.36 14.53 -122.44
CA THR P 119 -13.42 14.37 -121.46
C THR P 119 -13.46 15.59 -120.55
N TRP P 120 -14.52 15.69 -119.76
CA TRP P 120 -14.69 16.88 -118.92
C TRP P 120 -13.64 16.96 -117.82
N LEU P 121 -13.08 15.82 -117.39
CA LEU P 121 -11.98 15.85 -116.44
C LEU P 121 -10.68 16.32 -117.06
N GLN P 122 -10.38 15.87 -118.28
CA GLN P 122 -9.20 16.36 -118.98
C GLN P 122 -9.32 17.83 -119.29
N TRP P 123 -10.51 18.28 -119.71
CA TRP P 123 -10.72 19.68 -120.01
C TRP P 123 -10.60 20.55 -118.77
N ASP P 124 -11.10 20.06 -117.63
CA ASP P 124 -11.06 20.85 -116.40
C ASP P 124 -9.63 21.15 -115.98
N LYS P 125 -8.73 20.18 -116.14
CA LYS P 125 -7.34 20.40 -115.80
C LYS P 125 -6.63 21.33 -116.79
N GLU P 126 -7.26 21.66 -117.90
CA GLU P 126 -6.62 22.51 -118.90
C GLU P 126 -6.94 23.99 -118.72
N ILE P 127 -8.19 24.34 -118.40
CA ILE P 127 -8.58 25.72 -118.22
C ILE P 127 -8.76 26.07 -116.74
N SER P 128 -8.17 25.29 -115.85
CA SER P 128 -8.27 25.61 -114.42
C SER P 128 -7.61 26.96 -114.12
N ASN P 129 -6.53 27.28 -114.84
CA ASN P 129 -5.85 28.55 -114.63
C ASN P 129 -6.76 29.72 -115.03
N TYR P 130 -7.48 29.57 -116.13
CA TYR P 130 -8.29 30.64 -116.69
C TYR P 130 -9.72 30.63 -116.18
N THR P 131 -10.06 29.74 -115.24
CA THR P 131 -11.44 29.62 -114.79
C THR P 131 -11.97 30.93 -114.23
N GLN P 132 -11.20 31.58 -113.37
CA GLN P 132 -11.66 32.84 -112.78
C GLN P 132 -11.59 34.00 -113.75
N ILE P 133 -10.79 33.89 -114.82
CA ILE P 133 -10.82 34.92 -115.86
C ILE P 133 -12.14 34.86 -116.62
N ILE P 134 -12.57 33.65 -117.00
CA ILE P 134 -13.84 33.50 -117.71
C ILE P 134 -15.00 33.82 -116.78
N TYR P 135 -14.90 33.43 -115.51
CA TYR P 135 -15.99 33.68 -114.58
C TYR P 135 -16.23 35.18 -114.38
N GLY P 136 -15.20 35.99 -114.55
CA GLY P 136 -15.35 37.43 -114.47
C GLY P 136 -15.92 38.04 -115.72
N LEU P 137 -15.55 37.48 -116.87
CA LEU P 137 -16.07 37.99 -118.14
C LEU P 137 -17.55 37.68 -118.29
N LEU P 138 -17.99 36.50 -117.87
CA LEU P 138 -19.40 36.15 -117.95
C LEU P 138 -20.24 37.07 -117.09
N GLU P 139 -19.77 37.37 -115.87
CA GLU P 139 -20.50 38.27 -114.99
C GLU P 139 -20.57 39.68 -115.58
N GLU P 140 -19.45 40.16 -116.13
CA GLU P 140 -19.42 41.51 -116.69
C GLU P 140 -20.28 41.61 -117.94
N SER P 141 -20.26 40.58 -118.78
CA SER P 141 -21.08 40.62 -120.00
C SER P 141 -22.57 40.65 -119.68
N GLN P 142 -23.00 39.86 -118.70
CA GLN P 142 -24.41 39.85 -118.34
C GLN P 142 -24.85 41.19 -117.77
N ASN P 143 -24.00 41.81 -116.93
CA ASN P 143 -24.37 43.08 -116.34
C ASN P 143 -24.53 44.16 -117.41
N GLN P 144 -23.64 44.18 -118.40
CA GLN P 144 -23.82 45.09 -119.53
C GLN P 144 -25.06 44.72 -120.34
N GLN P 145 -25.30 43.43 -120.54
CA GLN P 145 -26.48 42.99 -121.27
C GLN P 145 -27.74 43.22 -120.45
N GLU P 146 -27.64 43.20 -119.12
CA GLU P 146 -28.82 43.43 -118.30
C GLU P 146 -29.33 44.87 -118.42
N LYS P 147 -28.43 45.82 -118.68
CA LYS P 147 -28.84 47.21 -118.81
C LYS P 147 -29.14 47.60 -120.24
N ASN P 148 -28.44 47.03 -121.22
CA ASN P 148 -28.75 47.30 -122.61
C ASN P 148 -30.19 46.89 -122.93
N GLU P 149 -30.61 45.73 -122.39
CA GLU P 149 -32.02 45.35 -122.49
C GLU P 149 -32.90 46.23 -121.62
N GLN P 150 -32.40 46.65 -120.46
CA GLN P 150 -33.17 47.54 -119.59
C GLN P 150 -33.39 48.90 -120.25
N ASP P 151 -32.36 49.44 -120.89
CA ASP P 151 -32.50 50.71 -121.60
C ASP P 151 -33.32 50.57 -122.86
N LEU P 152 -33.43 49.36 -123.41
CA LEU P 152 -34.23 49.17 -124.63
C LEU P 152 -35.72 49.26 -124.34
N LEU P 153 -36.15 48.86 -123.14
CA LEU P 153 -37.57 48.89 -122.80
C LEU P 153 -38.05 50.30 -122.51
N ALA P 154 -37.15 51.25 -122.29
CA ALA P 154 -37.54 52.62 -121.96
C ALA P 154 -38.01 53.41 -123.18
N LEU P 155 -37.81 52.91 -124.39
CA LEU P 155 -38.21 53.62 -125.59
C LEU P 155 -39.72 53.50 -125.81
N LEU Q 2 -56.22 13.75 -122.07
CA LEU Q 2 -55.89 14.18 -120.72
C LEU Q 2 -54.40 13.99 -120.45
N TRP Q 3 -53.80 14.98 -119.79
CA TRP Q 3 -52.37 15.00 -119.54
C TRP Q 3 -52.09 15.32 -118.09
N VAL Q 4 -50.96 14.82 -117.59
CA VAL Q 4 -50.58 15.05 -116.20
C VAL Q 4 -50.09 16.48 -116.04
N THR Q 5 -50.68 17.20 -115.08
CA THR Q 5 -50.23 18.54 -114.72
C THR Q 5 -49.91 18.57 -113.24
N VAL Q 6 -48.77 19.19 -112.91
CA VAL Q 6 -48.24 19.16 -111.55
C VAL Q 6 -48.63 20.45 -110.84
N TYR Q 7 -49.29 20.30 -109.70
CA TYR Q 7 -49.69 21.42 -108.86
C TYR Q 7 -48.84 21.41 -107.60
N TYR Q 8 -48.19 22.54 -107.31
CA TYR Q 8 -47.39 22.69 -106.11
C TYR Q 8 -48.10 23.62 -105.14
N GLY Q 9 -48.33 23.14 -103.93
CA GLY Q 9 -49.06 23.89 -102.93
C GLY Q 9 -50.47 23.42 -102.66
N VAL Q 10 -50.80 22.18 -103.01
CA VAL Q 10 -52.15 21.66 -102.82
C VAL Q 10 -52.41 21.49 -101.33
N PRO Q 11 -53.64 21.73 -100.86
CA PRO Q 11 -53.97 21.55 -99.44
C PRO Q 11 -54.17 20.08 -99.07
N VAL Q 12 -53.08 19.33 -99.03
CA VAL Q 12 -53.08 17.91 -98.70
C VAL Q 12 -52.13 17.68 -97.55
N TRP Q 13 -52.57 16.88 -96.57
CA TRP Q 13 -51.75 16.59 -95.40
C TRP Q 13 -51.83 15.10 -95.07
N LYS Q 14 -50.74 14.59 -94.51
CA LYS Q 14 -50.67 13.25 -93.95
C LYS Q 14 -50.41 13.35 -92.46
N ASP Q 15 -50.79 12.29 -91.73
CA ASP Q 15 -50.46 12.22 -90.32
C ASP Q 15 -48.96 12.09 -90.14
N ALA Q 16 -48.41 12.81 -89.16
CA ALA Q 16 -46.98 12.79 -88.94
C ALA Q 16 -46.66 12.98 -87.47
N GLU Q 17 -45.47 12.51 -87.10
CA GLU Q 17 -44.89 12.76 -85.79
C GLU Q 17 -43.67 13.65 -85.97
N THR Q 18 -43.60 14.73 -85.21
CA THR Q 18 -42.53 15.69 -85.34
C THR Q 18 -42.26 16.33 -83.98
N THR Q 19 -41.27 17.20 -83.94
CA THR Q 19 -40.88 17.90 -82.73
C THR Q 19 -41.52 19.28 -82.72
N LEU Q 20 -42.54 19.46 -81.90
CA LEU Q 20 -43.19 20.75 -81.74
C LEU Q 20 -42.42 21.58 -80.73
N PHE Q 21 -42.25 22.86 -81.04
CA PHE Q 21 -41.49 23.74 -80.17
C PHE Q 21 -42.42 24.52 -79.24
N CYS Q 22 -41.93 24.77 -78.03
CA CYS Q 22 -42.68 25.47 -77.01
C CYS Q 22 -42.88 26.94 -77.39
N ALA Q 23 -43.86 27.55 -76.75
CA ALA Q 23 -44.10 28.98 -76.90
C ALA Q 23 -44.87 29.48 -75.69
N SER Q 24 -44.46 30.64 -75.18
CA SER Q 24 -45.08 31.23 -73.99
C SER Q 24 -45.24 32.72 -74.20
N ASP Q 25 -46.20 33.31 -73.50
CA ASP Q 25 -46.44 34.74 -73.58
C ASP Q 25 -46.45 35.36 -72.19
N LYS Q 33 -38.71 36.05 -62.38
CA LYS Q 33 -38.64 34.83 -61.60
C LYS Q 33 -38.64 33.61 -62.51
N HIS Q 34 -37.61 32.78 -62.42
CA HIS Q 34 -37.51 31.59 -63.26
C HIS Q 34 -38.56 30.56 -62.86
N ASN Q 35 -38.91 29.73 -63.83
CA ASN Q 35 -39.89 28.67 -63.65
C ASN Q 35 -39.27 27.33 -64.02
N VAL Q 36 -39.88 26.26 -63.53
CA VAL Q 36 -39.44 24.91 -63.90
C VAL Q 36 -39.56 24.72 -65.41
N TRP Q 37 -40.72 25.05 -65.96
CA TRP Q 37 -40.93 25.05 -67.40
C TRP Q 37 -40.82 26.48 -67.94
N ALA Q 38 -39.61 27.02 -67.81
CA ALA Q 38 -39.37 28.45 -67.95
C ALA Q 38 -39.57 28.91 -69.38
N THR Q 39 -39.57 30.23 -69.55
CA THR Q 39 -39.63 30.88 -70.85
C THR Q 39 -38.28 31.01 -71.51
N HIS Q 40 -37.21 30.59 -70.83
CA HIS Q 40 -35.88 30.59 -71.44
C HIS Q 40 -35.63 29.36 -72.31
N ALA Q 41 -36.53 28.38 -72.29
CA ALA Q 41 -36.50 27.25 -73.19
C ALA Q 41 -37.72 27.24 -74.10
N CYS Q 42 -38.32 28.41 -74.32
CA CYS Q 42 -39.51 28.55 -75.15
C CYS Q 42 -39.33 29.78 -76.04
N VAL Q 43 -40.35 30.06 -76.83
CA VAL Q 43 -40.30 31.13 -77.83
C VAL Q 43 -41.48 32.06 -77.59
N PRO Q 44 -41.34 33.38 -77.78
CA PRO Q 44 -42.51 34.26 -77.68
C PRO Q 44 -43.57 33.90 -78.71
N THR Q 45 -44.84 34.07 -78.30
CA THR Q 45 -45.97 33.77 -79.17
C THR Q 45 -46.31 35.00 -80.01
N ASP Q 46 -47.46 34.96 -80.68
CA ASP Q 46 -47.90 36.06 -81.52
C ASP Q 46 -49.11 36.77 -80.90
N GLN Q 50 -55.06 33.67 -86.46
CA GLN Q 50 -54.23 32.59 -85.96
C GLN Q 50 -54.90 31.24 -86.24
N GLU Q 51 -56.20 31.17 -86.01
CA GLU Q 51 -56.98 29.96 -86.22
C GLU Q 51 -57.80 30.11 -87.48
N ILE Q 52 -57.74 29.10 -88.35
CA ILE Q 52 -58.40 29.11 -89.65
C ILE Q 52 -59.38 27.95 -89.69
N HIS Q 53 -60.64 28.24 -89.99
CA HIS Q 53 -61.67 27.21 -90.01
C HIS Q 53 -61.65 26.51 -91.36
N LEU Q 54 -61.42 25.20 -91.33
CA LEU Q 54 -61.37 24.37 -92.53
C LEU Q 54 -62.75 23.78 -92.77
N GLU Q 55 -63.51 24.39 -93.68
CA GLU Q 55 -64.86 23.94 -93.94
C GLU Q 55 -64.86 22.68 -94.79
N ASN Q 56 -65.88 21.85 -94.58
CA ASN Q 56 -66.09 20.59 -95.29
C ASN Q 56 -65.01 19.55 -95.02
N VAL Q 57 -64.11 19.81 -94.08
CA VAL Q 57 -63.01 18.91 -93.76
C VAL Q 57 -63.42 18.07 -92.56
N THR Q 58 -63.39 16.75 -92.73
CA THR Q 58 -63.71 15.80 -91.66
C THR Q 58 -62.49 14.92 -91.43
N GLU Q 59 -61.70 15.26 -90.42
CA GLU Q 59 -60.48 14.54 -90.10
C GLU Q 59 -60.74 13.55 -88.96
N GLU Q 60 -59.94 12.49 -88.94
CA GLU Q 60 -60.03 11.46 -87.92
C GLU Q 60 -58.96 11.70 -86.87
N PHE Q 61 -59.38 11.95 -85.64
CA PHE Q 61 -58.48 12.17 -84.52
C PHE Q 61 -58.37 10.91 -83.67
N ASN Q 62 -57.32 10.85 -82.86
CA ASN Q 62 -57.12 9.74 -81.94
C ASN Q 62 -56.33 10.28 -80.76
N MET Q 63 -57.02 10.63 -79.69
CA MET Q 63 -56.35 11.20 -78.52
C MET Q 63 -55.51 10.18 -77.77
N TRP Q 64 -55.68 8.89 -78.05
CA TRP Q 64 -54.99 7.83 -77.33
C TRP Q 64 -53.69 7.38 -77.98
N LYS Q 65 -53.51 7.65 -79.27
CA LYS Q 65 -52.25 7.42 -79.96
C LYS Q 65 -51.72 8.74 -80.51
N ASN Q 66 -51.83 9.79 -79.72
CA ASN Q 66 -51.35 11.12 -80.08
C ASN Q 66 -49.91 11.28 -79.59
N ASN Q 67 -49.03 11.71 -80.49
CA ASN Q 67 -47.62 11.84 -80.12
C ASN Q 67 -47.32 13.14 -79.40
N MET Q 68 -48.21 14.13 -79.46
CA MET Q 68 -48.00 15.34 -78.66
C MET Q 68 -48.05 15.01 -77.17
N VAL Q 69 -48.92 14.08 -76.79
CA VAL Q 69 -48.99 13.65 -75.39
C VAL Q 69 -47.67 13.00 -74.97
N GLU Q 70 -47.13 12.14 -75.83
CA GLU Q 70 -45.87 11.47 -75.52
C GLU Q 70 -44.70 12.44 -75.53
N GLN Q 71 -44.74 13.44 -76.40
CA GLN Q 71 -43.66 14.42 -76.44
C GLN Q 71 -43.76 15.41 -75.28
N MET Q 72 -44.96 15.83 -74.93
CA MET Q 72 -45.12 16.76 -73.81
C MET Q 72 -44.69 16.11 -72.50
N HIS Q 73 -44.93 14.81 -72.34
CA HIS Q 73 -44.44 14.12 -71.16
C HIS Q 73 -42.92 14.17 -71.09
N THR Q 74 -42.24 13.96 -72.22
CA THR Q 74 -40.79 14.05 -72.25
C THR Q 74 -40.31 15.46 -71.94
N ASP Q 75 -41.00 16.46 -72.47
CA ASP Q 75 -40.56 17.85 -72.31
C ASP Q 75 -40.83 18.38 -70.92
N ILE Q 76 -41.96 18.01 -70.31
CA ILE Q 76 -42.24 18.42 -68.94
C ILE Q 76 -41.25 17.80 -67.97
N ILE Q 77 -40.90 16.53 -68.19
CA ILE Q 77 -39.82 15.91 -67.43
C ILE Q 77 -38.50 16.61 -67.68
N SER Q 78 -38.19 16.89 -68.95
CA SER Q 78 -36.88 17.46 -69.29
C SER Q 78 -36.71 18.84 -68.67
N LEU Q 79 -37.75 19.67 -68.70
CA LEU Q 79 -37.68 20.97 -68.06
C LEU Q 79 -37.64 20.86 -66.54
N TRP Q 80 -38.13 19.76 -65.98
CA TRP Q 80 -38.06 19.54 -64.54
C TRP Q 80 -36.62 19.28 -64.11
N ASP Q 81 -35.95 18.33 -64.75
CA ASP Q 81 -34.57 18.02 -64.41
C ASP Q 81 -33.65 19.19 -64.72
N GLN Q 82 -33.88 19.86 -65.84
CA GLN Q 82 -33.05 20.99 -66.23
C GLN Q 82 -33.12 22.13 -65.21
N SER Q 83 -34.22 22.21 -64.46
CA SER Q 83 -34.40 23.26 -63.48
C SER Q 83 -33.87 22.88 -62.10
N LEU Q 84 -33.39 21.64 -61.92
CA LEU Q 84 -32.92 21.17 -60.63
C LEU Q 84 -31.41 20.95 -60.58
N LYS Q 85 -30.75 20.84 -61.72
CA LYS Q 85 -29.30 20.67 -61.72
C LYS Q 85 -28.54 21.82 -61.07
N PRO Q 86 -28.85 23.10 -61.29
CA PRO Q 86 -27.98 24.17 -60.79
C PRO Q 86 -28.09 24.45 -59.29
N CYS Q 87 -28.89 23.73 -58.53
CA CYS Q 87 -29.06 24.03 -57.11
C CYS Q 87 -28.77 22.80 -56.26
N VAL Q 88 -28.91 22.99 -54.95
CA VAL Q 88 -28.18 22.21 -53.95
C VAL Q 88 -28.49 20.73 -54.04
N LYS Q 89 -27.45 19.91 -54.01
CA LYS Q 89 -27.57 18.46 -53.86
C LYS Q 89 -27.32 18.12 -52.39
N LEU Q 90 -28.26 17.42 -51.78
CA LEU Q 90 -28.21 17.14 -50.35
C LEU Q 90 -27.57 15.79 -50.03
N THR Q 91 -26.35 15.58 -50.53
CA THR Q 91 -25.58 14.41 -50.08
C THR Q 91 -25.26 14.43 -48.59
N PRO Q 92 -24.89 15.55 -47.96
CA PRO Q 92 -24.61 15.49 -46.51
C PRO Q 92 -25.83 15.17 -45.66
N LEU Q 93 -27.04 15.22 -46.21
CA LEU Q 93 -28.22 14.94 -45.41
C LEU Q 93 -28.41 13.47 -45.10
N CYS Q 94 -27.64 12.58 -45.72
CA CYS Q 94 -27.55 11.20 -45.24
C CYS Q 94 -26.54 11.09 -44.10
N VAL Q 95 -27.02 11.47 -42.92
CA VAL Q 95 -26.36 11.18 -41.66
C VAL Q 95 -27.37 10.39 -40.82
N THR Q 96 -26.95 9.96 -39.64
CA THR Q 96 -27.87 9.32 -38.72
C THR Q 96 -28.61 10.40 -37.95
N LEU Q 97 -29.92 10.28 -37.87
CA LEU Q 97 -30.78 11.26 -37.22
C LEU Q 97 -31.23 10.70 -35.87
N GLN Q 98 -31.13 11.50 -34.83
CA GLN Q 98 -31.66 11.14 -33.51
C GLN Q 98 -32.99 11.85 -33.35
N CYS Q 99 -34.08 11.15 -33.67
CA CYS Q 99 -35.40 11.76 -33.79
C CYS Q 99 -36.25 11.45 -32.57
N THR Q 100 -36.88 12.49 -32.02
CA THR Q 100 -37.87 12.36 -30.96
C THR Q 100 -39.20 12.91 -31.44
N ASN Q 101 -40.26 12.51 -30.77
CA ASN Q 101 -41.59 13.01 -31.09
C ASN Q 101 -41.68 14.50 -30.80
N VAL Q 102 -42.60 15.16 -31.51
CA VAL Q 102 -42.83 16.58 -31.27
C VAL Q 102 -43.91 16.80 -30.21
N THR Q 103 -44.93 15.93 -30.16
CA THR Q 103 -46.04 16.11 -29.24
C THR Q 103 -46.06 15.14 -28.08
N ASN Q 104 -45.54 13.93 -28.25
CA ASN Q 104 -45.51 12.91 -27.20
C ASN Q 104 -46.91 12.66 -26.62
N ASN Q 105 -47.90 12.57 -27.52
CA ASN Q 105 -49.28 12.36 -27.10
C ASN Q 105 -50.10 11.79 -28.24
N ASP Q 108 -53.81 13.47 -33.87
CA ASP Q 108 -54.92 14.26 -34.39
C ASP Q 108 -54.44 15.57 -34.99
N ASP Q 109 -53.27 16.03 -34.54
CA ASP Q 109 -52.73 17.32 -34.93
C ASP Q 109 -51.71 17.15 -36.04
N MET Q 110 -51.19 18.28 -36.52
CA MET Q 110 -50.05 18.25 -37.42
C MET Q 110 -48.80 17.73 -36.73
N ARG Q 111 -48.65 18.01 -35.43
CA ARG Q 111 -47.46 17.65 -34.69
C ARG Q 111 -47.34 16.15 -34.46
N GLY Q 112 -48.40 15.39 -34.69
CA GLY Q 112 -48.30 13.94 -34.65
C GLY Q 112 -47.77 13.35 -35.93
N GLU Q 113 -47.56 14.18 -36.94
CA GLU Q 113 -47.01 13.77 -38.22
C GLU Q 113 -45.52 14.07 -38.33
N LEU Q 114 -44.93 14.69 -37.31
CA LEU Q 114 -43.58 15.21 -37.37
C LEU Q 114 -42.67 14.48 -36.39
N LYS Q 115 -41.41 14.36 -36.78
CA LYS Q 115 -40.35 13.89 -35.90
C LYS Q 115 -39.33 15.00 -35.74
N ASN Q 116 -38.89 15.26 -34.51
CA ASN Q 116 -37.89 16.31 -34.22
C ASN Q 116 -36.51 15.68 -34.22
N CYS Q 117 -35.82 15.79 -35.35
CA CYS Q 117 -34.63 15.02 -35.68
C CYS Q 117 -33.40 15.89 -35.52
N SER Q 118 -32.43 15.41 -34.74
CA SER Q 118 -31.18 16.11 -34.51
C SER Q 118 -30.03 15.34 -35.15
N PHE Q 119 -29.11 16.06 -35.79
CA PHE Q 119 -28.07 15.41 -36.57
C PHE Q 119 -26.85 16.31 -36.64
N ASN Q 120 -25.71 15.70 -36.94
CA ASN Q 120 -24.47 16.43 -37.20
C ASN Q 120 -24.38 16.77 -38.67
N MET Q 121 -24.19 18.05 -38.97
CA MET Q 121 -24.12 18.52 -40.34
C MET Q 121 -22.77 19.18 -40.59
N THR Q 122 -22.34 19.13 -41.84
CA THR Q 122 -21.09 19.79 -42.21
C THR Q 122 -21.25 21.30 -42.13
N THR Q 123 -20.13 21.98 -41.87
CA THR Q 123 -20.08 23.43 -41.86
C THR Q 123 -19.45 23.90 -43.17
N GLU Q 124 -19.48 25.21 -43.39
CA GLU Q 124 -18.79 25.78 -44.55
C GLU Q 124 -17.29 25.55 -44.49
N LEU Q 125 -16.75 25.24 -43.31
CA LEU Q 125 -15.35 24.80 -43.18
C LEU Q 125 -15.34 23.28 -43.06
N ARG Q 126 -14.49 22.65 -43.85
CA ARG Q 126 -14.55 21.20 -44.01
C ARG Q 126 -14.27 20.46 -42.70
N ASP Q 127 -13.42 21.01 -41.84
CA ASP Q 127 -12.99 20.32 -40.64
C ASP Q 127 -13.87 20.58 -39.42
N LYS Q 128 -14.95 21.34 -39.58
CA LYS Q 128 -15.84 21.67 -38.47
C LYS Q 128 -17.22 21.07 -38.72
N LYS Q 129 -17.84 20.58 -37.66
CA LYS Q 129 -19.18 20.03 -37.75
C LYS Q 129 -20.19 21.01 -37.15
N GLN Q 130 -21.46 20.61 -37.14
CA GLN Q 130 -22.55 21.51 -36.83
C GLN Q 130 -23.70 20.67 -36.29
N LYS Q 131 -23.94 20.73 -34.98
CA LYS Q 131 -25.04 20.02 -34.37
C LYS Q 131 -26.31 20.83 -34.60
N VAL Q 132 -27.15 20.36 -35.52
CA VAL Q 132 -28.38 21.06 -35.88
C VAL Q 132 -29.55 20.11 -35.71
N TYR Q 133 -30.76 20.66 -35.82
CA TYR Q 133 -31.97 19.87 -35.75
C TYR Q 133 -32.98 20.42 -36.74
N SER Q 134 -33.97 19.58 -37.06
CA SER Q 134 -35.04 19.96 -37.97
C SER Q 134 -36.24 19.08 -37.69
N LEU Q 135 -37.41 19.56 -38.08
CA LEU Q 135 -38.64 18.80 -37.97
C LEU Q 135 -38.90 18.11 -39.30
N PHE Q 136 -38.78 16.79 -39.31
CA PHE Q 136 -39.01 16.00 -40.51
C PHE Q 136 -40.34 15.27 -40.39
N TYR Q 137 -41.08 15.22 -41.48
CA TYR Q 137 -42.32 14.45 -41.50
C TYR Q 137 -42.00 12.98 -41.31
N ARG Q 138 -42.91 12.26 -40.66
CA ARG Q 138 -42.71 10.83 -40.46
C ARG Q 138 -42.65 10.07 -41.78
N LEU Q 139 -43.15 10.67 -42.86
CA LEU Q 139 -43.12 10.05 -44.17
C LEU Q 139 -41.77 10.16 -44.84
N ASP Q 140 -40.84 10.93 -44.28
CA ASP Q 140 -39.53 11.14 -44.87
C ASP Q 140 -38.40 10.46 -44.11
N VAL Q 141 -38.66 9.94 -42.92
CA VAL Q 141 -37.63 9.34 -42.09
C VAL Q 141 -37.95 7.88 -41.88
N VAL Q 142 -36.93 7.03 -42.01
CA VAL Q 142 -37.04 5.59 -41.83
C VAL Q 142 -36.13 5.18 -40.69
N GLN Q 143 -36.66 4.41 -39.76
CA GLN Q 143 -35.90 4.02 -38.57
C GLN Q 143 -34.79 3.04 -38.95
N ILE Q 144 -33.70 3.10 -38.20
CA ILE Q 144 -32.57 2.18 -38.34
C ILE Q 144 -32.54 1.28 -37.12
N ASN Q 145 -32.57 -0.03 -37.35
CA ASN Q 145 -32.49 -0.99 -36.25
C ASN Q 145 -31.28 -1.91 -36.43
N ASN Q 156 -34.99 8.99 -27.89
CA ASN Q 156 -34.42 9.39 -29.16
C ASN Q 156 -33.83 8.21 -29.93
N LYS Q 157 -34.65 7.61 -30.79
CA LYS Q 157 -34.21 6.52 -31.63
C LYS Q 157 -33.37 7.06 -32.79
N GLU Q 158 -32.89 6.17 -33.64
CA GLU Q 158 -32.05 6.53 -34.77
C GLU Q 158 -32.83 6.34 -36.06
N TYR Q 159 -32.85 7.38 -36.90
CA TYR Q 159 -33.60 7.39 -38.15
C TYR Q 159 -32.66 7.78 -39.29
N ARG Q 160 -33.23 7.85 -40.49
CA ARG Q 160 -32.52 8.34 -41.66
C ARG Q 160 -33.56 8.75 -42.68
N LEU Q 161 -33.14 9.61 -43.62
CA LEU Q 161 -34.05 10.07 -44.65
C LEU Q 161 -34.45 8.91 -45.55
N ILE Q 162 -35.68 8.97 -46.08
CA ILE Q 162 -36.26 7.80 -46.74
C ILE Q 162 -35.53 7.49 -48.05
N ASN Q 163 -35.29 8.50 -48.88
CA ASN Q 163 -34.54 8.31 -50.12
C ASN Q 163 -33.08 8.63 -49.87
N CYS Q 164 -32.44 7.68 -49.21
CA CYS Q 164 -31.02 7.68 -48.89
C CYS Q 164 -30.31 6.38 -49.25
N ASN Q 165 -31.02 5.27 -49.36
CA ASN Q 165 -30.44 4.07 -49.91
C ASN Q 165 -30.66 3.96 -51.41
N THR Q 166 -31.44 4.87 -52.00
CA THR Q 166 -31.71 4.86 -53.42
C THR Q 166 -31.05 6.00 -54.17
N SER Q 167 -30.90 7.17 -53.57
CA SER Q 167 -30.31 8.31 -54.25
C SER Q 167 -30.05 9.41 -53.23
N ALA Q 168 -29.53 10.52 -53.73
CA ALA Q 168 -29.39 11.75 -52.96
C ALA Q 168 -30.35 12.79 -53.52
N ILE Q 169 -30.96 13.56 -52.62
CA ILE Q 169 -32.08 14.42 -52.97
C ILE Q 169 -31.55 15.80 -53.31
N THR Q 170 -31.60 16.16 -54.58
CA THR Q 170 -31.31 17.53 -54.97
C THR Q 170 -32.38 18.46 -54.44
N GLN Q 171 -31.98 19.44 -53.64
CA GLN Q 171 -32.95 20.30 -52.98
C GLN Q 171 -33.73 21.10 -54.01
N ALA Q 172 -35.04 21.17 -53.85
CA ALA Q 172 -35.85 22.01 -54.72
C ALA Q 172 -35.39 23.44 -54.56
N CYS Q 173 -34.87 24.00 -55.64
CA CYS Q 173 -34.13 25.26 -55.56
C CYS Q 173 -35.09 26.38 -55.15
N PRO Q 174 -34.75 27.18 -54.14
CA PRO Q 174 -35.77 28.04 -53.52
C PRO Q 174 -36.23 29.19 -54.38
N LYS Q 175 -35.49 29.56 -55.42
CA LYS Q 175 -35.84 30.70 -56.24
C LYS Q 175 -36.62 30.35 -57.50
N VAL Q 176 -36.87 29.07 -57.76
CA VAL Q 176 -37.68 28.64 -58.89
C VAL Q 176 -39.06 28.22 -58.37
N SER Q 177 -40.10 28.65 -59.06
CA SER Q 177 -41.46 28.36 -58.63
C SER Q 177 -42.00 27.12 -59.34
N PHE Q 178 -42.86 26.39 -58.63
CA PHE Q 178 -43.53 25.23 -59.20
C PHE Q 178 -44.84 25.58 -59.87
N GLU Q 179 -45.23 26.85 -59.86
CA GLU Q 179 -46.48 27.25 -60.48
C GLU Q 179 -46.44 26.99 -61.98
N PRO Q 180 -47.42 26.27 -62.54
CA PRO Q 180 -47.40 26.00 -63.98
C PRO Q 180 -47.80 27.22 -64.78
N ILE Q 181 -46.98 27.57 -65.77
CA ILE Q 181 -47.33 28.65 -66.69
C ILE Q 181 -47.81 28.02 -68.00
N PRO Q 182 -48.77 28.61 -68.69
CA PRO Q 182 -49.26 28.01 -69.93
C PRO Q 182 -48.19 27.97 -70.99
N ILE Q 183 -48.08 26.82 -71.67
CA ILE Q 183 -47.13 26.62 -72.75
C ILE Q 183 -47.89 26.20 -73.99
N HIS Q 184 -47.54 26.80 -75.12
CA HIS Q 184 -48.14 26.50 -76.40
C HIS Q 184 -47.17 25.68 -77.23
N TYR Q 185 -47.60 24.52 -77.70
CA TYR Q 185 -46.77 23.66 -78.54
C TYR Q 185 -47.05 24.00 -80.00
N CYS Q 186 -46.06 24.56 -80.67
CA CYS Q 186 -46.25 25.08 -82.02
C CYS Q 186 -45.49 24.25 -83.04
N ALA Q 187 -46.15 23.94 -84.15
CA ALA Q 187 -45.60 23.07 -85.18
C ALA Q 187 -44.58 23.82 -86.04
N PRO Q 188 -43.54 23.12 -86.51
CA PRO Q 188 -42.54 23.78 -87.37
C PRO Q 188 -43.07 24.02 -88.77
N ALA Q 189 -42.22 24.53 -89.66
CA ALA Q 189 -42.63 24.78 -91.03
C ALA Q 189 -42.84 23.47 -91.77
N GLY Q 190 -43.84 23.43 -92.64
CA GLY Q 190 -44.21 22.23 -93.33
C GLY Q 190 -45.18 21.35 -92.59
N PHE Q 191 -45.53 21.70 -91.35
CA PHE Q 191 -46.50 20.98 -90.54
C PHE Q 191 -47.61 21.93 -90.13
N ALA Q 192 -48.74 21.34 -89.76
CA ALA Q 192 -49.88 22.10 -89.26
C ALA Q 192 -50.49 21.35 -88.10
N ILE Q 193 -51.13 22.10 -87.21
CA ILE Q 193 -51.83 21.53 -86.05
C ILE Q 193 -53.32 21.64 -86.32
N LEU Q 194 -53.98 20.50 -86.43
CA LEU Q 194 -55.42 20.46 -86.64
C LEU Q 194 -56.13 20.41 -85.30
N LYS Q 195 -57.10 21.28 -85.11
CA LYS Q 195 -57.84 21.39 -83.86
C LYS Q 195 -59.29 21.00 -84.09
N CYS Q 196 -59.76 20.01 -83.34
CA CYS Q 196 -61.13 19.54 -83.48
C CYS Q 196 -62.05 20.43 -82.67
N LYS Q 197 -62.93 21.16 -83.36
CA LYS Q 197 -63.86 22.08 -82.70
C LYS Q 197 -65.20 21.44 -82.38
N ASP Q 198 -65.36 20.14 -82.62
CA ASP Q 198 -66.58 19.44 -82.27
C ASP Q 198 -66.75 19.40 -80.76
N LYS Q 199 -67.96 19.68 -80.29
CA LYS Q 199 -68.23 19.72 -78.86
C LYS Q 199 -68.69 18.39 -78.28
N LYS Q 200 -69.00 17.42 -79.13
CA LYS Q 200 -69.36 16.09 -78.68
C LYS Q 200 -68.28 15.08 -79.03
N PHE Q 201 -67.10 15.55 -79.42
CA PHE Q 201 -66.02 14.65 -79.82
C PHE Q 201 -65.46 13.97 -78.59
N ASN Q 202 -65.70 12.67 -78.47
CA ASN Q 202 -65.13 11.94 -77.34
C ASN Q 202 -63.61 11.89 -77.34
N GLY Q 203 -62.98 11.05 -78.15
CA GLY Q 203 -61.55 11.14 -78.35
C GLY Q 203 -61.09 10.53 -79.65
N THR Q 204 -62.03 10.06 -80.47
CA THR Q 204 -61.69 9.15 -81.54
C THR Q 204 -62.76 9.22 -82.62
N GLY Q 205 -62.35 9.03 -83.86
CA GLY Q 205 -63.26 8.98 -84.98
C GLY Q 205 -63.32 10.31 -85.71
N PRO Q 206 -64.23 10.44 -86.67
CA PRO Q 206 -64.30 11.67 -87.45
C PRO Q 206 -64.68 12.87 -86.60
N CYS Q 207 -64.15 14.03 -86.98
CA CYS Q 207 -64.48 15.30 -86.34
C CYS Q 207 -65.01 16.25 -87.39
N PRO Q 208 -66.31 16.53 -87.43
CA PRO Q 208 -66.87 17.35 -88.52
C PRO Q 208 -66.30 18.75 -88.60
N SER Q 209 -65.99 19.38 -87.48
CA SER Q 209 -65.48 20.75 -87.46
C SER Q 209 -64.00 20.74 -87.09
N VAL Q 210 -63.16 21.15 -88.04
CA VAL Q 210 -61.72 21.13 -87.85
C VAL Q 210 -61.19 22.53 -88.14
N SER Q 211 -60.08 22.88 -87.50
CA SER Q 211 -59.43 24.16 -87.71
C SER Q 211 -57.93 23.97 -87.71
N THR Q 212 -57.23 24.84 -88.44
CA THR Q 212 -55.78 24.86 -88.43
C THR Q 212 -55.33 26.01 -87.55
N VAL Q 213 -54.84 25.70 -86.37
CA VAL Q 213 -54.30 26.71 -85.47
C VAL Q 213 -52.81 26.78 -85.69
N GLN Q 214 -52.25 27.99 -85.55
CA GLN Q 214 -50.79 28.10 -85.56
C GLN Q 214 -50.20 27.24 -84.45
N CYS Q 215 -50.78 27.30 -83.25
CA CYS Q 215 -50.47 26.34 -82.20
C CYS Q 215 -51.45 26.46 -81.04
N THR Q 216 -51.32 25.52 -80.11
CA THR Q 216 -52.36 25.17 -79.16
C THR Q 216 -52.60 26.31 -78.18
N HIS Q 217 -53.73 26.20 -77.48
CA HIS Q 217 -54.01 27.10 -76.38
C HIS Q 217 -53.03 26.83 -75.24
N GLY Q 218 -52.92 27.80 -74.34
CA GLY Q 218 -52.02 27.65 -73.22
C GLY Q 218 -52.36 26.47 -72.34
N ILE Q 219 -51.53 25.43 -72.39
CA ILE Q 219 -51.75 24.21 -71.62
C ILE Q 219 -50.90 24.32 -70.36
N LYS Q 220 -51.55 24.51 -69.22
CA LYS Q 220 -50.82 24.54 -67.95
C LYS Q 220 -50.43 23.13 -67.55
N PRO Q 221 -49.14 22.85 -67.36
CA PRO Q 221 -48.72 21.49 -66.95
C PRO Q 221 -48.98 21.25 -65.46
N VAL Q 222 -50.24 21.22 -65.07
CA VAL Q 222 -50.61 20.94 -63.69
C VAL Q 222 -50.40 19.46 -63.43
N VAL Q 223 -49.56 19.15 -62.44
CA VAL Q 223 -49.21 17.78 -62.10
C VAL Q 223 -50.06 17.36 -60.91
N SER Q 224 -50.90 16.35 -61.11
CA SER Q 224 -51.81 15.90 -60.07
C SER Q 224 -52.27 14.49 -60.41
N THR Q 225 -52.82 13.81 -59.41
CA THR Q 225 -53.36 12.47 -59.60
C THR Q 225 -54.79 12.42 -59.09
N GLN Q 226 -55.60 11.59 -59.76
CA GLN Q 226 -56.97 11.27 -59.39
C GLN Q 226 -57.94 12.40 -59.65
N LEU Q 227 -57.44 13.59 -59.95
CA LEU Q 227 -58.27 14.77 -60.14
C LEU Q 227 -57.50 15.71 -61.05
N LEU Q 228 -58.17 16.22 -62.09
CA LEU Q 228 -57.53 17.12 -63.04
C LEU Q 228 -57.75 18.54 -62.54
N LEU Q 229 -56.83 19.01 -61.69
CA LEU Q 229 -56.96 20.34 -61.14
C LEU Q 229 -56.69 21.39 -62.21
N ASN Q 230 -57.49 22.46 -62.19
CA ASN Q 230 -57.40 23.53 -63.18
C ASN Q 230 -57.52 22.97 -64.59
N GLY Q 231 -57.19 23.77 -65.59
CA GLY Q 231 -57.29 23.29 -66.96
C GLY Q 231 -58.55 23.71 -67.67
N SER Q 232 -59.00 22.90 -68.62
CA SER Q 232 -60.06 23.28 -69.55
C SER Q 232 -61.31 22.47 -69.26
N LEU Q 233 -62.46 23.15 -69.29
CA LEU Q 233 -63.74 22.52 -69.04
C LEU Q 233 -64.34 21.98 -70.34
N ALA Q 234 -65.32 21.11 -70.21
CA ALA Q 234 -66.11 20.72 -71.36
C ALA Q 234 -67.06 21.84 -71.74
N GLU Q 235 -67.62 21.74 -72.94
CA GLU Q 235 -68.43 22.83 -73.47
C GLU Q 235 -69.90 22.70 -73.09
N GLU Q 236 -70.51 21.54 -73.29
CA GLU Q 236 -71.94 21.42 -73.07
C GLU Q 236 -72.31 20.38 -72.02
N GLU Q 237 -71.54 19.31 -71.88
CA GLU Q 237 -71.89 18.28 -70.92
C GLU Q 237 -70.64 17.50 -70.56
N VAL Q 238 -70.71 16.80 -69.42
CA VAL Q 238 -69.58 16.01 -68.94
C VAL Q 238 -69.22 14.96 -69.97
N MET Q 239 -67.94 14.90 -70.34
CA MET Q 239 -67.45 14.03 -71.39
C MET Q 239 -66.69 12.85 -70.78
N ILE Q 240 -67.07 11.65 -71.19
CA ILE Q 240 -66.39 10.43 -70.79
C ILE Q 240 -65.50 9.97 -71.94
N ARG Q 241 -64.23 9.74 -71.65
CA ARG Q 241 -63.23 9.44 -72.68
C ARG Q 241 -62.37 8.27 -72.24
N SER Q 242 -62.56 7.13 -72.87
CA SER Q 242 -61.74 5.94 -72.59
C SER Q 242 -61.26 5.36 -73.92
N GLU Q 243 -60.06 4.77 -73.89
CA GLU Q 243 -59.53 4.14 -75.08
C GLU Q 243 -60.41 2.96 -75.51
N ASN Q 244 -60.85 2.17 -74.54
CA ASN Q 244 -61.79 1.08 -74.80
C ASN Q 244 -62.67 0.97 -73.56
N ILE Q 245 -63.88 1.53 -73.64
CA ILE Q 245 -64.75 1.62 -72.48
C ILE Q 245 -65.11 0.24 -71.94
N THR Q 246 -65.07 -0.79 -72.79
CA THR Q 246 -65.37 -2.15 -72.36
C THR Q 246 -64.17 -2.85 -71.74
N ASN Q 247 -63.01 -2.22 -71.75
CA ASN Q 247 -61.80 -2.79 -71.14
C ASN Q 247 -61.57 -2.10 -69.80
N ASN Q 248 -61.58 -2.89 -68.73
CA ASN Q 248 -61.41 -2.33 -67.39
C ASN Q 248 -59.97 -1.95 -67.07
N ALA Q 249 -59.02 -2.32 -67.92
CA ALA Q 249 -57.62 -1.95 -67.73
C ALA Q 249 -57.29 -0.58 -68.27
N LYS Q 250 -58.25 0.11 -68.87
CA LYS Q 250 -58.05 1.43 -69.47
C LYS Q 250 -58.67 2.49 -68.57
N ASN Q 251 -57.91 3.55 -68.30
CA ASN Q 251 -58.43 4.65 -67.49
C ASN Q 251 -59.51 5.40 -68.24
N ILE Q 252 -60.45 5.95 -67.48
CA ILE Q 252 -61.56 6.74 -68.01
C ILE Q 252 -61.29 8.19 -67.65
N LEU Q 253 -61.18 9.05 -68.66
CA LEU Q 253 -60.89 10.46 -68.46
C LEU Q 253 -62.19 11.24 -68.48
N VAL Q 254 -62.75 11.49 -67.31
CA VAL Q 254 -63.95 12.31 -67.21
C VAL Q 254 -63.56 13.78 -67.29
N GLN Q 255 -64.35 14.58 -67.99
CA GLN Q 255 -64.13 16.01 -68.09
C GLN Q 255 -65.41 16.73 -67.72
N PHE Q 256 -65.32 17.65 -66.77
CA PHE Q 256 -66.50 18.33 -66.28
C PHE Q 256 -66.87 19.49 -67.20
N ASN Q 257 -68.13 19.91 -67.12
CA ASN Q 257 -68.57 21.12 -67.80
C ASN Q 257 -68.62 22.32 -66.88
N THR Q 258 -68.88 22.11 -65.59
CA THR Q 258 -68.78 23.15 -64.58
C THR Q 258 -67.74 22.74 -63.56
N PRO Q 259 -66.75 23.59 -63.27
CA PRO Q 259 -65.67 23.19 -62.36
C PRO Q 259 -66.17 23.02 -60.93
N VAL Q 260 -65.52 22.12 -60.22
CA VAL Q 260 -65.77 21.91 -58.79
C VAL Q 260 -64.60 22.52 -58.04
N GLN Q 261 -64.85 23.58 -57.29
CA GLN Q 261 -63.79 24.29 -56.62
C GLN Q 261 -63.35 23.53 -55.37
N ILE Q 262 -62.03 23.39 -55.21
CA ILE Q 262 -61.45 22.68 -54.07
C ILE Q 262 -60.47 23.63 -53.37
N ASN Q 263 -60.60 23.77 -52.06
CA ASN Q 263 -59.79 24.67 -51.26
C ASN Q 263 -58.84 23.88 -50.36
N CYS Q 264 -57.55 24.20 -50.44
CA CYS Q 264 -56.48 23.53 -49.71
C CYS Q 264 -56.27 24.28 -48.42
N THR Q 265 -55.48 23.69 -47.53
CA THR Q 265 -54.80 24.53 -46.56
C THR Q 265 -53.78 23.70 -45.81
N ARG Q 266 -52.73 24.37 -45.36
CA ARG Q 266 -51.88 23.90 -44.27
C ARG Q 266 -51.96 24.97 -43.19
N PRO Q 267 -52.79 24.77 -42.16
CA PRO Q 267 -53.05 25.87 -41.21
C PRO Q 267 -51.83 26.30 -40.41
N ASN Q 268 -50.79 25.49 -40.33
CA ASN Q 268 -49.63 25.79 -39.51
C ASN Q 268 -48.91 27.03 -40.00
N ASN Q 269 -48.37 27.80 -39.05
CA ASN Q 269 -47.43 28.87 -39.39
C ASN Q 269 -46.04 28.29 -39.27
N ASN Q 270 -45.51 27.80 -40.39
CA ASN Q 270 -44.20 27.18 -40.43
C ASN Q 270 -43.11 28.23 -40.24
N THR Q 271 -41.98 27.80 -39.71
CA THR Q 271 -40.79 28.65 -39.55
C THR Q 271 -39.61 27.98 -40.26
N ARG Q 272 -39.36 28.41 -41.49
CA ARG Q 272 -38.21 27.90 -42.24
C ARG Q 272 -36.91 28.34 -41.57
N LYS Q 273 -35.95 27.42 -41.50
CA LYS Q 273 -34.66 27.66 -40.90
C LYS Q 273 -33.56 27.28 -41.88
N SER Q 274 -32.52 28.09 -41.97
CA SER Q 274 -31.44 27.89 -42.93
C SER Q 274 -30.23 27.27 -42.24
N ILE Q 275 -29.68 26.22 -42.85
CA ILE Q 275 -28.48 25.55 -42.37
C ILE Q 275 -27.45 25.61 -43.48
N ARG Q 276 -26.24 26.08 -43.15
CA ARG Q 276 -25.16 26.15 -44.12
C ARG Q 276 -24.42 24.81 -44.12
N ILE Q 277 -24.74 23.97 -45.11
CA ILE Q 277 -24.13 22.64 -45.20
C ILE Q 277 -22.82 22.64 -45.94
N GLY Q 278 -22.40 23.77 -46.49
CA GLY Q 278 -21.16 23.86 -47.23
C GLY Q 278 -20.91 25.27 -47.71
N PRO Q 279 -19.84 25.47 -48.47
CA PRO Q 279 -19.57 26.82 -48.97
C PRO Q 279 -20.57 27.24 -50.03
N GLY Q 280 -21.45 28.17 -49.68
CA GLY Q 280 -22.45 28.69 -50.57
C GLY Q 280 -23.73 27.88 -50.64
N GLN Q 281 -23.76 26.70 -50.04
CA GLN Q 281 -24.93 25.83 -50.05
C GLN Q 281 -25.68 25.96 -48.73
N ALA Q 282 -26.98 26.13 -48.81
CA ALA Q 282 -27.83 26.23 -47.63
C ALA Q 282 -28.93 25.18 -47.68
N PHE Q 283 -29.25 24.62 -46.52
CA PHE Q 283 -30.29 23.62 -46.37
C PHE Q 283 -31.41 24.25 -45.55
N TYR Q 284 -32.61 24.31 -46.13
CA TYR Q 284 -33.75 24.97 -45.51
C TYR Q 284 -34.54 23.94 -44.73
N ALA Q 285 -34.67 24.14 -43.43
CA ALA Q 285 -35.24 23.15 -42.53
C ALA Q 285 -36.39 23.76 -41.74
N THR Q 286 -37.33 22.90 -41.35
CA THR Q 286 -38.44 23.32 -40.50
C THR Q 286 -37.93 23.42 -39.07
N GLY Q 287 -37.74 24.64 -38.58
CA GLY Q 287 -37.21 24.82 -37.25
C GLY Q 287 -38.27 24.72 -36.18
N ASP Q 288 -39.43 25.31 -36.45
CA ASP Q 288 -40.50 25.36 -35.46
C ASP Q 288 -41.83 25.40 -36.19
N ILE Q 289 -42.87 24.91 -35.53
CA ILE Q 289 -44.22 24.97 -36.08
C ILE Q 289 -45.17 25.45 -34.98
N ILE Q 290 -45.87 26.54 -35.26
CA ILE Q 290 -46.80 27.17 -34.34
C ILE Q 290 -48.07 27.50 -35.12
N GLY Q 291 -49.06 28.03 -34.43
CA GLY Q 291 -50.31 28.39 -35.05
C GLY Q 291 -51.31 27.27 -35.04
N ASP Q 292 -52.25 27.34 -35.97
CA ASP Q 292 -53.28 26.31 -36.08
C ASP Q 292 -52.66 25.00 -36.50
N ILE Q 293 -52.76 23.99 -35.64
CA ILE Q 293 -52.11 22.71 -35.86
C ILE Q 293 -53.09 21.66 -36.38
N ARG Q 294 -54.20 22.08 -36.96
CA ARG Q 294 -55.09 21.13 -37.61
C ARG Q 294 -54.39 20.52 -38.82
N GLN Q 295 -54.72 19.26 -39.09
CA GLN Q 295 -54.10 18.56 -40.20
C GLN Q 295 -54.45 19.26 -41.52
N ALA Q 296 -53.49 19.25 -42.45
CA ALA Q 296 -53.74 19.81 -43.77
C ALA Q 296 -54.92 19.12 -44.42
N HIS Q 297 -55.76 19.90 -45.09
CA HIS Q 297 -56.99 19.35 -45.63
C HIS Q 297 -57.41 20.13 -46.87
N CYS Q 298 -58.31 19.53 -47.64
CA CYS Q 298 -58.96 20.17 -48.77
C CYS Q 298 -60.46 20.09 -48.59
N ASN Q 299 -61.15 21.18 -48.93
CA ASN Q 299 -62.60 21.26 -48.82
C ASN Q 299 -63.21 21.28 -50.22
N VAL Q 300 -64.13 20.37 -50.47
CA VAL Q 300 -64.93 20.34 -51.68
C VAL Q 300 -66.38 20.47 -51.28
N SER Q 301 -67.11 21.39 -51.91
CA SER Q 301 -68.51 21.60 -51.56
C SER Q 301 -69.30 20.32 -51.75
N LYS Q 302 -70.07 19.96 -50.71
CA LYS Q 302 -70.79 18.68 -50.75
C LYS Q 302 -71.94 18.73 -51.73
N ALA Q 303 -72.59 19.89 -51.87
CA ALA Q 303 -73.68 20.01 -52.84
C ALA Q 303 -73.15 20.03 -54.27
N THR Q 304 -72.07 20.78 -54.51
CA THR Q 304 -71.52 20.85 -55.85
C THR Q 304 -70.93 19.53 -56.30
N TRP Q 305 -70.26 18.81 -55.39
CA TRP Q 305 -69.69 17.52 -55.77
C TRP Q 305 -70.78 16.48 -56.02
N ASN Q 306 -71.88 16.54 -55.25
CA ASN Q 306 -72.95 15.57 -55.45
C ASN Q 306 -73.63 15.74 -56.80
N GLU Q 307 -73.87 16.99 -57.22
CA GLU Q 307 -74.49 17.22 -58.52
C GLU Q 307 -73.51 17.00 -59.67
N THR Q 308 -72.20 17.10 -59.41
CA THR Q 308 -71.22 16.79 -60.44
C THR Q 308 -71.09 15.29 -60.66
N LEU Q 309 -71.13 14.50 -59.59
CA LEU Q 309 -71.17 13.05 -59.76
C LEU Q 309 -72.49 12.62 -60.39
N GLY Q 310 -73.57 13.36 -60.15
CA GLY Q 310 -74.82 13.06 -60.81
C GLY Q 310 -74.72 13.23 -62.31
N LYS Q 311 -74.02 14.28 -62.76
CA LYS Q 311 -73.78 14.47 -64.20
C LYS Q 311 -72.84 13.41 -64.74
N VAL Q 312 -71.82 13.05 -63.97
CA VAL Q 312 -70.89 12.00 -64.40
C VAL Q 312 -71.62 10.67 -64.52
N VAL Q 313 -72.48 10.35 -63.55
CA VAL Q 313 -73.23 9.10 -63.59
C VAL Q 313 -74.18 9.08 -64.77
N LYS Q 314 -74.85 10.19 -65.06
CA LYS Q 314 -75.77 10.25 -66.18
C LYS Q 314 -75.06 9.99 -67.50
N GLN Q 315 -73.88 10.59 -67.69
CA GLN Q 315 -73.09 10.36 -68.89
C GLN Q 315 -72.36 9.03 -68.86
N LEU Q 316 -72.34 8.35 -67.72
CA LEU Q 316 -71.65 7.07 -67.59
C LEU Q 316 -72.58 5.89 -67.72
N ARG Q 317 -73.88 6.08 -67.56
CA ARG Q 317 -74.85 5.02 -67.82
C ARG Q 317 -75.07 4.80 -69.31
N LYS Q 318 -74.68 5.75 -70.15
CA LYS Q 318 -74.83 5.61 -71.59
C LYS Q 318 -73.93 4.50 -72.15
N HIS Q 319 -72.87 4.15 -71.44
CA HIS Q 319 -71.94 3.11 -71.90
C HIS Q 319 -72.14 1.78 -71.18
N PHE Q 320 -72.97 1.72 -70.15
CA PHE Q 320 -73.15 0.51 -69.38
C PHE Q 320 -74.61 0.12 -69.15
N GLY Q 321 -75.56 0.97 -69.48
CA GLY Q 321 -76.96 0.62 -69.31
C GLY Q 321 -77.70 1.57 -68.40
N ASN Q 322 -79.02 1.69 -68.60
CA ASN Q 322 -79.83 2.56 -67.77
C ASN Q 322 -80.12 1.94 -66.41
N ASN Q 323 -80.23 0.61 -66.34
CA ASN Q 323 -80.57 -0.07 -65.10
C ASN Q 323 -79.36 -0.50 -64.29
N THR Q 324 -78.15 -0.23 -64.77
CA THR Q 324 -76.97 -0.63 -64.03
C THR Q 324 -76.75 0.27 -62.82
N ILE Q 325 -76.04 -0.25 -61.84
CA ILE Q 325 -75.77 0.44 -60.59
C ILE Q 325 -74.36 1.01 -60.66
N ILE Q 326 -74.24 2.33 -60.65
CA ILE Q 326 -72.94 3.01 -60.71
C ILE Q 326 -72.52 3.30 -59.27
N ARG Q 327 -71.41 2.70 -58.86
CA ARG Q 327 -70.89 2.85 -57.51
C ARG Q 327 -69.49 3.42 -57.58
N PHE Q 328 -69.23 4.45 -56.80
CA PHE Q 328 -67.91 5.07 -56.71
C PHE Q 328 -67.25 4.61 -55.41
N ALA Q 329 -66.17 3.87 -55.52
CA ALA Q 329 -65.37 3.48 -54.37
C ALA Q 329 -64.07 4.29 -54.37
N ASN Q 330 -63.27 4.09 -53.33
CA ASN Q 330 -62.01 4.81 -53.21
C ASN Q 330 -60.86 3.97 -53.73
N SER Q 331 -59.68 4.59 -53.78
CA SER Q 331 -58.54 3.98 -54.43
C SER Q 331 -58.19 2.64 -53.80
N SER Q 332 -57.76 1.69 -54.63
CA SER Q 332 -57.54 0.33 -54.17
C SER Q 332 -56.30 0.23 -53.28
N GLY Q 333 -55.13 0.52 -53.84
CA GLY Q 333 -53.91 0.40 -53.07
C GLY Q 333 -52.71 0.71 -53.95
N GLY Q 334 -51.54 0.73 -53.30
CA GLY Q 334 -50.31 1.04 -54.00
C GLY Q 334 -49.48 2.11 -53.31
N ASP Q 335 -48.76 2.89 -54.09
CA ASP Q 335 -47.96 3.98 -53.54
C ASP Q 335 -48.85 5.11 -53.05
N LEU Q 336 -48.31 5.93 -52.15
CA LEU Q 336 -49.04 7.10 -51.70
C LEU Q 336 -49.28 8.08 -52.82
N GLU Q 337 -48.44 8.08 -53.85
CA GLU Q 337 -48.65 8.96 -54.99
C GLU Q 337 -49.78 8.50 -55.88
N VAL Q 338 -50.21 7.24 -55.76
CA VAL Q 338 -51.26 6.70 -56.61
C VAL Q 338 -52.55 6.44 -55.84
N THR Q 339 -52.49 6.26 -54.52
CA THR Q 339 -53.69 6.08 -53.72
C THR Q 339 -54.28 7.40 -53.23
N THR Q 340 -53.60 8.50 -53.46
CA THR Q 340 -54.01 9.80 -52.95
C THR Q 340 -54.04 10.82 -54.09
N HIS Q 341 -54.82 11.88 -53.87
CA HIS Q 341 -54.82 13.01 -54.79
C HIS Q 341 -53.55 13.81 -54.56
N SER Q 342 -52.45 13.27 -55.10
CA SER Q 342 -51.18 13.95 -55.03
C SER Q 342 -51.21 15.21 -55.87
N PHE Q 343 -50.72 16.31 -55.32
CA PHE Q 343 -50.60 17.54 -56.09
C PHE Q 343 -49.68 18.49 -55.35
N ASN Q 344 -49.38 19.61 -56.00
CA ASN Q 344 -48.54 20.68 -55.47
C ASN Q 344 -49.40 21.91 -55.30
N CYS Q 345 -49.28 22.58 -54.15
CA CYS Q 345 -50.05 23.80 -53.93
C CYS Q 345 -49.30 24.74 -52.99
N GLY Q 346 -48.84 25.86 -53.53
CA GLY Q 346 -48.07 26.82 -52.76
C GLY Q 346 -46.64 26.40 -52.53
N GLY Q 347 -46.11 25.52 -53.38
CA GLY Q 347 -44.76 25.04 -53.26
C GLY Q 347 -44.59 23.85 -52.34
N GLU Q 348 -45.65 23.42 -51.66
CA GLU Q 348 -45.59 22.29 -50.74
C GLU Q 348 -46.54 21.21 -51.24
N PHE Q 349 -46.07 19.97 -51.21
CA PHE Q 349 -46.73 18.86 -51.89
C PHE Q 349 -47.71 18.17 -50.96
N PHE Q 350 -48.96 18.07 -51.38
CA PHE Q 350 -50.04 17.48 -50.61
C PHE Q 350 -50.36 16.10 -51.14
N TYR Q 351 -50.97 15.28 -50.29
CA TYR Q 351 -51.42 13.93 -50.64
C TYR Q 351 -52.74 13.67 -49.94
N CYS Q 352 -53.84 14.01 -50.61
CA CYS Q 352 -55.16 14.02 -50.00
C CYS Q 352 -55.87 12.68 -50.19
N ASN Q 353 -56.71 12.32 -49.21
CA ASN Q 353 -57.27 10.98 -49.16
C ASN Q 353 -58.26 10.73 -50.28
N THR Q 354 -59.21 11.65 -50.47
CA THR Q 354 -60.28 11.51 -51.48
C THR Q 354 -61.00 10.16 -51.35
N SER Q 355 -61.27 9.75 -50.12
CA SER Q 355 -62.15 8.63 -49.87
C SER Q 355 -63.57 9.06 -49.52
N GLY Q 356 -63.76 10.34 -49.23
CA GLY Q 356 -65.09 10.88 -49.01
C GLY Q 356 -65.65 11.46 -50.29
N LEU Q 357 -64.75 11.79 -51.22
CA LEU Q 357 -65.19 12.21 -52.55
C LEU Q 357 -65.82 11.04 -53.29
N PHE Q 358 -65.11 9.91 -53.35
CA PHE Q 358 -65.56 8.74 -54.08
C PHE Q 358 -66.10 7.72 -53.08
N ASN Q 359 -67.34 7.95 -52.64
CA ASN Q 359 -68.03 7.01 -51.76
C ASN Q 359 -69.53 7.24 -51.96
N SER Q 360 -70.15 6.45 -52.83
CA SER Q 360 -71.55 6.64 -53.16
C SER Q 360 -72.01 5.49 -54.03
N THR Q 361 -73.31 5.22 -53.98
CA THR Q 361 -73.96 4.23 -54.83
C THR Q 361 -75.15 4.89 -55.50
N TRP Q 362 -75.24 4.76 -56.82
CA TRP Q 362 -76.26 5.45 -57.61
C TRP Q 362 -77.22 4.42 -58.20
N ILE Q 363 -78.49 4.56 -57.87
CA ILE Q 363 -79.54 3.65 -58.32
C ILE Q 363 -80.35 4.32 -59.41
N SER Q 364 -80.75 3.54 -60.40
CA SER Q 364 -81.54 4.06 -61.52
C SER Q 364 -82.84 4.71 -61.04
N ASN Q 377 -73.88 24.84 -48.39
CA ASN Q 377 -73.17 25.32 -47.22
C ASN Q 377 -72.24 24.24 -46.67
N ASP Q 378 -72.70 22.99 -46.71
CA ASP Q 378 -71.91 21.87 -46.21
C ASP Q 378 -70.73 21.61 -47.13
N SER Q 379 -69.71 20.95 -46.58
CA SER Q 379 -68.46 20.76 -47.30
C SER Q 379 -67.89 19.39 -46.97
N ILE Q 380 -67.03 18.90 -47.86
CA ILE Q 380 -66.34 17.62 -47.70
C ILE Q 380 -64.87 17.92 -47.44
N THR Q 381 -64.36 17.45 -46.30
CA THR Q 381 -62.99 17.72 -45.88
C THR Q 381 -62.13 16.48 -46.14
N LEU Q 382 -61.09 16.64 -46.94
CA LEU Q 382 -60.21 15.54 -47.29
C LEU Q 382 -58.91 15.66 -46.53
N PRO Q 383 -58.59 14.74 -45.62
CA PRO Q 383 -57.34 14.85 -44.87
C PRO Q 383 -56.13 14.60 -45.78
N CYS Q 384 -55.22 15.58 -45.81
CA CYS Q 384 -54.07 15.53 -46.69
C CYS Q 384 -52.79 15.42 -45.87
N ARG Q 385 -51.91 14.52 -46.28
CA ARG Q 385 -50.57 14.47 -45.74
C ARG Q 385 -49.64 15.33 -46.59
N ILE Q 386 -48.47 15.62 -46.05
CA ILE Q 386 -47.48 16.43 -46.73
C ILE Q 386 -46.15 15.72 -46.69
N LYS Q 387 -45.41 15.77 -47.79
CA LYS Q 387 -44.07 15.22 -47.88
C LYS Q 387 -43.12 16.31 -48.35
N GLN Q 388 -41.85 16.14 -48.01
CA GLN Q 388 -40.80 17.01 -48.51
C GLN Q 388 -39.86 16.33 -49.47
N ILE Q 389 -39.76 15.01 -49.45
CA ILE Q 389 -38.92 14.25 -50.36
C ILE Q 389 -39.81 13.65 -51.44
N ILE Q 390 -39.67 14.15 -52.67
CA ILE Q 390 -40.62 13.88 -53.76
C ILE Q 390 -39.90 13.10 -54.86
N ASN Q 391 -40.44 11.92 -55.19
CA ASN Q 391 -40.08 11.21 -56.41
C ASN Q 391 -41.25 11.42 -57.36
N MET Q 392 -41.17 12.47 -58.18
CA MET Q 392 -42.37 12.96 -58.85
C MET Q 392 -42.76 12.08 -60.03
N TRP Q 393 -41.90 11.98 -61.04
CA TRP Q 393 -42.30 11.35 -62.29
C TRP Q 393 -42.19 9.84 -62.24
N GLN Q 394 -42.75 9.21 -61.21
CA GLN Q 394 -42.81 7.76 -61.07
C GLN Q 394 -41.47 7.10 -61.36
N ARG Q 395 -40.40 7.75 -60.94
CA ARG Q 395 -39.05 7.27 -61.20
C ARG Q 395 -38.38 6.91 -59.88
N ILE Q 396 -37.31 6.13 -59.99
CA ILE Q 396 -36.50 5.74 -58.85
C ILE Q 396 -35.08 6.23 -59.10
N GLY Q 397 -34.48 6.86 -58.08
CA GLY Q 397 -33.12 7.34 -58.16
C GLY Q 397 -32.97 8.83 -58.37
N GLN Q 398 -34.07 9.56 -58.55
CA GLN Q 398 -34.03 11.02 -58.67
C GLN Q 398 -35.14 11.57 -57.80
N ALA Q 399 -34.83 11.84 -56.53
CA ALA Q 399 -35.75 12.47 -55.61
C ALA Q 399 -35.54 13.97 -55.63
N MET Q 400 -36.36 14.68 -54.85
CA MET Q 400 -36.23 16.12 -54.71
C MET Q 400 -36.72 16.50 -53.32
N TYR Q 401 -35.95 17.35 -52.65
CA TYR Q 401 -36.34 17.82 -51.32
C TYR Q 401 -37.02 19.17 -51.47
N ALA Q 402 -38.33 19.19 -51.26
CA ALA Q 402 -39.07 20.45 -51.31
C ALA Q 402 -38.86 21.21 -50.00
N PRO Q 403 -38.26 22.39 -50.03
CA PRO Q 403 -37.95 23.08 -48.78
C PRO Q 403 -39.22 23.61 -48.13
N PRO Q 404 -39.20 23.84 -46.82
CA PRO Q 404 -40.39 24.35 -46.14
C PRO Q 404 -40.81 25.70 -46.69
N ILE Q 405 -42.11 25.92 -46.72
CA ILE Q 405 -42.69 27.20 -47.13
C ILE Q 405 -43.04 27.96 -45.87
N GLN Q 406 -42.47 29.16 -45.73
CA GLN Q 406 -42.74 30.00 -44.57
C GLN Q 406 -44.20 30.44 -44.58
N GLY Q 407 -44.86 30.31 -43.43
CA GLY Q 407 -46.20 30.83 -43.28
C GLY Q 407 -47.28 29.81 -43.56
N VAL Q 408 -48.49 30.32 -43.67
CA VAL Q 408 -49.68 29.52 -43.91
C VAL Q 408 -49.91 29.40 -45.41
N ILE Q 409 -50.24 28.20 -45.87
CA ILE Q 409 -50.45 27.93 -47.29
C ILE Q 409 -51.94 27.82 -47.55
N ARG Q 410 -52.41 28.53 -48.57
CA ARG Q 410 -53.83 28.52 -48.92
C ARG Q 410 -53.92 28.31 -50.43
N CYS Q 411 -55.04 27.76 -50.88
CA CYS Q 411 -55.15 27.04 -52.15
C CYS Q 411 -56.55 27.18 -52.70
N VAL Q 412 -56.67 27.56 -53.97
CA VAL Q 412 -57.96 27.57 -54.66
C VAL Q 412 -57.74 26.99 -56.04
N SER Q 413 -58.35 25.83 -56.30
CA SER Q 413 -58.21 25.14 -57.57
C SER Q 413 -59.57 24.73 -58.09
N ASN Q 414 -59.62 24.43 -59.38
CA ASN Q 414 -60.80 23.91 -60.04
C ASN Q 414 -60.57 22.44 -60.37
N ILE Q 415 -61.45 21.57 -59.90
CA ILE Q 415 -61.45 20.19 -60.36
C ILE Q 415 -62.18 20.16 -61.70
N THR Q 416 -61.42 20.03 -62.79
CA THR Q 416 -61.99 20.05 -64.12
C THR Q 416 -62.08 18.66 -64.75
N GLY Q 417 -61.81 17.62 -63.99
CA GLY Q 417 -61.86 16.28 -64.56
C GLY Q 417 -61.56 15.23 -63.51
N LEU Q 418 -61.60 13.98 -63.96
CA LEU Q 418 -61.32 12.82 -63.12
C LEU Q 418 -60.52 11.83 -63.94
N ILE Q 419 -59.88 10.89 -63.25
CA ILE Q 419 -59.28 9.72 -63.88
C ILE Q 419 -59.78 8.51 -63.10
N LEU Q 420 -60.65 7.73 -63.73
CA LEU Q 420 -61.30 6.60 -63.08
C LEU Q 420 -60.78 5.29 -63.64
N THR Q 421 -60.87 4.25 -62.83
CA THR Q 421 -60.63 2.88 -63.26
C THR Q 421 -61.83 2.04 -62.86
N ARG Q 422 -62.21 1.12 -63.71
CA ARG Q 422 -63.38 0.28 -63.48
C ARG Q 422 -62.97 -1.08 -62.97
N ASP Q 423 -63.80 -1.65 -62.10
CA ASP Q 423 -63.56 -2.97 -61.55
C ASP Q 423 -64.15 -4.05 -62.44
N GLY Q 424 -63.37 -5.09 -62.68
CA GLY Q 424 -63.79 -6.18 -63.55
C GLY Q 424 -64.98 -6.97 -63.02
N SER Q 429 -72.99 -9.32 -63.27
CA SER Q 429 -73.36 -8.42 -62.17
C SER Q 429 -73.91 -7.10 -62.72
N THR Q 430 -74.87 -6.54 -62.00
CA THR Q 430 -75.52 -5.29 -62.40
C THR Q 430 -74.86 -4.05 -61.80
N THR Q 431 -73.78 -4.22 -61.05
CA THR Q 431 -73.11 -3.13 -60.37
C THR Q 431 -71.74 -2.89 -60.97
N GLU Q 432 -71.47 -1.65 -61.37
CA GLU Q 432 -70.17 -1.25 -61.90
C GLU Q 432 -69.53 -0.28 -60.91
N THR Q 433 -68.33 -0.62 -60.46
CA THR Q 433 -67.62 0.16 -59.45
C THR Q 433 -66.48 0.92 -60.10
N PHE Q 434 -66.45 2.24 -59.89
CA PHE Q 434 -65.46 3.13 -60.51
C PHE Q 434 -64.57 3.71 -59.42
N ARG Q 435 -63.38 3.19 -59.30
CA ARG Q 435 -62.37 3.71 -58.39
C ARG Q 435 -61.55 4.79 -59.08
N PRO Q 436 -61.04 5.77 -58.33
CA PRO Q 436 -60.14 6.75 -58.93
C PRO Q 436 -58.83 6.11 -59.34
N GLY Q 437 -58.21 6.67 -60.37
CA GLY Q 437 -56.98 6.10 -60.89
C GLY Q 437 -55.90 7.14 -61.05
N GLY Q 438 -54.91 6.85 -61.89
CA GLY Q 438 -53.84 7.80 -62.11
C GLY Q 438 -52.47 7.14 -62.19
N GLY Q 439 -51.46 7.79 -61.63
CA GLY Q 439 -50.11 7.30 -61.69
C GLY Q 439 -49.39 7.77 -62.95
N ASP Q 440 -49.92 7.40 -64.11
CA ASP Q 440 -49.32 7.79 -65.38
C ASP Q 440 -49.67 9.25 -65.65
N MET Q 441 -48.65 10.11 -65.66
CA MET Q 441 -48.87 11.54 -65.82
C MET Q 441 -49.33 11.89 -67.23
N ARG Q 442 -49.23 10.96 -68.17
CA ARG Q 442 -49.62 11.27 -69.54
C ARG Q 442 -51.12 11.45 -69.68
N ASP Q 443 -51.92 10.74 -68.86
CA ASP Q 443 -53.37 10.92 -68.91
C ASP Q 443 -53.81 12.29 -68.46
N ASN Q 444 -52.96 13.02 -67.75
CA ASN Q 444 -53.28 14.38 -67.34
C ASN Q 444 -53.19 15.34 -68.52
N TRP Q 445 -52.14 15.19 -69.34
CA TRP Q 445 -51.97 16.04 -70.52
C TRP Q 445 -52.68 15.48 -71.75
N ARG Q 446 -53.05 14.20 -71.73
CA ARG Q 446 -53.93 13.67 -72.75
C ARG Q 446 -55.30 14.30 -72.69
N SER Q 447 -55.69 14.86 -71.55
CA SER Q 447 -56.96 15.54 -71.40
C SER Q 447 -56.94 16.97 -71.92
N GLU Q 448 -55.76 17.52 -72.20
CA GLU Q 448 -55.64 18.86 -72.79
C GLU Q 448 -55.29 18.83 -74.26
N LEU Q 449 -54.61 17.77 -74.72
CA LEU Q 449 -54.19 17.61 -76.09
C LEU Q 449 -55.05 16.59 -76.83
N TYR Q 450 -56.29 16.40 -76.39
CA TYR Q 450 -57.18 15.46 -77.05
C TYR Q 450 -57.73 16.02 -78.36
N LYS Q 451 -57.89 17.33 -78.45
CA LYS Q 451 -58.50 17.97 -79.61
C LYS Q 451 -57.50 18.35 -80.68
N TYR Q 452 -56.20 18.20 -80.43
CA TYR Q 452 -55.17 18.65 -81.35
C TYR Q 452 -54.55 17.48 -82.09
N LYS Q 453 -54.03 17.76 -83.27
CA LYS Q 453 -53.44 16.75 -84.14
C LYS Q 453 -52.42 17.41 -85.04
N VAL Q 454 -51.28 16.76 -85.24
CA VAL Q 454 -50.20 17.29 -86.07
C VAL Q 454 -50.20 16.56 -87.39
N VAL Q 455 -50.20 17.32 -88.49
CA VAL Q 455 -50.21 16.76 -89.83
C VAL Q 455 -49.03 17.32 -90.61
N LYS Q 456 -48.63 16.57 -91.64
CA LYS Q 456 -47.52 16.94 -92.50
C LYS Q 456 -48.09 17.36 -93.84
N ILE Q 457 -47.77 18.59 -94.28
CA ILE Q 457 -48.32 19.10 -95.52
C ILE Q 457 -47.60 18.46 -96.70
N GLU Q 458 -48.37 17.92 -97.64
CA GLU Q 458 -47.84 17.34 -98.87
C GLU Q 458 -48.23 18.24 -100.04
N PRO Q 459 -47.41 19.23 -100.38
CA PRO Q 459 -47.84 20.29 -101.30
C PRO Q 459 -47.70 19.96 -102.76
N LEU Q 460 -47.23 18.78 -103.11
CA LEU Q 460 -46.94 18.42 -104.50
C LEU Q 460 -47.93 17.35 -104.94
N GLY Q 461 -48.86 17.73 -105.82
CA GLY Q 461 -49.87 16.79 -106.29
C GLY Q 461 -50.05 16.90 -107.78
N VAL Q 462 -50.35 15.76 -108.41
CA VAL Q 462 -50.54 15.67 -109.85
C VAL Q 462 -52.00 15.32 -110.11
N ALA Q 463 -52.50 15.79 -111.26
CA ALA Q 463 -53.90 15.60 -111.61
C ALA Q 463 -54.05 15.76 -113.11
N PRO Q 464 -55.08 15.17 -113.71
CA PRO Q 464 -55.26 15.29 -115.16
C PRO Q 464 -55.87 16.63 -115.54
N THR Q 465 -55.45 17.15 -116.69
CA THR Q 465 -55.98 18.40 -117.21
C THR Q 465 -55.75 18.40 -118.71
N ARG Q 466 -56.50 19.24 -119.42
CA ARG Q 466 -56.39 19.36 -120.87
C ARG Q 466 -55.12 20.07 -121.32
N CYS Q 467 -54.18 20.35 -120.41
CA CYS Q 467 -52.94 20.99 -120.78
C CYS Q 467 -52.12 20.14 -121.72
N LYS Q 468 -51.14 20.77 -122.35
CA LYS Q 468 -50.08 20.08 -123.06
C LYS Q 468 -48.91 21.05 -123.17
N ARG Q 469 -47.77 20.68 -122.60
CA ARG Q 469 -46.62 21.56 -122.63
C ARG Q 469 -46.21 21.86 -124.08
N ARG Q 470 -45.93 23.12 -124.34
CA ARG Q 470 -45.53 23.56 -125.67
C ARG Q 470 -44.02 23.53 -125.82
N PHE R 11 -60.46 36.47 -100.93
CA PHE R 11 -59.32 35.90 -100.22
C PHE R 11 -59.78 34.89 -99.17
N LEU R 12 -59.31 33.66 -99.29
CA LEU R 12 -59.69 32.57 -98.40
C LEU R 12 -58.68 32.34 -97.29
N GLY R 13 -57.38 32.47 -97.57
CA GLY R 13 -56.34 32.21 -96.61
C GLY R 13 -55.58 30.95 -96.95
N PHE R 14 -54.60 30.65 -96.08
CA PHE R 14 -53.76 29.48 -96.26
C PHE R 14 -54.61 28.21 -96.21
N LEU R 15 -54.44 27.35 -97.21
CA LEU R 15 -55.22 26.13 -97.38
C LEU R 15 -56.73 26.39 -97.42
N GLY R 16 -57.13 27.63 -97.71
CA GLY R 16 -58.55 27.95 -97.72
C GLY R 16 -59.32 27.20 -98.78
N ALA R 17 -58.70 26.96 -99.93
CA ALA R 17 -59.33 26.24 -101.04
C ALA R 17 -59.01 24.75 -101.02
N ALA R 18 -58.73 24.18 -99.85
CA ALA R 18 -58.45 22.75 -99.76
C ALA R 18 -59.68 21.94 -100.15
N GLY R 19 -60.86 22.37 -99.73
CA GLY R 19 -62.10 21.73 -100.12
C GLY R 19 -62.70 22.22 -101.41
N SER R 20 -62.12 23.25 -102.02
CA SER R 20 -62.61 23.79 -103.28
C SER R 20 -62.21 22.89 -104.44
N THR R 21 -62.87 23.10 -105.58
CA THR R 21 -62.57 22.31 -106.76
C THR R 21 -61.18 22.65 -107.29
N MET R 22 -60.66 21.74 -108.11
CA MET R 22 -59.30 21.90 -108.63
C MET R 22 -59.19 23.17 -109.47
N GLY R 23 -60.22 23.48 -110.24
CA GLY R 23 -60.20 24.71 -111.01
C GLY R 23 -60.19 25.96 -110.14
N ALA R 24 -61.00 25.95 -109.07
CA ALA R 24 -61.06 27.10 -108.18
C ALA R 24 -59.85 27.19 -107.26
N ALA R 25 -59.29 26.06 -106.86
CA ALA R 25 -58.13 26.06 -105.97
C ALA R 25 -56.85 26.41 -106.70
N SER R 26 -56.85 26.43 -108.03
CA SER R 26 -55.66 26.76 -108.80
C SER R 26 -55.47 28.27 -108.96
N MET R 27 -56.43 29.07 -108.54
CA MET R 27 -56.28 30.52 -108.52
C MET R 27 -55.69 31.03 -107.21
N THR R 28 -55.47 30.14 -106.24
CA THR R 28 -54.90 30.52 -104.95
C THR R 28 -53.60 29.75 -104.67
N LEU R 29 -52.83 29.47 -105.72
CA LEU R 29 -51.57 28.74 -105.51
C LEU R 29 -50.55 29.60 -104.79
N THR R 30 -50.61 30.92 -104.97
CA THR R 30 -49.66 31.80 -104.31
C THR R 30 -49.83 31.78 -102.80
N VAL R 31 -51.06 31.61 -102.33
CA VAL R 31 -51.32 31.62 -100.89
C VAL R 31 -50.61 30.46 -100.21
N GLN R 32 -50.68 29.27 -100.80
CA GLN R 32 -49.97 28.13 -100.23
C GLN R 32 -48.48 28.18 -100.52
N ALA R 33 -48.09 28.80 -101.65
CA ALA R 33 -46.68 28.80 -102.03
C ALA R 33 -45.86 29.67 -101.08
N ARG R 34 -46.37 30.82 -100.68
CA ARG R 34 -45.62 31.74 -99.83
C ARG R 34 -45.51 31.28 -98.39
N ASN R 35 -46.29 30.28 -97.99
CA ASN R 35 -46.26 29.78 -96.62
C ASN R 35 -45.42 28.52 -96.47
N LEU R 36 -44.65 28.15 -97.49
CA LEU R 36 -43.81 26.96 -97.43
C LEU R 36 -42.37 27.28 -97.08
N LEU R 37 -42.07 28.54 -96.77
CA LEU R 37 -40.71 28.97 -96.53
C LEU R 37 -40.51 29.60 -95.16
N SER R 38 -41.47 30.39 -94.69
CA SER R 38 -41.42 30.95 -93.34
C SER R 38 -42.79 31.45 -92.92
N VAL R 62 -34.28 23.12 -75.29
CA VAL R 62 -35.52 22.48 -75.72
C VAL R 62 -36.10 23.28 -76.87
N TRP R 63 -35.97 24.60 -76.79
CA TRP R 63 -36.40 25.49 -77.87
C TRP R 63 -35.21 26.11 -78.59
N GLY R 64 -34.12 25.36 -78.71
CA GLY R 64 -32.91 25.83 -79.33
C GLY R 64 -32.64 25.14 -80.65
N ILE R 65 -31.79 24.11 -80.63
CA ILE R 65 -31.49 23.34 -81.83
C ILE R 65 -32.75 22.74 -82.42
N LYS R 66 -33.73 22.38 -81.58
CA LYS R 66 -34.98 21.85 -82.10
C LYS R 66 -35.68 22.86 -82.99
N GLN R 67 -35.72 24.13 -82.58
CA GLN R 67 -36.32 25.15 -83.41
C GLN R 67 -35.43 25.50 -84.60
N LEU R 68 -34.11 25.36 -84.44
CA LEU R 68 -33.20 25.70 -85.52
C LEU R 68 -33.22 24.64 -86.62
N GLN R 69 -33.29 23.36 -86.26
CA GLN R 69 -33.35 22.31 -87.27
C GLN R 69 -34.71 22.22 -87.93
N ALA R 70 -35.74 22.86 -87.37
CA ALA R 70 -37.02 22.96 -88.06
C ALA R 70 -36.94 23.96 -89.21
N ARG R 71 -36.14 25.01 -89.05
CA ARG R 71 -35.96 25.97 -90.13
C ARG R 71 -35.13 25.39 -91.27
N VAL R 72 -34.09 24.63 -90.94
CA VAL R 72 -33.25 24.04 -91.98
C VAL R 72 -34.04 22.98 -92.75
N LEU R 73 -34.93 22.26 -92.08
CA LEU R 73 -35.77 21.29 -92.78
C LEU R 73 -36.75 21.98 -93.72
N ALA R 74 -37.27 23.15 -93.32
CA ALA R 74 -38.18 23.89 -94.20
C ALA R 74 -37.47 24.36 -95.45
N VAL R 75 -36.21 24.80 -95.32
CA VAL R 75 -35.47 25.26 -96.49
C VAL R 75 -35.14 24.11 -97.41
N GLU R 76 -34.70 22.98 -96.85
CA GLU R 76 -34.35 21.83 -97.68
C GLU R 76 -35.57 21.27 -98.40
N ARG R 77 -36.71 21.19 -97.72
CA ARG R 77 -37.93 20.71 -98.36
C ARG R 77 -38.36 21.67 -99.47
N TYR R 78 -38.21 22.98 -99.25
CA TYR R 78 -38.56 23.95 -100.27
C TYR R 78 -37.59 23.90 -101.45
N LEU R 79 -36.29 23.74 -101.17
CA LEU R 79 -35.30 23.79 -102.24
C LEU R 79 -35.37 22.56 -103.13
N ARG R 80 -35.72 21.40 -102.58
CA ARG R 80 -35.83 20.22 -103.43
C ARG R 80 -37.10 20.23 -104.27
N ASP R 81 -38.11 21.00 -103.87
CA ASP R 81 -39.29 21.18 -104.71
C ASP R 81 -39.02 22.18 -105.83
N GLN R 82 -38.25 23.24 -105.53
CA GLN R 82 -37.86 24.18 -106.56
C GLN R 82 -36.86 23.58 -107.53
N GLN R 83 -36.02 22.65 -107.07
CA GLN R 83 -35.11 21.96 -107.96
C GLN R 83 -35.86 21.10 -108.97
N LEU R 84 -36.92 20.43 -108.52
CA LEU R 84 -37.72 19.61 -109.42
C LEU R 84 -38.35 20.45 -110.52
N LEU R 85 -38.87 21.62 -110.17
CA LEU R 85 -39.47 22.49 -111.17
C LEU R 85 -38.43 22.94 -112.19
N GLY R 86 -37.23 23.27 -111.74
CA GLY R 86 -36.19 23.69 -112.67
C GLY R 86 -35.74 22.57 -113.58
N ILE R 87 -35.69 21.34 -113.07
CA ILE R 87 -35.33 20.20 -113.90
C ILE R 87 -36.40 19.93 -114.96
N TRP R 88 -37.66 20.17 -114.64
CA TRP R 88 -38.74 20.01 -115.60
C TRP R 88 -38.95 21.24 -116.48
N GLY R 89 -38.13 22.27 -116.32
CA GLY R 89 -38.29 23.48 -117.09
C GLY R 89 -39.37 24.41 -116.58
N CYS R 90 -39.79 24.25 -115.33
CA CYS R 90 -40.87 25.03 -114.74
C CYS R 90 -40.37 25.99 -113.67
N SER R 91 -39.10 26.37 -113.73
CA SER R 91 -38.53 27.24 -112.71
C SER R 91 -39.16 28.63 -112.79
N GLY R 92 -39.52 29.16 -111.61
CA GLY R 92 -40.10 30.48 -111.55
C GLY R 92 -41.54 30.55 -112.02
N LYS R 93 -42.25 29.43 -112.06
CA LYS R 93 -43.63 29.39 -112.50
C LYS R 93 -44.47 28.61 -111.50
N LEU R 94 -45.74 28.99 -111.39
CA LEU R 94 -46.70 28.31 -110.54
C LEU R 94 -47.59 27.35 -111.31
N ILE R 95 -47.95 27.71 -112.54
CA ILE R 95 -48.67 26.84 -113.46
C ILE R 95 -47.78 26.65 -114.69
N CYS R 96 -47.33 25.43 -114.91
CA CYS R 96 -46.36 25.11 -115.95
C CYS R 96 -46.92 24.06 -116.88
N CYS R 97 -47.43 24.49 -118.02
CA CYS R 97 -47.86 23.55 -119.06
C CYS R 97 -46.64 22.92 -119.71
N THR R 98 -46.64 21.59 -119.81
CA THR R 98 -45.49 20.82 -120.28
C THR R 98 -45.85 20.10 -121.58
N ASN R 99 -44.90 19.28 -122.05
CA ASN R 99 -45.04 18.55 -123.30
C ASN R 99 -45.41 17.09 -123.12
N VAL R 100 -45.33 16.55 -121.91
CA VAL R 100 -45.61 15.13 -121.68
C VAL R 100 -47.10 14.89 -121.84
N PRO R 101 -47.52 14.03 -122.77
CA PRO R 101 -48.95 13.76 -122.92
C PRO R 101 -49.48 12.98 -121.73
N TRP R 102 -50.78 13.13 -121.50
CA TRP R 102 -51.42 12.47 -120.36
C TRP R 102 -51.82 11.06 -120.79
N ASN R 103 -51.05 10.07 -120.32
CA ASN R 103 -51.42 8.67 -120.47
C ASN R 103 -52.77 8.42 -119.84
N SER R 104 -53.73 7.95 -120.63
CA SER R 104 -55.08 7.71 -120.13
C SER R 104 -55.10 6.67 -119.03
N SER R 105 -54.06 5.84 -118.92
CA SER R 105 -53.99 4.86 -117.84
C SER R 105 -53.94 5.55 -116.48
N TRP R 106 -53.29 6.71 -116.40
CA TRP R 106 -53.18 7.43 -115.14
C TRP R 106 -54.55 7.84 -114.61
N SER R 107 -55.39 8.40 -115.49
CA SER R 107 -56.72 8.84 -115.10
C SER R 107 -57.56 9.00 -116.35
N ASN R 108 -58.63 8.23 -116.45
CA ASN R 108 -59.51 8.25 -117.62
C ASN R 108 -60.60 9.31 -117.52
N ARG R 109 -60.65 10.07 -116.43
CA ARG R 109 -61.65 11.10 -116.27
C ARG R 109 -61.44 12.23 -117.28
N ASN R 110 -62.53 12.89 -117.66
CA ASN R 110 -62.44 14.02 -118.56
C ASN R 110 -62.14 15.31 -117.77
N LEU R 111 -61.86 16.38 -118.51
CA LEU R 111 -61.50 17.64 -117.87
C LEU R 111 -62.66 18.23 -117.08
N SER R 112 -63.89 18.02 -117.54
CA SER R 112 -65.04 18.64 -116.87
C SER R 112 -65.18 18.14 -115.45
N GLU R 113 -65.00 16.85 -115.22
CA GLU R 113 -65.20 16.25 -113.91
C GLU R 113 -63.93 16.19 -113.07
N ILE R 114 -62.83 16.80 -113.54
CA ILE R 114 -61.60 16.91 -112.77
C ILE R 114 -61.43 18.34 -112.24
N TRP R 115 -61.65 19.33 -113.07
CA TRP R 115 -61.45 20.73 -112.68
C TRP R 115 -62.71 21.38 -112.13
N ASP R 116 -63.83 20.67 -112.10
CA ASP R 116 -65.07 21.22 -111.58
C ASP R 116 -65.79 20.28 -110.63
N ASN R 117 -65.33 19.06 -110.44
CA ASN R 117 -65.96 18.11 -109.53
C ASN R 117 -65.02 17.53 -108.48
N MET R 118 -63.71 17.64 -108.65
CA MET R 118 -62.76 17.07 -107.71
C MET R 118 -61.95 18.16 -107.04
N THR R 119 -61.51 17.87 -105.81
CA THR R 119 -60.59 18.72 -105.08
C THR R 119 -59.18 18.14 -105.18
N TRP R 120 -58.20 18.98 -104.85
CA TRP R 120 -56.81 18.58 -105.04
C TRP R 120 -56.43 17.42 -104.12
N LEU R 121 -57.04 17.34 -102.93
CA LEU R 121 -56.77 16.21 -102.05
C LEU R 121 -57.33 14.91 -102.61
N GLN R 122 -58.52 14.96 -103.21
CA GLN R 122 -59.06 13.79 -103.89
C GLN R 122 -58.22 13.41 -105.09
N TRP R 123 -57.77 14.39 -105.86
CA TRP R 123 -56.96 14.11 -107.05
C TRP R 123 -55.63 13.49 -106.67
N ASP R 124 -55.00 13.99 -105.61
CA ASP R 124 -53.71 13.44 -105.20
C ASP R 124 -53.83 11.98 -104.81
N LYS R 125 -54.97 11.60 -104.21
CA LYS R 125 -55.17 10.21 -103.83
C LYS R 125 -55.24 9.31 -105.06
N GLU R 126 -55.88 9.78 -106.13
CA GLU R 126 -56.06 8.95 -107.31
C GLU R 126 -54.74 8.63 -107.98
N ILE R 127 -53.87 9.61 -108.14
CA ILE R 127 -52.63 9.46 -108.89
C ILE R 127 -51.41 9.41 -107.98
N SER R 128 -51.58 9.01 -106.73
CA SER R 128 -50.45 8.97 -105.80
C SER R 128 -49.41 7.94 -106.23
N ASN R 129 -49.83 6.88 -106.91
CA ASN R 129 -48.90 5.85 -107.37
C ASN R 129 -48.31 6.13 -108.73
N TYR R 130 -48.98 6.93 -109.56
CA TYR R 130 -48.46 7.33 -110.86
C TYR R 130 -47.60 8.59 -110.78
N THR R 131 -47.39 9.13 -109.58
CA THR R 131 -46.61 10.36 -109.44
C THR R 131 -45.17 10.16 -109.88
N GLN R 132 -44.55 9.06 -109.46
CA GLN R 132 -43.12 8.89 -109.74
C GLN R 132 -42.85 8.61 -111.21
N ILE R 133 -43.74 7.89 -111.89
CA ILE R 133 -43.52 7.66 -113.31
C ILE R 133 -43.75 8.94 -114.10
N ILE R 134 -44.69 9.78 -113.67
CA ILE R 134 -44.87 11.08 -114.33
C ILE R 134 -43.65 11.96 -114.11
N TYR R 135 -43.07 11.91 -112.91
CA TYR R 135 -41.91 12.75 -112.61
C TYR R 135 -40.73 12.40 -113.51
N GLY R 136 -40.51 11.12 -113.77
CA GLY R 136 -39.46 10.74 -114.68
C GLY R 136 -39.74 11.18 -116.11
N LEU R 137 -41.01 11.15 -116.51
CA LEU R 137 -41.37 11.59 -117.86
C LEU R 137 -41.09 13.07 -118.06
N LEU R 138 -41.41 13.90 -117.06
CA LEU R 138 -41.12 15.32 -117.16
C LEU R 138 -39.63 15.60 -117.13
N GLU R 139 -38.89 14.82 -116.34
CA GLU R 139 -37.45 15.04 -116.22
C GLU R 139 -36.73 14.76 -117.54
N GLU R 140 -37.11 13.69 -118.23
CA GLU R 140 -36.46 13.36 -119.50
C GLU R 140 -36.97 14.22 -120.65
N SER R 141 -38.23 14.62 -120.62
CA SER R 141 -38.77 15.44 -121.69
C SER R 141 -38.06 16.78 -121.78
N GLN R 142 -37.80 17.42 -120.63
CA GLN R 142 -37.04 18.66 -120.62
C GLN R 142 -35.60 18.43 -121.05
N ASN R 143 -35.01 17.32 -120.61
CA ASN R 143 -33.65 17.00 -121.03
C ASN R 143 -33.54 16.84 -122.54
N GLN R 144 -34.61 16.35 -123.17
CA GLN R 144 -34.64 16.32 -124.64
C GLN R 144 -34.81 17.73 -125.20
N GLN R 145 -35.59 18.57 -124.53
CA GLN R 145 -35.76 19.95 -125.01
C GLN R 145 -34.50 20.77 -124.81
N GLU R 146 -33.70 20.46 -123.80
CA GLU R 146 -32.45 21.18 -123.60
C GLU R 146 -31.50 20.95 -124.77
N LYS R 147 -31.37 19.71 -125.22
CA LYS R 147 -30.50 19.41 -126.35
C LYS R 147 -31.13 19.79 -127.68
N ASN R 148 -32.46 19.82 -127.77
CA ASN R 148 -33.11 20.25 -128.99
C ASN R 148 -32.90 21.74 -129.25
N GLU R 149 -33.03 22.56 -128.20
CA GLU R 149 -32.73 23.98 -128.35
C GLU R 149 -31.25 24.27 -128.40
N GLN R 150 -30.42 23.36 -127.89
CA GLN R 150 -28.98 23.51 -128.03
C GLN R 150 -28.53 23.31 -129.47
N ASP R 151 -29.15 22.36 -130.16
CA ASP R 151 -28.82 22.12 -131.57
C ASP R 151 -29.42 23.17 -132.49
N LEU R 152 -30.61 23.68 -132.16
CA LEU R 152 -31.22 24.71 -132.99
C LEU R 152 -30.40 25.99 -132.96
N LEU R 153 -29.87 26.35 -131.79
CA LEU R 153 -29.04 27.55 -131.67
C LEU R 153 -27.69 27.39 -132.36
N ALA R 154 -27.28 26.16 -132.66
CA ALA R 154 -25.98 25.94 -133.31
C ALA R 154 -25.99 26.35 -134.78
N LEU R 155 -27.15 26.42 -135.40
CA LEU R 155 -27.25 26.81 -136.80
C LEU R 155 -27.06 28.31 -136.96
N GLN S 1 23.87 12.97 -30.50
CA GLN S 1 23.92 11.59 -30.95
C GLN S 1 23.89 11.52 -32.48
N ALA S 2 23.67 12.68 -33.11
CA ALA S 2 23.67 12.80 -34.58
C ALA S 2 25.08 12.56 -35.11
N ARG S 3 25.27 11.48 -35.87
CA ARG S 3 26.60 11.16 -36.37
C ARG S 3 26.48 10.59 -37.78
N LEU S 4 27.56 10.74 -38.55
CA LEU S 4 27.69 10.12 -39.86
C LEU S 4 28.74 9.02 -39.74
N GLN S 5 28.31 7.77 -39.94
CA GLN S 5 29.18 6.61 -39.83
C GLN S 5 29.44 6.03 -41.20
N GLN S 6 30.72 5.80 -41.51
CA GLN S 6 31.12 5.12 -42.74
C GLN S 6 32.16 4.08 -42.41
N TRP S 7 32.13 2.97 -43.14
CA TRP S 7 32.92 1.79 -42.82
C TRP S 7 33.96 1.55 -43.89
N GLU S 8 35.05 0.90 -43.49
CA GLU S 8 36.16 0.67 -44.41
C GLU S 8 35.76 -0.27 -45.54
N GLY S 9 36.19 0.07 -46.75
CA GLY S 9 35.93 -0.73 -47.93
C GLY S 9 37.08 -1.63 -48.36
N ARG S 10 38.16 -1.68 -47.58
CA ARG S 10 39.34 -2.50 -47.83
C ARG S 10 40.08 -2.03 -49.08
N PRO S 11 41.36 -2.40 -49.24
CA PRO S 11 42.08 -2.02 -50.46
C PRO S 11 41.43 -2.59 -51.70
N LEU S 12 41.51 -1.84 -52.80
CA LEU S 12 40.90 -2.23 -54.06
C LEU S 12 41.94 -2.18 -55.17
N LYS S 13 41.75 -3.04 -56.17
CA LYS S 13 42.67 -3.10 -57.29
C LYS S 13 42.54 -1.87 -58.18
N PRO S 14 43.62 -1.44 -58.81
CA PRO S 14 43.56 -0.26 -59.68
C PRO S 14 42.65 -0.50 -60.88
N ALA S 15 42.09 0.59 -61.41
CA ALA S 15 41.18 0.57 -62.54
C ALA S 15 39.93 -0.26 -62.23
N GLU S 16 39.22 0.17 -61.20
CA GLU S 16 37.98 -0.48 -60.78
C GLU S 16 37.00 0.61 -60.37
N THR S 17 35.90 0.21 -59.73
CA THR S 17 34.87 1.12 -59.26
C THR S 17 34.99 1.28 -57.75
N LEU S 18 35.00 2.53 -57.29
CA LEU S 18 35.14 2.87 -55.88
C LEU S 18 33.75 3.13 -55.32
N SER S 19 33.24 2.19 -54.55
CA SER S 19 31.89 2.27 -53.98
C SER S 19 31.99 2.62 -52.51
N LEU S 20 31.52 3.81 -52.15
CA LEU S 20 31.47 4.27 -50.77
C LEU S 20 30.03 4.41 -50.32
N THR S 21 29.84 4.36 -49.01
CA THR S 21 28.52 4.50 -48.41
C THR S 21 28.65 5.10 -47.02
N CYS S 22 27.86 6.13 -46.75
CA CYS S 22 27.86 6.80 -45.47
C CYS S 22 26.53 6.58 -44.77
N GLY S 23 26.58 6.28 -43.47
CA GLY S 23 25.38 6.05 -42.69
C GLY S 23 25.01 7.28 -41.89
N VAL S 24 23.81 7.78 -42.13
CA VAL S 24 23.33 9.02 -41.53
C VAL S 24 22.39 8.65 -40.39
N HIS S 25 22.79 8.97 -39.16
CA HIS S 25 21.98 8.72 -37.98
C HIS S 25 21.82 10.02 -37.19
N GLY S 26 20.70 10.12 -36.50
CA GLY S 26 20.38 11.32 -35.74
C GLY S 26 19.55 12.29 -36.54
N VAL S 27 19.87 12.42 -37.82
CA VAL S 27 19.21 13.38 -38.75
C VAL S 27 18.88 12.57 -40.00
N GLY S 28 18.27 13.19 -41.00
CA GLY S 28 17.90 12.44 -42.21
C GLY S 28 18.43 13.14 -43.44
N LEU S 29 18.36 12.47 -44.59
CA LEU S 29 18.93 13.03 -45.80
C LEU S 29 18.20 14.27 -46.28
N GLY S 30 16.96 14.46 -45.86
CA GLY S 30 16.16 15.58 -46.41
C GLY S 30 16.62 16.91 -45.88
N GLY S 31 16.57 17.94 -46.73
CA GLY S 31 16.60 19.35 -46.29
C GLY S 31 17.98 19.91 -46.41
N SER S 32 18.98 19.13 -46.02
CA SER S 32 20.39 19.50 -46.19
C SER S 32 20.88 18.98 -47.53
N GLY S 33 22.18 19.08 -47.74
CA GLY S 33 22.83 18.46 -48.88
C GLY S 33 24.00 17.64 -48.40
N TRP S 34 24.36 16.63 -49.20
CA TRP S 34 25.34 15.64 -48.79
C TRP S 34 26.43 15.53 -49.83
N GLY S 35 27.68 15.66 -49.40
CA GLY S 35 28.82 15.66 -50.30
C GLY S 35 29.94 14.82 -49.76
N TRP S 36 31.03 14.78 -50.52
CA TRP S 36 32.18 13.93 -50.21
C TRP S 36 33.45 14.76 -50.22
N ILE S 37 34.28 14.57 -49.20
CA ILE S 37 35.56 15.25 -49.07
C ILE S 37 36.64 14.19 -48.84
N ARG S 38 37.76 14.32 -49.54
CA ARG S 38 38.87 13.39 -49.40
C ARG S 38 40.06 14.10 -48.77
N GLN S 39 41.10 13.32 -48.49
CA GLN S 39 42.34 13.88 -47.98
C GLN S 39 43.51 12.96 -48.29
N PRO S 40 44.27 13.24 -49.35
CA PRO S 40 45.46 12.44 -49.62
C PRO S 40 46.44 12.55 -48.47
N PRO S 41 47.20 11.49 -48.19
CA PRO S 41 48.12 11.52 -47.05
C PRO S 41 49.14 12.64 -47.18
N GLY S 42 49.42 13.31 -46.06
CA GLY S 42 50.37 14.39 -46.04
C GLY S 42 49.98 15.59 -46.86
N GLN S 43 48.70 15.73 -47.20
CA GLN S 43 48.22 16.83 -48.04
C GLN S 43 46.95 17.41 -47.42
N GLY S 44 46.41 18.42 -48.09
CA GLY S 44 45.18 19.04 -47.65
C GLY S 44 43.96 18.34 -48.19
N LEU S 45 42.80 18.87 -47.81
CA LEU S 45 41.54 18.28 -48.22
C LEU S 45 41.17 18.69 -49.64
N GLN S 46 40.37 17.85 -50.29
CA GLN S 46 39.93 18.10 -51.66
C GLN S 46 38.44 17.86 -51.77
N TRP S 47 37.75 18.73 -52.49
CA TRP S 47 36.32 18.61 -52.71
C TRP S 47 36.06 17.69 -53.91
N ILE S 48 35.22 16.68 -53.71
CA ILE S 48 34.86 15.77 -54.79
C ILE S 48 33.55 16.21 -55.43
N GLY S 49 32.49 16.27 -54.63
CA GLY S 49 31.21 16.68 -55.16
C GLY S 49 30.17 16.65 -54.06
N GLU S 50 28.99 17.22 -54.38
CA GLU S 50 27.87 17.32 -53.42
C GLU S 50 26.54 17.21 -54.16
N ILE S 51 25.50 16.79 -53.45
CA ILE S 51 24.13 16.93 -53.90
C ILE S 51 23.46 17.97 -53.03
N ASP S 52 22.91 19.01 -53.65
CA ASP S 52 22.35 20.11 -52.82
C ASP S 52 20.90 19.80 -52.49
N HIS S 53 20.26 20.66 -51.70
CA HIS S 53 18.93 20.41 -51.15
C HIS S 53 17.90 20.16 -52.25
N ASP S 54 18.19 20.71 -53.43
CA ASP S 54 17.30 20.75 -54.61
C ASP S 54 17.34 19.39 -55.31
N GLY S 55 18.39 18.62 -55.01
CA GLY S 55 18.64 17.34 -55.71
C GLY S 55 19.57 17.53 -56.89
N SER S 56 20.47 18.50 -56.82
CA SER S 56 21.29 18.86 -57.99
C SER S 56 22.76 18.59 -57.70
N HIS S 57 23.46 18.00 -58.67
CA HIS S 57 24.74 17.29 -58.41
C HIS S 57 25.90 18.19 -58.81
N LYS S 58 26.52 18.85 -57.84
CA LYS S 58 27.75 19.62 -58.12
C LYS S 58 28.93 18.65 -58.09
N HIS S 59 29.80 18.69 -59.11
CA HIS S 59 30.95 17.77 -59.25
C HIS S 59 32.21 18.59 -59.45
N ASN S 60 33.36 18.10 -58.99
CA ASN S 60 34.62 18.80 -59.18
C ASN S 60 35.08 18.68 -60.62
N PRO S 61 35.59 19.76 -61.22
CA PRO S 61 36.03 19.68 -62.62
C PRO S 61 37.16 18.69 -62.86
N ALA S 62 38.03 18.48 -61.87
CA ALA S 62 39.19 17.61 -62.08
C ALA S 62 38.77 16.18 -62.40
N LEU S 63 37.78 15.66 -61.68
CA LEU S 63 37.29 14.31 -61.91
C LEU S 63 36.18 14.38 -62.95
N ARG S 64 36.54 14.17 -64.22
CA ARG S 64 35.63 14.37 -65.32
C ARG S 64 35.00 13.04 -65.72
N SER S 65 33.66 12.98 -65.68
CA SER S 65 32.82 11.89 -66.16
C SER S 65 32.98 10.60 -65.36
N ARG S 66 33.88 10.56 -64.38
CA ARG S 66 34.06 9.39 -63.53
C ARG S 66 33.34 9.53 -62.21
N LEU S 67 32.54 10.58 -62.03
CA LEU S 67 31.84 10.84 -60.79
C LEU S 67 30.36 10.49 -60.93
N SER S 68 29.81 9.91 -59.87
CA SER S 68 28.39 9.62 -59.79
C SER S 68 28.02 9.37 -58.35
N MET S 69 27.02 10.08 -57.85
CA MET S 69 26.57 9.97 -56.48
C MET S 69 25.06 9.74 -56.45
N SER S 70 24.60 9.17 -55.34
CA SER S 70 23.18 8.92 -55.17
C SER S 70 22.84 8.95 -53.69
N LEU S 71 21.56 9.17 -53.40
CA LEU S 71 21.06 9.25 -52.03
C LEU S 71 20.02 8.16 -51.83
N ASP S 72 20.21 7.34 -50.80
CA ASP S 72 19.28 6.27 -50.45
C ASP S 72 18.37 6.81 -49.34
N THR S 73 17.26 7.43 -49.76
CA THR S 73 16.36 8.06 -48.79
C THR S 73 15.76 7.01 -47.85
N SER S 74 15.45 5.83 -48.38
CA SER S 74 14.85 4.79 -47.55
C SER S 74 15.81 4.31 -46.47
N ARG S 75 17.09 4.12 -46.81
CA ARG S 75 18.09 3.63 -45.87
C ARG S 75 18.92 4.75 -45.24
N ASN S 76 18.70 6.00 -45.64
CA ASN S 76 19.46 7.15 -45.14
C ASN S 76 20.97 6.94 -45.37
N GLN S 77 21.33 6.72 -46.63
CA GLN S 77 22.71 6.46 -47.00
C GLN S 77 23.10 7.28 -48.21
N VAL S 78 24.35 7.74 -48.21
CA VAL S 78 24.93 8.52 -49.30
C VAL S 78 26.00 7.66 -49.96
N SER S 79 25.97 7.59 -51.29
CA SER S 79 26.83 6.68 -52.04
C SER S 79 27.75 7.45 -52.96
N LEU S 80 28.94 6.89 -53.16
CA LEU S 80 29.92 7.39 -54.11
C LEU S 80 30.36 6.25 -55.02
N ARG S 81 30.48 6.53 -56.32
CA ARG S 81 30.78 5.51 -57.31
C ARG S 81 31.88 5.98 -58.26
N LEU S 82 32.98 6.47 -57.69
CA LEU S 82 34.15 6.84 -58.50
C LEU S 82 34.65 5.64 -59.28
N THR S 83 34.91 5.84 -60.58
CA THR S 83 35.33 4.78 -61.48
C THR S 83 36.75 5.03 -61.98
N SER S 84 37.37 3.97 -62.49
CA SER S 84 38.72 4.02 -63.05
C SER S 84 39.72 4.59 -62.03
N VAL S 85 39.76 3.97 -60.85
CA VAL S 85 40.55 4.50 -59.76
C VAL S 85 42.03 4.32 -60.06
N THR S 86 42.80 5.39 -59.94
CA THR S 86 44.24 5.39 -60.16
C THR S 86 44.94 5.53 -58.81
N ALA S 87 46.24 5.23 -58.81
CA ALA S 87 47.02 5.28 -57.57
C ALA S 87 46.98 6.65 -56.90
N ALA S 88 46.75 7.72 -57.66
CA ALA S 88 46.67 9.05 -57.10
C ALA S 88 45.40 9.26 -56.28
N ASP S 89 44.44 8.35 -56.35
CA ASP S 89 43.18 8.46 -55.62
C ASP S 89 43.25 7.82 -54.24
N THR S 90 44.45 7.55 -53.73
CA THR S 90 44.63 6.96 -52.40
C THR S 90 44.45 8.07 -51.37
N ALA S 91 43.28 8.09 -50.73
CA ALA S 91 42.98 9.15 -49.77
C ALA S 91 41.88 8.66 -48.84
N ILE S 92 41.76 9.35 -47.71
CA ILE S 92 40.70 9.10 -46.74
C ILE S 92 39.47 9.87 -47.19
N TYR S 93 38.37 9.17 -47.42
CA TYR S 93 37.15 9.77 -47.93
C TYR S 93 36.19 10.08 -46.79
N TYR S 94 35.68 11.31 -46.75
CA TYR S 94 34.75 11.76 -45.74
C TYR S 94 33.40 12.06 -46.37
N CYS S 95 32.33 11.74 -45.64
CA CYS S 95 30.98 12.12 -46.01
C CYS S 95 30.56 13.30 -45.15
N VAL S 96 30.06 14.36 -45.80
CA VAL S 96 29.74 15.59 -45.11
C VAL S 96 28.31 16.00 -45.42
N ARG S 97 27.73 16.77 -44.51
CA ARG S 97 26.41 17.40 -44.68
C ARG S 97 26.60 18.89 -44.92
N VAL S 98 26.41 19.38 -46.15
CA VAL S 98 26.46 20.82 -46.39
C VAL S 98 25.14 21.42 -45.92
N TYR S 99 25.19 22.08 -44.77
CA TYR S 99 23.95 22.65 -44.18
C TYR S 99 23.79 24.06 -44.70
N ARG S 100 22.56 24.49 -44.94
CA ARG S 100 22.20 25.81 -45.44
C ARG S 100 21.75 26.69 -44.29
N GLU S 101 22.49 27.76 -44.03
CA GLU S 101 22.01 28.84 -43.14
C GLU S 101 21.91 30.10 -43.98
N LYS S 102 20.87 30.89 -43.80
CA LYS S 102 20.68 32.11 -44.55
C LYS S 102 21.33 33.28 -43.82
N PHE S 103 22.30 33.92 -44.48
CA PHE S 103 22.97 35.10 -43.96
C PHE S 103 22.55 36.30 -44.77
N LEU S 104 22.17 37.38 -44.09
CA LEU S 104 21.65 38.57 -44.73
C LEU S 104 22.77 39.60 -44.84
N ILE S 105 23.32 39.75 -46.04
CA ILE S 105 24.14 40.90 -46.38
C ILE S 105 23.18 42.07 -46.46
N GLY S 106 23.70 43.29 -46.60
CA GLY S 106 22.90 44.50 -46.50
C GLY S 106 21.51 44.43 -47.09
N GLU S 107 21.38 43.85 -48.28
CA GLU S 107 20.07 43.74 -48.92
C GLU S 107 19.83 42.38 -49.55
N PHE S 108 20.78 41.47 -49.50
CA PHE S 108 20.74 40.21 -50.23
C PHE S 108 20.72 39.04 -49.26
N LEU S 109 19.84 38.08 -49.52
CA LEU S 109 19.74 36.85 -48.73
C LEU S 109 20.33 35.69 -49.51
N THR S 110 21.22 34.93 -48.87
CA THR S 110 21.91 33.84 -49.52
C THR S 110 21.74 32.56 -48.72
N ASP S 111 21.74 31.43 -49.42
CA ASP S 111 21.87 30.12 -48.79
C ASP S 111 23.36 29.80 -48.69
N TYR S 112 23.87 29.75 -47.46
CA TYR S 112 25.28 29.50 -47.21
C TYR S 112 25.47 28.05 -46.78
N ARG S 113 26.29 27.32 -47.52
CA ARG S 113 26.54 25.90 -47.28
C ARG S 113 27.91 25.74 -46.65
N PHE S 114 27.96 25.04 -45.51
CA PHE S 114 29.15 25.06 -44.63
C PHE S 114 29.46 23.70 -44.01
N MET S 115 29.12 22.57 -44.65
CA MET S 115 29.59 21.23 -44.26
C MET S 115 29.52 21.04 -42.74
N ASP S 116 28.30 20.98 -42.20
CA ASP S 116 28.05 21.04 -40.74
C ASP S 116 28.73 19.85 -40.07
N MET S 117 28.53 18.67 -40.65
CA MET S 117 28.71 17.36 -39.97
C MET S 117 29.55 16.44 -40.86
N TRP S 118 30.64 15.94 -40.29
CA TRP S 118 31.68 15.19 -40.97
C TRP S 118 31.58 13.72 -40.61
N GLY S 119 32.01 12.86 -41.54
CA GLY S 119 32.11 11.45 -41.29
C GLY S 119 33.33 11.14 -40.42
N THR S 120 33.59 9.84 -40.26
CA THR S 120 34.70 9.39 -39.44
C THR S 120 35.96 9.12 -40.24
N GLY S 121 35.83 8.62 -41.46
CA GLY S 121 37.00 8.35 -42.28
C GLY S 121 37.03 6.95 -42.85
N THR S 122 37.29 6.84 -44.16
CA THR S 122 37.41 5.56 -44.83
C THR S 122 38.73 5.57 -45.61
N THR S 123 39.77 4.99 -45.04
CA THR S 123 41.08 4.96 -45.68
C THR S 123 41.01 4.04 -46.89
N VAL S 124 41.09 4.62 -48.09
CA VAL S 124 41.05 3.88 -49.34
C VAL S 124 42.46 3.85 -49.92
N ILE S 125 42.98 2.65 -50.12
CA ILE S 125 44.31 2.45 -50.67
C ILE S 125 44.19 1.52 -51.87
N VAL S 126 44.83 1.90 -52.98
CA VAL S 126 44.80 1.11 -54.21
C VAL S 126 46.22 0.67 -54.53
N SER S 127 46.38 -0.62 -54.81
CA SER S 127 47.67 -1.19 -55.16
C SER S 127 47.50 -2.44 -56.02
N ALA S 129 50.38 -4.46 -55.28
CA ALA S 129 51.00 -5.41 -54.37
C ALA S 129 49.96 -6.30 -53.71
N SER S 130 50.43 -7.47 -53.25
CA SER S 130 49.63 -8.40 -52.47
C SER S 130 50.09 -8.38 -51.03
N THR S 131 49.18 -8.77 -50.12
CA THR S 131 49.52 -8.84 -48.71
C THR S 131 50.82 -9.60 -48.50
N LYS S 132 51.73 -8.99 -47.74
CA LYS S 132 53.04 -9.58 -47.51
C LYS S 132 53.53 -9.15 -46.14
N GLY S 133 53.96 -10.12 -45.33
CA GLY S 133 54.50 -9.81 -44.03
C GLY S 133 55.92 -9.30 -44.15
N PRO S 134 56.40 -8.58 -43.13
CA PRO S 134 57.73 -8.00 -43.21
C PRO S 134 58.84 -9.00 -42.90
N SER S 135 60.03 -8.66 -43.35
CA SER S 135 61.27 -9.25 -42.85
C SER S 135 61.83 -8.27 -41.83
N VAL S 136 62.27 -8.79 -40.68
CA VAL S 136 62.71 -7.92 -39.58
C VAL S 136 64.21 -8.15 -39.37
N PHE S 137 64.99 -7.08 -39.53
CA PHE S 137 66.44 -7.15 -39.44
C PHE S 137 66.93 -6.33 -38.26
N PRO S 138 67.97 -6.77 -37.57
CA PRO S 138 68.52 -5.97 -36.47
C PRO S 138 69.27 -4.75 -36.97
N LEU S 139 69.15 -3.67 -36.22
CA LEU S 139 70.05 -2.51 -36.25
C LEU S 139 70.91 -2.64 -35.00
N ALA S 140 72.11 -3.19 -35.16
CA ALA S 140 72.78 -3.64 -33.96
C ALA S 140 73.76 -2.59 -33.47
N PRO S 141 73.86 -2.38 -32.15
CA PRO S 141 74.79 -1.43 -31.55
C PRO S 141 76.26 -1.85 -31.70
N GLY S 149 78.66 6.26 -23.17
CA GLY S 149 77.45 6.72 -22.51
C GLY S 149 76.18 6.04 -23.00
N THR S 150 75.67 6.50 -24.16
CA THR S 150 74.41 6.04 -24.72
C THR S 150 74.66 5.31 -26.04
N ALA S 151 73.97 4.18 -26.22
CA ALA S 151 74.00 3.42 -27.45
C ALA S 151 72.60 3.42 -28.09
N ALA S 152 72.56 3.30 -29.41
CA ALA S 152 71.32 3.12 -30.14
C ALA S 152 71.26 1.72 -30.74
N LEU S 153 70.08 1.11 -30.70
CA LEU S 153 69.82 -0.13 -31.39
C LEU S 153 68.42 -0.04 -31.97
N GLY S 154 68.04 -0.98 -32.81
CA GLY S 154 66.72 -0.92 -33.39
C GLY S 154 66.44 -2.13 -34.25
N CYS S 155 65.32 -2.04 -34.96
CA CYS S 155 64.87 -3.07 -35.89
C CYS S 155 64.46 -2.40 -37.18
N LEU S 156 64.82 -3.02 -38.29
CA LEU S 156 64.42 -2.58 -39.61
C LEU S 156 63.33 -3.52 -40.09
N VAL S 157 62.13 -2.98 -40.33
CA VAL S 157 60.95 -3.77 -40.65
C VAL S 157 60.69 -3.52 -42.14
N LYS S 158 61.12 -4.46 -42.99
CA LYS S 158 61.26 -4.18 -44.41
C LYS S 158 60.29 -5.04 -45.23
N ASP S 159 59.78 -4.44 -46.31
CA ASP S 159 59.12 -5.15 -47.41
C ASP S 159 57.80 -5.80 -46.97
N TYR S 160 56.89 -4.98 -46.46
CA TYR S 160 55.58 -5.47 -46.10
C TYR S 160 54.50 -4.69 -46.83
N PHE S 161 53.28 -5.25 -46.86
CA PHE S 161 52.14 -4.61 -47.48
C PHE S 161 50.87 -5.24 -46.95
N PRO S 162 49.82 -4.46 -46.66
CA PRO S 162 49.79 -2.99 -46.62
C PRO S 162 50.19 -2.49 -45.24
N GLU S 163 50.06 -1.17 -45.03
CA GLU S 163 50.13 -0.62 -43.70
C GLU S 163 48.95 -1.14 -42.87
N PRO S 164 49.05 -1.13 -41.54
CA PRO S 164 50.19 -0.68 -40.75
C PRO S 164 50.96 -1.80 -40.07
N VAL S 165 52.13 -1.45 -39.56
CA VAL S 165 52.93 -2.28 -38.66
C VAL S 165 52.99 -1.55 -37.33
N THR S 166 52.91 -2.29 -36.23
CA THR S 166 53.19 -1.71 -34.92
C THR S 166 54.44 -2.35 -34.33
N VAL S 167 55.15 -1.60 -33.50
CA VAL S 167 56.37 -2.07 -32.86
C VAL S 167 56.33 -1.67 -31.40
N SER S 168 56.65 -2.61 -30.52
CA SER S 168 56.93 -2.29 -29.14
C SER S 168 58.30 -2.87 -28.81
N TRP S 169 58.82 -2.51 -27.64
CA TRP S 169 60.10 -3.02 -27.19
C TRP S 169 59.92 -3.72 -25.85
N ASN S 170 60.51 -4.91 -25.74
CA ASN S 170 60.47 -5.72 -24.52
C ASN S 170 59.03 -5.88 -24.03
N SER S 171 58.16 -6.18 -24.99
CA SER S 171 56.73 -6.42 -24.73
C SER S 171 56.06 -5.20 -24.11
N GLY S 172 56.52 -4.00 -24.45
CA GLY S 172 55.94 -2.78 -23.90
C GLY S 172 56.58 -2.29 -22.61
N ALA S 173 57.52 -3.04 -22.05
CA ALA S 173 58.17 -2.66 -20.80
C ALA S 173 59.22 -1.58 -21.01
N LEU S 174 59.71 -1.44 -22.23
CA LEU S 174 60.70 -0.44 -22.60
C LEU S 174 60.00 0.61 -23.45
N THR S 175 59.81 1.81 -22.91
CA THR S 175 59.22 2.91 -23.68
C THR S 175 60.09 4.16 -23.72
N SER S 176 60.87 4.45 -22.68
CA SER S 176 61.72 5.63 -22.71
C SER S 176 62.78 5.50 -23.79
N GLY S 177 62.92 6.54 -24.59
CA GLY S 177 63.91 6.56 -25.64
C GLY S 177 63.55 5.85 -26.90
N VAL S 178 62.34 5.30 -27.01
CA VAL S 178 61.92 4.58 -28.21
C VAL S 178 61.43 5.57 -29.24
N HIS S 179 61.87 5.40 -30.49
CA HIS S 179 61.29 6.13 -31.61
C HIS S 179 60.92 5.13 -32.70
N THR S 180 59.65 5.10 -33.06
CA THR S 180 59.18 4.29 -34.18
C THR S 180 58.82 5.23 -35.31
N PHE S 181 59.49 5.11 -36.42
CA PHE S 181 59.38 6.10 -37.48
C PHE S 181 58.20 5.81 -38.39
N PRO S 182 57.68 6.84 -39.07
CA PRO S 182 56.68 6.60 -40.12
C PRO S 182 57.25 5.67 -41.18
N ALA S 183 56.41 4.78 -41.70
CA ALA S 183 56.88 3.94 -42.79
C ALA S 183 57.12 4.79 -44.03
N VAL S 184 58.01 4.32 -44.90
CA VAL S 184 58.15 4.88 -46.24
C VAL S 184 57.69 3.85 -47.24
N LEU S 185 57.13 4.33 -48.34
CA LEU S 185 56.72 3.48 -49.44
C LEU S 185 57.90 3.36 -50.40
N GLN S 186 58.45 2.16 -50.54
CA GLN S 186 59.63 2.02 -51.38
C GLN S 186 59.22 1.93 -52.85
N SER S 187 60.21 2.08 -53.73
CA SER S 187 59.93 2.03 -55.16
C SER S 187 59.39 0.69 -55.61
N SER S 188 59.60 -0.36 -54.82
CA SER S 188 59.04 -1.69 -55.07
C SER S 188 57.54 -1.76 -54.84
N GLY S 189 56.94 -0.73 -54.24
CA GLY S 189 55.58 -0.81 -53.80
C GLY S 189 55.38 -1.41 -52.43
N LEU S 190 56.47 -1.82 -51.77
CA LEU S 190 56.39 -2.36 -50.42
C LEU S 190 56.86 -1.31 -49.42
N TYR S 191 56.34 -1.40 -48.20
CA TYR S 191 56.70 -0.44 -47.16
C TYR S 191 57.91 -0.92 -46.36
N SER S 192 58.53 0.02 -45.67
CA SER S 192 59.62 -0.29 -44.76
C SER S 192 59.58 0.73 -43.64
N LEU S 193 59.84 0.29 -42.41
CA LEU S 193 60.02 1.27 -41.35
C LEU S 193 61.09 0.79 -40.40
N SER S 194 61.56 1.71 -39.58
CA SER S 194 62.52 1.39 -38.56
C SER S 194 61.99 1.84 -37.20
N SER S 195 62.33 1.08 -36.18
CA SER S 195 62.10 1.48 -34.80
C SER S 195 63.42 1.42 -34.05
N VAL S 196 63.71 2.43 -33.24
CA VAL S 196 64.97 2.47 -32.53
C VAL S 196 64.72 2.76 -31.05
N VAL S 197 65.75 2.51 -30.25
CA VAL S 197 65.73 2.89 -28.84
C VAL S 197 67.15 3.22 -28.43
N THR S 198 67.31 4.24 -27.59
CA THR S 198 68.60 4.57 -27.01
C THR S 198 68.65 4.05 -25.59
N VAL S 199 69.77 3.42 -25.23
CA VAL S 199 69.92 2.76 -23.94
C VAL S 199 71.33 3.03 -23.42
N PRO S 200 71.54 2.87 -22.12
CA PRO S 200 72.91 2.99 -21.59
C PRO S 200 73.81 1.95 -22.24
N SER S 201 74.97 2.41 -22.73
CA SER S 201 75.92 1.48 -23.35
C SER S 201 76.28 0.34 -22.41
N SER S 202 76.38 0.63 -21.12
CA SER S 202 76.73 -0.38 -20.14
C SER S 202 75.71 -1.50 -20.03
N SER S 203 74.51 -1.34 -20.58
CA SER S 203 73.50 -2.38 -20.49
C SER S 203 73.51 -3.36 -21.65
N LEU S 204 74.35 -3.12 -22.67
CA LEU S 204 74.25 -3.89 -23.92
C LEU S 204 74.60 -5.37 -23.72
N GLY S 205 75.50 -5.69 -22.83
CA GLY S 205 75.79 -7.11 -22.68
C GLY S 205 74.94 -7.81 -21.65
N THR S 206 74.16 -7.08 -20.88
CA THR S 206 73.43 -7.68 -19.77
C THR S 206 71.92 -7.66 -19.94
N GLN S 207 71.37 -6.59 -20.50
CA GLN S 207 69.93 -6.48 -20.69
C GLN S 207 69.58 -6.94 -22.09
N THR S 208 68.52 -7.75 -22.19
CA THR S 208 68.01 -8.24 -23.45
C THR S 208 67.06 -7.22 -24.05
N TYR S 209 67.20 -6.97 -25.36
CA TYR S 209 66.35 -6.03 -26.08
C TYR S 209 65.67 -6.76 -27.23
N ILE S 210 64.34 -6.74 -27.23
CA ILE S 210 63.53 -7.45 -28.21
C ILE S 210 62.53 -6.45 -28.79
N CYS S 211 62.52 -6.31 -30.12
CA CYS S 211 61.50 -5.50 -30.75
C CYS S 211 60.34 -6.41 -31.15
N ASN S 212 59.14 -6.03 -30.73
CA ASN S 212 57.93 -6.81 -31.00
C ASN S 212 57.22 -6.16 -32.18
N VAL S 213 57.30 -6.81 -33.33
CA VAL S 213 56.74 -6.32 -34.59
C VAL S 213 55.44 -7.05 -34.83
N ASN S 214 54.38 -6.29 -35.12
CA ASN S 214 53.08 -6.88 -35.42
C ASN S 214 52.58 -6.33 -36.75
N HIS S 215 52.32 -7.23 -37.70
CA HIS S 215 51.73 -6.85 -38.98
C HIS S 215 50.38 -7.57 -39.11
N LYS S 216 49.32 -6.91 -38.62
CA LYS S 216 48.01 -7.52 -38.59
C LYS S 216 47.52 -7.98 -39.96
N PRO S 217 47.70 -7.23 -41.06
CA PRO S 217 47.11 -7.68 -42.33
C PRO S 217 47.57 -9.05 -42.79
N SER S 218 48.78 -9.49 -42.42
CA SER S 218 49.27 -10.81 -42.78
C SER S 218 49.33 -11.77 -41.59
N ASN S 219 48.82 -11.36 -40.42
CA ASN S 219 48.93 -12.17 -39.19
C ASN S 219 50.38 -12.51 -38.87
N THR S 220 51.29 -11.56 -39.07
CA THR S 220 52.71 -11.77 -38.82
C THR S 220 53.10 -11.08 -37.53
N LYS S 221 53.63 -11.85 -36.58
CA LYS S 221 54.23 -11.32 -35.36
C LYS S 221 55.65 -11.84 -35.26
N VAL S 222 56.59 -10.94 -35.01
CA VAL S 222 58.01 -11.24 -34.88
C VAL S 222 58.51 -10.59 -33.60
N ASP S 223 59.22 -11.36 -32.78
CA ASP S 223 59.93 -10.85 -31.59
C ASP S 223 61.41 -11.02 -31.88
N LYS S 224 62.05 -9.94 -32.32
CA LYS S 224 63.43 -10.00 -32.80
C LYS S 224 64.37 -9.54 -31.70
N ARG S 225 65.20 -10.47 -31.21
CA ARG S 225 66.31 -10.12 -30.33
C ARG S 225 67.35 -9.33 -31.10
N VAL S 226 67.74 -8.18 -30.56
CA VAL S 226 68.76 -7.32 -31.15
C VAL S 226 69.98 -7.37 -30.25
N GLU S 227 70.99 -8.10 -30.68
CA GLU S 227 72.22 -8.19 -29.94
C GLU S 227 73.29 -7.39 -30.64
N PRO S 228 74.30 -6.91 -29.93
CA PRO S 228 75.50 -6.40 -30.62
C PRO S 228 76.02 -7.46 -31.58
N LYS S 229 76.50 -7.02 -32.73
CA LYS S 229 77.04 -7.96 -33.74
C LYS S 229 78.21 -8.81 -33.21
N ALA T 1 38.32 29.31 -61.56
CA ALA T 1 38.11 29.00 -60.15
C ALA T 1 38.74 30.06 -59.25
N ILE T 2 38.57 29.88 -57.95
CA ILE T 2 39.11 30.80 -56.94
C ILE T 2 40.19 30.08 -56.16
N GLN T 3 41.34 30.72 -56.02
CA GLN T 3 42.47 30.15 -55.28
C GLN T 3 42.64 30.90 -53.96
N LEU T 4 42.70 30.16 -52.87
CA LEU T 4 42.91 30.74 -51.55
C LEU T 4 44.36 30.51 -51.14
N THR T 5 45.05 31.60 -50.80
CA THR T 5 46.45 31.54 -50.39
C THR T 5 46.50 31.79 -48.88
N GLN T 6 47.06 30.83 -48.15
CA GLN T 6 47.13 30.89 -46.69
C GLN T 6 48.60 30.94 -46.28
N ALA T 7 48.98 32.00 -45.59
CA ALA T 7 50.35 32.21 -45.14
C ALA T 7 50.34 32.80 -43.74
N PRO T 8 51.37 32.53 -42.93
CA PRO T 8 52.53 31.67 -43.20
C PRO T 8 52.18 30.19 -43.06
N LEU T 9 52.85 29.31 -43.81
CA LEU T 9 52.51 27.89 -43.80
C LEU T 9 52.85 27.21 -42.48
N THR T 10 53.61 27.87 -41.61
CA THR T 10 53.98 27.26 -40.33
C THR T 10 54.30 28.39 -39.36
N VAL T 11 53.45 28.55 -38.35
CA VAL T 11 53.64 29.57 -37.31
C VAL T 11 53.77 28.86 -35.98
N SER T 12 54.78 29.24 -35.20
CA SER T 12 55.10 28.60 -33.94
C SER T 12 54.93 29.59 -32.80
N ALA T 13 54.24 29.16 -31.74
CA ALA T 13 54.06 29.98 -30.56
C ALA T 13 53.85 29.08 -29.36
N SER T 14 54.14 29.61 -28.18
CA SER T 14 54.01 28.84 -26.95
C SER T 14 52.61 28.98 -26.38
N ILE T 15 52.35 28.26 -25.30
CA ILE T 15 51.02 28.28 -24.68
C ILE T 15 50.78 29.64 -24.04
N GLY T 16 49.65 30.27 -24.40
CA GLY T 16 49.30 31.55 -23.85
C GLY T 16 49.74 32.72 -24.70
N ASP T 17 49.66 32.57 -26.02
CA ASP T 17 50.03 33.62 -26.97
C ASP T 17 48.82 33.98 -27.83
N THR T 18 49.02 34.96 -28.72
CA THR T 18 48.00 35.38 -29.66
C THR T 18 48.57 35.30 -31.06
N ILE T 19 47.89 34.58 -31.95
CA ILE T 19 48.33 34.38 -33.31
C ILE T 19 47.26 34.89 -34.25
N THR T 20 47.70 35.40 -35.41
CA THR T 20 46.82 35.80 -36.49
C THR T 20 47.16 34.99 -37.73
N LEU T 21 46.16 34.35 -38.32
CA LEU T 21 46.32 33.56 -39.53
C LEU T 21 45.69 34.31 -40.70
N THR T 22 46.35 34.29 -41.85
CA THR T 22 45.90 35.01 -43.02
C THR T 22 45.49 34.04 -44.11
N CYS T 23 44.37 34.34 -44.76
CA CYS T 23 43.90 33.58 -45.93
C CYS T 23 43.50 34.59 -46.99
N ARG T 24 44.32 34.73 -48.02
CA ARG T 24 44.08 35.68 -49.10
C ARG T 24 43.40 34.98 -50.27
N ALA T 25 42.30 35.56 -50.74
CA ALA T 25 41.58 35.01 -51.88
C ALA T 25 42.07 35.63 -53.18
N SER T 26 41.72 35.00 -54.30
CA SER T 26 42.07 35.54 -55.60
C SER T 26 41.13 36.67 -55.99
N GLN T 27 39.84 36.37 -56.11
CA GLN T 27 38.83 37.37 -56.36
C GLN T 27 38.29 37.88 -55.04
N ASP T 28 37.19 38.62 -55.07
CA ASP T 28 36.47 39.01 -53.88
C ASP T 28 35.35 38.00 -53.64
N ILE T 29 35.45 37.26 -52.55
CA ILE T 29 34.47 36.23 -52.23
C ILE T 29 33.46 36.71 -51.18
N SER T 30 33.28 38.02 -51.06
CA SER T 30 32.41 38.63 -50.05
C SER T 30 32.90 38.15 -48.69
N ILE T 31 32.03 37.70 -47.80
CA ILE T 31 32.44 37.23 -46.48
C ILE T 31 32.33 35.72 -46.36
N TRP T 32 31.98 35.01 -47.44
CA TRP T 32 31.78 33.56 -47.40
C TRP T 32 33.13 32.85 -47.37
N LEU T 33 33.65 32.67 -46.16
CA LEU T 33 34.88 31.90 -45.97
C LEU T 33 34.87 31.29 -44.58
N SER T 34 34.83 29.97 -44.52
CA SER T 34 34.78 29.25 -43.26
C SER T 34 36.14 28.65 -42.92
N TRP T 35 36.38 28.47 -41.62
CA TRP T 35 37.66 28.01 -41.09
C TRP T 35 37.49 26.64 -40.45
N TYR T 36 38.39 25.72 -40.77
CA TYR T 36 38.36 24.37 -40.25
C TYR T 36 39.69 24.02 -39.60
N ARG T 37 39.63 23.31 -38.48
CA ARG T 37 40.81 22.90 -37.73
C ARG T 37 40.93 21.39 -37.76
N GLN T 38 42.10 20.89 -38.16
CA GLN T 38 42.35 19.45 -38.24
C GLN T 38 43.41 19.08 -37.22
N MET T 39 43.00 18.49 -36.11
CA MET T 39 43.94 17.92 -35.17
C MET T 39 44.67 16.76 -35.83
N PRO T 40 45.99 16.63 -35.63
CA PRO T 40 46.76 15.56 -36.29
C PRO T 40 46.19 14.18 -36.06
N GLY T 41 45.70 13.55 -37.14
CA GLY T 41 45.13 12.22 -37.08
C GLY T 41 43.62 12.19 -36.97
N LYS T 42 43.01 13.29 -36.54
CA LYS T 42 41.57 13.36 -36.39
C LYS T 42 40.94 13.91 -37.66
N ALA T 43 39.66 14.28 -37.60
CA ALA T 43 38.94 14.87 -38.71
C ALA T 43 38.79 16.37 -38.52
N PRO T 44 38.77 17.14 -39.61
CA PRO T 44 38.60 18.60 -39.48
C PRO T 44 37.25 18.95 -38.87
N GLU T 45 37.22 20.06 -38.14
CA GLU T 45 36.02 20.54 -37.50
C GLU T 45 35.83 22.02 -37.79
N LEU T 46 34.57 22.44 -37.85
CA LEU T 46 34.26 23.83 -38.14
C LEU T 46 34.55 24.72 -36.94
N LEU T 47 35.32 25.79 -37.16
CA LEU T 47 35.52 26.81 -36.15
C LEU T 47 34.68 28.06 -36.43
N ILE T 48 34.89 28.67 -37.59
CA ILE T 48 34.25 29.94 -37.95
C ILE T 48 33.63 29.79 -39.32
N TYR T 49 32.40 30.24 -39.45
CA TYR T 49 31.72 30.31 -40.76
C TYR T 49 31.37 31.76 -41.04
N ALA T 50 31.25 32.12 -42.32
CA ALA T 50 31.01 33.49 -42.77
C ALA T 50 32.09 34.44 -42.28
N ALA T 51 33.27 33.91 -41.96
CA ALA T 51 34.47 34.63 -41.57
C ALA T 51 34.34 35.37 -40.24
N SER T 52 33.17 35.37 -39.63
CA SER T 52 33.01 36.06 -38.34
C SER T 52 32.21 35.30 -37.31
N THR T 53 31.37 34.34 -37.69
CA THR T 53 30.46 33.69 -36.75
C THR T 53 31.13 32.47 -36.13
N LEU T 54 31.07 32.38 -34.81
CA LEU T 54 31.66 31.27 -34.09
C LEU T 54 30.72 30.08 -34.06
N ARG T 55 31.27 28.88 -34.32
CA ARG T 55 30.47 27.64 -34.28
C ARG T 55 30.03 27.38 -32.84
N GLY T 56 28.90 26.71 -32.67
CA GLY T 56 28.37 26.38 -31.33
C GLY T 56 29.31 25.48 -30.58
N GLY T 57 29.93 25.99 -29.52
CA GLY T 57 30.86 25.23 -28.72
C GLY T 57 32.30 25.71 -28.83
N VAL T 58 32.63 26.44 -29.90
CA VAL T 58 33.98 27.00 -30.02
C VAL T 58 34.16 28.10 -28.98
N PRO T 59 35.27 28.13 -28.24
CA PRO T 59 35.45 29.18 -27.23
C PRO T 59 35.55 30.55 -27.86
N SER T 60 35.21 31.57 -27.06
CA SER T 60 35.17 32.95 -27.54
C SER T 60 36.54 33.49 -27.92
N ARG T 61 37.62 32.78 -27.58
CA ARG T 61 38.95 33.21 -27.97
C ARG T 61 39.11 33.28 -29.48
N PHE T 62 38.55 32.30 -30.20
CA PHE T 62 38.63 32.30 -31.65
C PHE T 62 37.79 33.44 -32.23
N SER T 63 38.31 34.07 -33.29
CA SER T 63 37.62 35.18 -33.92
C SER T 63 38.19 35.42 -35.30
N GLY T 64 37.32 35.75 -36.25
CA GLY T 64 37.72 36.13 -37.59
C GLY T 64 37.34 37.57 -37.89
N ALA T 65 37.71 38.02 -39.08
CA ALA T 65 37.45 39.39 -39.50
C ALA T 65 37.55 39.48 -41.01
N ARG T 66 37.25 40.68 -41.53
CA ARG T 66 37.41 41.07 -42.92
C ARG T 66 36.38 40.42 -43.84
N SER T 67 35.88 41.19 -44.82
CA SER T 67 34.91 40.70 -45.79
C SER T 67 35.32 41.00 -47.22
N GLY T 68 36.62 41.20 -47.46
CA GLY T 68 37.12 41.49 -48.79
C GLY T 68 37.95 40.36 -49.36
N THR T 69 39.27 40.49 -49.26
CA THR T 69 40.20 39.50 -49.79
C THR T 69 41.14 38.94 -48.74
N ASP T 70 41.64 39.78 -47.82
CA ASP T 70 42.60 39.34 -46.81
C ASP T 70 41.86 38.95 -45.54
N PHE T 71 41.33 37.73 -45.54
CA PHE T 71 40.66 37.20 -44.36
C PHE T 71 41.66 36.82 -43.28
N SER T 72 41.28 37.04 -42.03
CA SER T 72 42.17 36.79 -40.90
C SER T 72 41.43 36.05 -39.80
N LEU T 73 42.16 35.19 -39.10
CA LEU T 73 41.66 34.49 -37.92
C LEU T 73 42.63 34.74 -36.77
N LYS T 74 42.08 35.08 -35.60
CA LYS T 74 42.89 35.41 -34.43
C LYS T 74 42.57 34.43 -33.30
N ILE T 75 43.61 33.85 -32.71
CA ILE T 75 43.47 32.95 -31.58
C ILE T 75 44.07 33.63 -30.35
N LYS T 76 43.33 33.62 -29.25
CA LYS T 76 43.79 34.16 -27.99
C LYS T 76 43.86 33.05 -26.95
N ASN T 77 44.81 33.18 -26.02
CA ASN T 77 44.99 32.23 -24.92
C ASN T 77 45.20 30.82 -25.47
N LEU T 78 46.33 30.66 -26.16
CA LEU T 78 46.66 29.38 -26.79
C LEU T 78 46.68 28.25 -25.76
N GLN T 79 46.13 27.12 -26.16
CA GLN T 79 46.11 25.89 -25.38
C GLN T 79 46.60 24.75 -26.27
N PRO T 80 47.03 23.63 -25.68
CA PRO T 80 47.56 22.54 -26.50
C PRO T 80 46.60 22.03 -27.56
N GLU T 81 45.29 22.15 -27.33
CA GLU T 81 44.32 21.69 -28.32
C GLU T 81 44.25 22.61 -29.54
N ASP T 82 44.86 23.79 -29.50
CA ASP T 82 44.86 24.69 -30.63
C ASP T 82 46.01 24.44 -31.61
N PHE T 83 46.96 23.56 -31.26
CA PHE T 83 48.11 23.27 -32.11
C PHE T 83 47.71 22.23 -33.14
N ALA T 84 47.02 22.69 -34.19
CA ALA T 84 46.56 21.82 -35.25
C ALA T 84 46.74 22.55 -36.58
N THR T 85 46.24 21.95 -37.65
CA THR T 85 46.33 22.52 -38.98
C THR T 85 45.00 23.18 -39.33
N TYR T 86 45.05 24.47 -39.65
CA TYR T 86 43.86 25.25 -39.95
C TYR T 86 43.71 25.41 -41.46
N TYR T 87 42.47 25.33 -41.93
CA TYR T 87 42.17 25.47 -43.35
C TYR T 87 41.06 26.51 -43.53
N CYS T 88 41.19 27.31 -44.59
CA CYS T 88 40.17 28.28 -44.96
C CYS T 88 39.50 27.80 -46.24
N PHE T 89 38.16 27.80 -46.23
CA PHE T 89 37.36 27.23 -47.31
C PHE T 89 36.38 28.29 -47.78
N GLN T 90 36.42 28.61 -49.06
CA GLN T 90 35.50 29.59 -49.63
C GLN T 90 34.23 28.90 -50.13
N SER T 91 33.15 29.67 -50.17
CA SER T 91 31.87 29.15 -50.62
C SER T 91 31.17 30.10 -51.58
N ASP T 92 31.93 30.91 -52.32
CA ASP T 92 31.33 31.84 -53.26
C ASP T 92 31.05 31.19 -54.61
N SER T 93 32.10 30.68 -55.27
CA SER T 93 31.97 30.05 -56.57
C SER T 93 31.93 28.54 -56.41
N TYR T 94 31.16 27.89 -57.28
CA TYR T 94 30.89 26.43 -57.18
C TYR T 94 32.14 25.57 -57.36
N PRO T 95 33.15 25.87 -58.20
CA PRO T 95 34.47 25.25 -58.00
C PRO T 95 35.03 25.65 -56.64
N ARG T 96 34.63 24.93 -55.59
CA ARG T 96 35.07 25.19 -54.22
C ARG T 96 36.56 24.91 -54.07
N ALA T 97 37.19 25.63 -53.15
CA ALA T 97 38.62 25.48 -52.92
C ALA T 97 38.93 25.61 -51.44
N PHE T 98 40.03 24.99 -51.03
CA PHE T 98 40.53 25.04 -49.67
C PHE T 98 41.83 25.82 -49.62
N GLY T 99 42.22 26.20 -48.41
CA GLY T 99 43.53 26.77 -48.21
C GLY T 99 44.61 25.71 -48.17
N GLN T 100 45.85 26.17 -48.16
CA GLN T 100 46.98 25.25 -48.13
C GLN T 100 47.16 24.60 -46.77
N GLY T 101 46.75 25.29 -45.71
CA GLY T 101 46.87 24.75 -44.37
C GLY T 101 48.00 25.37 -43.57
N THR T 102 47.67 25.97 -42.44
CA THR T 102 48.66 26.59 -41.57
C THR T 102 48.87 25.69 -40.36
N LYS T 103 50.05 25.09 -40.26
CA LYS T 103 50.39 24.17 -39.18
C LYS T 103 50.89 24.98 -38.00
N VAL T 104 50.10 25.08 -36.94
CA VAL T 104 50.48 25.80 -35.74
C VAL T 104 51.06 24.81 -34.75
N GLU T 105 52.28 25.07 -34.29
CA GLU T 105 52.97 24.20 -33.35
C GLU T 105 53.54 25.05 -32.22
N ILE T 106 54.21 24.38 -31.29
CA ILE T 106 54.87 25.05 -30.18
C ILE T 106 56.30 25.36 -30.57
N THR T 107 56.84 26.43 -30.02
CA THR T 107 58.21 26.87 -30.35
C THR T 107 59.25 25.84 -29.94
N THR T 109 64.81 24.14 -27.66
CA THR T 109 66.21 24.52 -27.60
C THR T 109 66.96 23.93 -28.79
N VAL T 110 67.79 24.74 -29.44
CA VAL T 110 68.56 24.21 -30.58
C VAL T 110 69.48 23.11 -30.08
N ALA T 111 69.40 21.95 -30.70
CA ALA T 111 70.18 20.81 -30.25
C ALA T 111 70.57 19.98 -31.45
N ALA T 112 71.86 19.73 -31.60
CA ALA T 112 72.37 18.91 -32.68
C ALA T 112 71.96 17.44 -32.48
N PRO T 113 71.74 16.71 -33.57
CA PRO T 113 71.44 15.29 -33.46
C PRO T 113 72.63 14.50 -32.93
N SER T 114 72.31 13.45 -32.19
CA SER T 114 73.23 12.35 -31.95
C SER T 114 73.08 11.40 -33.13
N VAL T 115 74.19 11.04 -33.77
CA VAL T 115 74.16 10.33 -35.05
C VAL T 115 74.67 8.91 -34.85
N PHE T 116 74.00 7.94 -35.49
CA PHE T 116 74.39 6.54 -35.44
C PHE T 116 74.24 5.94 -36.82
N ILE T 117 75.16 5.04 -37.19
CA ILE T 117 75.09 4.33 -38.46
C ILE T 117 75.03 2.84 -38.20
N PHE T 118 74.23 2.14 -39.00
CA PHE T 118 73.99 0.71 -38.84
C PHE T 118 74.26 -0.01 -40.15
N PRO T 119 75.18 -0.97 -40.18
CA PRO T 119 75.40 -1.75 -41.39
C PRO T 119 74.23 -2.68 -41.67
N PRO T 120 74.09 -3.16 -42.89
CA PRO T 120 73.09 -4.17 -43.17
C PRO T 120 73.43 -5.45 -42.44
N SER T 121 72.40 -6.21 -42.09
CA SER T 121 72.60 -7.52 -41.49
C SER T 121 73.00 -8.53 -42.55
N ASP T 122 73.78 -9.53 -42.12
CA ASP T 122 74.13 -10.60 -43.04
C ASP T 122 72.90 -11.36 -43.52
N GLU T 123 71.86 -11.43 -42.68
CA GLU T 123 70.62 -12.10 -43.09
C GLU T 123 69.97 -11.38 -44.26
N GLN T 124 69.93 -10.03 -44.21
CA GLN T 124 69.40 -9.29 -45.35
C GLN T 124 70.25 -9.52 -46.59
N LEU T 125 71.57 -9.51 -46.45
CA LEU T 125 72.45 -9.60 -47.60
C LEU T 125 72.19 -10.86 -48.41
N LYS T 126 71.80 -11.96 -47.76
CA LYS T 126 71.47 -13.19 -48.47
C LYS T 126 70.36 -12.99 -49.49
N SER T 127 69.54 -11.95 -49.31
CA SER T 127 68.43 -11.62 -50.19
C SER T 127 68.82 -10.84 -51.43
N GLY T 128 70.08 -10.43 -51.57
CA GLY T 128 70.50 -9.67 -52.73
C GLY T 128 70.45 -8.16 -52.58
N THR T 129 69.99 -7.65 -51.44
CA THR T 129 69.83 -6.21 -51.22
C THR T 129 70.41 -5.85 -49.86
N ALA T 130 70.92 -4.63 -49.76
CA ALA T 130 71.56 -4.13 -48.54
C ALA T 130 70.91 -2.81 -48.15
N SER T 131 70.51 -2.70 -46.88
CA SER T 131 70.02 -1.44 -46.32
C SER T 131 71.01 -0.92 -45.30
N VAL T 132 71.47 0.31 -45.48
CA VAL T 132 72.30 1.02 -44.49
C VAL T 132 71.42 2.10 -43.87
N VAL T 133 71.39 2.17 -42.54
CA VAL T 133 70.49 3.06 -41.82
C VAL T 133 71.29 4.08 -41.02
N CYS T 134 70.91 5.34 -41.12
CA CYS T 134 71.52 6.40 -40.33
C CYS T 134 70.44 7.00 -39.46
N LEU T 135 70.70 7.08 -38.15
CA LEU T 135 69.75 7.62 -37.19
C LEU T 135 70.25 8.98 -36.72
N LEU T 136 69.38 9.98 -36.77
CA LEU T 136 69.63 11.31 -36.20
C LEU T 136 68.68 11.46 -35.03
N ASN T 137 69.21 11.49 -33.81
CA ASN T 137 68.36 11.38 -32.62
C ASN T 137 68.22 12.69 -31.86
N ASN T 138 66.98 13.05 -31.55
CA ASN T 138 66.65 14.08 -30.54
C ASN T 138 67.28 15.43 -30.86
N PHE T 139 66.88 16.00 -32.00
CA PHE T 139 67.42 17.26 -32.45
C PHE T 139 66.30 18.28 -32.64
N TYR T 140 66.70 19.54 -32.63
CA TYR T 140 65.78 20.64 -32.91
C TYR T 140 66.63 21.74 -33.52
N PRO T 141 66.17 22.41 -34.60
CA PRO T 141 64.90 22.30 -35.31
C PRO T 141 64.81 21.11 -36.23
N ARG T 142 63.63 20.96 -36.86
CA ARG T 142 63.33 19.76 -37.63
C ARG T 142 64.17 19.67 -38.89
N GLU T 143 64.62 20.81 -39.44
CA GLU T 143 65.39 20.79 -40.68
C GLU T 143 66.76 20.15 -40.46
N ALA T 144 67.07 19.13 -41.27
CA ALA T 144 68.35 18.43 -41.18
C ALA T 144 68.68 17.87 -42.55
N LYS T 145 69.97 17.68 -42.82
CA LYS T 145 70.41 17.18 -44.12
C LYS T 145 71.33 15.97 -43.93
N VAL T 146 70.99 14.87 -44.60
CA VAL T 146 71.77 13.64 -44.56
C VAL T 146 72.36 13.43 -45.95
N GLN T 147 73.68 13.24 -46.01
CA GLN T 147 74.34 12.89 -47.26
C GLN T 147 75.05 11.56 -47.07
N TRP T 148 74.71 10.59 -47.90
CA TRP T 148 75.38 9.29 -47.88
C TRP T 148 76.61 9.32 -48.77
N LYS T 149 77.69 8.69 -48.29
CA LYS T 149 78.91 8.52 -49.09
C LYS T 149 79.33 7.07 -49.05
N VAL T 150 79.78 6.58 -50.20
CA VAL T 150 80.27 5.21 -50.33
C VAL T 150 81.63 5.33 -50.98
N ASP T 151 82.68 4.95 -50.25
CA ASP T 151 84.06 5.17 -50.71
C ASP T 151 84.26 6.62 -51.17
N ASN T 152 83.69 7.55 -50.40
CA ASN T 152 83.74 9.00 -50.57
C ASN T 152 82.91 9.52 -51.73
N ALA T 153 82.18 8.67 -52.44
CA ALA T 153 81.36 9.11 -53.57
C ALA T 153 79.98 9.50 -53.07
N LEU T 154 79.55 10.71 -53.42
CA LEU T 154 78.26 11.24 -52.98
C LEU T 154 77.14 10.44 -53.61
N GLN T 155 76.25 9.90 -52.78
CA GLN T 155 75.12 9.12 -53.26
C GLN T 155 73.94 10.05 -53.55
N SER T 156 73.16 9.69 -54.55
CA SER T 156 72.00 10.48 -54.91
C SER T 156 70.91 9.56 -55.43
N GLY T 157 69.68 9.74 -54.93
CA GLY T 157 68.53 9.06 -55.47
C GLY T 157 68.25 7.69 -54.89
N ASN T 158 69.13 7.15 -54.04
CA ASN T 158 68.96 5.81 -53.49
C ASN T 158 68.74 5.79 -51.98
N SER T 159 68.19 6.86 -51.42
CA SER T 159 67.86 6.89 -50.00
C SER T 159 66.44 7.42 -49.79
N GLN T 160 65.82 7.02 -48.68
CA GLN T 160 64.57 7.60 -48.22
C GLN T 160 64.65 7.88 -46.73
N GLU T 161 63.90 8.88 -46.28
CA GLU T 161 64.00 9.26 -44.88
C GLU T 161 62.61 9.54 -44.32
N SER T 162 62.54 9.52 -42.99
CA SER T 162 61.30 9.60 -42.25
C SER T 162 61.60 10.30 -40.93
N VAL T 163 60.67 11.15 -40.45
CA VAL T 163 60.88 11.96 -39.25
C VAL T 163 59.74 11.70 -38.25
N THR T 164 60.07 11.66 -36.97
CA THR T 164 59.05 11.52 -35.93
C THR T 164 58.25 12.82 -35.77
N GLU T 165 57.13 12.70 -35.05
CA GLU T 165 56.44 13.90 -34.57
C GLU T 165 57.25 14.54 -33.45
N GLN T 166 56.99 15.82 -33.21
CA GLN T 166 57.70 16.54 -32.17
C GLN T 166 57.43 15.94 -30.80
N ASP T 167 58.49 15.73 -30.04
CA ASP T 167 58.36 15.11 -28.72
C ASP T 167 57.63 16.04 -27.75
N SER T 168 56.73 15.47 -26.96
CA SER T 168 55.87 16.29 -26.12
C SER T 168 56.63 16.89 -24.93
N LYS T 169 57.72 16.25 -24.50
CA LYS T 169 58.43 16.72 -23.31
C LYS T 169 59.67 17.54 -23.64
N ASP T 170 60.40 17.26 -24.72
CA ASP T 170 61.61 18.01 -25.00
C ASP T 170 61.60 18.73 -26.35
N SER T 171 60.49 18.64 -27.10
CA SER T 171 60.26 19.36 -28.35
C SER T 171 61.23 18.98 -29.46
N THR T 172 61.90 17.83 -29.34
CA THR T 172 62.86 17.43 -30.37
C THR T 172 62.22 16.50 -31.40
N TYR T 173 62.98 16.24 -32.45
CA TYR T 173 62.66 15.30 -33.52
C TYR T 173 63.73 14.24 -33.62
N SER T 174 63.39 13.13 -34.27
CA SER T 174 64.38 12.16 -34.69
C SER T 174 64.13 11.83 -36.16
N LEU T 175 65.19 11.41 -36.86
CA LEU T 175 65.09 11.13 -38.28
C LEU T 175 65.82 9.83 -38.59
N SER T 176 65.26 9.05 -39.52
CA SER T 176 65.88 7.80 -39.95
C SER T 176 65.99 7.84 -41.46
N SER T 177 67.19 7.60 -41.97
CA SER T 177 67.44 7.56 -43.40
C SER T 177 67.97 6.19 -43.77
N THR T 178 67.42 5.61 -44.84
CA THR T 178 67.87 4.31 -45.32
C THR T 178 68.47 4.46 -46.70
N LEU T 179 69.73 4.02 -46.85
CA LEU T 179 70.37 3.89 -48.15
C LEU T 179 70.19 2.46 -48.64
N THR T 180 69.67 2.30 -49.85
CA THR T 180 69.41 0.98 -50.42
C THR T 180 70.37 0.72 -51.56
N LEU T 181 71.12 -0.38 -51.46
CA LEU T 181 72.08 -0.80 -52.47
C LEU T 181 71.83 -2.26 -52.81
N SER T 182 72.18 -2.65 -54.04
CA SER T 182 72.28 -4.06 -54.33
C SER T 182 73.39 -4.69 -53.49
N LYS T 183 73.27 -5.99 -53.22
CA LYS T 183 74.37 -6.71 -52.60
C LYS T 183 75.65 -6.59 -53.42
N ALA T 184 75.54 -6.74 -54.75
CA ALA T 184 76.73 -6.65 -55.61
C ALA T 184 77.42 -5.31 -55.45
N ASP T 185 76.67 -4.22 -55.39
CA ASP T 185 77.28 -2.92 -55.18
C ASP T 185 77.85 -2.82 -53.78
N TYR T 186 77.10 -3.28 -52.78
CA TYR T 186 77.55 -3.17 -51.40
C TYR T 186 78.93 -3.81 -51.23
N GLU T 187 79.14 -4.97 -51.85
CA GLU T 187 80.37 -5.73 -51.67
C GLU T 187 81.52 -5.24 -52.54
N LYS T 188 81.30 -4.21 -53.36
CA LYS T 188 82.37 -3.63 -54.17
C LYS T 188 83.04 -2.45 -53.48
N HIS T 189 82.60 -2.07 -52.29
CA HIS T 189 83.07 -0.87 -51.63
C HIS T 189 83.31 -1.13 -50.16
N LYS T 190 84.14 -0.27 -49.57
CA LYS T 190 84.63 -0.46 -48.20
C LYS T 190 83.99 0.49 -47.22
N VAL T 191 84.04 1.80 -47.49
CA VAL T 191 83.71 2.82 -46.49
C VAL T 191 82.30 3.33 -46.74
N TYR T 192 81.43 3.16 -45.75
CA TYR T 192 80.05 3.64 -45.80
C TYR T 192 79.86 4.70 -44.75
N ALA T 193 79.41 5.89 -45.15
CA ALA T 193 79.39 7.04 -44.26
C ALA T 193 78.10 7.83 -44.46
N CYS T 194 77.52 8.31 -43.37
CA CYS T 194 76.46 9.32 -43.47
C CYS T 194 76.98 10.62 -42.87
N GLU T 195 76.88 11.70 -43.65
CA GLU T 195 77.30 13.03 -43.26
C GLU T 195 76.08 13.87 -42.96
N VAL T 196 76.05 14.47 -41.77
CA VAL T 196 74.86 15.16 -41.28
C VAL T 196 75.16 16.64 -41.09
N THR T 197 74.29 17.48 -41.66
CA THR T 197 74.33 18.92 -41.51
C THR T 197 73.11 19.35 -40.72
N HIS T 198 73.32 20.25 -39.75
CA HIS T 198 72.23 20.69 -38.91
C HIS T 198 72.65 22.00 -38.27
N GLN T 199 71.66 22.83 -37.93
CA GLN T 199 71.96 24.14 -37.36
C GLN T 199 72.79 24.04 -36.08
N GLY T 200 72.56 22.99 -35.28
CA GLY T 200 73.32 22.81 -34.06
C GLY T 200 74.74 22.31 -34.23
N LEU T 201 75.19 22.12 -35.47
CA LEU T 201 76.53 21.63 -35.76
C LEU T 201 77.33 22.70 -36.50
N SER T 202 78.52 23.01 -35.97
CA SER T 202 79.38 23.99 -36.62
C SER T 202 79.99 23.46 -37.90
N SER T 203 80.20 22.15 -37.99
CA SER T 203 80.62 21.50 -39.22
C SER T 203 80.00 20.13 -39.24
N PRO T 204 79.84 19.53 -40.43
CA PRO T 204 79.06 18.29 -40.52
C PRO T 204 79.70 17.18 -39.71
N VAL T 205 78.85 16.30 -39.20
CA VAL T 205 79.28 15.12 -38.46
C VAL T 205 79.16 13.91 -39.37
N THR T 206 80.20 13.07 -39.38
CA THR T 206 80.19 11.88 -40.21
C THR T 206 80.36 10.65 -39.32
N LYS T 207 79.44 9.70 -39.46
CA LYS T 207 79.58 8.39 -38.83
C LYS T 207 79.79 7.38 -39.95
N SER T 208 80.74 6.46 -39.76
CA SER T 208 81.07 5.55 -40.85
C SER T 208 81.40 4.18 -40.28
N PHE T 209 81.44 3.20 -41.18
CA PHE T 209 82.00 1.90 -40.89
C PHE T 209 82.72 1.40 -42.13
N ASN T 210 83.54 0.37 -41.95
CA ASN T 210 84.20 -0.33 -43.05
C ASN T 210 83.61 -1.73 -43.15
N ARG T 211 83.06 -2.06 -44.33
CA ARG T 211 82.37 -3.34 -44.54
C ARG T 211 83.25 -4.52 -44.15
N GLN U 1 -18.98 -23.81 -27.20
CA GLN U 1 -20.24 -23.26 -26.72
C GLN U 1 -21.22 -23.04 -27.86
N ALA U 2 -20.73 -23.25 -29.09
CA ALA U 2 -21.56 -23.15 -30.31
C ALA U 2 -22.58 -24.28 -30.31
N ARG U 3 -23.87 -23.94 -30.21
CA ARG U 3 -24.90 -24.96 -30.18
C ARG U 3 -26.13 -24.49 -30.94
N LEU U 4 -26.90 -25.45 -31.44
CA LEU U 4 -28.19 -25.19 -32.05
C LEU U 4 -29.26 -25.72 -31.11
N GLN U 5 -30.09 -24.81 -30.60
CA GLN U 5 -31.14 -25.15 -29.65
C GLN U 5 -32.50 -25.01 -30.31
N GLN U 6 -33.33 -26.04 -30.20
CA GLN U 6 -34.69 -26.01 -30.67
C GLN U 6 -35.60 -26.58 -29.59
N TRP U 7 -36.81 -26.03 -29.50
CA TRP U 7 -37.71 -26.31 -28.39
C TRP U 7 -38.94 -27.05 -28.90
N GLU U 8 -39.54 -27.83 -28.00
CA GLU U 8 -40.68 -28.66 -28.36
C GLU U 8 -41.89 -27.80 -28.74
N GLY U 9 -42.56 -28.20 -29.81
CA GLY U 9 -43.75 -27.54 -30.29
C GLY U 9 -45.06 -28.16 -29.88
N ARG U 10 -45.03 -29.21 -29.05
CA ARG U 10 -46.19 -29.93 -28.53
C ARG U 10 -46.92 -30.66 -29.65
N PRO U 11 -47.74 -31.67 -29.33
CA PRO U 11 -48.50 -32.35 -30.38
C PRO U 11 -49.44 -31.39 -31.11
N LEU U 12 -49.63 -31.67 -32.40
CA LEU U 12 -50.45 -30.83 -33.26
C LEU U 12 -51.49 -31.68 -33.96
N LYS U 13 -52.63 -31.05 -34.27
CA LYS U 13 -53.72 -31.77 -34.91
C LYS U 13 -53.38 -32.03 -36.38
N PRO U 14 -53.87 -33.14 -36.94
CA PRO U 14 -53.57 -33.46 -38.35
C PRO U 14 -54.16 -32.42 -39.28
N ALA U 15 -53.52 -32.30 -40.46
CA ALA U 15 -53.90 -31.34 -41.49
C ALA U 15 -53.82 -29.91 -40.97
N GLU U 16 -52.61 -29.53 -40.55
CA GLU U 16 -52.33 -28.19 -40.05
C GLU U 16 -50.96 -27.77 -40.58
N THR U 17 -50.43 -26.69 -40.03
CA THR U 17 -49.13 -26.16 -40.40
C THR U 17 -48.12 -26.49 -39.31
N LEU U 18 -46.98 -27.04 -39.70
CA LEU U 18 -45.93 -27.44 -38.78
C LEU U 18 -44.87 -26.34 -38.76
N SER U 19 -44.85 -25.57 -37.68
CA SER U 19 -43.95 -24.43 -37.54
C SER U 19 -42.82 -24.81 -36.58
N LEU U 20 -41.60 -24.91 -37.10
CA LEU U 20 -40.42 -25.18 -36.32
C LEU U 20 -39.50 -23.97 -36.31
N THR U 21 -38.65 -23.91 -35.30
CA THR U 21 -37.69 -22.82 -35.16
C THR U 21 -36.46 -23.33 -34.42
N CYS U 22 -35.29 -23.05 -34.98
CA CYS U 22 -34.01 -23.45 -34.38
C CYS U 22 -33.25 -22.21 -33.95
N GLY U 23 -32.66 -22.27 -32.75
CA GLY U 23 -31.90 -21.17 -32.21
C GLY U 23 -30.41 -21.40 -32.41
N VAL U 24 -29.77 -20.49 -33.12
CA VAL U 24 -28.36 -20.61 -33.47
C VAL U 24 -27.55 -19.73 -32.53
N HIS U 25 -26.72 -20.34 -31.70
CA HIS U 25 -25.85 -19.63 -30.78
C HIS U 25 -24.42 -20.09 -30.98
N GLY U 26 -23.49 -19.17 -30.71
CA GLY U 26 -22.08 -19.44 -30.89
C GLY U 26 -21.60 -18.99 -32.25
N VAL U 27 -22.42 -19.21 -33.27
CA VAL U 27 -22.09 -18.89 -34.69
C VAL U 27 -23.30 -18.14 -35.24
N GLY U 28 -23.28 -17.74 -36.49
CA GLY U 28 -24.40 -16.97 -37.05
C GLY U 28 -24.88 -17.61 -38.32
N LEU U 29 -26.03 -17.16 -38.83
CA LEU U 29 -26.61 -17.79 -40.01
C LEU U 29 -25.79 -17.56 -41.26
N GLY U 30 -24.92 -16.56 -41.27
CA GLY U 30 -24.20 -16.23 -42.51
C GLY U 30 -23.12 -17.23 -42.82
N GLY U 31 -22.93 -17.51 -44.11
CA GLY U 31 -21.70 -18.14 -44.62
C GLY U 31 -21.90 -19.63 -44.80
N SER U 32 -22.57 -20.25 -43.85
CA SER U 32 -22.94 -21.68 -43.96
C SER U 32 -24.32 -21.77 -44.59
N GLY U 33 -24.87 -22.97 -44.58
CA GLY U 33 -26.24 -23.21 -44.97
C GLY U 33 -26.94 -23.99 -43.90
N TRP U 34 -28.27 -23.83 -43.85
CA TRP U 34 -29.06 -24.36 -42.75
C TRP U 34 -30.20 -25.21 -43.30
N GLY U 35 -30.30 -26.45 -42.81
CA GLY U 35 -31.28 -27.38 -43.31
C GLY U 35 -31.95 -28.14 -42.18
N TRP U 36 -32.86 -29.03 -42.55
CA TRP U 36 -33.67 -29.76 -41.59
C TRP U 36 -33.58 -31.25 -41.87
N ILE U 37 -33.38 -32.04 -40.81
CA ILE U 37 -33.32 -33.49 -40.90
C ILE U 37 -34.31 -34.06 -39.89
N ARG U 38 -35.07 -35.06 -40.31
CA ARG U 38 -36.04 -35.71 -39.44
C ARG U 38 -35.61 -37.14 -39.15
N GLN U 39 -36.35 -37.81 -38.28
CA GLN U 39 -36.11 -39.22 -38.00
C GLN U 39 -37.38 -39.88 -37.48
N PRO U 40 -38.13 -40.57 -38.33
CA PRO U 40 -39.28 -41.31 -37.84
C PRO U 40 -38.86 -42.37 -36.85
N PRO U 41 -39.70 -42.66 -35.85
CA PRO U 41 -39.31 -43.63 -34.82
C PRO U 41 -39.00 -44.99 -35.41
N GLY U 42 -37.94 -45.62 -34.89
CA GLY U 42 -37.54 -46.93 -35.36
C GLY U 42 -37.08 -46.97 -36.80
N GLN U 43 -36.72 -45.82 -37.37
CA GLN U 43 -36.31 -45.75 -38.77
C GLN U 43 -35.06 -44.88 -38.87
N GLY U 44 -34.57 -44.74 -40.10
CA GLY U 44 -33.41 -43.92 -40.36
C GLY U 44 -33.77 -42.46 -40.56
N LEU U 45 -32.74 -41.66 -40.81
CA LEU U 45 -32.93 -40.23 -40.99
C LEU U 45 -33.40 -39.92 -42.41
N GLN U 46 -34.08 -38.78 -42.56
CA GLN U 46 -34.60 -38.35 -43.85
C GLN U 46 -34.27 -36.88 -44.06
N TRP U 47 -33.86 -36.53 -45.26
CA TRP U 47 -33.55 -35.15 -45.61
C TRP U 47 -34.83 -34.43 -46.03
N ILE U 48 -35.08 -33.28 -45.43
CA ILE U 48 -36.25 -32.47 -45.77
C ILE U 48 -35.87 -31.39 -46.77
N GLY U 49 -34.93 -30.54 -46.39
CA GLY U 49 -34.49 -29.48 -47.27
C GLY U 49 -33.45 -28.63 -46.58
N GLU U 50 -32.82 -27.76 -47.38
CA GLU U 50 -31.72 -26.87 -46.90
C GLU U 50 -31.77 -25.55 -47.66
N ILE U 51 -31.23 -24.50 -47.04
CA ILE U 51 -30.91 -23.26 -47.72
C ILE U 51 -29.39 -23.16 -47.78
N ASP U 52 -28.85 -23.02 -48.99
CA ASP U 52 -27.38 -23.04 -49.12
C ASP U 52 -26.85 -21.61 -48.93
N HIS U 53 -25.52 -21.45 -48.95
CA HIS U 53 -24.86 -20.20 -48.62
C HIS U 53 -25.32 -19.06 -49.50
N ASP U 54 -25.79 -19.43 -50.70
CA ASP U 54 -26.16 -18.50 -51.80
C ASP U 54 -27.55 -17.93 -51.51
N GLY U 55 -28.30 -18.60 -50.64
CA GLY U 55 -29.69 -18.25 -50.35
C GLY U 55 -30.65 -19.04 -51.22
N SER U 56 -30.26 -20.26 -51.59
CA SER U 56 -31.05 -21.04 -52.57
C SER U 56 -31.61 -22.29 -51.91
N HIS U 57 -32.88 -22.60 -52.18
CA HIS U 57 -33.67 -23.51 -51.33
C HIS U 57 -33.75 -24.88 -51.97
N LYS U 58 -32.93 -25.82 -51.51
CA LYS U 58 -33.02 -27.22 -51.96
C LYS U 58 -34.11 -27.90 -51.15
N HIS U 59 -35.04 -28.60 -51.80
CA HIS U 59 -36.20 -29.27 -51.14
C HIS U 59 -36.22 -30.73 -51.57
N ASN U 60 -36.70 -31.62 -50.71
CA ASN U 60 -36.81 -33.04 -51.05
C ASN U 60 -37.97 -33.26 -52.03
N PRO U 61 -37.78 -34.09 -53.05
CA PRO U 61 -38.87 -34.32 -54.01
C PRO U 61 -40.11 -34.93 -53.40
N ALA U 62 -39.97 -35.73 -52.34
CA ALA U 62 -41.13 -36.41 -51.78
C ALA U 62 -42.16 -35.43 -51.24
N LEU U 63 -41.70 -34.39 -50.54
CA LEU U 63 -42.59 -33.37 -49.98
C LEU U 63 -42.78 -32.29 -51.04
N ARG U 64 -43.84 -32.41 -51.82
CA ARG U 64 -44.06 -31.54 -52.98
C ARG U 64 -44.99 -30.39 -52.60
N SER U 65 -44.50 -29.17 -52.77
CA SER U 65 -45.24 -27.92 -52.63
C SER U 65 -45.68 -27.62 -51.21
N ARG U 66 -45.45 -28.52 -50.25
CA ARG U 66 -45.78 -28.29 -48.86
C ARG U 66 -44.60 -27.83 -48.04
N LEU U 67 -43.46 -27.55 -48.69
CA LEU U 67 -42.25 -27.14 -48.01
C LEU U 67 -42.03 -25.65 -48.17
N SER U 68 -41.56 -25.01 -47.09
CA SER U 68 -41.19 -23.61 -47.12
C SER U 68 -40.32 -23.32 -45.90
N MET U 69 -39.15 -22.74 -46.13
CA MET U 69 -38.20 -22.43 -45.07
C MET U 69 -37.78 -20.98 -45.19
N SER U 70 -37.31 -20.42 -44.07
CA SER U 70 -36.85 -19.05 -44.04
C SER U 70 -35.77 -18.91 -42.97
N LEU U 71 -34.97 -17.86 -43.11
CA LEU U 71 -33.89 -17.57 -42.18
C LEU U 71 -34.12 -16.21 -41.55
N ASP U 72 -34.12 -16.17 -40.22
CA ASP U 72 -34.29 -14.91 -39.48
C ASP U 72 -32.90 -14.42 -39.10
N THR U 73 -32.30 -13.62 -40.00
CA THR U 73 -30.94 -13.15 -39.78
C THR U 73 -30.85 -12.27 -38.53
N SER U 74 -31.87 -11.46 -38.28
CA SER U 74 -31.86 -10.59 -37.12
C SER U 74 -31.87 -11.39 -35.82
N ARG U 75 -32.69 -12.43 -35.75
CA ARG U 75 -32.81 -13.24 -34.54
C ARG U 75 -31.98 -14.51 -34.57
N ASN U 76 -31.27 -14.78 -35.67
CA ASN U 76 -30.46 -15.98 -35.84
C ASN U 76 -31.30 -17.24 -35.62
N GLN U 77 -32.37 -17.35 -36.41
CA GLN U 77 -33.29 -18.46 -36.28
C GLN U 77 -33.63 -19.03 -37.66
N VAL U 78 -33.78 -20.36 -37.71
CA VAL U 78 -34.13 -21.08 -38.92
C VAL U 78 -35.53 -21.65 -38.73
N SER U 79 -36.40 -21.45 -39.71
CA SER U 79 -37.80 -21.80 -39.59
C SER U 79 -38.20 -22.85 -40.61
N LEU U 80 -39.16 -23.69 -40.21
CA LEU U 80 -39.77 -24.69 -41.08
C LEU U 80 -41.28 -24.54 -41.02
N ARG U 81 -41.94 -24.64 -42.17
CA ARG U 81 -43.37 -24.39 -42.27
C ARG U 81 -44.04 -25.49 -43.10
N LEU U 82 -43.77 -26.74 -42.75
CA LEU U 82 -44.45 -27.86 -43.39
C LEU U 82 -45.95 -27.77 -43.19
N THR U 83 -46.70 -27.95 -44.27
CA THR U 83 -48.15 -27.82 -44.25
C THR U 83 -48.82 -29.16 -44.55
N SER U 84 -50.10 -29.24 -44.18
CA SER U 84 -50.93 -30.44 -44.40
C SER U 84 -50.28 -31.67 -43.77
N VAL U 85 -49.97 -31.58 -42.49
CA VAL U 85 -49.23 -32.64 -41.81
C VAL U 85 -50.10 -33.87 -41.66
N THR U 86 -49.56 -35.02 -42.09
CA THR U 86 -50.23 -36.30 -42.00
C THR U 86 -49.57 -37.13 -40.91
N ALA U 87 -50.25 -38.20 -40.49
CA ALA U 87 -49.74 -39.05 -39.41
C ALA U 87 -48.37 -39.63 -39.73
N ALA U 88 -48.02 -39.78 -41.02
CA ALA U 88 -46.72 -40.30 -41.38
C ALA U 88 -45.59 -39.31 -41.11
N ASP U 89 -45.91 -38.05 -40.79
CA ASP U 89 -44.91 -37.03 -40.50
C ASP U 89 -44.52 -36.98 -39.04
N THR U 90 -44.84 -38.02 -38.28
CA THR U 90 -44.48 -38.08 -36.85
C THR U 90 -43.01 -38.46 -36.75
N ALA U 91 -42.16 -37.47 -36.48
CA ALA U 91 -40.72 -37.71 -36.42
C ALA U 91 -40.07 -36.62 -35.60
N ILE U 92 -38.84 -36.89 -35.16
CA ILE U 92 -38.03 -35.93 -34.45
C ILE U 92 -37.31 -35.07 -35.49
N TYR U 93 -37.52 -33.76 -35.44
CA TYR U 93 -36.98 -32.84 -36.42
C TYR U 93 -35.70 -32.21 -35.89
N TYR U 94 -34.64 -32.25 -36.69
CA TYR U 94 -33.34 -31.68 -36.35
C TYR U 94 -33.03 -30.51 -37.25
N CYS U 95 -32.39 -29.49 -36.69
CA CYS U 95 -31.87 -28.37 -37.46
C CYS U 95 -30.36 -28.55 -37.58
N VAL U 96 -29.85 -28.45 -38.81
CA VAL U 96 -28.44 -28.73 -39.08
C VAL U 96 -27.84 -27.56 -39.82
N ARG U 97 -26.51 -27.43 -39.67
CA ARG U 97 -25.69 -26.46 -40.43
C ARG U 97 -24.89 -27.20 -41.48
N VAL U 98 -25.24 -27.10 -42.77
CA VAL U 98 -24.43 -27.70 -43.81
C VAL U 98 -23.23 -26.80 -44.05
N TYR U 99 -22.07 -27.22 -43.55
CA TYR U 99 -20.85 -26.39 -43.64
C TYR U 99 -20.14 -26.75 -44.93
N ARG U 100 -19.54 -25.78 -45.61
CA ARG U 100 -18.81 -25.94 -46.86
C ARG U 100 -17.32 -25.99 -46.57
N GLU U 101 -16.70 -27.12 -46.87
CA GLU U 101 -15.22 -27.21 -46.93
C GLU U 101 -14.84 -27.54 -48.37
N LYS U 102 -13.78 -26.92 -48.88
CA LYS U 102 -13.35 -27.17 -50.25
C LYS U 102 -12.33 -28.30 -50.26
N PHE U 103 -12.66 -29.37 -50.99
CA PHE U 103 -11.78 -30.50 -51.17
C PHE U 103 -11.29 -30.53 -52.61
N LEU U 104 -9.99 -30.68 -52.78
CA LEU U 104 -9.36 -30.62 -54.11
C LEU U 104 -9.14 -32.04 -54.61
N ILE U 105 -10.00 -32.47 -55.53
CA ILE U 105 -9.72 -33.65 -56.34
C ILE U 105 -8.61 -33.24 -57.29
N GLY U 106 -8.04 -34.19 -58.03
CA GLY U 106 -6.85 -33.96 -58.83
C GLY U 106 -6.74 -32.61 -59.51
N GLU U 107 -7.84 -32.13 -60.10
CA GLU U 107 -7.82 -30.84 -60.76
C GLU U 107 -9.06 -30.00 -60.47
N PHE U 108 -10.02 -30.51 -59.70
CA PHE U 108 -11.33 -29.90 -59.52
C PHE U 108 -11.51 -29.50 -58.08
N LEU U 109 -12.01 -28.29 -57.85
CA LEU U 109 -12.32 -27.78 -56.52
C LEU U 109 -13.83 -27.78 -56.32
N THR U 110 -14.29 -28.36 -55.20
CA THR U 110 -15.71 -28.48 -54.92
C THR U 110 -16.02 -27.89 -53.56
N ASP U 111 -17.23 -27.35 -53.42
CA ASP U 111 -17.79 -27.02 -52.12
C ASP U 111 -18.50 -28.26 -51.58
N TYR U 112 -17.97 -28.82 -50.50
CA TYR U 112 -18.52 -30.03 -49.91
C TYR U 112 -19.31 -29.66 -48.66
N ARG U 113 -20.59 -30.04 -48.64
CA ARG U 113 -21.50 -29.73 -47.55
C ARG U 113 -21.74 -30.98 -46.72
N PHE U 114 -21.53 -30.85 -45.40
CA PHE U 114 -21.41 -32.03 -44.52
C PHE U 114 -22.08 -31.84 -43.16
N MET U 115 -23.12 -31.01 -43.05
CA MET U 115 -23.97 -30.94 -41.85
C MET U 115 -23.15 -30.95 -40.57
N ASP U 116 -22.40 -29.88 -40.32
CA ASP U 116 -21.35 -29.82 -39.28
C ASP U 116 -22.00 -30.01 -37.91
N MET U 117 -23.11 -29.31 -37.68
CA MET U 117 -23.65 -29.02 -36.34
C MET U 117 -25.14 -29.33 -36.31
N TRP U 118 -25.55 -30.17 -35.37
CA TRP U 118 -26.87 -30.75 -35.26
C TRP U 118 -27.63 -30.11 -34.12
N GLY U 119 -28.95 -30.06 -34.25
CA GLY U 119 -29.81 -29.62 -33.18
C GLY U 119 -29.93 -30.67 -32.10
N THR U 120 -30.83 -30.41 -31.15
CA THR U 120 -31.04 -31.33 -30.04
C THR U 120 -32.20 -32.28 -30.26
N GLY U 121 -33.26 -31.84 -30.93
CA GLY U 121 -34.38 -32.71 -31.20
C GLY U 121 -35.72 -32.12 -30.79
N THR U 122 -36.70 -32.18 -31.69
CA THR U 122 -38.06 -31.71 -31.42
C THR U 122 -39.02 -32.84 -31.80
N THR U 123 -39.45 -33.61 -30.81
CA THR U 123 -40.36 -34.72 -31.06
C THR U 123 -41.72 -34.17 -31.46
N VAL U 124 -42.09 -34.36 -32.72
CA VAL U 124 -43.37 -33.88 -33.26
C VAL U 124 -44.26 -35.10 -33.44
N ILE U 125 -45.42 -35.08 -32.77
CA ILE U 125 -46.40 -36.15 -32.83
C ILE U 125 -47.74 -35.55 -33.23
N VAL U 126 -48.40 -36.17 -34.20
CA VAL U 126 -49.70 -35.71 -34.69
C VAL U 126 -50.73 -36.78 -34.41
N SER U 127 -51.86 -36.38 -33.83
CA SER U 127 -52.94 -37.29 -33.52
C SER U 127 -54.27 -36.55 -33.46
N ALA U 129 -56.22 -38.37 -31.14
CA ALA U 129 -56.55 -38.65 -29.75
C ALA U 129 -56.36 -37.40 -28.88
N SER U 130 -57.05 -37.41 -27.74
CA SER U 130 -56.91 -36.39 -26.72
C SER U 130 -56.16 -36.96 -25.52
N THR U 131 -55.53 -36.07 -24.76
CA THR U 131 -54.83 -36.49 -23.55
C THR U 131 -55.70 -37.40 -22.70
N LYS U 132 -55.16 -38.54 -22.32
CA LYS U 132 -55.91 -39.52 -21.55
C LYS U 132 -54.96 -40.28 -20.65
N GLY U 133 -55.27 -40.37 -19.36
CA GLY U 133 -54.45 -41.12 -18.44
C GLY U 133 -54.71 -42.61 -18.58
N PRO U 134 -53.76 -43.43 -18.15
CA PRO U 134 -53.91 -44.87 -18.31
C PRO U 134 -54.83 -45.50 -17.27
N SER U 135 -55.32 -46.68 -17.62
CA SER U 135 -55.87 -47.63 -16.65
C SER U 135 -54.78 -48.64 -16.33
N VAL U 136 -54.58 -48.94 -15.06
CA VAL U 136 -53.47 -49.80 -14.65
C VAL U 136 -54.06 -51.09 -14.09
N PHE U 137 -53.72 -52.22 -14.71
CA PHE U 137 -54.25 -53.52 -14.34
C PHE U 137 -53.13 -54.41 -13.83
N PRO U 138 -53.40 -55.26 -12.84
CA PRO U 138 -52.37 -56.18 -12.37
C PRO U 138 -52.13 -57.32 -13.36
N LEU U 139 -50.86 -57.71 -13.45
CA LEU U 139 -50.44 -59.00 -14.02
C LEU U 139 -50.06 -59.86 -12.81
N ALA U 140 -50.99 -60.71 -12.39
CA ALA U 140 -50.80 -61.27 -11.06
C ALA U 140 -50.15 -62.64 -11.14
N PRO U 141 -49.22 -62.94 -10.22
CA PRO U 141 -48.54 -64.23 -10.16
C PRO U 141 -49.48 -65.38 -9.78
N GLY U 149 -39.49 -71.72 -7.60
CA GLY U 149 -38.32 -70.86 -7.58
C GLY U 149 -38.61 -69.38 -7.79
N THR U 150 -38.83 -68.99 -9.05
CA THR U 150 -39.02 -67.60 -9.44
C THR U 150 -40.43 -67.39 -9.98
N ALA U 151 -41.06 -66.30 -9.56
CA ALA U 151 -42.36 -65.88 -10.06
C ALA U 151 -42.23 -64.55 -10.79
N ALA U 152 -43.13 -64.33 -11.75
CA ALA U 152 -43.23 -63.06 -12.44
C ALA U 152 -44.55 -62.38 -12.08
N LEU U 153 -44.49 -61.06 -11.88
CA LEU U 153 -45.69 -60.24 -11.72
C LEU U 153 -45.45 -58.96 -12.47
N GLY U 154 -46.49 -58.15 -12.62
CA GLY U 154 -46.31 -56.92 -13.35
C GLY U 154 -47.57 -56.07 -13.34
N CYS U 155 -47.53 -55.02 -14.14
CA CYS U 155 -48.65 -54.11 -14.32
C CYS U 155 -48.83 -53.86 -15.81
N LEU U 156 -50.09 -53.83 -16.23
CA LEU U 156 -50.46 -53.50 -17.60
C LEU U 156 -50.99 -52.09 -17.60
N VAL U 157 -50.32 -51.19 -18.31
CA VAL U 157 -50.62 -49.77 -18.31
C VAL U 157 -51.27 -49.48 -19.65
N LYS U 158 -52.61 -49.40 -19.67
CA LYS U 158 -53.35 -49.49 -20.92
C LYS U 158 -54.09 -48.19 -21.22
N ASP U 159 -54.16 -47.85 -22.51
CA ASP U 159 -55.08 -46.85 -23.05
C ASP U 159 -54.77 -45.43 -22.55
N TYR U 160 -53.54 -44.99 -22.81
CA TYR U 160 -53.16 -43.63 -22.47
C TYR U 160 -52.68 -42.89 -23.72
N PHE U 161 -52.62 -41.56 -23.61
CA PHE U 161 -52.14 -40.71 -24.69
C PHE U 161 -51.76 -39.36 -24.12
N PRO U 162 -50.66 -38.74 -24.55
CA PRO U 162 -49.62 -39.32 -25.41
C PRO U 162 -48.55 -40.02 -24.58
N GLU U 163 -47.48 -40.46 -25.22
CA GLU U 163 -46.29 -40.88 -24.51
C GLU U 163 -45.69 -39.68 -23.78
N PRO U 164 -44.89 -39.91 -22.72
CA PRO U 164 -44.52 -41.21 -22.18
C PRO U 164 -45.16 -41.53 -20.83
N VAL U 165 -45.03 -42.80 -20.44
CA VAL U 165 -45.35 -43.27 -19.10
C VAL U 165 -44.04 -43.77 -18.49
N THR U 166 -43.84 -43.51 -17.20
CA THR U 166 -42.73 -44.13 -16.49
C THR U 166 -43.27 -45.07 -15.43
N VAL U 167 -42.49 -46.10 -15.10
CA VAL U 167 -42.89 -47.09 -14.11
C VAL U 167 -41.70 -47.37 -13.22
N SER U 168 -41.92 -47.37 -11.91
CA SER U 168 -40.95 -47.90 -10.98
C SER U 168 -41.65 -48.93 -10.12
N TRP U 169 -40.86 -49.67 -9.35
CA TRP U 169 -41.42 -50.68 -8.45
C TRP U 169 -41.00 -50.37 -7.03
N ASN U 170 -41.97 -50.44 -6.11
CA ASN U 170 -41.75 -50.21 -4.68
C ASN U 170 -41.02 -48.88 -4.47
N SER U 171 -41.50 -47.87 -5.18
CA SER U 171 -40.97 -46.50 -5.10
C SER U 171 -39.49 -46.45 -5.46
N GLY U 172 -39.04 -47.31 -6.37
CA GLY U 172 -37.65 -47.34 -6.79
C GLY U 172 -36.75 -48.24 -5.97
N ALA U 173 -37.28 -48.86 -4.90
CA ALA U 173 -36.48 -49.73 -4.05
C ALA U 173 -36.26 -51.10 -4.68
N LEU U 174 -37.11 -51.48 -5.63
CA LEU U 174 -37.01 -52.74 -6.33
C LEU U 174 -36.57 -52.43 -7.77
N THR U 175 -35.33 -52.80 -8.10
CA THR U 175 -34.83 -52.63 -9.46
C THR U 175 -34.32 -53.91 -10.11
N SER U 176 -33.77 -54.85 -9.32
CA SER U 176 -33.29 -56.10 -9.91
C SER U 176 -34.45 -56.91 -10.47
N GLY U 177 -34.29 -57.36 -11.71
CA GLY U 177 -35.29 -58.18 -12.35
C GLY U 177 -36.44 -57.42 -12.97
N VAL U 178 -36.43 -56.09 -12.93
CA VAL U 178 -37.51 -55.29 -13.50
C VAL U 178 -37.27 -55.14 -15.00
N HIS U 179 -38.34 -55.33 -15.78
CA HIS U 179 -38.33 -54.99 -17.20
C HIS U 179 -39.54 -54.14 -17.51
N THR U 180 -39.32 -52.93 -17.99
CA THR U 180 -40.40 -52.08 -18.46
C THR U 180 -40.30 -52.00 -19.98
N PHE U 181 -41.33 -52.45 -20.64
CA PHE U 181 -41.27 -52.65 -22.09
C PHE U 181 -41.59 -51.36 -22.82
N PRO U 182 -41.11 -51.23 -24.07
CA PRO U 182 -41.56 -50.11 -24.92
C PRO U 182 -43.07 -50.15 -25.08
N ALA U 183 -43.68 -48.97 -25.10
CA ALA U 183 -45.11 -48.95 -25.36
C ALA U 183 -45.40 -49.38 -26.78
N VAL U 184 -46.60 -49.90 -27.02
CA VAL U 184 -47.09 -50.13 -28.37
C VAL U 184 -48.25 -49.18 -28.61
N LEU U 185 -48.39 -48.75 -29.85
CA LEU U 185 -49.52 -47.93 -30.28
C LEU U 185 -50.62 -48.86 -30.74
N GLN U 186 -51.75 -48.86 -30.01
CA GLN U 186 -52.80 -49.79 -30.38
C GLN U 186 -53.63 -49.23 -31.53
N SER U 187 -54.44 -50.10 -32.13
CA SER U 187 -55.26 -49.68 -33.26
C SER U 187 -56.26 -48.60 -32.90
N SER U 188 -56.57 -48.45 -31.61
CA SER U 188 -57.44 -47.38 -31.10
C SER U 188 -56.78 -46.01 -31.15
N GLY U 189 -55.47 -45.95 -31.40
CA GLY U 189 -54.74 -44.71 -31.27
C GLY U 189 -54.23 -44.45 -29.87
N LEU U 190 -54.50 -45.32 -28.92
CA LEU U 190 -54.01 -45.18 -27.56
C LEU U 190 -52.84 -46.13 -27.33
N TYR U 191 -51.94 -45.75 -26.42
CA TYR U 191 -50.78 -46.57 -26.14
C TYR U 191 -51.07 -47.55 -25.02
N SER U 192 -50.23 -48.57 -24.92
CA SER U 192 -50.29 -49.53 -23.83
C SER U 192 -48.86 -50.02 -23.58
N LEU U 193 -48.50 -50.21 -22.32
CA LEU U 193 -47.23 -50.87 -22.07
C LEU U 193 -47.37 -51.75 -20.83
N SER U 194 -46.41 -52.63 -20.68
CA SER U 194 -46.35 -53.49 -19.51
C SER U 194 -45.00 -53.32 -18.84
N SER U 195 -45.01 -53.44 -17.51
CA SER U 195 -43.80 -53.52 -16.72
C SER U 195 -43.88 -54.78 -15.87
N VAL U 196 -42.78 -55.53 -15.80
CA VAL U 196 -42.79 -56.77 -15.04
C VAL U 196 -41.58 -56.81 -14.11
N VAL U 197 -41.64 -57.73 -13.16
CA VAL U 197 -40.50 -58.00 -12.29
C VAL U 197 -40.54 -59.48 -11.91
N THR U 198 -39.38 -60.12 -11.86
CA THR U 198 -39.28 -61.49 -11.38
C THR U 198 -38.77 -61.47 -9.94
N VAL U 199 -39.41 -62.26 -9.10
CA VAL U 199 -39.10 -62.27 -7.66
C VAL U 199 -39.12 -63.71 -7.17
N PRO U 200 -38.50 -63.97 -6.02
CA PRO U 200 -38.61 -65.33 -5.45
C PRO U 200 -40.06 -65.66 -5.16
N SER U 201 -40.49 -66.85 -5.60
CA SER U 201 -41.87 -67.28 -5.35
C SER U 201 -42.21 -67.25 -3.87
N SER U 202 -41.24 -67.59 -3.02
CA SER U 202 -41.45 -67.59 -1.58
C SER U 202 -41.78 -66.22 -1.01
N SER U 203 -41.56 -65.14 -1.76
CA SER U 203 -41.84 -63.81 -1.24
C SER U 203 -43.24 -63.32 -1.54
N LEU U 204 -44.02 -64.06 -2.33
CA LEU U 204 -45.28 -63.54 -2.84
C LEU U 204 -46.32 -63.29 -1.74
N GLY U 205 -46.32 -64.06 -0.69
CA GLY U 205 -47.30 -63.76 0.33
C GLY U 205 -46.84 -62.81 1.40
N THR U 206 -45.56 -62.49 1.43
CA THR U 206 -45.01 -61.69 2.52
C THR U 206 -44.54 -60.32 2.10
N GLN U 207 -43.94 -60.18 0.92
CA GLN U 207 -43.45 -58.90 0.44
C GLN U 207 -44.50 -58.25 -0.43
N THR U 208 -44.72 -56.95 -0.20
CA THR U 208 -45.66 -56.16 -0.99
C THR U 208 -44.97 -55.64 -2.24
N TYR U 209 -45.67 -55.74 -3.37
CA TYR U 209 -45.15 -55.27 -4.65
C TYR U 209 -46.11 -54.23 -5.23
N ILE U 210 -45.60 -53.03 -5.47
CA ILE U 210 -46.38 -51.91 -5.97
C ILE U 210 -45.69 -51.35 -7.19
N CYS U 211 -46.42 -51.26 -8.30
CA CYS U 211 -45.87 -50.59 -9.48
C CYS U 211 -46.30 -49.13 -9.44
N ASN U 212 -45.33 -48.22 -9.56
CA ASN U 212 -45.58 -46.79 -9.52
C ASN U 212 -45.61 -46.28 -10.95
N VAL U 213 -46.80 -45.98 -11.44
CA VAL U 213 -47.02 -45.54 -12.81
C VAL U 213 -47.19 -44.03 -12.79
N ASN U 214 -46.46 -43.34 -13.65
CA ASN U 214 -46.57 -41.89 -13.77
C ASN U 214 -46.82 -41.52 -15.23
N HIS U 215 -47.92 -40.83 -15.48
CA HIS U 215 -48.24 -40.31 -16.81
C HIS U 215 -48.31 -38.78 -16.71
N LYS U 216 -47.15 -38.14 -16.91
CA LYS U 216 -47.06 -36.69 -16.75
C LYS U 216 -48.05 -35.93 -17.63
N PRO U 217 -48.29 -36.28 -18.90
CA PRO U 217 -49.16 -35.43 -19.72
C PRO U 217 -50.57 -35.24 -19.17
N SER U 218 -51.09 -36.21 -18.41
CA SER U 218 -52.41 -36.08 -17.80
C SER U 218 -52.34 -35.87 -16.29
N ASN U 219 -51.14 -35.70 -15.72
CA ASN U 219 -50.99 -35.60 -14.26
C ASN U 219 -51.57 -36.82 -13.54
N THR U 220 -51.37 -38.00 -14.10
CA THR U 220 -51.90 -39.23 -13.53
C THR U 220 -50.76 -40.00 -12.87
N LYS U 221 -50.90 -40.27 -11.57
CA LYS U 221 -50.00 -41.16 -10.84
C LYS U 221 -50.83 -42.25 -10.19
N VAL U 222 -50.41 -43.50 -10.37
CA VAL U 222 -51.07 -44.68 -9.84
C VAL U 222 -50.01 -45.53 -9.14
N ASP U 223 -50.29 -45.94 -7.91
CA ASP U 223 -49.47 -46.91 -7.18
C ASP U 223 -50.32 -48.17 -7.03
N LYS U 224 -50.10 -49.14 -7.91
CA LYS U 224 -50.96 -50.32 -8.00
C LYS U 224 -50.31 -51.48 -7.25
N ARG U 225 -50.96 -51.91 -6.17
CA ARG U 225 -50.58 -53.15 -5.49
C ARG U 225 -50.91 -54.33 -6.39
N VAL U 226 -49.92 -55.21 -6.58
CA VAL U 226 -50.08 -56.41 -7.38
C VAL U 226 -50.02 -57.59 -6.43
N GLU U 227 -51.17 -58.18 -6.14
CA GLU U 227 -51.23 -59.34 -5.29
C GLU U 227 -51.53 -60.57 -6.13
N PRO U 228 -51.13 -61.75 -5.68
CA PRO U 228 -51.64 -62.97 -6.31
C PRO U 228 -53.17 -62.92 -6.32
N LYS U 229 -53.78 -63.42 -7.40
CA LYS U 229 -55.24 -63.42 -7.52
C LYS U 229 -55.92 -64.19 -6.39
N ALA V 1 -32.42 -40.33 -58.62
CA ALA V 1 -31.69 -40.15 -57.38
C ALA V 1 -30.63 -41.23 -57.21
N ILE V 2 -29.88 -41.16 -56.12
CA ILE V 2 -28.83 -42.12 -55.80
C ILE V 2 -29.25 -42.88 -54.56
N GLN V 3 -29.15 -44.21 -54.62
CA GLN V 3 -29.50 -45.08 -53.50
C GLN V 3 -28.23 -45.68 -52.91
N LEU V 4 -28.08 -45.54 -51.60
CA LEU V 4 -26.95 -46.09 -50.87
C LEU V 4 -27.39 -47.37 -50.17
N THR V 5 -26.70 -48.46 -50.43
CA THR V 5 -26.99 -49.76 -49.82
C THR V 5 -25.91 -50.07 -48.79
N GLN V 6 -26.33 -50.26 -47.54
CA GLN V 6 -25.41 -50.50 -46.45
C GLN V 6 -25.67 -51.89 -45.89
N ALA V 7 -24.65 -52.73 -45.92
CA ALA V 7 -24.74 -54.11 -45.45
C ALA V 7 -23.46 -54.48 -44.71
N PRO V 8 -23.53 -55.40 -43.74
CA PRO V 8 -24.73 -56.07 -43.22
C PRO V 8 -25.53 -55.17 -42.28
N LEU V 9 -26.85 -55.35 -42.22
CA LEU V 9 -27.69 -54.47 -41.42
C LEU V 9 -27.48 -54.64 -39.92
N THR V 10 -26.77 -55.68 -39.50
CA THR V 10 -26.53 -55.91 -38.08
C THR V 10 -25.27 -56.75 -37.94
N VAL V 11 -24.21 -56.15 -37.42
CA VAL V 11 -22.94 -56.84 -37.18
C VAL V 11 -22.65 -56.81 -35.68
N SER V 12 -22.28 -57.96 -35.13
CA SER V 12 -22.05 -58.12 -33.71
C SER V 12 -20.60 -58.47 -33.45
N ALA V 13 -19.98 -57.78 -32.50
CA ALA V 13 -18.61 -58.06 -32.11
C ALA V 13 -18.41 -57.63 -30.66
N SER V 14 -17.42 -58.24 -30.01
CA SER V 14 -17.15 -57.94 -28.62
C SER V 14 -16.17 -56.77 -28.51
N ILE V 15 -15.89 -56.36 -27.28
CA ILE V 15 -15.00 -55.23 -27.05
C ILE V 15 -13.58 -55.61 -27.42
N GLY V 16 -12.95 -54.81 -28.28
CA GLY V 16 -11.58 -55.06 -28.69
C GLY V 16 -11.48 -55.85 -29.97
N ASP V 17 -12.37 -55.58 -30.93
CA ASP V 17 -12.37 -56.24 -32.23
C ASP V 17 -12.21 -55.20 -33.33
N THR V 18 -12.16 -55.68 -34.57
CA THR V 18 -12.07 -54.82 -35.75
C THR V 18 -13.21 -55.17 -36.69
N ILE V 19 -14.00 -54.16 -37.06
CA ILE V 19 -15.16 -54.35 -37.92
C ILE V 19 -14.98 -53.49 -39.17
N THR V 20 -15.51 -53.98 -40.28
CA THR V 20 -15.58 -53.22 -41.52
C THR V 20 -17.04 -53.08 -41.94
N LEU V 21 -17.46 -51.86 -42.19
CA LEU V 21 -18.83 -51.56 -42.63
C LEU V 21 -18.80 -51.17 -44.09
N THR V 22 -19.77 -51.66 -44.85
CA THR V 22 -19.83 -51.41 -46.29
C THR V 22 -21.03 -50.53 -46.63
N CYS V 23 -20.80 -49.57 -47.52
CA CYS V 23 -21.87 -48.72 -48.05
C CYS V 23 -21.68 -48.65 -49.56
N ARG V 24 -22.53 -49.35 -50.29
CA ARG V 24 -22.45 -49.40 -51.76
C ARG V 24 -23.41 -48.39 -52.36
N ALA V 25 -22.90 -47.57 -53.27
CA ALA V 25 -23.72 -46.57 -53.95
C ALA V 25 -24.28 -47.14 -55.25
N SER V 26 -25.28 -46.45 -55.80
CA SER V 26 -25.85 -46.86 -57.07
C SER V 26 -24.96 -46.42 -58.23
N GLN V 27 -24.76 -45.11 -58.37
CA GLN V 27 -23.84 -44.57 -59.36
C GLN V 27 -22.46 -44.41 -58.72
N ASP V 28 -21.57 -43.72 -59.40
CA ASP V 28 -20.28 -43.34 -58.84
C ASP V 28 -20.40 -41.94 -58.25
N ILE V 29 -20.28 -41.83 -56.93
CA ILE V 29 -20.43 -40.57 -56.24
C ILE V 29 -19.07 -39.95 -55.90
N SER V 30 -18.02 -40.33 -56.62
CA SER V 30 -16.65 -39.88 -56.36
C SER V 30 -16.32 -40.27 -54.93
N ILE V 31 -15.75 -39.39 -54.11
CA ILE V 31 -15.42 -39.70 -52.73
C ILE V 31 -16.34 -39.01 -51.74
N TRP V 32 -17.36 -38.30 -52.22
CA TRP V 32 -18.25 -37.53 -51.36
C TRP V 32 -19.24 -38.48 -50.68
N LEU V 33 -18.81 -39.01 -49.52
CA LEU V 33 -19.68 -39.84 -48.69
C LEU V 33 -19.23 -39.71 -47.24
N SER V 34 -20.09 -39.16 -46.40
CA SER V 34 -19.79 -38.95 -45.00
C SER V 34 -20.49 -39.99 -44.13
N TRP V 35 -19.90 -40.26 -42.97
CA TRP V 35 -20.37 -41.28 -42.05
C TRP V 35 -20.85 -40.65 -40.76
N TYR V 36 -22.02 -41.07 -40.29
CA TYR V 36 -22.61 -40.54 -39.07
C TYR V 36 -22.95 -41.68 -38.12
N ARG V 37 -22.72 -41.45 -36.83
CA ARG V 37 -22.99 -42.44 -35.79
C ARG V 37 -24.09 -41.93 -34.88
N GLN V 38 -25.12 -42.75 -34.68
CA GLN V 38 -26.25 -42.39 -33.83
C GLN V 38 -26.27 -43.33 -32.62
N MET V 39 -25.83 -42.81 -31.48
CA MET V 39 -26.00 -43.55 -30.23
C MET V 39 -27.48 -43.67 -29.92
N PRO V 40 -27.94 -44.85 -29.44
CA PRO V 40 -29.37 -45.04 -29.18
C PRO V 40 -29.97 -43.98 -28.27
N GLY V 41 -30.89 -43.19 -28.81
CA GLY V 41 -31.56 -42.14 -28.08
C GLY V 41 -30.93 -40.76 -28.24
N LYS V 42 -29.68 -40.69 -28.67
CA LYS V 42 -28.99 -39.43 -28.87
C LYS V 42 -29.18 -38.94 -30.30
N ALA V 43 -28.40 -37.93 -30.70
CA ALA V 43 -28.42 -37.40 -32.05
C ALA V 43 -27.21 -37.90 -32.83
N PRO V 44 -27.34 -38.07 -34.15
CA PRO V 44 -26.21 -38.51 -34.95
C PRO V 44 -25.08 -37.49 -34.94
N GLU V 45 -23.86 -38.00 -35.04
CA GLU V 45 -22.67 -37.15 -35.05
C GLU V 45 -21.77 -37.55 -36.20
N LEU V 46 -21.03 -36.57 -36.72
CA LEU V 46 -20.15 -36.81 -37.85
C LEU V 46 -18.89 -37.56 -37.40
N LEU V 47 -18.58 -38.67 -38.07
CA LEU V 47 -17.32 -39.37 -37.87
C LEU V 47 -16.33 -39.08 -38.99
N ILE V 48 -16.70 -39.39 -40.23
CA ILE V 48 -15.81 -39.29 -41.38
C ILE V 48 -16.54 -38.52 -42.47
N TYR V 49 -15.84 -37.56 -43.06
CA TYR V 49 -16.36 -36.84 -44.24
C TYR V 49 -15.39 -37.09 -45.40
N ALA V 50 -15.90 -36.99 -46.63
CA ALA V 50 -15.14 -37.28 -47.84
C ALA V 50 -14.59 -38.70 -47.85
N ALA V 51 -15.20 -39.59 -47.07
CA ALA V 51 -14.92 -41.02 -46.99
C ALA V 51 -13.53 -41.33 -46.44
N SER V 52 -12.70 -40.33 -46.16
CA SER V 52 -11.37 -40.59 -45.61
C SER V 52 -10.96 -39.66 -44.47
N THR V 53 -11.54 -38.47 -44.35
CA THR V 53 -11.07 -37.48 -43.39
C THR V 53 -11.77 -37.64 -42.06
N LEU V 54 -10.99 -37.69 -40.98
CA LEU V 54 -11.53 -37.87 -39.65
C LEU V 54 -11.98 -36.53 -39.08
N ARG V 55 -13.17 -36.52 -38.47
CA ARG V 55 -13.70 -35.29 -37.83
C ARG V 55 -12.82 -34.94 -36.63
N GLY V 56 -12.76 -33.65 -36.29
CA GLY V 56 -11.95 -33.18 -35.15
C GLY V 56 -12.47 -33.75 -33.85
N GLY V 57 -11.67 -34.62 -33.23
CA GLY V 57 -12.06 -35.25 -31.99
C GLY V 57 -12.34 -36.73 -32.10
N VAL V 58 -12.61 -37.23 -33.30
CA VAL V 58 -12.81 -38.66 -33.50
C VAL V 58 -11.47 -39.37 -33.31
N PRO V 59 -11.42 -40.47 -32.56
CA PRO V 59 -10.14 -41.16 -32.38
C PRO V 59 -9.61 -41.75 -33.68
N SER V 60 -8.29 -41.92 -33.73
CA SER V 60 -7.63 -42.39 -34.94
C SER V 60 -8.00 -43.82 -35.31
N ARG V 61 -8.68 -44.55 -34.42
CA ARG V 61 -9.13 -45.90 -34.75
C ARG V 61 -10.08 -45.91 -35.94
N PHE V 62 -10.99 -44.93 -36.01
CA PHE V 62 -11.92 -44.87 -37.13
C PHE V 62 -11.19 -44.50 -38.41
N SER V 63 -11.59 -45.12 -39.52
CA SER V 63 -10.97 -44.87 -40.81
C SER V 63 -11.88 -45.35 -41.92
N GLY V 64 -11.91 -44.60 -43.01
CA GLY V 64 -12.63 -44.98 -44.22
C GLY V 64 -11.68 -45.18 -45.39
N ALA V 65 -12.25 -45.57 -46.52
CA ALA V 65 -11.47 -45.84 -47.71
C ALA V 65 -12.38 -45.82 -48.93
N ARG V 66 -11.75 -45.97 -50.10
CA ARG V 66 -12.42 -46.13 -51.40
C ARG V 66 -13.05 -44.85 -51.90
N SER V 67 -12.95 -44.60 -53.21
CA SER V 67 -13.51 -43.41 -53.85
C SER V 67 -14.34 -43.78 -55.08
N GLY V 68 -14.85 -45.01 -55.14
CA GLY V 68 -15.65 -45.44 -56.25
C GLY V 68 -17.10 -45.69 -55.88
N THR V 69 -17.44 -46.95 -55.64
CA THR V 69 -18.81 -47.34 -55.28
C THR V 69 -18.89 -48.08 -53.96
N ASP V 70 -17.93 -48.96 -53.66
CA ASP V 70 -17.97 -49.76 -52.44
C ASP V 70 -17.17 -49.07 -51.35
N PHE V 71 -17.81 -48.09 -50.70
CA PHE V 71 -17.19 -47.38 -49.59
C PHE V 71 -17.16 -48.25 -48.34
N SER V 72 -16.08 -48.12 -47.57
CA SER V 72 -15.89 -48.95 -46.38
C SER V 72 -15.44 -48.09 -45.21
N LEU V 73 -15.87 -48.48 -44.02
CA LEU V 73 -15.44 -47.86 -42.77
C LEU V 73 -14.91 -48.95 -41.85
N LYS V 74 -13.75 -48.73 -41.25
CA LYS V 74 -13.10 -49.71 -40.39
C LYS V 74 -12.94 -49.13 -38.98
N ILE V 75 -13.37 -49.90 -37.99
CA ILE V 75 -13.25 -49.54 -36.58
C ILE V 75 -12.23 -50.48 -35.94
N LYS V 76 -11.27 -49.91 -35.21
CA LYS V 76 -10.30 -50.68 -34.47
C LYS V 76 -10.44 -50.41 -32.99
N ASN V 77 -10.13 -51.41 -32.17
CA ASN V 77 -10.17 -51.31 -30.71
C ASN V 77 -11.56 -50.88 -30.24
N LEU V 78 -12.52 -51.76 -30.48
CA LEU V 78 -13.91 -51.49 -30.14
C LEU V 78 -14.07 -51.16 -28.66
N GLN V 79 -14.89 -50.17 -28.39
CA GLN V 79 -15.25 -49.73 -27.04
C GLN V 79 -16.76 -49.62 -26.95
N PRO V 80 -17.33 -49.62 -25.75
CA PRO V 80 -18.80 -49.58 -25.63
C PRO V 80 -19.44 -48.38 -26.31
N GLU V 81 -18.72 -47.26 -26.45
CA GLU V 81 -19.29 -46.11 -27.12
C GLU V 81 -19.39 -46.28 -28.63
N ASP V 82 -18.79 -47.32 -29.20
CA ASP V 82 -18.87 -47.57 -30.63
C ASP V 82 -20.07 -48.42 -31.03
N PHE V 83 -20.81 -48.96 -30.05
CA PHE V 83 -21.96 -49.80 -30.34
C PHE V 83 -23.18 -48.91 -30.58
N ALA V 84 -23.25 -48.37 -31.79
CA ALA V 84 -24.34 -47.48 -32.18
C ALA V 84 -24.73 -47.81 -33.62
N THR V 85 -25.62 -47.00 -34.18
CA THR V 85 -26.09 -47.18 -35.55
C THR V 85 -25.35 -46.21 -36.45
N TYR V 86 -24.68 -46.73 -37.47
CA TYR V 86 -23.88 -45.93 -38.39
C TYR V 86 -24.65 -45.71 -39.69
N TYR V 87 -24.54 -44.50 -40.22
CA TYR V 87 -25.21 -44.13 -41.46
C TYR V 87 -24.20 -43.53 -42.43
N CYS V 88 -24.34 -43.87 -43.71
CA CYS V 88 -23.53 -43.29 -44.77
C CYS V 88 -24.40 -42.34 -45.59
N PHE V 89 -23.89 -41.14 -45.83
CA PHE V 89 -24.65 -40.07 -46.47
C PHE V 89 -23.85 -39.55 -47.65
N GLN V 90 -24.44 -39.59 -48.83
CA GLN V 90 -23.78 -39.09 -50.02
C GLN V 90 -24.08 -37.61 -50.24
N SER V 91 -23.17 -36.93 -50.93
CA SER V 91 -23.33 -35.50 -51.19
C SER V 91 -23.01 -35.16 -52.63
N ASP V 92 -23.20 -36.09 -53.55
CA ASP V 92 -22.91 -35.85 -54.96
C ASP V 92 -24.09 -35.19 -55.66
N SER V 93 -25.24 -35.86 -55.67
CA SER V 93 -26.44 -35.36 -56.34
C SER V 93 -27.37 -34.73 -55.31
N TYR V 94 -28.07 -33.68 -55.74
CA TYR V 94 -28.90 -32.85 -54.83
C TYR V 94 -30.08 -33.63 -54.22
N PRO V 95 -30.77 -34.60 -54.87
CA PRO V 95 -31.58 -35.55 -54.11
C PRO V 95 -30.67 -36.36 -53.19
N ARG V 96 -30.36 -35.82 -52.00
CA ARG V 96 -29.50 -36.47 -51.02
C ARG V 96 -30.15 -37.72 -50.47
N ALA V 97 -29.32 -38.67 -50.06
CA ALA V 97 -29.81 -39.94 -49.55
C ALA V 97 -28.91 -40.43 -48.42
N PHE V 98 -29.50 -41.20 -47.53
CA PHE V 98 -28.81 -41.83 -46.41
C PHE V 98 -28.74 -43.34 -46.61
N GLY V 99 -27.86 -43.97 -45.83
CA GLY V 99 -27.83 -45.41 -45.78
C GLY V 99 -28.95 -45.96 -44.92
N GLN V 100 -29.10 -47.28 -44.96
CA GLN V 100 -30.14 -47.93 -44.18
C GLN V 100 -29.80 -47.99 -42.70
N GLY V 101 -28.51 -47.99 -42.36
CA GLY V 101 -28.09 -48.01 -40.98
C GLY V 101 -27.60 -49.37 -40.53
N THR V 102 -26.36 -49.43 -40.08
CA THR V 102 -25.75 -50.67 -39.59
C THR V 102 -25.71 -50.62 -38.07
N LYS V 103 -26.51 -51.47 -37.43
CA LYS V 103 -26.59 -51.51 -35.97
C LYS V 103 -25.49 -52.43 -35.44
N VAL V 104 -24.47 -51.84 -34.83
CA VAL V 104 -23.37 -52.60 -34.25
C VAL V 104 -23.65 -52.83 -32.78
N GLU V 105 -23.65 -54.09 -32.36
CA GLU V 105 -23.92 -54.47 -30.98
C GLU V 105 -22.85 -55.44 -30.51
N ILE V 106 -22.97 -55.88 -29.26
CA ILE V 106 -22.08 -56.86 -28.69
C ILE V 106 -22.65 -58.25 -28.93
N THR V 107 -21.76 -59.23 -29.04
CA THR V 107 -22.18 -60.61 -29.33
C THR V 107 -23.03 -61.19 -28.20
N THR V 109 -24.80 -65.85 -24.38
CA THR V 109 -25.02 -67.29 -24.30
C THR V 109 -26.45 -67.60 -24.73
N VAL V 110 -26.62 -68.62 -25.59
CA VAL V 110 -27.97 -68.99 -26.01
C VAL V 110 -28.76 -69.44 -24.79
N ALA V 111 -29.92 -68.83 -24.60
CA ALA V 111 -30.71 -69.14 -23.41
C ALA V 111 -32.17 -69.02 -23.78
N ALA V 112 -32.92 -70.08 -23.50
CA ALA V 112 -34.35 -70.10 -23.75
C ALA V 112 -35.08 -69.16 -22.79
N PRO V 113 -36.18 -68.56 -23.24
CA PRO V 113 -36.97 -67.72 -22.34
C PRO V 113 -37.64 -68.53 -21.24
N SER V 114 -37.78 -67.90 -20.09
CA SER V 114 -38.72 -68.32 -19.08
C SER V 114 -40.06 -67.69 -19.45
N VAL V 115 -41.13 -68.49 -19.53
CA VAL V 115 -42.40 -68.03 -20.10
C VAL V 115 -43.45 -67.95 -19.00
N PHE V 116 -44.25 -66.89 -19.03
CA PHE V 116 -45.32 -66.68 -18.07
C PHE V 116 -46.54 -66.16 -18.81
N ILE V 117 -47.74 -66.60 -18.39
CA ILE V 117 -48.98 -66.12 -18.96
C ILE V 117 -49.83 -65.48 -17.87
N PHE V 118 -50.51 -64.38 -18.22
CA PHE V 118 -51.30 -63.62 -17.26
C PHE V 118 -52.72 -63.44 -17.79
N PRO V 119 -53.74 -63.88 -17.08
CA PRO V 119 -55.11 -63.64 -17.51
C PRO V 119 -55.48 -62.17 -17.37
N PRO V 120 -56.51 -61.74 -18.06
CA PRO V 120 -57.01 -60.37 -17.84
C PRO V 120 -57.57 -60.25 -16.43
N SER V 121 -57.49 -59.05 -15.89
CA SER V 121 -58.08 -58.77 -14.61
C SER V 121 -59.59 -58.61 -14.74
N ASP V 122 -60.31 -58.96 -13.67
CA ASP V 122 -61.75 -58.76 -13.67
C ASP V 122 -62.11 -57.29 -13.80
N GLU V 123 -61.24 -56.39 -13.29
CA GLU V 123 -61.48 -54.96 -13.44
C GLU V 123 -61.47 -54.54 -14.90
N GLN V 124 -60.50 -55.04 -15.67
CA GLN V 124 -60.51 -54.75 -17.10
C GLN V 124 -61.75 -55.29 -17.78
N LEU V 125 -62.15 -56.52 -17.43
CA LEU V 125 -63.26 -57.17 -18.12
C LEU V 125 -64.53 -56.34 -18.04
N LYS V 126 -64.74 -55.60 -16.94
CA LYS V 126 -65.91 -54.74 -16.80
C LYS V 126 -65.98 -53.70 -17.91
N SER V 127 -64.85 -53.39 -18.55
CA SER V 127 -64.75 -52.41 -19.63
C SER V 127 -65.14 -52.97 -21.00
N GLY V 128 -65.41 -54.26 -21.13
CA GLY V 128 -65.76 -54.84 -22.42
C GLY V 128 -64.61 -55.41 -23.22
N THR V 129 -63.37 -55.31 -22.72
CA THR V 129 -62.20 -55.77 -23.45
C THR V 129 -61.32 -56.58 -22.50
N ALA V 130 -60.61 -57.55 -23.07
CA ALA V 130 -59.75 -58.45 -22.31
C ALA V 130 -58.36 -58.44 -22.91
N SER V 131 -57.34 -58.25 -22.07
CA SER V 131 -55.95 -58.36 -22.50
C SER V 131 -55.31 -59.59 -21.83
N VAL V 132 -54.76 -60.48 -22.63
CA VAL V 132 -53.97 -61.61 -22.14
C VAL V 132 -52.51 -61.32 -22.48
N VAL V 133 -51.63 -61.47 -21.48
CA VAL V 133 -50.23 -61.07 -21.63
C VAL V 133 -49.33 -62.29 -21.47
N CYS V 134 -48.37 -62.44 -22.37
CA CYS V 134 -47.39 -63.51 -22.31
C CYS V 134 -46.02 -62.86 -22.19
N LEU V 135 -45.25 -63.26 -21.17
CA LEU V 135 -43.93 -62.71 -20.92
C LEU V 135 -42.90 -63.77 -21.27
N LEU V 136 -41.91 -63.36 -22.09
CA LEU V 136 -40.74 -64.19 -22.39
C LEU V 136 -39.54 -63.51 -21.75
N ASN V 137 -38.98 -64.12 -20.72
CA ASN V 137 -38.00 -63.43 -19.88
C ASN V 137 -36.57 -63.92 -20.12
N ASN V 138 -35.65 -62.97 -20.30
CA ASN V 138 -34.19 -63.17 -20.21
C ASN V 138 -33.70 -64.26 -21.16
N PHE V 139 -33.87 -64.01 -22.45
CA PHE V 139 -33.49 -64.96 -23.48
C PHE V 139 -32.49 -64.33 -24.44
N TYR V 140 -31.75 -65.20 -25.13
CA TYR V 140 -30.84 -64.79 -26.16
C TYR V 140 -30.76 -65.94 -27.15
N PRO V 141 -30.81 -65.68 -28.48
CA PRO V 141 -30.85 -64.41 -29.19
C PRO V 141 -32.21 -63.75 -29.20
N ARG V 142 -32.25 -62.56 -29.80
CA ARG V 142 -33.44 -61.72 -29.74
C ARG V 142 -34.61 -62.33 -30.51
N GLU V 143 -34.34 -63.12 -31.54
CA GLU V 143 -35.40 -63.69 -32.37
C GLU V 143 -36.23 -64.70 -31.56
N ALA V 144 -37.54 -64.50 -31.51
CA ALA V 144 -38.45 -65.38 -30.79
C ALA V 144 -39.81 -65.31 -31.46
N LYS V 145 -40.60 -66.38 -31.34
CA LYS V 145 -41.92 -66.45 -31.95
C LYS V 145 -42.96 -66.81 -30.91
N VAL V 146 -44.02 -65.99 -30.83
CA VAL V 146 -45.14 -66.21 -29.92
C VAL V 146 -46.36 -66.52 -30.76
N GLN V 147 -47.02 -67.63 -30.46
CA GLN V 147 -48.28 -67.98 -31.10
C GLN V 147 -49.34 -68.10 -30.02
N TRP V 148 -50.41 -67.32 -30.14
CA TRP V 148 -51.54 -67.41 -29.23
C TRP V 148 -52.54 -68.45 -29.70
N LYS V 149 -53.07 -69.22 -28.76
CA LYS V 149 -54.13 -70.18 -29.06
C LYS V 149 -55.28 -69.99 -28.07
N VAL V 150 -56.49 -70.07 -28.58
CA VAL V 150 -57.70 -69.96 -27.78
C VAL V 150 -58.54 -71.17 -28.11
N ASP V 151 -58.74 -72.05 -27.13
CA ASP V 151 -59.39 -73.35 -27.36
C ASP V 151 -58.75 -74.06 -28.56
N ASN V 152 -57.42 -74.00 -28.63
CA ASN V 152 -56.54 -74.62 -29.63
C ASN V 152 -56.60 -73.94 -31.00
N ALA V 153 -57.36 -72.87 -31.17
CA ALA V 153 -57.44 -72.18 -32.45
C ALA V 153 -56.34 -71.14 -32.54
N LEU V 154 -55.58 -71.19 -33.63
CA LEU V 154 -54.46 -70.29 -33.83
C LEU V 154 -54.96 -68.87 -34.05
N GLN V 155 -54.49 -67.93 -33.24
CA GLN V 155 -54.90 -66.55 -33.34
C GLN V 155 -54.00 -65.83 -34.34
N SER V 156 -54.58 -64.85 -35.03
CA SER V 156 -53.82 -64.08 -36.00
C SER V 156 -54.37 -62.67 -36.04
N GLY V 157 -53.48 -61.67 -35.98
CA GLY V 157 -53.85 -60.29 -36.20
C GLY V 157 -54.32 -59.54 -34.97
N ASN V 158 -54.50 -60.21 -33.83
CA ASN V 158 -55.01 -59.58 -32.62
C ASN V 158 -54.00 -59.53 -31.49
N SER V 159 -52.70 -59.51 -31.79
CA SER V 159 -51.68 -59.38 -30.76
C SER V 159 -50.67 -58.32 -31.18
N GLN V 160 -50.01 -57.72 -30.18
CA GLN V 160 -48.86 -56.85 -30.40
C GLN V 160 -47.78 -57.20 -29.40
N GLU V 161 -46.52 -56.96 -29.79
CA GLU V 161 -45.43 -57.35 -28.91
C GLU V 161 -44.36 -56.26 -28.88
N SER V 162 -43.53 -56.32 -27.86
CA SER V 162 -42.54 -55.30 -27.56
C SER V 162 -41.36 -56.00 -26.90
N VAL V 163 -40.13 -55.55 -27.21
CA VAL V 163 -38.90 -56.17 -26.71
C VAL V 163 -38.04 -55.14 -25.99
N THR V 164 -37.38 -55.56 -24.92
CA THR V 164 -36.45 -54.68 -24.21
C THR V 164 -35.17 -54.49 -25.01
N GLU V 165 -34.37 -53.50 -24.59
CA GLU V 165 -32.99 -53.40 -25.06
C GLU V 165 -32.16 -54.52 -24.43
N GLN V 166 -31.04 -54.82 -25.07
CA GLN V 166 -30.16 -55.87 -24.56
C GLN V 166 -29.62 -55.52 -23.19
N ASP V 167 -29.69 -56.47 -22.28
CA ASP V 167 -29.25 -56.24 -20.91
C ASP V 167 -27.73 -56.05 -20.84
N SER V 168 -27.30 -55.08 -20.05
CA SER V 168 -25.88 -54.72 -20.04
C SER V 168 -25.02 -55.78 -19.34
N LYS V 169 -25.59 -56.55 -18.42
CA LYS V 169 -24.81 -57.51 -17.67
C LYS V 169 -24.91 -58.94 -18.18
N ASP V 170 -26.05 -59.37 -18.74
CA ASP V 170 -26.15 -60.75 -19.18
C ASP V 170 -26.49 -60.89 -20.67
N SER V 171 -26.62 -59.77 -21.39
CA SER V 171 -26.81 -59.72 -22.84
C SER V 171 -28.13 -60.34 -23.29
N THR V 172 -29.09 -60.50 -22.40
CA THR V 172 -30.36 -61.09 -22.78
C THR V 172 -31.40 -60.03 -23.13
N TYR V 173 -32.53 -60.52 -23.65
CA TYR V 173 -33.71 -59.73 -23.97
C TYR V 173 -34.91 -60.27 -23.22
N SER V 174 -35.94 -59.45 -23.11
CA SER V 174 -37.24 -59.91 -22.67
C SER V 174 -38.29 -59.41 -23.66
N LEU V 175 -39.41 -60.12 -23.77
CA LEU V 175 -40.46 -59.78 -24.72
C LEU V 175 -41.81 -59.88 -24.04
N SER V 176 -42.71 -58.97 -24.40
CA SER V 176 -44.07 -58.98 -23.86
C SER V 176 -45.02 -58.94 -25.05
N SER V 177 -45.96 -59.88 -25.08
CA SER V 177 -46.98 -59.94 -26.12
C SER V 177 -48.35 -59.84 -25.49
N THR V 178 -49.20 -59.00 -26.06
CA THR V 178 -50.56 -58.83 -25.57
C THR V 178 -51.54 -59.30 -26.62
N LEU V 179 -52.40 -60.25 -26.25
CA LEU V 179 -53.54 -60.65 -27.06
C LEU V 179 -54.76 -59.86 -26.61
N THR V 180 -55.43 -59.19 -27.55
CA THR V 180 -56.59 -58.37 -27.24
C THR V 180 -57.85 -59.02 -27.79
N LEU V 181 -58.82 -59.27 -26.92
CA LEU V 181 -60.10 -59.86 -27.29
C LEU V 181 -61.22 -59.01 -26.71
N SER V 182 -62.38 -59.05 -27.37
CA SER V 182 -63.57 -58.54 -26.72
C SER V 182 -63.89 -59.39 -25.49
N LYS V 183 -64.58 -58.78 -24.52
CA LYS V 183 -65.10 -59.56 -23.40
C LYS V 183 -66.02 -60.68 -23.89
N ALA V 184 -66.90 -60.38 -24.84
CA ALA V 184 -67.81 -61.41 -25.36
C ALA V 184 -67.05 -62.61 -25.91
N ASP V 185 -65.98 -62.35 -26.66
CA ASP V 185 -65.19 -63.47 -27.18
C ASP V 185 -64.46 -64.17 -26.04
N TYR V 186 -63.88 -63.40 -25.13
CA TYR V 186 -63.12 -63.99 -24.04
C TYR V 186 -63.96 -65.01 -23.27
N GLU V 187 -65.22 -64.67 -23.01
CA GLU V 187 -66.10 -65.51 -22.19
C GLU V 187 -66.73 -66.65 -22.96
N LYS V 188 -66.45 -66.79 -24.25
CA LYS V 188 -66.96 -67.91 -25.05
C LYS V 188 -65.97 -69.07 -25.11
N HIS V 189 -64.81 -68.94 -24.48
CA HIS V 189 -63.74 -69.92 -24.62
C HIS V 189 -63.10 -70.18 -23.27
N LYS V 190 -62.46 -71.35 -23.18
CA LYS V 190 -61.92 -71.86 -21.93
C LYS V 190 -60.41 -71.76 -21.86
N VAL V 191 -59.69 -72.30 -22.84
CA VAL V 191 -58.25 -72.51 -22.74
C VAL V 191 -57.52 -71.42 -23.49
N TYR V 192 -56.70 -70.66 -22.78
CA TYR V 192 -55.89 -69.58 -23.35
C TYR V 192 -54.42 -69.96 -23.20
N ALA V 193 -53.69 -69.99 -24.32
CA ALA V 193 -52.34 -70.52 -24.33
C ALA V 193 -51.44 -69.65 -25.18
N CYS V 194 -50.21 -69.42 -24.74
CA CYS V 194 -49.19 -68.86 -25.62
C CYS V 194 -48.11 -69.90 -25.84
N GLU V 195 -47.82 -70.17 -27.11
CA GLU V 195 -46.83 -71.13 -27.54
C GLU V 195 -45.59 -70.39 -28.03
N VAL V 196 -44.42 -70.73 -27.48
CA VAL V 196 -43.20 -69.97 -27.72
C VAL V 196 -42.18 -70.86 -28.43
N THR V 197 -41.64 -70.35 -29.52
CA THR V 197 -40.57 -70.99 -30.27
C THR V 197 -39.32 -70.14 -30.13
N HIS V 198 -38.18 -70.77 -29.89
CA HIS V 198 -36.94 -70.05 -29.70
C HIS V 198 -35.81 -71.03 -29.91
N GLN V 199 -34.65 -70.50 -30.34
CA GLN V 199 -33.50 -71.36 -30.63
C GLN V 199 -33.09 -72.20 -29.42
N GLY V 200 -33.23 -71.66 -28.21
CA GLY V 200 -32.88 -72.40 -27.02
C GLY V 200 -33.85 -73.47 -26.59
N LEU V 201 -34.93 -73.68 -27.36
CA LEU V 201 -35.96 -74.67 -27.05
C LEU V 201 -35.97 -75.75 -28.12
N SER V 202 -35.87 -77.01 -27.69
CA SER V 202 -35.93 -78.13 -28.63
C SER V 202 -37.32 -78.33 -29.19
N SER V 203 -38.35 -77.98 -28.44
CA SER V 203 -39.72 -77.98 -28.93
C SER V 203 -40.45 -76.86 -28.23
N PRO V 204 -41.54 -76.35 -28.82
CA PRO V 204 -42.15 -75.14 -28.28
C PRO V 204 -42.65 -75.35 -26.85
N VAL V 205 -42.63 -74.27 -26.09
CA VAL V 205 -43.13 -74.26 -24.71
C VAL V 205 -44.48 -73.58 -24.70
N THR V 206 -45.46 -74.18 -24.03
CA THR V 206 -46.79 -73.61 -23.96
C THR V 206 -47.16 -73.36 -22.49
N LYS V 207 -47.55 -72.13 -22.19
CA LYS V 207 -48.12 -71.79 -20.89
C LYS V 207 -49.58 -71.47 -21.11
N SER V 208 -50.45 -71.98 -20.25
CA SER V 208 -51.87 -71.80 -20.47
C SER V 208 -52.60 -71.61 -19.15
N PHE V 209 -53.84 -71.15 -19.25
CA PHE V 209 -54.77 -71.17 -18.14
C PHE V 209 -56.15 -71.50 -18.67
N ASN V 210 -57.05 -71.84 -17.76
CA ASN V 210 -58.46 -72.06 -18.07
C ASN V 210 -59.27 -70.94 -17.41
N ARG V 211 -60.02 -70.18 -18.22
CA ARG V 211 -60.77 -69.02 -17.74
C ARG V 211 -61.68 -69.38 -16.57
N GLN W 1 -26.19 29.63 -10.15
CA GLN W 1 -25.04 30.50 -10.34
C GLN W 1 -25.23 31.43 -11.54
N ALA W 2 -26.32 31.19 -12.28
CA ALA W 2 -26.70 32.03 -13.44
C ALA W 2 -27.10 33.42 -12.94
N ARG W 3 -26.33 34.43 -13.30
CA ARG W 3 -26.62 35.79 -12.83
C ARG W 3 -26.32 36.79 -13.94
N LEU W 4 -26.99 37.93 -13.87
CA LEU W 4 -26.72 39.06 -14.75
C LEU W 4 -26.09 40.15 -13.90
N GLN W 5 -24.84 40.48 -14.19
CA GLN W 5 -24.09 41.48 -13.44
C GLN W 5 -23.90 42.73 -14.28
N GLN W 6 -24.23 43.88 -13.71
CA GLN W 6 -23.98 45.16 -14.34
C GLN W 6 -23.37 46.11 -13.33
N TRP W 7 -22.48 46.97 -13.80
CA TRP W 7 -21.65 47.80 -12.95
C TRP W 7 -22.01 49.27 -13.11
N GLU W 8 -21.76 50.04 -12.05
CA GLU W 8 -22.14 51.44 -12.03
C GLU W 8 -21.33 52.23 -13.07
N GLY W 9 -22.02 53.12 -13.77
CA GLY W 9 -21.41 53.98 -14.77
C GLY W 9 -21.10 55.38 -14.30
N ARG W 10 -21.31 55.68 -13.02
CA ARG W 10 -21.05 56.98 -12.39
C ARG W 10 -21.99 58.05 -12.95
N PRO W 11 -22.17 59.17 -12.24
CA PRO W 11 -23.00 60.25 -12.77
C PRO W 11 -22.46 60.78 -14.08
N LEU W 12 -23.37 61.21 -14.96
CA LEU W 12 -23.02 61.71 -16.27
C LEU W 12 -23.65 63.07 -16.50
N LYS W 13 -22.99 63.89 -17.32
CA LYS W 13 -23.48 65.23 -17.59
C LYS W 13 -24.70 65.18 -18.51
N PRO W 14 -25.62 66.13 -18.35
CA PRO W 14 -26.82 66.13 -19.20
C PRO W 14 -26.48 66.33 -20.66
N ALA W 15 -27.35 65.82 -21.54
CA ALA W 15 -27.20 65.89 -22.99
C ALA W 15 -25.91 65.18 -23.42
N GLU W 16 -25.85 63.89 -23.12
CA GLU W 16 -24.73 63.04 -23.49
C GLU W 16 -25.28 61.68 -23.90
N THR W 17 -24.38 60.71 -24.04
CA THR W 17 -24.74 59.35 -24.41
C THR W 17 -24.66 58.45 -23.18
N LEU W 18 -25.72 57.68 -22.95
CA LEU W 18 -25.82 56.79 -21.80
C LEU W 18 -25.44 55.39 -22.26
N SER W 19 -24.24 54.94 -21.88
CA SER W 19 -23.71 53.65 -22.29
C SER W 19 -23.79 52.68 -21.12
N LEU W 20 -24.65 51.67 -21.25
CA LEU W 20 -24.79 50.61 -20.26
C LEU W 20 -24.30 49.29 -20.83
N THR W 21 -23.94 48.38 -19.92
CA THR W 21 -23.47 47.07 -20.31
C THR W 21 -23.81 46.09 -19.20
N CYS W 22 -24.40 44.96 -19.58
CA CYS W 22 -24.78 43.90 -18.66
C CYS W 22 -23.96 42.65 -18.93
N GLY W 23 -23.46 42.03 -17.85
CA GLY W 23 -22.66 40.83 -17.97
C GLY W 23 -23.50 39.60 -17.70
N VAL W 24 -23.55 38.71 -18.69
CA VAL W 24 -24.39 37.52 -18.65
C VAL W 24 -23.49 36.33 -18.31
N HIS W 25 -23.71 35.74 -17.13
CA HIS W 25 -22.97 34.57 -16.70
C HIS W 25 -23.94 33.46 -16.32
N GLY W 26 -23.50 32.22 -16.49
CA GLY W 26 -24.32 31.06 -16.23
C GLY W 26 -25.05 30.58 -17.47
N VAL W 27 -25.52 31.53 -18.27
CA VAL W 27 -26.30 31.24 -19.50
C VAL W 27 -25.67 32.10 -20.59
N GLY W 28 -26.19 32.04 -21.81
CA GLY W 28 -25.58 32.82 -22.90
C GLY W 28 -26.63 33.64 -23.60
N LEU W 29 -26.21 34.56 -24.47
CA LEU W 29 -27.15 35.46 -25.11
C LEU W 29 -28.09 34.75 -26.07
N GLY W 30 -27.73 33.55 -26.54
CA GLY W 30 -28.54 32.90 -27.57
C GLY W 30 -29.83 32.35 -27.00
N GLY W 31 -30.90 32.42 -27.81
CA GLY W 31 -32.10 31.60 -27.59
C GLY W 31 -33.17 32.40 -26.88
N SER W 32 -32.76 33.17 -25.88
CA SER W 32 -33.66 34.08 -25.16
C SER W 32 -33.61 35.44 -25.85
N GLY W 33 -34.23 36.43 -25.22
CA GLY W 33 -34.11 37.81 -25.62
C GLY W 33 -33.72 38.66 -24.43
N TRP W 34 -33.08 39.78 -24.73
CA TRP W 34 -32.48 40.61 -23.71
C TRP W 34 -32.97 42.04 -23.83
N GLY W 35 -33.48 42.58 -22.72
CA GLY W 35 -34.07 43.90 -22.72
C GLY W 35 -33.62 44.70 -21.50
N TRP W 36 -34.14 45.92 -21.41
CA TRP W 36 -33.74 46.86 -20.38
C TRP W 36 -34.98 47.41 -19.67
N ILE W 37 -34.93 47.43 -18.35
CA ILE W 37 -36.01 47.96 -17.53
C ILE W 37 -35.41 48.99 -16.58
N ARG W 38 -36.06 50.13 -16.43
CA ARG W 38 -35.62 51.19 -15.53
C ARG W 38 -36.58 51.34 -14.37
N GLN W 39 -36.22 52.19 -13.43
CA GLN W 39 -37.10 52.51 -12.32
C GLN W 39 -36.76 53.87 -11.74
N PRO W 40 -37.49 54.92 -12.11
CA PRO W 40 -37.25 56.23 -11.50
C PRO W 40 -37.53 56.17 -10.01
N PRO W 41 -36.79 56.94 -9.21
CA PRO W 41 -36.97 56.87 -7.76
C PRO W 41 -38.38 57.20 -7.34
N GLY W 42 -38.89 56.44 -6.36
CA GLY W 42 -40.24 56.65 -5.87
C GLY W 42 -41.33 56.39 -6.88
N GLN W 43 -41.03 55.66 -7.94
CA GLN W 43 -41.99 55.40 -9.00
C GLN W 43 -41.93 53.93 -9.38
N GLY W 44 -42.78 53.54 -10.33
CA GLY W 44 -42.81 52.19 -10.83
C GLY W 44 -41.80 51.95 -11.94
N LEU W 45 -41.78 50.71 -12.42
CA LEU W 45 -40.84 50.33 -13.46
C LEU W 45 -41.34 50.78 -14.82
N GLN W 46 -40.40 50.96 -15.75
CA GLN W 46 -40.71 51.38 -17.11
C GLN W 46 -39.94 50.52 -18.10
N TRP W 47 -40.61 50.12 -19.17
CA TRP W 47 -39.99 49.33 -20.22
C TRP W 47 -39.29 50.25 -21.21
N ILE W 48 -38.01 49.95 -21.49
CA ILE W 48 -37.24 50.73 -22.45
C ILE W 48 -37.27 50.05 -23.81
N GLY W 49 -36.78 48.80 -23.86
CA GLY W 49 -36.77 48.07 -25.11
C GLY W 49 -36.16 46.71 -24.89
N GLU W 50 -36.28 45.87 -25.93
CA GLU W 50 -35.78 44.47 -25.90
C GLU W 50 -35.33 44.06 -27.29
N ILE W 51 -34.42 43.07 -27.35
CA ILE W 51 -34.11 42.36 -28.57
C ILE W 51 -34.64 40.94 -28.41
N ASP W 52 -35.51 40.52 -29.33
CA ASP W 52 -36.14 39.20 -29.15
C ASP W 52 -35.25 38.12 -29.77
N HIS W 53 -35.65 36.86 -29.65
CA HIS W 53 -34.82 35.71 -30.02
C HIS W 53 -34.42 35.77 -31.49
N ASP W 54 -35.24 36.46 -32.28
CA ASP W 54 -35.15 36.54 -33.75
C ASP W 54 -34.07 37.55 -34.13
N GLY W 55 -33.70 38.40 -33.17
CA GLY W 55 -32.75 39.51 -33.42
C GLY W 55 -33.49 40.78 -33.78
N SER W 56 -34.70 40.96 -33.27
CA SER W 56 -35.55 42.10 -33.70
C SER W 56 -35.79 43.03 -32.53
N HIS W 57 -35.70 44.34 -32.78
CA HIS W 57 -35.48 45.34 -31.71
C HIS W 57 -36.81 46.03 -31.39
N LYS W 58 -37.46 45.61 -30.32
CA LYS W 58 -38.68 46.30 -29.85
C LYS W 58 -38.24 47.49 -29.00
N HIS W 59 -38.78 48.68 -29.26
CA HIS W 59 -38.40 49.93 -28.55
C HIS W 59 -39.67 50.59 -28.00
N ASN W 60 -39.56 51.30 -26.88
CA ASN W 60 -40.70 51.99 -26.31
C ASN W 60 -41.03 53.24 -27.14
N PRO W 61 -42.32 53.51 -27.40
CA PRO W 61 -42.66 54.69 -28.21
C PRO W 61 -42.23 56.00 -27.59
N ALA W 62 -42.18 56.09 -26.25
CA ALA W 62 -41.87 57.36 -25.61
C ALA W 62 -40.47 57.84 -25.97
N LEU W 63 -39.49 56.94 -25.97
CA LEU W 63 -38.11 57.28 -26.31
C LEU W 63 -37.96 57.12 -27.82
N ARG W 64 -38.13 58.22 -28.55
CA ARG W 64 -38.17 58.19 -30.01
C ARG W 64 -36.80 58.53 -30.57
N SER W 65 -36.23 57.61 -31.35
CA SER W 65 -35.02 57.77 -32.15
C SER W 65 -33.76 57.91 -31.30
N ARG W 66 -33.87 57.96 -29.97
CA ARG W 66 -32.72 58.03 -29.08
C ARG W 66 -32.34 56.68 -28.51
N LEU W 67 -32.97 55.61 -28.98
CA LEU W 67 -32.72 54.26 -28.48
C LEU W 67 -31.87 53.48 -29.47
N SER W 68 -30.95 52.69 -28.93
CA SER W 68 -30.14 51.78 -29.73
C SER W 68 -29.51 50.76 -28.81
N MET W 69 -29.69 49.49 -29.13
CA MET W 69 -29.16 48.39 -28.33
C MET W 69 -28.40 47.43 -29.22
N SER W 70 -27.50 46.67 -28.59
CA SER W 70 -26.71 45.70 -29.32
C SER W 70 -26.35 44.55 -28.38
N LEU W 71 -26.01 43.41 -28.97
CA LEU W 71 -25.64 42.21 -28.23
C LEU W 71 -24.23 41.82 -28.61
N ASP W 72 -23.37 41.66 -27.60
CA ASP W 72 -21.98 41.23 -27.81
C ASP W 72 -21.92 39.72 -27.57
N THR W 73 -22.16 38.96 -28.64
CA THR W 73 -22.21 37.51 -28.52
C THR W 73 -20.86 36.95 -28.06
N SER W 74 -19.77 37.54 -28.54
CA SER W 74 -18.44 37.04 -28.16
C SER W 74 -18.18 37.24 -26.67
N ARG W 75 -18.54 38.40 -26.13
CA ARG W 75 -18.31 38.71 -24.73
C ARG W 75 -19.51 38.46 -23.83
N ASN W 76 -20.65 38.03 -24.41
CA ASN W 76 -21.89 37.81 -23.66
C ASN W 76 -22.30 39.06 -22.88
N GLN W 77 -22.47 40.15 -23.62
CA GLN W 77 -22.81 41.43 -23.02
C GLN W 77 -23.92 42.10 -23.79
N VAL W 78 -24.82 42.77 -23.07
CA VAL W 78 -25.93 43.51 -23.63
C VAL W 78 -25.68 44.99 -23.39
N SER W 79 -25.84 45.80 -24.43
CA SER W 79 -25.47 47.21 -24.39
C SER W 79 -26.68 48.10 -24.60
N LEU W 80 -26.66 49.27 -23.96
CA LEU W 80 -27.66 50.31 -24.14
C LEU W 80 -26.94 51.62 -24.46
N ARG W 81 -27.49 52.38 -25.41
CA ARG W 81 -26.85 53.60 -25.89
C ARG W 81 -27.86 54.73 -26.00
N LEU W 82 -28.61 54.95 -24.92
CA LEU W 82 -29.53 56.08 -24.86
C LEU W 82 -28.77 57.40 -25.03
N THR W 83 -29.29 58.26 -25.90
CA THR W 83 -28.65 59.53 -26.22
C THR W 83 -29.49 60.70 -25.75
N SER W 84 -28.85 61.87 -25.65
CA SER W 84 -29.50 63.12 -25.25
C SER W 84 -30.21 62.96 -23.91
N VAL W 85 -29.46 62.52 -22.91
CA VAL W 85 -30.03 62.19 -21.61
C VAL W 85 -30.47 63.46 -20.91
N THR W 86 -31.72 63.48 -20.44
CA THR W 86 -32.30 64.60 -19.72
C THR W 86 -32.44 64.22 -18.26
N ALA W 87 -32.66 65.23 -17.41
CA ALA W 87 -32.76 64.99 -15.97
C ALA W 87 -33.88 64.01 -15.62
N ALA W 88 -34.90 63.89 -16.46
CA ALA W 88 -35.98 62.94 -16.20
C ALA W 88 -35.55 61.49 -16.37
N ASP W 89 -34.37 61.25 -16.94
CA ASP W 89 -33.87 59.89 -17.16
C ASP W 89 -33.06 59.37 -15.99
N THR W 90 -33.19 60.00 -14.82
CA THR W 90 -32.47 59.56 -13.62
C THR W 90 -33.21 58.36 -13.04
N ALA W 91 -32.69 57.16 -13.28
CA ALA W 91 -33.35 55.94 -12.82
C ALA W 91 -32.34 54.82 -12.74
N ILE W 92 -32.72 53.78 -12.01
CA ILE W 92 -31.92 52.57 -11.89
C ILE W 92 -32.24 51.68 -13.09
N TYR W 93 -31.22 51.34 -13.87
CA TYR W 93 -31.41 50.57 -15.10
C TYR W 93 -31.12 49.10 -14.83
N TYR W 94 -32.05 48.24 -15.25
CA TYR W 94 -31.92 46.80 -15.08
C TYR W 94 -31.80 46.13 -16.44
N CYS W 95 -30.98 45.08 -16.51
CA CYS W 95 -30.89 44.24 -17.68
C CYS W 95 -31.65 42.95 -17.40
N VAL W 96 -32.54 42.57 -18.32
CA VAL W 96 -33.42 41.43 -18.11
C VAL W 96 -33.31 40.47 -19.29
N ARG W 97 -33.62 39.21 -19.01
CA ARG W 97 -33.73 38.15 -20.04
C ARG W 97 -35.20 37.83 -20.25
N VAL W 98 -35.79 38.24 -21.37
CA VAL W 98 -37.17 37.85 -21.68
C VAL W 98 -37.14 36.41 -22.20
N TYR W 99 -37.55 35.48 -21.35
CA TYR W 99 -37.49 34.05 -21.71
C TYR W 99 -38.81 33.68 -22.36
N ARG W 100 -38.78 32.80 -23.36
CA ARG W 100 -39.94 32.34 -24.11
C ARG W 100 -40.36 30.96 -23.59
N GLU W 101 -41.56 30.89 -23.03
CA GLU W 101 -42.20 29.59 -22.75
C GLU W 101 -43.47 29.52 -23.60
N LYS W 102 -43.76 28.36 -24.18
CA LYS W 102 -44.94 28.20 -25.02
C LYS W 102 -46.12 27.74 -24.16
N PHE W 103 -47.17 28.55 -24.13
CA PHE W 103 -48.40 28.22 -23.43
C PHE W 103 -49.49 27.93 -24.44
N LEU W 104 -50.19 26.82 -24.26
CA LEU W 104 -51.21 26.36 -25.20
C LEU W 104 -52.57 26.79 -24.70
N ILE W 105 -53.13 27.84 -25.31
CA ILE W 105 -54.55 28.14 -25.17
C ILE W 105 -55.27 27.05 -25.96
N GLY W 106 -56.60 27.00 -25.87
CA GLY W 106 -57.38 25.90 -26.41
C GLY W 106 -56.91 25.33 -27.73
N GLU W 107 -56.54 26.20 -28.67
CA GLU W 107 -56.07 25.73 -29.97
C GLU W 107 -54.85 26.49 -30.47
N PHE W 108 -54.37 27.49 -29.73
CA PHE W 108 -53.34 28.42 -30.20
C PHE W 108 -52.09 28.28 -29.35
N LEU W 109 -50.94 28.23 -30.00
CA LEU W 109 -49.65 28.17 -29.31
C LEU W 109 -48.95 29.52 -29.44
N THR W 110 -48.49 30.04 -28.31
CA THR W 110 -47.87 31.36 -28.27
C THR W 110 -46.50 31.27 -27.62
N ASP W 111 -45.59 32.14 -28.06
CA ASP W 111 -44.34 32.39 -27.35
C ASP W 111 -44.58 33.47 -26.31
N TYR W 112 -44.51 33.11 -25.04
CA TYR W 112 -44.76 34.02 -23.94
C TYR W 112 -43.44 34.48 -23.35
N ARG W 113 -43.21 35.79 -23.33
CA ARG W 113 -41.97 36.38 -22.84
C ARG W 113 -42.23 37.01 -21.48
N PHE W 114 -41.41 36.64 -20.50
CA PHE W 114 -41.71 36.91 -19.08
C PHE W 114 -40.48 37.32 -18.26
N MET W 115 -39.45 37.91 -18.86
CA MET W 115 -38.34 38.53 -18.13
C MET W 115 -37.86 37.65 -16.97
N ASP W 116 -37.25 36.52 -17.29
CA ASP W 116 -36.94 35.43 -16.32
C ASP W 116 -35.99 35.97 -15.26
N MET W 117 -34.95 36.67 -15.72
CA MET W 117 -33.71 36.91 -14.94
C MET W 117 -33.35 38.38 -15.01
N TRP W 118 -33.20 39.00 -13.84
CA TRP W 118 -33.03 40.42 -13.65
C TRP W 118 -31.59 40.74 -13.28
N GLY W 119 -31.15 41.94 -13.64
CA GLY W 119 -29.85 42.42 -13.23
C GLY W 119 -29.87 42.86 -11.78
N THR W 120 -28.76 43.47 -11.37
CA THR W 120 -28.62 43.91 -9.99
C THR W 120 -28.98 45.38 -9.80
N GLY W 121 -28.70 46.23 -10.77
CA GLY W 121 -29.04 47.63 -10.66
C GLY W 121 -27.88 48.56 -10.94
N THR W 122 -28.12 49.58 -11.77
CA THR W 122 -27.12 50.59 -12.09
C THR W 122 -27.77 51.95 -11.88
N THR W 123 -27.52 52.56 -10.73
CA THR W 123 -28.10 53.86 -10.41
C THR W 123 -27.46 54.92 -11.30
N VAL W 124 -28.24 55.46 -12.23
CA VAL W 124 -27.77 56.48 -13.16
C VAL W 124 -28.38 57.81 -12.73
N ILE W 125 -27.52 58.79 -12.43
CA ILE W 125 -27.93 60.11 -12.01
C ILE W 125 -27.27 61.12 -12.92
N VAL W 126 -28.05 62.08 -13.42
CA VAL W 126 -27.54 63.12 -14.31
C VAL W 126 -27.72 64.47 -13.63
N SER W 127 -26.67 65.27 -13.62
CA SER W 127 -26.70 66.60 -13.03
C SER W 127 -25.66 67.50 -13.67
N ALA W 129 -24.65 69.81 -11.09
CA ALA W 129 -23.86 70.08 -9.90
C ALA W 129 -22.53 69.32 -9.94
N SER W 130 -21.57 69.83 -9.18
CA SER W 130 -20.28 69.19 -8.97
C SER W 130 -20.22 68.62 -7.57
N THR W 131 -19.36 67.60 -7.39
CA THR W 131 -19.17 67.01 -6.07
C THR W 131 -18.93 68.09 -5.03
N LYS W 132 -19.69 68.02 -3.93
CA LYS W 132 -19.60 69.02 -2.88
C LYS W 132 -19.93 68.36 -1.56
N GLY W 133 -19.06 68.55 -0.56
CA GLY W 133 -19.32 68.02 0.76
C GLY W 133 -20.33 68.86 1.50
N PRO W 134 -20.98 68.29 2.50
CA PRO W 134 -22.02 69.03 3.22
C PRO W 134 -21.47 70.00 4.24
N SER W 135 -22.30 70.96 4.60
CA SER W 135 -22.15 71.74 5.82
C SER W 135 -23.06 71.12 6.87
N VAL W 136 -22.55 70.94 8.08
CA VAL W 136 -23.30 70.24 9.13
C VAL W 136 -23.62 71.23 10.23
N PHE W 137 -24.92 71.43 10.48
CA PHE W 137 -25.38 72.40 11.46
C PHE W 137 -26.11 71.70 12.60
N PRO W 138 -25.96 72.18 13.83
CA PRO W 138 -26.69 71.56 14.94
C PRO W 138 -28.18 71.90 14.90
N LEU W 139 -28.99 70.92 15.30
CA LEU W 139 -30.38 71.10 15.70
C LEU W 139 -30.36 70.99 17.22
N ALA W 140 -30.34 72.13 17.90
CA ALA W 140 -29.96 72.05 19.30
C ALA W 140 -31.20 72.01 20.19
N PRO W 141 -31.18 71.20 21.25
CA PRO W 141 -32.30 71.09 22.20
C PRO W 141 -32.49 72.37 23.02
N GLY W 149 -39.25 65.62 30.32
CA GLY W 149 -39.09 64.20 30.03
C GLY W 149 -38.09 63.90 28.93
N THR W 150 -38.52 64.06 27.68
CA THR W 150 -37.74 63.72 26.50
C THR W 150 -37.39 64.97 25.70
N ALA W 151 -36.14 65.06 25.25
CA ALA W 151 -35.69 66.13 24.38
C ALA W 151 -35.28 65.55 23.03
N ALA W 152 -35.39 66.37 21.99
CA ALA W 152 -34.89 66.03 20.66
C ALA W 152 -33.70 66.91 20.31
N LEU W 153 -32.70 66.31 19.68
CA LEU W 153 -31.60 67.05 19.09
C LEU W 153 -31.26 66.39 17.77
N GLY W 154 -30.41 67.03 16.99
CA GLY W 154 -30.07 66.45 15.70
C GLY W 154 -29.02 67.25 14.98
N CYS W 155 -28.80 66.87 13.73
CA CYS W 155 -27.88 67.54 12.83
C CYS W 155 -28.56 67.76 11.50
N LEU W 156 -28.32 68.93 10.93
CA LEU W 156 -28.81 69.28 9.61
C LEU W 156 -27.64 69.19 8.65
N VAL W 157 -27.72 68.29 7.68
CA VAL W 157 -26.63 67.99 6.76
C VAL W 157 -27.01 68.61 5.43
N LYS W 158 -26.47 69.80 5.13
CA LYS W 158 -27.02 70.63 4.08
C LYS W 158 -26.04 70.82 2.93
N ASP W 159 -26.59 70.87 1.71
CA ASP W 159 -25.89 71.37 0.52
C ASP W 159 -24.72 70.46 0.10
N TYR W 160 -25.04 69.19 -0.14
CA TYR W 160 -24.04 68.27 -0.63
C TYR W 160 -24.48 67.65 -1.95
N PHE W 161 -23.51 67.05 -2.66
CA PHE W 161 -23.78 66.39 -3.93
C PHE W 161 -22.64 65.45 -4.24
N PRO W 162 -22.90 64.23 -4.74
CA PRO W 162 -24.22 63.61 -4.88
C PRO W 162 -24.58 62.84 -3.61
N GLU W 163 -25.69 62.10 -3.66
CA GLU W 163 -25.98 61.12 -2.64
C GLU W 163 -24.92 60.01 -2.68
N PRO W 164 -24.73 59.27 -1.58
CA PRO W 164 -25.42 59.40 -0.31
C PRO W 164 -24.56 59.97 0.82
N VAL W 165 -25.25 60.32 1.91
CA VAL W 165 -24.62 60.66 3.18
C VAL W 165 -25.07 59.61 4.18
N THR W 166 -24.17 59.19 5.06
CA THR W 166 -24.57 58.36 6.19
C THR W 166 -24.35 59.12 7.49
N VAL W 167 -25.15 58.80 8.50
CA VAL W 167 -25.06 59.46 9.80
C VAL W 167 -25.15 58.39 10.87
N SER W 168 -24.26 58.46 11.85
CA SER W 168 -24.41 57.69 13.07
C SER W 168 -24.33 58.66 14.23
N TRP W 169 -24.64 58.17 15.42
CA TRP W 169 -24.57 58.98 16.62
C TRP W 169 -23.63 58.33 17.62
N ASN W 170 -22.75 59.15 18.20
CA ASN W 170 -21.79 58.70 19.20
C ASN W 170 -21.01 57.49 18.70
N SER W 171 -20.58 57.59 17.45
CA SER W 171 -19.78 56.55 16.80
C SER W 171 -20.52 55.22 16.74
N GLY W 172 -21.85 55.25 16.63
CA GLY W 172 -22.66 54.04 16.58
C GLY W 172 -23.10 53.51 17.92
N ALA W 173 -22.67 54.12 19.02
CA ALA W 173 -23.04 53.65 20.35
C ALA W 173 -24.45 54.07 20.73
N LEU W 174 -24.98 55.09 20.08
CA LEU W 174 -26.34 55.59 20.30
C LEU W 174 -27.17 55.21 19.09
N THR W 175 -28.10 54.27 19.27
CA THR W 175 -29.01 53.88 18.21
C THR W 175 -30.48 54.00 18.57
N SER W 176 -30.85 53.79 19.84
CA SER W 176 -32.26 53.92 20.23
C SER W 176 -32.73 55.36 20.06
N GLY W 177 -33.87 55.52 19.41
CA GLY W 177 -34.44 56.82 19.22
C GLY W 177 -33.88 57.63 18.08
N VAL W 178 -32.95 57.08 17.31
CA VAL W 178 -32.35 57.80 16.19
C VAL W 178 -33.26 57.69 14.97
N HIS W 179 -33.48 58.81 14.29
CA HIS W 179 -34.13 58.80 12.98
C HIS W 179 -33.28 59.60 12.02
N THR W 180 -32.84 58.96 10.95
CA THR W 180 -32.13 59.64 9.88
C THR W 180 -33.06 59.68 8.67
N PHE W 181 -33.40 60.87 8.24
CA PHE W 181 -34.45 61.04 7.24
C PHE W 181 -33.91 60.89 5.84
N PRO W 182 -34.76 60.52 4.88
CA PRO W 182 -34.36 60.57 3.47
C PRO W 182 -33.93 61.98 3.09
N ALA W 183 -32.89 62.06 2.25
CA ALA W 183 -32.49 63.39 1.79
C ALA W 183 -33.58 63.96 0.88
N VAL W 184 -33.64 65.29 0.80
CA VAL W 184 -34.44 65.97 -0.20
C VAL W 184 -33.50 66.66 -1.17
N LEU W 185 -33.94 66.74 -2.42
CA LEU W 185 -33.20 67.47 -3.44
C LEU W 185 -33.71 68.91 -3.44
N GLN W 186 -32.85 69.86 -3.08
CA GLN W 186 -33.31 71.23 -2.99
C GLN W 186 -33.33 71.88 -4.38
N SER W 187 -34.00 73.02 -4.47
CA SER W 187 -34.12 73.72 -5.73
C SER W 187 -32.77 74.15 -6.29
N SER W 188 -31.75 74.25 -5.43
CA SER W 188 -30.37 74.54 -5.83
C SER W 188 -29.71 73.40 -6.58
N GLY W 189 -30.30 72.21 -6.59
CA GLY W 189 -29.65 71.04 -7.10
C GLY W 189 -28.79 70.32 -6.08
N LEU W 190 -28.70 70.82 -4.86
CA LEU W 190 -27.94 70.17 -3.80
C LEU W 190 -28.89 69.47 -2.84
N TYR W 191 -28.40 68.42 -2.20
CA TYR W 191 -29.23 67.66 -1.27
C TYR W 191 -29.10 68.20 0.14
N SER W 192 -30.05 67.84 0.98
CA SER W 192 -30.02 68.16 2.39
C SER W 192 -30.73 67.04 3.14
N LEU W 193 -30.21 66.66 4.29
CA LEU W 193 -30.98 65.74 5.12
C LEU W 193 -30.78 66.11 6.58
N SER W 194 -31.64 65.56 7.42
CA SER W 194 -31.53 65.73 8.85
C SER W 194 -31.50 64.37 9.52
N SER W 195 -30.75 64.29 10.60
CA SER W 195 -30.78 63.14 11.49
C SER W 195 -31.08 63.63 12.90
N VAL W 196 -31.96 62.93 13.60
CA VAL W 196 -32.35 63.36 14.93
C VAL W 196 -32.25 62.18 15.90
N VAL W 197 -32.27 62.50 17.19
CA VAL W 197 -32.35 61.49 18.23
C VAL W 197 -33.11 62.08 19.40
N THR W 198 -33.96 61.27 20.04
CA THR W 198 -34.63 61.68 21.26
C THR W 198 -33.92 61.07 22.46
N VAL W 199 -33.71 61.88 23.48
CA VAL W 199 -32.93 61.46 24.65
C VAL W 199 -33.61 62.01 25.89
N PRO W 200 -33.31 61.43 27.06
CA PRO W 200 -33.83 62.01 28.31
C PRO W 200 -33.35 63.44 28.46
N SER W 201 -34.28 64.36 28.76
CA SER W 201 -33.91 65.76 28.97
C SER W 201 -32.84 65.90 30.05
N SER W 202 -32.91 65.07 31.07
CA SER W 202 -31.94 65.12 32.16
C SER W 202 -30.51 64.81 31.72
N SER W 203 -30.31 64.25 30.53
CA SER W 203 -28.97 63.91 30.08
C SER W 203 -28.30 65.03 29.30
N LEU W 204 -29.01 66.11 28.99
CA LEU W 204 -28.49 67.10 28.05
C LEU W 204 -27.25 67.82 28.56
N GLY W 205 -27.13 68.03 29.85
CA GLY W 205 -25.92 68.71 30.29
C GLY W 205 -24.77 67.79 30.63
N THR W 206 -25.02 66.49 30.68
CA THR W 206 -24.00 65.56 31.15
C THR W 206 -23.48 64.62 30.08
N GLN W 207 -24.35 64.14 29.19
CA GLN W 207 -23.94 63.23 28.14
C GLN W 207 -23.64 64.02 26.87
N THR W 208 -22.53 63.66 26.23
CA THR W 208 -22.12 64.28 24.97
C THR W 208 -22.80 63.58 23.81
N TYR W 209 -23.32 64.37 22.86
CA TYR W 209 -23.98 63.84 21.67
C TYR W 209 -23.27 64.35 20.44
N ILE W 210 -22.78 63.42 19.61
CA ILE W 210 -22.02 63.73 18.40
C ILE W 210 -22.66 63.01 17.24
N CYS W 211 -23.00 63.74 16.19
CA CYS W 211 -23.48 63.10 14.98
C CYS W 211 -22.29 62.91 14.05
N ASN W 212 -22.10 61.67 13.59
CA ASN W 212 -21.00 61.32 12.70
C ASN W 212 -21.54 61.28 11.28
N VAL W 213 -21.18 62.29 10.50
CA VAL W 213 -21.64 62.46 9.13
C VAL W 213 -20.53 62.00 8.20
N ASN W 214 -20.87 61.14 7.24
CA ASN W 214 -19.90 60.67 6.26
C ASN W 214 -20.46 60.89 4.86
N HIS W 215 -19.72 61.66 4.05
CA HIS W 215 -20.07 61.86 2.65
C HIS W 215 -18.93 61.30 1.79
N LYS W 216 -19.05 60.02 1.46
CA LYS W 216 -17.99 59.34 0.72
C LYS W 216 -17.64 60.01 -0.60
N PRO W 217 -18.58 60.50 -1.42
CA PRO W 217 -18.18 61.04 -2.73
C PRO W 217 -17.19 62.19 -2.65
N SER W 218 -17.18 62.97 -1.57
CA SER W 218 -16.21 64.06 -1.41
C SER W 218 -15.16 63.77 -0.35
N ASN W 219 -15.13 62.54 0.19
CA ASN W 219 -14.22 62.22 1.30
C ASN W 219 -14.39 63.15 2.49
N THR W 220 -15.63 63.51 2.80
CA THR W 220 -15.92 64.43 3.89
C THR W 220 -16.47 63.64 5.07
N LYS W 221 -15.80 63.74 6.22
CA LYS W 221 -16.29 63.20 7.48
C LYS W 221 -16.33 64.34 8.50
N VAL W 222 -17.46 64.46 9.19
CA VAL W 222 -17.69 65.50 10.20
C VAL W 222 -18.23 64.79 11.44
N ASP W 223 -17.66 65.09 12.60
CA ASP W 223 -18.17 64.66 13.89
C ASP W 223 -18.63 65.93 14.61
N LYS W 224 -19.93 66.20 14.56
CA LYS W 224 -20.47 67.47 15.04
C LYS W 224 -21.05 67.28 16.44
N ARG W 225 -20.43 67.92 17.43
CA ARG W 225 -21.00 68.02 18.77
C ARG W 225 -22.25 68.87 18.74
N VAL W 226 -23.35 68.34 19.28
CA VAL W 226 -24.61 69.07 19.35
C VAL W 226 -24.86 69.38 20.82
N GLU W 227 -24.65 70.64 21.20
CA GLU W 227 -24.89 71.07 22.55
C GLU W 227 -26.16 71.92 22.58
N PRO W 228 -26.84 71.98 23.72
CA PRO W 228 -27.87 73.01 23.86
C PRO W 228 -27.28 74.38 23.56
N LYS W 229 -28.07 75.24 22.92
CA LYS W 229 -27.58 76.59 22.56
C LYS W 229 -27.16 77.41 23.77
N ALA X 1 -52.03 51.72 -26.99
CA ALA X 1 -51.42 50.85 -25.99
C ALA X 1 -52.46 50.31 -25.01
N ILE X 2 -52.01 49.49 -24.08
CA ILE X 2 -52.86 48.88 -23.06
C ILE X 2 -52.46 49.44 -21.71
N GLN X 3 -53.46 49.90 -20.94
CA GLN X 3 -53.23 50.46 -19.61
C GLN X 3 -53.74 49.48 -18.57
N LEU X 4 -52.89 49.15 -17.61
CA LEU X 4 -53.25 48.27 -16.50
C LEU X 4 -53.52 49.12 -15.27
N THR X 5 -54.70 48.95 -14.69
CA THR X 5 -55.10 49.68 -13.48
C THR X 5 -55.08 48.72 -12.30
N GLN X 6 -54.28 49.04 -11.29
CA GLN X 6 -54.11 48.20 -10.13
C GLN X 6 -54.62 48.94 -8.91
N ALA X 7 -55.61 48.35 -8.23
CA ALA X 7 -56.23 48.95 -7.05
C ALA X 7 -56.51 47.86 -6.03
N PRO X 8 -56.51 48.19 -4.74
CA PRO X 8 -56.21 49.50 -4.13
C PRO X 8 -54.70 49.77 -4.10
N LEU X 9 -54.29 51.04 -4.18
CA LEU X 9 -52.87 51.36 -4.24
C LEU X 9 -52.14 51.09 -2.93
N THR X 10 -52.86 50.82 -1.85
CA THR X 10 -52.22 50.55 -0.56
C THR X 10 -53.19 49.72 0.27
N VAL X 11 -52.85 48.45 0.52
CA VAL X 11 -53.65 47.56 1.34
C VAL X 11 -52.82 47.13 2.54
N SER X 12 -53.41 47.21 3.72
CA SER X 12 -52.71 46.93 4.98
C SER X 12 -53.35 45.72 5.64
N ALA X 13 -52.51 44.78 6.08
CA ALA X 13 -52.97 43.61 6.81
C ALA X 13 -51.85 43.10 7.70
N SER X 14 -52.23 42.39 8.75
CA SER X 14 -51.27 41.87 9.70
C SER X 14 -50.76 40.50 9.25
N ILE X 15 -49.82 39.95 10.02
CA ILE X 15 -49.22 38.66 9.68
C ILE X 15 -50.26 37.57 9.88
N GLY X 16 -50.48 36.76 8.84
CA GLY X 16 -51.41 35.66 8.91
C GLY X 16 -52.80 36.01 8.41
N ASP X 17 -52.87 36.80 7.35
CA ASP X 17 -54.13 37.21 6.74
C ASP X 17 -54.16 36.75 5.28
N THR X 18 -55.28 37.03 4.61
CA THR X 18 -55.45 36.72 3.20
C THR X 18 -55.84 37.99 2.48
N ILE X 19 -55.08 38.35 1.44
CA ILE X 19 -55.32 39.56 0.67
C ILE X 19 -55.56 39.18 -0.78
N THR X 20 -56.40 39.97 -1.45
CA THR X 20 -56.62 39.85 -2.89
C THR X 20 -56.24 41.17 -3.55
N LEU X 21 -55.38 41.09 -4.57
CA LEU X 21 -54.94 42.25 -5.33
C LEU X 21 -55.59 42.21 -6.70
N THR X 22 -56.04 43.37 -7.17
CA THR X 22 -56.73 43.48 -8.45
C THR X 22 -55.89 44.25 -9.46
N CYS X 23 -55.86 43.75 -10.69
CA CYS X 23 -55.21 44.43 -11.80
C CYS X 23 -56.16 44.39 -12.99
N ARG X 24 -56.79 45.52 -13.30
CA ARG X 24 -57.76 45.61 -14.38
C ARG X 24 -57.07 46.13 -15.63
N ALA X 25 -57.27 45.42 -16.74
CA ALA X 25 -56.70 45.84 -18.02
C ALA X 25 -57.69 46.71 -18.79
N SER X 26 -57.17 47.40 -19.81
CA SER X 26 -58.04 48.20 -20.67
C SER X 26 -58.79 47.33 -21.67
N GLN X 27 -58.05 46.65 -22.54
CA GLN X 27 -58.63 45.70 -23.46
C GLN X 27 -58.65 44.31 -22.81
N ASP X 28 -58.92 43.28 -23.60
CA ASP X 28 -58.79 41.90 -23.15
C ASP X 28 -57.42 41.40 -23.56
N ILE X 29 -56.57 41.11 -22.58
CA ILE X 29 -55.21 40.66 -22.83
C ILE X 29 -55.08 39.14 -22.68
N SER X 30 -56.19 38.42 -22.84
CA SER X 30 -56.23 36.96 -22.66
C SER X 30 -55.74 36.67 -21.24
N ILE X 31 -54.84 35.71 -21.04
CA ILE X 31 -54.32 35.39 -19.72
C ILE X 31 -52.89 35.85 -19.53
N TRP X 32 -52.31 36.55 -20.52
CA TRP X 32 -50.91 36.97 -20.47
C TRP X 32 -50.77 38.16 -19.54
N LEU X 33 -50.58 37.87 -18.26
CA LEU X 33 -50.31 38.91 -17.26
C LEU X 33 -49.49 38.31 -16.14
N SER X 34 -48.26 38.78 -15.97
CA SER X 34 -47.36 38.28 -14.95
C SER X 34 -47.28 39.25 -13.78
N TRP X 35 -46.96 38.71 -12.61
CA TRP X 35 -46.93 39.46 -11.36
C TRP X 35 -45.51 39.50 -10.81
N TYR X 36 -45.06 40.69 -10.41
CA TYR X 36 -43.72 40.89 -9.88
C TYR X 36 -43.79 41.56 -8.53
N ARG X 37 -42.92 41.13 -7.62
CA ARG X 37 -42.85 41.66 -6.27
C ARG X 37 -41.52 42.37 -6.07
N GLN X 38 -41.58 43.62 -5.60
CA GLN X 38 -40.38 44.41 -5.35
C GLN X 38 -40.27 44.69 -3.86
N MET X 39 -39.37 43.97 -3.20
CA MET X 39 -39.04 44.28 -1.82
C MET X 39 -38.37 45.65 -1.76
N PRO X 40 -38.72 46.49 -0.77
CA PRO X 40 -38.16 47.84 -0.71
C PRO X 40 -36.63 47.88 -0.75
N GLY X 41 -36.08 48.44 -1.80
CA GLY X 41 -34.65 48.55 -1.99
C GLY X 41 -34.03 47.45 -2.83
N LYS X 42 -34.73 46.33 -3.00
CA LYS X 42 -34.23 45.21 -3.77
C LYS X 42 -34.71 45.34 -5.22
N ALA X 43 -34.56 44.26 -6.00
CA ALA X 43 -35.03 44.19 -7.37
C ALA X 43 -36.31 43.37 -7.46
N PRO X 44 -37.19 43.70 -8.41
CA PRO X 44 -38.43 42.93 -8.56
C PRO X 44 -38.14 41.48 -8.96
N GLU X 45 -39.00 40.58 -8.50
CA GLU X 45 -38.87 39.16 -8.81
C GLU X 45 -40.20 38.62 -9.31
N LEU X 46 -40.12 37.62 -10.18
CA LEU X 46 -41.32 37.02 -10.74
C LEU X 46 -42.03 36.14 -9.72
N LEU X 47 -43.32 36.37 -9.52
CA LEU X 47 -44.15 35.49 -8.71
C LEU X 47 -45.02 34.58 -9.58
N ILE X 48 -45.86 35.16 -10.42
CA ILE X 48 -46.84 34.44 -11.21
C ILE X 48 -46.71 34.90 -12.65
N TYR X 49 -46.68 33.93 -13.57
CA TYR X 49 -46.73 34.23 -15.01
C TYR X 49 -47.98 33.58 -15.59
N ALA X 50 -48.48 34.12 -16.70
CA ALA X 50 -49.72 33.68 -17.34
C ALA X 50 -50.91 33.74 -16.38
N ALA X 51 -50.81 34.58 -15.35
CA ALA X 51 -51.85 34.88 -14.37
C ALA X 51 -52.23 33.70 -13.51
N SER X 52 -51.69 32.51 -13.74
CA SER X 52 -52.02 31.35 -12.92
C SER X 52 -50.84 30.48 -12.53
N THR X 53 -49.72 30.52 -13.24
CA THR X 53 -48.62 29.60 -13.02
C THR X 53 -47.64 30.16 -12.00
N LEU X 54 -47.31 29.36 -11.00
CA LEU X 54 -46.38 29.79 -9.95
C LEU X 54 -44.94 29.60 -10.39
N ARG X 55 -44.12 30.62 -10.13
CA ARG X 55 -42.68 30.55 -10.48
C ARG X 55 -42.02 29.47 -9.60
N GLY X 56 -40.94 28.87 -10.11
CA GLY X 56 -40.21 27.83 -9.36
C GLY X 56 -39.61 28.40 -8.09
N GLY X 57 -40.11 27.97 -6.94
CA GLY X 57 -39.63 28.44 -5.67
C GLY X 57 -40.62 29.31 -4.92
N VAL X 58 -41.60 29.88 -5.60
CA VAL X 58 -42.64 30.65 -4.92
C VAL X 58 -43.52 29.71 -4.11
N PRO X 59 -43.83 30.02 -2.85
CA PRO X 59 -44.67 29.12 -2.06
C PRO X 59 -46.07 29.01 -2.64
N SER X 60 -46.72 27.88 -2.32
CA SER X 60 -48.05 27.59 -2.86
C SER X 60 -49.12 28.54 -2.35
N ARG X 61 -48.81 29.37 -1.35
CA ARG X 61 -49.78 30.35 -0.87
C ARG X 61 -50.17 31.33 -1.96
N PHE X 62 -49.21 31.78 -2.77
CA PHE X 62 -49.50 32.72 -3.85
C PHE X 62 -50.32 32.02 -4.93
N SER X 63 -51.28 32.76 -5.49
CA SER X 63 -52.14 32.21 -6.53
C SER X 63 -52.83 33.36 -7.27
N GLY X 64 -52.97 33.19 -8.59
CA GLY X 64 -53.71 34.12 -9.41
C GLY X 64 -54.93 33.45 -10.03
N ALA X 65 -55.69 34.26 -10.78
CA ALA X 65 -56.92 33.77 -11.40
C ALA X 65 -57.32 34.71 -12.53
N ARG X 66 -58.38 34.32 -13.23
CA ARG X 66 -59.05 35.12 -14.27
C ARG X 66 -58.23 35.23 -15.55
N SER X 67 -58.91 35.17 -16.69
CA SER X 67 -58.28 35.27 -18.00
C SER X 67 -58.97 36.30 -18.89
N GLY X 68 -59.67 37.26 -18.29
CA GLY X 68 -60.38 38.29 -19.04
C GLY X 68 -59.76 39.66 -18.86
N THR X 69 -60.36 40.46 -17.98
CA THR X 69 -59.89 41.81 -17.71
C THR X 69 -59.55 42.06 -16.25
N ASP X 70 -60.32 41.51 -15.32
CA ASP X 70 -60.11 41.75 -13.89
C ASP X 70 -59.25 40.62 -13.32
N PHE X 71 -57.94 40.75 -13.52
CA PHE X 71 -57.00 39.78 -12.97
C PHE X 71 -56.84 39.98 -11.47
N SER X 72 -56.66 38.88 -10.76
CA SER X 72 -56.57 38.91 -9.30
C SER X 72 -55.42 38.03 -8.83
N LEU X 73 -54.79 38.46 -7.73
CA LEU X 73 -53.75 37.68 -7.06
C LEU X 73 -54.13 37.57 -5.58
N LYS X 74 -54.04 36.35 -5.05
CA LYS X 74 -54.42 36.07 -3.68
C LYS X 74 -53.21 35.55 -2.91
N ILE X 75 -52.96 36.15 -1.74
CA ILE X 75 -51.88 35.74 -0.84
C ILE X 75 -52.51 35.14 0.40
N LYS X 76 -52.03 33.97 0.80
CA LYS X 76 -52.47 33.31 2.02
C LYS X 76 -51.29 33.18 2.98
N ASN X 77 -51.61 33.21 4.28
CA ASN X 77 -50.61 33.06 5.34
C ASN X 77 -49.50 34.10 5.20
N LEU X 78 -49.90 35.36 5.37
CA LEU X 78 -48.98 36.48 5.21
C LEU X 78 -47.77 36.34 6.14
N GLN X 79 -46.61 36.67 5.62
CA GLN X 79 -45.34 36.67 6.33
C GLN X 79 -44.65 38.00 6.05
N PRO X 80 -43.68 38.39 6.90
CA PRO X 80 -43.04 39.70 6.70
C PRO X 80 -42.40 39.87 5.33
N GLU X 81 -41.98 38.78 4.68
CA GLU X 81 -41.38 38.89 3.34
C GLU X 81 -42.41 39.22 2.27
N ASP X 82 -43.70 39.14 2.56
CA ASP X 82 -44.73 39.47 1.58
C ASP X 82 -45.10 40.94 1.58
N PHE X 83 -44.60 41.73 2.52
CA PHE X 83 -44.92 43.15 2.60
C PHE X 83 -44.00 43.92 1.66
N ALA X 84 -44.36 43.89 0.37
CA ALA X 84 -43.58 44.56 -0.66
C ALA X 84 -44.55 45.19 -1.65
N THR X 85 -44.01 45.74 -2.74
CA THR X 85 -44.81 46.37 -3.78
C THR X 85 -44.97 45.41 -4.94
N TYR X 86 -46.22 45.11 -5.29
CA TYR X 86 -46.53 44.16 -6.34
C TYR X 86 -46.90 44.89 -7.63
N TYR X 87 -46.45 44.36 -8.75
CA TYR X 87 -46.70 44.94 -10.06
C TYR X 87 -47.28 43.88 -10.99
N CYS X 88 -48.24 44.28 -11.80
CA CYS X 88 -48.81 43.41 -12.82
C CYS X 88 -48.34 43.91 -14.19
N PHE X 89 -47.84 42.98 -15.02
CA PHE X 89 -47.23 43.31 -16.29
C PHE X 89 -47.89 42.48 -17.37
N GLN X 90 -48.44 43.16 -18.38
CA GLN X 90 -49.09 42.48 -19.49
C GLN X 90 -48.08 42.18 -20.59
N SER X 91 -48.38 41.15 -21.38
CA SER X 91 -47.51 40.74 -22.47
C SER X 91 -48.28 40.46 -23.75
N ASP X 92 -49.43 41.10 -23.93
CA ASP X 92 -50.24 40.88 -25.13
C ASP X 92 -49.77 41.76 -26.28
N SER X 93 -49.82 43.08 -26.10
CA SER X 93 -49.43 44.03 -27.13
C SER X 93 -48.01 44.52 -26.87
N TYR X 94 -47.30 44.78 -27.97
CA TYR X 94 -45.85 45.12 -27.91
C TYR X 94 -45.57 46.43 -27.18
N PRO X 95 -46.38 47.52 -27.23
CA PRO X 95 -46.26 48.56 -26.21
C PRO X 95 -46.59 47.96 -24.83
N ARG X 96 -45.60 47.34 -24.19
CA ARG X 96 -45.76 46.72 -22.89
C ARG X 96 -46.04 47.77 -21.81
N ALA X 97 -46.76 47.35 -20.77
CA ALA X 97 -47.13 48.26 -19.70
C ALA X 97 -47.09 47.53 -18.36
N PHE X 98 -46.85 48.29 -17.30
CA PHE X 98 -46.85 47.79 -15.94
C PHE X 98 -48.03 48.36 -15.17
N GLY X 99 -48.31 47.74 -14.03
CA GLY X 99 -49.28 48.28 -13.12
C GLY X 99 -48.71 49.44 -12.32
N GLN X 100 -49.60 50.11 -11.58
CA GLN X 100 -49.17 51.23 -10.76
C GLN X 100 -48.42 50.79 -9.52
N GLY X 101 -48.69 49.59 -9.03
CA GLY X 101 -48.00 49.08 -7.86
C GLY X 101 -48.84 49.14 -6.60
N THR X 102 -49.07 47.98 -5.98
CA THR X 102 -49.84 47.89 -4.76
C THR X 102 -48.88 47.67 -3.59
N LYS X 103 -48.77 48.67 -2.72
CA LYS X 103 -47.87 48.61 -1.59
C LYS X 103 -48.58 47.93 -0.43
N VAL X 104 -48.17 46.70 -0.11
CA VAL X 104 -48.76 45.95 0.99
C VAL X 104 -47.89 46.15 2.22
N GLU X 105 -48.51 46.62 3.31
CA GLU X 105 -47.80 46.88 4.56
C GLU X 105 -48.59 46.24 5.70
N ILE X 106 -48.07 46.41 6.91
CA ILE X 106 -48.72 45.93 8.12
C ILE X 106 -49.61 47.03 8.67
N THR X 107 -50.70 46.64 9.33
CA THR X 107 -51.66 47.59 9.86
C THR X 107 -51.05 48.49 10.92
N THR X 109 -51.14 51.61 16.39
CA THR X 109 -51.99 52.38 17.28
C THR X 109 -51.95 53.85 16.88
N VAL X 110 -53.11 54.50 16.79
CA VAL X 110 -53.13 55.92 16.45
C VAL X 110 -52.38 56.68 17.52
N ALA X 111 -51.41 57.48 17.10
CA ALA X 111 -50.58 58.20 18.06
C ALA X 111 -50.18 59.53 17.45
N ALA X 112 -50.47 60.62 18.16
CA ALA X 112 -50.09 61.94 17.72
C ALA X 112 -48.58 62.14 17.78
N PRO X 113 -48.03 62.93 16.87
CA PRO X 113 -46.60 63.22 16.91
C PRO X 113 -46.22 64.04 18.14
N SER X 114 -45.02 63.79 18.63
CA SER X 114 -44.33 64.73 19.50
C SER X 114 -43.62 65.73 18.59
N VAL X 115 -43.82 67.03 18.82
CA VAL X 115 -43.38 68.05 17.88
C VAL X 115 -42.25 68.86 18.49
N PHE X 116 -41.24 69.18 17.68
CA PHE X 116 -40.10 69.96 18.11
C PHE X 116 -39.73 70.95 17.00
N ILE X 117 -39.33 72.15 17.38
CA ILE X 117 -38.90 73.16 16.42
C ILE X 117 -37.47 73.56 16.73
N PHE X 118 -36.67 73.78 15.68
CA PHE X 118 -35.25 74.09 15.81
C PHE X 118 -34.93 75.35 15.04
N PRO X 119 -34.40 76.39 15.68
CA PRO X 119 -34.00 77.58 14.95
C PRO X 119 -32.76 77.31 14.11
N PRO X 120 -32.50 78.15 13.12
CA PRO X 120 -31.23 78.04 12.39
C PRO X 120 -30.07 78.34 13.30
N SER X 121 -28.94 77.73 13.01
CA SER X 121 -27.72 78.03 13.72
C SER X 121 -27.13 79.35 13.26
N ASP X 122 -26.43 80.03 14.18
CA ASP X 122 -25.76 81.27 13.80
C ASP X 122 -24.69 81.00 12.74
N GLU X 123 -24.09 79.81 12.75
CA GLU X 123 -23.10 79.47 11.73
C GLU X 123 -23.71 79.44 10.35
N GLN X 124 -24.91 78.84 10.22
CA GLN X 124 -25.60 78.86 8.94
C GLN X 124 -25.92 80.29 8.52
N LEU X 125 -26.40 81.11 9.46
CA LEU X 125 -26.86 82.46 9.11
C LEU X 125 -25.76 83.27 8.45
N LYS X 126 -24.50 83.04 8.82
CA LYS X 126 -23.38 83.75 8.19
C LYS X 126 -23.33 83.51 6.68
N SER X 127 -23.93 82.42 6.21
CA SER X 127 -23.97 82.05 4.80
C SER X 127 -25.05 82.77 4.00
N GLY X 128 -25.93 83.54 4.64
CA GLY X 128 -26.98 84.23 3.91
C GLY X 128 -28.31 83.50 3.84
N THR X 129 -28.40 82.29 4.39
CA THR X 129 -29.60 81.47 4.32
C THR X 129 -29.91 80.91 5.70
N ALA X 130 -31.19 80.71 5.97
CA ALA X 130 -31.67 80.20 7.26
C ALA X 130 -32.56 78.99 7.03
N SER X 131 -32.29 77.91 7.75
CA SER X 131 -33.14 76.73 7.75
C SER X 131 -33.80 76.59 9.11
N VAL X 132 -35.14 76.52 9.13
CA VAL X 132 -35.91 76.20 10.34
C VAL X 132 -36.45 74.80 10.16
N VAL X 133 -36.27 73.95 11.18
CA VAL X 133 -36.62 72.53 11.07
C VAL X 133 -37.69 72.19 12.09
N CYS X 134 -38.72 71.48 11.66
CA CYS X 134 -39.78 71.00 12.53
C CYS X 134 -39.76 69.48 12.47
N LEU X 135 -39.70 68.85 13.64
CA LEU X 135 -39.66 67.39 13.75
C LEU X 135 -40.99 66.91 14.29
N LEU X 136 -41.59 65.93 13.59
CA LEU X 136 -42.79 65.23 14.06
C LEU X 136 -42.36 63.81 14.38
N ASN X 137 -42.36 63.43 15.65
CA ASN X 137 -41.74 62.18 16.05
C ASN X 137 -42.75 61.09 16.42
N ASN X 138 -42.55 59.90 15.86
CA ASN X 138 -43.19 58.65 16.33
C ASN X 138 -44.72 58.74 16.33
N PHE X 139 -45.28 58.93 15.14
CA PHE X 139 -46.71 59.06 14.99
C PHE X 139 -47.25 57.99 14.05
N TYR X 140 -48.55 57.74 14.18
CA TYR X 140 -49.25 56.85 13.28
C TYR X 140 -50.69 57.35 13.22
N PRO X 141 -51.31 57.43 12.03
CA PRO X 141 -50.87 57.02 10.69
C PRO X 141 -49.91 58.00 10.04
N ARG X 142 -49.45 57.62 8.85
CA ARG X 142 -48.38 58.35 8.18
C ARG X 142 -48.84 59.74 7.73
N GLU X 143 -50.13 59.92 7.47
CA GLU X 143 -50.64 61.20 6.97
C GLU X 143 -50.52 62.27 8.06
N ALA X 144 -49.86 63.39 7.75
CA ALA X 144 -49.68 64.49 8.68
C ALA X 144 -49.54 65.77 7.87
N LYS X 145 -49.90 66.91 8.47
CA LYS X 145 -49.83 68.19 7.79
C LYS X 145 -49.05 69.19 8.63
N VAL X 146 -48.04 69.80 8.02
CA VAL X 146 -47.21 70.82 8.66
C VAL X 146 -47.48 72.14 7.97
N GLN X 147 -47.81 73.16 8.76
CA GLN X 147 -47.97 74.51 8.24
C GLN X 147 -46.99 75.42 8.96
N TRP X 148 -46.14 76.09 8.20
CA TRP X 148 -45.20 77.05 8.76
C TRP X 148 -45.84 78.43 8.85
N LYS X 149 -45.59 79.13 9.95
CA LYS X 149 -46.03 80.51 10.10
C LYS X 149 -44.86 81.38 10.54
N VAL X 150 -44.79 82.58 9.98
CA VAL X 150 -43.75 83.53 10.32
C VAL X 150 -44.48 84.82 10.64
N ASP X 151 -44.40 85.25 11.90
CA ASP X 151 -45.19 86.39 12.39
C ASP X 151 -46.67 86.22 12.00
N ASN X 152 -47.16 85.00 12.14
CA ASN X 152 -48.54 84.55 11.90
C ASN X 152 -48.91 84.47 10.42
N ALA X 153 -47.98 84.74 9.50
CA ALA X 153 -48.27 84.67 8.08
C ALA X 153 -48.03 83.27 7.57
N LEU X 154 -49.02 82.71 6.90
CA LEU X 154 -48.95 81.34 6.39
C LEU X 154 -47.92 81.26 5.29
N GLN X 155 -46.95 80.37 5.44
CA GLN X 155 -45.90 80.19 4.44
C GLN X 155 -46.36 79.18 3.40
N SER X 156 -45.92 79.38 2.16
CA SER X 156 -46.27 78.47 1.08
C SER X 156 -45.11 78.41 0.09
N GLY X 157 -44.73 77.20 -0.30
CA GLY X 157 -43.77 77.01 -1.36
C GLY X 157 -42.31 77.01 -0.95
N ASN X 158 -42.01 77.32 0.32
CA ASN X 158 -40.62 77.42 0.77
C ASN X 158 -40.26 76.36 1.82
N SER X 159 -40.92 75.20 1.80
CA SER X 159 -40.58 74.11 2.69
C SER X 159 -40.48 72.80 1.92
N GLN X 160 -39.70 71.87 2.45
CA GLN X 160 -39.67 70.49 1.96
C GLN X 160 -39.70 69.53 3.14
N GLU X 161 -40.24 68.34 2.93
CA GLU X 161 -40.38 67.41 4.03
C GLU X 161 -40.01 66.00 3.59
N SER X 162 -39.72 65.17 4.58
CA SER X 162 -39.20 63.83 4.37
C SER X 162 -39.71 62.96 5.51
N VAL X 163 -40.06 61.69 5.22
CA VAL X 163 -40.65 60.79 6.20
C VAL X 163 -39.82 59.51 6.29
N THR X 164 -39.68 58.96 7.51
CA THR X 164 -38.98 57.70 7.69
C THR X 164 -39.83 56.53 7.17
N GLU X 165 -39.18 55.37 7.06
CA GLU X 165 -39.92 54.12 6.88
C GLU X 165 -40.62 53.75 8.19
N GLN X 166 -41.63 52.90 8.08
CA GLN X 166 -42.37 52.48 9.26
C GLN X 166 -41.48 51.72 10.21
N ASP X 167 -41.55 52.07 11.49
CA ASP X 167 -40.70 51.42 12.48
C ASP X 167 -41.10 49.97 12.70
N SER X 168 -40.10 49.10 12.80
CA SER X 168 -40.38 47.67 12.85
C SER X 168 -40.99 47.24 14.18
N LYS X 169 -40.74 47.98 15.26
CA LYS X 169 -41.22 47.57 16.57
C LYS X 169 -42.49 48.29 17.02
N ASP X 170 -42.70 49.56 16.64
CA ASP X 170 -43.90 50.25 17.11
C ASP X 170 -44.78 50.77 15.97
N SER X 171 -44.42 50.50 14.72
CA SER X 171 -45.21 50.81 13.52
C SER X 171 -45.42 52.31 13.31
N THR X 172 -44.62 53.15 13.92
CA THR X 172 -44.78 54.59 13.77
C THR X 172 -43.87 55.14 12.67
N TYR X 173 -44.12 56.41 12.35
CA TYR X 173 -43.34 57.21 11.41
C TYR X 173 -42.79 58.44 12.11
N SER X 174 -41.76 59.03 11.51
CA SER X 174 -41.32 60.36 11.89
C SER X 174 -41.20 61.21 10.63
N LEU X 175 -41.34 62.53 10.79
CA LEU X 175 -41.30 63.43 9.66
C LEU X 175 -40.44 64.65 9.99
N SER X 176 -39.70 65.13 9.02
CA SER X 176 -38.86 66.31 9.19
C SER X 176 -39.22 67.29 8.07
N SER X 177 -39.54 68.52 8.45
CA SER X 177 -39.84 69.58 7.50
C SER X 177 -38.86 70.72 7.68
N THR X 178 -38.32 71.22 6.57
CA THR X 178 -37.39 72.33 6.61
C THR X 178 -38.00 73.52 5.89
N LEU X 179 -38.10 74.64 6.60
CA LEU X 179 -38.46 75.93 6.01
C LEU X 179 -37.18 76.67 5.66
N THR X 180 -37.05 77.11 4.41
CA THR X 180 -35.85 77.80 3.94
C THR X 180 -36.18 79.27 3.68
N LEU X 181 -35.44 80.16 4.34
CA LEU X 181 -35.59 81.60 4.19
C LEU X 181 -34.23 82.22 3.92
N SER X 182 -34.23 83.36 3.23
CA SER X 182 -33.03 84.17 3.19
C SER X 182 -32.74 84.68 4.61
N LYS X 183 -31.46 84.96 4.87
CA LYS X 183 -31.10 85.62 6.11
C LYS X 183 -31.83 86.97 6.26
N ALA X 184 -31.88 87.75 5.17
CA ALA X 184 -32.57 89.05 5.23
C ALA X 184 -34.02 88.89 5.66
N ASP X 185 -34.72 87.89 5.11
CA ASP X 185 -36.10 87.68 5.53
C ASP X 185 -36.15 87.17 6.97
N TYR X 186 -35.27 86.25 7.31
CA TYR X 186 -35.29 85.68 8.66
C TYR X 186 -35.19 86.78 9.71
N GLU X 187 -34.33 87.77 9.49
CA GLU X 187 -34.07 88.81 10.46
C GLU X 187 -35.10 89.93 10.45
N LYS X 188 -36.10 89.86 9.57
CA LYS X 188 -37.18 90.84 9.54
C LYS X 188 -38.37 90.43 10.38
N HIS X 189 -38.34 89.25 10.99
CA HIS X 189 -39.50 88.70 11.67
C HIS X 189 -39.08 88.07 12.98
N LYS X 190 -40.07 87.95 13.88
CA LYS X 190 -39.83 87.54 15.25
C LYS X 190 -40.29 86.11 15.53
N VAL X 191 -41.54 85.78 15.22
CA VAL X 191 -42.17 84.55 15.68
C VAL X 191 -42.16 83.52 14.56
N TYR X 192 -41.50 82.39 14.80
CA TYR X 192 -41.43 81.28 13.86
C TYR X 192 -42.13 80.09 14.46
N ALA X 193 -43.12 79.55 13.74
CA ALA X 193 -44.00 78.53 14.29
C ALA X 193 -44.27 77.45 13.28
N CYS X 194 -44.29 76.19 13.70
CA CYS X 194 -44.84 75.13 12.87
C CYS X 194 -46.10 74.60 13.52
N GLU X 195 -47.18 74.57 12.73
CA GLU X 195 -48.49 74.09 13.17
C GLU X 195 -48.75 72.72 12.56
N VAL X 196 -49.06 71.74 13.40
CA VAL X 196 -49.16 70.35 12.98
C VAL X 196 -50.58 69.86 13.15
N THR X 197 -51.13 69.26 12.09
CA THR X 197 -52.43 68.62 12.08
C THR X 197 -52.22 67.12 11.90
N HIS X 198 -52.94 66.33 12.68
CA HIS X 198 -52.78 64.89 12.60
C HIS X 198 -54.02 64.27 13.24
N GLN X 199 -54.35 63.05 12.79
CA GLN X 199 -55.55 62.38 13.30
C GLN X 199 -55.53 62.23 14.81
N GLY X 200 -54.35 62.01 15.40
CA GLY X 200 -54.25 61.86 16.84
C GLY X 200 -54.36 63.14 17.65
N LEU X 201 -54.58 64.28 16.99
CA LEU X 201 -54.68 65.59 17.63
C LEU X 201 -56.08 66.15 17.45
N SER X 202 -56.72 66.52 18.56
CA SER X 202 -58.06 67.11 18.50
C SER X 202 -58.03 68.52 17.93
N SER X 203 -56.93 69.23 18.12
CA SER X 203 -56.73 70.53 17.50
C SER X 203 -55.23 70.67 17.23
N PRO X 204 -54.85 71.51 16.28
CA PRO X 204 -53.44 71.53 15.85
C PRO X 204 -52.52 71.93 16.99
N VAL X 205 -51.31 71.39 16.94
CA VAL X 205 -50.26 71.70 17.92
C VAL X 205 -49.28 72.66 17.26
N THR X 206 -48.92 73.72 17.98
CA THR X 206 -47.97 74.70 17.45
C THR X 206 -46.76 74.78 18.37
N LYS X 207 -45.58 74.60 17.80
CA LYS X 207 -44.33 74.84 18.50
C LYS X 207 -43.70 76.07 17.87
N SER X 208 -43.17 76.98 18.69
CA SER X 208 -42.65 78.22 18.15
C SER X 208 -41.43 78.67 18.94
N PHE X 209 -40.72 79.63 18.36
CA PHE X 209 -39.69 80.36 19.06
C PHE X 209 -39.73 81.80 18.60
N ASN X 210 -39.07 82.67 19.35
CA ASN X 210 -38.87 84.07 18.99
C ASN X 210 -37.40 84.30 18.69
N ARG X 211 -37.10 84.76 17.47
CA ARG X 211 -35.72 84.92 17.01
C ARG X 211 -34.90 85.77 17.97
#